data_9HG1
#
_entry.id   9HG1
#
_cell.length_a   112.570
_cell.length_b   113.600
_cell.length_c   178.060
_cell.angle_alpha   82.700
_cell.angle_beta   77.236
_cell.angle_gamma   66.749
#
_symmetry.space_group_name_H-M   'P 1'
#
loop_
_entity.id
_entity.type
_entity.pdbx_description
1 polymer 'GMP reductase'
2 non-polymer "ADENOSINE-5'-TRIPHOSPHATE"
3 non-polymer "GUANOSINE-5'-MONOPHOSPHATE"
4 water water
#
_entity_poly.entity_id   1
_entity_poly.type   'polypeptide(L)'
_entity_poly.pdbx_seq_one_letter_code
;MVRFLDGHTPAYDLTYNDVFVVPGRSDVASRFDVDLSTVDGSGTTIPVVVANMTAVAGRRMAETVARRGGIVVLPQDLPI
TAVSETVDFVKSRDLVVDTPVTLSPEDSVSDANALLHKRAHGAAVVVFEGRPIGLVTEANCAGVDRFARVRDIALSDFVT
APVGTDPREVFDLLEHAPIDVAVMTAPDGTLAGVLTRTGAIRAGIYTPAVDAKGRLRIAAAVGINGDVGAKAQALAEAGA
DLLVIDTAHGHQAKMLDAIKAVASLDLGLPLVAGNVVSAEGTRDLIEAGASIVKVGVGPGAMCTTRMMTGVGRPQFSAVV
ECAAAARQLGGHVWADGGVRHPRDVALALAAGASNVMIGSWFAGTYESPGDLLFDRDDRPYKESYGMASKRAVAARTAGD
SSFDRARKGLFEEGISTSRMSLDPARGGVEDLLDHITSGVRSTCTYVGAANLPELHEKVVLGVQSAAGFAEGHPLPAGWT
AAAKEDLEHHHHHHHH
;
_entity_poly.pdbx_strand_id   A,B,C,D,E,F,G,H,I,J,K,L,M,N,O,P
#
loop_
_chem_comp.id
_chem_comp.type
_chem_comp.name
_chem_comp.formula
5GP non-polymer GUANOSINE-5'-MONOPHOSPHATE 'C10 H14 N5 O8 P'
ATP non-polymer ADENOSINE-5'-TRIPHOSPHATE 'C10 H16 N5 O13 P3'
#
# COMPACT_ATOMS: atom_id res chain seq x y z
N VAL A 2 -21.67 14.11 -96.52
CA VAL A 2 -20.76 13.16 -95.89
C VAL A 2 -20.78 11.81 -96.59
N ARG A 3 -19.59 11.21 -96.72
CA ARG A 3 -19.44 9.92 -97.37
C ARG A 3 -19.23 8.82 -96.34
N PHE A 4 -19.95 7.72 -96.52
CA PHE A 4 -19.78 6.52 -95.74
C PHE A 4 -19.11 5.45 -96.58
N LEU A 5 -18.41 4.54 -95.90
CA LEU A 5 -17.78 3.41 -96.57
C LEU A 5 -18.82 2.60 -97.33
N ASP A 6 -18.36 1.93 -98.38
CA ASP A 6 -19.24 1.21 -99.28
C ASP A 6 -20.04 0.16 -98.54
N GLY A 7 -21.36 0.19 -98.71
CA GLY A 7 -22.24 -0.77 -98.11
C GLY A 7 -22.60 -0.50 -96.66
N HIS A 8 -22.10 0.59 -96.07
CA HIS A 8 -22.43 0.94 -94.69
C HIS A 8 -23.72 1.74 -94.69
N THR A 9 -24.84 1.02 -94.77
CA THR A 9 -26.17 1.63 -94.86
C THR A 9 -27.05 0.94 -93.82
N PRO A 10 -26.87 1.27 -92.55
CA PRO A 10 -27.58 0.53 -91.50
C PRO A 10 -29.07 0.82 -91.50
N ALA A 11 -29.83 -0.12 -90.95
CA ALA A 11 -31.26 0.02 -90.78
C ALA A 11 -31.62 0.77 -89.50
N TYR A 12 -30.74 1.65 -89.01
CA TYR A 12 -31.00 2.40 -87.78
C TYR A 12 -30.24 3.73 -87.83
N ASP A 13 -30.61 4.63 -86.92
CA ASP A 13 -29.89 5.89 -86.78
C ASP A 13 -28.69 5.73 -85.86
N LEU A 14 -27.71 6.61 -86.02
CA LEU A 14 -26.39 6.44 -85.43
C LEU A 14 -26.15 7.44 -84.31
N THR A 15 -25.55 6.96 -83.22
CA THR A 15 -24.99 7.83 -82.19
C THR A 15 -23.50 8.02 -82.46
N TYR A 16 -22.87 8.85 -81.63
CA TYR A 16 -21.44 9.06 -81.75
C TYR A 16 -20.65 7.77 -81.56
N ASN A 17 -21.17 6.85 -80.74
CA ASN A 17 -20.51 5.57 -80.51
C ASN A 17 -20.54 4.68 -81.74
N ASP A 18 -21.48 4.87 -82.66
CA ASP A 18 -21.72 3.93 -83.74
C ASP A 18 -20.80 4.12 -84.94
N VAL A 19 -20.05 5.21 -85.01
CA VAL A 19 -19.32 5.57 -86.22
C VAL A 19 -17.84 5.81 -85.93
N PHE A 20 -17.05 5.75 -86.99
CA PHE A 20 -15.62 6.02 -86.92
C PHE A 20 -15.18 6.72 -88.20
N VAL A 21 -14.02 7.36 -88.12
CA VAL A 21 -13.45 8.10 -89.24
C VAL A 21 -12.32 7.28 -89.85
N VAL A 22 -12.40 7.06 -91.15
CA VAL A 22 -11.32 6.39 -91.88
C VAL A 22 -10.27 7.44 -92.26
N PRO A 23 -9.00 7.24 -91.92
CA PRO A 23 -7.97 8.19 -92.33
C PRO A 23 -7.86 8.25 -93.84
N GLY A 24 -7.66 9.45 -94.36
CA GLY A 24 -7.44 9.67 -95.77
C GLY A 24 -6.01 10.10 -96.06
N ARG A 25 -5.74 10.33 -97.34
CA ARG A 25 -4.44 10.85 -97.75
C ARG A 25 -4.30 12.30 -97.33
N SER A 26 -3.19 12.63 -96.69
CA SER A 26 -3.04 13.91 -96.02
C SER A 26 -1.67 14.51 -96.33
N ASP A 27 -1.65 15.81 -96.59
CA ASP A 27 -0.41 16.56 -96.61
C ASP A 27 -0.32 17.56 -95.47
N VAL A 28 -1.33 17.60 -94.59
CA VAL A 28 -1.36 18.51 -93.46
C VAL A 28 -0.21 18.19 -92.52
N ALA A 29 0.76 19.10 -92.42
CA ALA A 29 2.02 18.77 -91.78
C ALA A 29 1.89 18.73 -90.26
N SER A 30 1.23 19.73 -89.67
CA SER A 30 1.22 19.90 -88.23
C SER A 30 -0.20 20.04 -87.71
N ARG A 31 -0.38 19.68 -86.44
CA ARG A 31 -1.64 19.97 -85.75
C ARG A 31 -1.93 21.47 -85.74
N PHE A 32 -0.89 22.29 -85.67
CA PHE A 32 -1.04 23.74 -85.58
C PHE A 32 -1.32 24.38 -86.94
N ASP A 33 -1.17 23.65 -88.04
CA ASP A 33 -1.52 24.17 -89.35
C ASP A 33 -3.02 24.11 -89.63
N VAL A 34 -3.79 23.49 -88.75
CA VAL A 34 -5.24 23.40 -88.92
C VAL A 34 -5.87 24.69 -88.40
N ASP A 35 -6.90 25.17 -89.11
CA ASP A 35 -7.62 26.37 -88.74
C ASP A 35 -8.96 25.96 -88.15
N LEU A 36 -9.13 26.18 -86.84
CA LEU A 36 -10.34 25.75 -86.15
C LEU A 36 -11.41 26.81 -86.10
N SER A 37 -11.24 27.92 -86.81
CA SER A 37 -12.23 28.99 -86.78
C SER A 37 -13.55 28.52 -87.37
N THR A 38 -14.64 29.06 -86.84
CA THR A 38 -15.96 28.74 -87.33
C THR A 38 -16.42 29.77 -88.35
N VAL A 39 -17.31 29.34 -89.25
CA VAL A 39 -17.79 30.14 -90.35
C VAL A 39 -19.25 30.53 -90.18
N ASP A 40 -19.83 30.29 -89.01
CA ASP A 40 -21.26 30.44 -88.80
C ASP A 40 -21.65 31.81 -88.27
N GLY A 41 -20.69 32.74 -88.16
CA GLY A 41 -20.99 34.06 -87.63
C GLY A 41 -20.97 34.16 -86.12
N SER A 42 -20.74 33.06 -85.40
CA SER A 42 -20.65 33.11 -83.94
C SER A 42 -19.46 33.94 -83.50
N GLY A 43 -18.36 33.87 -84.24
CA GLY A 43 -17.13 34.53 -83.86
C GLY A 43 -16.14 33.65 -83.14
N THR A 44 -16.48 32.39 -82.86
CA THR A 44 -15.56 31.53 -82.13
C THR A 44 -14.41 31.11 -83.04
N THR A 45 -13.21 31.00 -82.46
CA THR A 45 -12.03 30.54 -83.18
C THR A 45 -11.73 29.08 -82.93
N ILE A 46 -12.50 28.43 -82.05
CA ILE A 46 -12.51 26.99 -81.85
C ILE A 46 -13.98 26.59 -81.86
N PRO A 47 -14.33 25.39 -82.29
CA PRO A 47 -15.74 25.01 -82.42
C PRO A 47 -16.39 24.54 -81.11
N VAL A 48 -16.29 25.39 -80.07
CA VAL A 48 -16.76 25.05 -78.74
C VAL A 48 -17.70 26.14 -78.26
N VAL A 49 -18.93 25.76 -77.91
CA VAL A 49 -19.91 26.65 -77.29
C VAL A 49 -20.34 26.01 -75.97
N VAL A 50 -20.37 26.80 -74.89
CA VAL A 50 -20.79 26.32 -73.58
C VAL A 50 -22.29 26.51 -73.48
N ALA A 51 -22.99 25.44 -73.08
CA ALA A 51 -24.44 25.43 -73.08
C ALA A 51 -25.01 26.45 -72.10
N ASN A 52 -26.25 26.89 -72.38
CA ASN A 52 -26.95 27.85 -71.55
C ASN A 52 -27.57 27.14 -70.36
N MET A 53 -26.72 26.83 -69.38
CA MET A 53 -27.16 26.10 -68.21
C MET A 53 -26.56 26.74 -66.97
N THR A 54 -27.38 26.93 -65.95
CA THR A 54 -26.92 27.58 -64.72
C THR A 54 -25.83 26.78 -64.04
N ALA A 55 -25.75 25.48 -64.29
CA ALA A 55 -24.71 24.66 -63.69
C ALA A 55 -23.33 24.93 -64.31
N VAL A 56 -23.28 25.56 -65.48
CA VAL A 56 -22.02 25.69 -66.20
C VAL A 56 -21.74 27.13 -66.63
N ALA A 57 -22.76 27.85 -67.10
CA ALA A 57 -22.55 29.13 -67.78
C ALA A 57 -22.56 30.28 -66.78
N GLY A 58 -21.44 30.44 -66.07
CA GLY A 58 -21.23 31.54 -65.16
C GLY A 58 -20.18 32.50 -65.70
N ARG A 59 -19.95 33.57 -64.93
CA ARG A 59 -19.07 34.62 -65.44
C ARG A 59 -17.61 34.15 -65.51
N ARG A 60 -17.18 33.34 -64.54
CA ARG A 60 -15.84 32.78 -64.61
C ARG A 60 -15.68 31.89 -65.83
N MET A 61 -16.70 31.07 -66.11
CA MET A 61 -16.68 30.25 -67.31
C MET A 61 -16.72 31.12 -68.56
N ALA A 62 -17.53 32.20 -68.55
CA ALA A 62 -17.66 33.03 -69.73
C ALA A 62 -16.35 33.71 -70.08
N GLU A 63 -15.65 34.27 -69.08
CA GLU A 63 -14.34 34.86 -69.30
C GLU A 63 -13.35 33.82 -69.83
N THR A 64 -13.24 32.68 -69.14
CA THR A 64 -12.17 31.73 -69.43
C THR A 64 -12.31 31.13 -70.83
N VAL A 65 -13.53 30.77 -71.22
CA VAL A 65 -13.73 30.08 -72.50
C VAL A 65 -13.55 31.07 -73.66
N ALA A 66 -14.07 32.29 -73.53
CA ALA A 66 -13.98 33.27 -74.61
C ALA A 66 -12.53 33.66 -74.88
N ARG A 67 -11.73 33.80 -73.82
CA ARG A 67 -10.32 34.14 -74.01
C ARG A 67 -9.62 33.08 -74.86
N ARG A 68 -10.06 31.83 -74.78
CA ARG A 68 -9.46 30.73 -75.52
C ARG A 68 -10.17 30.44 -76.85
N GLY A 69 -11.13 31.27 -77.24
CA GLY A 69 -11.71 31.19 -78.56
C GLY A 69 -13.13 30.67 -78.60
N GLY A 70 -13.68 30.20 -77.48
CA GLY A 70 -15.04 29.72 -77.45
C GLY A 70 -16.02 30.83 -77.12
N ILE A 71 -17.24 30.43 -76.82
CA ILE A 71 -18.25 31.38 -76.38
C ILE A 71 -19.19 30.66 -75.42
N VAL A 72 -19.66 31.40 -74.43
CA VAL A 72 -20.57 30.90 -73.42
C VAL A 72 -21.91 31.58 -73.62
N VAL A 73 -22.99 30.80 -73.54
CA VAL A 73 -24.35 31.29 -73.70
C VAL A 73 -24.97 31.41 -72.31
N LEU A 74 -25.17 32.64 -71.84
CA LEU A 74 -25.78 32.83 -70.54
C LEU A 74 -27.15 32.18 -70.49
N PRO A 75 -27.51 31.52 -69.39
CA PRO A 75 -28.78 30.80 -69.35
C PRO A 75 -29.97 31.74 -69.38
N GLN A 76 -31.05 31.26 -69.99
CA GLN A 76 -32.27 32.06 -70.07
C GLN A 76 -32.82 32.34 -68.68
N ASP A 77 -33.55 33.44 -68.56
CA ASP A 77 -34.24 33.91 -67.34
C ASP A 77 -33.28 34.45 -66.29
N LEU A 78 -31.98 34.49 -66.57
CA LEU A 78 -31.07 35.27 -65.74
C LEU A 78 -31.56 36.72 -65.72
N PRO A 79 -31.79 37.31 -64.55
CA PRO A 79 -32.30 38.69 -64.52
C PRO A 79 -31.42 39.63 -65.32
N ILE A 80 -32.07 40.60 -65.98
CA ILE A 80 -31.37 41.46 -66.93
C ILE A 80 -30.27 42.26 -66.24
N THR A 81 -30.49 42.65 -64.99
CA THR A 81 -29.43 43.35 -64.27
C THR A 81 -28.22 42.46 -64.04
N ALA A 82 -28.46 41.17 -63.77
CA ALA A 82 -27.36 40.23 -63.62
C ALA A 82 -26.70 39.93 -64.96
N VAL A 83 -27.46 39.93 -66.05
CA VAL A 83 -26.89 39.78 -67.39
C VAL A 83 -25.91 40.93 -67.66
N SER A 84 -26.30 42.15 -67.30
CA SER A 84 -25.47 43.31 -67.62
C SER A 84 -24.17 43.29 -66.82
N GLU A 85 -24.23 42.93 -65.54
CA GLU A 85 -23.01 42.78 -64.76
C GLU A 85 -22.08 41.75 -65.37
N THR A 86 -22.63 40.61 -65.79
CA THR A 86 -21.80 39.55 -66.38
C THR A 86 -21.13 40.03 -67.66
N VAL A 87 -21.91 40.63 -68.57
CA VAL A 87 -21.36 41.13 -69.81
C VAL A 87 -20.29 42.18 -69.55
N ASP A 88 -20.56 43.12 -68.64
CA ASP A 88 -19.56 44.15 -68.33
C ASP A 88 -18.30 43.53 -67.72
N PHE A 89 -18.46 42.53 -66.84
CA PHE A 89 -17.30 41.86 -66.29
C PHE A 89 -16.50 41.16 -67.39
N VAL A 90 -17.19 40.40 -68.25
CA VAL A 90 -16.52 39.64 -69.30
C VAL A 90 -15.83 40.56 -70.29
N LYS A 91 -16.49 41.65 -70.66
CA LYS A 91 -15.92 42.53 -71.68
C LYS A 91 -14.85 43.48 -71.13
N SER A 92 -14.68 43.55 -69.81
CA SER A 92 -13.58 44.31 -69.24
C SER A 92 -12.36 43.43 -68.93
N ARG A 93 -12.40 42.15 -69.25
CA ARG A 93 -11.27 41.27 -68.99
C ARG A 93 -10.15 41.51 -70.00
N ASP A 94 -8.92 41.27 -69.56
CA ASP A 94 -7.79 41.30 -70.49
C ASP A 94 -7.82 40.07 -71.40
N LEU A 95 -7.26 40.24 -72.60
CA LEU A 95 -7.29 39.19 -73.61
C LEU A 95 -6.25 38.10 -73.37
N VAL A 96 -5.22 38.38 -72.58
CA VAL A 96 -4.13 37.45 -72.30
C VAL A 96 -4.07 37.10 -70.82
N VAL A 97 -4.12 38.11 -69.96
CA VAL A 97 -4.00 37.95 -68.52
C VAL A 97 -5.35 37.59 -67.91
N ASP A 98 -5.36 36.68 -66.95
CA ASP A 98 -6.59 36.13 -66.40
C ASP A 98 -6.92 36.76 -65.05
N THR A 99 -8.21 36.74 -64.71
CA THR A 99 -8.66 37.22 -63.41
C THR A 99 -8.42 36.16 -62.34
N PRO A 100 -7.59 36.42 -61.33
CA PRO A 100 -7.33 35.43 -60.28
C PRO A 100 -8.36 35.50 -59.16
N VAL A 101 -8.29 34.51 -58.26
CA VAL A 101 -8.94 34.61 -56.96
C VAL A 101 -8.23 35.67 -56.14
N THR A 102 -9.00 36.55 -55.51
CA THR A 102 -8.41 37.60 -54.68
C THR A 102 -8.85 37.45 -53.23
N LEU A 103 -7.94 37.81 -52.33
CA LEU A 103 -8.14 37.68 -50.89
C LEU A 103 -7.78 38.99 -50.19
N SER A 104 -8.53 39.28 -49.13
CA SER A 104 -8.17 40.35 -48.24
C SER A 104 -7.18 39.85 -47.19
N PRO A 105 -6.30 40.73 -46.68
CA PRO A 105 -5.41 40.30 -45.59
C PRO A 105 -6.16 39.82 -44.36
N GLU A 106 -7.40 40.26 -44.16
CA GLU A 106 -8.21 39.89 -42.99
C GLU A 106 -9.08 38.66 -43.24
N ASP A 107 -9.02 38.08 -44.43
CA ASP A 107 -9.74 36.83 -44.67
C ASP A 107 -9.14 35.71 -43.82
N SER A 108 -9.97 34.74 -43.46
CA SER A 108 -9.51 33.58 -42.71
C SER A 108 -8.90 32.56 -43.64
N VAL A 109 -7.96 31.77 -43.10
CA VAL A 109 -7.37 30.68 -43.86
C VAL A 109 -8.45 29.74 -44.36
N SER A 110 -9.50 29.53 -43.56
CA SER A 110 -10.60 28.68 -43.97
C SER A 110 -11.31 29.22 -45.20
N ASP A 111 -11.57 30.52 -45.24
CA ASP A 111 -12.20 31.11 -46.41
C ASP A 111 -11.28 31.03 -47.62
N ALA A 112 -10.00 31.35 -47.44
CA ALA A 112 -9.05 31.28 -48.54
C ALA A 112 -9.01 29.90 -49.16
N ASN A 113 -8.92 28.86 -48.31
CA ASN A 113 -8.83 27.50 -48.82
C ASN A 113 -10.03 27.16 -49.68
N ALA A 114 -11.22 27.65 -49.31
CA ALA A 114 -12.41 27.34 -50.09
C ALA A 114 -12.46 28.13 -51.39
N LEU A 115 -11.89 29.33 -51.43
CA LEU A 115 -11.96 30.15 -52.64
C LEU A 115 -10.87 29.83 -53.65
N LEU A 116 -9.89 28.99 -53.30
CA LEU A 116 -8.77 28.77 -54.21
C LEU A 116 -9.20 28.02 -55.46
N HIS A 117 -10.22 27.19 -55.36
CA HIS A 117 -10.62 26.32 -56.46
C HIS A 117 -11.67 26.96 -57.36
N LYS A 118 -11.93 28.25 -57.21
CA LYS A 118 -12.76 28.95 -58.17
C LYS A 118 -12.00 29.24 -59.46
N ARG A 119 -10.67 29.15 -59.43
CA ARG A 119 -9.84 29.25 -60.62
C ARG A 119 -8.85 28.09 -60.63
N ALA A 120 -8.05 28.00 -61.68
CA ALA A 120 -7.11 26.90 -61.88
C ALA A 120 -5.65 27.36 -61.77
N HIS A 121 -5.40 28.52 -61.17
CA HIS A 121 -4.06 29.07 -61.14
C HIS A 121 -3.17 28.42 -60.10
N GLY A 122 -3.73 27.81 -59.06
CA GLY A 122 -2.92 27.26 -58.00
C GLY A 122 -2.50 28.26 -56.95
N ALA A 123 -2.90 29.53 -57.08
CA ALA A 123 -2.60 30.54 -56.08
C ALA A 123 -3.64 31.64 -56.16
N ALA A 124 -3.94 32.22 -55.01
CA ALA A 124 -4.78 33.40 -54.91
C ALA A 124 -3.90 34.61 -54.59
N VAL A 125 -4.31 35.78 -55.04
CA VAL A 125 -3.55 37.02 -54.85
C VAL A 125 -4.15 37.79 -53.69
N VAL A 126 -3.34 38.11 -52.69
CA VAL A 126 -3.77 38.97 -51.60
C VAL A 126 -3.68 40.42 -52.05
N VAL A 127 -4.75 41.17 -51.79
CA VAL A 127 -4.92 42.50 -52.35
C VAL A 127 -5.18 43.48 -51.21
N PHE A 128 -4.58 44.66 -51.30
CA PHE A 128 -4.82 45.75 -50.36
C PHE A 128 -4.91 47.06 -51.15
N GLU A 129 -6.06 47.74 -51.04
CA GLU A 129 -6.35 48.93 -51.84
C GLU A 129 -6.15 48.65 -53.34
N GLY A 130 -6.61 47.49 -53.77
CA GLY A 130 -6.51 47.11 -55.16
C GLY A 130 -5.14 46.65 -55.62
N ARG A 131 -4.16 46.59 -54.73
CA ARG A 131 -2.81 46.27 -55.17
C ARG A 131 -2.35 44.93 -54.62
N PRO A 132 -1.61 44.15 -55.40
CA PRO A 132 -1.15 42.84 -54.92
C PRO A 132 -0.11 42.99 -53.82
N ILE A 133 -0.33 42.32 -52.69
CA ILE A 133 0.65 42.29 -51.62
C ILE A 133 1.22 40.91 -51.34
N GLY A 134 0.69 39.86 -51.96
CA GLY A 134 1.21 38.53 -51.69
C GLY A 134 0.37 37.44 -52.34
N LEU A 135 0.91 36.23 -52.28
CA LEU A 135 0.28 35.05 -52.85
C LEU A 135 -0.08 34.06 -51.75
N VAL A 136 -1.21 33.37 -51.93
CA VAL A 136 -1.66 32.31 -51.04
C VAL A 136 -1.83 31.05 -51.86
N THR A 137 -1.23 29.95 -51.40
CA THR A 137 -1.34 28.65 -52.04
C THR A 137 -2.03 27.67 -51.10
N GLU A 138 -2.48 26.55 -51.68
CA GLU A 138 -3.03 25.47 -50.86
C GLU A 138 -2.02 25.01 -49.82
N ALA A 139 -0.74 24.98 -50.17
CA ALA A 139 0.28 24.48 -49.25
C ALA A 139 0.46 25.41 -48.05
N ASN A 140 0.35 26.73 -48.27
CA ASN A 140 0.45 27.69 -47.18
C ASN A 140 -0.71 27.58 -46.19
N CYS A 141 -1.80 26.94 -46.59
CA CYS A 141 -2.97 26.78 -45.74
C CYS A 141 -2.93 25.48 -44.92
N ALA A 142 -1.96 24.60 -45.17
CA ALA A 142 -1.90 23.32 -44.50
C ALA A 142 -1.26 23.49 -43.12
N GLY A 143 -1.88 22.88 -42.11
CA GLY A 143 -1.32 22.84 -40.77
C GLY A 143 -1.44 24.13 -39.98
N VAL A 144 -1.93 25.20 -40.58
CA VAL A 144 -2.14 26.45 -39.86
C VAL A 144 -3.52 26.41 -39.23
N ASP A 145 -3.71 27.20 -38.16
CA ASP A 145 -5.02 27.31 -37.53
C ASP A 145 -6.05 27.75 -38.56
N ARG A 146 -7.18 27.05 -38.57
CA ARG A 146 -8.24 27.28 -39.55
C ARG A 146 -8.66 28.74 -39.63
N PHE A 147 -8.58 29.47 -38.53
CA PHE A 147 -9.06 30.85 -38.49
C PHE A 147 -7.93 31.87 -38.32
N ALA A 148 -6.68 31.47 -38.54
CA ALA A 148 -5.63 32.46 -38.67
C ALA A 148 -5.91 33.34 -39.89
N ARG A 149 -5.35 34.55 -39.85
CA ARG A 149 -5.57 35.50 -40.93
C ARG A 149 -4.64 35.20 -42.10
N VAL A 150 -5.14 35.52 -43.31
CA VAL A 150 -4.37 35.33 -44.54
C VAL A 150 -3.01 36.03 -44.47
N ARG A 151 -2.97 37.19 -43.80
CA ARG A 151 -1.73 37.96 -43.69
C ARG A 151 -0.60 37.15 -43.07
N ASP A 152 -0.92 36.13 -42.28
CA ASP A 152 0.13 35.37 -41.61
C ASP A 152 0.71 34.24 -42.47
N ILE A 153 -0.03 33.76 -43.46
CA ILE A 153 0.46 32.66 -44.30
C ILE A 153 0.83 33.11 -45.71
N ALA A 154 0.60 34.36 -46.08
CA ALA A 154 0.84 34.80 -47.45
C ALA A 154 2.32 34.98 -47.72
N LEU A 155 2.72 34.68 -48.96
CA LEU A 155 4.08 34.89 -49.41
C LEU A 155 4.20 36.27 -50.04
N SER A 156 5.15 37.06 -49.52
CA SER A 156 5.38 38.40 -50.05
C SER A 156 6.34 38.44 -51.23
N ASP A 157 6.97 37.31 -51.56
CA ASP A 157 7.88 37.23 -52.70
C ASP A 157 7.19 36.51 -53.84
N PHE A 158 7.03 37.19 -54.97
CA PHE A 158 6.37 36.60 -56.13
C PHE A 158 6.84 37.35 -57.38
N VAL A 159 6.73 36.68 -58.53
CA VAL A 159 7.08 37.30 -59.79
C VAL A 159 5.97 38.27 -60.20
N THR A 160 6.36 39.48 -60.59
CA THR A 160 5.42 40.50 -61.04
C THR A 160 5.93 41.13 -62.32
N ALA A 161 4.99 41.59 -63.15
CA ALA A 161 5.31 42.25 -64.40
C ALA A 161 4.16 43.15 -64.80
N PRO A 162 4.41 44.22 -65.56
CA PRO A 162 3.31 45.08 -66.01
C PRO A 162 2.42 44.41 -67.04
N VAL A 163 1.12 44.67 -66.96
CA VAL A 163 0.20 44.17 -67.97
C VAL A 163 0.65 44.67 -69.34
N GLY A 164 0.53 43.81 -70.34
CA GLY A 164 1.05 44.11 -71.65
C GLY A 164 2.43 43.53 -71.91
N THR A 165 3.11 43.03 -70.89
CA THR A 165 4.36 42.33 -71.12
C THR A 165 4.12 41.12 -72.00
N ASP A 166 5.04 40.88 -72.91
CA ASP A 166 4.93 39.78 -73.87
C ASP A 166 4.80 38.44 -73.13
N PRO A 167 3.80 37.63 -73.44
CA PRO A 167 3.70 36.30 -72.80
C PRO A 167 4.99 35.50 -72.84
N ARG A 168 5.79 35.66 -73.90
CA ARG A 168 7.07 34.97 -73.97
C ARG A 168 7.98 35.37 -72.81
N GLU A 169 8.07 36.67 -72.53
CA GLU A 169 8.95 37.15 -71.47
C GLU A 169 8.45 36.71 -70.10
N VAL A 170 7.14 36.82 -69.86
CA VAL A 170 6.57 36.33 -68.60
C VAL A 170 6.87 34.86 -68.41
N PHE A 171 6.74 34.07 -69.49
CA PHE A 171 7.05 32.65 -69.44
C PHE A 171 8.48 32.42 -68.95
N ASP A 172 9.44 33.19 -69.47
CA ASP A 172 10.82 33.03 -69.06
C ASP A 172 11.04 33.52 -67.63
N LEU A 173 10.32 34.57 -67.20
CA LEU A 173 10.44 35.07 -65.84
C LEU A 173 9.95 34.07 -64.80
N LEU A 174 9.08 33.15 -65.19
CA LEU A 174 8.52 32.16 -64.26
C LEU A 174 9.28 30.85 -64.29
N GLU A 175 10.32 30.73 -65.11
CA GLU A 175 10.99 29.44 -65.29
C GLU A 175 11.47 28.87 -63.96
N HIS A 176 12.20 29.66 -63.17
CA HIS A 176 12.74 29.23 -61.89
C HIS A 176 11.98 29.80 -60.70
N ALA A 177 10.76 30.28 -60.91
CA ALA A 177 9.97 30.79 -59.80
C ALA A 177 9.38 29.63 -58.99
N PRO A 178 9.40 29.72 -57.66
CA PRO A 178 8.77 28.66 -56.85
C PRO A 178 7.28 28.54 -57.08
N ILE A 179 6.60 29.66 -57.34
CA ILE A 179 5.18 29.68 -57.66
C ILE A 179 5.04 30.02 -59.13
N ASP A 180 4.27 29.22 -59.86
CA ASP A 180 4.05 29.40 -61.30
C ASP A 180 2.92 30.37 -61.58
N VAL A 181 2.91 31.50 -60.87
CA VAL A 181 1.95 32.58 -61.10
C VAL A 181 2.71 33.88 -61.22
N ALA A 182 2.51 34.59 -62.33
CA ALA A 182 3.04 35.94 -62.47
C ALA A 182 1.91 36.94 -62.22
N VAL A 183 2.16 37.87 -61.31
CA VAL A 183 1.17 38.88 -60.93
C VAL A 183 1.33 40.08 -61.85
N MET A 184 0.28 40.43 -62.57
CA MET A 184 0.32 41.49 -63.58
C MET A 184 -0.32 42.75 -63.03
N THR A 185 0.37 43.87 -63.16
CA THR A 185 -0.05 45.13 -62.56
C THR A 185 -0.36 46.17 -63.64
N ALA A 186 -1.31 47.05 -63.32
CA ALA A 186 -1.59 48.24 -64.12
C ALA A 186 -0.54 49.30 -63.84
N PRO A 187 -0.48 50.36 -64.68
CA PRO A 187 0.48 51.44 -64.42
C PRO A 187 0.40 52.05 -63.03
N ASP A 188 -0.78 52.10 -62.41
CA ASP A 188 -0.88 52.67 -61.07
C ASP A 188 -0.58 51.66 -59.98
N GLY A 189 -0.12 50.46 -60.35
CA GLY A 189 0.23 49.45 -59.38
C GLY A 189 -0.90 48.55 -58.95
N THR A 190 -2.12 48.80 -59.41
CA THR A 190 -3.22 47.93 -59.01
C THR A 190 -3.16 46.61 -59.78
N LEU A 191 -3.88 45.62 -59.24
CA LEU A 191 -3.88 44.28 -59.82
C LEU A 191 -4.58 44.30 -61.18
N ALA A 192 -3.88 43.84 -62.22
CA ALA A 192 -4.50 43.66 -63.52
C ALA A 192 -4.88 42.22 -63.80
N GLY A 193 -4.24 41.26 -63.14
CA GLY A 193 -4.55 39.86 -63.30
C GLY A 193 -3.30 39.03 -63.13
N VAL A 194 -3.36 37.78 -63.58
CA VAL A 194 -2.26 36.85 -63.45
C VAL A 194 -2.06 36.13 -64.79
N LEU A 195 -0.85 35.57 -64.95
CA LEU A 195 -0.54 34.77 -66.13
C LEU A 195 0.41 33.67 -65.69
N THR A 196 0.02 32.40 -65.89
CA THR A 196 0.90 31.28 -65.59
C THR A 196 1.74 30.94 -66.82
N ARG A 197 2.65 29.97 -66.67
CA ARG A 197 3.42 29.54 -67.84
C ARG A 197 2.52 28.86 -68.86
N THR A 198 1.55 28.07 -68.40
CA THR A 198 0.61 27.43 -69.31
C THR A 198 -0.31 28.47 -69.96
N GLY A 199 -0.71 29.49 -69.20
CA GLY A 199 -1.49 30.56 -69.78
C GLY A 199 -0.73 31.37 -70.81
N ALA A 200 0.59 31.46 -70.65
CA ALA A 200 1.41 32.14 -71.64
C ALA A 200 1.51 31.30 -72.92
N ILE A 201 1.68 29.99 -72.77
CA ILE A 201 1.65 29.08 -73.91
C ILE A 201 0.32 29.20 -74.65
N ARG A 202 -0.79 29.19 -73.90
CA ARG A 202 -2.10 29.18 -74.53
C ARG A 202 -2.37 30.46 -75.31
N ALA A 203 -1.74 31.57 -74.91
CA ALA A 203 -1.91 32.82 -75.64
C ALA A 203 -1.35 32.71 -77.05
N GLY A 204 -0.31 31.90 -77.25
CA GLY A 204 0.27 31.64 -78.55
C GLY A 204 -0.38 30.51 -79.31
N ILE A 205 -1.46 29.92 -78.79
CA ILE A 205 -2.17 28.83 -79.44
C ILE A 205 -3.61 29.20 -79.75
N TYR A 206 -4.30 29.79 -78.78
CA TYR A 206 -5.72 30.14 -78.91
C TYR A 206 -5.89 31.60 -79.30
N THR A 207 -6.86 31.85 -80.17
CA THR A 207 -7.23 33.20 -80.57
C THR A 207 -8.47 33.63 -79.80
N PRO A 208 -8.41 34.69 -79.01
CA PRO A 208 -9.61 35.12 -78.28
C PRO A 208 -10.76 35.42 -79.22
N ALA A 209 -11.97 35.13 -78.75
CA ALA A 209 -13.19 35.45 -79.47
C ALA A 209 -13.65 36.84 -79.01
N VAL A 210 -13.54 37.83 -79.90
CA VAL A 210 -13.73 39.23 -79.55
C VAL A 210 -14.84 39.83 -80.41
N ASP A 211 -15.39 40.94 -79.93
CA ASP A 211 -16.38 41.71 -80.66
C ASP A 211 -15.68 42.76 -81.52
N ALA A 212 -16.46 43.64 -82.15
CA ALA A 212 -15.89 44.68 -83.01
C ALA A 212 -14.95 45.61 -82.25
N LYS A 213 -15.16 45.76 -80.94
CA LYS A 213 -14.31 46.62 -80.14
C LYS A 213 -13.15 45.87 -79.49
N GLY A 214 -12.95 44.61 -79.84
CA GLY A 214 -11.86 43.83 -79.28
C GLY A 214 -12.10 43.29 -77.89
N ARG A 215 -13.35 43.17 -77.47
CA ARG A 215 -13.70 42.66 -76.15
C ARG A 215 -14.29 41.26 -76.30
N LEU A 216 -13.99 40.42 -75.30
CA LEU A 216 -14.39 39.02 -75.34
C LEU A 216 -15.87 38.86 -75.65
N ARG A 217 -16.18 37.87 -76.48
CA ARG A 217 -17.55 37.63 -76.93
C ARG A 217 -18.34 36.85 -75.88
N ILE A 218 -19.66 37.05 -75.90
CA ILE A 218 -20.54 36.37 -74.96
C ILE A 218 -21.94 36.35 -75.56
N ALA A 219 -22.69 35.30 -75.26
CA ALA A 219 -24.03 35.10 -75.81
C ALA A 219 -25.03 34.95 -74.66
N ALA A 220 -26.31 35.12 -75.01
CA ALA A 220 -27.38 35.02 -74.04
C ALA A 220 -28.53 34.23 -74.65
N ALA A 221 -29.26 33.50 -73.79
CA ALA A 221 -30.36 32.66 -74.20
C ALA A 221 -31.67 33.26 -73.73
N VAL A 222 -32.75 32.94 -74.44
CA VAL A 222 -34.08 33.41 -74.09
C VAL A 222 -35.08 32.30 -74.42
N GLY A 223 -36.07 32.12 -73.55
CA GLY A 223 -37.11 31.15 -73.80
C GLY A 223 -38.32 31.75 -74.52
N ILE A 224 -39.14 30.87 -75.08
CA ILE A 224 -40.24 31.29 -75.96
C ILE A 224 -41.50 31.64 -75.18
N ASN A 225 -41.43 31.64 -73.86
CA ASN A 225 -42.54 32.12 -73.04
C ASN A 225 -42.43 33.63 -72.85
N GLY A 226 -43.53 34.22 -72.39
CA GLY A 226 -43.56 35.66 -72.13
C GLY A 226 -43.41 36.47 -73.41
N ASP A 227 -42.80 37.65 -73.27
CA ASP A 227 -42.57 38.56 -74.38
C ASP A 227 -41.16 38.33 -74.91
N VAL A 228 -41.05 37.52 -75.97
CA VAL A 228 -39.73 37.12 -76.46
C VAL A 228 -39.03 38.31 -77.10
N GLY A 229 -39.78 39.15 -77.82
CA GLY A 229 -39.18 40.30 -78.48
C GLY A 229 -38.54 41.27 -77.48
N ALA A 230 -39.29 41.66 -76.45
CA ALA A 230 -38.75 42.58 -75.46
C ALA A 230 -37.55 41.98 -74.74
N LYS A 231 -37.64 40.70 -74.37
CA LYS A 231 -36.50 40.07 -73.71
C LYS A 231 -35.28 40.02 -74.63
N ALA A 232 -35.49 39.66 -75.90
CA ALA A 232 -34.38 39.62 -76.85
C ALA A 232 -33.75 40.99 -77.03
N GLN A 233 -34.58 42.03 -77.17
CA GLN A 233 -34.06 43.38 -77.30
C GLN A 233 -33.28 43.78 -76.05
N ALA A 234 -33.81 43.45 -74.87
CA ALA A 234 -33.12 43.75 -73.62
C ALA A 234 -31.75 43.06 -73.57
N LEU A 235 -31.66 41.82 -74.04
CA LEU A 235 -30.37 41.14 -74.08
C LEU A 235 -29.42 41.81 -75.07
N ALA A 236 -29.95 42.32 -76.18
CA ALA A 236 -29.11 43.02 -77.15
C ALA A 236 -28.56 44.32 -76.57
N GLU A 237 -29.40 45.09 -75.89
CA GLU A 237 -28.95 46.35 -75.31
C GLU A 237 -27.95 46.13 -74.18
N ALA A 238 -28.02 44.99 -73.51
CA ALA A 238 -27.04 44.66 -72.48
C ALA A 238 -25.66 44.34 -73.06
N GLY A 239 -25.56 44.11 -74.37
CA GLY A 239 -24.30 43.84 -75.02
C GLY A 239 -24.09 42.42 -75.51
N ALA A 240 -25.14 41.59 -75.57
CA ALA A 240 -24.98 40.23 -76.06
C ALA A 240 -24.56 40.23 -77.53
N ASP A 241 -23.57 39.40 -77.86
CA ASP A 241 -23.07 39.30 -79.23
C ASP A 241 -23.84 38.29 -80.07
N LEU A 242 -24.70 37.50 -79.44
CA LEU A 242 -25.44 36.45 -80.12
C LEU A 242 -26.61 36.08 -79.24
N LEU A 243 -27.74 35.75 -79.86
CA LEU A 243 -28.94 35.36 -79.13
C LEU A 243 -29.28 33.92 -79.43
N VAL A 244 -29.72 33.19 -78.39
CA VAL A 244 -30.12 31.80 -78.51
C VAL A 244 -31.56 31.70 -78.03
N ILE A 245 -32.47 31.36 -78.95
CA ILE A 245 -33.86 31.12 -78.62
C ILE A 245 -33.99 29.63 -78.39
N ASP A 246 -34.20 29.24 -77.13
CA ASP A 246 -34.03 27.86 -76.70
C ASP A 246 -35.34 27.32 -76.16
N THR A 247 -35.70 26.10 -76.58
CA THR A 247 -36.83 25.39 -76.03
C THR A 247 -36.64 23.90 -76.31
N ALA A 248 -37.28 23.08 -75.48
CA ALA A 248 -37.10 21.62 -75.61
C ALA A 248 -37.56 21.13 -76.97
N HIS A 249 -38.77 21.50 -77.37
CA HIS A 249 -39.32 21.11 -78.67
C HIS A 249 -39.35 22.34 -79.58
N GLY A 250 -38.29 22.50 -80.37
CA GLY A 250 -38.18 23.68 -81.21
C GLY A 250 -39.09 23.69 -82.42
N HIS A 251 -39.65 22.54 -82.80
CA HIS A 251 -40.44 22.47 -84.02
C HIS A 251 -41.92 22.62 -83.69
N GLN A 252 -42.27 23.80 -83.19
CA GLN A 252 -43.66 24.07 -82.84
C GLN A 252 -43.99 25.52 -83.14
N ALA A 253 -45.29 25.80 -83.20
CA ALA A 253 -45.79 27.11 -83.61
C ALA A 253 -45.22 28.22 -82.74
N LYS A 254 -45.21 28.01 -81.42
CA LYS A 254 -44.82 29.08 -80.50
C LYS A 254 -43.35 29.45 -80.65
N MET A 255 -42.51 28.53 -81.12
CA MET A 255 -41.13 28.89 -81.43
C MET A 255 -41.03 29.65 -82.75
N LEU A 256 -41.74 29.20 -83.78
CA LEU A 256 -41.74 29.90 -85.05
C LEU A 256 -42.12 31.36 -84.89
N ASP A 257 -43.14 31.64 -84.07
CA ASP A 257 -43.55 33.01 -83.82
C ASP A 257 -42.50 33.78 -83.01
N ALA A 258 -41.82 33.09 -82.09
CA ALA A 258 -40.78 33.74 -81.31
C ALA A 258 -39.64 34.21 -82.19
N ILE A 259 -39.16 33.34 -83.09
CA ILE A 259 -38.10 33.74 -84.02
C ILE A 259 -38.53 34.94 -84.85
N LYS A 260 -39.78 34.93 -85.33
CA LYS A 260 -40.26 36.04 -86.16
C LYS A 260 -40.34 37.33 -85.36
N ALA A 261 -40.85 37.26 -84.14
CA ALA A 261 -40.91 38.45 -83.31
C ALA A 261 -39.53 39.02 -83.05
N VAL A 262 -38.52 38.16 -82.91
CA VAL A 262 -37.17 38.66 -82.67
C VAL A 262 -36.54 39.17 -83.97
N ALA A 263 -36.75 38.45 -85.07
CA ALA A 263 -36.12 38.85 -86.33
C ALA A 263 -36.65 40.21 -86.79
N SER A 264 -37.94 40.48 -86.58
CA SER A 264 -38.50 41.73 -87.05
C SER A 264 -38.08 42.93 -86.21
N LEU A 265 -37.42 42.71 -85.07
CA LEU A 265 -36.89 43.82 -84.28
C LEU A 265 -35.55 44.32 -84.81
N ASP A 266 -34.91 43.57 -85.72
CA ASP A 266 -33.69 44.02 -86.40
C ASP A 266 -32.60 44.37 -85.40
N LEU A 267 -32.30 43.43 -84.51
CA LEU A 267 -31.33 43.67 -83.45
C LEU A 267 -29.89 43.60 -83.94
N GLY A 268 -29.66 42.99 -85.10
CA GLY A 268 -28.33 42.98 -85.67
C GLY A 268 -27.40 41.90 -85.16
N LEU A 269 -27.94 40.80 -84.62
CA LEU A 269 -27.13 39.73 -84.06
C LEU A 269 -27.49 38.39 -84.68
N PRO A 270 -26.52 37.48 -84.79
CA PRO A 270 -26.84 36.11 -85.21
C PRO A 270 -27.89 35.48 -84.29
N LEU A 271 -28.90 34.86 -84.89
CA LEU A 271 -30.02 34.26 -84.16
C LEU A 271 -29.89 32.75 -84.20
N VAL A 272 -29.84 32.13 -83.02
CA VAL A 272 -29.82 30.68 -82.89
C VAL A 272 -31.18 30.22 -82.38
N ALA A 273 -31.69 29.13 -82.95
CA ALA A 273 -32.96 28.57 -82.50
C ALA A 273 -32.85 27.06 -82.44
N GLY A 274 -33.48 26.46 -81.43
CA GLY A 274 -33.51 25.02 -81.24
C GLY A 274 -34.40 24.67 -80.07
N ASN A 275 -34.58 23.36 -79.86
CA ASN A 275 -33.86 22.33 -80.59
C ASN A 275 -34.78 21.50 -81.49
N VAL A 276 -34.23 21.07 -82.62
CA VAL A 276 -34.91 20.18 -83.55
C VAL A 276 -33.94 19.08 -83.95
N VAL A 277 -34.49 18.00 -84.53
CA VAL A 277 -33.68 16.88 -84.96
C VAL A 277 -34.07 16.40 -86.35
N SER A 278 -34.96 17.14 -87.02
CA SER A 278 -35.44 16.75 -88.34
C SER A 278 -35.07 17.80 -89.38
N ALA A 279 -35.00 17.36 -90.64
CA ALA A 279 -34.79 18.30 -91.73
C ALA A 279 -35.95 19.29 -91.85
N GLU A 280 -37.19 18.79 -91.69
CA GLU A 280 -38.34 19.68 -91.74
C GLU A 280 -38.26 20.74 -90.65
N GLY A 281 -37.81 20.38 -89.45
CA GLY A 281 -37.67 21.35 -88.39
C GLY A 281 -36.57 22.37 -88.67
N THR A 282 -35.43 21.90 -89.19
CA THR A 282 -34.35 22.81 -89.57
C THR A 282 -34.82 23.83 -90.58
N ARG A 283 -35.58 23.40 -91.58
CA ARG A 283 -36.08 24.33 -92.58
C ARG A 283 -37.06 25.32 -91.97
N ASP A 284 -37.98 24.84 -91.14
CA ASP A 284 -38.98 25.73 -90.55
C ASP A 284 -38.37 26.78 -89.63
N LEU A 285 -37.28 26.44 -88.94
CA LEU A 285 -36.65 27.44 -88.08
C LEU A 285 -35.88 28.48 -88.89
N ILE A 286 -35.22 28.03 -89.95
CA ILE A 286 -34.50 28.97 -90.81
C ILE A 286 -35.48 29.89 -91.53
N GLU A 287 -36.56 29.33 -92.08
CA GLU A 287 -37.54 30.17 -92.78
C GLU A 287 -38.12 31.24 -91.87
N ALA A 288 -38.26 30.94 -90.58
CA ALA A 288 -38.78 31.92 -89.63
C ALA A 288 -37.78 33.02 -89.28
N GLY A 289 -36.54 32.92 -89.77
CA GLY A 289 -35.54 33.95 -89.54
C GLY A 289 -34.32 33.51 -88.74
N ALA A 290 -34.22 32.26 -88.30
CA ALA A 290 -33.02 31.83 -87.57
C ALA A 290 -31.86 31.63 -88.54
N SER A 291 -30.68 32.11 -88.15
CA SER A 291 -29.46 31.92 -88.93
C SER A 291 -28.72 30.65 -88.53
N ILE A 292 -28.87 30.20 -87.28
CA ILE A 292 -28.23 28.98 -86.79
C ILE A 292 -29.30 28.11 -86.16
N VAL A 293 -29.25 26.81 -86.45
CA VAL A 293 -30.22 25.86 -85.91
C VAL A 293 -29.50 24.99 -84.87
N LYS A 294 -30.02 24.97 -83.65
CA LYS A 294 -29.47 24.14 -82.59
C LYS A 294 -30.14 22.77 -82.62
N VAL A 295 -29.35 21.71 -82.70
CA VAL A 295 -29.87 20.36 -82.91
C VAL A 295 -29.58 19.51 -81.69
N GLY A 296 -30.62 18.82 -81.20
CA GLY A 296 -30.48 17.87 -80.11
C GLY A 296 -31.73 17.69 -79.28
N VAL A 297 -32.38 16.54 -79.42
CA VAL A 297 -33.55 16.17 -78.61
C VAL A 297 -33.30 14.78 -78.07
N GLY A 298 -32.97 14.69 -76.78
CA GLY A 298 -32.66 13.40 -76.17
C GLY A 298 -31.25 13.20 -75.63
N PRO A 299 -30.20 13.59 -76.37
CA PRO A 299 -28.83 13.18 -75.96
C PRO A 299 -28.30 13.89 -74.73
N GLY A 300 -28.88 15.02 -74.33
CA GLY A 300 -28.40 15.77 -73.19
C GLY A 300 -28.22 14.93 -71.93
N ALA A 301 -27.05 15.05 -71.30
CA ALA A 301 -26.76 14.25 -70.12
C ALA A 301 -27.76 14.50 -68.99
N MET A 302 -28.35 15.69 -68.94
CA MET A 302 -29.39 15.97 -67.96
C MET A 302 -30.79 15.73 -68.50
N CYS A 303 -30.91 15.19 -69.71
CA CYS A 303 -32.20 15.06 -70.38
C CYS A 303 -32.80 13.68 -70.11
N THR A 304 -34.01 13.67 -69.55
CA THR A 304 -34.76 12.44 -69.30
C THR A 304 -35.88 12.22 -70.31
N THR A 305 -35.82 12.90 -71.46
CA THR A 305 -36.93 12.86 -72.41
C THR A 305 -37.12 11.47 -73.00
N ARG A 306 -36.03 10.73 -73.24
CA ARG A 306 -36.14 9.38 -73.78
C ARG A 306 -36.96 8.48 -72.86
N MET A 307 -36.55 8.38 -71.60
CA MET A 307 -37.24 7.49 -70.66
C MET A 307 -38.63 8.00 -70.31
N MET A 308 -38.85 9.31 -70.36
CA MET A 308 -40.16 9.86 -70.04
C MET A 308 -41.14 9.73 -71.19
N THR A 309 -40.70 9.97 -72.43
CA THR A 309 -41.61 10.14 -73.56
C THR A 309 -41.32 9.25 -74.75
N GLY A 310 -40.21 8.52 -74.78
CA GLY A 310 -39.79 7.81 -75.95
C GLY A 310 -39.30 8.67 -77.09
N VAL A 311 -39.33 10.00 -76.94
CA VAL A 311 -38.96 10.93 -78.00
C VAL A 311 -37.46 11.18 -77.95
N GLY A 312 -36.84 11.28 -79.11
CA GLY A 312 -35.42 11.53 -79.19
C GLY A 312 -34.89 11.09 -80.54
N ARG A 313 -33.61 11.39 -80.76
CA ARG A 313 -32.99 10.90 -81.97
C ARG A 313 -31.50 10.75 -81.71
N PRO A 314 -30.88 9.64 -82.11
CA PRO A 314 -29.43 9.52 -82.01
C PRO A 314 -28.75 10.73 -82.64
N GLN A 315 -27.81 11.33 -81.89
CA GLN A 315 -27.38 12.68 -82.19
C GLN A 315 -26.61 12.75 -83.50
N PHE A 316 -25.78 11.75 -83.80
CA PHE A 316 -24.98 11.83 -85.02
C PHE A 316 -25.86 11.89 -86.26
N SER A 317 -26.85 10.99 -86.36
CA SER A 317 -27.77 11.03 -87.49
C SER A 317 -28.60 12.30 -87.48
N ALA A 318 -28.95 12.79 -86.29
CA ALA A 318 -29.70 14.04 -86.22
C ALA A 318 -28.89 15.19 -86.82
N VAL A 319 -27.58 15.21 -86.55
CA VAL A 319 -26.75 16.30 -87.04
C VAL A 319 -26.53 16.19 -88.55
N VAL A 320 -26.28 14.97 -89.05
CA VAL A 320 -26.07 14.76 -90.48
C VAL A 320 -27.27 15.28 -91.27
N GLU A 321 -28.48 14.86 -90.87
CA GLU A 321 -29.67 15.27 -91.61
C GLU A 321 -29.93 16.76 -91.45
N CYS A 322 -29.74 17.30 -90.25
CA CYS A 322 -30.04 18.71 -90.05
C CYS A 322 -28.98 19.62 -90.66
N ALA A 323 -27.71 19.22 -90.63
CA ALA A 323 -26.67 20.04 -91.25
C ALA A 323 -26.88 20.13 -92.76
N ALA A 324 -27.21 19.00 -93.39
CA ALA A 324 -27.47 19.01 -94.82
C ALA A 324 -28.63 19.95 -95.16
N ALA A 325 -29.71 19.89 -94.38
CA ALA A 325 -30.87 20.73 -94.64
C ALA A 325 -30.54 22.21 -94.46
N ALA A 326 -29.82 22.55 -93.40
CA ALA A 326 -29.45 23.95 -93.17
C ALA A 326 -28.47 24.45 -94.23
N ARG A 327 -27.59 23.58 -94.72
CA ARG A 327 -26.61 24.01 -95.72
C ARG A 327 -27.29 24.39 -97.04
N GLN A 328 -28.31 23.64 -97.44
CA GLN A 328 -29.00 23.98 -98.69
C GLN A 328 -29.65 25.35 -98.60
N LEU A 329 -30.05 25.77 -97.40
CA LEU A 329 -30.63 27.09 -97.18
C LEU A 329 -29.60 28.13 -96.76
N GLY A 330 -28.31 27.80 -96.82
CA GLY A 330 -27.28 28.73 -96.39
C GLY A 330 -27.20 28.91 -94.89
N GLY A 331 -27.71 27.96 -94.11
CA GLY A 331 -27.67 28.04 -92.67
C GLY A 331 -26.59 27.15 -92.06
N HIS A 332 -26.55 27.14 -90.73
CA HIS A 332 -25.58 26.37 -89.97
C HIS A 332 -26.28 25.61 -88.85
N VAL A 333 -25.57 24.64 -88.29
CA VAL A 333 -26.12 23.74 -87.28
C VAL A 333 -25.15 23.66 -86.11
N TRP A 334 -25.68 23.85 -84.90
CA TRP A 334 -24.95 23.57 -83.67
C TRP A 334 -25.34 22.18 -83.17
N ALA A 335 -24.36 21.35 -82.85
CA ALA A 335 -24.62 20.03 -82.29
C ALA A 335 -24.68 20.14 -80.77
N ASP A 336 -25.88 20.00 -80.20
CA ASP A 336 -26.14 20.32 -78.80
C ASP A 336 -26.49 19.06 -78.02
N GLY A 337 -25.60 18.65 -77.12
CA GLY A 337 -25.93 17.62 -76.15
C GLY A 337 -25.18 16.32 -76.41
N GLY A 338 -24.87 15.62 -75.32
CA GLY A 338 -24.29 14.29 -75.39
C GLY A 338 -22.79 14.22 -75.61
N VAL A 339 -22.08 15.35 -75.52
CA VAL A 339 -20.64 15.34 -75.76
C VAL A 339 -19.94 14.94 -74.45
N ARG A 340 -19.18 13.85 -74.51
CA ARG A 340 -18.41 13.39 -73.36
C ARG A 340 -16.92 13.28 -73.61
N HIS A 341 -16.50 13.19 -74.87
CA HIS A 341 -15.11 12.96 -75.24
C HIS A 341 -14.78 13.80 -76.46
N PRO A 342 -13.50 14.08 -76.68
CA PRO A 342 -13.12 14.86 -77.88
C PRO A 342 -13.65 14.27 -79.17
N ARG A 343 -13.69 12.94 -79.31
CA ARG A 343 -14.20 12.34 -80.54
C ARG A 343 -15.62 12.80 -80.85
N ASP A 344 -16.42 13.10 -79.83
CA ASP A 344 -17.79 13.56 -80.07
C ASP A 344 -17.80 14.92 -80.76
N VAL A 345 -16.88 15.80 -80.39
CA VAL A 345 -16.78 17.10 -81.05
C VAL A 345 -16.33 16.92 -82.50
N ALA A 346 -15.29 16.11 -82.69
CA ALA A 346 -14.79 15.82 -84.04
C ALA A 346 -15.87 15.22 -84.91
N LEU A 347 -16.59 14.23 -84.39
CA LEU A 347 -17.62 13.56 -85.19
C LEU A 347 -18.78 14.51 -85.51
N ALA A 348 -19.13 15.38 -84.57
CA ALA A 348 -20.19 16.34 -84.82
C ALA A 348 -19.80 17.32 -85.93
N LEU A 349 -18.54 17.73 -85.95
CA LEU A 349 -18.06 18.59 -87.02
C LEU A 349 -18.05 17.84 -88.36
N ALA A 350 -17.52 16.61 -88.34
CA ALA A 350 -17.51 15.78 -89.54
C ALA A 350 -18.92 15.63 -90.11
N ALA A 351 -19.92 15.51 -89.24
CA ALA A 351 -21.31 15.39 -89.67
C ALA A 351 -21.84 16.66 -90.31
N GLY A 352 -21.12 17.77 -90.22
CA GLY A 352 -21.53 19.02 -90.85
C GLY A 352 -21.91 20.13 -89.91
N ALA A 353 -21.83 19.92 -88.60
CA ALA A 353 -22.11 21.01 -87.67
C ALA A 353 -21.02 22.07 -87.76
N SER A 354 -21.43 23.33 -87.60
CA SER A 354 -20.48 24.43 -87.57
C SER A 354 -19.90 24.65 -86.19
N ASN A 355 -20.57 24.17 -85.14
CA ASN A 355 -20.19 24.44 -83.77
C ASN A 355 -20.81 23.35 -82.88
N VAL A 356 -20.19 23.14 -81.73
CA VAL A 356 -20.57 22.07 -80.80
C VAL A 356 -20.84 22.68 -79.44
N MET A 357 -22.07 22.54 -78.96
CA MET A 357 -22.44 23.05 -77.64
C MET A 357 -22.18 21.96 -76.59
N ILE A 358 -21.37 22.29 -75.59
CA ILE A 358 -20.96 21.37 -74.55
C ILE A 358 -21.52 21.86 -73.22
N GLY A 359 -22.16 20.96 -72.48
CA GLY A 359 -22.79 21.31 -71.23
C GLY A 359 -22.20 20.66 -69.98
N SER A 360 -22.82 19.57 -69.54
CA SER A 360 -22.50 18.97 -68.24
C SER A 360 -21.02 18.60 -68.10
N TRP A 361 -20.38 18.19 -69.20
CA TRP A 361 -18.95 17.90 -69.15
C TRP A 361 -18.17 19.06 -68.53
N PHE A 362 -18.51 20.31 -68.89
CA PHE A 362 -17.78 21.46 -68.36
C PHE A 362 -18.18 21.82 -66.94
N ALA A 363 -19.23 21.20 -66.37
CA ALA A 363 -19.53 21.42 -64.97
C ALA A 363 -18.44 20.88 -64.07
N GLY A 364 -17.74 19.83 -64.51
CA GLY A 364 -16.68 19.23 -63.72
C GLY A 364 -15.37 19.95 -63.89
N THR A 365 -15.40 21.26 -63.69
CA THR A 365 -14.20 22.10 -63.84
C THR A 365 -14.15 23.08 -62.68
N TYR A 366 -12.97 23.67 -62.49
CA TYR A 366 -12.83 24.70 -61.46
C TYR A 366 -13.74 25.89 -61.73
N GLU A 367 -13.85 26.31 -63.01
CA GLU A 367 -14.49 27.57 -63.35
C GLU A 367 -16.01 27.51 -63.37
N SER A 368 -16.62 26.34 -63.23
CA SER A 368 -18.08 26.26 -63.25
C SER A 368 -18.66 26.82 -61.96
N PRO A 369 -19.90 27.30 -61.98
CA PRO A 369 -20.43 28.03 -60.82
C PRO A 369 -20.58 27.20 -59.55
N GLY A 370 -20.82 25.88 -59.67
CA GLY A 370 -21.12 25.08 -58.50
C GLY A 370 -19.94 24.95 -57.55
N ASP A 371 -20.26 24.55 -56.32
CA ASP A 371 -19.22 24.29 -55.33
C ASP A 371 -18.47 23.01 -55.66
N LEU A 372 -17.17 23.01 -55.35
CA LEU A 372 -16.35 21.83 -55.57
C LEU A 372 -16.59 20.81 -54.45
N LEU A 373 -17.06 19.62 -54.80
CA LEU A 373 -17.39 18.59 -53.84
C LEU A 373 -16.38 17.46 -53.90
N PHE A 374 -16.51 16.53 -52.95
CA PHE A 374 -15.64 15.36 -52.85
C PHE A 374 -16.47 14.15 -52.47
N ASP A 375 -16.25 13.03 -53.15
CA ASP A 375 -17.09 11.85 -52.98
C ASP A 375 -16.52 10.95 -51.89
N ARG A 376 -17.04 9.71 -51.81
CA ARG A 376 -16.60 8.76 -50.78
C ARG A 376 -15.12 8.43 -50.88
N ASP A 377 -14.51 8.59 -52.07
CA ASP A 377 -13.09 8.33 -52.27
C ASP A 377 -12.25 9.59 -52.29
N ASP A 378 -12.82 10.73 -51.88
CA ASP A 378 -12.15 12.03 -51.86
C ASP A 378 -11.75 12.51 -53.27
N ARG A 379 -12.41 11.99 -54.31
CA ARG A 379 -12.20 12.51 -55.65
C ARG A 379 -12.99 13.82 -55.82
N PRO A 380 -12.40 14.82 -56.46
CA PRO A 380 -13.14 16.07 -56.68
C PRO A 380 -14.19 15.92 -57.77
N TYR A 381 -15.38 16.44 -57.50
CA TYR A 381 -16.42 16.47 -58.50
C TYR A 381 -17.32 17.67 -58.27
N LYS A 382 -18.22 17.90 -59.20
CA LYS A 382 -19.24 18.93 -59.09
C LYS A 382 -20.52 18.40 -59.73
N GLU A 383 -21.65 18.87 -59.24
CA GLU A 383 -22.94 18.43 -59.73
C GLU A 383 -23.37 19.23 -60.94
N SER A 384 -23.68 18.54 -62.03
CA SER A 384 -24.43 19.13 -63.12
C SER A 384 -25.92 18.91 -62.88
N TYR A 385 -26.74 19.85 -63.35
CA TYR A 385 -28.17 19.70 -63.24
C TYR A 385 -28.85 20.41 -64.41
N GLY A 386 -30.04 19.92 -64.75
CA GLY A 386 -30.72 20.41 -65.93
C GLY A 386 -31.45 21.72 -65.71
N MET A 387 -31.78 22.36 -66.83
CA MET A 387 -32.55 23.60 -66.79
C MET A 387 -34.03 23.33 -66.56
N ALA A 388 -34.50 22.11 -66.86
CA ALA A 388 -35.84 21.63 -66.53
C ALA A 388 -36.87 22.58 -67.13
N SER A 389 -37.81 23.14 -66.37
CA SER A 389 -38.91 23.90 -66.94
C SER A 389 -38.47 25.17 -67.64
N LYS A 390 -37.21 25.61 -67.44
CA LYS A 390 -36.72 26.78 -68.14
C LYS A 390 -36.53 26.54 -69.64
N ARG A 391 -36.70 25.31 -70.11
CA ARG A 391 -36.68 25.01 -71.54
C ARG A 391 -38.05 24.64 -72.09
N ALA A 392 -39.09 24.69 -71.26
CA ALA A 392 -40.40 24.17 -71.60
C ALA A 392 -41.35 25.31 -71.91
N VAL A 393 -42.41 24.96 -72.64
CA VAL A 393 -43.50 25.89 -72.94
C VAL A 393 -44.41 25.98 -71.72
N ALA A 394 -44.87 27.19 -71.42
CA ALA A 394 -45.79 27.41 -70.31
C ALA A 394 -46.87 28.40 -70.72
N ALA A 395 -48.13 28.04 -70.45
CA ALA A 395 -49.23 28.97 -70.67
C ALA A 395 -49.07 30.19 -69.77
N ARG A 396 -49.68 31.30 -70.19
CA ARG A 396 -49.60 32.54 -69.43
C ARG A 396 -50.09 32.34 -68.01
N THR A 397 -49.28 32.78 -67.05
CA THR A 397 -49.55 32.56 -65.62
C THR A 397 -50.22 33.76 -64.96
N ALA A 398 -50.60 34.77 -65.72
CA ALA A 398 -51.21 35.97 -65.15
C ALA A 398 -52.53 35.63 -64.47
N GLY A 399 -52.68 36.10 -63.23
CA GLY A 399 -53.90 35.87 -62.47
C GLY A 399 -54.16 34.44 -62.10
N ASP A 400 -53.13 33.59 -62.09
CA ASP A 400 -53.30 32.19 -61.73
C ASP A 400 -53.39 32.05 -60.22
N SER A 401 -54.41 31.33 -59.75
CA SER A 401 -54.51 31.00 -58.34
C SER A 401 -53.38 30.06 -57.94
N SER A 402 -53.06 30.07 -56.65
CA SER A 402 -52.04 29.15 -56.15
C SER A 402 -52.43 27.69 -56.35
N PHE A 403 -53.73 27.40 -56.47
CA PHE A 403 -54.17 26.07 -56.88
C PHE A 403 -53.71 25.76 -58.30
N ASP A 404 -53.95 26.69 -59.23
CA ASP A 404 -53.51 26.50 -60.61
C ASP A 404 -51.99 26.48 -60.71
N ARG A 405 -51.31 27.23 -59.86
CA ARG A 405 -49.85 27.17 -59.82
C ARG A 405 -49.38 25.77 -59.45
N ALA A 406 -49.99 25.17 -58.41
CA ALA A 406 -49.62 23.81 -58.02
C ALA A 406 -50.04 22.79 -59.07
N ARG A 407 -51.13 23.04 -59.78
CA ARG A 407 -51.60 22.10 -60.79
C ARG A 407 -50.58 21.96 -61.91
N LYS A 408 -50.21 23.08 -62.54
CA LYS A 408 -49.18 23.02 -63.57
C LYS A 408 -47.83 22.60 -63.01
N GLY A 409 -47.59 22.86 -61.72
CA GLY A 409 -46.33 22.48 -61.13
C GLY A 409 -46.19 20.98 -60.91
N LEU A 410 -47.30 20.27 -60.74
CA LEU A 410 -47.24 18.85 -60.45
C LEU A 410 -46.59 18.07 -61.58
N PHE A 411 -46.84 18.47 -62.83
CA PHE A 411 -46.38 17.74 -63.99
C PHE A 411 -45.12 18.34 -64.61
N GLU A 412 -44.55 19.39 -64.03
CA GLU A 412 -43.39 20.03 -64.64
C GLU A 412 -42.14 19.18 -64.41
N GLU A 413 -41.23 19.23 -65.39
CA GLU A 413 -40.03 18.40 -65.34
C GLU A 413 -39.19 18.72 -64.11
N GLY A 414 -38.76 17.68 -63.42
CA GLY A 414 -37.88 17.87 -62.28
C GLY A 414 -36.44 18.11 -62.72
N ILE A 415 -35.64 18.59 -61.76
CA ILE A 415 -34.23 18.87 -62.00
C ILE A 415 -33.46 17.59 -61.69
N SER A 416 -32.96 16.94 -62.74
CA SER A 416 -32.14 15.76 -62.57
C SER A 416 -30.70 16.17 -62.26
N THR A 417 -29.98 15.25 -61.63
CA THR A 417 -28.65 15.52 -61.13
C THR A 417 -27.69 14.41 -61.56
N SER A 418 -26.53 14.83 -62.02
CA SER A 418 -25.45 13.92 -62.37
C SER A 418 -24.15 14.45 -61.78
N ARG A 419 -23.27 13.53 -61.39
CA ARG A 419 -21.98 13.90 -60.83
C ARG A 419 -20.93 13.93 -61.92
N MET A 420 -20.24 15.06 -62.06
CA MET A 420 -19.19 15.23 -63.04
C MET A 420 -17.87 15.33 -62.29
N SER A 421 -17.02 14.32 -62.43
CA SER A 421 -15.77 14.29 -61.69
C SER A 421 -14.71 15.11 -62.42
N LEU A 422 -13.89 15.81 -61.65
CA LEU A 422 -12.77 16.55 -62.20
C LEU A 422 -11.58 15.63 -62.43
N ASP A 423 -10.76 15.98 -63.41
CA ASP A 423 -9.47 15.33 -63.57
C ASP A 423 -8.60 15.68 -62.37
N PRO A 424 -8.18 14.70 -61.55
CA PRO A 424 -7.41 15.03 -60.34
C PRO A 424 -6.11 15.78 -60.64
N ALA A 425 -5.65 15.76 -61.89
CA ALA A 425 -4.51 16.56 -62.32
C ALA A 425 -4.95 17.88 -62.96
N ARG A 426 -5.65 17.79 -64.09
CA ARG A 426 -5.99 18.96 -64.91
C ARG A 426 -7.50 19.21 -64.84
N GLY A 427 -7.93 19.92 -63.79
CA GLY A 427 -9.33 20.17 -63.55
C GLY A 427 -9.87 21.49 -64.04
N GLY A 428 -9.08 22.28 -64.78
CA GLY A 428 -9.57 23.51 -65.36
C GLY A 428 -10.20 23.29 -66.72
N VAL A 429 -11.16 24.16 -67.07
CA VAL A 429 -11.86 24.03 -68.35
C VAL A 429 -10.90 24.22 -69.51
N GLU A 430 -9.81 24.97 -69.31
CA GLU A 430 -8.82 25.14 -70.36
C GLU A 430 -8.09 23.83 -70.65
N ASP A 431 -7.94 22.97 -69.65
CA ASP A 431 -7.36 21.65 -69.90
C ASP A 431 -8.28 20.80 -70.78
N LEU A 432 -9.60 20.87 -70.54
CA LEU A 432 -10.53 20.20 -71.43
C LEU A 432 -10.46 20.80 -72.83
N LEU A 433 -10.37 22.13 -72.93
CA LEU A 433 -10.25 22.76 -74.24
C LEU A 433 -9.01 22.27 -74.97
N ASP A 434 -7.89 22.16 -74.26
CA ASP A 434 -6.68 21.55 -74.83
C ASP A 434 -6.99 20.15 -75.34
N HIS A 435 -7.56 19.31 -74.48
CA HIS A 435 -7.96 17.96 -74.84
C HIS A 435 -8.84 17.95 -76.09
N ILE A 436 -9.92 18.75 -76.09
CA ILE A 436 -10.88 18.76 -77.18
C ILE A 436 -10.23 19.21 -78.49
N THR A 437 -9.58 20.38 -78.46
CA THR A 437 -9.02 20.91 -79.71
C THR A 437 -7.81 20.11 -80.16
N SER A 438 -7.04 19.53 -79.24
CA SER A 438 -5.94 18.70 -79.67
C SER A 438 -6.44 17.53 -80.52
N GLY A 439 -7.56 16.93 -80.11
CA GLY A 439 -8.10 15.81 -80.86
C GLY A 439 -8.75 16.22 -82.17
N VAL A 440 -9.48 17.34 -82.17
CA VAL A 440 -10.11 17.81 -83.40
C VAL A 440 -9.05 18.17 -84.43
N ARG A 441 -7.93 18.73 -83.98
CA ARG A 441 -6.81 19.00 -84.89
C ARG A 441 -6.23 17.70 -85.43
N SER A 442 -6.11 16.68 -84.58
CA SER A 442 -5.63 15.39 -85.05
C SER A 442 -6.62 14.76 -86.03
N THR A 443 -7.92 14.90 -85.77
CA THR A 443 -8.90 14.37 -86.71
C THR A 443 -8.69 14.95 -88.11
N CYS A 444 -8.41 16.25 -88.18
CA CYS A 444 -8.18 16.91 -89.46
C CYS A 444 -6.92 16.41 -90.14
N THR A 445 -5.85 16.18 -89.36
CA THR A 445 -4.62 15.64 -89.96
C THR A 445 -4.84 14.23 -90.49
N TYR A 446 -5.62 13.42 -89.77
CA TYR A 446 -5.94 12.08 -90.26
C TYR A 446 -6.80 12.13 -91.51
N VAL A 447 -7.74 13.08 -91.58
CA VAL A 447 -8.63 13.20 -92.73
C VAL A 447 -7.93 13.87 -93.91
N GLY A 448 -6.98 14.77 -93.64
CA GLY A 448 -6.36 15.57 -94.66
C GLY A 448 -6.92 16.97 -94.80
N ALA A 449 -7.71 17.43 -93.83
CA ALA A 449 -8.35 18.73 -93.89
C ALA A 449 -7.49 19.77 -93.19
N ALA A 450 -7.48 20.99 -93.73
CA ALA A 450 -6.79 22.12 -93.10
C ALA A 450 -7.72 23.01 -92.31
N ASN A 451 -9.03 22.72 -92.34
CA ASN A 451 -10.00 23.57 -91.67
C ASN A 451 -11.29 22.79 -91.50
N LEU A 452 -12.24 23.38 -90.79
CA LEU A 452 -13.49 22.70 -90.46
C LEU A 452 -14.33 22.39 -91.69
N PRO A 453 -14.49 23.32 -92.64
CA PRO A 453 -15.22 22.94 -93.86
C PRO A 453 -14.57 21.80 -94.63
N GLU A 454 -13.24 21.82 -94.79
CA GLU A 454 -12.58 20.71 -95.48
C GLU A 454 -12.80 19.40 -94.73
N LEU A 455 -12.93 19.44 -93.40
CA LEU A 455 -13.21 18.23 -92.64
C LEU A 455 -14.53 17.60 -93.06
N HIS A 456 -15.58 18.43 -93.15
CA HIS A 456 -16.89 17.91 -93.56
C HIS A 456 -16.88 17.44 -95.01
N GLU A 457 -16.12 18.12 -95.88
CA GLU A 457 -16.10 17.76 -97.29
CA GLU A 457 -16.09 17.77 -97.30
C GLU A 457 -15.32 16.47 -97.54
N LYS A 458 -14.21 16.27 -96.82
CA LYS A 458 -13.29 15.18 -97.11
C LYS A 458 -13.50 13.93 -96.25
N VAL A 459 -14.36 13.97 -95.24
CA VAL A 459 -14.38 12.88 -94.26
C VAL A 459 -15.03 11.65 -94.87
N VAL A 460 -14.40 10.50 -94.65
CA VAL A 460 -14.99 9.19 -94.94
C VAL A 460 -15.32 8.53 -93.61
N LEU A 461 -16.58 8.15 -93.43
CA LEU A 461 -17.06 7.58 -92.18
C LEU A 461 -17.43 6.12 -92.38
N GLY A 462 -17.49 5.41 -91.25
CA GLY A 462 -17.90 4.02 -91.27
C GLY A 462 -18.73 3.71 -90.03
N VAL A 463 -19.43 2.58 -90.09
CA VAL A 463 -20.27 2.11 -89.00
C VAL A 463 -19.61 0.88 -88.38
N GLN A 464 -19.74 0.74 -87.07
CA GLN A 464 -19.14 -0.37 -86.35
C GLN A 464 -20.19 -1.02 -85.45
N SER A 465 -19.89 -2.25 -85.01
CA SER A 465 -20.73 -2.91 -84.02
C SER A 465 -20.29 -2.48 -82.62
N ALA A 466 -20.95 -3.05 -81.60
CA ALA A 466 -20.60 -2.76 -80.22
C ALA A 466 -19.13 -3.04 -79.94
N ALA A 467 -18.61 -4.15 -80.49
CA ALA A 467 -17.20 -4.46 -80.30
C ALA A 467 -16.29 -3.47 -81.02
N GLY A 468 -16.77 -2.85 -82.10
CA GLY A 468 -15.96 -1.88 -82.81
C GLY A 468 -15.54 -0.70 -81.94
N PHE A 469 -16.47 -0.20 -81.13
CA PHE A 469 -16.15 0.90 -80.22
C PHE A 469 -15.13 0.47 -79.16
N ALA A 470 -15.18 -0.80 -78.75
CA ALA A 470 -14.34 -1.31 -77.66
C ALA A 470 -12.86 -1.39 -78.03
N GLU A 471 -12.51 -1.18 -79.29
CA GLU A 471 -11.09 -1.21 -79.67
C GLU A 471 -10.35 -0.01 -79.09
N GLY A 472 -9.10 -0.23 -78.71
CA GLY A 472 -8.25 0.82 -78.19
C GLY A 472 -8.16 0.89 -76.68
N HIS A 473 -7.94 2.08 -76.15
CA HIS A 473 -7.74 2.32 -74.73
C HIS A 473 -8.72 3.36 -74.23
N PRO A 474 -9.27 3.19 -73.01
CA PRO A 474 -10.14 4.21 -72.42
C PRO A 474 -9.36 5.28 -71.65
N VAL B 2 -10.77 -13.31 -99.09
CA VAL B 2 -11.48 -14.19 -98.18
C VAL B 2 -12.86 -14.53 -98.72
N ARG B 3 -13.40 -15.67 -98.29
CA ARG B 3 -14.75 -16.08 -98.62
C ARG B 3 -15.60 -16.04 -97.36
N PHE B 4 -16.79 -15.44 -97.47
CA PHE B 4 -17.74 -15.35 -96.37
C PHE B 4 -18.96 -16.24 -96.65
N LEU B 5 -19.60 -16.70 -95.57
CA LEU B 5 -20.85 -17.44 -95.70
C LEU B 5 -21.86 -16.62 -96.49
N ASP B 6 -22.66 -17.32 -97.30
CA ASP B 6 -23.61 -16.65 -98.17
C ASP B 6 -24.57 -15.79 -97.35
N GLY B 7 -24.72 -14.54 -97.77
CA GLY B 7 -25.59 -13.60 -97.10
C GLY B 7 -24.97 -12.87 -95.94
N HIS B 8 -23.69 -13.11 -95.63
CA HIS B 8 -23.01 -12.43 -94.52
C HIS B 8 -22.28 -11.21 -95.06
N THR B 9 -23.05 -10.15 -95.28
CA THR B 9 -22.54 -8.89 -95.83
C THR B 9 -23.09 -7.76 -95.00
N PRO B 10 -22.52 -7.53 -93.82
CA PRO B 10 -23.12 -6.57 -92.89
C PRO B 10 -22.91 -5.13 -93.34
N ALA B 11 -23.71 -4.24 -92.75
CA ALA B 11 -23.60 -2.81 -93.00
C ALA B 11 -22.58 -2.13 -92.11
N TYR B 12 -21.56 -2.86 -91.65
CA TYR B 12 -20.55 -2.30 -90.77
C TYR B 12 -19.25 -3.06 -90.93
N ASP B 13 -18.16 -2.45 -90.46
CA ASP B 13 -16.86 -3.08 -90.48
C ASP B 13 -16.67 -3.94 -89.24
N LEU B 14 -15.85 -4.97 -89.38
CA LEU B 14 -15.78 -6.08 -88.44
C LEU B 14 -14.50 -6.03 -87.61
N THR B 15 -14.63 -6.31 -86.32
CA THR B 15 -13.50 -6.56 -85.45
C THR B 15 -13.25 -8.06 -85.36
N TYR B 16 -12.23 -8.44 -84.57
CA TYR B 16 -11.95 -9.86 -84.35
C TYR B 16 -13.09 -10.56 -83.62
N ASN B 17 -13.79 -9.84 -82.73
CA ASN B 17 -14.93 -10.41 -82.01
C ASN B 17 -16.14 -10.63 -82.91
N ASP B 18 -16.17 -9.99 -84.08
CA ASP B 18 -17.34 -10.04 -84.94
C ASP B 18 -17.37 -11.26 -85.84
N VAL B 19 -16.24 -11.95 -86.02
CA VAL B 19 -16.15 -12.98 -87.06
C VAL B 19 -15.80 -14.33 -86.43
N PHE B 20 -16.06 -15.38 -87.19
CA PHE B 20 -15.70 -16.74 -86.81
C PHE B 20 -15.30 -17.51 -88.06
N VAL B 21 -14.53 -18.58 -87.84
CA VAL B 21 -14.04 -19.44 -88.92
C VAL B 21 -14.90 -20.70 -88.97
N VAL B 22 -15.42 -21.00 -90.16
CA VAL B 22 -16.19 -22.21 -90.38
C VAL B 22 -15.22 -23.33 -90.76
N PRO B 23 -15.25 -24.46 -90.07
CA PRO B 23 -14.38 -25.57 -90.46
C PRO B 23 -14.76 -26.11 -91.83
N GLY B 24 -13.73 -26.53 -92.58
CA GLY B 24 -13.92 -27.18 -93.86
C GLY B 24 -13.40 -28.61 -93.84
N ARG B 25 -13.49 -29.23 -95.01
CA ARG B 25 -13.00 -30.60 -95.17
C ARG B 25 -11.48 -30.61 -95.13
N SER B 26 -10.91 -31.45 -94.26
CA SER B 26 -9.48 -31.43 -93.98
C SER B 26 -8.90 -32.83 -94.02
N ASP B 27 -7.72 -32.94 -94.64
CA ASP B 27 -6.89 -34.14 -94.54
C ASP B 27 -5.65 -33.92 -93.70
N VAL B 28 -5.51 -32.76 -93.08
CA VAL B 28 -4.36 -32.46 -92.24
C VAL B 28 -4.52 -33.18 -90.90
N ALA B 29 -3.60 -34.08 -90.60
CA ALA B 29 -3.76 -34.96 -89.44
C ALA B 29 -3.36 -34.26 -88.13
N SER B 30 -2.11 -33.84 -88.03
CA SER B 30 -1.57 -33.35 -86.78
C SER B 30 -1.37 -31.83 -86.82
N ARG B 31 -1.15 -31.27 -85.63
CA ARG B 31 -0.77 -29.87 -85.53
C ARG B 31 0.61 -29.62 -86.13
N PHE B 32 1.50 -30.60 -86.05
CA PHE B 32 2.89 -30.43 -86.48
C PHE B 32 3.09 -30.65 -87.97
N ASP B 33 2.06 -31.08 -88.69
CA ASP B 33 2.13 -31.10 -90.15
C ASP B 33 1.94 -29.71 -90.75
N VAL B 34 1.36 -28.78 -90.01
CA VAL B 34 1.17 -27.43 -90.50
C VAL B 34 2.51 -26.69 -90.48
N ASP B 35 2.80 -25.99 -91.57
CA ASP B 35 3.99 -25.15 -91.67
C ASP B 35 3.60 -23.71 -91.38
N LEU B 36 4.17 -23.15 -90.31
CA LEU B 36 3.86 -21.79 -89.86
C LEU B 36 4.83 -20.76 -90.40
N SER B 37 5.75 -21.15 -91.29
CA SER B 37 6.70 -20.21 -91.86
C SER B 37 5.96 -19.10 -92.62
N THR B 38 6.53 -17.91 -92.60
CA THR B 38 5.99 -16.78 -93.32
C THR B 38 6.67 -16.61 -94.67
N VAL B 39 5.96 -15.98 -95.60
CA VAL B 39 6.39 -15.83 -96.99
C VAL B 39 6.66 -14.37 -97.34
N ASP B 40 6.75 -13.48 -96.35
CA ASP B 40 6.88 -12.06 -96.63
C ASP B 40 8.32 -11.56 -96.65
N GLY B 41 9.30 -12.45 -96.44
CA GLY B 41 10.69 -12.05 -96.46
C GLY B 41 11.27 -11.71 -95.10
N SER B 42 10.46 -11.69 -94.05
CA SER B 42 10.97 -11.36 -92.71
C SER B 42 11.90 -12.45 -92.18
N GLY B 43 11.67 -13.70 -92.56
CA GLY B 43 12.44 -14.81 -92.03
C GLY B 43 11.81 -15.49 -90.83
N THR B 44 10.64 -15.04 -90.38
CA THR B 44 10.02 -15.63 -89.20
C THR B 44 9.44 -17.00 -89.55
N THR B 45 9.73 -17.98 -88.70
CA THR B 45 9.18 -19.32 -88.88
C THR B 45 7.84 -19.49 -88.16
N ILE B 46 7.40 -18.50 -87.41
CA ILE B 46 6.04 -18.42 -86.87
C ILE B 46 5.53 -17.01 -87.18
N PRO B 47 4.21 -16.80 -87.30
CA PRO B 47 3.69 -15.50 -87.71
C PRO B 47 3.55 -14.48 -86.57
N VAL B 48 4.62 -14.30 -85.80
CA VAL B 48 4.58 -13.46 -84.61
C VAL B 48 5.71 -12.44 -84.70
N VAL B 49 5.36 -11.15 -84.67
CA VAL B 49 6.32 -10.06 -84.60
C VAL B 49 6.04 -9.27 -83.33
N VAL B 50 7.09 -8.96 -82.57
CA VAL B 50 6.95 -8.18 -81.35
C VAL B 50 7.03 -6.70 -81.69
N ALA B 51 6.06 -5.92 -81.21
CA ALA B 51 5.92 -4.52 -81.62
C ALA B 51 7.12 -3.69 -81.18
N ASN B 52 7.41 -2.64 -81.95
CA ASN B 52 8.48 -1.70 -81.63
C ASN B 52 7.99 -0.79 -80.52
N MET B 53 8.12 -1.27 -79.27
CA MET B 53 7.61 -0.58 -78.11
C MET B 53 8.60 -0.77 -76.98
N THR B 54 8.96 0.33 -76.31
CA THR B 54 9.93 0.27 -75.23
C THR B 54 9.42 -0.58 -74.06
N ALA B 55 8.11 -0.78 -73.97
CA ALA B 55 7.55 -1.59 -72.91
C ALA B 55 7.76 -3.09 -73.14
N VAL B 56 8.05 -3.50 -74.37
CA VAL B 56 8.07 -4.91 -74.75
C VAL B 56 9.42 -5.33 -75.34
N ALA B 57 9.93 -4.53 -76.28
CA ALA B 57 11.03 -4.96 -77.16
C ALA B 57 12.38 -4.59 -76.56
N GLY B 58 12.86 -5.45 -75.67
CA GLY B 58 14.20 -5.34 -75.13
C GLY B 58 15.11 -6.46 -75.62
N ARG B 59 16.31 -6.51 -75.05
CA ARG B 59 17.29 -7.48 -75.49
C ARG B 59 16.89 -8.90 -75.07
N ARG B 60 16.30 -9.05 -73.88
CA ARG B 60 15.84 -10.37 -73.45
C ARG B 60 14.67 -10.84 -74.31
N MET B 61 13.71 -9.95 -74.56
CA MET B 61 12.61 -10.30 -75.45
C MET B 61 13.13 -10.64 -76.85
N ALA B 62 14.07 -9.84 -77.36
CA ALA B 62 14.57 -10.06 -78.73
C ALA B 62 15.22 -11.42 -78.87
N GLU B 63 16.05 -11.81 -77.89
CA GLU B 63 16.66 -13.14 -77.93
C GLU B 63 15.62 -14.24 -77.82
N THR B 64 14.72 -14.14 -76.84
CA THR B 64 13.83 -15.25 -76.53
C THR B 64 12.86 -15.53 -77.69
N VAL B 65 12.31 -14.49 -78.28
CA VAL B 65 11.32 -14.71 -79.34
C VAL B 65 11.99 -15.19 -80.62
N ALA B 66 13.15 -14.64 -80.96
CA ALA B 66 13.82 -15.03 -82.20
C ALA B 66 14.25 -16.49 -82.17
N ARG B 67 14.70 -16.98 -81.01
CA ARG B 67 15.04 -18.40 -80.91
C ARG B 67 13.83 -19.29 -81.25
N ARG B 68 12.62 -18.80 -81.01
CA ARG B 68 11.41 -19.57 -81.27
C ARG B 68 10.78 -19.21 -82.62
N GLY B 69 11.48 -18.45 -83.45
CA GLY B 69 11.04 -18.22 -84.82
C GLY B 69 10.40 -16.88 -85.07
N GLY B 70 10.13 -16.09 -84.05
CA GLY B 70 9.60 -14.75 -84.25
C GLY B 70 10.72 -13.77 -84.53
N ILE B 71 10.36 -12.49 -84.53
CA ILE B 71 11.36 -11.42 -84.62
C ILE B 71 10.87 -10.24 -83.80
N VAL B 72 11.82 -9.49 -83.24
CA VAL B 72 11.54 -8.34 -82.39
C VAL B 72 12.02 -7.09 -83.09
N VAL B 73 11.16 -6.08 -83.17
CA VAL B 73 11.48 -4.79 -83.78
C VAL B 73 11.89 -3.83 -82.68
N LEU B 74 13.15 -3.40 -82.72
CA LEU B 74 13.64 -2.44 -81.74
C LEU B 74 12.87 -1.12 -81.87
N PRO B 75 12.57 -0.45 -80.76
CA PRO B 75 11.79 0.80 -80.85
C PRO B 75 12.60 1.91 -81.51
N GLN B 76 11.88 2.79 -82.19
CA GLN B 76 12.53 3.92 -82.84
C GLN B 76 13.17 4.83 -81.80
N ASP B 77 14.22 5.53 -82.23
CA ASP B 77 14.98 6.53 -81.48
C ASP B 77 15.84 5.91 -80.39
N LEU B 78 15.90 4.59 -80.31
CA LEU B 78 16.94 3.93 -79.53
C LEU B 78 18.29 4.36 -80.09
N PRO B 79 19.17 4.97 -79.28
CA PRO B 79 20.47 5.43 -79.80
C PRO B 79 21.22 4.31 -80.51
N ILE B 80 22.07 4.70 -81.46
CA ILE B 80 22.70 3.73 -82.35
C ILE B 80 23.66 2.82 -81.59
N THR B 81 24.35 3.34 -80.57
CA THR B 81 25.28 2.50 -79.82
C THR B 81 24.54 1.47 -78.97
N ALA B 82 23.35 1.82 -78.47
CA ALA B 82 22.53 0.83 -77.79
C ALA B 82 21.90 -0.14 -78.79
N VAL B 83 21.54 0.33 -79.98
CA VAL B 83 21.07 -0.58 -81.04
C VAL B 83 22.12 -1.62 -81.34
N SER B 84 23.35 -1.17 -81.63
CA SER B 84 24.42 -2.10 -82.02
C SER B 84 24.77 -3.05 -80.89
N GLU B 85 24.71 -2.58 -79.64
CA GLU B 85 24.97 -3.47 -78.51
C GLU B 85 23.86 -4.51 -78.39
N THR B 86 22.60 -4.12 -78.61
CA THR B 86 21.52 -5.09 -78.58
C THR B 86 21.69 -6.13 -79.68
N VAL B 87 22.06 -5.71 -80.89
CA VAL B 87 22.23 -6.63 -82.01
C VAL B 87 23.35 -7.61 -81.71
N ASP B 88 24.51 -7.10 -81.29
CA ASP B 88 25.64 -7.97 -80.99
C ASP B 88 25.27 -9.00 -79.93
N PHE B 89 24.48 -8.58 -78.94
CA PHE B 89 24.01 -9.51 -77.92
C PHE B 89 23.12 -10.59 -78.53
N VAL B 90 22.06 -10.17 -79.24
CA VAL B 90 21.10 -11.12 -79.80
C VAL B 90 21.78 -12.05 -80.80
N LYS B 91 22.69 -11.52 -81.61
CA LYS B 91 23.35 -12.34 -82.62
C LYS B 91 24.48 -13.20 -82.08
N SER B 92 24.89 -13.01 -80.82
CA SER B 92 25.85 -13.89 -80.19
C SER B 92 25.21 -14.97 -79.33
N ARG B 93 23.89 -15.03 -79.27
CA ARG B 93 23.20 -16.03 -78.46
C ARG B 93 23.19 -17.38 -79.15
N ASP B 94 23.14 -18.44 -78.34
CA ASP B 94 23.02 -19.79 -78.86
C ASP B 94 21.61 -20.04 -79.39
N LEU B 95 21.51 -20.89 -80.41
CA LEU B 95 20.22 -21.16 -81.03
C LEU B 95 19.35 -22.11 -80.21
N VAL B 96 19.93 -22.80 -79.23
CA VAL B 96 19.21 -23.78 -78.41
C VAL B 96 19.27 -23.40 -76.93
N VAL B 97 20.46 -23.20 -76.41
CA VAL B 97 20.67 -22.88 -75.00
C VAL B 97 20.32 -21.42 -74.74
N ASP B 98 19.66 -21.16 -73.61
CA ASP B 98 19.15 -19.84 -73.29
C ASP B 98 20.08 -19.12 -72.31
N THR B 99 20.06 -17.79 -72.37
CA THR B 99 20.87 -16.97 -71.48
C THR B 99 20.18 -16.85 -70.12
N PRO B 100 20.81 -17.28 -69.04
CA PRO B 100 20.16 -17.23 -67.73
C PRO B 100 20.49 -15.95 -66.98
N VAL B 101 19.75 -15.75 -65.88
CA VAL B 101 20.15 -14.79 -64.87
C VAL B 101 21.40 -15.31 -64.18
N THR B 102 22.41 -14.45 -64.03
CA THR B 102 23.65 -14.81 -63.39
C THR B 102 23.86 -13.94 -62.14
N LEU B 103 24.47 -14.55 -61.12
CA LEU B 103 24.76 -13.89 -59.86
C LEU B 103 26.22 -14.11 -59.49
N SER B 104 26.75 -13.17 -58.71
CA SER B 104 28.04 -13.30 -58.03
C SER B 104 27.85 -13.93 -56.66
N PRO B 105 28.85 -14.67 -56.17
CA PRO B 105 28.73 -15.23 -54.81
C PRO B 105 28.60 -14.17 -53.73
N GLU B 106 28.97 -12.92 -54.01
CA GLU B 106 28.88 -11.83 -53.06
C GLU B 106 27.60 -11.03 -53.19
N ASP B 107 26.71 -11.39 -54.11
CA ASP B 107 25.42 -10.72 -54.22
C ASP B 107 24.52 -11.10 -53.06
N SER B 108 23.60 -10.20 -52.73
CA SER B 108 22.68 -10.43 -51.62
C SER B 108 21.50 -11.26 -52.07
N VAL B 109 20.94 -12.02 -51.12
CA VAL B 109 19.73 -12.78 -51.39
C VAL B 109 18.62 -11.86 -51.87
N SER B 110 18.55 -10.64 -51.32
CA SER B 110 17.56 -9.68 -51.77
C SER B 110 17.74 -9.33 -53.24
N ASP B 111 18.99 -9.16 -53.68
CA ASP B 111 19.25 -8.92 -55.10
C ASP B 111 18.91 -10.14 -55.96
N ALA B 112 19.09 -11.34 -55.42
CA ALA B 112 18.88 -12.55 -56.21
C ALA B 112 17.41 -12.72 -56.61
N ASN B 113 16.50 -12.60 -55.64
CA ASN B 113 15.09 -12.86 -55.96
C ASN B 113 14.47 -11.74 -56.79
N ALA B 114 15.08 -10.54 -56.79
CA ALA B 114 14.63 -9.50 -57.71
C ALA B 114 15.04 -9.81 -59.14
N LEU B 115 16.23 -10.40 -59.32
CA LEU B 115 16.72 -10.72 -60.66
C LEU B 115 16.14 -12.02 -61.21
N LEU B 116 15.66 -12.93 -60.35
CA LEU B 116 15.22 -14.24 -60.80
C LEU B 116 14.13 -14.15 -61.86
N HIS B 117 13.26 -13.16 -61.77
CA HIS B 117 12.13 -13.05 -62.67
C HIS B 117 12.47 -12.31 -63.97
N LYS B 118 13.75 -12.08 -64.24
CA LYS B 118 14.16 -11.57 -65.53
C LYS B 118 14.10 -12.64 -66.62
N ARG B 119 14.12 -13.91 -66.22
CA ARG B 119 13.92 -15.03 -67.14
C ARG B 119 12.84 -15.94 -66.57
N ALA B 120 12.49 -16.96 -67.36
CA ALA B 120 11.46 -17.90 -66.97
C ALA B 120 12.03 -19.24 -66.51
N HIS B 121 13.33 -19.30 -66.24
CA HIS B 121 13.98 -20.59 -65.95
C HIS B 121 13.66 -21.11 -64.57
N GLY B 122 13.35 -20.22 -63.61
CA GLY B 122 13.13 -20.64 -62.25
C GLY B 122 14.39 -20.86 -61.44
N ALA B 123 15.53 -20.44 -61.96
CA ALA B 123 16.80 -20.56 -61.23
C ALA B 123 17.78 -19.54 -61.81
N ALA B 124 18.74 -19.14 -60.99
CA ALA B 124 19.83 -18.29 -61.42
C ALA B 124 21.14 -19.03 -61.19
N VAL B 125 22.13 -18.74 -62.04
CA VAL B 125 23.41 -19.43 -62.01
C VAL B 125 24.42 -18.55 -61.30
N VAL B 126 25.07 -19.09 -60.27
CA VAL B 126 26.13 -18.38 -59.58
C VAL B 126 27.44 -18.60 -60.33
N VAL B 127 28.14 -17.51 -60.63
CA VAL B 127 29.33 -17.53 -61.48
C VAL B 127 30.50 -16.93 -60.69
N PHE B 128 31.64 -17.61 -60.71
CA PHE B 128 32.89 -17.09 -60.16
C PHE B 128 33.99 -17.30 -61.19
N GLU B 129 34.55 -16.19 -61.69
CA GLU B 129 35.60 -16.21 -62.71
C GLU B 129 35.14 -16.91 -63.99
N GLY B 130 33.88 -16.70 -64.34
CA GLY B 130 33.30 -17.26 -65.54
C GLY B 130 32.71 -18.64 -65.39
N ARG B 131 33.03 -19.38 -64.30
CA ARG B 131 32.63 -20.78 -64.17
C ARG B 131 31.41 -20.90 -63.26
N PRO B 132 30.39 -21.65 -63.66
CA PRO B 132 29.20 -21.83 -62.81
C PRO B 132 29.56 -22.65 -61.57
N ILE B 133 29.13 -22.16 -60.41
CA ILE B 133 29.40 -22.83 -59.15
C ILE B 133 28.15 -23.29 -58.42
N GLY B 134 26.95 -22.90 -58.87
CA GLY B 134 25.75 -23.31 -58.18
C GLY B 134 24.52 -22.62 -58.73
N LEU B 135 23.38 -23.08 -58.24
CA LEU B 135 22.07 -22.57 -58.65
C LEU B 135 21.36 -21.93 -57.47
N VAL B 136 20.65 -20.85 -57.74
CA VAL B 136 19.83 -20.16 -56.75
C VAL B 136 18.38 -20.20 -57.23
N THR B 137 17.50 -20.74 -56.39
CA THR B 137 16.08 -20.81 -56.70
C THR B 137 15.29 -19.93 -55.74
N GLU B 138 13.99 -19.82 -56.02
CA GLU B 138 13.11 -19.08 -55.10
C GLU B 138 13.06 -19.76 -53.74
N ALA B 139 12.90 -21.09 -53.74
CA ALA B 139 12.86 -21.83 -52.49
C ALA B 139 14.15 -21.69 -51.69
N ASN B 140 15.28 -21.49 -52.38
CA ASN B 140 16.54 -21.25 -51.67
C ASN B 140 16.53 -19.91 -50.94
N CYS B 141 15.79 -18.93 -51.45
CA CYS B 141 15.80 -17.58 -50.90
C CYS B 141 14.81 -17.38 -49.77
N ALA B 142 13.86 -18.30 -49.57
CA ALA B 142 12.81 -18.11 -48.60
C ALA B 142 13.32 -18.41 -47.20
N GLY B 143 13.02 -17.52 -46.25
CA GLY B 143 13.34 -17.75 -44.86
C GLY B 143 14.77 -17.48 -44.46
N VAL B 144 15.63 -17.03 -45.37
CA VAL B 144 16.98 -16.66 -45.02
C VAL B 144 17.04 -15.14 -44.88
N ASP B 145 18.05 -14.67 -44.16
CA ASP B 145 18.25 -13.23 -44.01
C ASP B 145 18.35 -12.58 -45.38
N ARG B 146 17.48 -11.58 -45.61
CA ARG B 146 17.43 -10.88 -46.88
C ARG B 146 18.81 -10.44 -47.38
N PHE B 147 19.74 -10.15 -46.46
CA PHE B 147 21.06 -9.66 -46.85
C PHE B 147 22.17 -10.69 -46.63
N ALA B 148 21.81 -11.96 -46.41
CA ALA B 148 22.79 -13.03 -46.51
C ALA B 148 23.37 -13.08 -47.92
N ARG B 149 24.59 -13.62 -48.03
CA ARG B 149 25.25 -13.73 -49.32
C ARG B 149 24.75 -14.95 -50.08
N VAL B 150 24.63 -14.78 -51.40
CA VAL B 150 24.17 -15.84 -52.30
C VAL B 150 24.98 -17.11 -52.10
N ARG B 151 26.29 -16.98 -51.81
CA ARG B 151 27.12 -18.15 -51.57
C ARG B 151 26.55 -19.06 -50.49
N ASP B 152 25.88 -18.49 -49.48
CA ASP B 152 25.36 -19.28 -48.37
C ASP B 152 24.09 -20.05 -48.72
N ILE B 153 23.34 -19.64 -49.75
CA ILE B 153 22.12 -20.35 -50.14
C ILE B 153 22.27 -21.13 -51.43
N ALA B 154 23.38 -21.00 -52.15
CA ALA B 154 23.50 -21.61 -53.46
C ALA B 154 23.56 -23.14 -53.36
N LEU B 155 22.95 -23.81 -54.34
CA LEU B 155 23.00 -25.27 -54.43
C LEU B 155 24.19 -25.66 -55.28
N SER B 156 25.17 -26.33 -54.66
CA SER B 156 26.37 -26.72 -55.38
C SER B 156 26.14 -27.89 -56.34
N ASP B 157 25.02 -28.61 -56.18
CA ASP B 157 24.73 -29.80 -56.98
C ASP B 157 23.70 -29.45 -58.05
N PHE B 158 24.05 -29.66 -59.31
CA PHE B 158 23.13 -29.36 -60.40
C PHE B 158 23.52 -30.19 -61.61
N VAL B 159 22.53 -30.47 -62.46
CA VAL B 159 22.79 -31.18 -63.70
C VAL B 159 23.52 -30.24 -64.67
N THR B 160 24.62 -30.72 -65.23
CA THR B 160 25.40 -29.94 -66.19
C THR B 160 25.72 -30.81 -67.39
N ALA B 161 26.10 -30.14 -68.50
CA ALA B 161 26.36 -30.79 -69.78
C ALA B 161 26.98 -29.78 -70.74
N PRO B 162 27.89 -30.21 -71.61
CA PRO B 162 28.53 -29.26 -72.54
C PRO B 162 27.51 -28.63 -73.47
N VAL B 163 27.75 -27.36 -73.81
CA VAL B 163 26.94 -26.71 -74.83
C VAL B 163 27.12 -27.47 -76.14
N GLY B 164 26.03 -27.67 -76.86
CA GLY B 164 26.06 -28.52 -78.03
C GLY B 164 25.78 -29.98 -77.76
N THR B 165 25.14 -30.29 -76.64
CA THR B 165 24.62 -31.64 -76.37
C THR B 165 23.23 -31.75 -76.97
N ASP B 166 22.87 -32.96 -77.37
CA ASP B 166 21.54 -33.23 -77.95
C ASP B 166 20.44 -32.84 -76.97
N PRO B 167 19.51 -31.97 -77.36
CA PRO B 167 18.42 -31.58 -76.44
C PRO B 167 17.62 -32.75 -75.90
N ARG B 168 17.42 -33.81 -76.68
CA ARG B 168 16.77 -35.01 -76.16
C ARG B 168 17.55 -35.60 -74.99
N GLU B 169 18.89 -35.58 -75.08
CA GLU B 169 19.69 -36.10 -73.98
C GLU B 169 19.60 -35.21 -72.75
N VAL B 170 19.64 -33.88 -72.94
CA VAL B 170 19.52 -32.97 -71.81
C VAL B 170 18.16 -33.11 -71.15
N PHE B 171 17.12 -33.35 -71.96
CA PHE B 171 15.81 -33.65 -71.40
C PHE B 171 15.86 -34.91 -70.54
N ASP B 172 16.56 -35.95 -71.00
CA ASP B 172 16.63 -37.19 -70.24
C ASP B 172 17.43 -37.01 -68.95
N LEU B 173 18.49 -36.20 -68.98
CA LEU B 173 19.29 -35.99 -67.77
C LEU B 173 18.50 -35.28 -66.68
N LEU B 174 17.56 -34.42 -67.07
CA LEU B 174 16.78 -33.64 -66.10
C LEU B 174 15.55 -34.37 -65.60
N GLU B 175 15.27 -35.57 -66.11
CA GLU B 175 14.04 -36.27 -65.74
C GLU B 175 13.96 -36.52 -64.23
N HIS B 176 15.06 -36.95 -63.63
CA HIS B 176 15.13 -37.24 -62.20
C HIS B 176 15.90 -36.16 -61.44
N ALA B 177 16.05 -34.98 -62.03
CA ALA B 177 16.71 -33.87 -61.36
C ALA B 177 15.73 -33.16 -60.43
N PRO B 178 16.18 -32.74 -59.24
CA PRO B 178 15.29 -31.96 -58.37
C PRO B 178 15.04 -30.56 -58.89
N ILE B 179 16.00 -29.97 -59.61
CA ILE B 179 15.83 -28.67 -60.25
C ILE B 179 15.79 -28.91 -61.76
N ASP B 180 14.76 -28.35 -62.41
CA ASP B 180 14.53 -28.52 -63.85
C ASP B 180 15.35 -27.55 -64.70
N VAL B 181 16.60 -27.28 -64.31
CA VAL B 181 17.49 -26.39 -65.04
C VAL B 181 18.83 -27.09 -65.22
N ALA B 182 19.27 -27.26 -66.46
CA ALA B 182 20.58 -27.82 -66.75
C ALA B 182 21.56 -26.70 -67.08
N VAL B 183 22.71 -26.70 -66.43
CA VAL B 183 23.72 -25.67 -66.61
C VAL B 183 24.61 -26.10 -67.78
N MET B 184 24.62 -25.29 -68.85
CA MET B 184 25.33 -25.62 -70.08
C MET B 184 26.67 -24.91 -70.09
N THR B 185 27.74 -25.68 -70.31
CA THR B 185 29.10 -25.19 -70.22
C THR B 185 29.73 -25.03 -71.60
N ALA B 186 30.52 -23.97 -71.77
CA ALA B 186 31.36 -23.81 -72.95
C ALA B 186 32.49 -24.84 -72.91
N PRO B 187 33.20 -25.02 -74.02
CA PRO B 187 34.32 -25.99 -74.01
C PRO B 187 35.34 -25.76 -72.90
N ASP B 188 35.59 -24.51 -72.51
CA ASP B 188 36.59 -24.23 -71.48
C ASP B 188 36.09 -24.41 -70.06
N GLY B 189 34.83 -24.84 -69.88
CA GLY B 189 34.27 -25.02 -68.56
C GLY B 189 33.45 -23.85 -68.06
N THR B 190 33.51 -22.70 -68.72
CA THR B 190 32.76 -21.54 -68.28
C THR B 190 31.30 -21.69 -68.68
N LEU B 191 30.49 -20.69 -68.30
CA LEU B 191 29.05 -20.78 -68.48
C LEU B 191 28.67 -20.40 -69.91
N ALA B 192 27.96 -21.29 -70.60
CA ALA B 192 27.36 -20.97 -71.89
C ALA B 192 25.91 -20.54 -71.75
N GLY B 193 25.12 -21.30 -71.01
CA GLY B 193 23.76 -20.90 -70.72
C GLY B 193 23.05 -21.97 -69.92
N VAL B 194 21.73 -22.01 -70.03
CA VAL B 194 20.92 -23.03 -69.38
C VAL B 194 19.93 -23.60 -70.38
N LEU B 195 19.51 -24.83 -70.11
CA LEU B 195 18.44 -25.48 -70.88
C LEU B 195 17.55 -26.23 -69.92
N THR B 196 16.26 -25.91 -69.92
CA THR B 196 15.28 -26.61 -69.10
C THR B 196 14.66 -27.73 -69.93
N ARG B 197 13.79 -28.53 -69.29
CA ARG B 197 13.14 -29.62 -70.01
C ARG B 197 12.16 -29.09 -71.04
N THR B 198 11.38 -28.06 -70.67
CA THR B 198 10.50 -27.43 -71.64
C THR B 198 11.28 -26.72 -72.74
N GLY B 199 12.43 -26.14 -72.39
CA GLY B 199 13.27 -25.54 -73.40
C GLY B 199 13.82 -26.56 -74.38
N ALA B 200 14.10 -27.78 -73.90
CA ALA B 200 14.55 -28.85 -74.79
C ALA B 200 13.43 -29.32 -75.71
N ILE B 201 12.20 -29.34 -75.21
CA ILE B 201 11.05 -29.68 -76.04
C ILE B 201 10.86 -28.65 -77.14
N ARG B 202 10.97 -27.37 -76.78
CA ARG B 202 10.76 -26.31 -77.75
C ARG B 202 11.81 -26.31 -78.86
N ALA B 203 13.00 -26.86 -78.59
CA ALA B 203 14.05 -26.88 -79.61
C ALA B 203 13.67 -27.78 -80.78
N GLY B 204 12.83 -28.78 -80.55
CA GLY B 204 12.35 -29.65 -81.59
C GLY B 204 11.01 -29.28 -82.18
N ILE B 205 10.42 -28.16 -81.75
CA ILE B 205 9.15 -27.69 -82.26
C ILE B 205 9.31 -26.38 -83.02
N TYR B 206 10.08 -25.44 -82.47
CA TYR B 206 10.28 -24.14 -83.06
C TYR B 206 11.59 -24.11 -83.85
N THR B 207 11.53 -23.63 -85.08
CA THR B 207 12.72 -23.39 -85.87
C THR B 207 13.23 -21.98 -85.60
N PRO B 208 14.46 -21.80 -85.12
CA PRO B 208 14.95 -20.45 -84.85
C PRO B 208 15.01 -19.61 -86.11
N ALA B 209 14.61 -18.35 -85.99
CA ALA B 209 14.68 -17.41 -87.10
C ALA B 209 16.09 -16.83 -87.13
N VAL B 210 16.82 -17.10 -88.21
CA VAL B 210 18.23 -16.74 -88.30
C VAL B 210 18.49 -16.02 -89.61
N ASP B 211 19.60 -15.27 -89.64
CA ASP B 211 20.05 -14.59 -90.85
C ASP B 211 20.86 -15.57 -91.71
N ALA B 212 21.52 -15.05 -92.75
CA ALA B 212 22.31 -15.90 -93.63
C ALA B 212 23.54 -16.48 -92.94
N LYS B 213 23.98 -15.88 -91.82
CA LYS B 213 25.13 -16.36 -91.08
C LYS B 213 24.76 -17.26 -89.91
N GLY B 214 23.47 -17.60 -89.78
CA GLY B 214 23.05 -18.48 -88.70
C GLY B 214 22.83 -17.82 -87.37
N ARG B 215 22.77 -16.49 -87.32
CA ARG B 215 22.56 -15.75 -86.09
C ARG B 215 21.10 -15.29 -86.01
N LEU B 216 20.59 -15.22 -84.79
CA LEU B 216 19.19 -14.88 -84.57
C LEU B 216 18.84 -13.54 -85.21
N ARG B 217 17.64 -13.46 -85.79
CA ARG B 217 17.20 -12.26 -86.49
C ARG B 217 16.69 -11.21 -85.51
N ILE B 218 16.79 -9.94 -85.94
CA ILE B 218 16.29 -8.82 -85.17
C ILE B 218 15.96 -7.69 -86.14
N ALA B 219 14.96 -6.90 -85.79
CA ALA B 219 14.52 -5.78 -86.60
C ALA B 219 14.60 -4.49 -85.80
N ALA B 220 14.55 -3.38 -86.52
CA ALA B 220 14.64 -2.06 -85.91
C ALA B 220 13.65 -1.13 -86.59
N ALA B 221 13.14 -0.17 -85.82
CA ALA B 221 12.16 0.78 -86.33
C ALA B 221 12.78 2.17 -86.42
N VAL B 222 12.16 3.00 -87.25
CA VAL B 222 12.57 4.39 -87.37
C VAL B 222 11.33 5.20 -87.66
N GLY B 223 11.24 6.39 -87.07
CA GLY B 223 10.15 7.29 -87.39
C GLY B 223 10.43 8.08 -88.64
N ILE B 224 9.44 8.88 -89.06
CA ILE B 224 9.53 9.64 -90.31
C ILE B 224 10.02 11.06 -90.10
N ASN B 225 10.46 11.41 -88.90
CA ASN B 225 11.07 12.69 -88.62
C ASN B 225 12.59 12.60 -88.78
N GLY B 226 13.23 13.75 -88.99
CA GLY B 226 14.67 13.79 -89.11
C GLY B 226 15.16 13.30 -90.45
N ASP B 227 16.41 12.82 -90.47
CA ASP B 227 17.01 12.24 -91.68
C ASP B 227 16.73 10.73 -91.65
N VAL B 228 15.61 10.33 -92.27
CA VAL B 228 15.16 8.94 -92.18
C VAL B 228 16.13 8.03 -92.91
N GLY B 229 16.66 8.48 -94.05
CA GLY B 229 17.60 7.65 -94.80
C GLY B 229 18.89 7.38 -94.04
N ALA B 230 19.46 8.42 -93.43
CA ALA B 230 20.67 8.23 -92.63
C ALA B 230 20.41 7.28 -91.46
N LYS B 231 19.29 7.47 -90.76
CA LYS B 231 18.97 6.60 -89.64
C LYS B 231 18.78 5.15 -90.07
N ALA B 232 18.13 4.93 -91.22
CA ALA B 232 17.90 3.57 -91.69
C ALA B 232 19.19 2.91 -92.13
N GLN B 233 20.12 3.67 -92.74
CA GLN B 233 21.40 3.09 -93.13
C GLN B 233 22.23 2.72 -91.92
N ALA B 234 22.20 3.57 -90.88
CA ALA B 234 22.89 3.24 -89.64
C ALA B 234 22.33 1.96 -89.01
N LEU B 235 20.99 1.80 -89.04
CA LEU B 235 20.40 0.58 -88.50
C LEU B 235 20.78 -0.64 -89.34
N ALA B 236 20.80 -0.48 -90.67
CA ALA B 236 21.21 -1.59 -91.53
C ALA B 236 22.67 -1.96 -91.31
N GLU B 237 23.55 -0.95 -91.26
CA GLU B 237 24.96 -1.19 -90.99
C GLU B 237 25.18 -1.77 -89.59
N ALA B 238 24.25 -1.51 -88.66
CA ALA B 238 24.37 -2.07 -87.33
C ALA B 238 23.99 -3.55 -87.28
N GLY B 239 23.44 -4.10 -88.37
CA GLY B 239 23.11 -5.50 -88.44
C GLY B 239 21.63 -5.83 -88.38
N ALA B 240 20.75 -4.85 -88.49
CA ALA B 240 19.32 -5.12 -88.50
C ALA B 240 18.94 -5.89 -89.75
N ASP B 241 18.09 -6.92 -89.57
CA ASP B 241 17.66 -7.76 -90.68
C ASP B 241 16.37 -7.27 -91.33
N LEU B 242 15.68 -6.33 -90.71
CA LEU B 242 14.44 -5.82 -91.26
C LEU B 242 14.22 -4.43 -90.68
N LEU B 243 13.66 -3.54 -91.50
CA LEU B 243 13.47 -2.15 -91.13
C LEU B 243 11.98 -1.83 -91.12
N VAL B 244 11.54 -1.07 -90.11
CA VAL B 244 10.14 -0.67 -89.98
C VAL B 244 10.09 0.85 -89.90
N ILE B 245 9.47 1.47 -90.90
CA ILE B 245 9.19 2.90 -90.87
C ILE B 245 7.80 3.06 -90.27
N ASP B 246 7.73 3.67 -89.09
CA ASP B 246 6.56 3.63 -88.24
C ASP B 246 6.07 5.04 -87.95
N THR B 247 4.77 5.26 -88.15
CA THR B 247 4.15 6.53 -87.79
C THR B 247 2.67 6.28 -87.57
N ALA B 248 2.05 7.11 -86.72
CA ALA B 248 0.66 6.89 -86.36
C ALA B 248 -0.27 7.00 -87.57
N HIS B 249 -0.01 7.96 -88.46
CA HIS B 249 -0.80 8.17 -89.67
C HIS B 249 0.10 7.90 -90.87
N GLY B 250 0.04 6.68 -91.40
CA GLY B 250 0.96 6.30 -92.47
C GLY B 250 0.59 6.84 -93.84
N HIS B 251 -0.67 7.24 -94.05
CA HIS B 251 -1.11 7.71 -95.36
C HIS B 251 -0.97 9.23 -95.45
N GLN B 252 0.27 9.65 -95.56
CA GLN B 252 0.58 11.07 -95.62
C GLN B 252 1.91 11.29 -96.32
N ALA B 253 2.08 12.51 -96.84
CA ALA B 253 3.21 12.80 -97.72
C ALA B 253 4.55 12.55 -97.04
N LYS B 254 4.67 12.91 -95.77
CA LYS B 254 5.96 12.76 -95.10
C LYS B 254 6.36 11.29 -94.97
N MET B 255 5.37 10.38 -94.87
CA MET B 255 5.69 8.96 -94.87
C MET B 255 6.16 8.50 -96.25
N LEU B 256 5.47 8.93 -97.31
CA LEU B 256 5.86 8.56 -98.67
C LEU B 256 7.29 9.01 -98.96
N ASP B 257 7.64 10.24 -98.55
CA ASP B 257 9.01 10.71 -98.73
C ASP B 257 9.99 9.84 -97.95
N ALA B 258 9.61 9.42 -96.74
CA ALA B 258 10.52 8.60 -95.94
C ALA B 258 10.75 7.23 -96.58
N ILE B 259 9.71 6.66 -97.20
CA ILE B 259 9.87 5.36 -97.85
C ILE B 259 10.80 5.47 -99.05
N LYS B 260 10.62 6.51 -99.87
CA LYS B 260 11.48 6.70 -101.03
C LYS B 260 12.93 6.93 -100.59
N ALA B 261 13.12 7.77 -99.58
CA ALA B 261 14.48 8.05 -99.11
C ALA B 261 15.17 6.79 -98.62
N VAL B 262 14.43 5.88 -97.99
CA VAL B 262 15.01 4.63 -97.52
C VAL B 262 15.19 3.64 -98.67
N ALA B 263 14.17 3.52 -99.54
CA ALA B 263 14.25 2.53 -100.61
C ALA B 263 15.38 2.85 -101.59
N SER B 264 15.58 4.13 -101.90
CA SER B 264 16.62 4.51 -102.85
C SER B 264 18.02 4.22 -102.34
N LEU B 265 18.19 3.89 -101.06
CA LEU B 265 19.51 3.53 -100.57
C LEU B 265 19.87 2.08 -100.89
N ASP B 266 18.89 1.27 -101.33
CA ASP B 266 19.15 -0.09 -101.79
C ASP B 266 19.89 -0.90 -100.74
N LEU B 267 19.33 -0.95 -99.53
CA LEU B 267 20.02 -1.60 -98.41
C LEU B 267 19.86 -3.11 -98.41
N GLY B 268 18.98 -3.66 -99.25
CA GLY B 268 18.83 -5.10 -99.31
C GLY B 268 18.07 -5.74 -98.17
N LEU B 269 17.21 -4.99 -97.49
CA LEU B 269 16.46 -5.51 -96.35
C LEU B 269 14.97 -5.30 -96.57
N PRO B 270 14.14 -6.21 -96.06
CA PRO B 270 12.69 -6.00 -96.15
C PRO B 270 12.29 -4.69 -95.50
N LEU B 271 11.40 -3.95 -96.18
CA LEU B 271 11.00 -2.61 -95.76
C LEU B 271 9.53 -2.65 -95.36
N VAL B 272 9.25 -2.45 -94.07
CA VAL B 272 7.90 -2.34 -93.54
C VAL B 272 7.58 -0.86 -93.37
N ALA B 273 6.35 -0.47 -93.68
CA ALA B 273 5.90 0.89 -93.40
C ALA B 273 4.44 0.86 -92.97
N GLY B 274 4.09 1.75 -92.03
CA GLY B 274 2.73 1.85 -91.54
C GLY B 274 2.56 3.08 -90.67
N ASN B 275 1.33 3.32 -90.23
CA ASN B 275 0.21 2.40 -90.43
C ASN B 275 -0.91 3.01 -91.26
N VAL B 276 -1.61 2.15 -92.00
CA VAL B 276 -2.78 2.54 -92.78
C VAL B 276 -3.86 1.49 -92.56
N VAL B 277 -5.11 1.85 -92.90
CA VAL B 277 -6.21 0.91 -92.77
C VAL B 277 -7.07 0.89 -94.04
N SER B 278 -6.55 1.45 -95.14
CA SER B 278 -7.30 1.56 -96.39
C SER B 278 -6.55 0.93 -97.56
N ALA B 279 -7.32 0.49 -98.56
CA ALA B 279 -6.72 -0.02 -99.79
C ALA B 279 -5.85 1.04 -100.45
N GLU B 280 -6.35 2.27 -100.52
CA GLU B 280 -5.59 3.37 -101.09
C GLU B 280 -4.25 3.55 -100.37
N GLY B 281 -4.29 3.61 -99.03
CA GLY B 281 -3.06 3.78 -98.27
C GLY B 281 -2.08 2.66 -98.52
N THR B 282 -2.58 1.43 -98.64
CA THR B 282 -1.71 0.28 -98.94
C THR B 282 -1.01 0.45 -100.28
N ARG B 283 -1.77 0.81 -101.32
CA ARG B 283 -1.18 1.02 -102.65
C ARG B 283 -0.12 2.11 -102.60
N ASP B 284 -0.43 3.25 -101.97
CA ASP B 284 0.49 4.37 -101.97
C ASP B 284 1.81 4.02 -101.28
N LEU B 285 1.74 3.27 -100.17
CA LEU B 285 2.98 2.93 -99.47
C LEU B 285 3.80 1.92 -100.26
N ILE B 286 3.15 0.98 -100.95
CA ILE B 286 3.87 0.00 -101.74
C ILE B 286 4.54 0.67 -102.93
N GLU B 287 3.80 1.53 -103.65
CA GLU B 287 4.39 2.24 -104.78
C GLU B 287 5.56 3.10 -104.36
N ALA B 288 5.52 3.68 -103.15
CA ALA B 288 6.63 4.48 -102.67
C ALA B 288 7.86 3.66 -102.34
N GLY B 289 7.77 2.33 -102.35
CA GLY B 289 8.92 1.47 -102.11
C GLY B 289 8.77 0.46 -100.98
N ALA B 290 7.67 0.46 -100.23
CA ALA B 290 7.52 -0.47 -99.12
C ALA B 290 7.27 -1.89 -99.61
N SER B 291 8.00 -2.83 -99.04
CA SER B 291 7.78 -4.25 -99.32
C SER B 291 6.63 -4.82 -98.49
N ILE B 292 6.43 -4.32 -97.27
CA ILE B 292 5.38 -4.80 -96.37
C ILE B 292 4.65 -3.58 -95.80
N VAL B 293 3.33 -3.67 -95.71
CA VAL B 293 2.51 -2.59 -95.14
C VAL B 293 2.03 -3.03 -93.76
N LYS B 294 2.21 -2.15 -92.77
CA LYS B 294 1.74 -2.40 -91.42
C LYS B 294 0.36 -1.77 -91.26
N VAL B 295 -0.62 -2.58 -90.87
CA VAL B 295 -2.02 -2.16 -90.86
C VAL B 295 -2.49 -1.99 -89.44
N GLY B 296 -3.15 -0.88 -89.15
CA GLY B 296 -3.69 -0.65 -87.82
C GLY B 296 -3.67 0.79 -87.37
N VAL B 297 -4.85 1.41 -87.33
CA VAL B 297 -5.04 2.74 -86.78
C VAL B 297 -6.23 2.64 -85.84
N GLY B 298 -5.99 2.71 -84.53
CA GLY B 298 -7.06 2.59 -83.56
C GLY B 298 -7.01 1.41 -82.59
N PRO B 299 -6.74 0.18 -83.07
CA PRO B 299 -6.97 -0.99 -82.21
C PRO B 299 -5.91 -1.25 -81.15
N GLY B 300 -4.74 -0.60 -81.21
CA GLY B 300 -3.69 -0.81 -80.23
C GLY B 300 -4.13 -0.63 -78.79
N ALA B 301 -3.63 -1.49 -77.90
CA ALA B 301 -4.06 -1.42 -76.50
C ALA B 301 -3.67 -0.11 -75.84
N MET B 302 -2.57 0.50 -76.28
CA MET B 302 -2.13 1.80 -75.78
C MET B 302 -2.64 2.95 -76.63
N CYS B 303 -3.51 2.67 -77.59
CA CYS B 303 -3.97 3.67 -78.53
C CYS B 303 -5.27 4.30 -78.04
N THR B 304 -5.24 5.61 -77.82
CA THR B 304 -6.43 6.39 -77.48
C THR B 304 -6.94 7.19 -78.66
N THR B 305 -6.50 6.87 -79.88
CA THR B 305 -6.89 7.67 -81.04
C THR B 305 -8.40 7.70 -81.23
N ARG B 306 -9.07 6.56 -81.01
CA ARG B 306 -10.52 6.50 -81.17
C ARG B 306 -11.22 7.52 -80.29
N MET B 307 -10.85 7.58 -79.01
CA MET B 307 -11.55 8.48 -78.09
C MET B 307 -11.15 9.94 -78.29
N MET B 308 -9.91 10.19 -78.69
CA MET B 308 -9.46 11.57 -78.91
C MET B 308 -9.96 12.15 -80.23
N THR B 309 -9.93 11.35 -81.29
CA THR B 309 -10.17 11.86 -82.64
C THR B 309 -11.40 11.29 -83.33
N GLY B 310 -11.94 10.17 -82.86
CA GLY B 310 -12.93 9.43 -83.63
C GLY B 310 -12.37 8.67 -84.82
N VAL B 311 -11.06 8.75 -85.05
CA VAL B 311 -10.41 8.08 -86.18
C VAL B 311 -10.06 6.67 -85.76
N GLY B 312 -10.23 5.72 -86.68
CA GLY B 312 -9.93 4.34 -86.42
C GLY B 312 -10.61 3.45 -87.44
N ARG B 313 -10.29 2.16 -87.37
CA ARG B 313 -11.00 1.23 -88.23
C ARG B 313 -10.97 -0.15 -87.59
N PRO B 314 -12.11 -0.82 -87.48
CA PRO B 314 -12.11 -2.21 -86.98
C PRO B 314 -11.06 -3.05 -87.69
N GLN B 315 -10.21 -3.71 -86.90
CA GLN B 315 -8.96 -4.26 -87.43
C GLN B 315 -9.18 -5.35 -88.46
N PHE B 316 -10.15 -6.25 -88.23
CA PHE B 316 -10.32 -7.38 -89.14
C PHE B 316 -10.69 -6.91 -90.55
N SER B 317 -11.68 -6.01 -90.65
CA SER B 317 -12.01 -5.45 -91.96
C SER B 317 -10.85 -4.66 -92.54
N ALA B 318 -10.06 -3.99 -91.69
CA ALA B 318 -8.92 -3.23 -92.19
C ALA B 318 -7.85 -4.16 -92.78
N VAL B 319 -7.64 -5.31 -92.15
CA VAL B 319 -6.65 -6.25 -92.66
C VAL B 319 -7.12 -6.88 -93.97
N VAL B 320 -8.40 -7.27 -94.02
CA VAL B 320 -8.93 -7.89 -95.23
C VAL B 320 -8.74 -6.97 -96.45
N GLU B 321 -9.22 -5.73 -96.34
CA GLU B 321 -9.10 -4.80 -97.45
C GLU B 321 -7.65 -4.53 -97.79
N CYS B 322 -6.80 -4.36 -96.77
CA CYS B 322 -5.41 -4.01 -97.04
C CYS B 322 -4.63 -5.21 -97.59
N ALA B 323 -4.87 -6.40 -97.06
CA ALA B 323 -4.18 -7.58 -97.57
C ALA B 323 -4.54 -7.83 -99.03
N ALA B 324 -5.80 -7.58 -99.40
CA ALA B 324 -6.20 -7.74 -100.80
C ALA B 324 -5.46 -6.76 -101.70
N ALA B 325 -5.43 -5.48 -101.32
CA ALA B 325 -4.73 -4.49 -102.14
C ALA B 325 -3.25 -4.83 -102.28
N ALA B 326 -2.61 -5.20 -101.18
CA ALA B 326 -1.17 -5.49 -101.24
C ALA B 326 -0.89 -6.73 -102.09
N ARG B 327 -1.75 -7.73 -102.01
CA ARG B 327 -1.52 -8.97 -102.75
C ARG B 327 -1.60 -8.73 -104.26
N GLN B 328 -2.52 -7.88 -104.70
CA GLN B 328 -2.59 -7.49 -106.11
C GLN B 328 -1.26 -6.91 -106.58
N LEU B 329 -0.57 -6.19 -105.71
CA LEU B 329 0.70 -5.55 -106.06
C LEU B 329 1.89 -6.42 -105.69
N GLY B 330 1.67 -7.66 -105.26
CA GLY B 330 2.76 -8.53 -104.87
C GLY B 330 3.33 -8.30 -103.49
N GLY B 331 2.66 -7.49 -102.66
CA GLY B 331 3.16 -7.13 -101.35
C GLY B 331 2.50 -7.89 -100.21
N HIS B 332 2.82 -7.46 -98.99
CA HIS B 332 2.40 -8.18 -97.79
C HIS B 332 1.88 -7.20 -96.75
N VAL B 333 1.11 -7.73 -95.81
CA VAL B 333 0.43 -6.94 -94.79
C VAL B 333 0.74 -7.52 -93.41
N TRP B 334 1.11 -6.65 -92.46
CA TRP B 334 1.26 -7.02 -91.05
C TRP B 334 0.08 -6.47 -90.27
N ALA B 335 -0.54 -7.32 -89.45
CA ALA B 335 -1.68 -6.93 -88.62
C ALA B 335 -1.15 -6.42 -87.28
N ASP B 336 -1.26 -5.11 -87.05
CA ASP B 336 -0.61 -4.45 -85.92
C ASP B 336 -1.67 -3.92 -84.95
N GLY B 337 -1.76 -4.55 -83.78
CA GLY B 337 -2.56 -4.01 -82.71
C GLY B 337 -3.81 -4.80 -82.43
N GLY B 338 -4.27 -4.74 -81.17
CA GLY B 338 -5.51 -5.36 -80.78
C GLY B 338 -5.46 -6.85 -80.54
N VAL B 339 -4.29 -7.46 -80.58
CA VAL B 339 -4.17 -8.89 -80.37
C VAL B 339 -4.19 -9.16 -78.86
N ARG B 340 -5.23 -9.87 -78.40
CA ARG B 340 -5.36 -10.27 -77.01
C ARG B 340 -5.38 -11.78 -76.80
N HIS B 341 -5.73 -12.56 -77.81
CA HIS B 341 -5.94 -13.99 -77.69
C HIS B 341 -5.40 -14.67 -78.94
N PRO B 342 -5.07 -15.96 -78.87
CA PRO B 342 -4.66 -16.67 -80.09
C PRO B 342 -5.67 -16.58 -81.21
N ARG B 343 -6.97 -16.54 -80.87
CA ARG B 343 -8.05 -16.25 -81.81
C ARG B 343 -7.68 -15.11 -82.75
N ASP B 344 -7.11 -14.03 -82.19
CA ASP B 344 -6.86 -12.84 -83.00
C ASP B 344 -5.72 -13.04 -83.98
N VAL B 345 -4.71 -13.84 -83.62
CA VAL B 345 -3.64 -14.15 -84.56
C VAL B 345 -4.18 -14.99 -85.71
N ALA B 346 -5.01 -15.99 -85.39
CA ALA B 346 -5.57 -16.84 -86.43
C ALA B 346 -6.45 -16.04 -87.39
N LEU B 347 -7.33 -15.19 -86.85
CA LEU B 347 -8.22 -14.42 -87.71
C LEU B 347 -7.45 -13.45 -88.60
N ALA B 348 -6.38 -12.83 -88.08
CA ALA B 348 -5.60 -11.91 -88.89
C ALA B 348 -4.91 -12.63 -90.04
N LEU B 349 -4.43 -13.85 -89.78
CA LEU B 349 -3.83 -14.66 -90.85
C LEU B 349 -4.88 -15.08 -91.87
N ALA B 350 -6.05 -15.50 -91.39
CA ALA B 350 -7.14 -15.83 -92.31
C ALA B 350 -7.57 -14.62 -93.14
N ALA B 351 -7.50 -13.43 -92.55
CA ALA B 351 -7.84 -12.21 -93.27
C ALA B 351 -6.84 -11.87 -94.36
N GLY B 352 -5.68 -12.52 -94.37
CA GLY B 352 -4.68 -12.33 -95.42
C GLY B 352 -3.38 -11.70 -94.97
N ALA B 353 -3.23 -11.41 -93.68
CA ALA B 353 -1.97 -10.87 -93.17
C ALA B 353 -0.88 -11.93 -93.21
N SER B 354 0.35 -11.49 -93.50
CA SER B 354 1.48 -12.40 -93.53
C SER B 354 2.15 -12.56 -92.19
N ASN B 355 1.93 -11.62 -91.27
CA ASN B 355 2.55 -11.63 -89.95
C ASN B 355 1.65 -10.84 -89.02
N VAL B 356 1.79 -11.10 -87.72
CA VAL B 356 0.96 -10.47 -86.71
C VAL B 356 1.86 -9.82 -85.67
N MET B 357 1.69 -8.51 -85.48
CA MET B 357 2.50 -7.75 -84.53
C MET B 357 1.80 -7.69 -83.18
N ILE B 358 2.50 -8.13 -82.14
CA ILE B 358 1.93 -8.21 -80.79
C ILE B 358 2.70 -7.27 -79.89
N GLY B 359 1.98 -6.43 -79.16
CA GLY B 359 2.59 -5.47 -78.25
C GLY B 359 2.26 -5.70 -76.79
N SER B 360 1.20 -5.05 -76.31
CA SER B 360 0.88 -5.03 -74.88
C SER B 360 0.78 -6.42 -74.28
N TRP B 361 0.21 -7.39 -75.02
CA TRP B 361 0.07 -8.73 -74.49
C TRP B 361 1.39 -9.28 -73.99
N PHE B 362 2.47 -9.06 -74.73
CA PHE B 362 3.78 -9.60 -74.36
C PHE B 362 4.46 -8.81 -73.26
N ALA B 363 4.00 -7.60 -72.94
CA ALA B 363 4.54 -6.89 -71.78
C ALA B 363 4.26 -7.62 -70.47
N GLY B 364 3.21 -8.43 -70.44
CA GLY B 364 2.93 -9.22 -69.25
C GLY B 364 3.69 -10.53 -69.23
N THR B 365 5.02 -10.46 -69.41
CA THR B 365 5.88 -11.64 -69.38
C THR B 365 7.14 -11.32 -68.60
N TYR B 366 7.85 -12.39 -68.19
CA TYR B 366 9.11 -12.22 -67.48
C TYR B 366 10.14 -11.48 -68.33
N GLU B 367 10.16 -11.75 -69.64
CA GLU B 367 11.21 -11.27 -70.51
C GLU B 367 11.05 -9.82 -70.94
N SER B 368 9.90 -9.19 -70.70
CA SER B 368 9.73 -7.80 -71.06
C SER B 368 10.56 -6.91 -70.14
N PRO B 369 10.98 -5.73 -70.62
CA PRO B 369 11.98 -4.95 -69.87
C PRO B 369 11.48 -4.37 -68.56
N GLY B 370 10.18 -4.12 -68.41
CA GLY B 370 9.68 -3.49 -67.20
C GLY B 370 9.85 -4.36 -65.97
N ASP B 371 9.81 -3.71 -64.81
CA ASP B 371 9.87 -4.40 -63.54
C ASP B 371 8.61 -5.22 -63.30
N LEU B 372 8.78 -6.34 -62.60
CA LEU B 372 7.66 -7.19 -62.25
C LEU B 372 6.95 -6.65 -61.00
N LEU B 373 5.67 -6.35 -61.13
CA LEU B 373 4.89 -5.72 -60.07
C LEU B 373 3.78 -6.66 -59.61
N PHE B 374 3.21 -6.33 -58.44
CA PHE B 374 2.13 -7.10 -57.86
C PHE B 374 1.01 -6.15 -57.45
N ASP B 375 -0.22 -6.67 -57.48
CA ASP B 375 -1.41 -5.85 -57.28
C ASP B 375 -1.99 -6.09 -55.88
N ARG B 376 -3.22 -5.61 -55.67
CA ARG B 376 -3.88 -5.75 -54.38
C ARG B 376 -3.99 -7.21 -53.96
N ASP B 377 -4.21 -8.11 -54.91
CA ASP B 377 -4.34 -9.53 -54.64
C ASP B 377 -3.01 -10.28 -54.74
N ASP B 378 -1.90 -9.55 -54.90
CA ASP B 378 -0.54 -10.08 -54.99
C ASP B 378 -0.28 -10.82 -56.30
N ARG B 379 -1.24 -10.81 -57.22
CA ARG B 379 -1.03 -11.41 -58.53
C ARG B 379 0.05 -10.64 -59.30
N PRO B 380 0.91 -11.32 -60.04
CA PRO B 380 1.97 -10.62 -60.77
C PRO B 380 1.44 -9.92 -62.01
N TYR B 381 2.06 -8.78 -62.34
CA TYR B 381 1.67 -8.03 -63.52
C TYR B 381 2.80 -7.09 -63.91
N LYS B 382 2.71 -6.60 -65.14
CA LYS B 382 3.58 -5.54 -65.62
C LYS B 382 2.75 -4.52 -66.38
N GLU B 383 3.28 -3.31 -66.48
CA GLU B 383 2.57 -2.21 -67.11
C GLU B 383 3.08 -2.01 -68.53
N SER B 384 2.19 -2.19 -69.49
CA SER B 384 2.45 -1.74 -70.85
C SER B 384 2.15 -0.25 -70.94
N TYR B 385 2.92 0.45 -71.78
CA TYR B 385 2.69 1.87 -72.00
C TYR B 385 2.99 2.23 -73.44
N GLY B 386 2.31 3.28 -73.92
CA GLY B 386 2.39 3.63 -75.32
C GLY B 386 3.68 4.32 -75.70
N MET B 387 3.95 4.32 -77.01
CA MET B 387 5.08 5.05 -77.55
C MET B 387 4.79 6.53 -77.76
N ALA B 388 3.51 6.90 -77.87
CA ALA B 388 3.04 8.28 -77.84
C ALA B 388 3.73 9.09 -78.93
N SER B 389 4.43 10.18 -78.61
CA SER B 389 4.97 11.08 -79.62
C SER B 389 6.08 10.45 -80.47
N LYS B 390 6.61 9.29 -80.06
CA LYS B 390 7.60 8.62 -80.90
C LYS B 390 6.99 8.05 -82.19
N ARG B 391 5.66 8.01 -82.28
CA ARG B 391 4.98 7.63 -83.51
C ARG B 391 4.36 8.84 -84.23
N ALA B 392 4.54 10.05 -83.69
CA ALA B 392 3.91 11.24 -84.21
C ALA B 392 4.83 12.01 -85.14
N VAL B 393 4.23 12.68 -86.12
CA VAL B 393 4.96 13.62 -86.96
C VAL B 393 5.34 14.84 -86.12
N ALA B 394 6.61 15.24 -86.21
CA ALA B 394 7.10 16.42 -85.53
C ALA B 394 7.84 17.30 -86.52
N ALA B 395 7.71 18.62 -86.37
CA ALA B 395 8.42 19.56 -87.20
C ALA B 395 9.87 19.70 -86.71
N ARG B 396 10.65 20.51 -87.42
CA ARG B 396 12.06 20.68 -87.07
C ARG B 396 12.18 21.48 -85.78
N THR B 397 12.84 20.89 -84.77
CA THR B 397 13.01 21.60 -83.50
C THR B 397 14.11 22.64 -83.61
N ALA B 398 15.31 22.23 -84.03
CA ALA B 398 16.45 23.12 -84.27
C ALA B 398 16.70 24.05 -83.07
N GLY B 399 16.96 23.43 -81.93
CA GLY B 399 17.26 24.18 -80.72
C GLY B 399 16.22 25.22 -80.35
N ASP B 400 14.94 24.85 -80.46
CA ASP B 400 13.85 25.81 -80.30
C ASP B 400 13.86 26.43 -78.91
N SER B 401 13.32 27.64 -78.80
CA SER B 401 13.15 28.32 -77.53
C SER B 401 12.33 27.46 -76.58
N SER B 402 12.67 27.54 -75.28
CA SER B 402 11.96 26.75 -74.28
C SER B 402 10.48 27.07 -74.22
N PHE B 403 10.08 28.28 -74.64
CA PHE B 403 8.66 28.54 -74.86
C PHE B 403 8.13 27.67 -75.99
N ASP B 404 8.82 27.67 -77.14
CA ASP B 404 8.39 26.85 -78.27
C ASP B 404 8.41 25.37 -77.90
N ARG B 405 9.42 24.93 -77.15
CA ARG B 405 9.48 23.55 -76.70
C ARG B 405 8.23 23.18 -75.90
N ALA B 406 7.77 24.08 -75.03
CA ALA B 406 6.58 23.82 -74.23
C ALA B 406 5.30 24.00 -75.02
N ARG B 407 5.31 24.87 -76.04
CA ARG B 407 4.10 25.11 -76.84
C ARG B 407 3.70 23.86 -77.61
N LYS B 408 4.67 23.16 -78.18
CA LYS B 408 4.36 21.95 -78.95
C LYS B 408 4.06 20.76 -78.05
N GLY B 409 4.69 20.69 -76.88
CA GLY B 409 4.44 19.60 -75.97
C GLY B 409 3.10 19.66 -75.26
N LEU B 410 2.40 20.79 -75.31
CA LEU B 410 1.13 20.91 -74.62
C LEU B 410 0.07 20.02 -75.25
N PHE B 411 0.09 19.86 -76.57
CA PHE B 411 -0.87 19.03 -77.27
C PHE B 411 -0.35 17.63 -77.58
N GLU B 412 0.90 17.33 -77.25
CA GLU B 412 1.44 16.02 -77.58
C GLU B 412 0.72 14.93 -76.78
N GLU B 413 0.63 13.75 -77.38
CA GLU B 413 -0.10 12.66 -76.77
C GLU B 413 0.56 12.21 -75.47
N GLY B 414 -0.26 11.98 -74.45
CA GLY B 414 0.24 11.40 -73.22
C GLY B 414 0.58 9.93 -73.39
N ILE B 415 1.31 9.41 -72.41
CA ILE B 415 1.72 8.01 -72.39
C ILE B 415 0.65 7.23 -71.63
N SER B 416 -0.15 6.46 -72.36
CA SER B 416 -1.17 5.63 -71.74
C SER B 416 -0.54 4.44 -71.03
N THR B 417 -1.26 3.92 -70.04
CA THR B 417 -0.74 2.86 -69.18
C THR B 417 -1.84 1.86 -68.89
N SER B 418 -1.52 0.57 -69.06
CA SER B 418 -2.46 -0.50 -68.75
C SER B 418 -1.71 -1.64 -68.07
N ARG B 419 -2.42 -2.34 -67.18
CA ARG B 419 -1.85 -3.45 -66.43
C ARG B 419 -2.02 -4.74 -67.20
N MET B 420 -0.91 -5.41 -67.50
CA MET B 420 -0.92 -6.71 -68.17
C MET B 420 -0.47 -7.75 -67.16
N SER B 421 -1.41 -8.55 -66.68
CA SER B 421 -1.14 -9.50 -65.62
C SER B 421 -0.49 -10.76 -66.20
N LEU B 422 0.50 -11.26 -65.48
CA LEU B 422 1.13 -12.53 -65.85
C LEU B 422 0.22 -13.69 -65.49
N ASP B 423 0.20 -14.71 -66.34
CA ASP B 423 -0.40 -15.98 -65.97
C ASP B 423 0.34 -16.53 -64.75
N PRO B 424 -0.33 -16.73 -63.61
CA PRO B 424 0.39 -17.23 -62.42
C PRO B 424 1.07 -18.57 -62.64
N ALA B 425 0.53 -19.41 -63.53
CA ALA B 425 1.14 -20.70 -63.81
C ALA B 425 2.34 -20.54 -64.74
N ARG B 426 2.12 -19.95 -65.92
CA ARG B 426 3.13 -19.83 -66.98
C ARG B 426 3.29 -18.37 -67.38
N GLY B 427 4.34 -17.72 -66.89
CA GLY B 427 4.55 -16.31 -67.11
C GLY B 427 5.57 -15.95 -68.19
N GLY B 428 6.15 -16.92 -68.87
CA GLY B 428 7.13 -16.60 -69.90
C GLY B 428 6.48 -16.30 -71.24
N VAL B 429 7.18 -15.50 -72.05
CA VAL B 429 6.67 -15.19 -73.39
C VAL B 429 6.56 -16.47 -74.20
N GLU B 430 7.45 -17.44 -73.96
CA GLU B 430 7.41 -18.69 -74.70
C GLU B 430 6.14 -19.49 -74.42
N ASP B 431 5.59 -19.36 -73.21
CA ASP B 431 4.31 -20.01 -72.94
C ASP B 431 3.20 -19.37 -73.77
N LEU B 432 3.27 -18.05 -73.97
CA LEU B 432 2.32 -17.37 -74.85
C LEU B 432 2.51 -17.80 -76.30
N LEU B 433 3.76 -17.99 -76.74
CA LEU B 433 4.00 -18.47 -78.09
C LEU B 433 3.43 -19.88 -78.28
N ASP B 434 3.56 -20.73 -77.26
CA ASP B 434 2.90 -22.03 -77.29
C ASP B 434 1.38 -21.88 -77.42
N HIS B 435 0.81 -20.97 -76.63
CA HIS B 435 -0.64 -20.75 -76.69
C HIS B 435 -1.05 -20.24 -78.08
N ILE B 436 -0.29 -19.27 -78.60
CA ILE B 436 -0.63 -18.66 -79.89
C ILE B 436 -0.48 -19.68 -81.03
N THR B 437 0.69 -20.35 -81.10
CA THR B 437 0.94 -21.22 -82.24
C THR B 437 0.14 -22.51 -82.16
N SER B 438 -0.20 -22.97 -80.95
CA SER B 438 -1.09 -24.12 -80.85
C SER B 438 -2.47 -23.81 -81.43
N GLY B 439 -2.97 -22.60 -81.17
CA GLY B 439 -4.27 -22.23 -81.71
C GLY B 439 -4.25 -22.05 -83.22
N VAL B 440 -3.21 -21.40 -83.74
CA VAL B 440 -3.11 -21.18 -85.18
C VAL B 440 -2.95 -22.51 -85.92
N ARG B 441 -2.18 -23.44 -85.34
CA ARG B 441 -2.07 -24.76 -85.93
C ARG B 441 -3.42 -25.46 -85.96
N SER B 442 -4.16 -25.40 -84.85
CA SER B 442 -5.50 -25.98 -84.82
C SER B 442 -6.42 -25.29 -85.83
N THR B 443 -6.29 -23.97 -85.97
CA THR B 443 -7.09 -23.27 -86.97
C THR B 443 -6.85 -23.84 -88.36
N CYS B 444 -5.58 -24.10 -88.70
CA CYS B 444 -5.25 -24.63 -90.01
C CYS B 444 -5.81 -26.03 -90.21
N THR B 445 -5.81 -26.87 -89.17
CA THR B 445 -6.38 -28.20 -89.35
C THR B 445 -7.90 -28.15 -89.44
N TYR B 446 -8.53 -27.16 -88.79
CA TYR B 446 -9.97 -27.01 -88.97
C TYR B 446 -10.31 -26.54 -90.38
N VAL B 447 -9.45 -25.72 -90.98
CA VAL B 447 -9.69 -25.19 -92.32
C VAL B 447 -9.23 -26.15 -93.40
N GLY B 448 -8.35 -27.09 -93.08
CA GLY B 448 -7.78 -27.98 -94.06
C GLY B 448 -6.55 -27.45 -94.76
N ALA B 449 -5.82 -26.53 -94.14
CA ALA B 449 -4.66 -25.89 -94.73
C ALA B 449 -3.38 -26.42 -94.10
N ALA B 450 -2.36 -26.63 -94.93
CA ALA B 450 -1.07 -27.11 -94.45
C ALA B 450 -0.06 -25.99 -94.27
N ASN B 451 -0.43 -24.74 -94.53
CA ASN B 451 0.46 -23.61 -94.37
C ASN B 451 -0.40 -22.34 -94.32
N LEU B 452 0.26 -21.21 -94.09
CA LEU B 452 -0.40 -19.92 -93.97
C LEU B 452 -1.02 -19.46 -95.29
N PRO B 453 -0.35 -19.60 -96.44
CA PRO B 453 -1.03 -19.26 -97.71
C PRO B 453 -2.32 -20.04 -97.92
N GLU B 454 -2.29 -21.35 -97.71
CA GLU B 454 -3.52 -22.13 -97.84
C GLU B 454 -4.58 -21.69 -96.84
N LEU B 455 -4.17 -21.20 -95.67
CA LEU B 455 -5.14 -20.77 -94.67
C LEU B 455 -6.03 -19.65 -95.22
N HIS B 456 -5.42 -18.66 -95.85
CA HIS B 456 -6.19 -17.54 -96.41
C HIS B 456 -6.99 -17.99 -97.63
N GLU B 457 -6.41 -18.85 -98.46
CA GLU B 457 -7.08 -19.28 -99.68
CA GLU B 457 -7.08 -19.29 -99.68
C GLU B 457 -8.29 -20.16 -99.38
N LYS B 458 -8.22 -20.99 -98.34
CA LYS B 458 -9.26 -21.98 -98.08
C LYS B 458 -10.26 -21.57 -97.01
N VAL B 459 -10.03 -20.49 -96.26
CA VAL B 459 -10.85 -20.19 -95.10
C VAL B 459 -12.23 -19.71 -95.54
N VAL B 460 -13.25 -20.15 -94.82
CA VAL B 460 -14.60 -19.61 -94.93
C VAL B 460 -14.93 -18.92 -93.61
N LEU B 461 -15.40 -17.68 -93.69
CA LEU B 461 -15.66 -16.87 -92.51
C LEU B 461 -17.14 -16.58 -92.39
N GLY B 462 -17.54 -16.21 -91.17
CA GLY B 462 -18.91 -15.84 -90.91
C GLY B 462 -18.96 -14.67 -89.94
N VAL B 463 -20.14 -14.06 -89.86
CA VAL B 463 -20.40 -12.94 -88.95
C VAL B 463 -21.33 -13.44 -87.85
N GLN B 464 -21.04 -13.06 -86.62
CA GLN B 464 -21.88 -13.39 -85.48
C GLN B 464 -22.30 -12.12 -84.76
N SER B 465 -23.39 -12.22 -84.01
CA SER B 465 -23.83 -11.14 -83.15
C SER B 465 -23.08 -11.21 -81.81
N ALA B 466 -23.43 -10.29 -80.91
CA ALA B 466 -22.75 -10.24 -79.61
C ALA B 466 -22.89 -11.55 -78.84
N ALA B 467 -24.02 -12.25 -78.99
CA ALA B 467 -24.21 -13.52 -78.31
C ALA B 467 -23.42 -14.66 -78.93
N GLY B 468 -23.03 -14.54 -80.21
CA GLY B 468 -22.26 -15.59 -80.84
C GLY B 468 -20.85 -15.69 -80.30
N PHE B 469 -20.24 -14.55 -79.96
CA PHE B 469 -18.92 -14.56 -79.33
C PHE B 469 -18.95 -15.24 -77.97
N ALA B 470 -20.07 -15.10 -77.23
CA ALA B 470 -20.20 -15.65 -75.89
C ALA B 470 -20.26 -17.18 -75.87
N GLU B 471 -20.38 -17.84 -77.02
CA GLU B 471 -20.40 -19.30 -77.05
C GLU B 471 -19.03 -19.87 -76.69
N GLY B 472 -19.05 -20.93 -75.87
CA GLY B 472 -17.85 -21.62 -75.45
C GLY B 472 -17.45 -21.29 -74.03
N HIS B 473 -16.17 -21.52 -73.73
CA HIS B 473 -15.56 -21.35 -72.42
C HIS B 473 -14.50 -20.25 -72.48
N PRO B 474 -14.49 -19.33 -71.50
CA PRO B 474 -13.48 -18.26 -71.47
C PRO B 474 -12.21 -18.65 -70.73
N VAL C 2 -37.19 -24.30 -92.37
CA VAL C 2 -37.74 -23.47 -91.31
C VAL C 2 -38.34 -22.18 -91.87
N ARG C 3 -39.40 -21.70 -91.24
CA ARG C 3 -40.11 -20.51 -91.68
C ARG C 3 -39.77 -19.36 -90.74
N PHE C 4 -39.07 -18.36 -91.26
CA PHE C 4 -38.78 -17.13 -90.54
C PHE C 4 -39.78 -16.04 -90.92
N LEU C 5 -40.05 -15.14 -89.97
CA LEU C 5 -40.92 -14.02 -90.25
C LEU C 5 -40.39 -13.22 -91.44
N ASP C 6 -41.30 -12.61 -92.18
CA ASP C 6 -40.93 -11.88 -93.38
C ASP C 6 -39.97 -10.74 -93.05
N GLY C 7 -38.86 -10.68 -93.77
CA GLY C 7 -37.86 -9.66 -93.58
C GLY C 7 -36.73 -10.06 -92.64
N HIS C 8 -36.91 -11.11 -91.85
CA HIS C 8 -35.88 -11.53 -90.88
C HIS C 8 -34.87 -12.40 -91.61
N THR C 9 -33.93 -11.74 -92.27
CA THR C 9 -32.88 -12.37 -93.06
C THR C 9 -31.56 -11.76 -92.64
N PRO C 10 -31.07 -12.10 -91.44
CA PRO C 10 -29.91 -11.40 -90.89
C PRO C 10 -28.65 -11.69 -91.67
N ALA C 11 -27.74 -10.72 -91.66
CA ALA C 11 -26.42 -10.83 -92.27
C ALA C 11 -25.41 -11.55 -91.37
N TYR C 12 -25.88 -12.29 -90.38
CA TYR C 12 -25.03 -13.01 -89.44
C TYR C 12 -25.71 -14.32 -89.06
N ASP C 13 -24.93 -15.24 -88.49
CA ASP C 13 -25.49 -16.49 -88.00
C ASP C 13 -26.03 -16.30 -86.59
N LEU C 14 -26.96 -17.18 -86.22
CA LEU C 14 -27.78 -17.01 -85.03
C LEU C 14 -27.44 -18.07 -83.99
N THR C 15 -27.42 -17.65 -82.73
CA THR C 15 -27.34 -18.55 -81.59
C THR C 15 -28.73 -18.73 -81.00
N TYR C 16 -28.83 -19.54 -79.94
CA TYR C 16 -30.12 -19.74 -79.27
C TYR C 16 -30.66 -18.44 -78.69
N ASN C 17 -29.79 -17.49 -78.37
CA ASN C 17 -30.21 -16.20 -77.84
C ASN C 17 -30.80 -15.29 -78.90
N ASP C 18 -30.51 -15.56 -80.18
CA ASP C 18 -30.84 -14.61 -81.24
C ASP C 18 -32.24 -14.78 -81.80
N VAL C 19 -32.92 -15.89 -81.51
CA VAL C 19 -34.17 -16.22 -82.18
C VAL C 19 -35.29 -16.43 -81.17
N PHE C 20 -36.51 -16.38 -81.66
CA PHE C 20 -37.69 -16.66 -80.86
C PHE C 20 -38.71 -17.39 -81.72
N VAL C 21 -39.66 -18.04 -81.05
CA VAL C 21 -40.73 -18.79 -81.69
C VAL C 21 -42.01 -18.00 -81.59
N VAL C 22 -42.67 -17.79 -82.73
CA VAL C 22 -43.95 -17.10 -82.78
C VAL C 22 -45.07 -18.11 -82.55
N PRO C 23 -46.00 -17.85 -81.63
CA PRO C 23 -47.15 -18.74 -81.48
C PRO C 23 -47.96 -18.82 -82.77
N GLY C 24 -48.41 -20.03 -83.09
CA GLY C 24 -49.34 -20.26 -84.17
C GLY C 24 -50.70 -20.71 -83.64
N ARG C 25 -51.63 -20.89 -84.58
CA ARG C 25 -52.94 -21.42 -84.21
C ARG C 25 -52.80 -22.86 -83.74
N SER C 26 -53.45 -23.18 -82.62
CA SER C 26 -53.25 -24.46 -81.98
C SER C 26 -54.56 -25.03 -81.47
N ASP C 27 -54.76 -26.33 -81.70
CA ASP C 27 -55.84 -27.09 -81.07
C ASP C 27 -55.33 -28.08 -80.04
N VAL C 28 -54.03 -28.12 -79.79
CA VAL C 28 -53.45 -29.06 -78.84
C VAL C 28 -53.89 -28.69 -77.44
N ALA C 29 -54.55 -29.62 -76.75
CA ALA C 29 -55.24 -29.30 -75.50
C ALA C 29 -54.24 -29.05 -74.37
N SER C 30 -53.41 -30.05 -74.06
CA SER C 30 -52.50 -29.95 -72.93
C SER C 30 -51.12 -30.42 -73.33
N ARG C 31 -50.16 -30.16 -72.43
CA ARG C 31 -48.80 -30.65 -72.63
C ARG C 31 -48.76 -32.16 -72.78
N PHE C 32 -49.69 -32.86 -72.13
CA PHE C 32 -49.64 -34.32 -72.07
C PHE C 32 -50.14 -34.99 -73.33
N ASP C 33 -50.80 -34.26 -74.22
CA ASP C 33 -51.17 -34.79 -75.53
C ASP C 33 -50.01 -34.80 -76.51
N VAL C 34 -48.92 -34.12 -76.20
CA VAL C 34 -47.77 -34.04 -77.08
C VAL C 34 -46.95 -35.31 -76.96
N ASP C 35 -46.54 -35.88 -78.09
CA ASP C 35 -45.69 -37.05 -78.13
C ASP C 35 -44.24 -36.59 -78.34
N LEU C 36 -43.40 -36.81 -77.33
CA LEU C 36 -42.02 -36.35 -77.34
C LEU C 36 -41.05 -37.37 -77.90
N SER C 37 -41.52 -38.55 -78.32
CA SER C 37 -40.59 -39.58 -78.76
C SER C 37 -39.91 -39.17 -80.08
N THR C 38 -38.73 -39.76 -80.30
CA THR C 38 -37.90 -39.39 -81.43
C THR C 38 -38.02 -40.41 -82.55
N VAL C 39 -37.61 -39.98 -83.74
CA VAL C 39 -37.77 -40.75 -84.97
C VAL C 39 -36.43 -41.08 -85.62
N ASP C 40 -35.31 -40.90 -84.91
CA ASP C 40 -33.99 -41.16 -85.47
C ASP C 40 -33.47 -42.55 -85.16
N GLY C 41 -34.30 -43.42 -84.58
CA GLY C 41 -33.87 -44.77 -84.27
C GLY C 41 -33.03 -44.91 -83.03
N SER C 42 -32.85 -43.83 -82.26
CA SER C 42 -32.09 -43.93 -81.01
C SER C 42 -32.88 -44.65 -79.94
N GLY C 43 -34.21 -44.60 -80.01
CA GLY C 43 -35.06 -45.25 -79.03
C GLY C 43 -35.50 -44.38 -77.88
N THR C 44 -35.16 -43.09 -77.88
CA THR C 44 -35.51 -42.20 -76.78
C THR C 44 -36.96 -41.74 -76.92
N THR C 45 -37.68 -41.73 -75.80
CA THR C 45 -39.05 -41.23 -75.79
C THR C 45 -39.13 -39.75 -75.49
N ILE C 46 -38.01 -39.12 -75.10
CA ILE C 46 -37.89 -37.68 -74.95
C ILE C 46 -36.63 -37.28 -75.70
N PRO C 47 -36.53 -36.05 -76.19
CA PRO C 47 -35.39 -35.65 -77.03
C PRO C 47 -34.16 -35.21 -76.24
N VAL C 48 -33.74 -36.05 -75.29
CA VAL C 48 -32.62 -35.76 -74.40
C VAL C 48 -31.60 -36.89 -74.50
N VAL C 49 -30.38 -36.54 -74.92
CA VAL C 49 -29.23 -37.43 -74.87
C VAL C 49 -28.20 -36.81 -73.95
N VAL C 50 -27.58 -37.63 -73.10
CA VAL C 50 -26.53 -37.18 -72.17
C VAL C 50 -25.18 -37.36 -72.85
N ALA C 51 -24.37 -36.30 -72.83
CA ALA C 51 -23.13 -36.26 -73.59
C ALA C 51 -22.14 -37.31 -73.11
N ASN C 52 -21.22 -37.68 -74.01
CA ASN C 52 -20.18 -38.65 -73.70
C ASN C 52 -19.03 -37.92 -73.01
N MET C 53 -19.25 -37.63 -71.72
CA MET C 53 -18.29 -36.88 -70.91
C MET C 53 -18.15 -37.57 -69.56
N THR C 54 -16.89 -37.73 -69.11
CA THR C 54 -16.64 -38.44 -67.85
C THR C 54 -17.26 -37.71 -66.67
N ALA C 55 -17.44 -36.40 -66.77
CA ALA C 55 -18.07 -35.65 -65.68
C ALA C 55 -19.57 -35.85 -65.60
N VAL C 56 -20.19 -36.48 -66.61
CA VAL C 56 -21.65 -36.54 -66.65
C VAL C 56 -22.13 -37.98 -66.81
N ALA C 57 -21.62 -38.68 -67.82
CA ALA C 57 -22.17 -39.95 -68.27
C ALA C 57 -21.61 -41.09 -67.42
N GLY C 58 -22.23 -41.34 -66.27
CA GLY C 58 -21.84 -42.42 -65.40
C GLY C 58 -22.95 -43.46 -65.25
N ARG C 59 -22.65 -44.47 -64.43
CA ARG C 59 -23.56 -45.59 -64.23
C ARG C 59 -24.88 -45.13 -63.62
N ARG C 60 -24.81 -44.28 -62.59
CA ARG C 60 -26.03 -43.76 -61.98
C ARG C 60 -26.79 -42.87 -62.96
N MET C 61 -26.08 -42.07 -63.75
CA MET C 61 -26.74 -41.23 -64.75
C MET C 61 -27.43 -42.10 -65.81
N ALA C 62 -26.76 -43.16 -66.26
CA ALA C 62 -27.30 -44.00 -67.32
C ALA C 62 -28.64 -44.61 -66.93
N GLU C 63 -28.71 -45.19 -65.74
CA GLU C 63 -29.97 -45.74 -65.24
C GLU C 63 -31.03 -44.67 -65.12
N THR C 64 -30.71 -43.56 -64.45
CA THR C 64 -31.73 -42.57 -64.11
C THR C 64 -32.35 -41.96 -65.37
N VAL C 65 -31.53 -41.65 -66.37
CA VAL C 65 -32.05 -40.96 -67.54
C VAL C 65 -32.79 -41.92 -68.45
N ALA C 66 -32.30 -43.16 -68.61
CA ALA C 66 -32.96 -44.12 -69.47
C ALA C 66 -34.35 -44.47 -68.95
N ARG C 67 -34.52 -44.53 -67.63
CA ARG C 67 -35.84 -44.83 -67.07
C ARG C 67 -36.84 -43.73 -67.41
N ARG C 68 -36.38 -42.51 -67.68
CA ARG C 68 -37.26 -41.40 -68.02
C ARG C 68 -37.33 -41.14 -69.52
N GLY C 69 -36.77 -42.03 -70.34
CA GLY C 69 -36.91 -41.95 -71.77
C GLY C 69 -35.70 -41.43 -72.50
N GLY C 70 -34.67 -40.99 -71.79
CA GLY C 70 -33.45 -40.51 -72.42
C GLY C 70 -32.50 -41.66 -72.73
N ILE C 71 -31.29 -41.30 -73.15
CA ILE C 71 -30.22 -42.26 -73.34
C ILE C 71 -28.91 -41.58 -72.99
N VAL C 72 -27.98 -42.37 -72.45
CA VAL C 72 -26.69 -41.87 -71.99
C VAL C 72 -25.61 -42.52 -72.84
N VAL C 73 -24.69 -41.70 -73.34
CA VAL C 73 -23.59 -42.19 -74.16
C VAL C 73 -22.35 -42.29 -73.29
N LEU C 74 -21.93 -43.52 -73.02
CA LEU C 74 -20.72 -43.75 -72.24
C LEU C 74 -19.54 -43.09 -72.93
N PRO C 75 -18.64 -42.45 -72.18
CA PRO C 75 -17.52 -41.74 -72.81
C PRO C 75 -16.59 -42.70 -73.53
N GLN C 76 -15.96 -42.20 -74.60
CA GLN C 76 -14.97 -43.00 -75.30
C GLN C 76 -13.80 -43.33 -74.38
N ASP C 77 -13.15 -44.47 -74.66
CA ASP C 77 -11.96 -44.98 -73.98
C ASP C 77 -12.24 -45.51 -72.58
N LEU C 78 -13.48 -45.51 -72.13
CA LEU C 78 -13.83 -46.30 -70.95
C LEU C 78 -13.45 -47.76 -71.21
N PRO C 79 -12.63 -48.38 -70.37
CA PRO C 79 -12.21 -49.77 -70.62
C PRO C 79 -13.40 -50.69 -70.84
N ILE C 80 -13.21 -51.68 -71.72
CA ILE C 80 -14.33 -52.51 -72.19
C ILE C 80 -14.93 -53.32 -71.04
N THR C 81 -14.12 -53.71 -70.06
CA THR C 81 -14.65 -54.41 -68.91
C THR C 81 -15.55 -53.50 -68.08
N ALA C 82 -15.17 -52.22 -67.96
CA ALA C 82 -16.04 -51.27 -67.28
C ALA C 82 -17.30 -50.99 -68.09
N VAL C 83 -17.16 -50.90 -69.43
CA VAL C 83 -18.33 -50.76 -70.29
C VAL C 83 -19.29 -51.92 -70.07
N SER C 84 -18.77 -53.15 -70.17
CA SER C 84 -19.62 -54.33 -69.99
C SER C 84 -20.25 -54.35 -68.61
N GLU C 85 -19.48 -53.97 -67.59
CA GLU C 85 -20.03 -53.90 -66.23
C GLU C 85 -21.12 -52.83 -66.14
N THR C 86 -20.91 -51.69 -66.79
CA THR C 86 -21.91 -50.62 -66.75
C THR C 86 -23.18 -51.01 -67.49
N VAL C 87 -23.04 -51.63 -68.67
CA VAL C 87 -24.23 -52.05 -69.42
C VAL C 87 -25.00 -53.09 -68.63
N ASP C 88 -24.30 -54.07 -68.04
CA ASP C 88 -25.01 -55.12 -67.30
C ASP C 88 -25.81 -54.55 -66.14
N PHE C 89 -25.26 -53.58 -65.43
CA PHE C 89 -25.98 -52.97 -64.32
C PHE C 89 -27.24 -52.27 -64.81
N VAL C 90 -27.12 -51.50 -65.89
CA VAL C 90 -28.26 -50.72 -66.40
C VAL C 90 -29.31 -51.65 -67.01
N LYS C 91 -28.88 -52.71 -67.70
CA LYS C 91 -29.82 -53.64 -68.30
C LYS C 91 -30.59 -54.45 -67.27
N SER C 92 -30.12 -54.48 -66.03
CA SER C 92 -30.78 -55.24 -64.97
C SER C 92 -31.65 -54.37 -64.07
N ARG C 93 -31.74 -53.06 -64.34
CA ARG C 93 -32.50 -52.16 -63.49
C ARG C 93 -34.00 -52.33 -63.73
N ASP C 94 -34.77 -52.03 -62.70
CA ASP C 94 -36.22 -52.06 -62.82
C ASP C 94 -36.71 -50.85 -63.62
N LEU C 95 -37.84 -51.01 -64.31
CA LEU C 95 -38.40 -49.93 -65.09
C LEU C 95 -39.14 -48.89 -64.26
N VAL C 96 -39.52 -49.24 -63.02
CA VAL C 96 -40.24 -48.33 -62.14
C VAL C 96 -39.46 -48.05 -60.87
N VAL C 97 -39.00 -49.10 -60.20
CA VAL C 97 -38.29 -48.99 -58.93
C VAL C 97 -36.86 -48.53 -59.18
N ASP C 98 -36.43 -47.50 -58.44
CA ASP C 98 -35.08 -46.97 -58.61
C ASP C 98 -34.09 -47.69 -57.68
N THR C 99 -32.82 -47.61 -58.05
CA THR C 99 -31.76 -48.19 -57.22
C THR C 99 -31.37 -47.21 -56.12
N PRO C 100 -31.43 -47.60 -54.85
CA PRO C 100 -31.13 -46.64 -53.78
C PRO C 100 -29.68 -46.70 -53.30
N VAL C 101 -29.31 -45.72 -52.47
CA VAL C 101 -28.05 -45.78 -51.74
C VAL C 101 -28.23 -46.72 -50.56
N THR C 102 -27.29 -47.66 -50.40
CA THR C 102 -27.33 -48.61 -49.30
C THR C 102 -26.22 -48.29 -48.30
N LEU C 103 -26.45 -48.71 -47.06
CA LEU C 103 -25.54 -48.44 -45.96
C LEU C 103 -25.50 -49.65 -45.03
N SER C 104 -24.31 -50.00 -44.60
CA SER C 104 -24.12 -51.02 -43.59
C SER C 104 -24.33 -50.41 -42.20
N PRO C 105 -24.83 -51.19 -41.24
CA PRO C 105 -24.97 -50.66 -39.87
C PRO C 105 -23.64 -50.28 -39.24
N GLU C 106 -22.53 -50.81 -39.74
CA GLU C 106 -21.21 -50.48 -39.22
C GLU C 106 -20.57 -49.28 -39.92
N ASP C 107 -21.28 -48.64 -40.84
CA ASP C 107 -20.74 -47.47 -41.50
C ASP C 107 -20.82 -46.25 -40.59
N SER C 108 -19.90 -45.31 -40.79
CA SER C 108 -19.86 -44.10 -39.98
C SER C 108 -20.93 -43.12 -40.44
N VAL C 109 -21.38 -42.28 -39.52
CA VAL C 109 -22.31 -41.22 -39.88
C VAL C 109 -21.66 -40.28 -40.89
N SER C 110 -20.36 -40.03 -40.75
CA SER C 110 -19.63 -39.22 -41.71
C SER C 110 -19.74 -39.81 -43.12
N ASP C 111 -19.51 -41.11 -43.24
CA ASP C 111 -19.66 -41.75 -44.55
C ASP C 111 -21.11 -41.75 -45.00
N ALA C 112 -22.05 -41.80 -44.06
CA ALA C 112 -23.46 -41.95 -44.42
C ALA C 112 -23.95 -40.77 -45.26
N ASN C 113 -23.90 -39.56 -44.69
CA ASN C 113 -24.42 -38.43 -45.45
C ASN C 113 -23.53 -38.05 -46.62
N ALA C 114 -22.29 -38.55 -46.67
CA ALA C 114 -21.51 -38.47 -47.90
C ALA C 114 -22.18 -39.30 -49.00
N LEU C 115 -22.46 -40.57 -48.74
CA LEU C 115 -23.09 -41.42 -49.72
C LEU C 115 -24.53 -41.01 -50.03
N LEU C 116 -25.19 -40.30 -49.10
CA LEU C 116 -26.60 -39.95 -49.26
C LEU C 116 -26.86 -39.22 -50.59
N HIS C 117 -25.97 -38.32 -50.97
CA HIS C 117 -26.20 -37.45 -52.12
C HIS C 117 -25.82 -38.09 -53.45
N LYS C 118 -25.54 -39.39 -53.46
CA LYS C 118 -25.32 -40.08 -54.72
C LYS C 118 -26.62 -40.27 -55.50
N ARG C 119 -27.76 -40.25 -54.81
CA ARG C 119 -29.08 -40.28 -55.43
C ARG C 119 -29.89 -39.09 -54.92
N ALA C 120 -31.10 -38.94 -55.45
CA ALA C 120 -31.97 -37.83 -55.11
C ALA C 120 -33.08 -38.21 -54.15
N HIS C 121 -33.03 -39.42 -53.57
CA HIS C 121 -34.15 -39.92 -52.79
C HIS C 121 -34.27 -39.25 -51.42
N GLY C 122 -33.21 -38.61 -50.94
CA GLY C 122 -33.21 -38.03 -49.62
C GLY C 122 -33.08 -39.03 -48.49
N ALA C 123 -32.87 -40.31 -48.80
CA ALA C 123 -32.68 -41.32 -47.76
C ALA C 123 -31.86 -42.47 -48.33
N ALA C 124 -31.16 -43.17 -47.45
CA ALA C 124 -30.41 -44.36 -47.79
C ALA C 124 -30.96 -45.53 -46.99
N VAL C 125 -30.98 -46.71 -47.60
CA VAL C 125 -31.51 -47.91 -46.97
C VAL C 125 -30.39 -48.64 -46.25
N VAL C 126 -30.62 -48.95 -44.97
CA VAL C 126 -29.66 -49.75 -44.21
C VAL C 126 -29.92 -51.22 -44.50
N VAL C 127 -28.87 -51.95 -44.86
CA VAL C 127 -28.99 -53.32 -45.36
C VAL C 127 -28.06 -54.21 -44.56
N PHE C 128 -28.62 -55.28 -43.98
CA PHE C 128 -27.87 -56.35 -43.34
C PHE C 128 -28.45 -57.68 -43.81
N GLU C 129 -27.60 -58.52 -44.40
CA GLU C 129 -28.03 -59.76 -45.03
C GLU C 129 -29.07 -59.51 -46.11
N GLY C 130 -28.86 -58.47 -46.91
CA GLY C 130 -29.72 -58.16 -48.02
C GLY C 130 -31.09 -57.62 -47.68
N ARG C 131 -31.42 -57.46 -46.40
CA ARG C 131 -32.76 -57.02 -46.03
C ARG C 131 -32.73 -55.59 -45.50
N PRO C 132 -33.78 -54.80 -45.74
CA PRO C 132 -33.82 -53.43 -45.21
C PRO C 132 -34.17 -53.40 -43.73
N ILE C 133 -33.36 -52.69 -42.96
CA ILE C 133 -33.61 -52.49 -41.53
C ILE C 133 -34.10 -51.09 -41.22
N GLY C 134 -33.80 -50.10 -42.06
CA GLY C 134 -34.20 -48.74 -41.76
C GLY C 134 -33.54 -47.76 -42.69
N LEU C 135 -33.90 -46.50 -42.50
CA LEU C 135 -33.50 -45.41 -43.39
C LEU C 135 -32.66 -44.41 -42.63
N VAL C 136 -31.69 -43.83 -43.34
CA VAL C 136 -30.85 -42.76 -42.82
C VAL C 136 -31.11 -41.52 -43.64
N THR C 137 -31.48 -40.43 -42.98
CA THR C 137 -31.69 -39.14 -43.62
C THR C 137 -30.61 -38.16 -43.17
N GLU C 138 -30.59 -37.00 -43.81
CA GLU C 138 -29.64 -35.96 -43.42
C GLU C 138 -29.96 -35.44 -42.02
N ALA C 139 -31.25 -35.45 -41.64
CA ALA C 139 -31.62 -35.03 -40.30
C ALA C 139 -31.12 -36.00 -39.24
N ASN C 140 -30.99 -37.28 -39.58
CA ASN C 140 -30.45 -38.25 -38.63
C ASN C 140 -28.97 -38.06 -38.40
N CYS C 141 -28.26 -37.48 -39.35
CA CYS C 141 -26.82 -37.29 -39.25
C CYS C 141 -26.42 -36.00 -38.54
N ALA C 142 -27.40 -35.28 -37.96
CA ALA C 142 -27.15 -34.01 -37.31
C ALA C 142 -27.19 -34.17 -35.79
N GLY C 143 -26.34 -33.41 -35.10
CA GLY C 143 -26.26 -33.47 -33.65
C GLY C 143 -25.66 -34.74 -33.10
N VAL C 144 -25.17 -35.63 -33.95
CA VAL C 144 -24.60 -36.90 -33.53
C VAL C 144 -23.10 -36.87 -33.83
N ASP C 145 -22.34 -37.67 -33.09
CA ASP C 145 -20.90 -37.74 -33.30
C ASP C 145 -20.60 -38.13 -34.74
N ARG C 146 -19.66 -37.40 -35.35
CA ARG C 146 -19.29 -37.63 -36.74
C ARG C 146 -18.93 -39.09 -37.01
N PHE C 147 -18.32 -39.77 -36.05
CA PHE C 147 -17.87 -41.14 -36.24
C PHE C 147 -18.75 -42.14 -35.51
N ALA C 148 -19.95 -41.73 -35.10
CA ALA C 148 -20.91 -42.71 -34.61
C ALA C 148 -21.30 -43.68 -35.74
N ARG C 149 -21.74 -44.86 -35.35
CA ARG C 149 -22.15 -45.86 -36.32
C ARG C 149 -23.55 -45.56 -36.84
N VAL C 150 -23.80 -45.99 -38.08
CA VAL C 150 -25.09 -45.74 -38.72
C VAL C 150 -26.22 -46.42 -37.96
N ARG C 151 -25.95 -47.60 -37.39
CA ARG C 151 -26.98 -48.33 -36.65
C ARG C 151 -27.60 -47.48 -35.54
N ASP C 152 -26.83 -46.56 -34.97
CA ASP C 152 -27.32 -45.79 -33.82
C ASP C 152 -28.29 -44.69 -34.23
N ILE C 153 -28.20 -44.18 -35.46
CA ILE C 153 -29.04 -43.08 -35.93
C ILE C 153 -30.12 -43.54 -36.89
N ALA C 154 -30.16 -44.82 -37.25
CA ALA C 154 -31.12 -45.30 -38.23
C ALA C 154 -32.55 -45.23 -37.68
N LEU C 155 -33.50 -45.13 -38.60
CA LEU C 155 -34.92 -45.09 -38.28
C LEU C 155 -35.53 -46.42 -38.67
N SER C 156 -35.95 -47.21 -37.68
CA SER C 156 -36.46 -48.55 -37.93
C SER C 156 -37.82 -48.55 -38.62
N ASP C 157 -38.50 -47.42 -38.69
CA ASP C 157 -39.86 -47.34 -39.21
C ASP C 157 -39.85 -46.66 -40.58
N PHE C 158 -40.40 -47.36 -41.58
CA PHE C 158 -40.44 -46.85 -42.94
C PHE C 158 -41.54 -47.58 -43.69
N VAL C 159 -41.98 -46.99 -44.79
CA VAL C 159 -43.01 -47.57 -45.64
C VAL C 159 -42.37 -48.61 -46.57
N THR C 160 -42.99 -49.78 -46.65
CA THR C 160 -42.52 -50.85 -47.49
C THR C 160 -43.69 -51.48 -48.24
N ALA C 161 -43.38 -52.14 -49.35
CA ALA C 161 -44.38 -52.73 -50.24
C ALA C 161 -43.66 -53.63 -51.24
N PRO C 162 -44.31 -54.70 -51.70
CA PRO C 162 -43.64 -55.63 -52.62
C PRO C 162 -43.35 -54.99 -53.95
N VAL C 163 -42.25 -55.44 -54.57
CA VAL C 163 -41.93 -54.99 -55.93
C VAL C 163 -43.05 -55.41 -56.88
N GLY C 164 -43.37 -54.53 -57.82
CA GLY C 164 -44.48 -54.75 -58.72
C GLY C 164 -45.78 -54.13 -58.27
N THR C 165 -45.85 -53.60 -57.05
CA THR C 165 -47.04 -52.89 -56.61
C THR C 165 -47.26 -51.66 -57.48
N ASP C 166 -48.53 -51.31 -57.70
CA ASP C 166 -48.86 -50.23 -58.62
C ASP C 166 -48.36 -48.90 -58.08
N PRO C 167 -47.69 -48.08 -58.91
CA PRO C 167 -47.22 -46.77 -58.43
C PRO C 167 -48.32 -45.91 -57.82
N ARG C 168 -49.54 -45.97 -58.35
CA ARG C 168 -50.65 -45.26 -57.74
C ARG C 168 -50.84 -45.70 -56.29
N GLU C 169 -50.71 -47.00 -56.02
CA GLU C 169 -50.86 -47.50 -54.65
C GLU C 169 -49.71 -47.03 -53.77
N VAL C 170 -48.48 -47.12 -54.27
CA VAL C 170 -47.32 -46.69 -53.50
C VAL C 170 -47.41 -45.19 -53.20
N PHE C 171 -47.94 -44.42 -54.15
CA PHE C 171 -48.17 -43.00 -53.91
C PHE C 171 -49.13 -42.78 -52.74
N ASP C 172 -50.19 -43.58 -52.67
CA ASP C 172 -51.16 -43.44 -51.58
C ASP C 172 -50.55 -43.89 -50.25
N LEU C 173 -49.75 -44.95 -50.26
CA LEU C 173 -49.12 -45.42 -49.03
C LEU C 173 -48.19 -44.37 -48.42
N LEU C 174 -47.62 -43.50 -49.25
CA LEU C 174 -46.63 -42.54 -48.79
C LEU C 174 -47.23 -41.19 -48.40
N GLU C 175 -48.56 -41.04 -48.50
CA GLU C 175 -49.17 -39.73 -48.31
C GLU C 175 -48.89 -39.17 -46.91
N HIS C 176 -49.07 -39.99 -45.88
CA HIS C 176 -48.83 -39.55 -44.51
C HIS C 176 -47.52 -40.08 -43.94
N ALA C 177 -46.65 -40.64 -44.79
CA ALA C 177 -45.39 -41.17 -44.30
C ALA C 177 -44.45 -40.04 -43.91
N PRO C 178 -43.70 -40.19 -42.82
CA PRO C 178 -42.73 -39.14 -42.47
C PRO C 178 -41.58 -39.03 -43.45
N ILE C 179 -41.14 -40.15 -44.02
CA ILE C 179 -40.10 -40.16 -45.04
C ILE C 179 -40.74 -40.57 -46.36
N ASP C 180 -40.47 -39.80 -47.41
CA ASP C 180 -41.12 -39.98 -48.71
C ASP C 180 -40.53 -41.14 -49.51
N VAL C 181 -39.69 -41.96 -48.91
CA VAL C 181 -39.12 -43.12 -49.59
C VAL C 181 -39.91 -44.36 -49.22
N ALA C 182 -40.37 -45.09 -50.22
CA ALA C 182 -40.99 -46.39 -50.01
C ALA C 182 -39.99 -47.47 -50.37
N VAL C 183 -39.68 -48.34 -49.41
CA VAL C 183 -38.74 -49.42 -49.63
C VAL C 183 -39.46 -50.55 -50.36
N MET C 184 -39.04 -50.84 -51.58
CA MET C 184 -39.65 -51.87 -52.41
C MET C 184 -38.93 -53.19 -52.16
N THR C 185 -39.67 -54.17 -51.67
CA THR C 185 -39.10 -55.43 -51.22
C THR C 185 -39.35 -56.54 -52.24
N ALA C 186 -38.36 -57.39 -52.43
CA ALA C 186 -38.51 -58.55 -53.28
C ALA C 186 -39.42 -59.57 -52.60
N PRO C 187 -39.96 -60.54 -53.36
CA PRO C 187 -40.83 -61.55 -52.73
C PRO C 187 -40.15 -62.32 -51.61
N ASP C 188 -38.83 -62.56 -51.70
CA ASP C 188 -38.11 -63.21 -50.62
C ASP C 188 -37.80 -62.27 -49.46
N GLY C 189 -38.16 -60.99 -49.57
CA GLY C 189 -37.98 -60.04 -48.49
C GLY C 189 -36.77 -59.13 -48.62
N THR C 190 -35.85 -59.43 -49.54
CA THR C 190 -34.68 -58.59 -49.71
C THR C 190 -35.06 -57.26 -50.36
N LEU C 191 -34.07 -56.38 -50.51
CA LEU C 191 -34.31 -55.05 -51.05
C LEU C 191 -34.32 -55.09 -52.57
N ALA C 192 -35.45 -54.74 -53.17
CA ALA C 192 -35.54 -54.56 -54.61
C ALA C 192 -35.20 -53.15 -55.04
N GLY C 193 -35.51 -52.16 -54.22
CA GLY C 193 -35.19 -50.77 -54.53
C GLY C 193 -36.13 -49.84 -53.78
N VAL C 194 -36.25 -48.63 -54.32
CA VAL C 194 -37.10 -47.62 -53.70
C VAL C 194 -37.96 -46.95 -54.76
N LEU C 195 -39.08 -46.40 -54.31
CA LEU C 195 -39.97 -45.59 -55.13
C LEU C 195 -40.49 -44.46 -54.27
N THR C 196 -40.30 -43.23 -54.72
CA THR C 196 -40.79 -42.04 -54.04
C THR C 196 -42.13 -41.63 -54.64
N ARG C 197 -42.80 -40.69 -53.96
CA ARG C 197 -44.04 -40.16 -54.49
C ARG C 197 -43.81 -39.47 -55.83
N THR C 198 -42.68 -38.76 -55.97
CA THR C 198 -42.38 -38.12 -57.25
C THR C 198 -41.98 -39.15 -58.29
N GLY C 199 -41.20 -40.16 -57.89
CA GLY C 199 -40.89 -41.24 -58.81
C GLY C 199 -42.12 -41.98 -59.28
N ALA C 200 -43.12 -42.12 -58.41
CA ALA C 200 -44.37 -42.77 -58.79
C ALA C 200 -45.09 -41.96 -59.86
N ILE C 201 -45.18 -40.64 -59.66
CA ILE C 201 -45.76 -39.75 -60.67
C ILE C 201 -45.01 -39.89 -61.99
N ARG C 202 -43.68 -39.80 -61.95
CA ARG C 202 -42.89 -39.87 -63.17
C ARG C 202 -43.13 -41.16 -63.94
N ALA C 203 -43.38 -42.27 -63.24
CA ALA C 203 -43.60 -43.54 -63.92
C ALA C 203 -44.82 -43.49 -64.84
N GLY C 204 -45.79 -42.62 -64.55
CA GLY C 204 -46.95 -42.45 -65.41
C GLY C 204 -46.80 -41.37 -66.45
N ILE C 205 -45.73 -40.59 -66.37
CA ILE C 205 -45.47 -39.50 -67.32
C ILE C 205 -44.44 -39.91 -68.35
N TYR C 206 -43.31 -40.45 -67.90
CA TYR C 206 -42.21 -40.81 -68.79
C TYR C 206 -42.30 -42.28 -69.18
N THR C 207 -42.12 -42.55 -70.47
CA THR C 207 -42.03 -43.91 -70.96
C THR C 207 -40.56 -44.33 -70.99
N PRO C 208 -40.17 -45.41 -70.29
CA PRO C 208 -38.76 -45.81 -70.29
C PRO C 208 -38.28 -46.09 -71.70
N ALA C 209 -37.01 -45.77 -71.94
CA ALA C 209 -36.34 -46.12 -73.19
C ALA C 209 -35.73 -47.51 -73.05
N VAL C 210 -36.21 -48.46 -73.85
CA VAL C 210 -35.90 -49.87 -73.67
C VAL C 210 -35.46 -50.47 -74.99
N ASP C 211 -34.66 -51.54 -74.91
CA ASP C 211 -34.21 -52.27 -76.09
C ASP C 211 -35.28 -53.27 -76.50
N ALA C 212 -34.97 -54.12 -77.49
CA ALA C 212 -35.94 -55.11 -77.96
C ALA C 212 -36.31 -56.12 -76.89
N LYS C 213 -35.46 -56.34 -75.90
CA LYS C 213 -35.77 -57.25 -74.81
C LYS C 213 -36.42 -56.57 -73.62
N GLY C 214 -36.73 -55.27 -73.74
CA GLY C 214 -37.40 -54.57 -72.66
C GLY C 214 -36.49 -54.06 -71.58
N ARG C 215 -35.19 -54.00 -71.84
CA ARG C 215 -34.21 -53.53 -70.88
C ARG C 215 -33.79 -52.10 -71.22
N LEU C 216 -33.42 -51.33 -70.19
CA LEU C 216 -33.09 -49.93 -70.39
C LEU C 216 -31.99 -49.75 -71.43
N ARG C 217 -32.17 -48.76 -72.31
CA ARG C 217 -31.24 -48.50 -73.39
C ARG C 217 -29.99 -47.77 -72.89
N ILE C 218 -28.89 -47.96 -73.60
CA ILE C 218 -27.63 -47.32 -73.25
C ILE C 218 -26.77 -47.26 -74.52
N ALA C 219 -25.96 -46.21 -74.63
CA ALA C 219 -25.10 -46.00 -75.78
C ALA C 219 -23.66 -45.82 -75.32
N ALA C 220 -22.73 -45.94 -76.26
CA ALA C 220 -21.31 -45.81 -75.97
C ALA C 220 -20.64 -45.03 -77.09
N ALA C 221 -19.50 -44.41 -76.78
CA ALA C 221 -18.81 -43.58 -77.74
C ALA C 221 -17.44 -44.16 -78.06
N VAL C 222 -16.92 -43.77 -79.22
CA VAL C 222 -15.62 -44.24 -79.69
C VAL C 222 -14.95 -43.10 -80.44
N GLY C 223 -13.62 -42.98 -80.25
CA GLY C 223 -12.84 -42.02 -80.99
C GLY C 223 -12.29 -42.61 -82.28
N ILE C 224 -11.77 -41.74 -83.14
CA ILE C 224 -11.34 -42.12 -84.49
C ILE C 224 -9.87 -42.53 -84.49
N ASN C 225 -9.27 -42.62 -83.31
CA ASN C 225 -7.90 -43.09 -83.20
C ASN C 225 -7.87 -44.61 -83.02
N GLY C 226 -6.75 -45.22 -83.41
CA GLY C 226 -6.57 -46.64 -83.21
C GLY C 226 -7.40 -47.47 -84.17
N ASP C 227 -7.80 -48.65 -83.68
CA ASP C 227 -8.62 -49.58 -84.46
C ASP C 227 -10.09 -49.29 -84.16
N VAL C 228 -10.72 -48.49 -85.02
CA VAL C 228 -12.08 -48.03 -84.74
C VAL C 228 -13.09 -49.15 -84.93
N GLY C 229 -12.83 -50.05 -85.88
CA GLY C 229 -13.77 -51.15 -86.12
C GLY C 229 -13.79 -52.14 -84.98
N ALA C 230 -12.61 -52.57 -84.52
CA ALA C 230 -12.53 -53.51 -83.40
C ALA C 230 -13.15 -52.92 -82.16
N LYS C 231 -12.89 -51.64 -81.88
CA LYS C 231 -13.45 -51.02 -80.68
C LYS C 231 -14.98 -50.94 -80.77
N ALA C 232 -15.52 -50.57 -81.94
CA ALA C 232 -16.96 -50.49 -82.09
C ALA C 232 -17.62 -51.87 -82.06
N GLN C 233 -16.94 -52.90 -82.55
CA GLN C 233 -17.46 -54.25 -82.44
C GLN C 233 -17.57 -54.68 -80.98
N ALA C 234 -16.55 -54.35 -80.17
CA ALA C 234 -16.58 -54.71 -78.77
C ALA C 234 -17.71 -54.00 -78.03
N LEU C 235 -17.86 -52.69 -78.26
CA LEU C 235 -18.96 -51.96 -77.66
C LEU C 235 -20.31 -52.56 -78.07
N ALA C 236 -20.42 -53.06 -79.30
CA ALA C 236 -21.66 -53.68 -79.75
C ALA C 236 -21.89 -55.00 -79.03
N GLU C 237 -20.87 -55.85 -78.94
CA GLU C 237 -21.02 -57.12 -78.23
C GLU C 237 -21.23 -56.92 -76.74
N ALA C 238 -20.81 -55.77 -76.19
CA ALA C 238 -21.07 -55.48 -74.79
C ALA C 238 -22.50 -55.03 -74.54
N GLY C 239 -23.32 -54.89 -75.59
CA GLY C 239 -24.73 -54.59 -75.43
C GLY C 239 -25.13 -53.15 -75.65
N ALA C 240 -24.25 -52.32 -76.20
CA ALA C 240 -24.59 -50.93 -76.47
C ALA C 240 -25.66 -50.86 -77.55
N ASP C 241 -26.72 -50.09 -77.28
CA ASP C 241 -27.82 -49.99 -78.24
C ASP C 241 -27.57 -48.97 -79.33
N LEU C 242 -26.56 -48.11 -79.18
CA LEU C 242 -26.28 -47.06 -80.16
C LEU C 242 -24.81 -46.69 -80.06
N LEU C 243 -24.18 -46.44 -81.21
CA LEU C 243 -22.76 -46.12 -81.28
C LEU C 243 -22.57 -44.67 -81.69
N VAL C 244 -21.61 -44.01 -81.04
CA VAL C 244 -21.26 -42.62 -81.32
C VAL C 244 -19.79 -42.57 -81.71
N ILE C 245 -19.50 -42.06 -82.90
CA ILE C 245 -18.14 -41.83 -83.35
C ILE C 245 -17.87 -40.33 -83.21
N ASP C 246 -16.99 -39.97 -82.27
CA ASP C 246 -16.88 -38.61 -81.77
C ASP C 246 -15.47 -38.06 -81.99
N THR C 247 -15.38 -36.86 -82.55
CA THR C 247 -14.10 -36.16 -82.69
C THR C 247 -14.37 -34.66 -82.74
N ALA C 248 -13.32 -33.89 -82.42
CA ALA C 248 -13.47 -32.44 -82.38
C ALA C 248 -13.81 -31.88 -83.75
N HIS C 249 -13.08 -32.30 -84.78
CA HIS C 249 -13.29 -31.83 -86.14
C HIS C 249 -13.81 -33.01 -86.97
N GLY C 250 -15.13 -33.09 -87.12
CA GLY C 250 -15.71 -34.24 -87.78
C GLY C 250 -15.49 -34.26 -89.27
N HIS C 251 -15.33 -33.09 -89.90
CA HIS C 251 -15.21 -33.03 -91.36
C HIS C 251 -13.74 -33.25 -91.75
N GLN C 252 -13.29 -34.47 -91.51
CA GLN C 252 -11.89 -34.82 -91.64
C GLN C 252 -11.77 -36.18 -92.30
N ALA C 253 -10.63 -36.42 -92.96
CA ALA C 253 -10.43 -37.68 -93.67
C ALA C 253 -10.44 -38.85 -92.70
N LYS C 254 -9.79 -38.71 -91.54
CA LYS C 254 -9.70 -39.80 -90.59
C LYS C 254 -11.07 -40.19 -90.04
N MET C 255 -12.00 -39.23 -89.96
CA MET C 255 -13.35 -39.54 -89.52
C MET C 255 -14.12 -40.31 -90.58
N LEU C 256 -13.94 -39.96 -91.85
CA LEU C 256 -14.59 -40.70 -92.93
C LEU C 256 -14.12 -42.15 -92.96
N ASP C 257 -12.83 -42.38 -92.72
CA ASP C 257 -12.32 -43.74 -92.62
C ASP C 257 -12.99 -44.49 -91.47
N ALA C 258 -13.16 -43.83 -90.32
CA ALA C 258 -13.69 -44.50 -89.15
C ALA C 258 -15.16 -44.88 -89.36
N ILE C 259 -15.94 -44.02 -90.00
CA ILE C 259 -17.35 -44.33 -90.24
C ILE C 259 -17.46 -45.55 -91.16
N LYS C 260 -16.69 -45.56 -92.25
CA LYS C 260 -16.71 -46.69 -93.18
C LYS C 260 -16.25 -47.97 -92.50
N ALA C 261 -15.20 -47.89 -91.68
CA ALA C 261 -14.73 -49.08 -90.99
C ALA C 261 -15.81 -49.68 -90.09
N VAL C 262 -16.59 -48.82 -89.43
CA VAL C 262 -17.63 -49.32 -88.53
C VAL C 262 -18.85 -49.79 -89.32
N ALA C 263 -19.26 -49.02 -90.33
CA ALA C 263 -20.46 -49.38 -91.10
C ALA C 263 -20.26 -50.70 -91.84
N SER C 264 -19.06 -50.94 -92.35
CA SER C 264 -18.79 -52.18 -93.06
C SER C 264 -18.96 -53.41 -92.17
N LEU C 265 -18.87 -53.23 -90.86
CA LEU C 265 -19.05 -54.35 -89.94
C LEU C 265 -20.52 -54.75 -89.80
N ASP C 266 -21.46 -53.89 -90.22
CA ASP C 266 -22.87 -54.22 -90.23
C ASP C 266 -23.36 -54.66 -88.84
N LEU C 267 -23.10 -53.82 -87.85
CA LEU C 267 -23.44 -54.15 -86.47
C LEU C 267 -24.93 -53.97 -86.16
N GLY C 268 -25.72 -53.46 -87.09
CA GLY C 268 -27.14 -53.32 -86.82
C GLY C 268 -27.51 -52.24 -85.84
N LEU C 269 -26.59 -51.37 -85.48
CA LEU C 269 -26.87 -50.31 -84.53
C LEU C 269 -26.92 -48.95 -85.22
N PRO C 270 -27.76 -48.04 -84.75
CA PRO C 270 -27.72 -46.67 -85.28
C PRO C 270 -26.34 -46.06 -85.06
N LEU C 271 -25.82 -45.43 -86.11
CA LEU C 271 -24.48 -44.85 -86.11
C LEU C 271 -24.56 -43.33 -86.06
N VAL C 272 -23.97 -42.76 -85.02
CA VAL C 272 -23.85 -41.31 -84.86
C VAL C 272 -22.41 -40.92 -85.17
N ALA C 273 -22.22 -39.84 -85.91
CA ALA C 273 -20.90 -39.31 -86.20
C ALA C 273 -20.92 -37.79 -86.07
N GLY C 274 -19.81 -37.23 -85.60
CA GLY C 274 -19.69 -35.79 -85.42
C GLY C 274 -18.30 -35.46 -84.92
N ASN C 275 -18.01 -34.17 -84.85
CA ASN C 275 -19.00 -33.12 -85.02
C ASN C 275 -18.72 -32.22 -86.23
N VAL C 276 -19.80 -31.76 -86.88
CA VAL C 276 -19.70 -30.84 -88.01
C VAL C 276 -20.70 -29.71 -87.80
N VAL C 277 -20.47 -28.60 -88.51
CA VAL C 277 -21.41 -27.48 -88.48
C VAL C 277 -21.82 -27.04 -89.88
N SER C 278 -21.39 -27.77 -90.91
CA SER C 278 -21.63 -27.39 -92.30
C SER C 278 -22.52 -28.39 -93.00
N ALA C 279 -23.17 -27.91 -94.07
CA ALA C 279 -23.98 -28.79 -94.90
C ALA C 279 -23.11 -29.80 -95.63
N GLU C 280 -21.94 -29.37 -96.12
CA GLU C 280 -21.03 -30.30 -96.77
C GLU C 280 -20.57 -31.38 -95.80
N GLY C 281 -20.27 -31.00 -94.56
CA GLY C 281 -19.86 -31.98 -93.58
C GLY C 281 -20.95 -32.99 -93.25
N THR C 282 -22.18 -32.51 -93.09
CA THR C 282 -23.30 -33.43 -92.82
C THR C 282 -23.48 -34.42 -93.95
N ARG C 283 -23.37 -33.95 -95.20
CA ARG C 283 -23.51 -34.83 -96.36
C ARG C 283 -22.40 -35.88 -96.40
N ASP C 284 -21.15 -35.43 -96.28
CA ASP C 284 -20.02 -36.36 -96.38
C ASP C 284 -20.10 -37.43 -95.30
N LEU C 285 -20.53 -37.06 -94.09
CA LEU C 285 -20.60 -38.04 -93.02
C LEU C 285 -21.72 -39.06 -93.26
N ILE C 286 -22.83 -38.62 -93.85
CA ILE C 286 -23.97 -39.55 -94.06
C ILE C 286 -23.58 -40.55 -95.17
N GLU C 287 -22.84 -40.07 -96.17
CA GLU C 287 -22.43 -40.94 -97.30
C GLU C 287 -21.47 -42.02 -96.79
N ALA C 288 -20.64 -41.71 -95.79
CA ALA C 288 -19.65 -42.69 -95.27
C ALA C 288 -20.36 -43.81 -94.51
N GLY C 289 -21.62 -43.60 -94.13
CA GLY C 289 -22.40 -44.63 -93.46
C GLY C 289 -23.14 -44.18 -92.21
N ALA C 290 -22.91 -42.96 -91.78
CA ALA C 290 -23.57 -42.46 -90.58
C ALA C 290 -25.05 -42.18 -90.86
N SER C 291 -25.92 -42.68 -89.98
CA SER C 291 -27.34 -42.35 -90.07
C SER C 291 -27.70 -41.10 -89.28
N ILE C 292 -26.93 -40.77 -88.24
CA ILE C 292 -27.16 -39.58 -87.43
C ILE C 292 -25.88 -38.76 -87.42
N VAL C 293 -26.00 -37.45 -87.62
CA VAL C 293 -24.86 -36.53 -87.61
C VAL C 293 -24.97 -35.64 -86.38
N LYS C 294 -23.88 -35.60 -85.60
CA LYS C 294 -23.81 -34.76 -84.41
C LYS C 294 -23.22 -33.41 -84.78
N VAL C 295 -23.91 -32.33 -84.37
CA VAL C 295 -23.60 -30.98 -84.83
C VAL C 295 -23.14 -30.13 -83.64
N GLY C 296 -22.04 -29.41 -83.83
CA GLY C 296 -21.55 -28.51 -82.81
C GLY C 296 -20.04 -28.37 -82.83
N VAL C 297 -19.54 -27.18 -83.16
CA VAL C 297 -18.12 -26.85 -83.03
C VAL C 297 -18.08 -25.46 -82.40
N GLY C 298 -17.71 -25.39 -81.12
CA GLY C 298 -17.64 -24.12 -80.44
C GLY C 298 -18.54 -23.91 -79.22
N PRO C 299 -19.84 -24.25 -79.31
CA PRO C 299 -20.76 -23.84 -78.23
C PRO C 299 -20.63 -24.64 -76.94
N GLY C 300 -19.93 -25.78 -76.94
CA GLY C 300 -19.77 -26.56 -75.73
C GLY C 300 -19.27 -25.77 -74.55
N ALA C 301 -19.89 -26.00 -73.38
CA ALA C 301 -19.56 -25.22 -72.19
C ALA C 301 -18.09 -25.39 -71.79
N MET C 302 -17.49 -26.52 -72.14
CA MET C 302 -16.07 -26.76 -71.89
C MET C 302 -15.18 -26.45 -73.09
N CYS C 303 -15.78 -25.98 -74.18
CA CYS C 303 -15.05 -25.81 -75.44
C CYS C 303 -14.40 -24.43 -75.46
N THR C 304 -13.06 -24.42 -75.52
CA THR C 304 -12.29 -23.19 -75.66
C THR C 304 -11.82 -22.96 -77.09
N THR C 305 -12.42 -23.67 -78.05
CA THR C 305 -11.96 -23.59 -79.43
C THR C 305 -12.12 -22.19 -80.00
N ARG C 306 -13.20 -21.49 -79.63
CA ARG C 306 -13.42 -20.13 -80.13
C ARG C 306 -12.23 -19.22 -79.82
N MET C 307 -11.85 -19.15 -78.55
CA MET C 307 -10.80 -18.22 -78.14
C MET C 307 -9.42 -18.69 -78.53
N MET C 308 -9.22 -20.00 -78.73
CA MET C 308 -7.93 -20.52 -79.18
C MET C 308 -7.74 -20.34 -80.68
N THR C 309 -8.78 -20.63 -81.47
CA THR C 309 -8.66 -20.78 -82.92
C THR C 309 -9.55 -19.85 -83.73
N GLY C 310 -10.52 -19.18 -83.12
CA GLY C 310 -11.54 -18.49 -83.88
C GLY C 310 -12.52 -19.38 -84.60
N VAL C 311 -12.36 -20.71 -84.51
CA VAL C 311 -13.22 -21.65 -85.21
C VAL C 311 -14.47 -21.93 -84.38
N GLY C 312 -15.60 -21.99 -85.05
CA GLY C 312 -16.87 -22.23 -84.39
C GLY C 312 -18.01 -21.84 -85.32
N ARG C 313 -19.23 -22.09 -84.83
CA ARG C 313 -20.40 -21.61 -85.54
C ARG C 313 -21.54 -21.43 -84.54
N PRO C 314 -22.24 -20.29 -84.58
CA PRO C 314 -23.46 -20.14 -83.77
C PRO C 314 -24.37 -21.35 -83.91
N GLN C 315 -24.71 -21.98 -82.77
CA GLN C 315 -25.26 -23.33 -82.80
C GLN C 315 -26.60 -23.41 -83.53
N PHE C 316 -27.49 -22.44 -83.30
CA PHE C 316 -28.82 -22.51 -83.91
C PHE C 316 -28.73 -22.56 -85.43
N SER C 317 -27.90 -21.69 -86.02
CA SER C 317 -27.74 -21.71 -87.48
C SER C 317 -27.04 -23.00 -87.94
N ALA C 318 -26.12 -23.50 -87.12
CA ALA C 318 -25.46 -24.76 -87.46
C ALA C 318 -26.48 -25.89 -87.53
N VAL C 319 -27.41 -25.94 -86.58
CA VAL C 319 -28.42 -26.99 -86.58
C VAL C 319 -29.35 -26.82 -87.78
N VAL C 320 -29.81 -25.59 -88.03
CA VAL C 320 -30.72 -25.34 -89.15
C VAL C 320 -30.13 -25.88 -90.45
N GLU C 321 -28.91 -25.46 -90.78
CA GLU C 321 -28.29 -25.86 -92.04
C GLU C 321 -28.02 -27.36 -92.08
N CYS C 322 -27.54 -27.93 -90.98
CA CYS C 322 -27.15 -29.34 -91.00
C CYS C 322 -28.37 -30.25 -91.01
N ALA C 323 -29.41 -29.90 -90.26
CA ALA C 323 -30.61 -30.72 -90.25
C ALA C 323 -31.26 -30.74 -91.61
N ALA C 324 -31.30 -29.60 -92.30
CA ALA C 324 -31.87 -29.55 -93.64
C ALA C 324 -31.10 -30.48 -94.58
N ALA C 325 -29.76 -30.39 -94.56
CA ALA C 325 -28.96 -31.24 -95.45
C ALA C 325 -29.16 -32.72 -95.15
N ALA C 326 -29.16 -33.07 -93.85
CA ALA C 326 -29.41 -34.47 -93.49
C ALA C 326 -30.81 -34.91 -93.88
N ARG C 327 -31.78 -34.01 -93.72
CA ARG C 327 -33.17 -34.33 -94.06
C ARG C 327 -33.30 -34.74 -95.52
N GLN C 328 -32.64 -34.00 -96.42
CA GLN C 328 -32.68 -34.35 -97.84
C GLN C 328 -32.22 -35.77 -98.09
N LEU C 329 -31.25 -36.26 -97.32
CA LEU C 329 -30.67 -37.57 -97.53
C LEU C 329 -31.30 -38.64 -96.65
N GLY C 330 -32.40 -38.32 -95.95
CA GLY C 330 -33.03 -39.25 -95.06
C GLY C 330 -32.38 -39.41 -93.70
N GLY C 331 -31.33 -38.62 -93.40
CA GLY C 331 -30.62 -38.73 -92.14
C GLY C 331 -31.21 -37.85 -91.05
N HIS C 332 -30.49 -37.78 -89.93
CA HIS C 332 -30.92 -37.02 -88.78
C HIS C 332 -29.74 -36.26 -88.20
N VAL C 333 -30.06 -35.28 -87.34
CA VAL C 333 -29.05 -34.43 -86.73
C VAL C 333 -29.29 -34.36 -85.22
N TRP C 334 -28.21 -34.52 -84.45
CA TRP C 334 -28.20 -34.30 -83.01
C TRP C 334 -27.57 -32.95 -82.71
N ALA C 335 -28.22 -32.15 -81.86
CA ALA C 335 -27.72 -30.82 -81.48
C ALA C 335 -26.86 -30.95 -80.23
N ASP C 336 -25.55 -30.78 -80.39
CA ASP C 336 -24.57 -31.07 -79.34
C ASP C 336 -23.88 -29.78 -78.90
N GLY C 337 -24.15 -29.34 -77.68
CA GLY C 337 -23.38 -28.28 -77.04
C GLY C 337 -24.13 -26.98 -76.90
N GLY C 338 -23.92 -26.32 -75.76
CA GLY C 338 -24.47 -24.99 -75.50
C GLY C 338 -25.81 -24.95 -74.82
N VAL C 339 -26.34 -26.08 -74.37
CA VAL C 339 -27.68 -26.13 -73.78
C VAL C 339 -27.58 -25.68 -72.33
N ARG C 340 -28.20 -24.55 -72.00
CA ARG C 340 -28.28 -24.11 -70.61
C ARG C 340 -29.69 -24.08 -70.05
N HIS C 341 -30.71 -24.12 -70.89
CA HIS C 341 -32.10 -23.89 -70.49
C HIS C 341 -33.00 -24.76 -71.35
N PRO C 342 -34.21 -25.05 -70.88
CA PRO C 342 -35.17 -25.77 -71.75
C PRO C 342 -35.43 -25.06 -73.06
N ARG C 343 -35.37 -23.72 -73.06
CA ARG C 343 -35.52 -22.96 -74.31
C ARG C 343 -34.54 -23.45 -75.37
N ASP C 344 -33.31 -23.78 -74.99
CA ASP C 344 -32.32 -24.23 -75.96
C ASP C 344 -32.70 -25.59 -76.55
N VAL C 345 -33.33 -26.46 -75.76
CA VAL C 345 -33.76 -27.76 -76.29
C VAL C 345 -34.89 -27.57 -77.30
N ALA C 346 -35.88 -26.76 -76.95
CA ALA C 346 -36.99 -26.50 -77.86
C ALA C 346 -36.50 -25.87 -79.15
N LEU C 347 -35.61 -24.88 -79.05
CA LEU C 347 -35.11 -24.20 -80.25
C LEU C 347 -34.30 -25.14 -81.13
N ALA C 348 -33.53 -26.05 -80.54
CA ALA C 348 -32.80 -27.02 -81.34
C ALA C 348 -33.75 -27.93 -82.09
N LEU C 349 -34.85 -28.35 -81.45
CA LEU C 349 -35.84 -29.18 -82.13
C LEU C 349 -36.54 -28.40 -83.24
N ALA C 350 -36.98 -27.18 -82.94
CA ALA C 350 -37.61 -26.34 -83.96
C ALA C 350 -36.69 -26.14 -85.15
N ALA C 351 -35.38 -26.11 -84.93
CA ALA C 351 -34.43 -25.99 -86.04
C ALA C 351 -34.28 -27.27 -86.84
N GLY C 352 -34.85 -28.38 -86.39
CA GLY C 352 -34.84 -29.61 -87.15
C GLY C 352 -34.00 -30.73 -86.59
N ALA C 353 -33.41 -30.58 -85.42
CA ALA C 353 -32.66 -31.68 -84.83
C ALA C 353 -33.61 -32.73 -84.28
N SER C 354 -33.23 -34.01 -84.40
CA SER C 354 -34.04 -35.08 -83.85
C SER C 354 -33.80 -35.29 -82.36
N ASN C 355 -32.57 -35.06 -81.89
CA ASN C 355 -32.22 -35.19 -80.48
C ASN C 355 -31.32 -34.05 -80.07
N VAL C 356 -31.29 -33.76 -78.78
CA VAL C 356 -30.45 -32.70 -78.22
C VAL C 356 -29.51 -33.34 -77.21
N MET C 357 -28.21 -33.14 -77.40
CA MET C 357 -27.23 -33.69 -76.48
C MET C 357 -26.85 -32.63 -75.44
N ILE C 358 -26.94 -33.01 -74.16
CA ILE C 358 -26.73 -32.11 -73.04
C ILE C 358 -25.58 -32.63 -72.19
N GLY C 359 -24.56 -31.79 -71.96
CA GLY C 359 -23.45 -32.18 -71.14
C GLY C 359 -23.33 -31.49 -69.80
N SER C 360 -22.78 -30.27 -69.80
CA SER C 360 -22.34 -29.64 -68.56
C SER C 360 -23.49 -29.39 -67.61
N TRP C 361 -24.66 -29.01 -68.15
CA TRP C 361 -25.84 -28.78 -67.33
C TRP C 361 -26.11 -29.96 -66.39
N PHE C 362 -25.95 -31.19 -66.90
CA PHE C 362 -26.27 -32.35 -66.09
C PHE C 362 -25.15 -32.73 -65.13
N ALA C 363 -24.01 -32.05 -65.16
CA ALA C 363 -22.99 -32.29 -64.14
C ALA C 363 -23.44 -31.78 -62.79
N GLY C 364 -24.25 -30.73 -62.78
CA GLY C 364 -24.77 -30.17 -61.55
C GLY C 364 -25.98 -30.91 -61.05
N THR C 365 -25.86 -32.24 -60.91
CA THR C 365 -26.94 -33.06 -60.38
C THR C 365 -26.37 -34.07 -59.40
N TYR C 366 -27.26 -34.62 -58.57
CA TYR C 366 -26.86 -35.68 -57.64
C TYR C 366 -26.29 -36.89 -58.37
N GLU C 367 -26.90 -37.28 -59.48
CA GLU C 367 -26.58 -38.55 -60.12
C GLU C 367 -25.30 -38.51 -60.95
N SER C 368 -24.72 -37.34 -61.19
CA SER C 368 -23.49 -37.29 -61.95
C SER C 368 -22.33 -37.86 -61.13
N PRO C 369 -21.31 -38.41 -61.79
CA PRO C 369 -20.27 -39.17 -61.05
C PRO C 369 -19.44 -38.33 -60.10
N GLY C 370 -19.19 -37.05 -60.40
CA GLY C 370 -18.31 -36.25 -59.57
C GLY C 370 -18.84 -36.10 -58.15
N ASP C 371 -17.95 -35.65 -57.27
CA ASP C 371 -18.32 -35.45 -55.88
C ASP C 371 -19.08 -34.16 -55.69
N LEU C 372 -19.94 -34.13 -54.67
CA LEU C 372 -20.73 -32.93 -54.37
C LEU C 372 -19.88 -31.97 -53.54
N LEU C 373 -19.86 -30.70 -53.95
CA LEU C 373 -19.04 -29.68 -53.33
C LEU C 373 -19.89 -28.48 -52.95
N PHE C 374 -19.32 -27.64 -52.09
CA PHE C 374 -19.99 -26.43 -51.62
C PHE C 374 -19.02 -25.26 -51.68
N ASP C 375 -19.50 -24.13 -52.17
CA ASP C 375 -18.66 -22.96 -52.36
C ASP C 375 -18.67 -22.10 -51.09
N ARG C 376 -18.17 -20.86 -51.20
CA ARG C 376 -18.05 -19.99 -50.03
C ARG C 376 -19.39 -19.76 -49.34
N ASP C 377 -20.48 -19.73 -50.10
CA ASP C 377 -21.82 -19.49 -49.55
C ASP C 377 -22.57 -20.79 -49.26
N ASP C 378 -21.86 -21.92 -49.21
CA ASP C 378 -22.43 -23.23 -48.91
C ASP C 378 -23.47 -23.66 -49.96
N ARG C 379 -23.42 -23.10 -51.16
CA ARG C 379 -24.37 -23.62 -52.13
C ARG C 379 -23.80 -24.86 -52.81
N PRO C 380 -24.62 -25.89 -53.05
CA PRO C 380 -24.10 -27.12 -53.67
C PRO C 380 -23.71 -26.90 -55.13
N TYR C 381 -22.67 -27.58 -55.54
CA TYR C 381 -22.22 -27.52 -56.93
C TYR C 381 -21.32 -28.71 -57.22
N LYS C 382 -21.19 -29.03 -58.50
CA LYS C 382 -20.20 -29.97 -58.98
C LYS C 382 -19.44 -29.34 -60.15
N GLU C 383 -18.24 -29.85 -60.39
CA GLU C 383 -17.40 -29.34 -61.45
C GLU C 383 -17.61 -30.15 -62.72
N SER C 384 -18.05 -29.49 -63.78
CA SER C 384 -17.98 -30.07 -65.10
C SER C 384 -16.62 -29.79 -65.70
N TYR C 385 -16.13 -30.73 -66.53
CA TYR C 385 -14.85 -30.55 -67.17
C TYR C 385 -14.86 -31.24 -68.53
N GLY C 386 -13.96 -30.77 -69.40
CA GLY C 386 -13.96 -31.24 -70.78
C GLY C 386 -13.28 -32.58 -70.96
N MET C 387 -13.59 -33.21 -72.10
CA MET C 387 -12.93 -34.44 -72.51
C MET C 387 -11.58 -34.18 -73.17
N ALA C 388 -11.35 -32.96 -73.66
CA ALA C 388 -10.05 -32.51 -74.15
C ALA C 388 -9.48 -33.46 -75.19
N SER C 389 -8.30 -34.03 -74.91
CA SER C 389 -7.57 -34.82 -75.89
C SER C 389 -8.28 -36.11 -76.29
N LYS C 390 -9.31 -36.52 -75.55
CA LYS C 390 -10.06 -37.70 -75.93
C LYS C 390 -10.96 -37.46 -77.15
N ARG C 391 -11.17 -36.19 -77.53
CA ARG C 391 -11.89 -35.84 -78.75
C ARG C 391 -10.96 -35.44 -79.89
N ALA C 392 -9.66 -35.55 -79.70
CA ALA C 392 -8.69 -35.05 -80.67
C ALA C 392 -8.06 -36.21 -81.45
N VAL C 393 -7.65 -35.90 -82.69
CA VAL C 393 -6.88 -36.85 -83.49
C VAL C 393 -5.49 -36.99 -82.88
N ALA C 394 -4.98 -38.23 -82.84
CA ALA C 394 -3.65 -38.48 -82.32
C ALA C 394 -2.95 -39.50 -83.23
N ALA C 395 -1.67 -39.27 -83.46
CA ALA C 395 -0.85 -40.21 -84.22
C ALA C 395 -0.53 -41.43 -83.35
N ARG C 396 -0.02 -42.47 -84.01
CA ARG C 396 0.35 -43.69 -83.30
C ARG C 396 1.58 -43.44 -82.43
N THR C 397 1.42 -43.60 -81.12
CA THR C 397 2.48 -43.42 -80.11
C THR C 397 3.55 -44.52 -80.15
N ALA C 398 3.53 -45.38 -81.18
CA ALA C 398 4.41 -46.53 -81.23
C ALA C 398 5.87 -46.12 -81.11
N GLY C 399 6.56 -46.66 -80.12
CA GLY C 399 7.98 -46.42 -79.93
C GLY C 399 8.35 -44.97 -79.67
N ASP C 400 7.44 -44.19 -79.11
CA ASP C 400 7.72 -42.78 -78.82
C ASP C 400 8.51 -42.68 -77.52
N SER C 401 9.60 -41.92 -77.55
CA SER C 401 10.38 -41.68 -76.35
C SER C 401 9.62 -40.75 -75.40
N SER C 402 10.05 -40.73 -74.14
CA SER C 402 9.46 -39.81 -73.18
C SER C 402 9.64 -38.36 -73.60
N PHE C 403 10.68 -38.08 -74.39
CA PHE C 403 10.81 -36.78 -75.02
C PHE C 403 9.65 -36.52 -75.97
N ASP C 404 9.29 -37.50 -76.78
CA ASP C 404 8.20 -37.32 -77.73
C ASP C 404 6.84 -37.24 -77.03
N ARG C 405 6.71 -37.88 -75.86
CA ARG C 405 5.45 -37.78 -75.11
C ARG C 405 5.22 -36.34 -74.65
N ALA C 406 6.25 -35.72 -74.07
CA ALA C 406 6.11 -34.32 -73.65
C ALA C 406 6.05 -33.39 -74.85
N ARG C 407 6.65 -33.79 -75.98
CA ARG C 407 6.60 -32.97 -77.19
C ARG C 407 5.18 -32.84 -77.70
N LYS C 408 4.46 -33.96 -77.81
CA LYS C 408 3.07 -33.90 -78.22
C LYS C 408 2.19 -33.28 -77.14
N GLY C 409 2.52 -33.53 -75.87
CA GLY C 409 1.72 -33.02 -74.77
C GLY C 409 1.78 -31.51 -74.61
N LEU C 410 2.85 -30.87 -75.07
CA LEU C 410 3.00 -29.43 -74.87
C LEU C 410 1.85 -28.65 -75.48
N PHE C 411 1.41 -29.05 -76.67
CA PHE C 411 0.36 -28.32 -77.38
C PHE C 411 -1.04 -28.85 -77.12
N GLU C 412 -1.17 -29.98 -76.42
CA GLU C 412 -2.47 -30.63 -76.32
C GLU C 412 -3.44 -29.77 -75.49
N GLU C 413 -4.72 -29.90 -75.82
CA GLU C 413 -5.76 -29.12 -75.15
C GLU C 413 -5.82 -29.47 -73.67
N GLY C 414 -5.80 -28.44 -72.82
CA GLY C 414 -6.00 -28.65 -71.41
C GLY C 414 -7.46 -28.89 -71.06
N ILE C 415 -7.68 -29.40 -69.86
CA ILE C 415 -9.02 -29.76 -69.39
C ILE C 415 -9.63 -28.55 -68.72
N SER C 416 -10.61 -27.93 -69.37
CA SER C 416 -11.30 -26.79 -68.80
C SER C 416 -12.23 -27.24 -67.68
N THR C 417 -12.63 -26.29 -66.84
CA THR C 417 -13.44 -26.58 -65.67
C THR C 417 -14.43 -25.45 -65.45
N SER C 418 -15.63 -25.81 -64.98
CA SER C 418 -16.62 -24.81 -64.61
C SER C 418 -17.51 -25.38 -63.51
N ARG C 419 -17.98 -24.49 -62.64
CA ARG C 419 -18.85 -24.88 -61.53
C ARG C 419 -20.30 -24.94 -62.02
N MET C 420 -20.92 -26.10 -61.91
CA MET C 420 -22.34 -26.27 -62.21
C MET C 420 -23.06 -26.43 -60.88
N SER C 421 -23.79 -25.40 -60.47
CA SER C 421 -24.39 -25.37 -59.14
C SER C 421 -25.75 -26.07 -59.16
N LEU C 422 -25.97 -26.96 -58.20
CA LEU C 422 -27.25 -27.65 -58.11
C LEU C 422 -28.34 -26.69 -57.66
N ASP C 423 -29.54 -26.87 -58.23
CA ASP C 423 -30.71 -26.18 -57.72
C ASP C 423 -30.92 -26.58 -56.26
N PRO C 424 -30.90 -25.63 -55.31
CA PRO C 424 -30.95 -26.02 -53.89
C PRO C 424 -32.21 -26.78 -53.50
N ALA C 425 -33.33 -26.53 -54.18
CA ALA C 425 -34.55 -27.27 -53.86
C ALA C 425 -34.62 -28.59 -54.60
N ARG C 426 -34.26 -28.61 -55.88
CA ARG C 426 -34.40 -29.80 -56.73
C ARG C 426 -33.05 -30.12 -57.38
N GLY C 427 -32.29 -31.04 -56.79
CA GLY C 427 -30.95 -31.30 -57.28
C GLY C 427 -30.82 -32.48 -58.22
N GLY C 428 -31.89 -33.24 -58.42
CA GLY C 428 -31.82 -34.44 -59.23
C GLY C 428 -31.94 -34.15 -60.72
N VAL C 429 -31.31 -35.02 -61.52
CA VAL C 429 -31.36 -34.87 -62.97
C VAL C 429 -32.79 -35.01 -63.46
N GLU C 430 -33.62 -35.77 -62.75
CA GLU C 430 -35.01 -35.92 -63.16
C GLU C 430 -35.77 -34.62 -62.99
N ASP C 431 -35.35 -33.78 -62.03
CA ASP C 431 -35.93 -32.45 -61.92
C ASP C 431 -35.61 -31.61 -63.15
N LEU C 432 -34.41 -31.76 -63.71
CA LEU C 432 -34.08 -31.04 -64.93
C LEU C 432 -34.83 -31.60 -66.13
N LEU C 433 -34.97 -32.94 -66.20
CA LEU C 433 -35.79 -33.53 -67.24
C LEU C 433 -37.23 -33.04 -67.16
N ASP C 434 -37.78 -32.93 -65.94
CA ASP C 434 -39.08 -32.29 -65.75
C ASP C 434 -39.06 -30.87 -66.31
N HIS C 435 -38.05 -30.10 -65.94
CA HIS C 435 -37.92 -28.72 -66.43
C HIS C 435 -37.85 -28.68 -67.95
N ILE C 436 -37.00 -29.52 -68.53
CA ILE C 436 -36.79 -29.51 -69.98
C ILE C 436 -38.07 -29.94 -70.72
N THR C 437 -38.61 -31.11 -70.36
CA THR C 437 -39.74 -31.65 -71.11
C THR C 437 -41.00 -30.81 -70.89
N SER C 438 -41.15 -30.19 -69.72
CA SER C 438 -42.26 -29.27 -69.52
C SER C 438 -42.18 -28.11 -70.50
N GLY C 439 -40.98 -27.59 -70.74
CA GLY C 439 -40.83 -26.49 -71.67
C GLY C 439 -41.09 -26.89 -73.11
N VAL C 440 -40.51 -28.01 -73.55
CA VAL C 440 -40.65 -28.43 -74.94
C VAL C 440 -42.11 -28.78 -75.24
N ARG C 441 -42.78 -29.45 -74.32
CA ARG C 441 -44.22 -29.70 -74.53
C ARG C 441 -44.98 -28.40 -74.67
N SER C 442 -44.65 -27.41 -73.84
CA SER C 442 -45.31 -26.11 -73.93
C SER C 442 -44.98 -25.43 -75.25
N THR C 443 -43.74 -25.56 -75.72
CA THR C 443 -43.38 -25.05 -77.04
C THR C 443 -44.27 -25.66 -78.11
N CYS C 444 -44.51 -26.96 -78.04
CA CYS C 444 -45.35 -27.64 -79.04
C CYS C 444 -46.78 -27.09 -79.02
N THR C 445 -47.36 -26.93 -77.83
CA THR C 445 -48.71 -26.39 -77.75
C THR C 445 -48.76 -24.96 -78.29
N TYR C 446 -47.71 -24.17 -78.07
CA TYR C 446 -47.67 -22.81 -78.61
C TYR C 446 -47.62 -22.83 -80.14
N VAL C 447 -46.88 -23.77 -80.73
CA VAL C 447 -46.77 -23.85 -82.18
C VAL C 447 -47.99 -24.53 -82.80
N GLY C 448 -48.71 -25.33 -82.02
CA GLY C 448 -49.78 -26.15 -82.57
C GLY C 448 -49.32 -27.51 -83.04
N ALA C 449 -48.21 -28.02 -82.49
CA ALA C 449 -47.64 -29.29 -82.92
C ALA C 449 -47.94 -30.37 -81.90
N ALA C 450 -48.32 -31.55 -82.41
CA ALA C 450 -48.64 -32.69 -81.55
C ALA C 450 -47.45 -33.62 -81.35
N ASN C 451 -46.34 -33.38 -82.05
CA ASN C 451 -45.16 -34.21 -81.94
C ASN C 451 -43.97 -33.40 -82.45
N LEU C 452 -42.78 -33.99 -82.34
CA LEU C 452 -41.56 -33.29 -82.72
C LEU C 452 -41.47 -33.06 -84.23
N PRO C 453 -41.85 -34.02 -85.08
CA PRO C 453 -41.89 -33.72 -86.52
C PRO C 453 -42.80 -32.54 -86.85
N GLU C 454 -43.95 -32.43 -86.20
CA GLU C 454 -44.83 -31.30 -86.46
C GLU C 454 -44.25 -30.00 -85.94
N LEU C 455 -43.42 -30.06 -84.88
CA LEU C 455 -42.79 -28.85 -84.36
C LEU C 455 -41.89 -28.22 -85.40
N HIS C 456 -41.06 -29.02 -86.06
CA HIS C 456 -40.19 -28.48 -87.10
C HIS C 456 -40.99 -28.01 -88.31
N GLU C 457 -42.13 -28.65 -88.61
CA GLU C 457 -42.88 -28.29 -89.81
CA GLU C 457 -42.87 -28.29 -89.82
C GLU C 457 -43.73 -27.03 -89.59
N LYS C 458 -44.32 -26.87 -88.41
CA LYS C 458 -45.27 -25.78 -88.17
C LYS C 458 -44.65 -24.54 -87.54
N VAL C 459 -43.37 -24.58 -87.14
CA VAL C 459 -42.81 -23.48 -86.37
C VAL C 459 -42.59 -22.26 -87.26
N VAL C 460 -42.88 -21.09 -86.71
CA VAL C 460 -42.51 -19.81 -87.31
C VAL C 460 -41.51 -19.14 -86.39
N LEU C 461 -40.35 -18.78 -86.94
CA LEU C 461 -39.25 -18.23 -86.17
C LEU C 461 -39.06 -16.76 -86.51
N GLY C 462 -38.40 -16.05 -85.59
CA GLY C 462 -38.06 -14.66 -85.80
C GLY C 462 -36.74 -14.35 -85.13
N VAL C 463 -36.13 -13.25 -85.58
CA VAL C 463 -34.86 -12.77 -85.05
C VAL C 463 -35.12 -11.57 -84.15
N GLN C 464 -34.39 -11.49 -83.04
CA GLN C 464 -34.49 -10.38 -82.12
C GLN C 464 -33.12 -9.74 -81.91
N SER C 465 -33.13 -8.48 -81.52
CA SER C 465 -31.91 -7.78 -81.17
C SER C 465 -31.45 -8.18 -79.76
N ALA C 466 -30.34 -7.60 -79.31
CA ALA C 466 -29.82 -7.90 -77.99
C ALA C 466 -30.86 -7.64 -76.89
N ALA C 467 -31.66 -6.57 -77.07
CA ALA C 467 -32.67 -6.24 -76.08
C ALA C 467 -33.80 -7.26 -76.04
N GLY C 468 -34.12 -7.87 -77.19
CA GLY C 468 -35.25 -8.80 -77.24
C GLY C 468 -35.11 -9.98 -76.30
N PHE C 469 -33.85 -10.45 -76.11
CA PHE C 469 -33.68 -11.65 -75.25
C PHE C 469 -34.05 -11.29 -73.81
N ALA C 470 -33.79 -10.06 -73.39
CA ALA C 470 -34.01 -9.65 -72.01
C ALA C 470 -35.49 -9.60 -71.62
N GLU C 471 -36.40 -9.78 -72.58
CA GLU C 471 -37.83 -9.78 -72.25
C GLU C 471 -38.18 -10.99 -71.38
N GLY C 472 -38.93 -10.74 -70.32
CA GLY C 472 -39.34 -11.77 -69.40
C GLY C 472 -38.56 -11.75 -68.09
N HIS C 473 -38.55 -12.90 -67.43
CA HIS C 473 -37.95 -13.08 -66.13
C HIS C 473 -36.82 -14.10 -66.22
N PRO C 474 -35.62 -13.81 -65.68
CA PRO C 474 -34.56 -14.83 -65.61
C PRO C 474 -34.76 -15.82 -64.47
N VAL D 2 -48.03 2.97 -88.71
CA VAL D 2 -47.00 3.92 -88.29
C VAL D 2 -45.96 4.09 -89.38
N ARG D 3 -45.35 5.28 -89.43
CA ARG D 3 -44.25 5.55 -90.34
C ARG D 3 -42.92 5.39 -89.63
N PHE D 4 -41.98 4.72 -90.29
CA PHE D 4 -40.60 4.64 -89.84
C PHE D 4 -39.74 5.52 -90.74
N LEU D 5 -38.64 6.02 -90.17
CA LEU D 5 -37.70 6.82 -90.94
C LEU D 5 -37.20 6.04 -92.15
N ASP D 6 -36.72 6.78 -93.16
CA ASP D 6 -36.25 6.19 -94.40
C ASP D 6 -35.12 5.19 -94.15
N GLY D 7 -35.30 3.97 -94.63
CA GLY D 7 -34.30 2.94 -94.51
C GLY D 7 -34.31 2.16 -93.21
N HIS D 8 -35.21 2.47 -92.28
CA HIS D 8 -35.27 1.77 -91.00
C HIS D 8 -36.21 0.57 -91.13
N THR D 9 -35.68 -0.50 -91.73
CA THR D 9 -36.40 -1.76 -91.91
C THR D 9 -35.46 -2.88 -91.48
N PRO D 10 -35.31 -3.09 -90.18
CA PRO D 10 -34.32 -4.07 -89.70
C PRO D 10 -34.79 -5.50 -89.91
N ALA D 11 -33.82 -6.41 -89.91
CA ALA D 11 -34.09 -7.84 -90.10
C ALA D 11 -34.44 -8.53 -88.79
N TYR D 12 -35.02 -7.80 -87.85
CA TYR D 12 -35.42 -8.36 -86.57
C TYR D 12 -36.66 -7.62 -86.08
N ASP D 13 -37.36 -8.23 -85.12
CA ASP D 13 -38.48 -7.57 -84.46
C ASP D 13 -37.97 -6.71 -83.30
N LEU D 14 -38.80 -5.75 -82.92
CA LEU D 14 -38.39 -4.64 -82.07
C LEU D 14 -39.06 -4.69 -80.71
N THR D 15 -38.28 -4.45 -79.66
CA THR D 15 -38.81 -4.21 -78.33
C THR D 15 -38.98 -2.72 -78.11
N TYR D 16 -39.47 -2.34 -76.93
CA TYR D 16 -39.61 -0.93 -76.59
C TYR D 16 -38.26 -0.22 -76.59
N ASN D 17 -37.18 -0.94 -76.29
CA ASN D 17 -35.84 -0.38 -76.25
C ASN D 17 -35.25 -0.14 -77.63
N ASP D 18 -35.84 -0.71 -78.68
CA ASP D 18 -35.27 -0.65 -80.01
C ASP D 18 -35.67 0.60 -80.78
N VAL D 19 -36.70 1.32 -80.34
CA VAL D 19 -37.31 2.37 -81.15
C VAL D 19 -37.32 3.69 -80.39
N PHE D 20 -37.46 4.77 -81.15
CA PHE D 20 -37.59 6.12 -80.62
C PHE D 20 -38.60 6.89 -81.48
N VAL D 21 -39.17 7.94 -80.90
CA VAL D 21 -40.15 8.78 -81.59
C VAL D 21 -39.46 10.05 -82.05
N VAL D 22 -39.61 10.37 -83.33
CA VAL D 22 -39.08 11.62 -83.87
C VAL D 22 -40.13 12.71 -83.68
N PRO D 23 -39.77 13.86 -83.08
CA PRO D 23 -40.75 14.93 -82.93
C PRO D 23 -41.12 15.52 -84.28
N GLY D 24 -42.41 15.88 -84.41
CA GLY D 24 -42.92 16.53 -85.59
C GLY D 24 -43.36 17.96 -85.31
N ARG D 25 -43.86 18.60 -86.36
CA ARG D 25 -44.37 19.96 -86.23
C ARG D 25 -45.63 19.96 -85.36
N SER D 26 -45.66 20.85 -84.38
CA SER D 26 -46.67 20.81 -83.34
C SER D 26 -47.29 22.18 -83.11
N ASP D 27 -48.61 22.20 -82.97
CA ASP D 27 -49.33 23.36 -82.48
C ASP D 27 -49.97 23.10 -81.11
N VAL D 28 -49.65 21.97 -80.48
CA VAL D 28 -50.22 21.60 -79.20
C VAL D 28 -49.38 22.28 -78.11
N ALA D 29 -49.86 23.42 -77.61
CA ALA D 29 -49.10 24.25 -76.70
C ALA D 29 -48.76 23.51 -75.41
N SER D 30 -49.78 23.18 -74.63
CA SER D 30 -49.62 22.71 -73.26
C SER D 30 -49.91 21.22 -73.14
N ARG D 31 -49.24 20.59 -72.16
CA ARG D 31 -49.52 19.20 -71.82
C ARG D 31 -51.00 18.96 -71.53
N PHE D 32 -51.66 19.95 -70.95
CA PHE D 32 -53.05 19.77 -70.56
C PHE D 32 -54.01 19.96 -71.71
N ASP D 33 -53.53 20.39 -72.88
CA ASP D 33 -54.37 20.45 -74.07
C ASP D 33 -54.58 19.07 -74.68
N VAL D 34 -53.78 18.08 -74.30
CA VAL D 34 -53.91 16.75 -74.87
C VAL D 34 -55.04 16.01 -74.17
N ASP D 35 -55.88 15.34 -74.97
CA ASP D 35 -56.95 14.49 -74.45
C ASP D 35 -56.43 13.06 -74.37
N LEU D 36 -56.30 12.54 -73.15
CA LEU D 36 -55.76 11.21 -72.90
C LEU D 36 -56.85 10.14 -72.80
N SER D 37 -58.10 10.48 -73.09
CA SER D 37 -59.16 9.49 -72.97
C SER D 37 -59.08 8.47 -74.10
N THR D 38 -59.52 7.25 -73.80
CA THR D 38 -59.45 6.17 -74.77
C THR D 38 -60.78 6.05 -75.53
N VAL D 39 -60.71 5.36 -76.67
CA VAL D 39 -61.84 5.21 -77.58
C VAL D 39 -62.28 3.76 -77.72
N ASP D 40 -61.76 2.86 -76.89
CA ASP D 40 -62.01 1.43 -77.09
C ASP D 40 -63.24 0.90 -76.36
N GLY D 41 -63.96 1.75 -75.64
CA GLY D 41 -65.09 1.32 -74.85
C GLY D 41 -64.79 0.92 -73.43
N SER D 42 -63.52 0.96 -73.02
CA SER D 42 -63.19 0.66 -71.63
C SER D 42 -63.75 1.69 -70.67
N GLY D 43 -63.83 2.95 -71.12
CA GLY D 43 -64.24 4.04 -70.25
C GLY D 43 -63.12 4.71 -69.51
N THR D 44 -61.86 4.41 -69.83
CA THR D 44 -60.74 5.00 -69.12
C THR D 44 -60.43 6.37 -69.70
N THR D 45 -60.20 7.36 -68.83
CA THR D 45 -59.84 8.70 -69.28
C THR D 45 -58.33 8.89 -69.40
N ILE D 46 -57.56 7.90 -69.00
CA ILE D 46 -56.12 7.84 -69.26
C ILE D 46 -55.83 6.43 -69.78
N PRO D 47 -54.81 6.24 -70.61
CA PRO D 47 -54.56 4.94 -71.25
C PRO D 47 -53.82 3.93 -70.36
N VAL D 48 -54.33 3.70 -69.15
CA VAL D 48 -53.68 2.85 -68.17
C VAL D 48 -54.67 1.81 -67.67
N VAL D 49 -54.33 0.54 -67.84
CA VAL D 49 -55.08 -0.57 -67.27
C VAL D 49 -54.16 -1.34 -66.32
N VAL D 50 -54.69 -1.72 -65.15
CA VAL D 50 -53.93 -2.48 -64.18
C VAL D 50 -54.21 -3.97 -64.39
N ALA D 51 -53.15 -4.76 -64.47
CA ALA D 51 -53.24 -6.16 -64.89
C ALA D 51 -53.99 -7.01 -63.87
N ASN D 52 -54.60 -8.09 -64.36
CA ASN D 52 -55.34 -9.04 -63.54
C ASN D 52 -54.35 -9.95 -62.83
N MET D 53 -53.77 -9.43 -61.76
CA MET D 53 -52.77 -10.14 -61.00
C MET D 53 -53.05 -9.92 -59.52
N THR D 54 -53.03 -11.01 -58.75
CA THR D 54 -53.33 -10.90 -57.33
C THR D 54 -52.32 -10.03 -56.60
N ALA D 55 -51.10 -9.90 -57.13
CA ALA D 55 -50.11 -9.03 -56.52
C ALA D 55 -50.41 -7.56 -56.70
N VAL D 56 -51.34 -7.19 -57.58
CA VAL D 56 -51.59 -5.79 -57.90
C VAL D 56 -53.05 -5.43 -57.73
N ALA D 57 -53.94 -6.20 -58.33
CA ALA D 57 -55.35 -5.80 -58.48
C ALA D 57 -56.12 -6.13 -57.20
N GLY D 58 -56.21 -5.16 -56.29
CA GLY D 58 -56.99 -5.29 -55.08
C GLY D 58 -57.98 -4.15 -54.95
N ARG D 59 -58.72 -4.17 -53.84
CA ARG D 59 -59.78 -3.18 -53.65
C ARG D 59 -59.20 -1.78 -53.49
N ARG D 60 -58.06 -1.65 -52.82
CA ARG D 60 -57.43 -0.33 -52.68
C ARG D 60 -56.88 0.16 -54.01
N MET D 61 -56.24 -0.73 -54.77
CA MET D 61 -55.75 -0.35 -56.09
C MET D 61 -56.91 0.01 -57.03
N ALA D 62 -57.98 -0.81 -57.00
CA ALA D 62 -59.13 -0.56 -57.86
C ALA D 62 -59.75 0.81 -57.61
N GLU D 63 -59.91 1.18 -56.33
CA GLU D 63 -60.44 2.49 -55.99
C GLU D 63 -59.51 3.60 -56.47
N THR D 64 -58.21 3.47 -56.19
CA THR D 64 -57.30 4.59 -56.39
C THR D 64 -57.10 4.90 -57.87
N VAL D 65 -56.96 3.85 -58.70
CA VAL D 65 -56.69 4.06 -60.11
C VAL D 65 -57.93 4.52 -60.86
N ALA D 66 -59.11 3.97 -60.50
CA ALA D 66 -60.35 4.37 -61.15
C ALA D 66 -60.65 5.84 -60.93
N ARG D 67 -60.40 6.34 -59.71
CA ARG D 67 -60.65 7.76 -59.45
C ARG D 67 -59.79 8.66 -60.34
N ARG D 68 -58.65 8.17 -60.79
CA ARG D 68 -57.75 8.94 -61.64
C ARG D 68 -57.90 8.60 -63.13
N GLY D 69 -58.90 7.80 -63.49
CA GLY D 69 -59.25 7.59 -64.88
C GLY D 69 -58.84 6.25 -65.44
N GLY D 70 -58.09 5.44 -64.69
CA GLY D 70 -57.75 4.11 -65.13
C GLY D 70 -58.85 3.13 -64.81
N ILE D 71 -58.53 1.86 -65.04
CA ILE D 71 -59.41 0.76 -64.64
C ILE D 71 -58.54 -0.41 -64.22
N VAL D 72 -59.05 -1.20 -63.27
CA VAL D 72 -58.35 -2.34 -62.69
C VAL D 72 -59.13 -3.60 -62.99
N VAL D 73 -58.46 -4.59 -63.56
CA VAL D 73 -59.07 -5.89 -63.87
C VAL D 73 -58.83 -6.83 -62.69
N LEU D 74 -59.91 -7.23 -62.02
CA LEU D 74 -59.79 -8.18 -60.92
C LEU D 74 -59.29 -9.52 -61.43
N PRO D 75 -58.42 -10.20 -60.68
CA PRO D 75 -57.82 -11.44 -61.19
C PRO D 75 -58.84 -12.57 -61.30
N GLN D 76 -58.59 -13.45 -62.27
CA GLN D 76 -59.50 -14.57 -62.50
C GLN D 76 -59.49 -15.53 -61.32
N ASP D 77 -60.57 -16.30 -61.21
CA ASP D 77 -60.81 -17.26 -60.14
C ASP D 77 -60.90 -16.60 -58.76
N LEU D 78 -61.18 -15.31 -58.72
CA LEU D 78 -61.55 -14.67 -57.46
C LEU D 78 -62.99 -15.05 -57.13
N PRO D 79 -63.24 -15.65 -55.96
CA PRO D 79 -64.61 -16.13 -55.66
C PRO D 79 -65.64 -15.02 -55.86
N ILE D 80 -66.81 -15.43 -56.38
CA ILE D 80 -67.82 -14.47 -56.80
C ILE D 80 -68.27 -13.59 -55.64
N THR D 81 -68.24 -14.11 -54.41
CA THR D 81 -68.63 -13.29 -53.26
C THR D 81 -67.59 -12.21 -53.00
N ALA D 82 -66.30 -12.51 -53.22
CA ALA D 82 -65.26 -11.51 -53.06
C ALA D 82 -65.30 -10.49 -54.19
N VAL D 83 -65.62 -10.92 -55.41
CA VAL D 83 -65.82 -10.00 -56.52
C VAL D 83 -66.89 -8.97 -56.15
N SER D 84 -68.11 -9.45 -55.89
CA SER D 84 -69.22 -8.54 -55.54
C SER D 84 -68.88 -7.68 -54.34
N GLU D 85 -68.17 -8.24 -53.37
CA GLU D 85 -67.73 -7.44 -52.23
C GLU D 85 -66.77 -6.33 -52.67
N THR D 86 -65.87 -6.64 -53.59
CA THR D 86 -64.92 -5.63 -54.08
C THR D 86 -65.61 -4.59 -54.96
N VAL D 87 -66.53 -5.04 -55.83
CA VAL D 87 -67.23 -4.11 -56.71
C VAL D 87 -68.06 -3.13 -55.88
N ASP D 88 -68.79 -3.63 -54.89
CA ASP D 88 -69.61 -2.76 -54.06
C ASP D 88 -68.77 -1.73 -53.32
N PHE D 89 -67.58 -2.13 -52.87
CA PHE D 89 -66.70 -1.18 -52.18
C PHE D 89 -66.25 -0.07 -53.13
N VAL D 90 -65.78 -0.45 -54.32
CA VAL D 90 -65.26 0.55 -55.26
C VAL D 90 -66.37 1.50 -55.69
N LYS D 91 -67.53 0.96 -56.06
CA LYS D 91 -68.62 1.78 -56.56
C LYS D 91 -69.32 2.58 -55.47
N SER D 92 -68.99 2.37 -54.20
CA SER D 92 -69.45 3.23 -53.13
C SER D 92 -68.41 4.27 -52.72
N ARG D 93 -67.29 4.34 -53.44
CA ARG D 93 -66.27 5.34 -53.16
C ARG D 93 -66.64 6.69 -53.76
N ASP D 94 -66.25 7.75 -53.05
CA ASP D 94 -66.45 9.09 -53.56
C ASP D 94 -65.52 9.37 -54.74
N LEU D 95 -65.97 10.21 -55.66
CA LEU D 95 -65.24 10.47 -56.89
C LEU D 95 -64.08 11.45 -56.69
N VAL D 96 -64.00 12.10 -55.53
CA VAL D 96 -62.96 13.08 -55.27
C VAL D 96 -62.24 12.74 -53.98
N VAL D 97 -63.02 12.53 -52.92
CA VAL D 97 -62.49 12.22 -51.60
C VAL D 97 -62.03 10.76 -51.54
N ASP D 98 -60.92 10.51 -50.89
CA ASP D 98 -60.29 9.20 -50.84
C ASP D 98 -60.58 8.52 -49.50
N THR D 99 -60.53 7.19 -49.52
CA THR D 99 -60.73 6.40 -48.32
C THR D 99 -59.43 6.36 -47.51
N PRO D 100 -59.43 6.81 -46.26
CA PRO D 100 -58.21 6.79 -45.46
C PRO D 100 -58.05 5.50 -44.65
N VAL D 101 -56.83 5.32 -44.13
CA VAL D 101 -56.60 4.32 -43.09
C VAL D 101 -57.26 4.79 -41.81
N THR D 102 -58.05 3.90 -41.18
CA THR D 102 -58.75 4.20 -39.96
C THR D 102 -58.13 3.44 -38.78
N LEU D 103 -58.15 4.08 -37.61
CA LEU D 103 -57.59 3.51 -36.40
C LEU D 103 -58.58 3.64 -35.25
N SER D 104 -58.57 2.64 -34.38
CA SER D 104 -59.29 2.76 -33.13
C SER D 104 -58.46 3.57 -32.14
N PRO D 105 -59.12 4.29 -31.22
CA PRO D 105 -58.38 4.90 -30.11
C PRO D 105 -57.65 3.89 -29.25
N GLU D 106 -58.02 2.61 -29.36
CA GLU D 106 -57.41 1.56 -28.50
C GLU D 106 -56.39 0.75 -29.29
N ASP D 107 -56.18 1.05 -30.57
CA ASP D 107 -55.14 0.36 -31.32
C ASP D 107 -53.76 0.78 -30.82
N SER D 108 -52.79 -0.11 -31.00
CA SER D 108 -51.44 0.17 -30.56
C SER D 108 -50.68 1.00 -31.59
N VAL D 109 -49.72 1.79 -31.11
CA VAL D 109 -48.83 2.54 -32.00
C VAL D 109 -48.17 1.60 -33.00
N SER D 110 -47.79 0.40 -32.54
CA SER D 110 -47.17 -0.57 -33.42
C SER D 110 -48.11 -0.98 -34.56
N ASP D 111 -49.40 -1.15 -34.25
CA ASP D 111 -50.37 -1.47 -35.29
C ASP D 111 -50.59 -0.29 -36.23
N ALA D 112 -50.56 0.94 -35.70
CA ALA D 112 -50.74 2.11 -36.54
C ALA D 112 -49.59 2.26 -37.53
N ASN D 113 -48.36 2.04 -37.07
CA ASN D 113 -47.20 2.14 -37.96
C ASN D 113 -47.33 1.19 -39.14
N ALA D 114 -47.93 0.01 -38.94
CA ALA D 114 -48.07 -0.96 -40.01
C ALA D 114 -49.14 -0.54 -41.01
N LEU D 115 -50.31 -0.11 -40.51
CA LEU D 115 -51.44 0.20 -41.37
C LEU D 115 -51.28 1.52 -42.12
N LEU D 116 -50.39 2.41 -41.66
CA LEU D 116 -50.27 3.73 -42.28
C LEU D 116 -49.90 3.64 -43.75
N HIS D 117 -49.07 2.66 -44.12
CA HIS D 117 -48.55 2.55 -45.48
C HIS D 117 -49.47 1.77 -46.43
N LYS D 118 -50.71 1.47 -45.99
CA LYS D 118 -51.71 0.95 -46.91
C LYS D 118 -52.28 2.02 -47.82
N ARG D 119 -52.06 3.29 -47.50
CA ARG D 119 -52.47 4.41 -48.33
C ARG D 119 -51.31 5.39 -48.40
N ALA D 120 -51.40 6.32 -49.35
CA ALA D 120 -50.34 7.30 -49.57
C ALA D 120 -50.61 8.62 -48.86
N HIS D 121 -51.56 8.67 -47.94
CA HIS D 121 -51.94 9.93 -47.32
C HIS D 121 -50.94 10.40 -46.27
N GLY D 122 -50.07 9.51 -45.78
CA GLY D 122 -49.14 9.88 -44.74
C GLY D 122 -49.76 10.10 -43.38
N ALA D 123 -51.07 9.86 -43.23
CA ALA D 123 -51.73 10.01 -41.96
C ALA D 123 -52.95 9.08 -41.93
N ALA D 124 -53.35 8.69 -40.73
CA ALA D 124 -54.53 7.87 -40.51
C ALA D 124 -55.48 8.63 -39.60
N VAL D 125 -56.75 8.24 -39.62
CA VAL D 125 -57.81 8.92 -38.88
C VAL D 125 -58.26 8.03 -37.74
N VAL D 126 -58.30 8.58 -36.54
CA VAL D 126 -58.85 7.89 -35.38
C VAL D 126 -60.35 8.13 -35.37
N VAL D 127 -61.12 7.05 -35.24
CA VAL D 127 -62.57 7.09 -35.33
C VAL D 127 -63.17 6.51 -34.05
N PHE D 128 -64.10 7.23 -33.46
CA PHE D 128 -64.91 6.75 -32.34
C PHE D 128 -66.37 6.95 -32.69
N GLU D 129 -67.12 5.85 -32.78
CA GLU D 129 -68.53 5.88 -33.19
C GLU D 129 -68.68 6.53 -34.56
N GLY D 130 -67.80 6.14 -35.48
CA GLY D 130 -67.84 6.65 -36.84
C GLY D 130 -67.37 8.08 -37.01
N ARG D 131 -67.00 8.77 -35.93
CA ARG D 131 -66.64 10.16 -36.11
C ARG D 131 -65.14 10.37 -35.94
N PRO D 132 -64.53 11.20 -36.78
CA PRO D 132 -63.08 11.44 -36.66
C PRO D 132 -62.77 12.24 -35.41
N ILE D 133 -61.86 11.71 -34.59
CA ILE D 133 -61.44 12.39 -33.36
C ILE D 133 -59.98 12.85 -33.42
N GLY D 134 -59.23 12.51 -34.46
CA GLY D 134 -57.85 12.94 -34.55
C GLY D 134 -57.11 12.25 -35.66
N LEU D 135 -55.90 12.73 -35.92
CA LEU D 135 -55.03 12.21 -36.96
C LEU D 135 -53.78 11.59 -36.36
N VAL D 136 -53.30 10.52 -36.98
CA VAL D 136 -52.10 9.81 -36.56
C VAL D 136 -51.10 9.86 -37.70
N THR D 137 -49.89 10.32 -37.40
CA THR D 137 -48.82 10.42 -38.37
C THR D 137 -47.67 9.51 -37.96
N GLU D 138 -46.87 9.13 -38.96
CA GLU D 138 -45.66 8.36 -38.71
C GLU D 138 -44.73 9.07 -37.73
N ALA D 139 -44.72 10.40 -37.74
CA ALA D 139 -43.86 11.14 -36.81
C ALA D 139 -44.33 10.98 -35.38
N ASN D 140 -45.65 11.00 -35.15
CA ASN D 140 -46.17 10.81 -33.80
C ASN D 140 -45.88 9.42 -33.25
N CYS D 141 -45.61 8.45 -34.11
CA CYS D 141 -45.33 7.09 -33.66
C CYS D 141 -43.90 6.88 -33.22
N ALA D 142 -43.00 7.81 -33.53
CA ALA D 142 -41.60 7.65 -33.17
C ALA D 142 -41.31 8.24 -31.79
N GLY D 143 -40.40 7.61 -31.07
CA GLY D 143 -40.04 8.08 -29.74
C GLY D 143 -41.07 7.79 -28.68
N VAL D 144 -42.05 6.93 -28.96
CA VAL D 144 -43.11 6.59 -28.01
C VAL D 144 -43.12 5.07 -27.83
N ASP D 145 -43.69 4.64 -26.70
CA ASP D 145 -43.78 3.22 -26.42
C ASP D 145 -44.51 2.51 -27.56
N ARG D 146 -43.84 1.51 -28.13
CA ARG D 146 -44.38 0.74 -29.24
C ARG D 146 -45.81 0.28 -28.99
N PHE D 147 -46.16 -0.02 -27.74
CA PHE D 147 -47.49 -0.50 -27.42
C PHE D 147 -48.34 0.53 -26.69
N ALA D 148 -47.92 1.80 -26.67
CA ALA D 148 -48.81 2.86 -26.23
C ALA D 148 -50.06 2.89 -27.11
N ARG D 149 -51.14 3.41 -26.55
CA ARG D 149 -52.42 3.49 -27.26
C ARG D 149 -52.44 4.68 -28.20
N VAL D 150 -53.10 4.52 -29.34
CA VAL D 150 -53.16 5.61 -30.37
C VAL D 150 -53.84 6.84 -29.78
N ARG D 151 -54.71 6.64 -28.79
CA ARG D 151 -55.42 7.75 -28.12
C ARG D 151 -54.44 8.76 -27.55
N ASP D 152 -53.22 8.32 -27.27
CA ASP D 152 -52.26 9.21 -26.61
C ASP D 152 -51.55 10.12 -27.62
N ILE D 153 -50.99 9.54 -28.69
CA ILE D 153 -50.17 10.30 -29.64
C ILE D 153 -51.00 10.98 -30.72
N ALA D 154 -52.31 10.80 -30.74
CA ALA D 154 -53.13 11.35 -31.81
C ALA D 154 -53.22 12.87 -31.70
N LEU D 155 -53.18 13.54 -32.84
CA LEU D 155 -53.32 14.98 -32.90
C LEU D 155 -54.81 15.34 -32.94
N SER D 156 -55.25 16.14 -31.98
CA SER D 156 -56.67 16.50 -31.91
C SER D 156 -57.04 17.60 -32.89
N ASP D 157 -56.09 18.45 -33.28
CA ASP D 157 -56.36 19.58 -34.15
C ASP D 157 -55.99 19.22 -35.58
N PHE D 158 -56.99 19.22 -36.46
CA PHE D 158 -56.82 18.85 -37.85
C PHE D 158 -57.83 19.60 -38.70
N VAL D 159 -57.47 19.85 -39.96
CA VAL D 159 -58.37 20.53 -40.87
C VAL D 159 -59.51 19.60 -41.27
N THR D 160 -60.74 20.08 -41.14
CA THR D 160 -61.91 19.31 -41.52
C THR D 160 -62.83 20.18 -42.38
N ALA D 161 -63.54 19.52 -43.29
CA ALA D 161 -64.49 20.17 -44.18
C ALA D 161 -65.54 19.15 -44.59
N PRO D 162 -66.78 19.59 -44.82
CA PRO D 162 -67.81 18.64 -45.24
C PRO D 162 -67.57 18.13 -46.65
N VAL D 163 -67.90 16.86 -46.87
CA VAL D 163 -67.74 16.27 -48.20
C VAL D 163 -68.62 17.04 -49.19
N GLY D 164 -68.11 17.20 -50.40
CA GLY D 164 -68.75 18.04 -51.39
C GLY D 164 -68.13 19.41 -51.52
N THR D 165 -67.32 19.83 -50.56
CA THR D 165 -66.53 21.05 -50.71
C THR D 165 -65.64 20.94 -51.93
N ASP D 166 -65.48 22.06 -52.64
CA ASP D 166 -64.71 22.06 -53.87
C ASP D 166 -63.24 21.78 -53.58
N PRO D 167 -62.57 20.97 -54.40
CA PRO D 167 -61.13 20.70 -54.18
C PRO D 167 -60.29 21.95 -54.04
N ARG D 168 -60.59 23.00 -54.81
CA ARG D 168 -59.80 24.22 -54.73
C ARG D 168 -59.93 24.87 -53.35
N GLU D 169 -61.10 24.76 -52.74
CA GLU D 169 -61.29 25.32 -51.40
C GLU D 169 -60.56 24.49 -50.35
N VAL D 170 -60.74 23.17 -50.39
CA VAL D 170 -60.01 22.27 -49.50
C VAL D 170 -58.51 22.48 -49.64
N PHE D 171 -58.04 22.63 -50.89
CA PHE D 171 -56.63 22.94 -51.11
C PHE D 171 -56.22 24.21 -50.37
N ASP D 172 -57.07 25.24 -50.39
CA ASP D 172 -56.73 26.48 -49.71
C ASP D 172 -56.77 26.33 -48.20
N LEU D 173 -57.66 25.49 -47.67
CA LEU D 173 -57.72 25.30 -46.22
C LEU D 173 -56.44 24.65 -45.70
N LEU D 174 -55.82 23.77 -46.48
CA LEU D 174 -54.64 23.04 -46.07
C LEU D 174 -53.34 23.82 -46.25
N GLU D 175 -53.40 25.04 -46.78
CA GLU D 175 -52.16 25.74 -47.13
C GLU D 175 -51.25 25.93 -45.92
N HIS D 176 -51.82 26.38 -44.79
CA HIS D 176 -51.05 26.62 -43.58
C HIS D 176 -51.26 25.52 -42.53
N ALA D 177 -51.89 24.42 -42.90
CA ALA D 177 -52.08 23.32 -41.97
C ALA D 177 -50.75 22.63 -41.68
N PRO D 178 -50.53 22.18 -40.44
CA PRO D 178 -49.32 21.39 -40.18
C PRO D 178 -49.34 20.03 -40.86
N ILE D 179 -50.52 19.41 -40.96
CA ILE D 179 -50.69 18.13 -41.65
C ILE D 179 -51.43 18.39 -42.95
N ASP D 180 -50.94 17.81 -44.04
CA ASP D 180 -51.49 17.98 -45.37
C ASP D 180 -52.73 17.11 -45.62
N VAL D 181 -53.38 16.60 -44.57
CA VAL D 181 -54.59 15.80 -44.69
C VAL D 181 -55.77 16.63 -44.23
N ALA D 182 -56.85 16.61 -44.99
CA ALA D 182 -58.12 17.26 -44.61
C ALA D 182 -59.17 16.19 -44.42
N VAL D 183 -59.71 16.10 -43.20
CA VAL D 183 -60.72 15.10 -42.90
C VAL D 183 -62.07 15.57 -43.46
N MET D 184 -62.68 14.74 -44.30
CA MET D 184 -63.94 15.08 -44.92
C MET D 184 -65.08 14.44 -44.14
N THR D 185 -66.08 15.25 -43.79
CA THR D 185 -67.16 14.83 -42.91
C THR D 185 -68.45 14.65 -43.71
N ALA D 186 -69.15 13.54 -43.43
CA ALA D 186 -70.42 13.22 -44.05
C ALA D 186 -71.49 14.18 -43.51
N PRO D 187 -72.70 14.15 -44.07
CA PRO D 187 -73.78 15.02 -43.54
C PRO D 187 -73.99 14.88 -42.03
N ASP D 188 -74.04 13.66 -41.50
CA ASP D 188 -74.26 13.47 -40.07
C ASP D 188 -73.01 13.70 -39.23
N GLY D 189 -71.92 14.17 -39.82
CA GLY D 189 -70.70 14.44 -39.10
C GLY D 189 -69.70 13.30 -39.07
N THR D 190 -70.08 12.12 -39.56
CA THR D 190 -69.21 10.96 -39.53
C THR D 190 -68.16 11.07 -40.64
N LEU D 191 -67.26 10.09 -40.70
CA LEU D 191 -66.14 10.11 -41.65
C LEU D 191 -66.64 9.83 -43.06
N ALA D 192 -66.38 10.77 -43.97
CA ALA D 192 -66.56 10.54 -45.39
C ALA D 192 -65.27 10.04 -46.03
N GLY D 193 -64.19 10.80 -45.87
CA GLY D 193 -62.86 10.38 -46.32
C GLY D 193 -61.81 11.43 -46.03
N VAL D 194 -60.72 11.44 -46.82
CA VAL D 194 -59.67 12.43 -46.68
C VAL D 194 -59.33 12.99 -48.06
N LEU D 195 -58.85 14.23 -48.07
CA LEU D 195 -58.36 14.84 -49.29
C LEU D 195 -57.09 15.60 -48.94
N THR D 196 -56.02 15.34 -49.67
CA THR D 196 -54.77 16.05 -49.46
C THR D 196 -54.62 17.15 -50.52
N ARG D 197 -53.60 18.00 -50.33
CA ARG D 197 -53.37 19.05 -51.30
C ARG D 197 -53.08 18.49 -52.67
N THR D 198 -52.27 17.42 -52.73
CA THR D 198 -52.00 16.78 -54.01
C THR D 198 -53.25 16.05 -54.51
N GLY D 199 -54.00 15.42 -53.62
CA GLY D 199 -55.26 14.81 -54.02
C GLY D 199 -56.24 15.82 -54.58
N ALA D 200 -56.24 17.04 -54.03
CA ALA D 200 -57.13 18.08 -54.56
C ALA D 200 -56.66 18.57 -55.92
N ILE D 201 -55.35 18.70 -56.11
CA ILE D 201 -54.80 19.06 -57.42
C ILE D 201 -55.16 18.00 -58.45
N ARG D 202 -55.00 16.73 -58.11
CA ARG D 202 -55.27 15.64 -59.04
C ARG D 202 -56.73 15.63 -59.49
N ALA D 203 -57.65 16.07 -58.62
CA ALA D 203 -59.06 16.13 -59.01
C ALA D 203 -59.28 17.08 -60.19
N GLY D 204 -58.43 18.10 -60.32
CA GLY D 204 -58.54 19.02 -61.44
C GLY D 204 -57.63 18.67 -62.61
N ILE D 205 -57.18 17.42 -62.66
CA ILE D 205 -56.31 16.95 -63.73
C ILE D 205 -56.88 15.68 -64.33
N TYR D 206 -57.23 14.72 -63.47
CA TYR D 206 -57.75 13.43 -63.90
C TYR D 206 -59.26 13.40 -63.83
N THR D 207 -59.88 12.90 -64.90
CA THR D 207 -61.32 12.65 -64.90
C THR D 207 -61.57 11.23 -64.41
N PRO D 208 -62.37 11.02 -63.38
CA PRO D 208 -62.65 9.66 -62.92
C PRO D 208 -63.30 8.81 -64.01
N ALA D 209 -63.01 7.51 -63.97
CA ALA D 209 -63.59 6.54 -64.88
C ALA D 209 -64.84 5.97 -64.22
N VAL D 210 -66.02 6.34 -64.74
CA VAL D 210 -67.28 6.05 -64.07
C VAL D 210 -68.20 5.27 -65.01
N ASP D 211 -69.14 4.55 -64.41
CA ASP D 211 -70.17 3.83 -65.15
C ASP D 211 -71.36 4.76 -65.41
N ALA D 212 -72.45 4.20 -65.93
CA ALA D 212 -73.62 5.01 -66.21
C ALA D 212 -74.20 5.63 -64.95
N LYS D 213 -74.06 4.96 -63.80
CA LYS D 213 -74.57 5.52 -62.55
C LYS D 213 -73.64 6.54 -61.92
N GLY D 214 -72.49 6.82 -62.53
CA GLY D 214 -71.54 7.75 -61.94
C GLY D 214 -70.70 7.14 -60.84
N ARG D 215 -70.48 5.83 -60.87
CA ARG D 215 -69.67 5.14 -59.88
C ARG D 215 -68.42 4.57 -60.56
N LEU D 216 -67.34 4.48 -59.78
CA LEU D 216 -66.04 4.10 -60.33
C LEU D 216 -66.10 2.80 -61.10
N ARG D 217 -65.39 2.76 -62.23
CA ARG D 217 -65.35 1.58 -63.09
C ARG D 217 -64.41 0.51 -62.53
N ILE D 218 -64.80 -0.75 -62.73
CA ILE D 218 -63.99 -1.88 -62.33
C ILE D 218 -64.23 -3.01 -63.33
N ALA D 219 -63.21 -3.84 -63.53
CA ALA D 219 -63.27 -4.91 -64.51
C ALA D 219 -62.93 -6.24 -63.85
N ALA D 220 -63.27 -7.33 -64.53
CA ALA D 220 -62.98 -8.66 -63.99
C ALA D 220 -62.47 -9.55 -65.10
N ALA D 221 -61.66 -10.54 -64.73
CA ALA D 221 -61.07 -11.47 -65.67
C ALA D 221 -61.56 -12.88 -65.40
N VAL D 222 -61.48 -13.72 -66.43
CA VAL D 222 -61.90 -15.11 -66.35
C VAL D 222 -60.98 -15.95 -67.22
N GLY D 223 -60.65 -17.17 -66.74
CA GLY D 223 -59.92 -18.13 -67.55
C GLY D 223 -60.83 -18.95 -68.44
N ILE D 224 -60.23 -19.65 -69.39
CA ILE D 224 -60.99 -20.38 -70.40
C ILE D 224 -61.28 -21.81 -69.96
N ASN D 225 -61.00 -22.11 -68.70
CA ASN D 225 -61.36 -23.40 -68.13
C ASN D 225 -62.74 -23.34 -67.48
N GLY D 226 -63.33 -24.52 -67.30
CA GLY D 226 -64.62 -24.59 -66.64
C GLY D 226 -65.73 -24.03 -67.52
N ASP D 227 -66.78 -23.53 -66.87
CA ASP D 227 -67.92 -22.94 -67.57
C ASP D 227 -67.66 -21.45 -67.73
N VAL D 228 -67.16 -21.04 -68.89
CA VAL D 228 -66.73 -19.66 -69.08
C VAL D 228 -67.93 -18.74 -69.18
N GLY D 229 -68.99 -19.17 -69.87
CA GLY D 229 -70.17 -18.34 -70.01
C GLY D 229 -70.86 -18.07 -68.68
N ALA D 230 -70.95 -19.09 -67.82
CA ALA D 230 -71.57 -18.90 -66.51
C ALA D 230 -70.72 -17.99 -65.64
N LYS D 231 -69.40 -18.15 -65.67
CA LYS D 231 -68.53 -17.30 -64.87
C LYS D 231 -68.60 -15.85 -65.33
N ALA D 232 -68.53 -15.63 -66.65
CA ALA D 232 -68.62 -14.28 -67.19
C ALA D 232 -69.98 -13.65 -66.86
N GLN D 233 -71.05 -14.46 -66.92
CA GLN D 233 -72.37 -13.93 -66.58
C GLN D 233 -72.42 -13.51 -65.12
N ALA D 234 -71.89 -14.33 -64.22
CA ALA D 234 -71.85 -13.95 -62.81
C ALA D 234 -71.06 -12.67 -62.60
N LEU D 235 -69.91 -12.55 -63.26
CA LEU D 235 -69.11 -11.33 -63.15
C LEU D 235 -69.90 -10.12 -63.62
N ALA D 236 -70.63 -10.26 -64.73
CA ALA D 236 -71.47 -9.17 -65.21
C ALA D 236 -72.58 -8.84 -64.21
N GLU D 237 -73.28 -9.87 -63.72
CA GLU D 237 -74.30 -9.65 -62.71
C GLU D 237 -73.72 -9.05 -61.44
N ALA D 238 -72.46 -9.38 -61.11
CA ALA D 238 -71.82 -8.83 -59.92
C ALA D 238 -71.49 -7.35 -60.06
N GLY D 239 -71.58 -6.78 -61.26
CA GLY D 239 -71.40 -5.36 -61.47
C GLY D 239 -70.19 -4.96 -62.28
N ALA D 240 -69.42 -5.90 -62.81
CA ALA D 240 -68.25 -5.56 -63.61
C ALA D 240 -68.64 -4.77 -64.86
N ASP D 241 -67.85 -3.76 -65.18
CA ASP D 241 -68.04 -2.92 -66.36
C ASP D 241 -67.28 -3.41 -67.57
N LEU D 242 -66.40 -4.40 -67.42
CA LEU D 242 -65.63 -4.91 -68.54
C LEU D 242 -65.16 -6.32 -68.19
N LEU D 243 -65.08 -7.17 -69.20
CA LEU D 243 -64.69 -8.56 -69.02
C LEU D 243 -63.41 -8.84 -69.81
N VAL D 244 -62.52 -9.63 -69.20
CA VAL D 244 -61.25 -10.03 -69.83
C VAL D 244 -61.18 -11.54 -69.82
N ILE D 245 -61.16 -12.14 -71.01
CA ILE D 245 -60.95 -13.58 -71.15
C ILE D 245 -59.46 -13.79 -71.37
N ASP D 246 -58.78 -14.29 -70.34
CA ASP D 246 -57.32 -14.27 -70.30
C ASP D 246 -56.76 -15.68 -70.25
N THR D 247 -55.76 -15.94 -71.08
CA THR D 247 -55.00 -17.18 -71.04
C THR D 247 -53.62 -16.90 -71.62
N ALA D 248 -52.67 -17.78 -71.30
CA ALA D 248 -51.30 -17.62 -71.78
C ALA D 248 -51.25 -17.67 -73.30
N HIS D 249 -51.81 -18.72 -73.90
CA HIS D 249 -51.79 -18.89 -75.35
C HIS D 249 -53.18 -18.57 -75.89
N GLY D 250 -53.37 -17.35 -76.36
CA GLY D 250 -54.68 -16.94 -76.83
C GLY D 250 -55.06 -17.48 -78.18
N HIS D 251 -54.10 -17.89 -79.00
CA HIS D 251 -54.39 -18.41 -80.34
C HIS D 251 -54.59 -19.92 -80.23
N GLN D 252 -55.77 -20.30 -79.75
CA GLN D 252 -56.02 -21.66 -79.31
C GLN D 252 -57.51 -21.93 -79.42
N ALA D 253 -57.85 -23.15 -79.83
CA ALA D 253 -59.26 -23.49 -80.07
C ALA D 253 -60.11 -23.23 -78.85
N LYS D 254 -59.62 -23.60 -77.66
CA LYS D 254 -60.42 -23.46 -76.45
C LYS D 254 -60.71 -22.00 -76.14
N MET D 255 -59.81 -21.08 -76.53
CA MET D 255 -60.08 -19.66 -76.34
C MET D 255 -61.16 -19.17 -77.29
N LEU D 256 -61.17 -19.68 -78.53
CA LEU D 256 -62.21 -19.28 -79.48
C LEU D 256 -63.58 -19.73 -79.01
N ASP D 257 -63.65 -20.90 -78.37
CA ASP D 257 -64.92 -21.37 -77.79
C ASP D 257 -65.39 -20.44 -76.68
N ALA D 258 -64.48 -20.07 -75.77
CA ALA D 258 -64.87 -19.26 -74.62
C ALA D 258 -65.38 -17.88 -75.05
N ILE D 259 -64.79 -17.32 -76.09
CA ILE D 259 -65.24 -16.01 -76.58
C ILE D 259 -66.66 -16.13 -77.14
N LYS D 260 -66.91 -17.17 -77.94
CA LYS D 260 -68.25 -17.35 -78.50
C LYS D 260 -69.27 -17.61 -77.40
N ALA D 261 -68.91 -18.41 -76.39
CA ALA D 261 -69.84 -18.67 -75.30
C ALA D 261 -70.19 -17.40 -74.54
N VAL D 262 -69.23 -16.49 -74.38
CA VAL D 262 -69.50 -15.25 -73.66
C VAL D 262 -70.18 -14.24 -74.58
N ALA D 263 -69.75 -14.16 -75.83
CA ALA D 263 -70.38 -13.23 -76.77
C ALA D 263 -71.84 -13.58 -77.01
N SER D 264 -72.16 -14.87 -77.06
CA SER D 264 -73.53 -15.30 -77.33
C SER D 264 -74.50 -14.91 -76.22
N LEU D 265 -73.99 -14.63 -75.02
CA LEU D 265 -74.86 -14.25 -73.91
C LEU D 265 -75.30 -12.79 -73.98
N ASP D 266 -74.73 -12.01 -74.89
CA ASP D 266 -75.16 -10.62 -75.11
C ASP D 266 -75.16 -9.84 -73.81
N LEU D 267 -74.02 -9.88 -73.11
CA LEU D 267 -73.92 -9.25 -71.80
C LEU D 267 -73.85 -7.72 -71.88
N GLY D 268 -73.49 -7.18 -73.05
CA GLY D 268 -73.47 -5.74 -73.24
C GLY D 268 -72.23 -5.02 -72.76
N LEU D 269 -71.22 -5.75 -72.25
CA LEU D 269 -69.95 -5.21 -71.78
C LEU D 269 -68.87 -5.40 -72.83
N PRO D 270 -67.86 -4.53 -72.84
CA PRO D 270 -66.72 -4.75 -73.74
C PRO D 270 -66.02 -6.06 -73.41
N LEU D 271 -65.69 -6.83 -74.46
CA LEU D 271 -65.07 -8.14 -74.33
C LEU D 271 -63.60 -8.05 -74.76
N VAL D 272 -62.69 -8.21 -73.79
CA VAL D 272 -61.26 -8.30 -74.05
C VAL D 272 -60.87 -9.77 -74.09
N ALA D 273 -59.93 -10.13 -74.96
CA ALA D 273 -59.43 -11.50 -74.99
C ALA D 273 -57.96 -11.49 -75.39
N GLY D 274 -57.20 -12.41 -74.82
CA GLY D 274 -55.79 -12.52 -75.13
C GLY D 274 -55.19 -13.69 -74.38
N ASN D 275 -53.90 -13.93 -74.62
CA ASN D 275 -53.06 -13.03 -75.40
C ASN D 275 -52.57 -13.67 -76.69
N VAL D 276 -52.38 -12.83 -77.71
CA VAL D 276 -51.78 -13.23 -78.97
C VAL D 276 -50.74 -12.19 -79.35
N VAL D 277 -49.83 -12.57 -80.23
CA VAL D 277 -48.82 -11.67 -80.76
C VAL D 277 -48.83 -11.61 -82.29
N SER D 278 -49.78 -12.26 -82.94
CA SER D 278 -49.81 -12.32 -84.40
C SER D 278 -51.06 -11.64 -84.95
N ALA D 279 -50.95 -11.14 -86.18
CA ALA D 279 -52.10 -10.58 -86.86
C ALA D 279 -53.18 -11.64 -87.07
N GLU D 280 -52.76 -12.86 -87.43
CA GLU D 280 -53.72 -13.95 -87.59
C GLU D 280 -54.47 -14.21 -86.28
N GLY D 281 -53.75 -14.24 -85.16
CA GLY D 281 -54.40 -14.46 -83.88
C GLY D 281 -55.31 -13.32 -83.47
N THR D 282 -54.92 -12.08 -83.80
CA THR D 282 -55.78 -10.93 -83.55
C THR D 282 -57.08 -11.03 -84.33
N ARG D 283 -56.99 -11.42 -85.61
CA ARG D 283 -58.19 -11.53 -86.44
C ARG D 283 -59.13 -12.62 -85.91
N ASP D 284 -58.58 -13.81 -85.63
CA ASP D 284 -59.42 -14.92 -85.19
C ASP D 284 -60.14 -14.59 -83.88
N LEU D 285 -59.49 -13.87 -82.98
CA LEU D 285 -60.12 -13.54 -81.70
C LEU D 285 -61.23 -12.52 -81.89
N ILE D 286 -61.04 -11.54 -82.78
CA ILE D 286 -62.08 -10.56 -83.04
C ILE D 286 -63.27 -11.22 -83.72
N GLU D 287 -63.02 -12.05 -84.73
CA GLU D 287 -64.11 -12.74 -85.41
C GLU D 287 -64.86 -13.68 -84.49
N ALA D 288 -64.23 -14.13 -83.40
CA ALA D 288 -64.92 -14.96 -82.41
C ALA D 288 -65.87 -14.15 -81.53
N GLY D 289 -65.84 -12.83 -81.62
CA GLY D 289 -66.70 -11.98 -80.84
C GLY D 289 -66.02 -11.11 -79.80
N ALA D 290 -64.71 -10.92 -79.88
CA ALA D 290 -64.01 -10.02 -78.96
C ALA D 290 -63.88 -8.64 -79.60
N SER D 291 -64.20 -7.60 -78.83
CA SER D 291 -64.03 -6.23 -79.30
C SER D 291 -62.64 -5.68 -79.02
N ILE D 292 -61.89 -6.26 -78.07
CA ILE D 292 -60.57 -5.79 -77.70
C ILE D 292 -59.64 -7.01 -77.59
N VAL D 293 -58.46 -6.92 -78.18
CA VAL D 293 -57.49 -8.01 -78.15
C VAL D 293 -56.33 -7.62 -77.25
N LYS D 294 -56.04 -8.45 -76.26
CA LYS D 294 -54.92 -8.22 -75.35
C LYS D 294 -53.66 -8.85 -75.96
N VAL D 295 -52.61 -8.05 -76.14
CA VAL D 295 -51.41 -8.46 -76.87
C VAL D 295 -50.24 -8.56 -75.90
N GLY D 296 -49.49 -9.66 -75.99
CA GLY D 296 -48.32 -9.87 -75.16
C GLY D 296 -48.08 -11.32 -74.81
N VAL D 297 -47.07 -11.94 -75.40
CA VAL D 297 -46.64 -13.29 -75.05
C VAL D 297 -45.12 -13.24 -74.95
N GLY D 298 -44.59 -13.23 -73.72
CA GLY D 298 -43.16 -13.14 -73.51
C GLY D 298 -42.67 -12.02 -72.61
N PRO D 299 -43.10 -10.78 -72.85
CA PRO D 299 -42.46 -9.64 -72.16
C PRO D 299 -42.78 -9.50 -70.68
N GLY D 300 -43.80 -10.20 -70.16
CA GLY D 300 -44.21 -10.04 -68.78
C GLY D 300 -43.07 -10.19 -67.76
N ALA D 301 -43.05 -9.31 -66.76
CA ALA D 301 -41.96 -9.33 -65.78
C ALA D 301 -41.95 -10.63 -64.99
N MET D 302 -43.12 -11.21 -64.72
CA MET D 302 -43.21 -12.49 -64.04
C MET D 302 -43.26 -13.66 -65.01
N CYS D 303 -43.09 -13.40 -66.30
CA CYS D 303 -43.28 -14.40 -67.34
C CYS D 303 -41.94 -15.06 -67.68
N THR D 304 -41.84 -16.36 -67.42
CA THR D 304 -40.65 -17.14 -67.75
C THR D 304 -40.83 -17.95 -69.05
N THR D 305 -41.78 -17.55 -69.89
CA THR D 305 -42.06 -18.31 -71.11
C THR D 305 -40.83 -18.37 -72.03
N ARG D 306 -40.13 -17.24 -72.18
CA ARG D 306 -38.97 -17.20 -73.08
C ARG D 306 -37.94 -18.25 -72.69
N MET D 307 -37.54 -18.29 -71.42
CA MET D 307 -36.49 -19.21 -71.01
C MET D 307 -36.98 -20.65 -70.94
N MET D 308 -38.28 -20.87 -70.76
CA MET D 308 -38.82 -22.22 -70.68
C MET D 308 -39.08 -22.81 -72.07
N THR D 309 -39.64 -22.02 -72.98
CA THR D 309 -40.14 -22.54 -74.25
C THR D 309 -39.50 -21.91 -75.48
N GLY D 310 -38.78 -20.80 -75.34
CA GLY D 310 -38.32 -20.06 -76.48
C GLY D 310 -39.40 -19.32 -77.24
N VAL D 311 -40.64 -19.38 -76.77
CA VAL D 311 -41.77 -18.75 -77.42
C VAL D 311 -41.92 -17.34 -76.88
N GLY D 312 -42.18 -16.40 -77.77
CA GLY D 312 -42.34 -15.01 -77.40
C GLY D 312 -42.28 -14.13 -78.63
N ARG D 313 -42.49 -12.84 -78.41
CA ARG D 313 -42.29 -11.89 -79.48
C ARG D 313 -41.94 -10.54 -78.90
N PRO D 314 -40.96 -9.84 -79.47
CA PRO D 314 -40.67 -8.47 -79.03
C PRO D 314 -41.93 -7.62 -79.07
N GLN D 315 -42.20 -6.93 -77.96
CA GLN D 315 -43.55 -6.42 -77.72
C GLN D 315 -43.93 -5.32 -78.69
N PHE D 316 -43.02 -4.37 -78.96
CA PHE D 316 -43.38 -3.25 -79.82
C PHE D 316 -43.80 -3.73 -81.21
N SER D 317 -43.02 -4.64 -81.81
CA SER D 317 -43.41 -5.22 -83.09
C SER D 317 -44.72 -5.96 -82.99
N ALA D 318 -44.94 -6.67 -81.87
CA ALA D 318 -46.20 -7.39 -81.73
C ALA D 318 -47.39 -6.44 -81.64
N VAL D 319 -47.23 -5.30 -80.96
CA VAL D 319 -48.34 -4.36 -80.85
C VAL D 319 -48.60 -3.65 -82.17
N VAL D 320 -47.55 -3.41 -82.97
CA VAL D 320 -47.75 -2.75 -84.25
C VAL D 320 -48.57 -3.63 -85.19
N GLU D 321 -48.14 -4.88 -85.35
CA GLU D 321 -48.84 -5.79 -86.26
C GLU D 321 -50.25 -6.10 -85.78
N CYS D 322 -50.44 -6.22 -84.47
CA CYS D 322 -51.76 -6.60 -83.96
C CYS D 322 -52.74 -5.44 -83.92
N ALA D 323 -52.26 -4.22 -83.64
CA ALA D 323 -53.14 -3.06 -83.65
C ALA D 323 -53.57 -2.69 -85.06
N ALA D 324 -52.67 -2.84 -86.04
CA ALA D 324 -53.05 -2.66 -87.44
C ALA D 324 -54.13 -3.66 -87.83
N ALA D 325 -53.92 -4.94 -87.50
CA ALA D 325 -54.90 -5.96 -87.81
C ALA D 325 -56.24 -5.67 -87.14
N ALA D 326 -56.23 -5.25 -85.88
CA ALA D 326 -57.48 -5.01 -85.17
C ALA D 326 -58.23 -3.81 -85.74
N ARG D 327 -57.50 -2.74 -86.10
CA ARG D 327 -58.16 -1.54 -86.59
C ARG D 327 -58.83 -1.79 -87.94
N GLN D 328 -58.25 -2.65 -88.78
CA GLN D 328 -58.88 -3.00 -90.04
C GLN D 328 -60.26 -3.62 -89.80
N LEU D 329 -60.43 -4.32 -88.68
CA LEU D 329 -61.67 -5.02 -88.35
C LEU D 329 -62.52 -4.25 -87.34
N GLY D 330 -62.19 -2.98 -87.07
CA GLY D 330 -62.95 -2.19 -86.13
C GLY D 330 -62.64 -2.43 -84.66
N GLY D 331 -61.64 -3.28 -84.36
CA GLY D 331 -61.32 -3.62 -82.99
C GLY D 331 -60.16 -2.81 -82.42
N HIS D 332 -59.77 -3.16 -81.20
CA HIS D 332 -58.74 -2.45 -80.47
C HIS D 332 -57.75 -3.44 -79.87
N VAL D 333 -56.60 -2.93 -79.45
CA VAL D 333 -55.51 -3.75 -78.94
C VAL D 333 -55.01 -3.18 -77.62
N TRP D 334 -54.87 -4.05 -76.62
CA TRP D 334 -54.26 -3.71 -75.34
C TRP D 334 -52.82 -4.22 -75.31
N ALA D 335 -51.89 -3.32 -75.03
CA ALA D 335 -50.48 -3.68 -74.90
C ALA D 335 -50.25 -4.14 -73.47
N ASP D 336 -49.95 -5.42 -73.30
CA ASP D 336 -49.89 -6.08 -71.99
C ASP D 336 -48.51 -6.65 -71.77
N GLY D 337 -47.83 -6.19 -70.72
CA GLY D 337 -46.58 -6.79 -70.30
C GLY D 337 -45.33 -6.01 -70.66
N GLY D 338 -44.34 -6.02 -69.77
CA GLY D 338 -43.04 -5.43 -70.03
C GLY D 338 -42.93 -3.93 -69.85
N VAL D 339 -43.90 -3.28 -69.22
CA VAL D 339 -43.89 -1.83 -69.06
C VAL D 339 -43.13 -1.47 -67.80
N ARG D 340 -42.02 -0.73 -67.96
CA ARG D 340 -41.21 -0.29 -66.83
C ARG D 340 -41.09 1.22 -66.70
N HIS D 341 -41.41 1.99 -67.74
CA HIS D 341 -41.16 3.42 -67.75
C HIS D 341 -42.26 4.10 -68.54
N PRO D 342 -42.48 5.40 -68.32
CA PRO D 342 -43.50 6.11 -69.10
C PRO D 342 -43.31 5.95 -70.61
N ARG D 343 -42.07 5.94 -71.08
CA ARG D 343 -41.84 5.79 -72.52
C ARG D 343 -42.43 4.49 -73.05
N ASP D 344 -42.52 3.44 -72.23
CA ASP D 344 -43.11 2.19 -72.69
C ASP D 344 -44.60 2.36 -72.96
N VAL D 345 -45.29 3.08 -72.08
CA VAL D 345 -46.70 3.40 -72.32
C VAL D 345 -46.83 4.23 -73.60
N ALA D 346 -46.02 5.29 -73.72
CA ALA D 346 -46.10 6.16 -74.89
C ALA D 346 -45.83 5.39 -76.17
N LEU D 347 -44.80 4.56 -76.18
CA LEU D 347 -44.46 3.81 -77.38
C LEU D 347 -45.54 2.80 -77.74
N ALA D 348 -46.19 2.21 -76.73
CA ALA D 348 -47.27 1.26 -77.02
C ALA D 348 -48.47 1.97 -77.63
N LEU D 349 -48.75 3.19 -77.18
CA LEU D 349 -49.81 3.99 -77.79
C LEU D 349 -49.43 4.44 -79.19
N ALA D 350 -48.18 4.89 -79.36
CA ALA D 350 -47.68 5.19 -80.70
C ALA D 350 -47.80 3.99 -81.62
N ALA D 351 -47.56 2.79 -81.11
CA ALA D 351 -47.65 1.57 -81.91
C ALA D 351 -49.07 1.24 -82.33
N GLY D 352 -50.08 1.87 -81.71
CA GLY D 352 -51.47 1.66 -82.08
C GLY D 352 -52.35 1.01 -81.03
N ALA D 353 -51.84 0.76 -79.83
CA ALA D 353 -52.69 0.22 -78.76
C ALA D 353 -53.61 1.31 -78.23
N SER D 354 -54.83 0.92 -77.89
CA SER D 354 -55.79 1.84 -77.27
C SER D 354 -55.57 1.97 -75.78
N ASN D 355 -55.08 0.92 -75.12
CA ASN D 355 -54.77 0.94 -73.70
C ASN D 355 -53.51 0.12 -73.47
N VAL D 356 -52.81 0.43 -72.38
CA VAL D 356 -51.61 -0.28 -71.98
C VAL D 356 -51.86 -0.90 -70.61
N MET D 357 -51.58 -2.20 -70.48
CA MET D 357 -51.81 -2.94 -69.25
C MET D 357 -50.50 -3.05 -68.48
N ILE D 358 -50.50 -2.58 -67.23
CA ILE D 358 -49.31 -2.53 -66.39
C ILE D 358 -49.52 -3.42 -65.18
N GLY D 359 -48.55 -4.30 -64.90
CA GLY D 359 -48.68 -5.19 -63.76
C GLY D 359 -47.64 -5.00 -62.68
N SER D 360 -46.42 -5.50 -62.92
CA SER D 360 -45.42 -5.59 -61.86
C SER D 360 -45.02 -4.22 -61.34
N TRP D 361 -44.88 -3.25 -62.25
CA TRP D 361 -44.52 -1.89 -61.86
C TRP D 361 -45.41 -1.39 -60.73
N PHE D 362 -46.71 -1.70 -60.78
CA PHE D 362 -47.62 -1.20 -59.78
C PHE D 362 -47.62 -2.03 -58.50
N ALA D 363 -46.92 -3.16 -58.47
CA ALA D 363 -46.77 -3.87 -57.20
C ALA D 363 -45.95 -3.06 -56.21
N GLY D 364 -45.01 -2.26 -56.69
CA GLY D 364 -44.17 -1.47 -55.82
C GLY D 364 -44.80 -0.16 -55.45
N THR D 365 -46.01 -0.21 -54.92
CA THR D 365 -46.72 0.99 -54.47
C THR D 365 -47.40 0.69 -53.14
N TYR D 366 -47.75 1.75 -52.42
CA TYR D 366 -48.46 1.59 -51.15
C TYR D 366 -49.76 0.83 -51.34
N GLU D 367 -50.48 1.11 -52.43
CA GLU D 367 -51.86 0.63 -52.57
C GLU D 367 -51.95 -0.82 -53.04
N SER D 368 -50.85 -1.43 -53.50
CA SER D 368 -50.92 -2.82 -53.90
C SER D 368 -51.15 -3.71 -52.68
N PRO D 369 -51.80 -4.87 -52.87
CA PRO D 369 -52.27 -5.64 -51.71
C PRO D 369 -51.17 -6.25 -50.85
N GLY D 370 -49.97 -6.49 -51.40
CA GLY D 370 -48.92 -7.13 -50.64
C GLY D 370 -48.46 -6.29 -49.46
N ASP D 371 -47.74 -6.95 -48.54
CA ASP D 371 -47.18 -6.28 -47.38
C ASP D 371 -45.96 -5.46 -47.76
N LEU D 372 -45.86 -4.26 -47.19
CA LEU D 372 -44.69 -3.42 -47.43
C LEU D 372 -43.47 -4.02 -46.74
N LEU D 373 -42.39 -4.19 -47.51
CA LEU D 373 -41.16 -4.83 -47.04
C LEU D 373 -39.99 -3.88 -47.22
N PHE D 374 -38.90 -4.19 -46.51
CA PHE D 374 -37.68 -3.42 -46.56
C PHE D 374 -36.51 -4.37 -46.78
N ASP D 375 -35.68 -4.07 -47.78
CA ASP D 375 -34.57 -4.97 -48.12
C ASP D 375 -33.39 -4.75 -47.19
N ARG D 376 -32.22 -5.25 -47.58
CA ARG D 376 -31.03 -5.13 -46.73
C ARG D 376 -30.63 -3.68 -46.50
N ASP D 377 -30.96 -2.79 -47.44
CA ASP D 377 -30.51 -1.41 -47.40
C ASP D 377 -31.59 -0.43 -46.92
N ASP D 378 -32.61 -0.93 -46.24
CA ASP D 378 -33.72 -0.13 -45.71
C ASP D 378 -34.67 0.32 -46.82
N ARG D 379 -34.30 0.11 -48.08
CA ARG D 379 -35.12 0.58 -49.19
C ARG D 379 -36.48 -0.13 -49.17
N PRO D 380 -37.59 0.60 -49.25
CA PRO D 380 -38.90 -0.06 -49.24
C PRO D 380 -39.15 -0.77 -50.56
N TYR D 381 -39.77 -1.95 -50.47
CA TYR D 381 -40.13 -2.70 -51.67
C TYR D 381 -41.34 -3.57 -51.38
N LYS D 382 -41.97 -4.04 -52.46
CA LYS D 382 -42.95 -5.10 -52.41
C LYS D 382 -42.61 -6.13 -53.48
N GLU D 383 -43.10 -7.34 -53.27
CA GLU D 383 -42.83 -8.44 -54.18
C GLU D 383 -43.99 -8.59 -55.15
N SER D 384 -43.66 -8.67 -56.43
CA SER D 384 -44.63 -9.06 -57.45
C SER D 384 -44.45 -10.54 -57.76
N TYR D 385 -45.56 -11.21 -58.04
CA TYR D 385 -45.51 -12.61 -58.39
C TYR D 385 -46.56 -12.90 -59.46
N GLY D 386 -46.33 -13.97 -60.21
CA GLY D 386 -47.18 -14.26 -61.35
C GLY D 386 -48.41 -15.05 -60.99
N MET D 387 -49.32 -15.12 -61.95
CA MET D 387 -50.56 -15.87 -61.81
C MET D 387 -50.38 -17.36 -62.12
N ALA D 388 -49.26 -17.75 -62.73
CA ALA D 388 -48.94 -19.15 -62.95
C ALA D 388 -50.07 -19.93 -63.61
N SER D 389 -50.51 -21.01 -62.96
CA SER D 389 -51.50 -21.91 -63.55
C SER D 389 -52.87 -21.26 -63.71
N LYS D 390 -53.12 -20.10 -63.10
CA LYS D 390 -54.39 -19.41 -63.30
C LYS D 390 -54.53 -18.84 -64.71
N ARG D 391 -53.44 -18.76 -65.48
CA ARG D 391 -53.48 -18.35 -66.87
C ARG D 391 -53.34 -19.52 -67.83
N ALA D 392 -53.30 -20.74 -67.33
CA ALA D 392 -53.01 -21.92 -68.14
C ALA D 392 -54.28 -22.71 -68.39
N VAL D 393 -54.26 -23.49 -69.46
CA VAL D 393 -55.36 -24.40 -69.77
C VAL D 393 -55.23 -25.66 -68.93
N ALA D 394 -56.35 -26.12 -68.39
CA ALA D 394 -56.38 -27.28 -67.52
C ALA D 394 -57.46 -28.25 -67.98
N ALA D 395 -57.13 -29.54 -67.96
CA ALA D 395 -58.11 -30.58 -68.25
C ALA D 395 -59.10 -30.71 -67.10
N ARG D 396 -60.27 -31.27 -67.41
CA ARG D 396 -61.34 -31.39 -66.44
C ARG D 396 -60.90 -32.20 -65.23
N THR D 397 -60.94 -31.58 -64.06
CA THR D 397 -60.56 -32.21 -62.81
C THR D 397 -61.73 -32.89 -62.11
N ALA D 398 -62.86 -33.06 -62.80
CA ALA D 398 -63.98 -33.80 -62.26
C ALA D 398 -63.63 -35.28 -62.19
N GLY D 399 -63.72 -35.86 -60.99
CA GLY D 399 -63.29 -37.23 -60.78
C GLY D 399 -61.79 -37.39 -60.93
N ASP D 400 -61.04 -36.59 -60.18
CA ASP D 400 -59.58 -36.57 -60.23
C ASP D 400 -59.02 -37.24 -58.99
N SER D 401 -58.22 -38.28 -59.19
CA SER D 401 -57.48 -38.88 -58.09
C SER D 401 -56.48 -37.87 -57.53
N SER D 402 -56.26 -37.94 -56.21
CA SER D 402 -55.21 -37.11 -55.61
C SER D 402 -53.84 -37.43 -56.17
N PHE D 403 -53.67 -38.63 -56.73
CA PHE D 403 -52.51 -38.92 -57.57
C PHE D 403 -52.49 -38.02 -58.79
N ASP D 404 -53.61 -37.95 -59.51
CA ASP D 404 -53.69 -37.09 -60.70
C ASP D 404 -53.52 -35.62 -60.33
N ARG D 405 -53.91 -35.21 -59.12
CA ARG D 405 -53.75 -33.82 -58.71
C ARG D 405 -52.28 -33.44 -58.65
N ALA D 406 -51.43 -34.34 -58.14
CA ALA D 406 -49.98 -34.07 -58.10
C ALA D 406 -49.32 -34.36 -59.44
N ARG D 407 -49.87 -35.28 -60.22
CA ARG D 407 -49.35 -35.54 -61.56
C ARG D 407 -49.41 -34.30 -62.43
N LYS D 408 -50.59 -33.67 -62.50
CA LYS D 408 -50.73 -32.46 -63.28
C LYS D 408 -49.96 -31.29 -62.67
N GLY D 409 -49.82 -31.27 -61.35
CA GLY D 409 -49.07 -30.21 -60.70
C GLY D 409 -47.58 -30.27 -60.93
N LEU D 410 -47.06 -31.43 -61.34
CA LEU D 410 -45.62 -31.59 -61.46
C LEU D 410 -45.04 -30.69 -62.54
N PHE D 411 -45.68 -30.62 -63.70
CA PHE D 411 -45.17 -29.82 -64.80
C PHE D 411 -45.64 -28.38 -64.79
N GLU D 412 -46.63 -28.04 -63.97
CA GLU D 412 -47.24 -26.73 -64.04
C GLU D 412 -46.26 -25.64 -63.61
N GLU D 413 -46.38 -24.48 -64.27
CA GLU D 413 -45.47 -23.37 -64.00
C GLU D 413 -45.58 -22.91 -62.56
N GLY D 414 -44.43 -22.75 -61.90
CA GLY D 414 -44.43 -22.24 -60.54
C GLY D 414 -44.63 -20.74 -60.48
N ILE D 415 -44.79 -20.24 -59.26
CA ILE D 415 -44.97 -18.82 -59.00
C ILE D 415 -43.58 -18.21 -58.79
N SER D 416 -43.10 -17.45 -59.78
CA SER D 416 -41.85 -16.74 -59.64
C SER D 416 -42.06 -15.43 -58.89
N THR D 417 -40.98 -14.93 -58.31
CA THR D 417 -41.02 -13.73 -57.48
C THR D 417 -40.05 -12.68 -58.02
N SER D 418 -40.39 -11.42 -57.81
CA SER D 418 -39.53 -10.32 -58.20
C SER D 418 -39.69 -9.17 -57.20
N ARG D 419 -38.58 -8.50 -56.91
CA ARG D 419 -38.57 -7.38 -55.97
C ARG D 419 -38.89 -6.10 -56.71
N MET D 420 -39.95 -5.40 -56.28
CA MET D 420 -40.33 -4.11 -56.86
C MET D 420 -40.17 -3.04 -55.79
N SER D 421 -39.13 -2.22 -55.93
CA SER D 421 -38.86 -1.22 -54.91
C SER D 421 -39.77 -0.01 -55.08
N LEU D 422 -40.18 0.56 -53.95
CA LEU D 422 -40.94 1.79 -53.96
C LEU D 422 -40.01 2.99 -54.12
N ASP D 423 -40.48 4.00 -54.82
CA ASP D 423 -39.79 5.28 -54.85
C ASP D 423 -39.72 5.82 -53.43
N PRO D 424 -38.53 6.04 -52.89
CA PRO D 424 -38.44 6.44 -51.47
C PRO D 424 -39.10 7.78 -51.17
N ALA D 425 -39.31 8.62 -52.19
CA ALA D 425 -40.00 9.89 -52.02
C ALA D 425 -41.51 9.74 -52.28
N ARG D 426 -41.87 9.34 -53.50
CA ARG D 426 -43.27 9.24 -53.93
C ARG D 426 -43.60 7.77 -54.19
N GLY D 427 -44.17 7.10 -53.19
CA GLY D 427 -44.45 5.67 -53.28
C GLY D 427 -45.87 5.28 -53.62
N GLY D 428 -46.78 6.24 -53.82
CA GLY D 428 -48.14 5.89 -54.18
C GLY D 428 -48.28 5.62 -55.67
N VAL D 429 -49.30 4.82 -56.01
CA VAL D 429 -49.54 4.51 -57.42
C VAL D 429 -49.93 5.76 -58.19
N GLU D 430 -50.59 6.72 -57.53
CA GLU D 430 -50.94 7.96 -58.21
C GLU D 430 -49.72 8.75 -58.61
N ASP D 431 -48.62 8.62 -57.87
CA ASP D 431 -47.37 9.27 -58.26
C ASP D 431 -46.86 8.69 -59.57
N LEU D 432 -47.01 7.37 -59.76
CA LEU D 432 -46.60 6.75 -61.01
C LEU D 432 -47.55 7.12 -62.15
N LEU D 433 -48.84 7.30 -61.85
CA LEU D 433 -49.76 7.81 -62.87
C LEU D 433 -49.37 9.21 -63.32
N ASP D 434 -49.04 10.09 -62.36
CA ASP D 434 -48.45 11.37 -62.71
C ASP D 434 -47.24 11.18 -63.62
N HIS D 435 -46.30 10.35 -63.17
CA HIS D 435 -45.15 9.94 -63.97
C HIS D 435 -45.57 9.53 -65.38
N ILE D 436 -46.45 8.54 -65.47
CA ILE D 436 -46.84 7.98 -66.77
C ILE D 436 -47.53 9.03 -67.64
N THR D 437 -48.58 9.67 -67.10
CA THR D 437 -49.39 10.55 -67.94
C THR D 437 -48.65 11.84 -68.28
N SER D 438 -47.76 12.30 -67.40
CA SER D 438 -46.93 13.44 -67.77
C SER D 438 -46.05 13.12 -68.97
N GLY D 439 -45.50 11.91 -69.02
CA GLY D 439 -44.66 11.54 -70.14
C GLY D 439 -45.44 11.41 -71.43
N VAL D 440 -46.61 10.76 -71.39
CA VAL D 440 -47.41 10.56 -72.59
C VAL D 440 -47.97 11.88 -73.10
N ARG D 441 -48.41 12.75 -72.20
CA ARG D 441 -48.82 14.08 -72.63
C ARG D 441 -47.69 14.82 -73.32
N SER D 442 -46.48 14.67 -72.80
CA SER D 442 -45.31 15.30 -73.42
C SER D 442 -44.99 14.65 -74.77
N THR D 443 -45.21 13.35 -74.90
CA THR D 443 -45.05 12.68 -76.18
C THR D 443 -45.98 13.27 -77.24
N CYS D 444 -47.24 13.51 -76.87
CA CYS D 444 -48.21 14.04 -77.84
C CYS D 444 -47.81 15.44 -78.30
N THR D 445 -47.31 16.27 -77.39
CA THR D 445 -46.88 17.60 -77.79
C THR D 445 -45.64 17.55 -78.68
N TYR D 446 -44.76 16.58 -78.45
CA TYR D 446 -43.61 16.38 -79.34
C TYR D 446 -44.05 15.91 -80.72
N VAL D 447 -45.11 15.10 -80.79
CA VAL D 447 -45.57 14.53 -82.05
C VAL D 447 -46.49 15.48 -82.80
N GLY D 448 -47.13 16.40 -82.11
CA GLY D 448 -48.13 17.26 -82.71
C GLY D 448 -49.54 16.72 -82.60
N ALA D 449 -49.81 15.84 -81.63
CA ALA D 449 -51.09 15.21 -81.47
C ALA D 449 -51.87 15.83 -80.32
N ALA D 450 -53.17 16.02 -80.54
CA ALA D 450 -54.06 16.53 -79.50
C ALA D 450 -54.76 15.43 -78.71
N ASN D 451 -54.69 14.19 -79.19
CA ASN D 451 -55.34 13.07 -78.51
C ASN D 451 -54.60 11.79 -78.92
N LEU D 452 -55.05 10.67 -78.35
CA LEU D 452 -54.41 9.38 -78.61
C LEU D 452 -54.60 8.93 -80.05
N PRO D 453 -55.78 9.09 -80.66
CA PRO D 453 -55.91 8.79 -82.10
C PRO D 453 -54.90 9.53 -82.96
N GLU D 454 -54.70 10.83 -82.73
CA GLU D 454 -53.75 11.58 -83.54
C GLU D 454 -52.32 11.14 -83.27
N LEU D 455 -52.03 10.69 -82.04
CA LEU D 455 -50.69 10.19 -81.72
C LEU D 455 -50.32 9.02 -82.62
N HIS D 456 -51.21 8.05 -82.75
CA HIS D 456 -50.92 6.91 -83.61
C HIS D 456 -50.89 7.32 -85.08
N GLU D 457 -51.67 8.33 -85.47
CA GLU D 457 -51.68 8.76 -86.87
CA GLU D 457 -51.70 8.77 -86.87
C GLU D 457 -50.45 9.57 -87.24
N LYS D 458 -49.99 10.46 -86.35
CA LYS D 458 -48.92 11.38 -86.72
C LYS D 458 -47.52 10.91 -86.34
N VAL D 459 -47.38 9.82 -85.56
CA VAL D 459 -46.08 9.49 -85.00
C VAL D 459 -45.11 9.07 -86.09
N VAL D 460 -43.88 9.59 -86.01
CA VAL D 460 -42.77 9.11 -86.81
C VAL D 460 -41.80 8.39 -85.89
N LEU D 461 -41.47 7.15 -86.24
CA LEU D 461 -40.62 6.31 -85.42
C LEU D 461 -39.32 6.02 -86.16
N GLY D 462 -38.33 5.60 -85.39
CA GLY D 462 -37.03 5.21 -85.93
C GLY D 462 -36.41 4.15 -85.05
N VAL D 463 -35.43 3.45 -85.61
CA VAL D 463 -34.76 2.33 -84.96
C VAL D 463 -33.35 2.77 -84.58
N GLN D 464 -32.88 2.31 -83.42
CA GLN D 464 -31.55 2.63 -82.93
C GLN D 464 -30.81 1.35 -82.56
N SER D 465 -29.49 1.47 -82.48
CA SER D 465 -28.65 0.36 -82.03
C SER D 465 -28.64 0.34 -80.50
N ALA D 466 -27.82 -0.55 -79.92
CA ALA D 466 -27.77 -0.67 -78.46
C ALA D 466 -27.26 0.60 -77.80
N ALA D 467 -26.29 1.27 -78.43
CA ALA D 467 -25.79 2.53 -77.90
C ALA D 467 -26.81 3.66 -78.00
N GLY D 468 -27.76 3.55 -78.94
CA GLY D 468 -28.76 4.60 -79.11
C GLY D 468 -29.64 4.78 -77.88
N PHE D 469 -30.06 3.63 -77.29
CA PHE D 469 -31.00 3.71 -76.13
C PHE D 469 -30.32 4.43 -74.96
N ALA D 470 -29.01 4.37 -74.86
CA ALA D 470 -28.29 4.90 -73.70
C ALA D 470 -28.10 6.42 -73.75
N GLU D 471 -28.63 7.10 -74.77
CA GLU D 471 -28.53 8.56 -74.82
C GLU D 471 -29.43 9.20 -73.77
N GLY D 472 -28.93 10.27 -73.16
CA GLY D 472 -29.66 11.02 -72.16
C GLY D 472 -29.34 10.65 -70.73
N HIS D 473 -30.34 10.75 -69.85
CA HIS D 473 -30.18 10.56 -68.42
C HIS D 473 -31.04 9.40 -67.93
N PRO D 474 -30.49 8.51 -67.09
CA PRO D 474 -31.24 7.38 -66.53
C PRO D 474 -31.92 7.71 -65.20
N VAL E 2 -21.50 -16.52 0.78
CA VAL E 2 -20.50 -16.82 -0.24
C VAL E 2 -19.11 -16.87 0.36
N ARG E 3 -18.28 -17.76 -0.17
CA ARG E 3 -16.87 -17.84 0.19
C ARG E 3 -16.05 -17.59 -1.06
N PHE E 4 -14.96 -16.83 -0.91
CA PHE E 4 -14.03 -16.56 -1.99
C PHE E 4 -12.70 -17.26 -1.72
N LEU E 5 -12.04 -17.66 -2.81
CA LEU E 5 -10.71 -18.26 -2.69
C LEU E 5 -9.77 -17.36 -1.90
N ASP E 6 -8.83 -17.99 -1.20
CA ASP E 6 -7.89 -17.24 -0.38
C ASP E 6 -7.13 -16.22 -1.22
N GLY E 7 -7.18 -14.96 -0.79
CA GLY E 7 -6.49 -13.88 -1.45
C GLY E 7 -7.33 -13.10 -2.44
N HIS E 8 -8.48 -13.62 -2.85
CA HIS E 8 -9.31 -12.96 -3.86
C HIS E 8 -10.15 -11.90 -3.17
N THR E 9 -9.51 -10.77 -2.88
CA THR E 9 -10.16 -9.61 -2.26
C THR E 9 -9.81 -8.40 -3.12
N PRO E 10 -10.46 -8.26 -4.27
CA PRO E 10 -10.08 -7.18 -5.19
C PRO E 10 -10.37 -5.81 -4.61
N ALA E 11 -9.62 -4.83 -5.09
CA ALA E 11 -9.84 -3.42 -4.79
C ALA E 11 -10.89 -2.79 -5.69
N TYR E 12 -11.85 -3.58 -6.18
CA TYR E 12 -12.91 -3.10 -7.06
C TYR E 12 -14.11 -4.03 -6.93
N ASP E 13 -15.27 -3.54 -7.37
CA ASP E 13 -16.48 -4.35 -7.35
C ASP E 13 -16.60 -5.16 -8.64
N LEU E 14 -17.39 -6.23 -8.55
CA LEU E 14 -17.34 -7.32 -9.52
C LEU E 14 -18.62 -7.39 -10.36
N THR E 15 -18.44 -7.66 -11.65
CA THR E 15 -19.55 -7.99 -12.54
C THR E 15 -19.67 -9.51 -12.67
N TYR E 16 -20.67 -9.96 -13.43
CA TYR E 16 -20.81 -11.38 -13.69
C TYR E 16 -19.59 -11.93 -14.44
N ASN E 17 -18.95 -11.10 -15.27
CA ASN E 17 -17.77 -11.52 -16.03
C ASN E 17 -16.52 -11.61 -15.17
N ASP E 18 -16.51 -11.01 -13.98
CA ASP E 18 -15.30 -10.97 -13.17
C ASP E 18 -15.09 -12.21 -12.32
N VAL E 19 -16.12 -13.05 -12.13
CA VAL E 19 -16.05 -14.13 -11.15
C VAL E 19 -16.33 -15.48 -11.81
N PHE E 20 -15.92 -16.54 -11.11
CA PHE E 20 -16.20 -17.90 -11.53
C PHE E 20 -16.54 -18.72 -10.30
N VAL E 21 -17.12 -19.89 -10.52
CA VAL E 21 -17.50 -20.81 -9.47
C VAL E 21 -16.50 -21.96 -9.44
N VAL E 22 -15.85 -22.16 -8.30
CA VAL E 22 -14.94 -23.29 -8.10
C VAL E 22 -15.75 -24.52 -7.74
N PRO E 23 -15.65 -25.60 -8.51
CA PRO E 23 -16.40 -26.81 -8.15
C PRO E 23 -15.98 -27.34 -6.78
N GLY E 24 -16.90 -28.09 -6.17
CA GLY E 24 -16.67 -28.67 -4.87
C GLY E 24 -17.05 -30.14 -4.89
N ARG E 25 -16.81 -30.80 -3.75
CA ARG E 25 -17.13 -32.22 -3.62
C ARG E 25 -18.63 -32.43 -3.71
N SER E 26 -19.06 -33.36 -4.56
CA SER E 26 -20.47 -33.50 -4.87
C SER E 26 -20.88 -34.96 -4.86
N ASP E 27 -22.06 -35.24 -4.30
CA ASP E 27 -22.73 -36.52 -4.46
C ASP E 27 -24.03 -36.41 -5.23
N VAL E 28 -24.38 -35.23 -5.74
CA VAL E 28 -25.62 -35.04 -6.48
C VAL E 28 -25.49 -35.70 -7.84
N ALA E 29 -26.32 -36.70 -8.10
CA ALA E 29 -26.10 -37.59 -9.25
C ALA E 29 -26.31 -36.86 -10.57
N SER E 30 -27.52 -36.35 -10.80
CA SER E 30 -27.86 -35.78 -12.09
C SER E 30 -28.52 -34.42 -11.91
N ARG E 31 -28.69 -33.72 -13.03
CA ARG E 31 -29.36 -32.42 -13.01
C ARG E 31 -30.76 -32.51 -12.43
N PHE E 32 -31.44 -33.63 -12.62
CA PHE E 32 -32.83 -33.74 -12.21
C PHE E 32 -33.00 -33.96 -10.71
N ASP E 33 -31.93 -34.35 -10.01
CA ASP E 33 -31.99 -34.43 -8.56
C ASP E 33 -31.98 -33.06 -7.89
N VAL E 34 -31.75 -32.00 -8.63
CA VAL E 34 -31.72 -30.65 -8.07
C VAL E 34 -33.13 -30.08 -8.05
N ASP E 35 -33.48 -29.46 -6.93
CA ASP E 35 -34.75 -28.77 -6.77
C ASP E 35 -34.52 -27.29 -7.03
N LEU E 36 -35.15 -26.77 -8.09
CA LEU E 36 -34.95 -25.39 -8.51
C LEU E 36 -35.99 -24.43 -7.97
N SER E 37 -36.93 -24.89 -7.15
CA SER E 37 -38.00 -24.01 -6.68
C SER E 37 -37.46 -22.98 -5.70
N THR E 38 -38.11 -21.81 -5.70
CA THR E 38 -37.66 -20.69 -4.87
C THR E 38 -38.37 -20.69 -3.52
N VAL E 39 -37.81 -19.89 -2.61
CA VAL E 39 -38.27 -19.82 -1.22
C VAL E 39 -38.62 -18.40 -0.81
N ASP E 40 -38.76 -17.47 -1.74
CA ASP E 40 -39.03 -16.07 -1.42
C ASP E 40 -40.52 -15.76 -1.32
N GLY E 41 -41.38 -16.76 -1.43
CA GLY E 41 -42.81 -16.51 -1.45
C GLY E 41 -43.37 -16.13 -2.79
N SER E 42 -42.56 -16.13 -3.85
CA SER E 42 -43.06 -15.76 -5.18
C SER E 42 -43.88 -16.86 -5.82
N GLY E 43 -43.66 -18.11 -5.43
CA GLY E 43 -44.36 -19.23 -6.02
C GLY E 43 -43.74 -19.80 -7.26
N THR E 44 -42.59 -19.28 -7.72
CA THR E 44 -41.94 -19.80 -8.91
C THR E 44 -41.22 -21.11 -8.58
N THR E 45 -41.32 -22.08 -9.47
CA THR E 45 -40.63 -23.35 -9.30
C THR E 45 -39.30 -23.40 -10.05
N ILE E 46 -39.00 -22.38 -10.85
CA ILE E 46 -37.67 -22.16 -11.40
C ILE E 46 -37.30 -20.72 -11.08
N PRO E 47 -36.01 -20.39 -10.89
CA PRO E 47 -35.62 -19.04 -10.44
C PRO E 47 -35.58 -17.99 -11.54
N VAL E 48 -36.65 -17.91 -12.33
CA VAL E 48 -36.73 -17.03 -13.49
C VAL E 48 -37.99 -16.17 -13.35
N VAL E 49 -37.80 -14.85 -13.32
CA VAL E 49 -38.88 -13.87 -13.36
C VAL E 49 -38.68 -13.03 -14.62
N VAL E 50 -39.78 -12.80 -15.35
CA VAL E 50 -39.73 -11.99 -16.56
C VAL E 50 -39.95 -10.53 -16.16
N ALA E 51 -39.08 -9.64 -16.64
CA ALA E 51 -39.09 -8.25 -16.22
C ALA E 51 -40.35 -7.52 -16.67
N ASN E 52 -40.74 -6.52 -15.87
CA ASN E 52 -41.91 -5.69 -16.16
C ASN E 52 -41.55 -4.68 -17.24
N MET E 53 -41.50 -5.17 -18.47
CA MET E 53 -41.17 -4.36 -19.63
C MET E 53 -42.19 -4.65 -20.72
N THR E 54 -42.73 -3.59 -21.33
CA THR E 54 -43.73 -3.77 -22.38
C THR E 54 -43.17 -4.54 -23.57
N ALA E 55 -41.85 -4.56 -23.76
CA ALA E 55 -41.28 -5.30 -24.87
C ALA E 55 -41.30 -6.80 -24.64
N VAL E 56 -41.47 -7.24 -23.40
CA VAL E 56 -41.33 -8.65 -23.04
C VAL E 56 -42.59 -9.18 -22.38
N ALA E 57 -43.15 -8.42 -21.43
CA ALA E 57 -44.15 -8.95 -20.49
C ALA E 57 -45.57 -8.86 -21.07
N GLY E 58 -45.78 -9.66 -22.12
CA GLY E 58 -47.07 -9.72 -22.77
C GLY E 58 -47.89 -10.94 -22.35
N ARG E 59 -49.04 -11.05 -23.00
CA ARG E 59 -50.01 -12.11 -22.70
C ARG E 59 -49.42 -13.49 -23.00
N ARG E 60 -48.90 -13.68 -24.22
CA ARG E 60 -48.33 -14.96 -24.60
C ARG E 60 -47.13 -15.32 -23.73
N MET E 61 -46.34 -14.32 -23.33
CA MET E 61 -45.21 -14.57 -22.44
C MET E 61 -45.69 -15.00 -21.06
N ALA E 62 -46.72 -14.35 -20.53
CA ALA E 62 -47.16 -14.64 -19.17
C ALA E 62 -47.67 -16.08 -19.05
N GLU E 63 -48.42 -16.54 -20.04
CA GLU E 63 -48.90 -17.91 -20.06
C GLU E 63 -47.74 -18.89 -20.19
N THR E 64 -46.84 -18.63 -21.14
CA THR E 64 -45.81 -19.62 -21.47
C THR E 64 -44.81 -19.78 -20.34
N VAL E 65 -44.39 -18.68 -19.73
CA VAL E 65 -43.38 -18.75 -18.66
C VAL E 65 -43.98 -19.39 -17.41
N ALA E 66 -45.19 -18.99 -17.03
CA ALA E 66 -45.80 -19.53 -15.81
C ALA E 66 -46.00 -21.04 -15.91
N ARG E 67 -46.41 -21.53 -17.08
CA ARG E 67 -46.61 -22.97 -17.23
C ARG E 67 -45.32 -23.76 -16.95
N ARG E 68 -44.16 -23.15 -17.18
CA ARG E 68 -42.88 -23.79 -16.95
C ARG E 68 -42.26 -23.40 -15.61
N GLY E 69 -43.01 -22.71 -14.76
CA GLY E 69 -42.58 -22.46 -13.40
C GLY E 69 -42.09 -21.07 -13.10
N GLY E 70 -41.98 -20.20 -14.11
CA GLY E 70 -41.61 -18.82 -13.88
C GLY E 70 -42.82 -17.98 -13.57
N ILE E 71 -42.59 -16.67 -13.52
CA ILE E 71 -43.69 -15.71 -13.39
C ILE E 71 -43.31 -14.46 -14.19
N VAL E 72 -44.33 -13.82 -14.74
CA VAL E 72 -44.18 -12.62 -15.55
C VAL E 72 -44.78 -11.45 -14.78
N VAL E 73 -44.06 -10.33 -14.72
CA VAL E 73 -44.52 -9.12 -14.05
C VAL E 73 -45.08 -8.18 -15.11
N LEU E 74 -46.38 -7.88 -15.02
CA LEU E 74 -47.00 -6.99 -15.98
C LEU E 74 -46.41 -5.58 -15.84
N PRO E 75 -46.23 -4.88 -16.95
CA PRO E 75 -45.60 -3.55 -16.87
C PRO E 75 -46.50 -2.54 -16.18
N GLN E 76 -45.89 -1.68 -15.38
CA GLN E 76 -46.64 -0.62 -14.70
C GLN E 76 -47.29 0.29 -15.72
N ASP E 77 -48.44 0.85 -15.34
CA ASP E 77 -49.28 1.78 -16.10
C ASP E 77 -50.08 1.07 -17.17
N LEU E 78 -50.02 -0.26 -17.24
CA LEU E 78 -51.00 -1.00 -18.02
C LEU E 78 -52.37 -0.67 -17.48
N PRO E 79 -53.31 -0.21 -18.31
CA PRO E 79 -54.65 0.13 -17.82
C PRO E 79 -55.27 -1.06 -17.09
N ILE E 80 -56.04 -0.75 -16.03
CA ILE E 80 -56.55 -1.80 -15.15
C ILE E 80 -57.46 -2.75 -15.90
N THR E 81 -58.18 -2.25 -16.91
CA THR E 81 -59.05 -3.15 -17.68
C THR E 81 -58.22 -4.13 -18.50
N ALA E 82 -57.09 -3.69 -19.06
CA ALA E 82 -56.19 -4.60 -19.76
C ALA E 82 -55.47 -5.55 -18.79
N VAL E 83 -55.16 -5.07 -17.58
CA VAL E 83 -54.62 -5.94 -16.54
C VAL E 83 -55.57 -7.11 -16.29
N SER E 84 -56.83 -6.77 -15.95
CA SER E 84 -57.85 -7.78 -15.69
C SER E 84 -57.98 -8.78 -16.84
N GLU E 85 -58.03 -8.28 -18.08
CA GLU E 85 -58.18 -9.17 -19.23
C GLU E 85 -56.96 -10.06 -19.42
N THR E 86 -55.76 -9.52 -19.20
CA THR E 86 -54.55 -10.34 -19.25
C THR E 86 -54.57 -11.40 -18.16
N VAL E 87 -54.92 -11.02 -16.93
CA VAL E 87 -55.02 -11.98 -15.84
C VAL E 87 -56.04 -13.06 -16.16
N ASP E 88 -57.21 -12.66 -16.65
CA ASP E 88 -58.26 -13.65 -16.93
C ASP E 88 -57.83 -14.63 -18.02
N PHE E 89 -57.11 -14.14 -19.03
CA PHE E 89 -56.57 -15.05 -20.04
C PHE E 89 -55.60 -16.04 -19.41
N VAL E 90 -54.63 -15.54 -18.65
CA VAL E 90 -53.61 -16.40 -18.06
C VAL E 90 -54.23 -17.40 -17.08
N LYS E 91 -55.14 -16.92 -16.22
CA LYS E 91 -55.80 -17.80 -15.26
C LYS E 91 -56.73 -18.82 -15.90
N SER E 92 -57.07 -18.68 -17.17
CA SER E 92 -57.94 -19.63 -17.85
C SER E 92 -57.17 -20.63 -18.71
N ARG E 93 -55.84 -20.56 -18.72
CA ARG E 93 -55.05 -21.48 -19.53
C ARG E 93 -54.90 -22.83 -18.86
N ASP E 94 -54.74 -23.86 -19.67
CA ASP E 94 -54.48 -25.20 -19.15
C ASP E 94 -53.07 -25.28 -18.60
N LEU E 95 -52.88 -26.13 -17.59
CA LEU E 95 -51.58 -26.29 -16.95
C LEU E 95 -50.60 -27.10 -17.80
N VAL E 96 -51.09 -27.84 -18.78
CA VAL E 96 -50.26 -28.68 -19.62
C VAL E 96 -50.41 -28.32 -21.09
N VAL E 97 -51.65 -28.29 -21.58
CA VAL E 97 -51.93 -27.97 -22.96
C VAL E 97 -51.71 -26.48 -23.20
N ASP E 98 -51.14 -26.14 -24.36
CA ASP E 98 -50.78 -24.77 -24.69
C ASP E 98 -51.80 -24.16 -25.64
N THR E 99 -51.91 -22.83 -25.59
CA THR E 99 -52.82 -22.11 -26.48
C THR E 99 -52.17 -21.94 -27.84
N PRO E 100 -52.77 -22.46 -28.92
CA PRO E 100 -52.16 -22.35 -30.24
C PRO E 100 -52.53 -21.04 -30.94
N VAL E 101 -51.85 -20.82 -32.06
CA VAL E 101 -52.29 -19.86 -33.06
C VAL E 101 -53.45 -20.50 -33.83
N THR E 102 -54.56 -19.77 -33.95
CA THR E 102 -55.74 -20.26 -34.65
C THR E 102 -56.01 -19.42 -35.90
N LEU E 103 -56.49 -20.09 -36.94
CA LEU E 103 -56.77 -19.45 -38.22
C LEU E 103 -58.20 -19.75 -38.66
N SER E 104 -58.80 -18.79 -39.34
CA SER E 104 -60.06 -19.04 -40.02
C SER E 104 -59.79 -19.64 -41.39
N PRO E 105 -60.70 -20.48 -41.89
CA PRO E 105 -60.54 -20.96 -43.27
C PRO E 105 -60.55 -19.85 -44.28
N GLU E 106 -61.10 -18.69 -43.92
CA GLU E 106 -61.19 -17.55 -44.82
C GLU E 106 -59.97 -16.64 -44.75
N ASP E 107 -59.04 -16.89 -43.82
CA ASP E 107 -57.83 -16.06 -43.73
C ASP E 107 -56.92 -16.36 -44.91
N SER E 108 -56.11 -15.36 -45.27
CA SER E 108 -55.18 -15.52 -46.38
C SER E 108 -53.90 -16.21 -45.92
N VAL E 109 -53.21 -16.83 -46.88
CA VAL E 109 -51.91 -17.42 -46.61
C VAL E 109 -50.94 -16.38 -46.08
N SER E 110 -51.01 -15.16 -46.64
CA SER E 110 -50.14 -14.08 -46.17
C SER E 110 -50.38 -13.77 -44.69
N ASP E 111 -51.65 -13.71 -44.27
CA ASP E 111 -51.94 -13.53 -42.85
C ASP E 111 -51.50 -14.73 -42.03
N ALA E 112 -51.43 -15.91 -42.64
CA ALA E 112 -51.15 -17.12 -41.88
C ALA E 112 -49.71 -17.14 -41.38
N ASN E 113 -48.72 -16.97 -42.27
CA ASN E 113 -47.34 -17.07 -41.83
C ASN E 113 -46.87 -15.86 -41.04
N ALA E 114 -47.65 -14.77 -41.03
CA ALA E 114 -47.40 -13.69 -40.08
C ALA E 114 -47.84 -14.09 -38.68
N LEU E 115 -48.95 -14.83 -38.57
CA LEU E 115 -49.46 -15.23 -37.26
C LEU E 115 -48.75 -16.48 -36.73
N LEU E 116 -48.23 -17.32 -37.62
CA LEU E 116 -47.65 -18.59 -37.22
C LEU E 116 -46.51 -18.42 -36.21
N HIS E 117 -45.85 -17.26 -36.23
CA HIS E 117 -44.70 -17.03 -35.37
C HIS E 117 -45.07 -16.42 -34.02
N LYS E 118 -46.37 -16.22 -33.76
CA LYS E 118 -46.79 -15.79 -32.43
C LYS E 118 -46.59 -16.88 -31.39
N ARG E 119 -46.40 -18.12 -31.80
CA ARG E 119 -46.09 -19.23 -30.91
C ARG E 119 -44.95 -20.05 -31.51
N ALA E 120 -44.46 -21.00 -30.73
CA ALA E 120 -43.32 -21.82 -31.13
C ALA E 120 -43.74 -23.20 -31.62
N HIS E 121 -45.02 -23.41 -31.90
CA HIS E 121 -45.49 -24.75 -32.25
C HIS E 121 -45.15 -25.15 -33.67
N GLY E 122 -44.90 -24.18 -34.56
CA GLY E 122 -44.64 -24.52 -35.95
C GLY E 122 -45.86 -24.91 -36.75
N ALA E 123 -47.05 -24.77 -36.18
CA ALA E 123 -48.28 -25.03 -36.89
C ALA E 123 -49.40 -24.23 -36.24
N ALA E 124 -50.35 -23.81 -37.06
CA ALA E 124 -51.56 -23.15 -36.59
C ALA E 124 -52.75 -24.08 -36.79
N VAL E 125 -53.77 -23.91 -35.96
CA VAL E 125 -54.97 -24.74 -36.02
C VAL E 125 -56.07 -23.97 -36.74
N VAL E 126 -56.60 -24.56 -37.81
CA VAL E 126 -57.74 -23.99 -38.52
C VAL E 126 -59.00 -24.31 -37.72
N VAL E 127 -59.74 -23.26 -37.35
CA VAL E 127 -60.90 -23.39 -36.47
C VAL E 127 -62.14 -22.94 -37.24
N PHE E 128 -63.19 -23.74 -37.17
CA PHE E 128 -64.50 -23.38 -37.70
C PHE E 128 -65.55 -23.75 -36.66
N GLU E 129 -66.28 -22.75 -36.18
CA GLU E 129 -67.29 -22.94 -35.13
C GLU E 129 -66.69 -23.62 -33.91
N GLY E 130 -65.52 -23.13 -33.51
CA GLY E 130 -64.84 -23.62 -32.33
C GLY E 130 -64.13 -24.94 -32.49
N ARG E 131 -64.24 -25.60 -33.67
CA ARG E 131 -63.76 -26.96 -33.83
C ARG E 131 -62.55 -27.02 -34.77
N PRO E 132 -61.53 -27.79 -34.42
CA PRO E 132 -60.33 -27.88 -35.27
C PRO E 132 -60.59 -28.72 -36.51
N ILE E 133 -60.35 -28.13 -37.68
CA ILE E 133 -60.57 -28.79 -38.96
C ILE E 133 -59.28 -29.06 -39.71
N GLY E 134 -58.14 -28.60 -39.21
CA GLY E 134 -56.89 -28.85 -39.89
C GLY E 134 -55.76 -28.03 -39.31
N LEU E 135 -54.58 -28.26 -39.88
CA LEU E 135 -53.35 -27.58 -39.47
C LEU E 135 -52.72 -26.87 -40.65
N VAL E 136 -52.16 -25.70 -40.40
CA VAL E 136 -51.37 -24.95 -41.37
C VAL E 136 -49.95 -24.82 -40.83
N THR E 137 -48.97 -25.18 -41.64
CA THR E 137 -47.56 -25.00 -41.33
C THR E 137 -46.94 -23.97 -42.26
N GLU E 138 -45.66 -23.67 -42.01
CA GLU E 138 -44.97 -22.75 -42.92
C GLU E 138 -44.67 -23.41 -44.25
N ALA E 139 -44.45 -24.73 -44.26
CA ALA E 139 -44.22 -25.44 -45.52
C ALA E 139 -45.46 -25.38 -46.42
N ASN E 140 -46.66 -25.29 -45.84
CA ASN E 140 -47.87 -25.21 -46.64
C ASN E 140 -48.02 -23.84 -47.30
N CYS E 141 -47.44 -22.80 -46.69
CA CYS E 141 -47.56 -21.45 -47.21
C CYS E 141 -46.59 -21.14 -48.34
N ALA E 142 -45.67 -22.04 -48.64
CA ALA E 142 -44.67 -21.80 -49.67
C ALA E 142 -45.16 -22.33 -51.02
N GLY E 143 -44.80 -21.62 -52.08
CA GLY E 143 -45.18 -22.05 -53.41
C GLY E 143 -46.65 -21.91 -53.74
N VAL E 144 -47.38 -21.11 -52.95
CA VAL E 144 -48.80 -20.90 -53.14
C VAL E 144 -49.04 -19.40 -53.22
N ASP E 145 -50.13 -19.00 -53.90
CA ASP E 145 -50.50 -17.57 -53.97
C ASP E 145 -50.65 -17.03 -52.55
N ARG E 146 -49.95 -15.94 -52.22
CA ARG E 146 -49.97 -15.39 -50.84
C ARG E 146 -51.41 -15.00 -50.45
N PHE E 147 -52.30 -14.92 -51.43
CA PHE E 147 -53.68 -14.48 -51.12
C PHE E 147 -54.63 -15.68 -51.21
N ALA E 148 -54.11 -16.87 -51.48
CA ALA E 148 -54.96 -18.05 -51.41
C ALA E 148 -55.58 -18.15 -50.01
N ARG E 149 -56.76 -18.76 -49.95
CA ARG E 149 -57.42 -18.97 -48.68
C ARG E 149 -56.76 -20.13 -47.93
N VAL E 150 -56.76 -20.01 -46.61
CA VAL E 150 -56.15 -21.03 -45.74
C VAL E 150 -56.79 -22.39 -45.98
N ARG E 151 -58.10 -22.41 -46.25
CA ARG E 151 -58.82 -23.67 -46.49
C ARG E 151 -58.19 -24.50 -47.58
N ASP E 152 -57.54 -23.86 -48.57
CA ASP E 152 -56.97 -24.61 -49.68
C ASP E 152 -55.72 -25.37 -49.26
N ILE E 153 -54.80 -24.70 -48.56
CA ILE E 153 -53.52 -25.32 -48.20
C ILE E 153 -53.56 -26.05 -46.86
N ALA E 154 -54.68 -26.03 -46.16
CA ALA E 154 -54.77 -26.67 -44.85
C ALA E 154 -54.63 -28.18 -44.98
N LEU E 155 -54.07 -28.81 -43.94
CA LEU E 155 -53.89 -30.26 -43.90
C LEU E 155 -54.99 -30.88 -43.05
N SER E 156 -55.71 -31.84 -43.64
CA SER E 156 -56.90 -32.39 -43.01
C SER E 156 -56.57 -33.46 -41.98
N ASP E 157 -55.47 -34.19 -42.16
CA ASP E 157 -55.11 -35.28 -41.27
C ASP E 157 -54.11 -34.77 -40.23
N PHE E 158 -54.46 -34.92 -38.95
CA PHE E 158 -53.62 -34.49 -37.85
C PHE E 158 -53.92 -35.34 -36.63
N VAL E 159 -52.92 -35.46 -35.74
CA VAL E 159 -53.12 -36.24 -34.52
C VAL E 159 -53.99 -35.44 -33.55
N THR E 160 -54.94 -36.12 -32.93
CA THR E 160 -55.82 -35.50 -31.95
C THR E 160 -55.94 -36.41 -30.74
N ALA E 161 -56.20 -35.79 -29.59
CA ALA E 161 -56.38 -36.53 -28.34
C ALA E 161 -57.25 -35.72 -27.40
N PRO E 162 -58.05 -36.39 -26.56
CA PRO E 162 -58.84 -35.66 -25.56
C PRO E 162 -57.95 -34.92 -24.57
N VAL E 163 -58.39 -33.74 -24.15
CA VAL E 163 -57.63 -33.01 -23.14
C VAL E 163 -57.68 -33.77 -21.83
N GLY E 164 -56.55 -33.82 -21.14
CA GLY E 164 -56.40 -34.67 -19.97
C GLY E 164 -55.74 -36.00 -20.23
N THR E 165 -55.57 -36.37 -21.50
CA THR E 165 -54.78 -37.55 -21.85
C THR E 165 -53.37 -37.40 -21.31
N ASP E 166 -52.81 -38.50 -20.81
CA ASP E 166 -51.48 -38.48 -20.24
C ASP E 166 -50.48 -37.97 -21.28
N PRO E 167 -49.65 -36.97 -20.93
CA PRO E 167 -48.69 -36.43 -21.93
C PRO E 167 -47.78 -37.48 -22.53
N ARG E 168 -47.47 -38.54 -21.80
CA ARG E 168 -46.63 -39.60 -22.36
C ARG E 168 -47.33 -40.29 -23.53
N GLU E 169 -48.65 -40.51 -23.41
CA GLU E 169 -49.39 -41.12 -24.50
C GLU E 169 -49.44 -40.20 -25.71
N VAL E 170 -49.72 -38.91 -25.47
CA VAL E 170 -49.70 -37.94 -26.56
C VAL E 170 -48.34 -37.92 -27.23
N PHE E 171 -47.28 -38.04 -26.42
CA PHE E 171 -45.92 -38.12 -26.97
C PHE E 171 -45.77 -39.31 -27.90
N ASP E 172 -46.35 -40.46 -27.54
CA ASP E 172 -46.21 -41.66 -28.35
C ASP E 172 -47.04 -41.57 -29.62
N LEU E 173 -48.26 -41.04 -29.53
CA LEU E 173 -49.08 -40.85 -30.72
C LEU E 173 -48.39 -39.99 -31.76
N LEU E 174 -47.60 -39.01 -31.30
CA LEU E 174 -46.90 -38.09 -32.19
C LEU E 174 -45.59 -38.65 -32.73
N GLU E 175 -45.22 -39.88 -32.38
CA GLU E 175 -43.92 -40.40 -32.77
C GLU E 175 -43.75 -40.42 -34.28
N HIS E 176 -44.68 -41.06 -34.99
CA HIS E 176 -44.60 -41.20 -36.44
C HIS E 176 -45.45 -40.17 -37.18
N ALA E 177 -45.97 -39.18 -36.47
CA ALA E 177 -46.76 -38.14 -37.12
C ALA E 177 -45.88 -37.24 -37.99
N PRO E 178 -46.33 -36.85 -39.18
CA PRO E 178 -45.52 -35.94 -40.00
C PRO E 178 -45.44 -34.54 -39.41
N ILE E 179 -46.43 -34.13 -38.63
CA ILE E 179 -46.47 -32.82 -37.99
C ILE E 179 -46.46 -33.03 -36.48
N ASP E 180 -45.52 -32.36 -35.80
CA ASP E 180 -45.28 -32.60 -34.37
C ASP E 180 -46.25 -31.83 -33.49
N VAL E 181 -47.50 -31.66 -33.94
CA VAL E 181 -48.54 -31.01 -33.15
C VAL E 181 -49.69 -31.97 -32.94
N ALA E 182 -50.16 -32.09 -31.70
CA ALA E 182 -51.35 -32.84 -31.37
C ALA E 182 -52.45 -31.87 -30.95
N VAL E 183 -53.56 -31.88 -31.67
CA VAL E 183 -54.69 -31.01 -31.36
C VAL E 183 -55.50 -31.63 -30.23
N MET E 184 -55.62 -30.90 -29.13
CA MET E 184 -56.26 -31.42 -27.93
C MET E 184 -57.70 -30.94 -27.88
N THR E 185 -58.63 -31.89 -27.74
CA THR E 185 -60.05 -31.59 -27.84
C THR E 185 -60.70 -31.60 -26.47
N ALA E 186 -61.64 -30.67 -26.27
CA ALA E 186 -62.53 -30.69 -25.13
C ALA E 186 -63.58 -31.77 -25.35
N PRO E 187 -64.26 -32.20 -24.27
CA PRO E 187 -65.27 -33.27 -24.43
C PRO E 187 -66.31 -33.00 -25.52
N ASP E 188 -66.73 -31.75 -25.71
CA ASP E 188 -67.70 -31.43 -26.75
C ASP E 188 -67.08 -31.38 -28.15
N GLY E 189 -65.78 -31.66 -28.28
CA GLY E 189 -65.13 -31.70 -29.57
C GLY E 189 -64.42 -30.43 -29.97
N THR E 190 -64.68 -29.32 -29.28
CA THR E 190 -64.05 -28.05 -29.64
C THR E 190 -62.56 -28.08 -29.28
N LEU E 191 -61.86 -27.01 -29.65
CA LEU E 191 -60.41 -26.96 -29.49
C LEU E 191 -60.05 -26.52 -28.08
N ALA E 192 -59.32 -27.37 -27.35
CA ALA E 192 -58.81 -27.00 -26.04
C ALA E 192 -57.39 -26.46 -26.08
N GLY E 193 -56.64 -26.78 -27.12
CA GLY E 193 -55.27 -26.36 -27.24
C GLY E 193 -54.45 -27.42 -27.97
N VAL E 194 -53.14 -27.30 -27.86
CA VAL E 194 -52.20 -28.18 -28.55
C VAL E 194 -51.14 -28.64 -27.58
N LEU E 195 -50.51 -29.76 -27.94
CA LEU E 195 -49.36 -30.28 -27.22
C LEU E 195 -48.41 -30.89 -28.25
N THR E 196 -47.14 -30.52 -28.18
CA THR E 196 -46.11 -31.11 -29.02
C THR E 196 -45.38 -32.18 -28.23
N ARG E 197 -44.48 -32.90 -28.93
CA ARG E 197 -43.65 -33.88 -28.22
C ARG E 197 -42.77 -33.19 -27.18
N THR E 198 -42.14 -32.07 -27.55
CA THR E 198 -41.31 -31.34 -26.59
C THR E 198 -42.16 -30.76 -25.46
N GLY E 199 -43.36 -30.28 -25.78
CA GLY E 199 -44.26 -29.81 -24.75
C GLY E 199 -44.68 -30.92 -23.79
N ALA E 200 -44.77 -32.14 -24.29
CA ALA E 200 -45.05 -33.28 -23.42
C ALA E 200 -43.86 -33.56 -22.50
N ILE E 201 -42.65 -33.54 -23.04
CA ILE E 201 -41.45 -33.71 -22.22
C ILE E 201 -41.39 -32.65 -21.13
N ARG E 202 -41.66 -31.40 -21.48
CA ARG E 202 -41.56 -30.30 -20.51
C ARG E 202 -42.59 -30.44 -19.40
N ALA E 203 -43.73 -31.07 -19.68
CA ALA E 203 -44.72 -31.28 -18.61
C ALA E 203 -44.16 -32.16 -17.50
N GLY E 204 -43.22 -33.06 -17.83
CA GLY E 204 -42.59 -33.93 -16.85
C GLY E 204 -41.26 -33.43 -16.33
N ILE E 205 -40.91 -32.16 -16.59
CA ILE E 205 -39.67 -31.56 -16.14
C ILE E 205 -39.94 -30.32 -15.31
N TYR E 206 -40.78 -29.43 -15.83
CA TYR E 206 -41.16 -28.20 -15.14
C TYR E 206 -42.50 -28.36 -14.42
N THR E 207 -42.59 -27.77 -13.25
CA THR E 207 -43.84 -27.68 -12.50
C THR E 207 -44.47 -26.33 -12.75
N PRO E 208 -45.75 -26.27 -13.15
CA PRO E 208 -46.39 -24.97 -13.35
C PRO E 208 -46.40 -24.15 -12.07
N ALA E 209 -46.22 -22.84 -12.21
CA ALA E 209 -46.38 -21.91 -11.10
C ALA E 209 -47.85 -21.53 -11.02
N VAL E 210 -48.49 -21.85 -9.89
CA VAL E 210 -49.94 -21.74 -9.77
C VAL E 210 -50.29 -21.05 -8.46
N ASP E 211 -51.51 -20.51 -8.41
CA ASP E 211 -52.05 -19.89 -7.22
C ASP E 211 -52.84 -20.93 -6.41
N ALA E 212 -53.54 -20.47 -5.36
CA ALA E 212 -54.30 -21.38 -4.51
C ALA E 212 -55.47 -22.03 -5.24
N LYS E 213 -55.92 -21.46 -6.36
CA LYS E 213 -56.96 -22.08 -7.18
C LYS E 213 -56.38 -22.98 -8.27
N GLY E 214 -55.08 -23.20 -8.28
CA GLY E 214 -54.48 -24.02 -9.33
C GLY E 214 -54.43 -23.35 -10.68
N ARG E 215 -54.34 -22.02 -10.72
CA ARG E 215 -54.28 -21.27 -11.98
C ARG E 215 -52.91 -20.61 -12.10
N LEU E 216 -52.44 -20.45 -13.33
CA LEU E 216 -51.11 -19.91 -13.59
C LEU E 216 -50.91 -18.57 -12.88
N ARG E 217 -49.75 -18.43 -12.25
CA ARG E 217 -49.40 -17.23 -11.50
C ARG E 217 -49.03 -16.08 -12.42
N ILE E 218 -49.30 -14.86 -11.97
CA ILE E 218 -48.98 -13.66 -12.73
C ILE E 218 -48.80 -12.52 -11.75
N ALA E 219 -47.91 -11.58 -12.09
CA ALA E 219 -47.58 -10.48 -11.21
C ALA E 219 -47.81 -9.16 -11.93
N ALA E 220 -47.96 -8.10 -11.16
CA ALA E 220 -48.17 -6.76 -11.72
C ALA E 220 -47.21 -5.79 -11.05
N ALA E 221 -46.82 -4.76 -11.79
CA ALA E 221 -45.91 -3.73 -11.30
C ALA E 221 -46.63 -2.40 -11.17
N VAL E 222 -46.14 -1.57 -10.26
CA VAL E 222 -46.70 -0.24 -10.03
C VAL E 222 -45.54 0.71 -9.79
N GLY E 223 -45.64 1.92 -10.39
CA GLY E 223 -44.69 2.97 -10.11
C GLY E 223 -45.05 3.72 -8.85
N ILE E 224 -44.10 4.53 -8.36
CA ILE E 224 -44.31 5.24 -7.10
C ILE E 224 -44.99 6.59 -7.28
N ASN E 225 -45.35 6.97 -8.50
CA ASN E 225 -46.09 8.20 -8.71
C ASN E 225 -47.58 7.97 -8.53
N GLY E 226 -48.31 9.07 -8.34
CA GLY E 226 -49.75 8.98 -8.20
C GLY E 226 -50.16 8.34 -6.89
N ASP E 227 -51.28 7.64 -6.91
CA ASP E 227 -51.83 7.00 -5.72
C ASP E 227 -51.42 5.53 -5.74
N VAL E 228 -50.32 5.21 -5.05
CA VAL E 228 -49.76 3.87 -5.12
C VAL E 228 -50.69 2.87 -4.45
N GLY E 229 -51.31 3.26 -3.34
CA GLY E 229 -52.20 2.35 -2.63
C GLY E 229 -53.38 1.90 -3.48
N ALA E 230 -54.08 2.87 -4.09
CA ALA E 230 -55.23 2.53 -4.91
C ALA E 230 -54.84 1.63 -6.08
N LYS E 231 -53.77 1.99 -6.79
CA LYS E 231 -53.33 1.17 -7.93
C LYS E 231 -52.98 -0.24 -7.49
N ALA E 232 -52.26 -0.39 -6.36
CA ALA E 232 -51.93 -1.72 -5.86
C ALA E 232 -53.18 -2.48 -5.44
N GLN E 233 -54.11 -1.82 -4.75
CA GLN E 233 -55.37 -2.46 -4.40
C GLN E 233 -56.09 -2.97 -5.65
N ALA E 234 -56.14 -2.15 -6.70
CA ALA E 234 -56.83 -2.55 -7.91
C ALA E 234 -56.13 -3.72 -8.60
N LEU E 235 -54.79 -3.74 -8.58
CA LEU E 235 -54.07 -4.86 -9.17
C LEU E 235 -54.31 -6.14 -8.39
N ALA E 236 -54.37 -6.05 -7.06
CA ALA E 236 -54.67 -7.24 -6.25
C ALA E 236 -56.07 -7.77 -6.54
N GLU E 237 -57.06 -6.87 -6.54
CA GLU E 237 -58.44 -7.29 -6.82
C GLU E 237 -58.58 -7.85 -8.24
N ALA E 238 -57.74 -7.41 -9.18
CA ALA E 238 -57.77 -8.00 -10.51
C ALA E 238 -57.19 -9.41 -10.54
N GLY E 239 -56.52 -9.85 -9.47
CA GLY E 239 -56.00 -11.20 -9.40
C GLY E 239 -54.50 -11.35 -9.46
N ALA E 240 -53.74 -10.26 -9.32
CA ALA E 240 -52.28 -10.37 -9.32
C ALA E 240 -51.82 -11.13 -8.08
N ASP E 241 -50.93 -12.10 -8.28
CA ASP E 241 -50.40 -12.93 -7.20
C ASP E 241 -49.20 -12.30 -6.52
N LEU E 242 -48.59 -11.29 -7.11
CA LEU E 242 -47.41 -10.66 -6.57
C LEU E 242 -47.35 -9.23 -7.11
N LEU E 243 -46.93 -8.31 -6.26
CA LEU E 243 -46.84 -6.88 -6.60
C LEU E 243 -45.39 -6.44 -6.59
N VAL E 244 -45.01 -5.66 -7.61
CA VAL E 244 -43.67 -5.12 -7.74
C VAL E 244 -43.76 -3.60 -7.70
N ILE E 245 -43.18 -2.99 -6.68
CA ILE E 245 -43.08 -1.53 -6.58
C ILE E 245 -41.73 -1.14 -7.18
N ASP E 246 -41.76 -0.54 -8.37
CA ASP E 246 -40.59 -0.39 -9.21
C ASP E 246 -40.29 1.08 -9.49
N THR E 247 -39.05 1.48 -9.25
CA THR E 247 -38.57 2.80 -9.66
C THR E 247 -37.07 2.70 -9.91
N ALA E 248 -36.57 3.66 -10.70
CA ALA E 248 -35.15 3.65 -11.06
C ALA E 248 -34.26 3.80 -9.83
N HIS E 249 -34.59 4.75 -8.97
CA HIS E 249 -33.81 5.00 -7.76
C HIS E 249 -34.65 4.65 -6.54
N GLY E 250 -34.52 3.41 -6.07
CA GLY E 250 -35.37 2.94 -4.99
C GLY E 250 -35.02 3.47 -3.62
N HIS E 251 -33.80 3.97 -3.43
CA HIS E 251 -33.39 4.43 -2.11
C HIS E 251 -33.72 5.92 -1.94
N GLN E 252 -35.02 6.20 -1.92
CA GLN E 252 -35.47 7.57 -1.76
C GLN E 252 -36.79 7.61 -1.01
N ALA E 253 -37.09 8.78 -0.46
CA ALA E 253 -38.22 8.92 0.45
C ALA E 253 -39.54 8.50 -0.20
N LYS E 254 -39.78 8.95 -1.43
CA LYS E 254 -41.06 8.66 -2.08
C LYS E 254 -41.29 7.15 -2.26
N MET E 255 -40.21 6.37 -2.42
CA MET E 255 -40.37 4.92 -2.48
C MET E 255 -40.72 4.35 -1.12
N LEU E 256 -40.08 4.84 -0.06
CA LEU E 256 -40.40 4.36 1.28
C LEU E 256 -41.87 4.64 1.62
N ASP E 257 -42.37 5.83 1.28
CA ASP E 257 -43.78 6.13 1.50
C ASP E 257 -44.67 5.19 0.69
N ALA E 258 -44.28 4.88 -0.54
CA ALA E 258 -45.10 4.01 -1.38
C ALA E 258 -45.17 2.59 -0.81
N ILE E 259 -44.08 2.10 -0.23
CA ILE E 259 -44.08 0.77 0.34
C ILE E 259 -44.95 0.74 1.60
N LYS E 260 -44.85 1.77 2.44
CA LYS E 260 -45.71 1.85 3.60
C LYS E 260 -47.18 1.90 3.19
N ALA E 261 -47.48 2.58 2.08
CA ALA E 261 -48.87 2.72 1.65
C ALA E 261 -49.46 1.37 1.26
N VAL E 262 -48.74 0.58 0.47
CA VAL E 262 -49.26 -0.72 0.03
C VAL E 262 -49.28 -1.71 1.18
N ALA E 263 -48.25 -1.67 2.05
CA ALA E 263 -48.23 -2.54 3.21
C ALA E 263 -49.41 -2.26 4.13
N SER E 264 -49.74 -0.98 4.33
CA SER E 264 -50.83 -0.62 5.23
C SER E 264 -52.16 -1.25 4.80
N LEU E 265 -52.31 -1.53 3.50
CA LEU E 265 -53.56 -2.07 2.99
C LEU E 265 -53.72 -3.56 3.27
N ASP E 266 -52.66 -4.24 3.71
CA ASP E 266 -52.72 -5.65 4.10
C ASP E 266 -53.34 -6.50 3.00
N LEU E 267 -52.81 -6.36 1.78
CA LEU E 267 -53.37 -7.08 0.65
C LEU E 267 -53.03 -8.56 0.67
N GLY E 268 -52.05 -8.97 1.47
CA GLY E 268 -51.72 -10.38 1.62
C GLY E 268 -50.86 -10.97 0.54
N LEU E 269 -50.37 -10.18 -0.40
CA LEU E 269 -49.50 -10.65 -1.46
C LEU E 269 -48.05 -10.31 -1.17
N PRO E 270 -47.11 -11.10 -1.70
CA PRO E 270 -45.68 -10.75 -1.54
C PRO E 270 -45.40 -9.40 -2.20
N LEU E 271 -44.50 -8.63 -1.57
CA LEU E 271 -44.20 -7.25 -1.95
C LEU E 271 -42.75 -7.12 -2.38
N VAL E 272 -42.53 -6.91 -3.68
CA VAL E 272 -41.20 -6.64 -4.21
C VAL E 272 -41.04 -5.14 -4.38
N ALA E 273 -39.87 -4.62 -3.99
CA ALA E 273 -39.56 -3.21 -4.17
C ALA E 273 -38.12 -3.05 -4.62
N GLY E 274 -37.89 -2.08 -5.50
CA GLY E 274 -36.56 -1.80 -6.02
C GLY E 274 -36.60 -0.56 -6.87
N ASN E 275 -35.42 -0.16 -7.36
CA ASN E 275 -34.19 -0.92 -7.24
C ASN E 275 -33.14 -0.19 -6.38
N VAL E 276 -32.30 -0.96 -5.69
CA VAL E 276 -31.17 -0.44 -4.94
C VAL E 276 -29.97 -1.32 -5.24
N VAL E 277 -28.81 -0.90 -4.75
CA VAL E 277 -27.58 -1.66 -4.95
C VAL E 277 -26.73 -1.64 -3.69
N SER E 278 -27.28 -1.14 -2.58
CA SER E 278 -26.52 -1.02 -1.33
C SER E 278 -27.24 -1.73 -0.19
N ALA E 279 -26.45 -2.07 0.85
CA ALA E 279 -27.02 -2.74 2.01
C ALA E 279 -28.00 -1.84 2.75
N GLU E 280 -27.65 -0.56 2.89
CA GLU E 280 -28.55 0.39 3.54
C GLU E 280 -29.86 0.50 2.78
N GLY E 281 -29.81 0.52 1.45
CA GLY E 281 -31.04 0.57 0.68
C GLY E 281 -31.89 -0.66 0.88
N THR E 282 -31.25 -1.82 0.95
CA THR E 282 -31.96 -3.08 1.19
C THR E 282 -32.65 -3.08 2.56
N ARG E 283 -31.91 -2.69 3.62
CA ARG E 283 -32.51 -2.57 4.94
C ARG E 283 -33.67 -1.59 4.95
N ASP E 284 -33.51 -0.46 4.27
CA ASP E 284 -34.55 0.56 4.29
C ASP E 284 -35.83 0.10 3.61
N LEU E 285 -35.72 -0.61 2.48
CA LEU E 285 -36.93 -1.06 1.81
C LEU E 285 -37.64 -2.16 2.60
N ILE E 286 -36.89 -3.02 3.30
CA ILE E 286 -37.54 -4.07 4.07
C ILE E 286 -38.22 -3.49 5.31
N GLU E 287 -37.54 -2.58 6.01
CA GLU E 287 -38.14 -1.95 7.19
C GLU E 287 -39.41 -1.19 6.84
N ALA E 288 -39.53 -0.73 5.60
CA ALA E 288 -40.73 -0.03 5.15
C ALA E 288 -41.86 -0.97 4.77
N GLY E 289 -41.63 -2.29 4.81
CA GLY E 289 -42.69 -3.26 4.57
C GLY E 289 -42.50 -4.16 3.35
N ALA E 290 -41.41 -4.07 2.62
CA ALA E 290 -41.19 -4.96 1.48
C ALA E 290 -40.52 -6.23 1.95
N SER E 291 -40.98 -7.37 1.43
CA SER E 291 -40.36 -8.65 1.77
C SER E 291 -39.30 -9.08 0.76
N ILE E 292 -39.27 -8.48 -0.42
CA ILE E 292 -38.31 -8.81 -1.47
C ILE E 292 -37.76 -7.50 -2.03
N VAL E 293 -36.43 -7.39 -2.11
CA VAL E 293 -35.77 -6.21 -2.65
C VAL E 293 -35.25 -6.54 -4.04
N LYS E 294 -35.59 -5.70 -5.02
CA LYS E 294 -35.12 -5.88 -6.38
C LYS E 294 -33.84 -5.07 -6.55
N VAL E 295 -32.78 -5.74 -7.02
CA VAL E 295 -31.44 -5.18 -7.00
C VAL E 295 -30.96 -4.98 -8.44
N GLY E 296 -30.51 -3.77 -8.74
CA GLY E 296 -29.97 -3.44 -10.05
C GLY E 296 -30.12 -1.98 -10.42
N VAL E 297 -29.01 -1.25 -10.45
CA VAL E 297 -28.98 0.15 -10.89
C VAL E 297 -27.79 0.27 -11.83
N GLY E 298 -28.05 0.30 -13.14
CA GLY E 298 -26.98 0.37 -14.10
C GLY E 298 -26.87 -0.77 -15.11
N PRO E 299 -26.97 -2.03 -14.66
CA PRO E 299 -26.66 -3.15 -15.58
C PRO E 299 -27.73 -3.46 -16.62
N GLY E 300 -28.96 -2.93 -16.47
CA GLY E 300 -30.01 -3.20 -17.45
C GLY E 300 -29.60 -2.92 -18.88
N ALA E 301 -29.90 -3.85 -19.79
CA ALA E 301 -29.45 -3.72 -21.17
C ALA E 301 -30.03 -2.48 -21.84
N MET E 302 -31.20 -2.01 -21.40
CA MET E 302 -31.77 -0.77 -21.92
C MET E 302 -31.41 0.44 -21.07
N CYS E 303 -30.62 0.25 -20.01
CA CYS E 303 -30.34 1.29 -19.04
C CYS E 303 -29.13 2.10 -19.49
N THR E 304 -29.32 3.41 -19.63
CA THR E 304 -28.24 4.32 -19.99
C THR E 304 -27.79 5.17 -18.80
N THR E 305 -28.10 4.73 -17.58
CA THR E 305 -27.78 5.53 -16.39
C THR E 305 -26.28 5.75 -16.25
N ARG E 306 -25.48 4.73 -16.53
CA ARG E 306 -24.03 4.85 -16.39
C ARG E 306 -23.49 5.98 -17.26
N MET E 307 -23.84 5.98 -18.54
CA MET E 307 -23.29 6.97 -19.45
C MET E 307 -23.89 8.35 -19.20
N MET E 308 -25.13 8.41 -18.70
CA MET E 308 -25.77 9.69 -18.46
C MET E 308 -25.33 10.32 -17.14
N THR E 309 -25.17 9.51 -16.08
CA THR E 309 -24.99 10.01 -14.73
C THR E 309 -23.73 9.50 -14.01
N GLY E 310 -23.05 8.49 -14.56
CA GLY E 310 -21.99 7.82 -13.82
C GLY E 310 -22.47 6.95 -12.69
N VAL E 311 -23.76 6.93 -12.41
CA VAL E 311 -24.30 6.16 -11.28
C VAL E 311 -24.53 4.72 -11.71
N GLY E 312 -24.11 3.79 -10.88
CA GLY E 312 -24.30 2.38 -11.16
C GLY E 312 -23.47 1.55 -10.22
N ARG E 313 -23.66 0.24 -10.33
CA ARG E 313 -22.80 -0.64 -9.55
C ARG E 313 -22.70 -1.97 -10.26
N PRO E 314 -21.50 -2.55 -10.37
CA PRO E 314 -21.38 -3.90 -10.91
C PRO E 314 -22.33 -4.85 -10.20
N GLN E 315 -23.06 -5.65 -10.99
CA GLN E 315 -24.26 -6.31 -10.49
C GLN E 315 -23.94 -7.43 -9.51
N PHE E 316 -22.85 -8.17 -9.74
CA PHE E 316 -22.55 -9.29 -8.84
C PHE E 316 -22.27 -8.79 -7.43
N SER E 317 -21.43 -7.77 -7.29
CA SER E 317 -21.17 -7.20 -5.98
C SER E 317 -22.43 -6.61 -5.37
N ALA E 318 -23.29 -6.00 -6.20
CA ALA E 318 -24.53 -5.45 -5.70
C ALA E 318 -25.43 -6.56 -5.15
N VAL E 319 -25.52 -7.68 -5.85
CA VAL E 319 -26.39 -8.77 -5.39
C VAL E 319 -25.83 -9.41 -4.12
N VAL E 320 -24.51 -9.62 -4.07
CA VAL E 320 -23.89 -10.22 -2.89
C VAL E 320 -24.18 -9.40 -1.65
N GLU E 321 -23.91 -8.09 -1.72
CA GLU E 321 -24.06 -7.25 -0.55
C GLU E 321 -25.53 -7.07 -0.17
N CYS E 322 -26.42 -6.96 -1.16
CA CYS E 322 -27.83 -6.75 -0.86
C CYS E 322 -28.51 -8.03 -0.37
N ALA E 323 -28.19 -9.18 -0.98
CA ALA E 323 -28.73 -10.44 -0.49
C ALA E 323 -28.28 -10.70 0.95
N ALA E 324 -27.01 -10.40 1.27
CA ALA E 324 -26.54 -10.59 2.64
C ALA E 324 -27.24 -9.65 3.62
N ALA E 325 -27.54 -8.42 3.19
CA ALA E 325 -28.28 -7.51 4.06
C ALA E 325 -29.70 -7.97 4.27
N ALA E 326 -30.37 -8.41 3.20
CA ALA E 326 -31.75 -8.89 3.32
C ALA E 326 -31.82 -10.17 4.13
N ARG E 327 -30.80 -11.03 4.04
CA ARG E 327 -30.78 -12.27 4.81
C ARG E 327 -30.89 -12.00 6.31
N GLN E 328 -30.22 -10.94 6.81
CA GLN E 328 -30.26 -10.65 8.24
C GLN E 328 -31.66 -10.27 8.72
N LEU E 329 -32.50 -9.75 7.82
CA LEU E 329 -33.85 -9.33 8.14
C LEU E 329 -34.91 -10.32 7.67
N GLY E 330 -34.50 -11.52 7.26
CA GLY E 330 -35.45 -12.50 6.78
C GLY E 330 -36.03 -12.22 5.41
N GLY E 331 -35.51 -11.22 4.70
CA GLY E 331 -35.99 -10.89 3.37
C GLY E 331 -35.20 -11.57 2.26
N HIS E 332 -35.61 -11.29 1.02
CA HIS E 332 -35.02 -11.91 -0.16
C HIS E 332 -34.66 -10.84 -1.17
N VAL E 333 -33.87 -11.23 -2.17
CA VAL E 333 -33.38 -10.30 -3.16
C VAL E 333 -33.59 -10.88 -4.56
N TRP E 334 -34.08 -10.04 -5.47
CA TRP E 334 -34.20 -10.35 -6.89
C TRP E 334 -33.04 -9.70 -7.65
N ALA E 335 -32.35 -10.49 -8.48
CA ALA E 335 -31.24 -9.97 -9.26
C ALA E 335 -31.79 -9.45 -10.59
N ASP E 336 -31.85 -8.12 -10.74
CA ASP E 336 -32.53 -7.47 -11.87
C ASP E 336 -31.53 -6.75 -12.76
N GLY E 337 -31.41 -7.21 -14.00
CA GLY E 337 -30.65 -6.50 -15.02
C GLY E 337 -29.37 -7.19 -15.45
N GLY E 338 -29.06 -7.10 -16.74
CA GLY E 338 -27.79 -7.55 -17.25
C GLY E 338 -27.62 -9.04 -17.50
N VAL E 339 -28.70 -9.83 -17.47
CA VAL E 339 -28.60 -11.26 -17.71
C VAL E 339 -28.60 -11.52 -19.21
N ARG E 340 -27.52 -12.09 -19.72
CA ARG E 340 -27.42 -12.45 -21.13
C ARG E 340 -27.15 -13.94 -21.37
N HIS E 341 -26.69 -14.68 -20.37
CA HIS E 341 -26.29 -16.06 -20.54
C HIS E 341 -26.72 -16.83 -19.29
N PRO E 342 -26.86 -18.14 -19.41
CA PRO E 342 -27.19 -18.95 -18.22
C PRO E 342 -26.21 -18.75 -17.07
N ARG E 343 -24.92 -18.53 -17.34
CA ARG E 343 -23.98 -18.32 -16.23
C ARG E 343 -24.37 -17.12 -15.39
N ASP E 344 -25.06 -16.13 -15.97
CA ASP E 344 -25.45 -14.96 -15.20
C ASP E 344 -26.57 -15.30 -14.23
N VAL E 345 -27.52 -16.14 -14.64
CA VAL E 345 -28.55 -16.62 -13.72
C VAL E 345 -27.91 -17.40 -12.57
N ALA E 346 -26.96 -18.28 -12.88
CA ALA E 346 -26.33 -19.09 -11.84
C ALA E 346 -25.53 -18.23 -10.86
N LEU E 347 -24.71 -17.31 -11.38
CA LEU E 347 -23.89 -16.47 -10.51
C LEU E 347 -24.76 -15.59 -9.61
N ALA E 348 -25.91 -15.13 -10.11
CA ALA E 348 -26.81 -14.33 -9.30
C ALA E 348 -27.38 -15.15 -8.13
N LEU E 349 -27.74 -16.40 -8.40
CA LEU E 349 -28.19 -17.29 -7.34
C LEU E 349 -27.03 -17.67 -6.43
N ALA E 350 -25.86 -17.94 -7.00
CA ALA E 350 -24.69 -18.18 -6.16
C ALA E 350 -24.40 -16.99 -5.26
N ALA E 351 -24.63 -15.78 -5.77
CA ALA E 351 -24.43 -14.57 -4.99
C ALA E 351 -25.45 -14.42 -3.88
N GLY E 352 -26.54 -15.19 -3.91
CA GLY E 352 -27.54 -15.15 -2.85
C GLY E 352 -28.89 -14.60 -3.24
N ALA E 353 -29.12 -14.31 -4.52
CA ALA E 353 -30.46 -13.92 -4.94
C ALA E 353 -31.39 -15.14 -4.88
N SER E 354 -32.66 -14.87 -4.57
CA SER E 354 -33.68 -15.91 -4.58
C SER E 354 -34.35 -16.08 -5.93
N ASN E 355 -34.27 -15.06 -6.79
CA ASN E 355 -34.88 -15.11 -8.11
C ASN E 355 -34.11 -14.16 -9.01
N VAL E 356 -34.16 -14.40 -10.31
CA VAL E 356 -33.39 -13.63 -11.29
C VAL E 356 -34.34 -13.07 -12.33
N MET E 357 -34.40 -11.73 -12.40
CA MET E 357 -35.28 -11.05 -13.34
C MET E 357 -34.57 -10.85 -14.66
N ILE E 358 -35.23 -11.26 -15.74
CA ILE E 358 -34.67 -11.24 -17.10
C ILE E 358 -35.57 -10.40 -17.98
N GLY E 359 -34.96 -9.50 -18.76
CA GLY E 359 -35.70 -8.60 -19.61
C GLY E 359 -35.44 -8.79 -21.09
N SER E 360 -34.49 -8.00 -21.62
CA SER E 360 -34.25 -7.91 -23.06
C SER E 360 -33.99 -9.27 -23.70
N TRP E 361 -33.34 -10.19 -22.97
CA TRP E 361 -33.04 -11.50 -23.54
C TRP E 361 -34.30 -12.19 -24.04
N PHE E 362 -35.40 -12.10 -23.29
CA PHE E 362 -36.62 -12.78 -23.71
C PHE E 362 -37.39 -11.99 -24.77
N ALA E 363 -36.93 -10.79 -25.16
CA ALA E 363 -37.60 -10.10 -26.25
C ALA E 363 -37.37 -10.81 -27.57
N GLY E 364 -36.21 -11.43 -27.74
CA GLY E 364 -35.91 -12.20 -28.93
C GLY E 364 -36.48 -13.60 -28.87
N THR E 365 -37.78 -13.72 -28.60
CA THR E 365 -38.49 -15.00 -28.64
C THR E 365 -39.80 -14.81 -29.40
N TYR E 366 -40.33 -15.93 -29.91
CA TYR E 366 -41.62 -15.89 -30.59
C TYR E 366 -42.71 -15.27 -29.71
N GLU E 367 -42.71 -15.62 -28.42
CA GLU E 367 -43.80 -15.27 -27.53
C GLU E 367 -43.77 -13.82 -27.04
N SER E 368 -42.68 -13.07 -27.26
CA SER E 368 -42.66 -11.67 -26.85
C SER E 368 -43.62 -10.85 -27.72
N PRO E 369 -44.16 -9.76 -27.18
CA PRO E 369 -45.23 -9.04 -27.88
C PRO E 369 -44.84 -8.44 -29.22
N GLY E 370 -43.55 -8.11 -29.43
CA GLY E 370 -43.16 -7.39 -30.62
C GLY E 370 -43.32 -8.20 -31.89
N ASP E 371 -43.33 -7.50 -33.01
CA ASP E 371 -43.36 -8.16 -34.32
C ASP E 371 -42.01 -8.79 -34.61
N LEU E 372 -42.04 -9.93 -35.29
CA LEU E 372 -40.82 -10.64 -35.65
C LEU E 372 -40.20 -9.96 -36.88
N LEU E 373 -38.96 -9.49 -36.74
CA LEU E 373 -38.26 -8.75 -37.77
C LEU E 373 -37.07 -9.55 -38.29
N PHE E 374 -36.65 -9.22 -39.50
CA PHE E 374 -35.50 -9.86 -40.14
C PHE E 374 -34.48 -8.81 -40.52
N ASP E 375 -33.20 -9.15 -40.41
CA ASP E 375 -32.12 -8.21 -40.62
C ASP E 375 -31.57 -8.34 -42.05
N ARG E 376 -30.41 -7.72 -42.29
CA ARG E 376 -29.80 -7.77 -43.61
C ARG E 376 -29.46 -9.20 -44.02
N ASP E 377 -29.07 -10.05 -43.07
CA ASP E 377 -28.70 -11.43 -43.35
C ASP E 377 -29.89 -12.39 -43.31
N ASP E 378 -31.11 -11.86 -43.17
CA ASP E 378 -32.37 -12.60 -43.07
C ASP E 378 -32.54 -13.30 -41.70
N ARG E 379 -31.61 -13.11 -40.77
CA ARG E 379 -31.75 -13.71 -39.45
C ARG E 379 -32.92 -13.09 -38.68
N PRO E 380 -33.74 -13.90 -38.01
CA PRO E 380 -34.86 -13.34 -37.24
C PRO E 380 -34.37 -12.58 -36.01
N TYR E 381 -35.05 -11.47 -35.71
CA TYR E 381 -34.75 -10.70 -34.52
C TYR E 381 -35.99 -9.94 -34.08
N LYS E 382 -35.96 -9.48 -32.83
CA LYS E 382 -36.97 -8.57 -32.30
C LYS E 382 -36.28 -7.47 -31.52
N GLU E 383 -36.98 -6.35 -31.39
CA GLU E 383 -36.43 -5.21 -30.68
C GLU E 383 -36.88 -5.22 -29.23
N SER E 384 -35.92 -5.14 -28.33
CA SER E 384 -36.19 -4.75 -26.95
C SER E 384 -36.07 -3.24 -26.85
N TYR E 385 -36.86 -2.64 -25.96
CA TYR E 385 -36.76 -1.22 -25.70
C TYR E 385 -37.03 -0.97 -24.23
N GLY E 386 -36.57 0.18 -23.75
CA GLY E 386 -36.65 0.48 -22.34
C GLY E 386 -38.00 1.01 -21.92
N MET E 387 -38.23 0.93 -20.61
CA MET E 387 -39.43 1.49 -20.00
C MET E 387 -39.29 2.99 -19.72
N ALA E 388 -38.06 3.49 -19.65
CA ALA E 388 -37.75 4.91 -19.57
C ALA E 388 -38.57 5.64 -18.51
N SER E 389 -39.39 6.61 -18.95
CA SER E 389 -40.14 7.46 -18.03
C SER E 389 -41.00 6.66 -17.07
N LYS E 390 -41.43 5.46 -17.48
CA LYS E 390 -42.31 4.67 -16.62
C LYS E 390 -41.62 4.20 -15.35
N ARG E 391 -40.30 4.26 -15.27
CA ARG E 391 -39.58 3.94 -14.05
C ARG E 391 -39.14 5.18 -13.28
N ALA E 392 -39.49 6.38 -13.75
CA ALA E 392 -38.99 7.61 -13.17
C ALA E 392 -40.02 8.26 -12.25
N VAL E 393 -39.50 9.04 -11.29
CA VAL E 393 -40.36 9.88 -10.47
C VAL E 393 -40.85 11.06 -11.30
N ALA E 394 -42.11 11.44 -11.12
CA ALA E 394 -42.70 12.53 -11.87
C ALA E 394 -43.43 13.49 -10.94
N ALA E 395 -43.26 14.79 -11.18
CA ALA E 395 -43.99 15.80 -10.45
C ALA E 395 -45.46 15.78 -10.85
N ARG E 396 -46.31 16.23 -9.93
CA ARG E 396 -47.75 16.23 -10.16
C ARG E 396 -48.10 17.04 -11.41
N THR E 397 -48.98 16.46 -12.24
CA THR E 397 -49.37 17.07 -13.50
C THR E 397 -50.68 17.86 -13.40
N ALA E 398 -51.18 18.09 -12.20
CA ALA E 398 -52.42 18.83 -12.02
C ALA E 398 -52.24 20.28 -12.45
N GLY E 399 -53.18 20.79 -13.25
CA GLY E 399 -53.11 22.17 -13.71
C GLY E 399 -51.91 22.48 -14.56
N ASP E 400 -51.52 21.56 -15.46
CA ASP E 400 -50.35 21.70 -16.29
C ASP E 400 -50.76 21.97 -17.73
N SER E 401 -50.20 23.03 -18.31
CA SER E 401 -50.43 23.34 -19.71
C SER E 401 -49.64 22.38 -20.61
N SER E 402 -49.90 22.48 -21.91
CA SER E 402 -49.02 21.84 -22.89
C SER E 402 -47.59 22.34 -22.76
N PHE E 403 -47.40 23.54 -22.21
CA PHE E 403 -46.06 24.04 -21.91
C PHE E 403 -45.39 23.19 -20.84
N ASP E 404 -46.06 23.03 -19.69
CA ASP E 404 -45.49 22.24 -18.61
C ASP E 404 -45.28 20.79 -19.01
N ARG E 405 -46.14 20.26 -19.87
CA ARG E 405 -45.92 18.93 -20.43
C ARG E 405 -44.56 18.86 -21.14
N ALA E 406 -44.37 19.70 -22.16
CA ALA E 406 -43.11 19.73 -22.89
C ALA E 406 -41.94 20.19 -22.03
N ARG E 407 -42.19 20.95 -20.96
CA ARG E 407 -41.09 21.39 -20.11
C ARG E 407 -40.51 20.22 -19.31
N LYS E 408 -41.37 19.36 -18.77
CA LYS E 408 -40.88 18.17 -18.08
C LYS E 408 -40.48 17.05 -19.03
N GLY E 409 -40.82 17.17 -20.32
CA GLY E 409 -40.42 16.19 -21.31
C GLY E 409 -39.08 16.44 -21.97
N LEU E 410 -38.44 17.58 -21.69
CA LEU E 410 -37.18 17.92 -22.33
C LEU E 410 -36.01 17.15 -21.72
N PHE E 411 -36.02 16.98 -20.40
CA PHE E 411 -35.01 16.17 -19.72
C PHE E 411 -35.43 14.72 -19.55
N GLU E 412 -36.56 14.34 -20.13
CA GLU E 412 -37.09 12.99 -19.98
C GLU E 412 -36.18 11.97 -20.66
N GLU E 413 -35.97 10.84 -19.99
CA GLU E 413 -35.15 9.78 -20.54
C GLU E 413 -35.78 9.21 -21.81
N GLY E 414 -35.01 9.16 -22.89
CA GLY E 414 -35.51 8.58 -24.12
C GLY E 414 -35.63 7.07 -24.04
N ILE E 415 -36.31 6.51 -25.02
CA ILE E 415 -36.52 5.07 -25.12
C ILE E 415 -35.36 4.48 -25.90
N SER E 416 -34.47 3.78 -25.20
CA SER E 416 -33.35 3.11 -25.84
C SER E 416 -33.83 1.87 -26.59
N THR E 417 -33.04 1.45 -27.56
CA THR E 417 -33.41 0.36 -28.44
C THR E 417 -32.22 -0.57 -28.66
N SER E 418 -32.50 -1.87 -28.73
CA SER E 418 -31.47 -2.84 -29.08
C SER E 418 -32.12 -4.04 -29.76
N ARG E 419 -31.38 -4.65 -30.68
CA ARG E 419 -31.86 -5.80 -31.44
C ARG E 419 -31.48 -7.09 -30.71
N MET E 420 -32.49 -7.88 -30.35
CA MET E 420 -32.30 -9.18 -29.71
C MET E 420 -32.65 -10.25 -30.75
N SER E 421 -31.65 -10.94 -31.24
CA SER E 421 -31.88 -11.88 -32.34
C SER E 421 -32.40 -13.21 -31.79
N LEU E 422 -33.26 -13.84 -32.58
CA LEU E 422 -33.76 -15.17 -32.24
C LEU E 422 -32.77 -16.23 -32.65
N ASP E 423 -32.70 -17.30 -31.87
CA ASP E 423 -31.93 -18.46 -32.29
C ASP E 423 -32.60 -19.05 -33.52
N PRO E 424 -31.91 -19.13 -34.66
CA PRO E 424 -32.58 -19.61 -35.89
C PRO E 424 -33.13 -21.03 -35.76
N ALA E 425 -32.60 -21.81 -34.82
CA ALA E 425 -33.14 -23.14 -34.54
C ALA E 425 -34.24 -23.10 -33.47
N ARG E 426 -33.90 -22.62 -32.28
CA ARG E 426 -34.81 -22.64 -31.13
C ARG E 426 -35.23 -21.21 -30.77
N GLY E 427 -36.36 -20.77 -31.30
CA GLY E 427 -36.75 -19.38 -31.12
C GLY E 427 -37.74 -19.12 -30.00
N GLY E 428 -38.24 -20.17 -29.34
CA GLY E 428 -39.19 -19.97 -28.26
C GLY E 428 -38.52 -19.65 -26.93
N VAL E 429 -39.30 -19.02 -26.05
CA VAL E 429 -38.78 -18.71 -24.72
C VAL E 429 -38.55 -19.98 -23.91
N GLU E 430 -39.30 -21.04 -24.21
CA GLU E 430 -39.14 -22.29 -23.47
C GLU E 430 -37.79 -22.95 -23.77
N ASP E 431 -37.28 -22.75 -24.97
CA ASP E 431 -35.94 -23.23 -25.30
C ASP E 431 -34.89 -22.48 -24.49
N LEU E 432 -35.09 -21.18 -24.26
CA LEU E 432 -34.18 -20.44 -23.41
C LEU E 432 -34.31 -20.89 -21.96
N LEU E 433 -35.54 -21.15 -21.50
CA LEU E 433 -35.71 -21.71 -20.17
C LEU E 433 -35.01 -23.06 -20.05
N ASP E 434 -35.10 -23.90 -21.09
CA ASP E 434 -34.30 -25.13 -21.08
C ASP E 434 -32.82 -24.81 -20.97
N HIS E 435 -32.35 -23.85 -21.78
CA HIS E 435 -30.97 -23.40 -21.73
C HIS E 435 -30.59 -22.92 -20.34
N ILE E 436 -31.43 -22.06 -19.75
CA ILE E 436 -31.11 -21.44 -18.45
C ILE E 436 -31.09 -22.48 -17.34
N THR E 437 -32.17 -23.26 -17.21
CA THR E 437 -32.26 -24.16 -16.07
C THR E 437 -31.31 -25.34 -16.20
N SER E 438 -31.04 -25.80 -17.43
CA SER E 438 -30.01 -26.80 -17.62
C SER E 438 -28.66 -26.34 -17.08
N GLY E 439 -28.34 -25.05 -17.26
CA GLY E 439 -27.09 -24.53 -16.74
C GLY E 439 -27.10 -24.38 -15.22
N VAL E 440 -28.22 -23.89 -14.67
CA VAL E 440 -28.31 -23.71 -13.23
C VAL E 440 -28.23 -25.07 -12.52
N ARG E 441 -28.90 -26.09 -13.09
CA ARG E 441 -28.84 -27.42 -12.49
C ARG E 441 -27.41 -27.96 -12.52
N SER E 442 -26.67 -27.71 -13.62
CA SER E 442 -25.28 -28.17 -13.67
C SER E 442 -24.42 -27.42 -12.66
N THR E 443 -24.67 -26.13 -12.45
CA THR E 443 -23.93 -25.39 -11.43
C THR E 443 -24.09 -26.05 -10.07
N CYS E 444 -25.31 -26.47 -9.74
CA CYS E 444 -25.58 -27.10 -8.47
C CYS E 444 -24.86 -28.44 -8.35
N THR E 445 -24.83 -29.24 -9.43
CA THR E 445 -24.11 -30.50 -9.36
C THR E 445 -22.61 -30.27 -9.25
N TYR E 446 -22.09 -29.24 -9.90
CA TYR E 446 -20.68 -28.88 -9.73
C TYR E 446 -20.39 -28.42 -8.30
N VAL E 447 -21.31 -27.67 -7.70
CA VAL E 447 -21.13 -27.17 -6.33
C VAL E 447 -21.40 -28.25 -5.29
N GLY E 448 -22.16 -29.29 -5.64
CA GLY E 448 -22.60 -30.25 -4.65
C GLY E 448 -23.87 -29.85 -3.96
N ALA E 449 -24.68 -28.98 -4.57
CA ALA E 449 -25.90 -28.47 -3.98
C ALA E 449 -27.11 -29.17 -4.57
N ALA E 450 -28.06 -29.53 -3.70
CA ALA E 450 -29.29 -30.17 -4.13
C ALA E 450 -30.44 -29.20 -4.33
N ASN E 451 -30.27 -27.93 -3.96
CA ASN E 451 -31.31 -26.92 -4.11
C ASN E 451 -30.64 -25.55 -4.08
N LEU E 452 -31.46 -24.51 -4.27
CA LEU E 452 -30.95 -23.15 -4.38
C LEU E 452 -30.35 -22.65 -3.07
N PRO E 453 -31.00 -22.86 -1.91
CA PRO E 453 -30.33 -22.48 -0.66
C PRO E 453 -28.97 -23.14 -0.49
N GLU E 454 -28.84 -24.42 -0.82
CA GLU E 454 -27.55 -25.09 -0.69
C GLU E 454 -26.52 -24.52 -1.66
N LEU E 455 -26.96 -24.05 -2.82
CA LEU E 455 -26.05 -23.41 -3.76
C LEU E 455 -25.36 -22.22 -3.12
N HIS E 456 -26.15 -21.32 -2.54
CA HIS E 456 -25.57 -20.14 -1.91
C HIS E 456 -24.78 -20.49 -0.66
N GLU E 457 -25.16 -21.56 0.03
CA GLU E 457 -24.45 -21.93 1.25
CA GLU E 457 -24.47 -21.96 1.25
C GLU E 457 -23.11 -22.59 0.97
N LYS E 458 -22.99 -23.35 -0.11
CA LYS E 458 -21.80 -24.14 -0.39
C LYS E 458 -20.86 -23.54 -1.43
N VAL E 459 -21.23 -22.45 -2.09
CA VAL E 459 -20.48 -22.04 -3.27
C VAL E 459 -19.13 -21.44 -2.88
N VAL E 460 -18.10 -21.78 -3.65
CA VAL E 460 -16.79 -21.14 -3.57
C VAL E 460 -16.57 -20.37 -4.86
N LEU E 461 -16.24 -19.09 -4.74
CA LEU E 461 -16.09 -18.21 -5.87
C LEU E 461 -14.65 -17.72 -6.00
N GLY E 462 -14.20 -17.54 -7.24
CA GLY E 462 -12.93 -16.89 -7.49
C GLY E 462 -13.06 -15.66 -8.37
N VAL E 463 -12.05 -14.82 -8.39
CA VAL E 463 -12.00 -13.63 -9.24
C VAL E 463 -11.02 -13.90 -10.39
N GLN E 464 -11.38 -13.46 -11.59
CA GLN E 464 -10.52 -13.65 -12.75
C GLN E 464 -10.29 -12.31 -13.44
N SER E 465 -9.23 -12.26 -14.25
CA SER E 465 -8.96 -11.13 -15.10
C SER E 465 -9.69 -11.31 -16.42
N ALA E 466 -9.49 -10.36 -17.35
CA ALA E 466 -10.20 -10.41 -18.62
C ALA E 466 -9.86 -11.67 -19.41
N ALA E 467 -8.60 -12.09 -19.37
CA ALA E 467 -8.21 -13.34 -20.03
C ALA E 467 -8.81 -14.56 -19.34
N GLY E 468 -9.16 -14.43 -18.05
CA GLY E 468 -9.84 -15.53 -17.37
C GLY E 468 -11.21 -15.80 -17.94
N PHE E 469 -11.97 -14.75 -18.21
CA PHE E 469 -13.31 -14.90 -18.78
C PHE E 469 -13.26 -15.51 -20.18
N ALA E 470 -12.15 -15.30 -20.91
CA ALA E 470 -12.03 -15.75 -22.28
C ALA E 470 -11.72 -17.24 -22.42
N GLU E 471 -11.42 -17.94 -21.32
CA GLU E 471 -11.18 -19.37 -21.39
C GLU E 471 -12.45 -20.14 -21.73
N GLY E 472 -12.31 -21.09 -22.64
CA GLY E 472 -13.41 -21.96 -23.06
C GLY E 472 -13.94 -21.60 -24.44
N HIS E 473 -15.19 -22.05 -24.69
CA HIS E 473 -15.88 -21.91 -25.96
C HIS E 473 -17.02 -20.90 -25.85
N PRO E 474 -17.15 -20.00 -26.83
CA PRO E 474 -18.25 -19.04 -26.85
C PRO E 474 -19.50 -19.56 -27.55
N VAL F 2 6.38 -23.22 -6.61
CA VAL F 2 6.85 -22.25 -7.59
C VAL F 2 7.09 -20.89 -6.94
N ARG F 3 8.11 -20.19 -7.42
CA ARG F 3 8.47 -18.88 -6.90
C ARG F 3 7.93 -17.81 -7.83
N PHE F 4 7.23 -16.84 -7.26
CA PHE F 4 6.77 -15.65 -7.97
C PHE F 4 7.63 -14.46 -7.55
N LEU F 5 7.71 -13.47 -8.44
CA LEU F 5 8.43 -12.24 -8.13
C LEU F 5 7.81 -11.58 -6.89
N ASP F 6 8.67 -10.90 -6.13
CA ASP F 6 8.24 -10.28 -4.89
C ASP F 6 7.10 -9.30 -5.12
N GLY F 7 6.03 -9.46 -4.34
CA GLY F 7 4.85 -8.62 -4.44
C GLY F 7 3.85 -9.05 -5.49
N HIS F 8 4.19 -10.03 -6.34
CA HIS F 8 3.27 -10.51 -7.37
C HIS F 8 2.34 -11.54 -6.72
N THR F 9 1.37 -11.02 -5.97
CA THR F 9 0.36 -11.83 -5.29
C THR F 9 -0.99 -11.21 -5.64
N PRO F 10 -1.52 -11.51 -6.81
CA PRO F 10 -2.73 -10.83 -7.28
C PRO F 10 -3.98 -11.35 -6.58
N ALA F 11 -4.99 -10.49 -6.52
CA ALA F 11 -6.26 -10.83 -5.91
C ALA F 11 -7.18 -11.58 -6.88
N TYR F 12 -6.59 -12.31 -7.84
CA TYR F 12 -7.35 -13.11 -8.79
C TYR F 12 -6.52 -14.31 -9.20
N ASP F 13 -7.17 -15.27 -9.89
CA ASP F 13 -6.49 -16.47 -10.38
C ASP F 13 -6.04 -16.27 -11.83
N LEU F 14 -4.96 -16.95 -12.19
CA LEU F 14 -4.20 -16.67 -13.41
C LEU F 14 -4.47 -17.70 -14.50
N THR F 15 -4.66 -17.22 -15.72
CA THR F 15 -4.62 -18.08 -16.89
C THR F 15 -3.20 -18.08 -17.45
N TYR F 16 -3.02 -18.80 -18.56
CA TYR F 16 -1.72 -18.81 -19.22
C TYR F 16 -1.31 -17.43 -19.72
N ASN F 17 -2.28 -16.61 -20.13
CA ASN F 17 -2.01 -15.26 -20.62
C ASN F 17 -1.57 -14.30 -19.52
N ASP F 18 -1.76 -14.67 -18.25
CA ASP F 18 -1.52 -13.75 -17.15
C ASP F 18 -0.10 -13.75 -16.62
N VAL F 19 0.71 -14.74 -16.98
CA VAL F 19 2.00 -14.94 -16.33
C VAL F 19 3.12 -15.00 -17.37
N PHE F 20 4.33 -14.70 -16.91
CA PHE F 20 5.52 -14.81 -17.73
C PHE F 20 6.60 -15.50 -16.91
N VAL F 21 7.59 -16.06 -17.60
CA VAL F 21 8.75 -16.70 -16.98
C VAL F 21 9.91 -15.71 -16.99
N VAL F 22 10.55 -15.54 -15.85
CA VAL F 22 11.74 -14.70 -15.73
C VAL F 22 12.96 -15.56 -16.01
N PRO F 23 13.82 -15.19 -16.95
CA PRO F 23 15.02 -15.99 -17.19
C PRO F 23 15.94 -15.99 -15.98
N GLY F 24 16.55 -17.14 -15.73
CA GLY F 24 17.52 -17.30 -14.67
C GLY F 24 18.91 -17.57 -15.24
N ARG F 25 19.88 -17.58 -14.33
CA ARG F 25 21.25 -17.92 -14.70
C ARG F 25 21.29 -19.37 -15.18
N SER F 26 21.98 -19.59 -16.29
CA SER F 26 21.90 -20.86 -16.99
C SER F 26 23.28 -21.34 -17.39
N ASP F 27 23.53 -22.64 -17.24
CA ASP F 27 24.69 -23.28 -17.83
C ASP F 27 24.31 -24.27 -18.92
N VAL F 28 23.03 -24.34 -19.28
CA VAL F 28 22.55 -25.31 -20.26
C VAL F 28 23.02 -24.88 -21.64
N ALA F 29 23.94 -25.65 -22.24
CA ALA F 29 24.65 -25.21 -23.42
C ALA F 29 23.84 -25.35 -24.71
N SER F 30 22.86 -26.25 -24.75
CA SER F 30 22.18 -26.52 -26.00
C SER F 30 20.73 -26.92 -25.73
N ARG F 31 19.87 -26.61 -26.71
CA ARG F 31 18.47 -27.04 -26.63
C ARG F 31 18.36 -28.56 -26.56
N PHE F 32 19.28 -29.27 -27.21
CA PHE F 32 19.24 -30.73 -27.22
C PHE F 32 19.82 -31.34 -25.95
N ASP F 33 20.48 -30.55 -25.12
CA ASP F 33 20.94 -31.05 -23.83
C ASP F 33 19.80 -31.18 -22.82
N VAL F 34 18.62 -30.64 -23.12
CA VAL F 34 17.49 -30.73 -22.20
C VAL F 34 16.81 -32.08 -22.39
N ASP F 35 16.48 -32.72 -21.27
CA ASP F 35 15.76 -33.99 -21.28
C ASP F 35 14.29 -33.70 -21.07
N LEU F 36 13.46 -34.05 -22.05
CA LEU F 36 12.04 -33.75 -21.99
C LEU F 36 11.20 -34.93 -21.53
N SER F 37 11.80 -36.06 -21.19
CA SER F 37 11.02 -37.22 -20.81
C SER F 37 10.30 -36.97 -19.48
N THR F 38 9.11 -37.55 -19.36
CA THR F 38 8.27 -37.35 -18.19
C THR F 38 8.60 -38.38 -17.09
N VAL F 39 8.20 -38.04 -15.86
CA VAL F 39 8.48 -38.85 -14.69
C VAL F 39 7.21 -39.41 -14.06
N ASP F 40 6.06 -39.28 -14.73
CA ASP F 40 4.77 -39.66 -14.15
C ASP F 40 4.37 -41.10 -14.44
N GLY F 41 5.24 -41.90 -15.05
CA GLY F 41 4.90 -43.26 -15.39
C GLY F 41 4.16 -43.44 -16.69
N SER F 42 3.87 -42.35 -17.42
CA SER F 42 3.17 -42.49 -18.69
C SER F 42 4.05 -43.11 -19.76
N GLY F 43 5.37 -42.96 -19.64
CA GLY F 43 6.29 -43.44 -20.64
C GLY F 43 6.57 -42.47 -21.77
N THR F 44 5.98 -41.27 -21.76
CA THR F 44 6.23 -40.34 -22.85
C THR F 44 7.62 -39.73 -22.73
N THR F 45 8.29 -39.55 -23.87
CA THR F 45 9.59 -38.91 -23.89
C THR F 45 9.52 -37.42 -24.18
N ILE F 46 8.34 -36.91 -24.52
CA ILE F 46 8.06 -35.47 -24.55
C ILE F 46 6.78 -35.27 -23.75
N PRO F 47 6.58 -34.11 -23.13
CA PRO F 47 5.40 -33.89 -22.29
C PRO F 47 4.12 -33.56 -23.06
N VAL F 48 3.77 -34.42 -24.04
CA VAL F 48 2.61 -34.21 -24.91
C VAL F 48 1.72 -35.45 -24.85
N VAL F 49 0.48 -35.27 -24.41
CA VAL F 49 -0.56 -36.30 -24.46
C VAL F 49 -1.69 -35.78 -25.32
N VAL F 50 -2.19 -36.62 -26.24
CA VAL F 50 -3.29 -36.21 -27.11
C VAL F 50 -4.61 -36.55 -26.44
N ALA F 51 -5.51 -35.56 -26.37
CA ALA F 51 -6.74 -35.70 -25.63
C ALA F 51 -7.60 -36.85 -26.14
N ASN F 52 -8.42 -37.41 -25.25
CA ASN F 52 -9.32 -38.50 -25.60
C ASN F 52 -10.58 -37.91 -26.22
N MET F 53 -10.46 -37.57 -27.50
CA MET F 53 -11.55 -36.95 -28.26
C MET F 53 -11.61 -37.60 -29.63
N THR F 54 -12.83 -37.93 -30.08
CA THR F 54 -12.98 -38.55 -31.39
C THR F 54 -12.50 -37.63 -32.51
N ALA F 55 -12.55 -36.32 -32.30
CA ALA F 55 -12.07 -35.39 -33.32
C ALA F 55 -10.57 -35.46 -33.51
N VAL F 56 -9.84 -36.04 -32.56
CA VAL F 56 -8.38 -35.99 -32.59
C VAL F 56 -7.77 -37.38 -32.47
N ALA F 57 -8.26 -38.18 -31.53
CA ALA F 57 -7.55 -39.39 -31.11
C ALA F 57 -7.94 -40.56 -31.99
N GLY F 58 -7.41 -40.54 -33.22
CA GLY F 58 -7.60 -41.62 -34.16
C GLY F 58 -6.38 -42.52 -34.28
N ARG F 59 -6.53 -43.53 -35.14
CA ARG F 59 -5.48 -44.52 -35.31
C ARG F 59 -4.23 -43.92 -35.94
N ARG F 60 -4.40 -43.05 -36.95
CA ARG F 60 -3.25 -42.40 -37.57
C ARG F 60 -2.58 -41.45 -36.59
N MET F 61 -3.36 -40.75 -35.77
CA MET F 61 -2.78 -39.87 -34.76
C MET F 61 -2.01 -40.67 -33.72
N ALA F 62 -2.56 -41.81 -33.30
CA ALA F 62 -1.92 -42.62 -32.26
C ALA F 62 -0.55 -43.09 -32.70
N GLU F 63 -0.43 -43.62 -33.92
CA GLU F 63 0.87 -44.01 -34.45
C GLU F 63 1.83 -42.82 -34.52
N THR F 64 1.38 -41.72 -35.15
CA THR F 64 2.29 -40.63 -35.45
C THR F 64 2.85 -39.99 -34.19
N VAL F 65 2.00 -39.76 -33.19
CA VAL F 65 2.44 -39.06 -31.99
C VAL F 65 3.35 -39.95 -31.15
N ALA F 66 2.97 -41.22 -30.98
CA ALA F 66 3.76 -42.12 -30.13
C ALA F 66 5.17 -42.30 -30.69
N ARG F 67 5.30 -42.40 -32.01
CA ARG F 67 6.61 -42.52 -32.62
C ARG F 67 7.52 -41.35 -32.26
N ARG F 68 6.95 -40.18 -32.02
CA ARG F 68 7.74 -39.02 -31.65
C ARG F 68 7.82 -38.81 -30.14
N GLY F 69 7.32 -39.76 -29.35
CA GLY F 69 7.49 -39.74 -27.90
C GLY F 69 6.24 -39.37 -27.11
N GLY F 70 5.18 -38.93 -27.76
CA GLY F 70 3.94 -38.64 -27.06
C GLY F 70 3.12 -39.89 -26.84
N ILE F 71 1.89 -39.68 -26.39
CA ILE F 71 0.92 -40.75 -26.26
C ILE F 71 -0.47 -40.20 -26.57
N VAL F 72 -1.30 -41.04 -27.16
CA VAL F 72 -2.68 -40.70 -27.54
C VAL F 72 -3.62 -41.53 -26.68
N VAL F 73 -4.61 -40.89 -26.08
CA VAL F 73 -5.62 -41.57 -25.28
C VAL F 73 -6.84 -41.80 -26.17
N LEU F 74 -7.19 -43.07 -26.37
CA LEU F 74 -8.36 -43.38 -27.21
C LEU F 74 -9.63 -42.89 -26.52
N PRO F 75 -10.61 -42.41 -27.28
CA PRO F 75 -11.81 -41.86 -26.64
C PRO F 75 -12.63 -42.93 -25.95
N GLN F 76 -13.29 -42.54 -24.87
CA GLN F 76 -14.20 -43.45 -24.19
C GLN F 76 -15.36 -43.82 -25.11
N ASP F 77 -15.97 -44.97 -24.83
CA ASP F 77 -17.10 -45.55 -25.55
C ASP F 77 -16.73 -46.07 -26.93
N LEU F 78 -15.47 -46.03 -27.31
CA LEU F 78 -15.03 -46.73 -28.50
C LEU F 78 -15.27 -48.23 -28.32
N PRO F 79 -15.99 -48.88 -29.24
CA PRO F 79 -16.21 -50.33 -29.10
C PRO F 79 -14.90 -51.10 -28.91
N ILE F 80 -14.94 -52.09 -28.02
CA ILE F 80 -13.71 -52.78 -27.62
C ILE F 80 -13.03 -53.44 -28.80
N THR F 81 -13.80 -53.89 -29.79
CA THR F 81 -13.20 -54.49 -30.98
C THR F 81 -12.46 -53.46 -31.82
N ALA F 82 -13.01 -52.25 -31.91
CA ALA F 82 -12.26 -51.16 -32.55
C ALA F 82 -11.04 -50.77 -31.72
N VAL F 83 -11.18 -50.78 -30.39
CA VAL F 83 -10.02 -50.54 -29.51
C VAL F 83 -8.90 -51.53 -29.84
N SER F 84 -9.24 -52.81 -29.87
CA SER F 84 -8.24 -53.84 -30.14
C SER F 84 -7.63 -53.67 -31.52
N GLU F 85 -8.44 -53.33 -32.52
CA GLU F 85 -7.91 -53.07 -33.85
C GLU F 85 -6.89 -51.95 -33.83
N THR F 86 -7.23 -50.83 -33.21
CA THR F 86 -6.32 -49.70 -33.15
C THR F 86 -5.04 -50.05 -32.42
N VAL F 87 -5.16 -50.73 -31.27
CA VAL F 87 -3.97 -51.10 -30.50
C VAL F 87 -3.09 -52.05 -31.33
N ASP F 88 -3.70 -53.03 -32.00
CA ASP F 88 -2.91 -53.94 -32.83
C ASP F 88 -2.24 -53.21 -33.98
N PHE F 89 -2.90 -52.19 -34.54
CA PHE F 89 -2.28 -51.42 -35.61
C PHE F 89 -1.09 -50.62 -35.09
N VAL F 90 -1.29 -49.87 -34.00
CA VAL F 90 -0.21 -49.02 -33.48
C VAL F 90 0.96 -49.86 -33.04
N LYS F 91 0.70 -50.96 -32.34
CA LYS F 91 1.79 -51.76 -31.81
C LYS F 91 2.49 -52.61 -32.86
N SER F 92 1.97 -52.65 -34.09
CA SER F 92 2.65 -53.29 -35.21
C SER F 92 3.36 -52.28 -36.11
N ARG F 93 3.42 -51.01 -35.73
CA ARG F 93 4.10 -50.01 -36.54
C ARG F 93 5.60 -50.03 -36.29
N ASP F 94 6.36 -49.63 -37.31
CA ASP F 94 7.80 -49.50 -37.16
C ASP F 94 8.13 -48.25 -36.33
N LEU F 95 9.24 -48.33 -35.60
CA LEU F 95 9.66 -47.25 -34.72
C LEU F 95 10.22 -46.04 -35.49
N VAL F 96 10.68 -46.26 -36.71
CA VAL F 96 11.27 -45.22 -37.54
C VAL F 96 10.46 -44.96 -38.79
N VAL F 97 10.13 -46.02 -39.52
CA VAL F 97 9.43 -45.91 -40.80
C VAL F 97 7.94 -45.66 -40.55
N ASP F 98 7.37 -44.72 -41.30
CA ASP F 98 5.97 -44.37 -41.12
C ASP F 98 5.09 -45.22 -42.03
N THR F 99 3.78 -45.16 -41.77
CA THR F 99 2.81 -45.86 -42.60
C THR F 99 2.29 -44.91 -43.66
N PRO F 100 2.46 -45.22 -44.95
CA PRO F 100 1.99 -44.31 -46.01
C PRO F 100 0.55 -44.55 -46.40
N VAL F 101 0.00 -43.56 -47.09
CA VAL F 101 -1.23 -43.76 -47.85
C VAL F 101 -0.91 -44.66 -49.02
N THR F 102 -1.71 -45.72 -49.21
CA THR F 102 -1.54 -46.65 -50.30
C THR F 102 -2.74 -46.59 -51.23
N LEU F 103 -2.50 -46.91 -52.50
CA LEU F 103 -3.53 -46.88 -53.54
C LEU F 103 -3.43 -48.11 -54.41
N SER F 104 -4.51 -48.47 -55.00
CA SER F 104 -4.51 -49.50 -56.02
C SER F 104 -4.30 -48.88 -57.41
N PRO F 105 -3.66 -49.61 -58.33
CA PRO F 105 -3.55 -49.11 -59.70
C PRO F 105 -4.89 -48.83 -60.35
N GLU F 106 -5.96 -49.47 -59.87
CA GLU F 106 -7.29 -49.28 -60.42
C GLU F 106 -8.08 -48.20 -59.67
N ASP F 107 -7.50 -47.58 -58.66
CA ASP F 107 -8.16 -46.44 -58.01
C ASP F 107 -8.23 -45.25 -58.96
N SER F 108 -9.25 -44.41 -58.77
CA SER F 108 -9.37 -43.22 -59.59
C SER F 108 -8.47 -42.10 -59.06
N VAL F 109 -8.12 -41.17 -59.94
CA VAL F 109 -7.34 -40.00 -59.54
C VAL F 109 -8.09 -39.21 -58.47
N SER F 110 -9.41 -39.09 -58.62
CA SER F 110 -10.24 -38.40 -57.62
C SER F 110 -10.05 -39.01 -56.23
N ASP F 111 -10.17 -40.33 -56.12
CA ASP F 111 -9.91 -40.99 -54.84
C ASP F 111 -8.48 -40.79 -54.38
N ALA F 112 -7.53 -40.75 -55.33
CA ALA F 112 -6.12 -40.66 -54.98
C ALA F 112 -5.81 -39.39 -54.21
N ASN F 113 -6.11 -38.22 -54.75
CA ASN F 113 -5.67 -37.03 -54.05
C ASN F 113 -6.62 -36.60 -52.93
N ALA F 114 -7.75 -37.30 -52.75
CA ALA F 114 -8.52 -37.16 -51.53
C ALA F 114 -7.90 -37.92 -50.37
N LEU F 115 -7.28 -39.07 -50.65
CA LEU F 115 -6.60 -39.84 -49.62
C LEU F 115 -5.19 -39.35 -49.32
N LEU F 116 -4.62 -38.53 -50.21
CA LEU F 116 -3.25 -38.07 -50.04
C LEU F 116 -3.06 -37.29 -48.75
N HIS F 117 -4.09 -36.59 -48.30
CA HIS F 117 -3.99 -35.71 -47.15
C HIS F 117 -4.31 -36.41 -45.83
N LYS F 118 -4.39 -37.75 -45.82
CA LYS F 118 -4.49 -38.47 -44.56
C LYS F 118 -3.13 -38.58 -43.86
N ARG F 119 -2.03 -38.38 -44.59
CA ARG F 119 -0.70 -38.32 -44.02
C ARG F 119 0.00 -37.06 -44.52
N ALA F 120 1.15 -36.78 -43.94
CA ALA F 120 1.90 -35.57 -44.23
C ALA F 120 3.01 -35.79 -45.25
N HIS F 121 3.08 -36.98 -45.85
CA HIS F 121 4.22 -37.32 -46.68
C HIS F 121 4.22 -36.60 -48.01
N GLY F 122 3.07 -36.11 -48.47
CA GLY F 122 2.99 -35.50 -49.77
C GLY F 122 3.09 -36.46 -50.94
N ALA F 123 3.02 -37.77 -50.69
CA ALA F 123 3.05 -38.78 -51.74
C ALA F 123 2.37 -40.03 -51.23
N ALA F 124 1.68 -40.72 -52.13
CA ALA F 124 1.06 -42.00 -51.85
C ALA F 124 1.79 -43.10 -52.61
N VAL F 125 1.77 -44.31 -52.06
CA VAL F 125 2.44 -45.46 -52.64
C VAL F 125 1.41 -46.31 -53.37
N VAL F 126 1.68 -46.64 -54.62
CA VAL F 126 0.83 -47.54 -55.39
C VAL F 126 1.27 -48.96 -55.14
N VAL F 127 0.32 -49.84 -54.82
CA VAL F 127 0.60 -51.18 -54.32
C VAL F 127 -0.13 -52.20 -55.19
N PHE F 128 0.61 -53.17 -55.72
CA PHE F 128 0.07 -54.33 -56.40
C PHE F 128 0.83 -55.56 -55.91
N GLU F 129 0.09 -56.56 -55.41
CA GLU F 129 0.67 -57.74 -54.74
C GLU F 129 1.38 -57.35 -53.44
N GLY F 130 0.91 -56.30 -52.77
CA GLY F 130 1.62 -55.82 -51.61
C GLY F 130 2.95 -55.15 -51.90
N ARG F 131 3.35 -55.06 -53.19
CA ARG F 131 4.63 -54.51 -53.59
C ARG F 131 4.47 -53.11 -54.18
N PRO F 132 5.35 -52.19 -53.82
CA PRO F 132 5.25 -50.82 -54.38
C PRO F 132 5.67 -50.80 -55.84
N ILE F 133 4.84 -50.18 -56.68
CA ILE F 133 5.16 -50.02 -58.09
C ILE F 133 5.25 -48.56 -58.52
N GLY F 134 4.97 -47.61 -57.63
CA GLY F 134 5.05 -46.21 -58.00
C GLY F 134 4.51 -45.31 -56.92
N LEU F 135 4.78 -44.01 -57.10
CA LEU F 135 4.35 -42.98 -56.19
C LEU F 135 3.37 -42.04 -56.89
N VAL F 136 2.42 -41.51 -56.13
CA VAL F 136 1.46 -40.53 -56.63
C VAL F 136 1.55 -39.29 -55.76
N THR F 137 1.81 -38.14 -56.39
CA THR F 137 1.79 -36.85 -55.72
C THR F 137 0.61 -36.03 -56.21
N GLU F 138 0.42 -34.86 -55.58
CA GLU F 138 -0.68 -34.00 -55.99
C GLU F 138 -0.42 -33.42 -57.38
N ALA F 139 0.83 -33.11 -57.71
CA ALA F 139 1.17 -32.64 -59.04
C ALA F 139 0.74 -33.66 -60.11
N ASN F 140 0.94 -34.95 -59.84
CA ASN F 140 0.51 -35.98 -60.78
C ASN F 140 -0.99 -35.91 -61.05
N CYS F 141 -1.77 -35.58 -60.03
CA CYS F 141 -3.22 -35.54 -60.17
C CYS F 141 -3.72 -34.25 -60.80
N ALA F 142 -2.86 -33.26 -61.02
CA ALA F 142 -3.31 -31.98 -61.56
C ALA F 142 -3.43 -32.06 -63.08
N GLY F 143 -4.48 -31.44 -63.61
CA GLY F 143 -4.69 -31.42 -65.05
C GLY F 143 -4.94 -32.77 -65.67
N VAL F 144 -5.42 -33.73 -64.89
CA VAL F 144 -5.69 -35.08 -65.36
C VAL F 144 -7.18 -35.35 -65.18
N ASP F 145 -7.74 -36.17 -66.06
CA ASP F 145 -9.13 -36.57 -65.93
C ASP F 145 -9.37 -37.18 -64.57
N ARG F 146 -10.31 -36.58 -63.83
CA ARG F 146 -10.74 -36.99 -62.50
C ARG F 146 -10.85 -38.51 -62.36
N PHE F 147 -11.39 -39.18 -63.37
CA PHE F 147 -11.65 -40.60 -63.29
C PHE F 147 -10.65 -41.45 -64.05
N ALA F 148 -9.53 -40.87 -64.47
CA ALA F 148 -8.41 -41.68 -64.94
C ALA F 148 -7.94 -42.58 -63.81
N ARG F 149 -7.31 -43.70 -64.18
CA ARG F 149 -6.79 -44.62 -63.18
C ARG F 149 -5.44 -44.14 -62.65
N VAL F 150 -5.16 -44.50 -61.40
CA VAL F 150 -3.88 -44.17 -60.78
C VAL F 150 -2.72 -44.69 -61.62
N ARG F 151 -2.89 -45.87 -62.22
CA ARG F 151 -1.82 -46.54 -62.96
C ARG F 151 -1.21 -45.65 -64.03
N ASP F 152 -1.97 -44.68 -64.53
CA ASP F 152 -1.46 -43.82 -65.59
C ASP F 152 -0.55 -42.72 -65.05
N ILE F 153 -1.00 -41.98 -64.04
CA ILE F 153 -0.24 -40.84 -63.54
C ILE F 153 0.86 -41.22 -62.55
N ALA F 154 0.92 -42.48 -62.13
CA ALA F 154 1.90 -42.90 -61.12
C ALA F 154 3.32 -42.78 -61.66
N LEU F 155 4.24 -42.34 -60.80
CA LEU F 155 5.66 -42.26 -61.12
C LEU F 155 6.34 -43.56 -60.74
N SER F 156 6.86 -44.29 -61.72
CA SER F 156 7.50 -45.57 -61.45
C SER F 156 8.92 -45.42 -60.90
N ASP F 157 9.47 -44.20 -60.90
CA ASP F 157 10.83 -43.95 -60.47
C ASP F 157 10.79 -43.31 -59.09
N PHE F 158 11.26 -44.03 -58.08
CA PHE F 158 11.26 -43.54 -56.71
C PHE F 158 12.41 -44.16 -55.94
N VAL F 159 12.86 -43.45 -54.91
CA VAL F 159 13.93 -43.96 -54.06
C VAL F 159 13.39 -45.06 -53.17
N THR F 160 14.12 -46.16 -53.06
CA THR F 160 13.72 -47.30 -52.25
C THR F 160 14.91 -47.81 -51.46
N ALA F 161 14.64 -48.33 -50.26
CA ALA F 161 15.67 -48.89 -49.41
C ALA F 161 15.06 -49.96 -48.51
N PRO F 162 15.85 -50.94 -48.08
CA PRO F 162 15.31 -51.95 -47.16
C PRO F 162 15.00 -51.34 -45.81
N VAL F 163 13.92 -51.81 -45.18
CA VAL F 163 13.62 -51.40 -43.82
C VAL F 163 14.75 -51.87 -42.92
N GLY F 164 15.16 -51.00 -42.00
CA GLY F 164 16.36 -51.20 -41.21
C GLY F 164 17.51 -50.31 -41.63
N THR F 165 17.46 -49.74 -42.83
CA THR F 165 18.47 -48.76 -43.22
C THR F 165 18.42 -47.57 -42.27
N ASP F 166 19.60 -47.12 -41.83
CA ASP F 166 19.66 -46.06 -40.83
C ASP F 166 19.10 -44.75 -41.41
N PRO F 167 18.41 -43.95 -40.60
CA PRO F 167 17.82 -42.70 -41.10
C PRO F 167 18.81 -41.80 -41.82
N ARG F 168 20.05 -41.70 -41.36
CA ARG F 168 21.01 -40.82 -42.01
C ARG F 168 21.34 -41.29 -43.43
N GLU F 169 21.31 -42.60 -43.67
CA GLU F 169 21.59 -43.11 -45.01
C GLU F 169 20.41 -42.84 -45.95
N VAL F 170 19.19 -43.12 -45.49
CA VAL F 170 18.01 -42.78 -46.27
C VAL F 170 17.96 -41.27 -46.51
N PHE F 171 18.38 -40.49 -45.51
CA PHE F 171 18.46 -39.04 -45.69
C PHE F 171 19.36 -38.68 -46.85
N ASP F 172 20.52 -39.35 -46.97
CA ASP F 172 21.43 -39.07 -48.08
C ASP F 172 20.84 -39.51 -49.41
N LEU F 173 20.17 -40.66 -49.44
CA LEU F 173 19.61 -41.17 -50.68
C LEU F 173 18.55 -40.24 -51.26
N LEU F 174 17.87 -39.47 -50.41
CA LEU F 174 16.81 -38.56 -50.85
C LEU F 174 17.33 -37.16 -51.16
N GLU F 175 18.62 -36.90 -50.99
CA GLU F 175 19.16 -35.56 -51.16
C GLU F 175 18.89 -35.02 -52.56
N HIS F 176 19.23 -35.78 -53.59
CA HIS F 176 19.03 -35.38 -54.97
C HIS F 176 17.78 -35.99 -55.60
N ALA F 177 16.88 -36.53 -54.79
CA ALA F 177 15.67 -37.15 -55.31
C ALA F 177 14.61 -36.09 -55.63
N PRO F 178 13.89 -36.24 -56.74
CA PRO F 178 12.79 -35.30 -57.03
C PRO F 178 11.67 -35.35 -56.02
N ILE F 179 11.37 -36.53 -55.47
CA ILE F 179 10.31 -36.71 -54.48
C ILE F 179 10.96 -37.05 -53.14
N ASP F 180 10.63 -36.28 -52.10
CA ASP F 180 11.21 -36.48 -50.77
C ASP F 180 10.54 -37.60 -50.01
N VAL F 181 10.24 -38.71 -50.67
CA VAL F 181 9.68 -39.90 -50.03
C VAL F 181 10.49 -41.12 -50.49
N ALA F 182 11.00 -41.88 -49.53
CA ALA F 182 11.71 -43.12 -49.82
C ALA F 182 10.82 -44.30 -49.42
N VAL F 183 10.64 -45.23 -50.35
CA VAL F 183 9.78 -46.39 -50.10
C VAL F 183 10.61 -47.46 -49.40
N MET F 184 10.23 -47.81 -48.18
CA MET F 184 10.95 -48.79 -47.39
C MET F 184 10.35 -50.17 -47.59
N THR F 185 11.18 -51.14 -47.98
CA THR F 185 10.72 -52.46 -48.37
C THR F 185 11.08 -53.49 -47.31
N ALA F 186 10.18 -54.45 -47.12
CA ALA F 186 10.48 -55.61 -46.29
C ALA F 186 11.49 -56.50 -46.99
N PRO F 187 12.12 -57.44 -46.27
CA PRO F 187 13.13 -58.30 -46.92
C PRO F 187 12.61 -59.00 -48.18
N ASP F 188 11.34 -59.42 -48.21
CA ASP F 188 10.79 -60.08 -49.38
C ASP F 188 10.37 -59.11 -50.48
N GLY F 189 10.48 -57.80 -50.26
CA GLY F 189 10.19 -56.81 -51.26
C GLY F 189 8.85 -56.10 -51.11
N THR F 190 7.97 -56.57 -50.25
CA THR F 190 6.68 -55.92 -50.07
C THR F 190 6.85 -54.61 -49.32
N LEU F 191 5.74 -53.89 -49.16
CA LEU F 191 5.77 -52.54 -48.61
C LEU F 191 5.87 -52.60 -47.09
N ALA F 192 6.93 -52.03 -46.53
CA ALA F 192 7.05 -51.83 -45.09
C ALA F 192 6.55 -50.45 -44.67
N GLY F 193 6.85 -49.43 -45.46
CA GLY F 193 6.41 -48.07 -45.15
C GLY F 193 7.25 -47.07 -45.92
N VAL F 194 7.23 -45.82 -45.43
CA VAL F 194 7.94 -44.71 -46.07
C VAL F 194 8.73 -43.94 -45.01
N LEU F 195 9.75 -43.22 -45.47
CA LEU F 195 10.52 -42.32 -44.62
C LEU F 195 10.91 -41.11 -45.46
N THR F 196 10.68 -39.92 -44.93
CA THR F 196 11.08 -38.68 -45.60
C THR F 196 12.35 -38.13 -44.95
N ARG F 197 12.90 -37.07 -45.57
CA ARG F 197 14.09 -36.45 -45.01
C ARG F 197 13.81 -35.89 -43.63
N THR F 198 12.72 -35.14 -43.48
CA THR F 198 12.34 -34.63 -42.17
C THR F 198 12.03 -35.78 -41.21
N GLY F 199 11.42 -36.85 -41.72
CA GLY F 199 11.18 -38.01 -40.88
C GLY F 199 12.46 -38.65 -40.38
N ALA F 200 13.49 -38.68 -41.24
CA ALA F 200 14.77 -39.24 -40.81
C ALA F 200 15.45 -38.35 -39.79
N ILE F 201 15.39 -37.02 -39.99
CA ILE F 201 15.90 -36.07 -39.00
C ILE F 201 15.19 -36.26 -37.67
N ARG F 202 13.86 -36.38 -37.70
CA ARG F 202 13.09 -36.55 -36.47
C ARG F 202 13.44 -37.85 -35.76
N ALA F 203 13.89 -38.87 -36.50
CA ALA F 203 14.24 -40.13 -35.85
C ALA F 203 15.39 -39.97 -34.86
N GLY F 204 16.27 -38.99 -35.09
CA GLY F 204 17.39 -38.72 -34.21
C GLY F 204 17.18 -37.59 -33.22
N ILE F 205 15.94 -37.13 -33.06
CA ILE F 205 15.60 -36.07 -32.12
C ILE F 205 14.57 -36.55 -31.10
N TYR F 206 13.55 -37.27 -31.57
CA TYR F 206 12.51 -37.82 -30.71
C TYR F 206 12.77 -39.30 -30.45
N THR F 207 12.73 -39.69 -29.17
CA THR F 207 12.77 -41.09 -28.80
C THR F 207 11.35 -41.65 -28.80
N PRO F 208 11.06 -42.72 -29.56
CA PRO F 208 9.71 -43.26 -29.58
C PRO F 208 9.28 -43.73 -28.19
N ALA F 209 8.00 -43.55 -27.89
CA ALA F 209 7.42 -43.99 -26.62
C ALA F 209 6.93 -45.43 -26.79
N VAL F 210 7.61 -46.38 -26.15
CA VAL F 210 7.35 -47.80 -26.35
C VAL F 210 7.08 -48.48 -25.02
N ASP F 211 6.39 -49.63 -25.09
CA ASP F 211 6.14 -50.47 -23.92
C ASP F 211 7.37 -51.33 -23.64
N ALA F 212 7.26 -52.24 -22.66
CA ALA F 212 8.38 -53.11 -22.33
C ALA F 212 8.79 -54.00 -23.50
N LYS F 213 7.90 -54.21 -24.48
CA LYS F 213 8.22 -55.05 -25.61
C LYS F 213 8.76 -54.26 -26.81
N GLY F 214 8.98 -52.96 -26.65
CA GLY F 214 9.47 -52.16 -27.75
C GLY F 214 8.41 -51.70 -28.73
N ARG F 215 7.15 -51.81 -28.38
CA ARG F 215 6.04 -51.45 -29.27
C ARG F 215 5.44 -50.13 -28.82
N LEU F 216 5.02 -49.32 -29.81
CA LEU F 216 4.57 -47.96 -29.54
C LEU F 216 3.45 -47.94 -28.50
N ARG F 217 3.51 -46.97 -27.61
CA ARG F 217 2.55 -46.88 -26.52
C ARG F 217 1.23 -46.30 -27.00
N ILE F 218 0.16 -46.64 -26.28
CA ILE F 218 -1.17 -46.10 -26.58
C ILE F 218 -1.98 -46.20 -25.30
N ALA F 219 -2.90 -45.25 -25.13
CA ALA F 219 -3.72 -45.18 -23.94
C ALA F 219 -5.20 -45.27 -24.34
N ALA F 220 -6.05 -45.47 -23.34
CA ALA F 220 -7.48 -45.57 -23.58
C ALA F 220 -8.22 -44.93 -22.42
N ALA F 221 -9.38 -44.36 -22.73
CA ALA F 221 -10.20 -43.66 -21.76
C ALA F 221 -11.49 -44.42 -21.53
N VAL F 222 -12.07 -44.21 -20.34
CA VAL F 222 -13.35 -44.82 -20.00
C VAL F 222 -14.12 -43.81 -19.14
N GLY F 223 -15.43 -43.76 -19.35
CA GLY F 223 -16.30 -42.94 -18.51
C GLY F 223 -16.65 -43.66 -17.23
N ILE F 224 -17.42 -42.97 -16.39
CA ILE F 224 -17.77 -43.52 -15.09
C ILE F 224 -19.15 -44.16 -15.08
N ASN F 225 -19.84 -44.19 -16.22
CA ASN F 225 -21.11 -44.88 -16.34
C ASN F 225 -20.90 -46.37 -16.60
N GLY F 226 -21.93 -47.16 -16.32
CA GLY F 226 -21.87 -48.58 -16.58
C GLY F 226 -21.00 -49.31 -15.58
N ASP F 227 -20.32 -50.34 -16.06
CA ASP F 227 -19.42 -51.15 -15.23
C ASP F 227 -17.99 -50.73 -15.56
N VAL F 228 -17.45 -49.82 -14.73
CA VAL F 228 -16.15 -49.24 -15.05
C VAL F 228 -15.05 -50.27 -14.90
N GLY F 229 -15.15 -51.14 -13.88
CA GLY F 229 -14.14 -52.17 -13.69
C GLY F 229 -14.01 -53.09 -14.88
N ALA F 230 -15.13 -53.65 -15.34
CA ALA F 230 -15.09 -54.53 -16.52
C ALA F 230 -14.58 -53.79 -17.75
N LYS F 231 -15.02 -52.55 -17.95
CA LYS F 231 -14.53 -51.78 -19.09
C LYS F 231 -13.04 -51.53 -18.99
N ALA F 232 -12.54 -51.17 -17.80
CA ALA F 232 -11.10 -50.98 -17.62
C ALA F 232 -10.35 -52.28 -17.87
N GLN F 233 -10.82 -53.38 -17.28
CA GLN F 233 -10.18 -54.68 -17.51
C GLN F 233 -10.08 -55.01 -18.99
N ALA F 234 -11.15 -54.75 -19.74
CA ALA F 234 -11.14 -55.04 -21.17
C ALA F 234 -10.08 -54.20 -21.89
N LEU F 235 -10.02 -52.90 -21.59
CA LEU F 235 -9.02 -52.05 -22.23
C LEU F 235 -7.61 -52.53 -21.91
N ALA F 236 -7.37 -52.96 -20.67
CA ALA F 236 -6.04 -53.44 -20.30
C ALA F 236 -5.70 -54.70 -21.09
N GLU F 237 -6.65 -55.64 -21.17
CA GLU F 237 -6.39 -56.87 -21.91
C GLU F 237 -6.29 -56.62 -23.41
N ALA F 238 -6.84 -55.50 -23.91
CA ALA F 238 -6.63 -55.15 -25.31
C ALA F 238 -5.22 -54.61 -25.57
N GLY F 239 -4.46 -54.32 -24.51
CA GLY F 239 -3.09 -53.88 -24.65
C GLY F 239 -2.83 -52.41 -24.36
N ALA F 240 -3.78 -51.70 -23.76
CA ALA F 240 -3.55 -50.31 -23.41
C ALA F 240 -2.43 -50.18 -22.39
N ASP F 241 -1.57 -49.18 -22.55
CA ASP F 241 -0.48 -48.98 -21.61
C ASP F 241 -0.85 -48.03 -20.48
N LEU F 242 -2.00 -47.38 -20.57
CA LEU F 242 -2.41 -46.40 -19.59
C LEU F 242 -3.93 -46.25 -19.69
N LEU F 243 -4.56 -46.00 -18.55
CA LEU F 243 -6.02 -45.87 -18.48
C LEU F 243 -6.37 -44.48 -17.98
N VAL F 244 -7.33 -43.84 -18.64
CA VAL F 244 -7.84 -42.53 -18.20
C VAL F 244 -9.30 -42.71 -17.81
N ILE F 245 -9.61 -42.42 -16.56
CA ILE F 245 -11.00 -42.35 -16.10
C ILE F 245 -11.41 -40.89 -16.16
N ASP F 246 -12.34 -40.58 -17.05
CA ASP F 246 -12.59 -39.20 -17.46
C ASP F 246 -14.06 -38.86 -17.25
N THR F 247 -14.30 -37.73 -16.59
CA THR F 247 -15.65 -37.17 -16.47
C THR F 247 -15.52 -35.67 -16.31
N ALA F 248 -16.59 -34.96 -16.66
CA ALA F 248 -16.58 -33.50 -16.60
C ALA F 248 -16.31 -33.02 -15.18
N HIS F 249 -17.14 -33.45 -14.23
CA HIS F 249 -16.97 -33.05 -12.82
C HIS F 249 -16.28 -34.20 -12.10
N GLY F 250 -14.95 -34.12 -12.02
CA GLY F 250 -14.21 -35.21 -11.42
C GLY F 250 -14.27 -35.29 -9.91
N HIS F 251 -14.76 -34.26 -9.23
CA HIS F 251 -14.84 -34.28 -7.76
C HIS F 251 -16.20 -34.78 -7.30
N GLN F 252 -16.52 -35.99 -7.75
CA GLN F 252 -17.81 -36.63 -7.54
C GLN F 252 -17.64 -37.94 -6.81
N ALA F 253 -18.67 -38.31 -6.04
CA ALA F 253 -18.66 -39.60 -5.37
C ALA F 253 -18.59 -40.74 -6.39
N LYS F 254 -19.33 -40.63 -7.49
CA LYS F 254 -19.31 -41.71 -8.47
C LYS F 254 -17.93 -41.87 -9.11
N MET F 255 -17.17 -40.78 -9.23
CA MET F 255 -15.81 -40.88 -9.72
C MET F 255 -14.90 -41.54 -8.70
N LEU F 256 -15.07 -41.20 -7.42
CA LEU F 256 -14.30 -41.85 -6.37
C LEU F 256 -14.56 -43.36 -6.37
N ASP F 257 -15.83 -43.76 -6.48
CA ASP F 257 -16.14 -45.18 -6.56
C ASP F 257 -15.52 -45.80 -7.81
N ALA F 258 -15.52 -45.08 -8.93
CA ALA F 258 -14.99 -45.66 -10.16
C ALA F 258 -13.50 -45.91 -10.06
N ILE F 259 -12.77 -45.02 -9.37
CA ILE F 259 -11.32 -45.19 -9.24
C ILE F 259 -10.99 -46.36 -8.32
N LYS F 260 -11.74 -46.49 -7.21
CA LYS F 260 -11.54 -47.65 -6.34
C LYS F 260 -11.76 -48.95 -7.11
N ALA F 261 -12.85 -49.02 -7.88
CA ALA F 261 -13.17 -50.24 -8.62
C ALA F 261 -12.10 -50.59 -9.64
N VAL F 262 -11.44 -49.60 -10.23
CA VAL F 262 -10.40 -49.90 -11.20
C VAL F 262 -9.08 -50.20 -10.51
N ALA F 263 -8.78 -49.50 -9.41
CA ALA F 263 -7.52 -49.74 -8.72
C ALA F 263 -7.52 -51.09 -8.02
N SER F 264 -8.67 -51.52 -7.49
CA SER F 264 -8.72 -52.81 -6.80
C SER F 264 -8.43 -53.99 -7.74
N LEU F 265 -8.62 -53.82 -9.05
CA LEU F 265 -8.33 -54.89 -10.00
C LEU F 265 -6.84 -55.14 -10.18
N ASP F 266 -5.98 -54.24 -9.71
CA ASP F 266 -4.54 -54.39 -9.81
C ASP F 266 -4.12 -54.71 -11.25
N LEU F 267 -4.50 -53.81 -12.17
CA LEU F 267 -4.24 -54.03 -13.58
C LEU F 267 -2.79 -53.78 -13.96
N GLY F 268 -2.03 -53.12 -13.10
CA GLY F 268 -0.64 -52.86 -13.37
C GLY F 268 -0.38 -51.67 -14.27
N LEU F 269 -1.36 -50.79 -14.46
CA LEU F 269 -1.22 -49.70 -15.40
C LEU F 269 -1.36 -48.35 -14.70
N PRO F 270 -0.62 -47.33 -15.16
CA PRO F 270 -0.84 -45.97 -14.65
C PRO F 270 -2.30 -45.59 -14.77
N LEU F 271 -2.83 -44.98 -13.71
CA LEU F 271 -4.25 -44.64 -13.59
C LEU F 271 -4.41 -43.12 -13.56
N VAL F 272 -5.02 -42.56 -14.61
CA VAL F 272 -5.33 -41.14 -14.66
C VAL F 272 -6.81 -40.96 -14.36
N ALA F 273 -7.14 -39.97 -13.52
CA ALA F 273 -8.53 -39.64 -13.25
C ALA F 273 -8.69 -38.12 -13.20
N GLY F 274 -9.82 -37.64 -13.72
CA GLY F 274 -10.10 -36.21 -13.72
C GLY F 274 -11.52 -35.99 -14.19
N ASN F 275 -11.92 -34.72 -14.24
CA ASN F 275 -11.04 -33.56 -14.02
C ASN F 275 -11.46 -32.75 -12.81
N VAL F 276 -10.47 -32.21 -12.10
CA VAL F 276 -10.68 -31.33 -10.96
C VAL F 276 -9.79 -30.10 -11.14
N VAL F 277 -10.00 -29.12 -10.27
CA VAL F 277 -9.24 -27.87 -10.32
C VAL F 277 -8.87 -27.39 -8.91
N SER F 278 -9.16 -28.19 -7.89
CA SER F 278 -8.90 -27.80 -6.51
C SER F 278 -7.92 -28.76 -5.86
N ALA F 279 -7.27 -28.28 -4.79
CA ALA F 279 -6.40 -29.14 -4.01
C ALA F 279 -7.18 -30.30 -3.39
N GLU F 280 -8.37 -30.01 -2.84
CA GLU F 280 -9.18 -31.05 -2.24
C GLU F 280 -9.53 -32.13 -3.25
N GLY F 281 -9.93 -31.74 -4.46
CA GLY F 281 -10.25 -32.73 -5.47
C GLY F 281 -9.05 -33.57 -5.86
N THR F 282 -7.88 -32.95 -5.90
CA THR F 282 -6.66 -33.69 -6.24
C THR F 282 -6.32 -34.70 -5.16
N ARG F 283 -6.42 -34.30 -3.89
CA ARG F 283 -6.18 -35.23 -2.79
C ARG F 283 -7.18 -36.37 -2.81
N ASP F 284 -8.45 -36.08 -3.02
CA ASP F 284 -9.46 -37.14 -2.96
C ASP F 284 -9.26 -38.16 -4.06
N LEU F 285 -8.96 -37.71 -5.28
CA LEU F 285 -8.80 -38.65 -6.39
C LEU F 285 -7.57 -39.52 -6.19
N ILE F 286 -6.48 -38.96 -5.68
CA ILE F 286 -5.30 -39.78 -5.38
C ILE F 286 -5.62 -40.77 -4.27
N GLU F 287 -6.32 -40.32 -3.22
CA GLU F 287 -6.70 -41.22 -2.14
C GLU F 287 -7.55 -42.38 -2.63
N ALA F 288 -8.36 -42.15 -3.66
CA ALA F 288 -9.21 -43.19 -4.22
C ALA F 288 -8.45 -44.21 -5.06
N GLY F 289 -7.16 -43.99 -5.32
CA GLY F 289 -6.37 -44.91 -6.12
C GLY F 289 -5.78 -44.33 -7.41
N ALA F 290 -6.01 -43.07 -7.76
CA ALA F 290 -5.42 -42.49 -8.96
C ALA F 290 -3.95 -42.16 -8.71
N SER F 291 -3.09 -42.52 -9.66
CA SER F 291 -1.70 -42.09 -9.60
C SER F 291 -1.48 -40.74 -10.28
N ILE F 292 -2.32 -40.37 -11.24
CA ILE F 292 -2.23 -39.11 -11.96
C ILE F 292 -3.58 -38.42 -11.92
N VAL F 293 -3.59 -37.11 -11.70
CA VAL F 293 -4.81 -36.32 -11.63
C VAL F 293 -4.86 -35.40 -12.84
N LYS F 294 -5.90 -35.53 -13.65
CA LYS F 294 -6.09 -34.66 -14.82
C LYS F 294 -6.79 -33.38 -14.39
N VAL F 295 -6.21 -32.23 -14.73
CA VAL F 295 -6.65 -30.94 -14.20
C VAL F 295 -7.24 -30.11 -15.33
N GLY F 296 -8.40 -29.49 -15.06
CA GLY F 296 -9.01 -28.61 -16.02
C GLY F 296 -10.52 -28.68 -16.12
N VAL F 297 -11.20 -27.65 -15.63
CA VAL F 297 -12.64 -27.49 -15.75
C VAL F 297 -12.87 -26.08 -16.29
N GLY F 298 -13.30 -25.99 -17.55
CA GLY F 298 -13.52 -24.69 -18.17
C GLY F 298 -12.67 -24.34 -19.39
N PRO F 299 -11.35 -24.56 -19.35
CA PRO F 299 -10.49 -24.02 -20.42
C PRO F 299 -10.55 -24.80 -21.74
N GLY F 300 -11.22 -25.96 -21.79
CA GLY F 300 -11.35 -26.69 -23.03
C GLY F 300 -11.93 -25.86 -24.17
N ALA F 301 -11.29 -25.91 -25.34
CA ALA F 301 -11.76 -25.11 -26.47
C ALA F 301 -13.16 -25.55 -26.91
N MET F 302 -13.52 -26.81 -26.70
CA MET F 302 -14.86 -27.29 -26.98
C MET F 302 -15.79 -27.21 -25.78
N CYS F 303 -15.32 -26.65 -24.67
CA CYS F 303 -16.05 -26.67 -23.40
C CYS F 303 -16.82 -25.37 -23.25
N THR F 304 -18.14 -25.49 -23.09
CA THR F 304 -19.01 -24.33 -22.88
C THR F 304 -19.45 -24.18 -21.44
N THR F 305 -18.71 -24.79 -20.50
CA THR F 305 -19.14 -24.82 -19.11
C THR F 305 -19.19 -23.42 -18.50
N ARG F 306 -18.21 -22.57 -18.83
CA ARG F 306 -18.18 -21.22 -18.28
C ARG F 306 -19.48 -20.48 -18.57
N MET F 307 -19.92 -20.48 -19.82
CA MET F 307 -21.08 -19.71 -20.23
C MET F 307 -22.40 -20.36 -19.81
N MET F 308 -22.43 -21.68 -19.67
CA MET F 308 -23.64 -22.36 -19.23
C MET F 308 -23.83 -22.28 -17.71
N THR F 309 -22.75 -22.48 -16.95
CA THR F 309 -22.84 -22.68 -15.50
C THR F 309 -22.08 -21.67 -14.65
N GLY F 310 -21.22 -20.84 -15.24
CA GLY F 310 -20.30 -20.05 -14.45
C GLY F 310 -19.17 -20.81 -13.80
N VAL F 311 -19.16 -22.14 -13.92
CA VAL F 311 -18.16 -22.97 -13.24
C VAL F 311 -16.90 -23.06 -14.10
N GLY F 312 -15.75 -22.95 -13.45
CA GLY F 312 -14.47 -23.02 -14.14
C GLY F 312 -13.37 -22.50 -13.23
N ARG F 313 -12.14 -22.61 -13.73
CA ARG F 313 -11.05 -22.00 -13.01
C ARG F 313 -9.96 -21.63 -14.01
N PRO F 314 -9.34 -20.47 -13.87
CA PRO F 314 -8.19 -20.15 -14.71
C PRO F 314 -7.14 -21.25 -14.62
N GLN F 315 -6.75 -21.78 -15.79
CA GLN F 315 -6.05 -23.07 -15.82
C GLN F 315 -4.69 -23.01 -15.15
N PHE F 316 -3.99 -21.88 -15.24
CA PHE F 316 -2.65 -21.82 -14.66
C PHE F 316 -2.71 -21.92 -13.13
N SER F 317 -3.60 -21.15 -12.50
CA SER F 317 -3.75 -21.28 -11.05
C SER F 317 -4.27 -22.66 -10.67
N ALA F 318 -5.17 -23.22 -11.48
CA ALA F 318 -5.68 -24.55 -11.20
C ALA F 318 -4.55 -25.58 -11.20
N VAL F 319 -3.62 -25.45 -12.15
CA VAL F 319 -2.52 -26.41 -12.23
C VAL F 319 -1.52 -26.21 -11.10
N VAL F 320 -1.23 -24.95 -10.74
CA VAL F 320 -0.30 -24.68 -9.64
C VAL F 320 -0.80 -25.35 -8.35
N GLU F 321 -2.07 -25.12 -8.00
CA GLU F 321 -2.59 -25.62 -6.74
C GLU F 321 -2.74 -27.15 -6.77
N CYS F 322 -3.13 -27.71 -7.91
CA CYS F 322 -3.34 -29.15 -7.99
C CYS F 322 -2.02 -29.91 -8.07
N ALA F 323 -1.07 -29.41 -8.85
CA ALA F 323 0.24 -30.06 -8.92
C ALA F 323 0.93 -30.04 -7.55
N ALA F 324 0.79 -28.94 -6.81
CA ALA F 324 1.45 -28.88 -5.50
C ALA F 324 0.80 -29.86 -4.52
N ALA F 325 -0.53 -29.98 -4.54
CA ALA F 325 -1.17 -30.95 -3.67
C ALA F 325 -0.78 -32.38 -4.04
N ALA F 326 -0.72 -32.67 -5.34
CA ALA F 326 -0.41 -34.03 -5.79
C ALA F 326 1.03 -34.43 -5.48
N ARG F 327 1.96 -33.48 -5.55
CA ARG F 327 3.35 -33.79 -5.26
C ARG F 327 3.55 -34.13 -3.79
N GLN F 328 2.80 -33.47 -2.90
CA GLN F 328 2.83 -33.80 -1.48
C GLN F 328 2.44 -35.24 -1.21
N LEU F 329 1.67 -35.85 -2.10
CA LEU F 329 1.23 -37.24 -1.96
C LEU F 329 2.00 -38.20 -2.87
N GLY F 330 3.05 -37.73 -3.53
CA GLY F 330 3.77 -38.58 -4.45
C GLY F 330 3.14 -38.76 -5.81
N GLY F 331 2.05 -38.04 -6.11
CA GLY F 331 1.36 -38.16 -7.37
C GLY F 331 1.74 -37.08 -8.37
N HIS F 332 1.06 -37.11 -9.52
CA HIS F 332 1.35 -36.22 -10.63
C HIS F 332 0.07 -35.59 -11.15
N VAL F 333 0.24 -34.62 -12.06
CA VAL F 333 -0.87 -33.83 -12.58
C VAL F 333 -0.70 -33.64 -14.09
N TRP F 334 -1.78 -33.86 -14.83
CA TRP F 334 -1.85 -33.58 -16.26
C TRP F 334 -2.64 -32.29 -16.47
N ALA F 335 -2.06 -31.36 -17.22
CA ALA F 335 -2.71 -30.09 -17.52
C ALA F 335 -3.53 -30.24 -18.80
N ASP F 336 -4.86 -30.24 -18.67
CA ASP F 336 -5.77 -30.62 -19.74
C ASP F 336 -6.68 -29.46 -20.13
N GLY F 337 -6.54 -28.99 -21.36
CA GLY F 337 -7.48 -28.02 -21.90
C GLY F 337 -6.84 -26.65 -22.07
N GLY F 338 -7.25 -25.95 -23.12
CA GLY F 338 -6.85 -24.58 -23.33
C GLY F 338 -5.44 -24.37 -23.86
N VAL F 339 -4.83 -25.38 -24.48
CA VAL F 339 -3.50 -25.23 -25.04
C VAL F 339 -3.62 -24.74 -26.48
N ARG F 340 -3.08 -23.56 -26.76
CA ARG F 340 -3.08 -23.02 -28.11
C ARG F 340 -1.68 -22.73 -28.66
N HIS F 341 -0.68 -22.56 -27.80
CA HIS F 341 0.64 -22.10 -28.19
C HIS F 341 1.67 -22.83 -27.37
N PRO F 342 2.92 -22.94 -27.87
CA PRO F 342 3.97 -23.60 -27.09
C PRO F 342 4.16 -23.00 -25.70
N ARG F 343 3.98 -21.68 -25.54
CA ARG F 343 4.09 -21.09 -24.19
C ARG F 343 3.14 -21.78 -23.20
N ASP F 344 1.96 -22.19 -23.66
CA ASP F 344 0.98 -22.81 -22.75
C ASP F 344 1.48 -24.15 -22.25
N VAL F 345 2.19 -24.89 -23.10
CA VAL F 345 2.78 -26.15 -22.64
C VAL F 345 3.87 -25.88 -21.62
N ALA F 346 4.75 -24.92 -21.91
CA ALA F 346 5.84 -24.61 -20.99
C ALA F 346 5.32 -24.07 -19.66
N LEU F 347 4.32 -23.20 -19.71
CA LEU F 347 3.77 -22.63 -18.48
C LEU F 347 3.10 -23.71 -17.62
N ALA F 348 2.46 -24.69 -18.26
CA ALA F 348 1.88 -25.79 -17.52
C ALA F 348 2.96 -26.61 -16.81
N LEU F 349 4.07 -26.89 -17.49
CA LEU F 349 5.16 -27.64 -16.88
C LEU F 349 5.85 -26.82 -15.79
N ALA F 350 5.99 -25.51 -16.00
CA ALA F 350 6.52 -24.67 -14.93
C ALA F 350 5.57 -24.61 -13.74
N ALA F 351 4.26 -24.70 -13.97
CA ALA F 351 3.32 -24.74 -12.87
C ALA F 351 3.39 -26.03 -12.07
N GLY F 352 4.12 -27.04 -12.52
CA GLY F 352 4.25 -28.29 -11.79
C GLY F 352 3.60 -29.49 -12.42
N ALA F 353 2.94 -29.33 -13.58
CA ALA F 353 2.35 -30.45 -14.27
C ALA F 353 3.43 -31.36 -14.83
N SER F 354 3.16 -32.67 -14.81
CA SER F 354 4.11 -33.63 -15.37
C SER F 354 3.89 -33.87 -16.86
N ASN F 355 2.70 -33.55 -17.36
CA ASN F 355 2.33 -33.82 -18.75
C ASN F 355 1.22 -32.83 -19.11
N VAL F 356 1.06 -32.59 -20.41
CA VAL F 356 0.14 -31.58 -20.92
C VAL F 356 -0.74 -32.22 -21.98
N MET F 357 -2.05 -32.22 -21.74
CA MET F 357 -3.00 -32.83 -22.67
C MET F 357 -3.49 -31.79 -23.68
N ILE F 358 -3.36 -32.11 -24.96
CA ILE F 358 -3.71 -31.22 -26.06
C ILE F 358 -4.82 -31.85 -26.88
N GLY F 359 -5.84 -31.06 -27.20
CA GLY F 359 -6.97 -31.54 -27.97
C GLY F 359 -7.19 -30.85 -29.31
N SER F 360 -8.14 -29.91 -29.33
CA SER F 360 -8.60 -29.31 -30.58
C SER F 360 -7.47 -28.74 -31.44
N TRP F 361 -6.38 -28.25 -30.81
CA TRP F 361 -5.23 -27.80 -31.59
C TRP F 361 -4.77 -28.87 -32.56
N PHE F 362 -4.71 -30.13 -32.13
CA PHE F 362 -4.24 -31.18 -33.02
C PHE F 362 -5.29 -31.64 -34.01
N ALA F 363 -6.53 -31.14 -33.91
CA ALA F 363 -7.53 -31.49 -34.91
C ALA F 363 -7.20 -30.88 -36.27
N GLY F 364 -6.56 -29.71 -36.29
CA GLY F 364 -6.18 -29.09 -37.55
C GLY F 364 -4.88 -29.66 -38.09
N THR F 365 -4.84 -30.96 -38.33
CA THR F 365 -3.66 -31.63 -38.86
C THR F 365 -4.09 -32.71 -39.84
N TYR F 366 -3.17 -33.12 -40.70
CA TYR F 366 -3.47 -34.19 -41.65
C TYR F 366 -3.86 -35.48 -40.92
N GLU F 367 -3.21 -35.78 -39.80
CA GLU F 367 -3.36 -37.06 -39.13
C GLU F 367 -4.60 -37.18 -38.27
N SER F 368 -5.31 -36.07 -38.01
CA SER F 368 -6.55 -36.18 -37.26
C SER F 368 -7.60 -36.89 -38.10
N PRO F 369 -8.54 -37.58 -37.46
CA PRO F 369 -9.46 -38.45 -38.21
C PRO F 369 -10.46 -37.72 -39.11
N GLY F 370 -10.71 -36.44 -38.89
CA GLY F 370 -11.71 -35.74 -39.67
C GLY F 370 -11.27 -35.46 -41.10
N ASP F 371 -12.25 -35.10 -41.93
CA ASP F 371 -11.97 -34.78 -43.33
C ASP F 371 -11.29 -33.41 -43.45
N LEU F 372 -10.38 -33.30 -44.41
CA LEU F 372 -9.73 -32.02 -44.70
C LEU F 372 -10.70 -31.11 -45.45
N LEU F 373 -10.94 -29.92 -44.92
CA LEU F 373 -11.89 -28.97 -45.50
C LEU F 373 -11.18 -27.68 -45.87
N PHE F 374 -11.79 -26.95 -46.80
CA PHE F 374 -11.25 -25.68 -47.29
C PHE F 374 -12.31 -24.59 -47.14
N ASP F 375 -11.89 -23.44 -46.63
CA ASP F 375 -12.81 -22.36 -46.30
C ASP F 375 -13.00 -21.45 -47.51
N ARG F 376 -13.57 -20.26 -47.27
CA ARG F 376 -13.87 -19.33 -48.35
C ARG F 376 -12.62 -18.95 -49.13
N ASP F 377 -11.49 -18.80 -48.45
CA ASP F 377 -10.23 -18.38 -49.06
C ASP F 377 -9.39 -19.55 -49.54
N ASP F 378 -9.94 -20.76 -49.53
CA ASP F 378 -9.22 -21.99 -49.87
C ASP F 378 -8.06 -22.26 -48.90
N ARG F 379 -8.20 -21.79 -47.66
CA ARG F 379 -7.27 -22.19 -46.61
C ARG F 379 -7.71 -23.53 -46.01
N PRO F 380 -6.77 -24.45 -45.78
CA PRO F 380 -7.16 -25.77 -45.25
C PRO F 380 -7.53 -25.67 -43.78
N TYR F 381 -8.51 -26.46 -43.37
CA TYR F 381 -8.92 -26.52 -41.98
C TYR F 381 -9.64 -27.83 -41.74
N LYS F 382 -9.75 -28.19 -40.45
CA LYS F 382 -10.59 -29.27 -40.00
C LYS F 382 -11.39 -28.81 -38.79
N GLU F 383 -12.51 -29.48 -38.55
CA GLU F 383 -13.40 -29.12 -37.46
C GLU F 383 -13.07 -29.98 -36.25
N SER F 384 -12.78 -29.33 -35.13
CA SER F 384 -12.80 -30.00 -33.84
C SER F 384 -14.21 -29.95 -33.26
N TYR F 385 -14.53 -30.95 -32.45
CA TYR F 385 -15.82 -30.97 -31.77
C TYR F 385 -15.68 -31.72 -30.46
N GLY F 386 -16.53 -31.35 -29.50
CA GLY F 386 -16.44 -31.90 -28.16
C GLY F 386 -16.98 -33.31 -28.02
N MET F 387 -16.65 -33.92 -26.88
CA MET F 387 -17.18 -35.24 -26.55
C MET F 387 -18.54 -35.17 -25.91
N ALA F 388 -18.93 -34.00 -25.40
CA ALA F 388 -20.30 -33.71 -24.95
C ALA F 388 -20.76 -34.74 -23.91
N SER F 389 -21.84 -35.50 -24.16
CA SER F 389 -22.39 -36.37 -23.13
C SER F 389 -21.47 -37.55 -22.78
N LYS F 390 -20.48 -37.86 -23.61
CA LYS F 390 -19.54 -38.92 -23.29
C LYS F 390 -18.64 -38.59 -22.10
N ARG F 391 -18.64 -37.35 -21.62
CA ARG F 391 -17.94 -36.96 -20.40
C ARG F 391 -18.90 -36.74 -19.23
N ALA F 392 -20.20 -36.93 -19.43
CA ALA F 392 -21.21 -36.60 -18.44
C ALA F 392 -21.65 -37.86 -17.68
N VAL F 393 -22.10 -37.63 -16.45
CA VAL F 393 -22.66 -38.71 -15.64
C VAL F 393 -24.04 -39.07 -16.18
N ALA F 394 -24.29 -40.37 -16.33
CA ALA F 394 -25.58 -40.86 -16.81
C ALA F 394 -26.08 -41.94 -15.86
N ALA F 395 -27.40 -41.96 -15.66
CA ALA F 395 -28.06 -42.97 -14.85
C ALA F 395 -28.23 -44.27 -15.63
N ARG F 396 -28.61 -45.32 -14.92
CA ARG F 396 -28.87 -46.61 -15.56
C ARG F 396 -30.04 -46.48 -16.54
N THR F 397 -29.77 -46.80 -17.80
CA THR F 397 -30.73 -46.59 -18.88
C THR F 397 -31.54 -47.83 -19.21
N ALA F 398 -31.33 -48.94 -18.50
CA ALA F 398 -32.05 -50.17 -18.78
C ALA F 398 -33.53 -50.00 -18.44
N GLY F 399 -34.40 -50.24 -19.43
CA GLY F 399 -35.83 -50.12 -19.24
C GLY F 399 -36.40 -48.76 -19.61
N ASP F 400 -35.57 -47.76 -19.86
CA ASP F 400 -36.07 -46.43 -20.22
C ASP F 400 -36.81 -46.47 -21.55
N SER F 401 -37.98 -45.84 -21.58
CA SER F 401 -38.78 -45.73 -22.79
C SER F 401 -38.26 -44.58 -23.67
N SER F 402 -38.76 -44.54 -24.91
CA SER F 402 -38.40 -43.44 -25.82
C SER F 402 -38.75 -42.08 -25.23
N PHE F 403 -39.78 -42.02 -24.38
CA PHE F 403 -40.09 -40.79 -23.65
C PHE F 403 -38.96 -40.43 -22.70
N ASP F 404 -38.49 -41.41 -21.92
CA ASP F 404 -37.36 -41.17 -21.02
C ASP F 404 -36.06 -40.92 -21.79
N ARG F 405 -35.95 -41.41 -23.02
CA ARG F 405 -34.77 -41.12 -23.84
C ARG F 405 -34.76 -39.68 -24.31
N ALA F 406 -35.94 -39.13 -24.65
CA ALA F 406 -36.00 -37.73 -25.05
C ALA F 406 -35.97 -36.78 -23.86
N ARG F 407 -36.47 -37.21 -22.69
CA ARG F 407 -36.45 -36.34 -21.53
C ARG F 407 -35.02 -36.07 -21.06
N LYS F 408 -34.22 -37.13 -20.95
CA LYS F 408 -32.82 -36.95 -20.54
C LYS F 408 -32.02 -36.20 -21.59
N GLY F 409 -32.42 -36.28 -22.86
CA GLY F 409 -31.68 -35.62 -23.91
C GLY F 409 -32.03 -34.17 -24.15
N LEU F 410 -33.13 -33.70 -23.57
CA LEU F 410 -33.53 -32.31 -23.77
C LEU F 410 -32.52 -31.34 -23.16
N PHE F 411 -31.94 -31.70 -22.02
CA PHE F 411 -30.97 -30.84 -21.34
C PHE F 411 -29.52 -31.15 -21.72
N GLU F 412 -29.26 -32.28 -22.36
CA GLU F 412 -27.89 -32.75 -22.50
C GLU F 412 -27.07 -31.80 -23.38
N GLU F 413 -25.77 -31.75 -23.08
CA GLU F 413 -24.86 -30.86 -23.78
C GLU F 413 -24.79 -31.20 -25.25
N GLY F 414 -25.03 -30.21 -26.11
CA GLY F 414 -24.83 -30.39 -27.52
C GLY F 414 -23.35 -30.42 -27.88
N ILE F 415 -23.07 -30.93 -29.07
CA ILE F 415 -21.69 -31.03 -29.56
C ILE F 415 -21.28 -29.68 -30.14
N SER F 416 -20.27 -29.05 -29.53
CA SER F 416 -19.77 -27.77 -30.00
C SER F 416 -18.82 -27.98 -31.18
N THR F 417 -18.50 -26.88 -31.87
CA THR F 417 -17.71 -26.95 -33.08
C THR F 417 -16.84 -25.71 -33.21
N SER F 418 -15.56 -25.92 -33.53
CA SER F 418 -14.67 -24.83 -33.93
C SER F 418 -13.85 -25.30 -35.13
N ARG F 419 -13.54 -24.36 -36.01
CA ARG F 419 -12.70 -24.65 -37.17
C ARG F 419 -11.24 -24.43 -36.79
N MET F 420 -10.43 -25.48 -36.96
CA MET F 420 -9.00 -25.42 -36.69
C MET F 420 -8.27 -25.41 -38.03
N SER F 421 -7.70 -24.26 -38.38
CA SER F 421 -7.01 -24.14 -39.66
C SER F 421 -5.65 -24.85 -39.60
N LEU F 422 -5.27 -25.44 -40.72
CA LEU F 422 -3.96 -26.04 -40.86
C LEU F 422 -2.93 -24.99 -41.24
N ASP F 423 -1.74 -25.10 -40.67
CA ASP F 423 -0.62 -24.29 -41.11
C ASP F 423 -0.42 -24.52 -42.61
N PRO F 424 -0.55 -23.50 -43.45
CA PRO F 424 -0.47 -23.73 -44.91
C PRO F 424 0.85 -24.34 -45.34
N ALA F 425 1.95 -24.03 -44.64
CA ALA F 425 3.23 -24.63 -44.98
C ALA F 425 3.37 -26.02 -44.38
N ARG F 426 3.17 -26.14 -43.07
CA ARG F 426 3.40 -27.39 -42.33
C ARG F 426 2.11 -27.85 -41.67
N GLY F 427 1.35 -28.73 -42.33
CA GLY F 427 0.08 -29.17 -41.80
C GLY F 427 0.10 -30.40 -40.93
N GLY F 428 1.24 -31.08 -40.78
CA GLY F 428 1.27 -32.30 -40.00
C GLY F 428 1.37 -32.05 -38.50
N VAL F 429 0.92 -33.04 -37.72
CA VAL F 429 1.02 -32.95 -36.27
C VAL F 429 2.47 -32.97 -35.82
N GLU F 430 3.37 -33.56 -36.61
CA GLU F 430 4.77 -33.61 -36.22
C GLU F 430 5.41 -32.23 -36.28
N ASP F 431 4.91 -31.36 -37.16
CA ASP F 431 5.39 -29.98 -37.18
C ASP F 431 4.91 -29.23 -35.94
N LEU F 432 3.69 -29.51 -35.47
CA LEU F 432 3.24 -28.94 -34.21
C LEU F 432 4.08 -29.44 -33.05
N LEU F 433 4.47 -30.72 -33.08
CA LEU F 433 5.37 -31.26 -32.06
C LEU F 433 6.72 -30.56 -32.10
N ASP F 434 7.27 -30.35 -33.29
CA ASP F 434 8.52 -29.59 -33.43
C ASP F 434 8.37 -28.20 -32.82
N HIS F 435 7.27 -27.52 -33.15
CA HIS F 435 7.02 -26.20 -32.59
C HIS F 435 6.93 -26.25 -31.06
N ILE F 436 6.15 -27.21 -30.54
CA ILE F 436 5.93 -27.29 -29.11
C ILE F 436 7.22 -27.60 -28.37
N THR F 437 7.91 -28.66 -28.77
CA THR F 437 9.09 -29.08 -28.01
C THR F 437 10.26 -28.12 -28.18
N SER F 438 10.36 -27.47 -29.35
CA SER F 438 11.37 -26.44 -29.52
C SER F 438 11.19 -25.32 -28.50
N GLY F 439 9.94 -24.89 -28.29
CA GLY F 439 9.69 -23.84 -27.31
C GLY F 439 9.97 -24.30 -25.88
N VAL F 440 9.52 -25.50 -25.53
CA VAL F 440 9.75 -26.00 -24.17
C VAL F 440 11.24 -26.13 -23.90
N ARG F 441 12.00 -26.65 -24.88
CA ARG F 441 13.45 -26.75 -24.69
C ARG F 441 14.07 -25.37 -24.51
N SER F 442 13.58 -24.38 -25.24
CA SER F 442 14.11 -23.04 -25.07
C SER F 442 13.73 -22.47 -23.70
N THR F 443 12.52 -22.77 -23.21
CA THR F 443 12.14 -22.34 -21.87
C THR F 443 13.11 -22.89 -20.83
N CYS F 444 13.51 -24.15 -20.96
CA CYS F 444 14.41 -24.74 -19.98
C CYS F 444 15.78 -24.07 -20.03
N THR F 445 16.28 -23.73 -21.23
CA THR F 445 17.56 -23.02 -21.28
C THR F 445 17.46 -21.65 -20.61
N TYR F 446 16.32 -20.98 -20.76
CA TYR F 446 16.16 -19.68 -20.11
C TYR F 446 16.11 -19.81 -18.60
N VAL F 447 15.43 -20.85 -18.10
CA VAL F 447 15.34 -21.07 -16.67
C VAL F 447 16.66 -21.59 -16.12
N GLY F 448 17.45 -22.26 -16.94
CA GLY F 448 18.63 -22.96 -16.46
C GLY F 448 18.36 -24.39 -16.07
N ALA F 449 17.33 -25.01 -16.63
CA ALA F 449 16.91 -26.35 -16.26
C ALA F 449 17.31 -27.35 -17.33
N ALA F 450 17.83 -28.49 -16.90
CA ALA F 450 18.26 -29.56 -17.79
C ALA F 450 17.19 -30.63 -18.01
N ASN F 451 16.06 -30.53 -17.31
CA ASN F 451 14.97 -31.49 -17.48
C ASN F 451 13.71 -30.87 -16.91
N LEU F 452 12.61 -31.61 -16.99
CA LEU F 452 11.29 -31.12 -16.58
C LEU F 452 11.20 -30.89 -15.08
N PRO F 453 11.66 -31.82 -14.22
CA PRO F 453 11.63 -31.52 -12.79
C PRO F 453 12.41 -30.28 -12.43
N GLU F 454 13.60 -30.09 -13.02
CA GLU F 454 14.35 -28.86 -12.72
C GLU F 454 13.64 -27.62 -13.19
N LEU F 455 12.90 -27.72 -14.31
CA LEU F 455 12.11 -26.59 -14.78
C LEU F 455 11.14 -26.11 -13.71
N HIS F 456 10.39 -27.03 -13.12
CA HIS F 456 9.43 -26.66 -12.08
C HIS F 456 10.12 -26.15 -10.82
N GLU F 457 11.29 -26.69 -10.47
CA GLU F 457 11.92 -26.32 -9.22
CA GLU F 457 11.94 -26.33 -9.22
C GLU F 457 12.69 -25.01 -9.33
N LYS F 458 13.17 -24.64 -10.52
CA LYS F 458 13.98 -23.43 -10.65
C LYS F 458 13.24 -22.22 -11.18
N VAL F 459 12.01 -22.38 -11.66
CA VAL F 459 11.38 -21.30 -12.43
C VAL F 459 11.01 -20.15 -11.50
N VAL F 460 11.15 -18.93 -12.01
CA VAL F 460 10.68 -17.72 -11.36
C VAL F 460 9.59 -17.14 -12.25
N LEU F 461 8.40 -16.92 -11.69
CA LEU F 461 7.25 -16.46 -12.46
C LEU F 461 6.87 -15.05 -12.08
N GLY F 462 6.23 -14.36 -13.02
CA GLY F 462 5.74 -13.03 -12.77
C GLY F 462 4.37 -12.85 -13.39
N VAL F 463 3.66 -11.87 -12.88
CA VAL F 463 2.33 -11.51 -13.36
C VAL F 463 2.44 -10.22 -14.16
N GLN F 464 1.61 -10.13 -15.21
CA GLN F 464 1.56 -8.95 -16.07
C GLN F 464 0.11 -8.56 -16.27
N SER F 465 -0.09 -7.30 -16.65
CA SER F 465 -1.39 -6.80 -17.07
C SER F 465 -1.66 -7.23 -18.52
N ALA F 466 -2.80 -6.77 -19.06
CA ALA F 466 -3.14 -7.12 -20.44
C ALA F 466 -2.10 -6.61 -21.43
N ALA F 467 -1.48 -5.45 -21.14
CA ALA F 467 -0.48 -4.90 -22.04
C ALA F 467 0.80 -5.73 -22.06
N GLY F 468 1.14 -6.37 -20.93
CA GLY F 468 2.33 -7.19 -20.88
C GLY F 468 2.29 -8.36 -21.86
N PHE F 469 1.10 -8.96 -22.01
CA PHE F 469 0.93 -10.05 -22.97
C PHE F 469 1.18 -9.59 -24.39
N ALA F 470 0.90 -8.32 -24.70
CA ALA F 470 1.02 -7.81 -26.06
C ALA F 470 2.46 -7.58 -26.51
N GLU F 471 3.42 -7.55 -25.57
CA GLU F 471 4.82 -7.34 -25.93
C GLU F 471 5.35 -8.47 -26.81
N GLY F 472 6.09 -8.10 -27.85
CA GLY F 472 6.68 -9.05 -28.76
C GLY F 472 5.91 -9.15 -30.07
N HIS F 473 6.21 -10.24 -30.79
CA HIS F 473 5.61 -10.52 -32.09
C HIS F 473 4.61 -11.66 -31.99
N PRO F 474 3.49 -11.60 -32.72
CA PRO F 474 2.54 -12.72 -32.80
C PRO F 474 2.99 -13.80 -33.78
N VAL G 2 13.70 5.33 -8.99
CA VAL G 2 12.49 6.03 -9.40
C VAL G 2 11.50 6.15 -8.23
N ARG G 3 10.78 7.26 -8.20
CA ARG G 3 9.72 7.47 -7.22
C ARG G 3 8.37 7.29 -7.88
N PHE G 4 7.50 6.50 -7.26
CA PHE G 4 6.13 6.29 -7.72
C PHE G 4 5.17 7.05 -6.81
N LEU G 5 4.01 7.40 -7.37
CA LEU G 5 2.97 8.00 -6.55
C LEU G 5 2.60 7.09 -5.39
N ASP G 6 2.14 7.70 -4.31
CA ASP G 6 1.74 6.96 -3.11
C ASP G 6 0.73 5.87 -3.44
N GLY G 7 1.02 4.64 -3.01
CA GLY G 7 0.12 3.54 -3.19
C GLY G 7 0.19 2.83 -4.53
N HIS G 8 0.98 3.35 -5.49
CA HIS G 8 1.10 2.70 -6.80
C HIS G 8 2.17 1.63 -6.70
N THR G 9 1.79 0.49 -6.12
CA THR G 9 2.67 -0.68 -5.98
C THR G 9 1.88 -1.89 -6.44
N PRO G 10 1.74 -2.07 -7.75
CA PRO G 10 0.88 -3.14 -8.26
C PRO G 10 1.48 -4.52 -8.08
N ALA G 11 0.61 -5.52 -8.07
CA ALA G 11 1.01 -6.91 -7.95
C ALA G 11 1.38 -7.53 -9.29
N TYR G 12 1.92 -6.72 -10.19
CA TYR G 12 2.37 -7.19 -11.49
C TYR G 12 3.47 -6.27 -11.98
N ASP G 13 4.20 -6.74 -13.00
CA ASP G 13 5.23 -5.93 -13.64
C ASP G 13 4.66 -5.08 -14.76
N LEU G 14 5.34 -3.98 -15.05
CA LEU G 14 4.82 -2.89 -15.86
C LEU G 14 5.49 -2.81 -17.22
N THR G 15 4.68 -2.59 -18.25
CA THR G 15 5.16 -2.22 -19.57
C THR G 15 5.13 -0.71 -19.71
N TYR G 16 5.58 -0.23 -20.87
CA TYR G 16 5.52 1.21 -21.17
C TYR G 16 4.07 1.71 -21.18
N ASN G 17 3.12 0.87 -21.60
CA ASN G 17 1.72 1.29 -21.62
C ASN G 17 1.14 1.46 -20.22
N ASP G 18 1.75 0.87 -19.20
CA ASP G 18 1.18 0.81 -17.86
C ASP G 18 1.45 2.06 -17.04
N VAL G 19 2.43 2.89 -17.42
CA VAL G 19 2.89 3.97 -16.55
C VAL G 19 2.74 5.31 -17.24
N PHE G 20 2.76 6.35 -16.41
CA PHE G 20 2.71 7.73 -16.84
C PHE G 20 3.64 8.55 -15.95
N VAL G 21 3.93 9.76 -16.39
CA VAL G 21 4.81 10.68 -15.70
C VAL G 21 3.98 11.86 -15.19
N VAL G 22 4.11 12.15 -13.90
CA VAL G 22 3.46 13.31 -13.28
C VAL G 22 4.35 14.52 -13.47
N PRO G 23 3.84 15.62 -14.02
CA PRO G 23 4.67 16.83 -14.15
C PRO G 23 5.04 17.41 -12.79
N GLY G 24 6.28 17.90 -12.70
CA GLY G 24 6.77 18.56 -11.51
C GLY G 24 6.96 20.05 -11.71
N ARG G 25 7.35 20.72 -10.63
CA ARG G 25 7.65 22.13 -10.70
C ARG G 25 8.92 22.33 -11.53
N SER G 26 8.85 23.20 -12.53
CA SER G 26 9.94 23.36 -13.48
C SER G 26 10.30 24.82 -13.63
N ASP G 27 11.61 25.11 -13.67
CA ASP G 27 12.09 26.40 -14.11
C ASP G 27 12.77 26.32 -15.48
N VAL G 28 12.68 25.17 -16.15
CA VAL G 28 13.35 24.95 -17.43
C VAL G 28 12.57 25.68 -18.52
N ALA G 29 13.19 26.69 -19.12
CA ALA G 29 12.53 27.59 -20.06
C ALA G 29 11.99 26.86 -21.29
N SER G 30 12.89 26.39 -22.15
CA SER G 30 12.47 25.80 -23.43
C SER G 30 13.09 24.42 -23.61
N ARG G 31 12.64 23.75 -24.67
CA ARG G 31 13.14 22.42 -24.99
C ARG G 31 14.63 22.44 -25.28
N PHE G 32 15.17 23.55 -25.77
CA PHE G 32 16.56 23.60 -26.18
C PHE G 32 17.52 23.85 -25.03
N ASP G 33 17.02 24.24 -23.86
CA ASP G 33 17.85 24.32 -22.66
C ASP G 33 18.19 22.94 -22.11
N VAL G 34 17.45 21.91 -22.50
CA VAL G 34 17.71 20.55 -22.06
C VAL G 34 18.94 20.01 -22.76
N ASP G 35 19.80 19.33 -22.00
CA ASP G 35 20.98 18.67 -22.54
C ASP G 35 20.70 17.16 -22.65
N LEU G 36 20.59 16.67 -23.89
CA LEU G 36 20.27 15.27 -24.16
C LEU G 36 21.50 14.38 -24.25
N SER G 37 22.69 14.91 -23.98
CA SER G 37 23.91 14.11 -24.00
C SER G 37 23.81 12.98 -23.00
N THR G 38 24.35 11.83 -23.38
CA THR G 38 24.37 10.65 -22.51
C THR G 38 25.71 10.56 -21.80
N VAL G 39 25.70 9.91 -20.64
CA VAL G 39 26.85 9.83 -19.75
C VAL G 39 27.39 8.41 -19.63
N ASP G 40 26.99 7.50 -20.51
CA ASP G 40 27.40 6.10 -20.39
C ASP G 40 28.68 5.77 -21.15
N GLY G 41 29.33 6.76 -21.75
CA GLY G 41 30.54 6.52 -22.50
C GLY G 41 30.35 6.14 -23.96
N SER G 42 29.11 6.03 -24.43
CA SER G 42 28.89 5.75 -25.84
C SER G 42 29.25 6.93 -26.71
N GLY G 43 29.19 8.15 -26.16
CA GLY G 43 29.42 9.34 -26.94
C GLY G 43 28.21 9.88 -27.67
N THR G 44 27.03 9.28 -27.51
CA THR G 44 25.86 9.82 -28.17
C THR G 44 25.46 11.13 -27.51
N THR G 45 25.04 12.10 -28.33
CA THR G 45 24.53 13.38 -27.86
C THR G 45 23.01 13.39 -27.74
N ILE G 46 22.36 12.34 -28.20
CA ILE G 46 20.93 12.10 -27.97
C ILE G 46 20.82 10.66 -27.49
N PRO G 47 19.84 10.32 -26.66
CA PRO G 47 19.72 8.98 -26.10
C PRO G 47 19.14 7.93 -27.07
N VAL G 48 19.70 7.87 -28.28
CA VAL G 48 19.21 6.96 -29.32
C VAL G 48 20.36 6.12 -29.83
N VAL G 49 20.19 4.80 -29.79
CA VAL G 49 21.10 3.82 -30.40
C VAL G 49 20.27 2.96 -31.35
N VAL G 50 20.79 2.73 -32.55
CA VAL G 50 20.10 1.90 -33.55
C VAL G 50 20.52 0.44 -33.35
N ALA G 51 19.55 -0.46 -33.32
CA ALA G 51 19.79 -1.85 -32.95
C ALA G 51 20.61 -2.60 -34.01
N ASN G 52 21.35 -3.60 -33.53
CA ASN G 52 22.19 -4.45 -34.39
C ASN G 52 21.30 -5.45 -35.11
N MET G 53 20.63 -4.96 -36.15
CA MET G 53 19.70 -5.75 -36.93
C MET G 53 19.97 -5.47 -38.40
N THR G 54 20.04 -6.53 -39.21
CA THR G 54 20.31 -6.37 -40.63
C THR G 54 19.22 -5.58 -41.34
N ALA G 55 18.01 -5.52 -40.78
CA ALA G 55 16.93 -4.77 -41.39
C ALA G 55 17.05 -3.27 -41.17
N VAL G 56 17.95 -2.83 -40.29
CA VAL G 56 18.00 -1.43 -39.86
C VAL G 56 19.40 -0.83 -40.04
N ALA G 57 20.42 -1.55 -39.59
CA ALA G 57 21.74 -0.95 -39.36
C ALA G 57 22.63 -1.15 -40.59
N GLY G 58 22.36 -0.35 -41.63
CA GLY G 58 23.22 -0.28 -42.79
C GLY G 58 24.07 0.99 -42.76
N ARG G 59 24.87 1.16 -43.81
CA ARG G 59 25.78 2.31 -43.87
C ARG G 59 25.01 3.62 -43.98
N ARG G 60 23.95 3.65 -44.79
CA ARG G 60 23.13 4.87 -44.88
C ARG G 60 22.55 5.23 -43.52
N MET G 61 22.12 4.22 -42.75
CA MET G 61 21.58 4.49 -41.42
C MET G 61 22.70 4.94 -40.46
N ALA G 62 23.85 4.29 -40.52
CA ALA G 62 24.95 4.62 -39.61
C ALA G 62 25.43 6.05 -39.80
N GLU G 63 25.53 6.50 -41.06
CA GLU G 63 25.91 7.89 -41.31
C GLU G 63 24.84 8.85 -40.79
N THR G 64 23.59 8.63 -41.18
CA THR G 64 22.54 9.60 -40.93
C THR G 64 22.29 9.79 -39.44
N VAL G 65 22.31 8.71 -38.66
CA VAL G 65 21.99 8.81 -37.25
C VAL G 65 23.18 9.35 -36.45
N ALA G 66 24.41 8.94 -36.82
CA ALA G 66 25.58 9.47 -36.13
C ALA G 66 25.71 10.97 -36.33
N ARG G 67 25.35 11.48 -37.51
CA ARG G 67 25.43 12.91 -37.73
C ARG G 67 24.48 13.66 -36.80
N ARG G 68 23.35 13.05 -36.44
CA ARG G 68 22.38 13.71 -35.58
C ARG G 68 22.56 13.37 -34.10
N GLY G 69 23.66 12.71 -33.74
CA GLY G 69 24.00 12.51 -32.34
C GLY G 69 23.80 11.11 -31.82
N GLY G 70 23.14 10.24 -32.58
CA GLY G 70 22.98 8.85 -32.18
C GLY G 70 24.18 8.03 -32.58
N ILE G 71 24.01 6.70 -32.45
CA ILE G 71 25.02 5.76 -32.90
C ILE G 71 24.31 4.52 -33.42
N VAL G 72 24.94 3.84 -34.36
CA VAL G 72 24.40 2.64 -34.98
C VAL G 72 25.34 1.48 -34.65
N VAL G 73 24.77 0.38 -34.17
CA VAL G 73 25.53 -0.85 -33.89
C VAL G 73 25.43 -1.76 -35.09
N LEU G 74 26.55 -2.01 -35.76
CA LEU G 74 26.53 -2.88 -36.91
C LEU G 74 26.14 -4.29 -36.49
N PRO G 75 25.35 -5.01 -37.29
CA PRO G 75 24.91 -6.36 -36.89
C PRO G 75 26.10 -7.30 -36.77
N GLN G 76 25.99 -8.24 -35.83
CA GLN G 76 27.00 -9.27 -35.68
C GLN G 76 27.01 -10.19 -36.90
N ASP G 77 28.17 -10.78 -37.17
CA ASP G 77 28.45 -11.70 -38.28
C ASP G 77 28.57 -10.97 -39.61
N LEU G 78 28.50 -9.64 -39.64
CA LEU G 78 28.92 -8.93 -40.83
C LEU G 78 30.41 -9.21 -41.06
N PRO G 79 30.79 -9.67 -42.24
CA PRO G 79 32.22 -9.99 -42.47
C PRO G 79 33.12 -8.79 -42.25
N ILE G 80 34.32 -9.03 -41.72
CA ILE G 80 35.18 -7.95 -41.25
C ILE G 80 35.56 -7.00 -42.38
N THR G 81 35.67 -7.51 -43.61
CA THR G 81 35.95 -6.64 -44.74
C THR G 81 34.78 -5.69 -45.00
N ALA G 82 33.54 -6.19 -44.88
CA ALA G 82 32.38 -5.32 -45.00
C ALA G 82 32.26 -4.37 -43.81
N VAL G 83 32.63 -4.82 -42.62
CA VAL G 83 32.69 -3.92 -41.47
C VAL G 83 33.63 -2.76 -41.77
N SER G 84 34.86 -3.07 -42.17
CA SER G 84 35.86 -2.05 -42.43
C SER G 84 35.39 -1.07 -43.50
N GLU G 85 34.81 -1.58 -44.59
CA GLU G 85 34.25 -0.71 -45.63
C GLU G 85 33.18 0.22 -45.06
N THR G 86 32.33 -0.30 -44.17
CA THR G 86 31.28 0.52 -43.58
C THR G 86 31.88 1.59 -42.67
N VAL G 87 32.80 1.20 -41.78
CA VAL G 87 33.44 2.17 -40.90
C VAL G 87 34.13 3.25 -41.71
N ASP G 88 34.88 2.85 -42.75
CA ASP G 88 35.57 3.83 -43.58
C ASP G 88 34.59 4.77 -44.27
N PHE G 89 33.46 4.24 -44.75
CA PHE G 89 32.45 5.10 -45.34
C PHE G 89 31.92 6.11 -44.33
N VAL G 90 31.50 5.63 -43.16
CA VAL G 90 30.87 6.50 -42.17
C VAL G 90 31.85 7.56 -41.68
N LYS G 91 33.05 7.13 -41.32
CA LYS G 91 34.05 8.05 -40.78
C LYS G 91 34.67 8.97 -41.84
N SER G 92 34.29 8.83 -43.11
CA SER G 92 34.71 9.78 -44.13
C SER G 92 33.60 10.75 -44.49
N ARG G 93 32.47 10.71 -43.79
CA ARG G 93 31.35 11.58 -44.12
C ARG G 93 31.52 12.95 -43.48
N ASP G 94 30.96 13.96 -44.17
CA ASP G 94 30.98 15.30 -43.63
C ASP G 94 30.05 15.40 -42.42
N LEU G 95 30.42 16.25 -41.47
CA LEU G 95 29.62 16.41 -40.26
C LEU G 95 28.36 17.23 -40.48
N VAL G 96 28.23 17.91 -41.61
CA VAL G 96 27.09 18.77 -41.89
C VAL G 96 26.40 18.37 -43.19
N VAL G 97 27.15 18.27 -44.28
CA VAL G 97 26.60 17.93 -45.58
C VAL G 97 26.37 16.42 -45.65
N ASP G 98 25.27 16.02 -46.27
CA ASP G 98 24.84 14.63 -46.29
C ASP G 98 25.16 14.01 -47.65
N THR G 99 25.30 12.69 -47.65
CA THR G 99 25.56 11.95 -48.88
C THR G 99 24.27 11.73 -49.64
N PRO G 100 24.16 12.20 -50.89
CA PRO G 100 22.94 12.00 -51.67
C PRO G 100 22.95 10.70 -52.47
N VAL G 101 21.78 10.37 -53.01
CA VAL G 101 21.69 9.38 -54.07
C VAL G 101 22.31 9.96 -55.33
N THR G 102 23.20 9.19 -55.96
CA THR G 102 23.86 9.62 -57.19
C THR G 102 23.40 8.76 -58.36
N LEU G 103 23.27 9.38 -59.53
CA LEU G 103 22.84 8.71 -60.74
C LEU G 103 23.83 9.00 -61.85
N SER G 104 23.94 8.03 -62.79
CA SER G 104 24.66 8.22 -64.04
C SER G 104 23.75 8.86 -65.07
N PRO G 105 24.29 9.65 -66.01
CA PRO G 105 23.44 10.20 -67.07
C PRO G 105 22.78 9.12 -67.90
N GLU G 106 23.41 7.95 -68.00
CA GLU G 106 22.91 6.83 -68.77
C GLU G 106 22.01 5.90 -67.96
N ASP G 107 21.71 6.24 -66.71
CA ASP G 107 20.75 5.44 -65.95
C ASP G 107 19.36 5.63 -66.53
N SER G 108 18.52 4.61 -66.35
CA SER G 108 17.15 4.68 -66.81
C SER G 108 16.28 5.45 -65.81
N VAL G 109 15.20 6.04 -66.32
CA VAL G 109 14.25 6.72 -65.45
C VAL G 109 13.65 5.74 -64.45
N SER G 110 13.37 4.52 -64.90
CA SER G 110 12.82 3.50 -64.01
C SER G 110 13.78 3.18 -62.86
N ASP G 111 15.07 3.05 -63.17
CA ASP G 111 16.05 2.85 -62.09
C ASP G 111 16.18 4.10 -61.23
N ALA G 112 16.03 5.29 -61.82
CA ALA G 112 16.30 6.53 -61.10
C ALA G 112 15.35 6.70 -59.91
N ASN G 113 14.05 6.57 -60.13
CA ASN G 113 13.12 6.81 -59.04
C ASN G 113 12.96 5.61 -58.11
N ALA G 114 13.59 4.48 -58.42
CA ALA G 114 13.75 3.41 -57.42
C ALA G 114 14.87 3.74 -56.45
N LEU G 115 16.00 4.25 -56.96
CA LEU G 115 17.11 4.66 -56.10
C LEU G 115 16.81 5.95 -55.36
N LEU G 116 15.88 6.75 -55.86
CA LEU G 116 15.59 8.06 -55.28
C LEU G 116 15.22 7.94 -53.81
N HIS G 117 14.54 6.88 -53.42
CA HIS G 117 14.03 6.77 -52.06
C HIS G 117 15.03 6.13 -51.10
N LYS G 118 16.29 5.96 -51.50
CA LYS G 118 17.32 5.53 -50.56
C LYS G 118 17.71 6.64 -49.60
N ARG G 119 17.39 7.89 -49.92
CA ARG G 119 17.57 9.01 -49.01
C ARG G 119 16.28 9.80 -48.94
N ALA G 120 16.26 10.79 -48.04
CA ALA G 120 15.08 11.61 -47.82
C ALA G 120 15.20 13.00 -48.44
N HIS G 121 16.17 13.20 -49.33
CA HIS G 121 16.42 14.55 -49.86
C HIS G 121 15.40 14.99 -50.89
N GLY G 122 14.69 14.05 -51.53
CA GLY G 122 13.76 14.40 -52.58
C GLY G 122 14.39 14.56 -53.94
N ALA G 123 15.71 14.43 -54.05
CA ALA G 123 16.37 14.59 -55.33
C ALA G 123 17.63 13.74 -55.35
N ALA G 124 17.98 13.26 -56.53
CA ALA G 124 19.24 12.58 -56.77
C ALA G 124 20.13 13.46 -57.61
N VAL G 125 21.44 13.26 -57.49
CA VAL G 125 22.44 14.09 -58.15
C VAL G 125 23.03 13.30 -59.31
N VAL G 126 22.77 13.74 -60.54
CA VAL G 126 23.43 13.16 -61.70
C VAL G 126 24.90 13.60 -61.71
N VAL G 127 25.79 12.63 -61.86
CA VAL G 127 27.22 12.86 -61.75
C VAL G 127 27.93 12.26 -62.96
N PHE G 128 28.71 13.08 -63.66
CA PHE G 128 29.66 12.63 -64.68
C PHE G 128 31.04 13.15 -64.33
N GLU G 129 32.06 12.30 -64.50
CA GLU G 129 33.45 12.61 -64.20
C GLU G 129 33.69 12.93 -62.74
N GLY G 130 32.68 12.76 -61.89
CA GLY G 130 32.77 13.13 -60.49
C GLY G 130 32.13 14.47 -60.14
N ARG G 131 31.47 15.11 -61.09
CA ARG G 131 30.91 16.44 -60.86
C ARG G 131 29.40 16.43 -61.07
N PRO G 132 28.66 17.23 -60.30
CA PRO G 132 27.20 17.26 -60.46
C PRO G 132 26.78 18.00 -61.72
N ILE G 133 25.95 17.35 -62.54
CA ILE G 133 25.47 17.95 -63.78
C ILE G 133 23.98 18.22 -63.75
N GLY G 134 23.28 17.80 -62.70
CA GLY G 134 21.85 18.03 -62.63
C GLY G 134 21.22 17.29 -61.47
N LEU G 135 19.93 17.54 -61.30
CA LEU G 135 19.12 16.92 -60.27
C LEU G 135 17.94 16.20 -60.90
N VAL G 136 17.58 15.06 -60.31
CA VAL G 136 16.40 14.29 -60.70
C VAL G 136 15.43 14.28 -59.53
N THR G 137 14.15 14.51 -59.81
CA THR G 137 13.12 14.46 -58.79
C THR G 137 12.03 13.48 -59.23
N GLU G 138 11.14 13.16 -58.29
CA GLU G 138 10.04 12.24 -58.60
C GLU G 138 9.08 12.86 -59.62
N ALA G 139 8.94 14.18 -59.62
CA ALA G 139 8.06 14.83 -60.58
C ALA G 139 8.63 14.80 -61.99
N ASN G 140 9.96 14.79 -62.12
CA ASN G 140 10.60 14.72 -63.44
C ASN G 140 10.39 13.37 -64.11
N CYS G 141 10.11 12.31 -63.34
CA CYS G 141 9.96 10.97 -63.88
C CYS G 141 8.51 10.63 -64.25
N ALA G 142 7.59 11.56 -64.07
CA ALA G 142 6.19 11.33 -64.38
C ALA G 142 5.89 11.71 -65.83
N GLY G 143 5.12 10.86 -66.50
CA GLY G 143 4.78 11.10 -67.89
C GLY G 143 5.93 10.99 -68.86
N VAL G 144 7.08 10.49 -68.42
CA VAL G 144 8.22 10.25 -69.29
C VAL G 144 8.35 8.75 -69.49
N ASP G 145 8.94 8.36 -70.63
CA ASP G 145 9.17 6.94 -70.91
C ASP G 145 10.04 6.33 -69.82
N ARG G 146 9.60 5.18 -69.29
CA ARG G 146 10.30 4.53 -68.19
C ARG G 146 11.78 4.30 -68.50
N PHE G 147 12.11 4.01 -69.75
CA PHE G 147 13.47 3.69 -70.13
C PHE G 147 14.17 4.82 -70.87
N ALA G 148 13.60 6.02 -70.86
CA ALA G 148 14.36 7.19 -71.27
C ALA G 148 15.55 7.38 -70.35
N ARG G 149 16.63 7.95 -70.89
CA ARG G 149 17.83 8.16 -70.09
C ARG G 149 17.63 9.32 -69.12
N VAL G 150 18.39 9.28 -68.02
CA VAL G 150 18.24 10.29 -66.98
C VAL G 150 18.63 11.68 -67.49
N ARG G 151 19.60 11.75 -68.41
CA ARG G 151 20.05 13.04 -68.93
C ARG G 151 18.92 13.88 -69.51
N ASP G 152 17.83 13.24 -69.93
CA ASP G 152 16.71 13.97 -70.50
C ASP G 152 15.96 14.75 -69.43
N ILE G 153 15.48 14.06 -68.39
CA ILE G 153 14.64 14.70 -67.38
C ILE G 153 15.41 15.45 -66.32
N ALA G 154 16.74 15.41 -66.35
CA ALA G 154 17.53 16.07 -65.32
C ALA G 154 17.46 17.59 -65.46
N LEU G 155 17.38 18.26 -64.32
CA LEU G 155 17.37 19.72 -64.27
C LEU G 155 18.79 20.21 -64.00
N SER G 156 19.34 20.99 -64.94
CA SER G 156 20.70 21.49 -64.82
C SER G 156 20.79 22.78 -64.01
N ASP G 157 19.66 23.41 -63.69
CA ASP G 157 19.64 24.60 -62.84
C ASP G 157 19.33 24.17 -61.41
N PHE G 158 20.30 24.33 -60.53
CA PHE G 158 20.13 23.94 -59.14
C PHE G 158 21.02 24.82 -58.29
N VAL G 159 20.57 25.09 -57.07
CA VAL G 159 21.38 25.84 -56.12
C VAL G 159 22.63 25.05 -55.77
N THR G 160 23.77 25.73 -55.73
CA THR G 160 25.03 25.12 -55.35
C THR G 160 25.81 26.09 -54.47
N ALA G 161 26.79 25.55 -53.75
CA ALA G 161 27.61 26.33 -52.81
C ALA G 161 28.79 25.49 -52.35
N PRO G 162 29.92 26.12 -52.02
CA PRO G 162 31.10 25.34 -51.60
C PRO G 162 30.87 24.64 -50.28
N VAL G 163 31.43 23.43 -50.16
CA VAL G 163 31.40 22.73 -48.89
C VAL G 163 32.13 23.57 -47.84
N GLY G 164 31.57 23.63 -46.63
CA GLY G 164 32.08 24.50 -45.60
C GLY G 164 31.34 25.82 -45.47
N THR G 165 30.46 26.15 -46.42
CA THR G 165 29.60 27.32 -46.25
C THR G 165 28.72 27.12 -45.02
N ASP G 166 28.56 28.19 -44.24
CA ASP G 166 27.77 28.12 -43.02
C ASP G 166 26.33 27.69 -43.33
N PRO G 167 25.77 26.75 -42.56
CA PRO G 167 24.41 26.26 -42.87
C PRO G 167 23.36 27.35 -42.92
N ARG G 168 23.51 28.42 -42.14
CA ARG G 168 22.54 29.52 -42.20
C ARG G 168 22.55 30.18 -43.57
N GLU G 169 23.73 30.29 -44.20
CA GLU G 169 23.81 30.86 -45.54
C GLU G 169 23.15 29.94 -46.57
N VAL G 170 23.42 28.64 -46.49
CA VAL G 170 22.81 27.70 -47.42
C VAL G 170 21.28 27.72 -47.26
N PHE G 171 20.82 27.83 -46.01
CA PHE G 171 19.38 27.95 -45.76
C PHE G 171 18.79 29.14 -46.50
N ASP G 172 19.48 30.28 -46.46
CA ASP G 172 19.00 31.47 -47.16
C ASP G 172 19.06 31.29 -48.68
N LEU G 173 20.12 30.66 -49.18
CA LEU G 173 20.24 30.43 -50.62
C LEU G 173 19.06 29.63 -51.17
N LEU G 174 18.48 28.76 -50.35
CA LEU G 174 17.41 27.88 -50.80
C LEU G 174 16.02 28.45 -50.56
N GLU G 175 15.91 29.64 -49.97
CA GLU G 175 14.61 30.17 -49.58
C GLU G 175 13.66 30.28 -50.77
N HIS G 176 14.16 30.74 -51.91
CA HIS G 176 13.35 30.91 -53.10
C HIS G 176 13.72 29.93 -54.21
N ALA G 177 14.42 28.85 -53.86
CA ALA G 177 14.77 27.84 -54.86
C ALA G 177 13.57 26.94 -55.15
N PRO G 178 13.38 26.56 -56.42
CA PRO G 178 12.29 25.61 -56.72
C PRO G 178 12.50 24.24 -56.08
N ILE G 179 13.74 23.80 -55.93
CA ILE G 179 14.06 22.51 -55.31
C ILE G 179 14.85 22.77 -54.04
N ASP G 180 14.43 22.14 -52.94
CA ASP G 180 14.99 22.36 -51.62
C ASP G 180 16.25 21.52 -51.40
N VAL G 181 17.05 21.34 -52.44
CA VAL G 181 18.32 20.65 -52.34
C VAL G 181 19.43 21.60 -52.79
N ALA G 182 20.47 21.71 -51.98
CA ALA G 182 21.65 22.49 -52.34
C ALA G 182 22.82 21.54 -52.52
N VAL G 183 23.41 21.54 -53.70
CA VAL G 183 24.54 20.69 -54.02
C VAL G 183 25.82 21.35 -53.52
N MET G 184 26.50 20.71 -52.58
CA MET G 184 27.72 21.23 -51.98
C MET G 184 28.92 20.62 -52.69
N THR G 185 29.87 21.47 -53.08
CA THR G 185 30.95 21.06 -53.96
C THR G 185 32.31 21.34 -53.32
N ALA G 186 33.30 20.56 -53.74
CA ALA G 186 34.69 20.83 -53.42
C ALA G 186 35.22 21.94 -54.33
N PRO G 187 36.37 22.54 -53.99
CA PRO G 187 36.90 23.62 -54.86
C PRO G 187 37.15 23.20 -56.29
N ASP G 188 37.41 21.92 -56.55
CA ASP G 188 37.57 21.44 -57.91
C ASP G 188 36.25 21.16 -58.62
N GLY G 189 35.11 21.40 -57.96
CA GLY G 189 33.82 21.20 -58.57
C GLY G 189 33.21 19.83 -58.34
N THR G 190 33.95 18.89 -57.77
CA THR G 190 33.40 17.56 -57.50
C THR G 190 32.36 17.63 -56.39
N LEU G 191 31.52 16.60 -56.35
CA LEU G 191 30.40 16.56 -55.42
C LEU G 191 30.88 16.19 -54.03
N ALA G 192 30.61 17.06 -53.06
CA ALA G 192 30.90 16.74 -51.66
C ALA G 192 29.67 16.30 -50.89
N GLY G 193 28.48 16.54 -51.41
CA GLY G 193 27.25 16.14 -50.76
C GLY G 193 26.14 17.14 -51.05
N VAL G 194 25.04 17.01 -50.31
CA VAL G 194 23.91 17.91 -50.44
C VAL G 194 23.49 18.39 -49.05
N LEU G 195 22.77 19.50 -49.04
CA LEU G 195 22.23 20.06 -47.81
C LEU G 195 20.89 20.68 -48.12
N THR G 196 19.88 20.34 -47.33
CA THR G 196 18.54 20.90 -47.49
C THR G 196 18.30 21.94 -46.41
N ARG G 197 17.18 22.66 -46.55
CA ARG G 197 16.81 23.66 -45.54
C ARG G 197 16.64 23.00 -44.18
N THR G 198 15.93 21.87 -44.13
CA THR G 198 15.80 21.14 -42.87
C THR G 198 17.15 20.60 -42.42
N GLY G 199 17.97 20.13 -43.36
CA GLY G 199 19.31 19.68 -43.01
C GLY G 199 20.15 20.77 -42.38
N ALA G 200 19.95 22.02 -42.83
CA ALA G 200 20.68 23.14 -42.24
C ALA G 200 20.16 23.48 -40.85
N ILE G 201 18.84 23.42 -40.66
CA ILE G 201 18.24 23.61 -39.34
C ILE G 201 18.72 22.54 -38.37
N ARG G 202 18.79 21.29 -38.83
CA ARG G 202 19.16 20.20 -37.93
C ARG G 202 20.60 20.33 -37.44
N ALA G 203 21.46 20.99 -38.21
CA ALA G 203 22.86 21.15 -37.81
C ALA G 203 23.02 22.11 -36.64
N GLY G 204 22.04 22.98 -36.41
CA GLY G 204 22.06 23.84 -35.25
C GLY G 204 21.34 23.31 -34.05
N ILE G 205 20.69 22.15 -34.18
CA ILE G 205 19.96 21.50 -33.09
C ILE G 205 20.71 20.28 -32.59
N TYR G 206 21.16 19.42 -33.51
CA TYR G 206 21.83 18.17 -33.15
C TYR G 206 23.34 18.33 -33.19
N THR G 207 24.00 17.81 -32.17
CA THR G 207 25.46 17.74 -32.15
C THR G 207 25.89 16.40 -32.71
N PRO G 208 26.72 16.36 -33.76
CA PRO G 208 27.16 15.06 -34.29
C PRO G 208 27.95 14.27 -33.26
N ALA G 209 27.75 12.95 -33.27
CA ALA G 209 28.47 12.04 -32.40
C ALA G 209 29.78 11.65 -33.08
N VAL G 210 30.91 12.03 -32.48
CA VAL G 210 32.20 11.94 -33.13
C VAL G 210 33.22 11.29 -32.20
N ASP G 211 34.22 10.64 -32.79
CA ASP G 211 35.30 10.04 -32.03
C ASP G 211 36.34 11.12 -31.70
N ALA G 212 37.47 10.72 -31.12
CA ALA G 212 38.49 11.67 -30.70
C ALA G 212 39.06 12.45 -31.89
N LYS G 213 39.03 11.87 -33.09
CA LYS G 213 39.54 12.51 -34.29
C LYS G 213 38.47 13.30 -35.04
N GLY G 214 37.28 13.45 -34.47
CA GLY G 214 36.25 14.26 -35.08
C GLY G 214 35.43 13.58 -36.15
N ARG G 215 35.49 12.26 -36.26
CA ARG G 215 34.75 11.51 -37.26
C ARG G 215 33.53 10.83 -36.62
N LEU G 216 32.50 10.64 -37.43
CA LEU G 216 31.25 10.07 -36.95
C LEU G 216 31.47 8.73 -36.24
N ARG G 217 30.82 8.56 -35.10
CA ARG G 217 30.95 7.34 -34.32
C ARG G 217 30.17 6.20 -34.96
N ILE G 218 30.65 4.97 -34.72
CA ILE G 218 29.96 3.76 -35.14
C ILE G 218 30.31 2.67 -34.15
N ALA G 219 29.37 1.74 -33.95
CA ALA G 219 29.53 0.60 -33.05
C ALA G 219 29.33 -0.69 -33.85
N ALA G 220 29.74 -1.81 -33.24
CA ALA G 220 29.65 -3.11 -33.88
C ALA G 220 29.30 -4.17 -32.85
N ALA G 221 28.53 -5.17 -33.28
CA ALA G 221 28.07 -6.23 -32.41
C ALA G 221 28.79 -7.54 -32.72
N VAL G 222 28.83 -8.42 -31.72
CA VAL G 222 29.41 -9.76 -31.86
C VAL G 222 28.58 -10.73 -31.03
N GLY G 223 28.37 -11.95 -31.55
CA GLY G 223 27.74 -12.99 -30.78
C GLY G 223 28.74 -13.72 -29.88
N ILE G 224 28.22 -14.57 -28.99
CA ILE G 224 29.05 -15.25 -27.99
C ILE G 224 29.55 -16.59 -28.50
N ASN G 225 29.27 -16.91 -29.75
CA ASN G 225 29.75 -18.14 -30.38
C ASN G 225 31.14 -17.93 -30.97
N GLY G 226 31.85 -19.05 -31.17
CA GLY G 226 33.14 -18.98 -31.82
C GLY G 226 34.19 -18.35 -30.95
N ASP G 227 35.14 -17.65 -31.58
CA ASP G 227 36.24 -16.99 -30.88
C ASP G 227 35.86 -15.53 -30.65
N VAL G 228 35.27 -15.24 -29.50
CA VAL G 228 34.71 -13.91 -29.25
C VAL G 228 35.83 -12.88 -29.09
N GLY G 229 36.93 -13.26 -28.45
CA GLY G 229 38.02 -12.32 -28.26
C GLY G 229 38.65 -11.87 -29.57
N ALA G 230 38.90 -12.82 -30.47
CA ALA G 230 39.52 -12.46 -31.74
C ALA G 230 38.57 -11.64 -32.60
N LYS G 231 37.27 -11.97 -32.59
CA LYS G 231 36.30 -11.18 -33.35
C LYS G 231 36.23 -9.75 -32.82
N ALA G 232 36.19 -9.60 -31.50
CA ALA G 232 36.10 -8.27 -30.90
C ALA G 232 37.36 -7.45 -31.17
N GLN G 233 38.54 -8.09 -31.15
CA GLN G 233 39.77 -7.39 -31.46
C GLN G 233 39.77 -6.89 -32.90
N ALA G 234 39.32 -7.74 -33.83
CA ALA G 234 39.26 -7.34 -35.24
C ALA G 234 38.29 -6.17 -35.45
N LEU G 235 37.18 -6.17 -34.71
CA LEU G 235 36.24 -5.05 -34.83
C LEU G 235 36.85 -3.76 -34.32
N ALA G 236 37.62 -3.83 -33.23
CA ALA G 236 38.28 -2.62 -32.73
C ALA G 236 39.25 -2.05 -33.76
N GLU G 237 40.09 -2.91 -34.34
CA GLU G 237 41.08 -2.44 -35.29
C GLU G 237 40.44 -1.87 -36.55
N ALA G 238 39.22 -2.32 -36.89
CA ALA G 238 38.50 -1.75 -38.02
C ALA G 238 38.02 -0.32 -37.75
N GLY G 239 38.04 0.13 -36.50
CA GLY G 239 37.67 1.49 -36.15
C GLY G 239 36.42 1.64 -35.31
N ALA G 240 35.77 0.53 -34.92
CA ALA G 240 34.55 0.62 -34.14
C ALA G 240 34.79 1.33 -32.81
N ASP G 241 33.92 2.29 -32.49
CA ASP G 241 34.05 3.09 -31.29
C ASP G 241 33.44 2.43 -30.06
N LEU G 242 32.65 1.37 -30.25
CA LEU G 242 31.97 0.71 -29.15
C LEU G 242 31.66 -0.72 -29.56
N LEU G 243 31.71 -1.64 -28.60
CA LEU G 243 31.46 -3.05 -28.86
C LEU G 243 30.22 -3.51 -28.11
N VAL G 244 29.38 -4.28 -28.80
CA VAL G 244 28.17 -4.86 -28.22
C VAL G 244 28.28 -6.37 -28.30
N ILE G 245 28.32 -7.04 -27.14
CA ILE G 245 28.29 -8.49 -27.04
C ILE G 245 26.83 -8.89 -26.82
N ASP G 246 26.24 -9.56 -27.80
CA ASP G 246 24.79 -9.70 -27.90
C ASP G 246 24.38 -11.16 -27.98
N THR G 247 23.40 -11.55 -27.16
CA THR G 247 22.81 -12.89 -27.24
C THR G 247 21.41 -12.83 -26.66
N ALA G 248 20.57 -13.78 -27.09
CA ALA G 248 19.17 -13.79 -26.64
C ALA G 248 19.10 -13.90 -25.12
N HIS G 249 19.80 -14.88 -24.54
CA HIS G 249 19.79 -15.13 -23.10
C HIS G 249 21.15 -14.74 -22.52
N GLY G 250 21.29 -13.47 -22.13
CA GLY G 250 22.57 -12.99 -21.67
C GLY G 250 23.01 -13.54 -20.33
N HIS G 251 22.07 -14.03 -19.52
CA HIS G 251 22.40 -14.47 -18.17
C HIS G 251 22.76 -15.96 -18.18
N GLN G 252 23.88 -16.26 -18.83
CA GLN G 252 24.30 -17.64 -18.96
C GLN G 252 25.82 -17.70 -18.99
N ALA G 253 26.34 -18.91 -18.74
CA ALA G 253 27.77 -19.10 -18.56
C ALA G 253 28.56 -18.62 -19.78
N LYS G 254 28.11 -18.99 -20.99
CA LYS G 254 28.88 -18.65 -22.18
C LYS G 254 28.96 -17.14 -22.39
N MET G 255 27.97 -16.38 -21.93
CA MET G 255 28.06 -14.93 -22.04
C MET G 255 29.11 -14.38 -21.08
N LEU G 256 29.14 -14.90 -19.84
CA LEU G 256 30.15 -14.44 -18.90
C LEU G 256 31.55 -14.71 -19.41
N ASP G 257 31.78 -15.88 -20.00
CA ASP G 257 33.08 -16.18 -20.59
C ASP G 257 33.41 -15.22 -21.74
N ALA G 258 32.41 -14.91 -22.57
CA ALA G 258 32.66 -14.02 -23.69
C ALA G 258 33.04 -12.61 -23.21
N ILE G 259 32.41 -12.14 -22.12
CA ILE G 259 32.74 -10.84 -21.58
C ILE G 259 34.16 -10.82 -21.01
N LYS G 260 34.53 -11.88 -20.28
CA LYS G 260 35.87 -11.92 -19.71
C LYS G 260 36.93 -11.97 -20.80
N ALA G 261 36.64 -12.67 -21.91
CA ALA G 261 37.62 -12.78 -22.97
C ALA G 261 37.83 -11.45 -23.68
N VAL G 262 36.77 -10.65 -23.83
CA VAL G 262 36.92 -9.36 -24.48
C VAL G 262 37.53 -8.33 -23.52
N ALA G 263 37.09 -8.33 -22.27
CA ALA G 263 37.63 -7.38 -21.30
C ALA G 263 39.12 -7.60 -21.07
N SER G 264 39.56 -8.86 -21.03
CA SER G 264 40.97 -9.13 -20.77
C SER G 264 41.86 -8.67 -21.94
N LEU G 265 41.28 -8.39 -23.11
CA LEU G 265 42.06 -7.86 -24.21
C LEU G 265 42.35 -6.36 -24.06
N ASP G 266 41.63 -5.67 -23.16
CA ASP G 266 41.89 -4.28 -22.81
C ASP G 266 41.89 -3.39 -24.05
N LEU G 267 40.85 -3.55 -24.87
CA LEU G 267 40.78 -2.84 -26.13
C LEU G 267 40.51 -1.35 -25.98
N GLY G 268 40.13 -0.88 -24.79
CA GLY G 268 39.91 0.53 -24.56
C GLY G 268 38.58 1.06 -25.03
N LEU G 269 37.67 0.21 -25.48
CA LEU G 269 36.37 0.63 -25.97
C LEU G 269 35.29 0.35 -24.93
N PRO G 270 34.23 1.15 -24.90
CA PRO G 270 33.08 0.82 -24.02
C PRO G 270 32.47 -0.51 -24.46
N LEU G 271 32.11 -1.32 -23.46
CA LEU G 271 31.69 -2.70 -23.68
C LEU G 271 30.25 -2.88 -23.24
N VAL G 272 29.36 -3.11 -24.22
CA VAL G 272 27.95 -3.40 -23.98
C VAL G 272 27.77 -4.92 -24.02
N ALA G 273 26.94 -5.44 -23.11
CA ALA G 273 26.63 -6.88 -23.08
C ALA G 273 25.17 -7.10 -22.68
N GLY G 274 24.52 -8.04 -23.37
CA GLY G 274 23.13 -8.33 -23.08
C GLY G 274 22.69 -9.57 -23.82
N ASN G 275 21.44 -9.99 -23.56
CA ASN G 275 20.47 -9.23 -22.77
C ASN G 275 19.98 -9.94 -21.51
N VAL G 276 19.68 -9.15 -20.48
CA VAL G 276 19.12 -9.62 -19.23
C VAL G 276 17.92 -8.75 -18.87
N VAL G 277 17.15 -9.21 -17.88
CA VAL G 277 16.01 -8.47 -17.36
C VAL G 277 15.97 -8.54 -15.83
N SER G 278 17.06 -9.01 -15.20
CA SER G 278 17.10 -9.17 -13.77
C SER G 278 18.25 -8.40 -13.15
N ALA G 279 18.08 -8.06 -11.87
CA ALA G 279 19.17 -7.43 -11.11
C ALA G 279 20.36 -8.37 -10.99
N GLU G 280 20.10 -9.66 -10.80
CA GLU G 280 21.19 -10.63 -10.68
C GLU G 280 21.98 -10.71 -11.98
N GLY G 281 21.29 -10.76 -13.12
CA GLY G 281 21.98 -10.78 -14.40
C GLY G 281 22.76 -9.51 -14.66
N THR G 282 22.19 -8.37 -14.28
CA THR G 282 22.88 -7.09 -14.47
C THR G 282 24.19 -7.05 -13.69
N ARG G 283 24.17 -7.51 -12.44
CA ARG G 283 25.38 -7.51 -11.63
C ARG G 283 26.41 -8.49 -12.19
N ASP G 284 25.95 -9.68 -12.60
CA ASP G 284 26.89 -10.68 -13.10
C ASP G 284 27.58 -10.21 -14.38
N LEU G 285 26.84 -9.56 -15.29
CA LEU G 285 27.46 -9.09 -16.53
C LEU G 285 28.45 -7.96 -16.25
N ILE G 286 28.13 -7.07 -15.32
CA ILE G 286 29.06 -5.99 -14.99
C ILE G 286 30.29 -6.56 -14.30
N GLU G 287 30.11 -7.55 -13.42
CA GLU G 287 31.24 -8.14 -12.73
C GLU G 287 32.14 -8.95 -13.66
N ALA G 288 31.59 -9.48 -14.74
CA ALA G 288 32.41 -10.15 -15.75
C ALA G 288 33.20 -9.18 -16.63
N GLY G 289 32.94 -7.88 -16.54
CA GLY G 289 33.71 -6.87 -17.26
C GLY G 289 32.93 -5.98 -18.21
N ALA G 290 31.60 -6.09 -18.27
CA ALA G 290 30.82 -5.21 -19.10
C ALA G 290 30.63 -3.85 -18.44
N SER G 291 30.75 -2.80 -19.23
CA SER G 291 30.49 -1.44 -18.77
C SER G 291 29.01 -1.08 -18.85
N ILE G 292 28.32 -1.57 -19.87
CA ILE G 292 26.92 -1.24 -20.13
C ILE G 292 26.15 -2.55 -20.27
N VAL G 293 24.96 -2.61 -19.69
CA VAL G 293 24.13 -3.81 -19.74
C VAL G 293 22.92 -3.53 -20.61
N LYS G 294 22.74 -4.34 -21.66
CA LYS G 294 21.60 -4.19 -22.55
C LYS G 294 20.43 -5.00 -22.01
N VAL G 295 19.29 -4.36 -21.86
CA VAL G 295 18.15 -4.91 -21.14
C VAL G 295 17.00 -5.15 -22.11
N GLY G 296 16.49 -6.38 -22.13
CA GLY G 296 15.36 -6.70 -22.96
C GLY G 296 15.28 -8.16 -23.33
N VAL G 297 14.28 -8.87 -22.80
CA VAL G 297 13.97 -10.25 -23.18
C VAL G 297 12.45 -10.31 -23.31
N GLY G 298 11.95 -10.38 -24.54
CA GLY G 298 10.53 -10.38 -24.78
C GLY G 298 9.93 -9.22 -25.59
N PRO G 299 10.35 -7.97 -25.34
CA PRO G 299 9.61 -6.84 -25.93
C PRO G 299 9.87 -6.58 -27.41
N GLY G 300 10.97 -7.08 -27.98
CA GLY G 300 11.30 -6.81 -29.36
C GLY G 300 10.18 -7.10 -30.35
N ALA G 301 9.99 -6.21 -31.31
CA ALA G 301 8.91 -6.37 -32.28
C ALA G 301 9.06 -7.63 -33.13
N MET G 302 10.27 -8.14 -33.28
CA MET G 302 10.50 -9.37 -34.02
C MET G 302 10.72 -10.56 -33.10
N CYS G 303 10.46 -10.41 -31.81
CA CYS G 303 10.73 -11.42 -30.80
C CYS G 303 9.48 -12.23 -30.53
N THR G 304 9.55 -13.54 -30.78
CA THR G 304 8.46 -14.46 -30.50
C THR G 304 8.72 -15.30 -29.27
N THR G 305 9.61 -14.85 -28.38
CA THR G 305 9.98 -15.63 -27.20
C THR G 305 8.79 -15.86 -26.28
N ARG G 306 7.93 -14.85 -26.11
CA ARG G 306 6.78 -15.01 -25.22
C ARG G 306 5.87 -16.14 -25.69
N MET G 307 5.55 -16.16 -26.99
CA MET G 307 4.58 -17.14 -27.52
C MET G 307 5.19 -18.52 -27.69
N MET G 308 6.51 -18.61 -27.85
CA MET G 308 7.20 -19.89 -27.99
C MET G 308 7.53 -20.50 -26.63
N THR G 309 7.89 -19.67 -25.65
CA THR G 309 8.48 -20.17 -24.41
C THR G 309 7.81 -19.69 -23.14
N GLY G 310 6.94 -18.69 -23.19
CA GLY G 310 6.45 -18.03 -21.99
C GLY G 310 7.46 -17.13 -21.32
N VAL G 311 8.69 -17.06 -21.82
CA VAL G 311 9.75 -16.31 -21.17
C VAL G 311 9.72 -14.86 -21.64
N GLY G 312 9.92 -13.95 -20.70
CA GLY G 312 9.89 -12.53 -21.00
C GLY G 312 9.73 -11.75 -19.72
N ARG G 313 9.76 -10.42 -19.87
CA ARG G 313 9.47 -9.53 -18.76
C ARG G 313 8.99 -8.21 -19.30
N PRO G 314 7.93 -7.63 -18.73
CA PRO G 314 7.51 -6.28 -19.13
C PRO G 314 8.66 -5.31 -19.04
N GLN G 315 8.90 -4.59 -20.13
CA GLN G 315 10.18 -3.91 -20.33
C GLN G 315 10.40 -2.81 -19.31
N PHE G 316 9.33 -2.09 -18.91
CA PHE G 316 9.54 -0.97 -18.01
C PHE G 316 10.02 -1.43 -16.65
N SER G 317 9.42 -2.50 -16.10
CA SER G 317 9.89 -3.04 -14.84
C SER G 317 11.29 -3.63 -14.98
N ALA G 318 11.57 -4.27 -16.13
CA ALA G 318 12.91 -4.79 -16.37
C ALA G 318 13.94 -3.67 -16.34
N VAL G 319 13.65 -2.55 -17.00
CA VAL G 319 14.60 -1.44 -17.04
C VAL G 319 14.79 -0.84 -15.66
N VAL G 320 13.68 -0.61 -14.92
CA VAL G 320 13.78 -0.01 -13.58
C VAL G 320 14.72 -0.81 -12.70
N GLU G 321 14.50 -2.13 -12.63
CA GLU G 321 15.27 -2.97 -11.71
C GLU G 321 16.72 -3.09 -12.17
N CYS G 322 16.94 -3.28 -13.46
CA CYS G 322 18.32 -3.44 -13.93
C CYS G 322 19.09 -2.13 -13.84
N ALA G 323 18.47 -1.00 -14.18
CA ALA G 323 19.14 0.29 -14.06
C ALA G 323 19.63 0.54 -12.65
N ALA G 324 18.76 0.29 -11.66
CA ALA G 324 19.16 0.49 -10.26
C ALA G 324 20.34 -0.40 -9.91
N ALA G 325 20.27 -1.68 -10.27
CA ALA G 325 21.36 -2.61 -9.98
C ALA G 325 22.67 -2.15 -10.62
N ALA G 326 22.61 -1.67 -11.87
CA ALA G 326 23.82 -1.20 -12.53
C ALA G 326 24.30 0.12 -11.95
N ARG G 327 23.39 0.96 -11.45
CA ARG G 327 23.78 2.25 -10.88
C ARG G 327 24.52 2.08 -9.56
N GLN G 328 24.18 1.03 -8.80
CA GLN G 328 24.89 0.76 -7.56
C GLN G 328 26.34 0.38 -7.83
N LEU G 329 26.58 -0.39 -8.89
CA LEU G 329 27.93 -0.57 -9.40
C LEU G 329 28.29 0.66 -10.21
N GLY G 330 29.33 0.61 -11.01
CA GLY G 330 29.64 1.79 -11.77
C GLY G 330 29.07 1.80 -13.18
N GLY G 331 27.96 1.09 -13.40
CA GLY G 331 27.50 0.76 -14.74
C GLY G 331 26.28 1.52 -15.21
N HIS G 332 25.84 1.14 -16.42
CA HIS G 332 24.72 1.78 -17.09
C HIS G 332 23.88 0.71 -17.77
N VAL G 333 22.71 1.12 -18.25
CA VAL G 333 21.74 0.20 -18.83
C VAL G 333 21.18 0.80 -20.11
N TRP G 334 21.13 0.00 -21.17
CA TRP G 334 20.44 0.33 -22.42
C TRP G 334 19.08 -0.37 -22.45
N ALA G 335 18.02 0.38 -22.75
CA ALA G 335 16.69 -0.20 -22.88
C ALA G 335 16.50 -0.69 -24.31
N ASP G 336 16.43 -2.01 -24.50
CA ASP G 336 16.47 -2.62 -25.83
C ASP G 336 15.16 -3.35 -26.13
N GLY G 337 14.37 -2.79 -27.02
CA GLY G 337 13.22 -3.51 -27.55
C GLY G 337 11.90 -2.87 -27.16
N GLY G 338 10.92 -3.02 -28.04
CA GLY G 338 9.55 -2.60 -27.79
C GLY G 338 9.27 -1.12 -27.88
N VAL G 339 10.18 -0.33 -28.47
CA VAL G 339 9.98 1.12 -28.59
C VAL G 339 9.19 1.40 -29.86
N ARG G 340 8.00 1.97 -29.72
CA ARG G 340 7.19 2.31 -30.87
C ARG G 340 6.76 3.78 -30.92
N HIS G 341 6.98 4.54 -29.85
CA HIS G 341 6.54 5.93 -29.78
C HIS G 341 7.55 6.70 -28.94
N PRO G 342 7.60 8.02 -29.09
CA PRO G 342 8.56 8.80 -28.28
C PRO G 342 8.36 8.64 -26.79
N ARG G 343 7.13 8.39 -26.33
CA ARG G 343 6.95 8.20 -24.88
C ARG G 343 7.71 6.98 -24.36
N ASP G 344 7.95 5.97 -25.21
CA ASP G 344 8.71 4.82 -24.76
C ASP G 344 10.16 5.19 -24.50
N VAL G 345 10.74 6.05 -25.35
CA VAL G 345 12.10 6.51 -25.11
C VAL G 345 12.18 7.27 -23.79
N ALA G 346 11.25 8.22 -23.60
CA ALA G 346 11.25 9.01 -22.38
C ALA G 346 11.04 8.15 -21.15
N LEU G 347 10.10 7.21 -21.21
CA LEU G 347 9.83 6.36 -20.06
C LEU G 347 11.02 5.47 -19.72
N ALA G 348 11.74 5.01 -20.75
CA ALA G 348 12.94 4.21 -20.52
C ALA G 348 14.04 5.03 -19.84
N LEU G 349 14.15 6.31 -20.20
CA LEU G 349 15.11 7.19 -19.54
C LEU G 349 14.67 7.53 -18.12
N ALA G 350 13.37 7.78 -17.92
CA ALA G 350 12.87 7.99 -16.57
C ALA G 350 13.12 6.77 -15.70
N ALA G 351 12.96 5.57 -16.27
CA ALA G 351 13.24 4.34 -15.52
C ALA G 351 14.71 4.19 -15.16
N GLY G 352 15.60 4.93 -15.80
CA GLY G 352 17.02 4.90 -15.45
C GLY G 352 17.94 4.41 -16.56
N ALA G 353 17.45 4.09 -17.75
CA ALA G 353 18.34 3.72 -18.83
C ALA G 353 19.17 4.93 -19.26
N SER G 354 20.43 4.68 -19.61
CA SER G 354 21.29 5.73 -20.12
C SER G 354 21.13 5.96 -21.62
N ASN G 355 20.59 4.98 -22.34
CA ASN G 355 20.38 5.05 -23.79
C ASN G 355 19.23 4.11 -24.13
N VAL G 356 18.64 4.32 -25.30
CA VAL G 356 17.51 3.51 -25.75
C VAL G 356 17.82 2.95 -27.12
N MET G 357 17.71 1.62 -27.26
CA MET G 357 18.00 0.94 -28.51
C MET G 357 16.69 0.73 -29.28
N ILE G 358 16.70 1.10 -30.56
CA ILE G 358 15.51 1.08 -31.41
C ILE G 358 15.85 0.30 -32.67
N GLY G 359 15.07 -0.75 -32.95
CA GLY G 359 15.25 -1.49 -34.18
C GLY G 359 14.12 -1.31 -35.18
N SER G 360 12.97 -1.95 -34.93
CA SER G 360 11.97 -2.13 -35.97
C SER G 360 11.36 -0.80 -36.40
N TRP G 361 11.15 0.11 -35.45
CA TRP G 361 10.61 1.42 -35.79
C TRP G 361 11.40 2.06 -36.93
N PHE G 362 12.73 1.94 -36.89
CA PHE G 362 13.57 2.61 -37.87
C PHE G 362 13.66 1.85 -39.19
N ALA G 363 13.12 0.64 -39.26
CA ALA G 363 13.06 -0.06 -40.54
C ALA G 363 12.12 0.64 -41.51
N GLY G 364 11.10 1.31 -40.98
CA GLY G 364 10.16 2.03 -41.83
C GLY G 364 10.64 3.42 -42.14
N THR G 365 11.88 3.54 -42.65
CA THR G 365 12.46 4.82 -43.06
C THR G 365 13.12 4.65 -44.41
N TYR G 366 13.36 5.79 -45.08
CA TYR G 366 14.08 5.77 -46.34
C TYR G 366 15.48 5.17 -46.17
N GLU G 367 16.12 5.46 -45.05
CA GLU G 367 17.54 5.13 -44.90
C GLU G 367 17.79 3.69 -44.47
N SER G 368 16.76 2.94 -44.09
CA SER G 368 16.97 1.54 -43.76
C SER G 368 17.35 0.76 -45.02
N PRO G 369 18.10 -0.33 -44.88
CA PRO G 369 18.66 -1.01 -46.07
C PRO G 369 17.63 -1.76 -46.93
N GLY G 370 16.45 -2.10 -46.41
CA GLY G 370 15.51 -2.86 -47.20
C GLY G 370 14.87 -2.05 -48.32
N ASP G 371 14.29 -2.76 -49.29
CA ASP G 371 13.60 -2.11 -50.39
C ASP G 371 12.28 -1.48 -49.92
N LEU G 372 11.97 -0.32 -50.49
CA LEU G 372 10.71 0.34 -50.18
C LEU G 372 9.56 -0.32 -50.95
N LEU G 373 8.52 -0.74 -50.24
CA LEU G 373 7.38 -1.43 -50.83
C LEU G 373 6.10 -0.62 -50.61
N PHE G 374 5.01 -1.10 -51.22
CA PHE G 374 3.72 -0.44 -51.14
C PHE G 374 2.62 -1.48 -50.96
N ASP G 375 1.66 -1.19 -50.08
CA ASP G 375 0.61 -2.13 -49.73
C ASP G 375 -0.59 -1.96 -50.67
N ARG G 376 -1.74 -2.52 -50.30
CA ARG G 376 -2.93 -2.44 -51.14
C ARG G 376 -3.33 -1.00 -51.41
N ASP G 377 -3.23 -0.14 -50.40
CA ASP G 377 -3.55 1.27 -50.54
C ASP G 377 -2.41 2.09 -51.12
N ASP G 378 -1.36 1.43 -51.61
CA ASP G 378 -0.15 2.08 -52.11
C ASP G 378 0.50 2.97 -51.06
N ARG G 379 0.27 2.66 -49.77
CA ARG G 379 0.99 3.33 -48.70
C ARG G 379 2.39 2.76 -48.58
N PRO G 380 3.40 3.60 -48.39
CA PRO G 380 4.78 3.09 -48.35
C PRO G 380 5.03 2.29 -47.08
N TYR G 381 5.85 1.25 -47.22
CA TYR G 381 6.23 0.46 -46.05
C TYR G 381 7.51 -0.30 -46.34
N LYS G 382 8.17 -0.75 -45.28
CA LYS G 382 9.26 -1.69 -45.37
C LYS G 382 9.06 -2.79 -44.34
N GLU G 383 9.70 -3.92 -44.58
CA GLU G 383 9.56 -5.08 -43.73
C GLU G 383 10.71 -5.10 -42.74
N SER G 384 10.39 -5.06 -41.45
CA SER G 384 11.38 -5.42 -40.46
C SER G 384 11.40 -6.93 -40.30
N TYR G 385 12.56 -7.46 -39.91
CA TYR G 385 12.66 -8.89 -39.68
C TYR G 385 13.71 -9.13 -38.61
N GLY G 386 13.58 -10.26 -37.92
CA GLY G 386 14.43 -10.53 -36.79
C GLY G 386 15.79 -11.06 -37.17
N MET G 387 16.73 -10.96 -36.22
CA MET G 387 18.05 -11.55 -36.39
C MET G 387 18.05 -13.06 -36.12
N ALA G 388 17.01 -13.57 -35.44
CA ALA G 388 16.78 -15.00 -35.28
C ALA G 388 18.00 -15.73 -34.73
N SER G 389 18.51 -16.73 -35.47
CA SER G 389 19.60 -17.56 -34.95
C SER G 389 20.91 -16.79 -34.77
N LYS G 390 21.03 -15.59 -35.33
CA LYS G 390 22.23 -14.79 -35.11
C LYS G 390 22.35 -14.29 -33.68
N ARG G 391 21.30 -14.44 -32.86
CA ARG G 391 21.34 -14.06 -31.47
C ARG G 391 21.45 -15.26 -30.53
N ALA G 392 21.49 -16.48 -31.05
CA ALA G 392 21.40 -17.68 -30.25
C ALA G 392 22.75 -18.35 -30.07
N VAL G 393 22.87 -19.14 -29.00
CA VAL G 393 24.03 -19.98 -28.78
C VAL G 393 24.04 -21.11 -29.81
N ALA G 394 25.19 -21.33 -30.44
CA ALA G 394 25.32 -22.36 -31.44
C ALA G 394 26.74 -22.93 -31.42
N ALA G 395 26.85 -24.25 -31.53
CA ALA G 395 28.14 -24.92 -31.58
C ALA G 395 28.84 -24.65 -32.91
N ARG G 396 30.13 -24.99 -32.96
CA ARG G 396 30.93 -24.78 -34.16
C ARG G 396 30.32 -25.53 -35.34
N THR G 397 30.08 -24.79 -36.43
CA THR G 397 29.40 -25.34 -37.59
C THR G 397 30.33 -26.02 -38.58
N ALA G 398 31.61 -25.65 -38.61
CA ALA G 398 32.54 -26.25 -39.54
C ALA G 398 32.72 -27.75 -39.24
N GLY G 399 32.58 -28.57 -40.28
CA GLY G 399 32.65 -30.00 -40.15
C GLY G 399 31.31 -30.72 -40.01
N ASP G 400 30.20 -30.03 -40.26
CA ASP G 400 28.87 -30.60 -40.14
C ASP G 400 28.39 -31.11 -41.50
N SER G 401 27.96 -32.37 -41.53
CA SER G 401 27.32 -32.91 -42.72
C SER G 401 25.96 -32.24 -42.93
N SER G 402 25.44 -32.35 -44.16
CA SER G 402 24.14 -31.76 -44.46
C SER G 402 23.03 -32.36 -43.60
N PHE G 403 23.24 -33.55 -43.04
CA PHE G 403 22.28 -34.08 -42.07
C PHE G 403 22.31 -33.26 -40.78
N ASP G 404 23.50 -33.04 -40.24
CA ASP G 404 23.62 -32.23 -39.03
C ASP G 404 23.09 -30.82 -39.25
N ARG G 405 23.29 -30.28 -40.45
CA ARG G 405 22.75 -28.97 -40.76
C ARG G 405 21.22 -28.97 -40.68
N ALA G 406 20.58 -29.98 -41.26
CA ALA G 406 19.13 -30.06 -41.20
C ALA G 406 18.63 -30.37 -39.80
N ARG G 407 19.37 -31.19 -39.04
CA ARG G 407 18.98 -31.50 -37.68
C ARG G 407 18.93 -30.25 -36.82
N LYS G 408 19.99 -29.44 -36.84
CA LYS G 408 20.02 -28.20 -36.07
C LYS G 408 19.00 -27.20 -36.61
N GLY G 409 18.86 -27.12 -37.93
CA GLY G 409 17.95 -26.16 -38.53
C GLY G 409 16.48 -26.41 -38.24
N LEU G 410 16.13 -27.64 -37.83
CA LEU G 410 14.72 -27.96 -37.66
C LEU G 410 14.10 -27.17 -36.51
N PHE G 411 14.85 -27.01 -35.41
CA PHE G 411 14.33 -26.31 -34.24
C PHE G 411 14.75 -24.85 -34.17
N GLU G 412 15.58 -24.37 -35.10
CA GLU G 412 16.13 -23.04 -34.96
C GLU G 412 15.06 -21.98 -35.19
N GLU G 413 15.23 -20.84 -34.52
CA GLU G 413 14.24 -19.77 -34.58
C GLU G 413 14.05 -19.28 -36.01
N GLY G 414 12.80 -19.17 -36.44
CA GLY G 414 12.52 -18.60 -37.73
C GLY G 414 12.64 -17.08 -37.73
N ILE G 415 12.79 -16.52 -38.92
CA ILE G 415 12.87 -15.08 -39.09
C ILE G 415 11.44 -14.55 -39.20
N SER G 416 11.01 -13.83 -38.17
CA SER G 416 9.69 -13.23 -38.18
C SER G 416 9.73 -11.91 -38.93
N THR G 417 8.59 -11.51 -39.46
CA THR G 417 8.48 -10.34 -40.33
C THR G 417 7.33 -9.45 -39.88
N SER G 418 7.47 -8.15 -40.09
CA SER G 418 6.37 -7.22 -39.86
C SER G 418 6.48 -6.07 -40.85
N ARG G 419 5.33 -5.50 -41.20
CA ARG G 419 5.27 -4.36 -42.09
C ARG G 419 5.36 -3.09 -41.25
N MET G 420 6.40 -2.29 -41.51
CA MET G 420 6.61 -1.02 -40.85
C MET G 420 6.32 0.09 -41.86
N SER G 421 5.17 0.75 -41.72
CA SER G 421 4.77 1.74 -42.71
C SER G 421 5.52 3.04 -42.50
N LEU G 422 5.95 3.65 -43.60
CA LEU G 422 6.55 4.96 -43.55
C LEU G 422 5.47 6.02 -43.39
N ASP G 423 5.74 7.01 -42.56
CA ASP G 423 4.88 8.18 -42.48
C ASP G 423 4.82 8.82 -43.86
N PRO G 424 3.65 8.90 -44.49
CA PRO G 424 3.60 9.37 -45.89
C PRO G 424 4.10 10.80 -46.06
N ALA G 425 4.02 11.63 -45.02
CA ALA G 425 4.51 12.99 -45.12
C ALA G 425 6.01 13.09 -44.87
N ARG G 426 6.51 12.37 -43.86
CA ARG G 426 7.91 12.42 -43.46
C ARG G 426 8.42 11.00 -43.32
N GLY G 427 9.22 10.53 -44.28
CA GLY G 427 9.64 9.15 -44.28
C GLY G 427 11.07 8.91 -43.81
N GLY G 428 11.83 9.99 -43.58
CA GLY G 428 13.21 9.82 -43.18
C GLY G 428 13.39 9.52 -41.70
N VAL G 429 14.53 8.90 -41.37
CA VAL G 429 14.82 8.58 -39.98
C VAL G 429 15.06 9.85 -39.18
N GLU G 430 15.52 10.92 -39.83
CA GLU G 430 15.75 12.17 -39.10
C GLU G 430 14.44 12.79 -38.65
N ASP G 431 13.35 12.53 -39.38
CA ASP G 431 12.05 13.00 -38.92
C ASP G 431 11.62 12.26 -37.66
N LEU G 432 11.93 10.97 -37.58
CA LEU G 432 11.66 10.22 -36.35
C LEU G 432 12.52 10.74 -35.20
N LEU G 433 13.79 11.05 -35.47
CA LEU G 433 14.64 11.61 -34.42
C LEU G 433 14.12 12.95 -33.93
N ASP G 434 13.59 13.78 -34.83
CA ASP G 434 12.90 15.00 -34.40
C ASP G 434 11.71 14.66 -33.51
N HIS G 435 10.89 13.71 -33.96
CA HIS G 435 9.75 13.24 -33.19
C HIS G 435 10.21 12.76 -31.81
N ILE G 436 11.22 11.89 -31.77
CA ILE G 436 11.67 11.31 -30.52
C ILE G 436 12.25 12.37 -29.60
N THR G 437 13.19 13.17 -30.10
CA THR G 437 13.91 14.07 -29.20
C THR G 437 13.03 15.22 -28.73
N SER G 438 12.10 15.70 -29.55
CA SER G 438 11.25 16.78 -29.06
C SER G 438 10.33 16.28 -27.95
N GLY G 439 9.89 15.02 -28.03
CA GLY G 439 9.11 14.45 -26.95
C GLY G 439 9.92 14.31 -25.67
N VAL G 440 11.17 13.84 -25.77
CA VAL G 440 11.99 13.66 -24.58
C VAL G 440 12.36 15.02 -23.99
N ARG G 441 12.70 16.00 -24.83
CA ARG G 441 12.95 17.34 -24.33
C ARG G 441 11.74 17.87 -23.60
N SER G 442 10.54 17.58 -24.11
CA SER G 442 9.34 18.04 -23.45
C SER G 442 9.09 17.30 -22.14
N THR G 443 9.41 16.00 -22.09
CA THR G 443 9.35 15.27 -20.82
C THR G 443 10.20 15.96 -19.77
N CYS G 444 11.41 16.35 -20.16
CA CYS G 444 12.32 17.03 -19.23
C CYS G 444 11.75 18.35 -18.76
N THR G 445 11.17 19.16 -19.66
CA THR G 445 10.58 20.42 -19.22
C THR G 445 9.40 20.16 -18.29
N TYR G 446 8.62 19.10 -18.56
CA TYR G 446 7.51 18.74 -17.68
C TYR G 446 8.00 18.29 -16.30
N VAL G 447 9.11 17.55 -16.26
CA VAL G 447 9.63 17.04 -15.00
C VAL G 447 10.43 18.10 -14.25
N GLY G 448 10.93 19.12 -14.94
CA GLY G 448 11.81 20.10 -14.33
C GLY G 448 13.27 19.77 -14.44
N ALA G 449 13.65 18.91 -15.38
CA ALA G 449 15.02 18.43 -15.51
C ALA G 449 15.71 19.13 -16.67
N ALA G 450 16.98 19.47 -16.49
CA ALA G 450 17.78 20.11 -17.53
C ALA G 450 18.65 19.14 -18.28
N ASN G 451 18.66 17.87 -17.91
CA ASN G 451 19.49 16.87 -18.56
C ASN G 451 18.94 15.50 -18.18
N LEU G 452 19.53 14.45 -18.76
CA LEU G 452 19.02 13.10 -18.57
C LEU G 452 19.23 12.60 -17.14
N PRO G 453 20.39 12.82 -16.51
CA PRO G 453 20.51 12.42 -15.10
C PRO G 453 19.47 13.08 -14.20
N GLU G 454 19.19 14.37 -14.40
CA GLU G 454 18.16 15.04 -13.61
C GLU G 454 16.77 14.48 -13.89
N LEU G 455 16.54 13.95 -15.09
CA LEU G 455 15.25 13.34 -15.40
C LEU G 455 15.01 12.11 -14.54
N HIS G 456 16.02 11.25 -14.41
CA HIS G 456 15.88 10.04 -13.61
C HIS G 456 15.79 10.36 -12.12
N GLU G 457 16.49 11.40 -11.67
CA GLU G 457 16.49 11.74 -10.25
CA GLU G 457 16.50 11.75 -10.25
C GLU G 457 15.23 12.46 -9.82
N LYS G 458 14.57 13.18 -10.72
CA LYS G 458 13.42 14.00 -10.35
C LYS G 458 12.07 13.42 -10.75
N VAL G 459 12.02 12.41 -11.61
CA VAL G 459 10.75 12.00 -12.18
C VAL G 459 9.87 11.39 -11.10
N VAL G 460 8.57 11.66 -11.18
CA VAL G 460 7.56 10.99 -10.38
C VAL G 460 6.67 10.22 -11.35
N LEU G 461 6.52 8.93 -11.10
CA LEU G 461 5.78 8.04 -11.97
C LEU G 461 4.49 7.58 -11.30
N GLY G 462 3.54 7.15 -12.13
CA GLY G 462 2.32 6.58 -11.65
C GLY G 462 1.94 5.40 -12.53
N VAL G 463 0.99 4.60 -12.03
CA VAL G 463 0.46 3.44 -12.71
C VAL G 463 -0.97 3.77 -13.13
N GLN G 464 -1.37 3.29 -14.31
CA GLN G 464 -2.73 3.51 -14.81
C GLN G 464 -3.35 2.18 -15.22
N SER G 465 -4.68 2.17 -15.29
CA SER G 465 -5.42 1.00 -15.78
C SER G 465 -5.42 1.03 -17.31
N ALA G 466 -6.18 0.10 -17.91
CA ALA G 466 -6.27 0.05 -19.36
C ALA G 466 -6.84 1.34 -19.94
N ALA G 467 -7.92 1.86 -19.34
CA ALA G 467 -8.54 3.08 -19.85
C ALA G 467 -7.61 4.28 -19.71
N GLY G 468 -6.71 4.27 -18.71
CA GLY G 468 -5.79 5.36 -18.53
C GLY G 468 -4.90 5.60 -19.75
N PHE G 469 -4.52 4.52 -20.44
CA PHE G 469 -3.69 4.66 -21.64
C PHE G 469 -4.45 5.33 -22.78
N ALA G 470 -5.77 5.13 -22.84
CA ALA G 470 -6.62 5.63 -23.92
C ALA G 470 -6.94 7.11 -23.81
N GLU G 471 -6.45 7.81 -22.79
CA GLU G 471 -6.69 9.25 -22.66
C GLU G 471 -5.84 10.04 -23.65
N GLY G 472 -6.48 11.00 -24.32
CA GLY G 472 -5.79 11.86 -25.27
C GLY G 472 -6.08 11.55 -26.74
N HIS G 473 -5.12 11.87 -27.61
CA HIS G 473 -5.23 11.69 -29.05
C HIS G 473 -4.21 10.68 -29.55
N PRO G 474 -4.57 9.82 -30.52
CA PRO G 474 -3.63 8.85 -31.09
C PRO G 474 -2.96 9.34 -32.38
N VAL H 2 -14.45 13.24 -1.15
CA VAL H 2 -15.06 12.03 -1.69
C VAL H 2 -14.88 10.84 -0.76
N ARG H 3 -15.80 9.90 -0.86
CA ARG H 3 -15.73 8.65 -0.09
C ARG H 3 -15.71 7.49 -1.08
N PHE H 4 -14.82 6.54 -0.85
CA PHE H 4 -14.75 5.32 -1.65
C PHE H 4 -15.26 4.14 -0.83
N LEU H 5 -15.87 3.18 -1.53
CA LEU H 5 -16.33 1.95 -0.87
C LEU H 5 -15.17 1.28 -0.15
N ASP H 6 -15.51 0.54 0.92
CA ASP H 6 -14.49 -0.13 1.72
C ASP H 6 -13.65 -1.07 0.85
N GLY H 7 -12.34 -0.93 0.93
CA GLY H 7 -11.43 -1.77 0.17
C GLY H 7 -11.10 -1.25 -1.22
N HIS H 8 -11.78 -0.21 -1.70
CA HIS H 8 -11.53 0.31 -3.04
C HIS H 8 -10.39 1.33 -2.98
N THR H 9 -9.17 0.80 -2.87
CA THR H 9 -7.95 1.60 -2.81
C THR H 9 -6.97 1.00 -3.81
N PRO H 10 -7.18 1.26 -5.09
CA PRO H 10 -6.39 0.59 -6.13
C PRO H 10 -4.96 1.10 -6.17
N ALA H 11 -4.09 0.26 -6.71
CA ALA H 11 -2.68 0.62 -6.85
C ALA H 11 -2.44 1.39 -8.16
N TYR H 12 -3.39 2.23 -8.56
CA TYR H 12 -3.26 3.01 -9.77
C TYR H 12 -4.23 4.19 -9.71
N ASP H 13 -4.00 5.18 -10.57
CA ASP H 13 -4.87 6.35 -10.68
C ASP H 13 -5.98 6.10 -11.69
N LEU H 14 -7.07 6.86 -11.54
CA LEU H 14 -8.36 6.54 -12.12
C LEU H 14 -8.74 7.54 -13.19
N THR H 15 -9.27 7.03 -14.31
CA THR H 15 -9.96 7.86 -15.30
C THR H 15 -11.46 7.86 -15.01
N TYR H 16 -12.21 8.61 -15.82
CA TYR H 16 -13.66 8.62 -15.67
C TYR H 16 -14.27 7.23 -15.90
N ASN H 17 -13.65 6.42 -16.75
CA ASN H 17 -14.13 5.06 -17.00
C ASN H 17 -13.87 4.11 -15.84
N ASP H 18 -13.02 4.49 -14.88
CA ASP H 18 -12.62 3.60 -13.80
C ASP H 18 -13.55 3.62 -12.60
N VAL H 19 -14.38 4.66 -12.47
CA VAL H 19 -15.13 4.87 -11.23
C VAL H 19 -16.64 4.86 -11.52
N PHE H 20 -17.40 4.60 -10.47
CA PHE H 20 -18.86 4.68 -10.53
C PHE H 20 -19.37 5.30 -9.25
N VAL H 21 -20.54 5.93 -9.34
CA VAL H 21 -21.21 6.53 -8.20
C VAL H 21 -22.21 5.53 -7.64
N VAL H 22 -22.16 5.30 -6.33
CA VAL H 22 -23.13 4.45 -5.64
C VAL H 22 -24.30 5.32 -5.18
N PRO H 23 -25.54 4.93 -5.47
CA PRO H 23 -26.69 5.69 -4.97
C PRO H 23 -26.70 5.77 -3.45
N GLY H 24 -27.15 6.91 -2.93
CA GLY H 24 -27.41 7.09 -1.53
C GLY H 24 -28.91 7.28 -1.26
N ARG H 25 -29.22 7.47 0.02
CA ARG H 25 -30.59 7.77 0.42
C ARG H 25 -30.92 9.22 0.10
N SER H 26 -32.02 9.44 -0.61
CA SER H 26 -32.31 10.75 -1.17
C SER H 26 -33.72 11.19 -0.79
N ASP H 27 -33.85 12.47 -0.44
CA ASP H 27 -35.15 13.11 -0.31
C ASP H 27 -35.38 14.15 -1.40
N VAL H 28 -34.52 14.19 -2.41
CA VAL H 28 -34.64 15.15 -3.50
C VAL H 28 -35.78 14.70 -4.43
N ALA H 29 -36.83 15.51 -4.52
CA ALA H 29 -38.02 15.15 -5.29
C ALA H 29 -37.71 14.90 -6.76
N SER H 30 -37.32 15.94 -7.50
CA SER H 30 -37.14 15.83 -8.93
C SER H 30 -35.83 16.47 -9.37
N ARG H 31 -35.51 16.26 -10.65
CA ARG H 31 -34.32 16.87 -11.25
C ARG H 31 -34.32 18.39 -11.11
N PHE H 32 -35.49 19.00 -11.19
CA PHE H 32 -35.59 20.46 -11.18
C PHE H 32 -35.40 21.07 -9.80
N ASP H 33 -35.39 20.26 -8.75
CA ASP H 33 -35.12 20.77 -7.41
C ASP H 33 -33.63 20.89 -7.12
N VAL H 34 -32.78 20.44 -8.04
CA VAL H 34 -31.34 20.55 -7.87
C VAL H 34 -30.88 21.92 -8.34
N ASP H 35 -29.97 22.53 -7.59
CA ASP H 35 -29.38 23.82 -7.93
C ASP H 35 -28.03 23.59 -8.57
N LEU H 36 -27.92 23.86 -9.87
CA LEU H 36 -26.71 23.57 -10.63
C LEU H 36 -25.74 24.74 -10.69
N SER H 37 -26.02 25.83 -9.98
CA SER H 37 -25.15 26.99 -10.06
C SER H 37 -23.84 26.74 -9.31
N THR H 38 -22.77 27.32 -9.83
CA THR H 38 -21.44 27.14 -9.29
C THR H 38 -21.12 28.21 -8.26
N VAL H 39 -20.11 27.91 -7.43
CA VAL H 39 -19.71 28.77 -6.32
C VAL H 39 -18.27 29.26 -6.46
N ASP H 40 -17.70 29.17 -7.65
CA ASP H 40 -16.31 29.55 -7.84
C ASP H 40 -16.12 30.99 -8.29
N GLY H 41 -17.19 31.79 -8.35
CA GLY H 41 -17.09 33.14 -8.82
C GLY H 41 -17.16 33.31 -10.32
N SER H 42 -17.32 32.22 -11.08
CA SER H 42 -17.43 32.36 -12.52
C SER H 42 -18.77 32.96 -12.93
N GLY H 43 -19.82 32.76 -12.12
CA GLY H 43 -21.13 33.25 -12.46
C GLY H 43 -21.97 32.30 -13.29
N THR H 44 -21.45 31.13 -13.63
CA THR H 44 -22.24 30.16 -14.38
C THR H 44 -23.35 29.60 -13.50
N THR H 45 -24.52 29.37 -14.09
CA THR H 45 -25.63 28.74 -13.39
C THR H 45 -25.74 27.25 -13.70
N ILE H 46 -24.92 26.75 -14.62
CA ILE H 46 -24.74 25.31 -14.86
C ILE H 46 -23.23 25.09 -14.87
N PRO H 47 -22.75 23.91 -14.51
CA PRO H 47 -21.30 23.68 -14.38
C PRO H 47 -20.59 23.39 -15.70
N VAL H 48 -20.86 24.21 -16.71
CA VAL H 48 -20.32 24.03 -18.06
C VAL H 48 -19.54 25.28 -18.46
N VAL H 49 -18.27 25.09 -18.81
CA VAL H 49 -17.40 26.11 -19.36
C VAL H 49 -16.91 25.63 -20.71
N VAL H 50 -16.98 26.48 -21.74
CA VAL H 50 -16.52 26.11 -23.07
C VAL H 50 -15.04 26.46 -23.19
N ALA H 51 -14.25 25.52 -23.72
CA ALA H 51 -12.80 25.67 -23.74
C ALA H 51 -12.34 26.81 -24.64
N ASN H 52 -11.16 27.33 -24.32
CA ASN H 52 -10.54 28.40 -25.11
C ASN H 52 -9.85 27.77 -26.31
N MET H 53 -10.66 27.39 -27.30
CA MET H 53 -10.18 26.70 -28.49
C MET H 53 -10.84 27.34 -29.72
N THR H 54 -10.03 27.60 -30.76
CA THR H 54 -10.55 28.28 -31.94
C THR H 54 -11.59 27.43 -32.67
N ALA H 55 -11.59 26.11 -32.48
CA ALA H 55 -12.59 25.26 -33.10
C ALA H 55 -13.96 25.36 -32.45
N VAL H 56 -14.05 25.94 -31.27
CA VAL H 56 -15.28 25.89 -30.49
C VAL H 56 -15.74 27.28 -30.06
N ALA H 57 -14.81 28.09 -29.55
CA ALA H 57 -15.17 29.31 -28.81
C ALA H 57 -15.30 30.51 -29.75
N GLY H 58 -16.37 30.49 -30.54
CA GLY H 58 -16.71 31.60 -31.40
C GLY H 58 -17.84 32.44 -30.80
N ARG H 59 -18.17 33.53 -31.50
CA ARG H 59 -19.18 34.45 -30.97
C ARG H 59 -20.55 33.78 -30.89
N ARG H 60 -20.90 32.93 -31.87
CA ARG H 60 -22.19 32.22 -31.81
C ARG H 60 -22.23 31.26 -30.62
N MET H 61 -21.11 30.58 -30.35
CA MET H 61 -21.04 29.72 -29.18
C MET H 61 -21.16 30.54 -27.90
N ALA H 62 -20.44 31.66 -27.82
CA ALA H 62 -20.43 32.47 -26.61
C ALA H 62 -21.81 32.97 -26.26
N GLU H 63 -22.57 33.45 -27.24
CA GLU H 63 -23.94 33.90 -26.98
C GLU H 63 -24.82 32.73 -26.54
N THR H 64 -24.80 31.64 -27.31
CA THR H 64 -25.73 30.53 -27.08
C THR H 64 -25.51 29.90 -25.71
N VAL H 65 -24.26 29.64 -25.36
CA VAL H 65 -23.98 28.95 -24.10
C VAL H 65 -24.29 29.85 -22.90
N ALA H 66 -23.92 31.13 -22.97
CA ALA H 66 -24.13 32.03 -21.86
C ALA H 66 -25.62 32.24 -21.56
N ARG H 67 -26.45 32.30 -22.61
CA ARG H 67 -27.89 32.42 -22.38
C ARG H 67 -28.44 31.25 -21.57
N ARG H 68 -27.79 30.09 -21.65
CA ARG H 68 -28.23 28.90 -20.93
C ARG H 68 -27.48 28.69 -19.62
N GLY H 69 -26.64 29.63 -19.22
CA GLY H 69 -26.03 29.60 -17.91
C GLY H 69 -24.57 29.25 -17.88
N GLY H 70 -23.99 28.80 -18.99
CA GLY H 70 -22.57 28.55 -19.06
C GLY H 70 -21.78 29.82 -19.36
N ILE H 71 -20.49 29.63 -19.60
CA ILE H 71 -19.63 30.70 -20.05
C ILE H 71 -18.62 30.14 -21.04
N VAL H 72 -18.19 30.98 -21.97
CA VAL H 72 -17.27 30.61 -23.03
C VAL H 72 -16.00 31.44 -22.85
N VAL H 73 -14.84 30.77 -22.89
CA VAL H 73 -13.56 31.42 -22.78
C VAL H 73 -13.02 31.66 -24.18
N LEU H 74 -12.84 32.91 -24.55
CA LEU H 74 -12.32 33.26 -25.86
C LEU H 74 -10.88 32.78 -25.99
N PRO H 75 -10.50 32.26 -27.15
CA PRO H 75 -9.13 31.73 -27.30
C PRO H 75 -8.08 32.82 -27.14
N GLN H 76 -6.95 32.43 -26.57
CA GLN H 76 -5.84 33.36 -26.43
C GLN H 76 -5.34 33.76 -27.81
N ASP H 77 -4.75 34.95 -27.89
CA ASP H 77 -4.12 35.54 -29.07
C ASP H 77 -5.14 36.05 -30.08
N LEU H 78 -6.42 35.95 -29.79
CA LEU H 78 -7.43 36.67 -30.56
C LEU H 78 -7.13 38.16 -30.48
N PRO H 79 -6.96 38.86 -31.60
CA PRO H 79 -6.61 40.29 -31.53
C PRO H 79 -7.62 41.06 -30.68
N ILE H 80 -7.11 42.07 -29.96
CA ILE H 80 -7.94 42.76 -28.98
C ILE H 80 -9.15 43.42 -29.63
N THR H 81 -9.01 43.83 -30.90
CA THR H 81 -10.14 44.37 -31.63
C THR H 81 -11.20 43.30 -31.85
N ALA H 82 -10.78 42.08 -32.19
CA ALA H 82 -11.75 41.00 -32.34
C ALA H 82 -12.36 40.63 -31.00
N VAL H 83 -11.56 40.69 -29.92
CA VAL H 83 -12.08 40.46 -28.56
C VAL H 83 -13.21 41.44 -28.26
N SER H 84 -12.94 42.73 -28.52
CA SER H 84 -13.92 43.78 -28.24
C SER H 84 -15.21 43.57 -29.00
N GLU H 85 -15.12 43.21 -30.29
CA GLU H 85 -16.33 43.03 -31.09
C GLU H 85 -17.13 41.81 -30.63
N THR H 86 -16.44 40.73 -30.23
CA THR H 86 -17.16 39.57 -29.74
C THR H 86 -17.87 39.87 -28.43
N VAL H 87 -17.18 40.55 -27.51
CA VAL H 87 -17.80 40.94 -26.24
C VAL H 87 -19.02 41.83 -26.47
N ASP H 88 -18.85 42.87 -27.30
CA ASP H 88 -19.96 43.79 -27.56
C ASP H 88 -21.14 43.07 -28.18
N PHE H 89 -20.88 42.14 -29.11
CA PHE H 89 -21.96 41.38 -29.70
C PHE H 89 -22.67 40.54 -28.64
N VAL H 90 -21.91 39.79 -27.85
CA VAL H 90 -22.50 38.89 -26.86
C VAL H 90 -23.26 39.70 -25.80
N LYS H 91 -22.65 40.76 -25.29
CA LYS H 91 -23.31 41.55 -24.25
C LYS H 91 -24.49 42.36 -24.77
N SER H 92 -24.70 42.42 -26.08
CA SER H 92 -25.87 43.10 -26.63
C SER H 92 -27.00 42.14 -26.98
N ARG H 93 -26.83 40.85 -26.71
CA ARG H 93 -27.85 39.86 -27.02
C ARG H 93 -28.96 39.88 -25.97
N ASP H 94 -30.17 39.52 -26.41
CA ASP H 94 -31.29 39.37 -25.51
C ASP H 94 -31.14 38.13 -24.64
N LEU H 95 -31.66 38.20 -23.41
CA LEU H 95 -31.52 37.10 -22.46
C LEU H 95 -32.44 35.93 -22.78
N VAL H 96 -33.42 36.10 -23.65
CA VAL H 96 -34.39 35.06 -23.99
C VAL H 96 -34.40 34.77 -25.48
N VAL H 97 -34.56 35.82 -26.29
CA VAL H 97 -34.69 35.68 -27.74
C VAL H 97 -33.31 35.46 -28.36
N ASP H 98 -33.23 34.52 -29.30
CA ASP H 98 -31.97 34.18 -29.94
C ASP H 98 -31.76 35.02 -31.20
N THR H 99 -30.51 35.06 -31.65
CA THR H 99 -30.14 35.72 -32.89
C THR H 99 -30.27 34.75 -34.05
N PRO H 100 -31.08 35.04 -35.06
CA PRO H 100 -31.27 34.10 -36.17
C PRO H 100 -30.24 34.29 -37.27
N VAL H 101 -30.23 33.33 -38.18
CA VAL H 101 -29.58 33.52 -39.47
C VAL H 101 -30.47 34.39 -40.34
N THR H 102 -29.89 35.43 -40.92
CA THR H 102 -30.64 36.37 -41.75
C THR H 102 -30.20 36.25 -43.20
N LEU H 103 -31.14 36.47 -44.11
CA LEU H 103 -30.89 36.40 -45.54
C LEU H 103 -31.50 37.61 -46.23
N SER H 104 -30.84 38.03 -47.31
CA SER H 104 -31.41 39.00 -48.23
C SER H 104 -32.22 38.29 -49.30
N PRO H 105 -33.26 38.93 -49.84
CA PRO H 105 -33.99 38.30 -50.94
C PRO H 105 -33.13 38.04 -52.16
N GLU H 106 -31.98 38.72 -52.29
CA GLU H 106 -31.09 38.54 -53.42
C GLU H 106 -30.01 37.48 -53.18
N ASP H 107 -29.95 36.89 -51.99
CA ASP H 107 -29.05 35.78 -51.75
C ASP H 107 -29.49 34.55 -52.56
N SER H 108 -28.51 33.76 -52.97
CA SER H 108 -28.81 32.54 -53.71
C SER H 108 -29.31 31.45 -52.78
N VAL H 109 -30.08 30.53 -53.35
CA VAL H 109 -30.53 29.36 -52.59
C VAL H 109 -29.33 28.55 -52.10
N SER H 110 -28.28 28.45 -52.93
CA SER H 110 -27.10 27.70 -52.54
C SER H 110 -26.45 28.32 -51.30
N ASP H 111 -26.36 29.65 -51.24
CA ASP H 111 -25.83 30.29 -50.04
C ASP H 111 -26.79 30.19 -48.87
N ALA H 112 -28.09 30.03 -49.12
CA ALA H 112 -29.06 30.01 -48.02
C ALA H 112 -28.92 28.75 -47.18
N ASN H 113 -28.96 27.57 -47.81
CA ASN H 113 -28.86 26.35 -47.02
C ASN H 113 -27.46 26.12 -46.46
N ALA H 114 -26.46 26.90 -46.91
CA ALA H 114 -25.16 26.89 -46.26
C ALA H 114 -25.17 27.71 -44.98
N LEU H 115 -25.82 28.88 -44.99
CA LEU H 115 -25.91 29.71 -43.80
C LEU H 115 -26.90 29.19 -42.78
N LEU H 116 -27.83 28.33 -43.19
CA LEU H 116 -28.87 27.85 -42.27
C LEU H 116 -28.29 27.10 -41.08
N HIS H 117 -27.19 26.39 -41.28
CA HIS H 117 -26.62 25.53 -40.25
C HIS H 117 -25.69 26.28 -39.31
N LYS H 118 -25.64 27.61 -39.40
CA LYS H 118 -24.95 28.40 -38.39
C LYS H 118 -25.74 28.43 -37.08
N ARG H 119 -27.04 28.11 -37.12
CA ARG H 119 -27.88 28.08 -35.94
C ARG H 119 -28.73 26.81 -35.99
N ALA H 120 -29.39 26.53 -34.87
CA ALA H 120 -30.18 25.31 -34.71
C ALA H 120 -31.66 25.55 -34.91
N HIS H 121 -32.03 26.71 -35.44
CA HIS H 121 -33.44 27.08 -35.53
C HIS H 121 -34.17 26.33 -36.63
N GLY H 122 -33.47 25.86 -37.64
CA GLY H 122 -34.15 25.24 -38.77
C GLY H 122 -34.81 26.20 -39.72
N ALA H 123 -34.55 27.50 -39.59
CA ALA H 123 -35.10 28.50 -40.49
C ALA H 123 -34.26 29.76 -40.40
N ALA H 124 -34.12 30.46 -41.53
CA ALA H 124 -33.50 31.77 -41.60
C ALA H 124 -34.58 32.82 -41.87
N VAL H 125 -34.35 34.03 -41.37
CA VAL H 125 -35.30 35.13 -41.50
C VAL H 125 -34.86 36.02 -42.65
N VAL H 126 -35.74 36.21 -43.64
CA VAL H 126 -35.44 37.10 -44.76
C VAL H 126 -35.68 38.53 -44.33
N VAL H 127 -34.65 39.36 -44.47
CA VAL H 127 -34.68 40.74 -43.99
C VAL H 127 -34.67 41.67 -45.19
N PHE H 128 -35.63 42.60 -45.20
CA PHE H 128 -35.67 43.68 -46.19
C PHE H 128 -35.72 45.00 -45.42
N GLU H 129 -34.63 45.76 -45.46
CA GLU H 129 -34.52 47.03 -44.74
C GLU H 129 -34.78 46.83 -43.24
N GLY H 130 -34.11 45.84 -42.66
CA GLY H 130 -34.22 45.56 -41.24
C GLY H 130 -35.54 44.97 -40.80
N ARG H 131 -36.48 44.71 -41.72
CA ARG H 131 -37.77 44.19 -41.32
C ARG H 131 -37.96 42.75 -41.81
N PRO H 132 -38.48 41.87 -40.96
CA PRO H 132 -38.65 40.46 -41.36
C PRO H 132 -39.78 40.31 -42.35
N ILE H 133 -39.46 39.76 -43.53
CA ILE H 133 -40.45 39.56 -44.58
C ILE H 133 -40.73 38.09 -44.86
N GLY H 134 -40.01 37.16 -44.26
CA GLY H 134 -40.29 35.75 -44.50
C GLY H 134 -39.23 34.84 -43.91
N LEU H 135 -39.50 33.54 -44.02
CA LEU H 135 -38.64 32.50 -43.50
C LEU H 135 -38.20 31.56 -44.61
N VAL H 136 -36.98 31.04 -44.48
CA VAL H 136 -36.41 30.05 -45.39
C VAL H 136 -36.08 28.81 -44.59
N THR H 137 -36.58 27.66 -45.03
CA THR H 137 -36.22 26.38 -44.44
C THR H 137 -35.46 25.55 -45.46
N GLU H 138 -34.81 24.49 -44.96
CA GLU H 138 -34.08 23.61 -45.87
C GLU H 138 -35.00 22.92 -46.85
N ALA H 139 -36.27 22.71 -46.48
CA ALA H 139 -37.24 22.15 -47.40
C ALA H 139 -37.47 23.06 -48.58
N ASN H 140 -37.55 24.38 -48.34
CA ASN H 140 -37.75 25.34 -49.42
C ASN H 140 -36.59 25.36 -50.40
N CYS H 141 -35.39 24.95 -49.97
CA CYS H 141 -34.23 24.95 -50.85
C CYS H 141 -34.20 23.74 -51.77
N ALA H 142 -34.95 22.68 -51.45
CA ALA H 142 -34.93 21.47 -52.24
C ALA H 142 -35.77 21.62 -53.50
N GLY H 143 -35.29 21.03 -54.60
CA GLY H 143 -36.03 20.99 -55.84
C GLY H 143 -35.97 22.24 -56.68
N VAL H 144 -35.43 23.34 -56.17
CA VAL H 144 -35.33 24.58 -56.92
C VAL H 144 -33.93 24.69 -57.49
N ASP H 145 -33.78 25.57 -58.48
CA ASP H 145 -32.46 25.82 -59.05
C ASP H 145 -31.51 26.32 -57.98
N ARG H 146 -30.31 25.73 -57.95
CA ARG H 146 -29.32 26.04 -56.92
C ARG H 146 -29.05 27.54 -56.85
N PHE H 147 -29.03 28.21 -58.00
CA PHE H 147 -28.70 29.63 -58.03
C PHE H 147 -29.92 30.53 -58.14
N ALA H 148 -31.12 29.99 -57.91
CA ALA H 148 -32.28 30.85 -57.74
C ALA H 148 -32.09 31.75 -56.53
N ARG H 149 -32.94 32.78 -56.44
CA ARG H 149 -32.84 33.75 -55.37
C ARG H 149 -33.73 33.34 -54.19
N VAL H 150 -33.34 33.81 -53.00
CA VAL H 150 -34.12 33.53 -51.80
C VAL H 150 -35.55 34.05 -51.94
N ARG H 151 -35.70 35.19 -52.62
CA ARG H 151 -37.01 35.77 -52.86
C ARG H 151 -38.03 34.74 -53.37
N ASP H 152 -37.58 33.83 -54.24
CA ASP H 152 -38.50 32.90 -54.89
C ASP H 152 -38.99 31.82 -53.95
N ILE H 153 -38.18 31.42 -52.97
CA ILE H 153 -38.51 30.29 -52.11
C ILE H 153 -39.01 30.72 -50.73
N ALA H 154 -39.01 32.00 -50.42
CA ALA H 154 -39.35 32.45 -49.07
C ALA H 154 -40.83 32.22 -48.77
N LEU H 155 -41.11 31.96 -47.50
CA LEU H 155 -42.48 31.82 -47.01
C LEU H 155 -42.88 33.13 -46.33
N SER H 156 -43.88 33.80 -46.90
CA SER H 156 -44.35 35.07 -46.34
C SER H 156 -45.17 34.90 -45.06
N ASP H 157 -45.61 33.69 -44.76
CA ASP H 157 -46.41 33.42 -43.57
C ASP H 157 -45.53 32.88 -42.46
N PHE H 158 -45.54 33.58 -41.32
CA PHE H 158 -44.76 33.14 -40.16
C PHE H 158 -45.38 33.73 -38.90
N VAL H 159 -45.26 32.99 -37.79
CA VAL H 159 -45.71 33.49 -36.50
C VAL H 159 -44.78 34.59 -36.03
N THR H 160 -45.37 35.69 -35.56
CA THR H 160 -44.59 36.82 -35.07
C THR H 160 -45.21 37.33 -33.78
N ALA H 161 -44.35 37.89 -32.92
CA ALA H 161 -44.76 38.43 -31.64
C ALA H 161 -43.77 39.49 -31.23
N PRO H 162 -44.17 40.46 -30.42
CA PRO H 162 -43.23 41.48 -29.95
C PRO H 162 -42.24 40.91 -28.94
N VAL H 163 -41.01 41.41 -28.99
CA VAL H 163 -40.02 40.96 -28.02
C VAL H 163 -40.45 41.39 -26.63
N GLY H 164 -40.23 40.52 -25.65
CA GLY H 164 -40.74 40.72 -24.31
C GLY H 164 -42.04 40.01 -24.06
N THR H 165 -42.63 39.41 -25.08
CA THR H 165 -43.80 38.56 -24.87
C THR H 165 -43.40 37.36 -24.03
N ASP H 166 -44.30 36.95 -23.14
CA ASP H 166 -44.03 35.84 -22.24
C ASP H 166 -43.66 34.58 -23.03
N PRO H 167 -42.60 33.87 -22.65
CA PRO H 167 -42.26 32.60 -23.32
C PRO H 167 -43.40 31.59 -23.38
N ARG H 168 -44.27 31.53 -22.37
CA ARG H 168 -45.38 30.60 -22.42
C ARG H 168 -46.37 30.98 -23.52
N GLU H 169 -46.61 32.28 -23.71
CA GLU H 169 -47.48 32.73 -24.79
C GLU H 169 -46.89 32.39 -26.16
N VAL H 170 -45.61 32.72 -26.37
CA VAL H 170 -44.96 32.43 -27.65
C VAL H 170 -45.00 30.93 -27.93
N PHE H 171 -44.86 30.11 -26.89
CA PHE H 171 -44.95 28.66 -27.05
C PHE H 171 -46.30 28.24 -27.62
N ASP H 172 -47.38 28.84 -27.10
CA ASP H 172 -48.72 28.47 -27.57
C ASP H 172 -48.96 28.94 -28.99
N LEU H 173 -48.46 30.13 -29.34
CA LEU H 173 -48.63 30.65 -30.70
C LEU H 173 -48.00 29.73 -31.74
N LEU H 174 -46.99 28.96 -31.35
CA LEU H 174 -46.29 28.06 -32.27
C LEU H 174 -46.85 26.65 -32.25
N GLU H 175 -47.92 26.39 -31.48
CA GLU H 175 -48.39 25.02 -31.30
C GLU H 175 -48.81 24.41 -32.63
N HIS H 176 -49.65 25.11 -33.39
CA HIS H 176 -50.14 24.61 -34.67
C HIS H 176 -49.49 25.32 -35.86
N ALA H 177 -48.41 26.05 -35.64
CA ALA H 177 -47.72 26.69 -36.73
C ALA H 177 -46.99 25.64 -37.57
N PRO H 178 -46.93 25.81 -38.90
CA PRO H 178 -46.14 24.89 -39.73
C PRO H 178 -44.65 24.99 -39.47
N ILE H 179 -44.18 26.15 -39.00
CA ILE H 179 -42.77 26.39 -38.72
C ILE H 179 -42.64 26.69 -37.24
N ASP H 180 -41.69 26.02 -36.59
CA ASP H 180 -41.45 26.15 -35.15
C ASP H 180 -40.59 27.35 -34.79
N VAL H 181 -40.57 28.39 -35.63
CA VAL H 181 -39.80 29.61 -35.37
C VAL H 181 -40.76 30.77 -35.24
N ALA H 182 -40.71 31.46 -34.11
CA ALA H 182 -41.50 32.68 -33.91
C ALA H 182 -40.59 33.88 -34.07
N VAL H 183 -40.96 34.79 -34.96
CA VAL H 183 -40.15 35.96 -35.29
C VAL H 183 -40.47 37.06 -34.28
N MET H 184 -39.47 37.44 -33.48
CA MET H 184 -39.66 38.43 -32.44
C MET H 184 -39.29 39.81 -32.98
N THR H 185 -40.17 40.78 -32.76
CA THR H 185 -40.03 42.11 -33.34
C THR H 185 -39.77 43.15 -32.25
N ALA H 186 -38.90 44.09 -32.56
CA ALA H 186 -38.76 45.30 -31.75
C ALA H 186 -40.03 46.14 -31.89
N PRO H 187 -40.25 47.09 -30.98
CA PRO H 187 -41.47 47.91 -31.09
C PRO H 187 -41.63 48.62 -32.43
N ASP H 188 -40.54 49.03 -33.08
CA ASP H 188 -40.64 49.68 -34.38
C ASP H 188 -40.92 48.69 -35.51
N GLY H 189 -40.97 47.39 -35.22
CA GLY H 189 -41.25 46.39 -36.23
C GLY H 189 -40.03 45.67 -36.78
N THR H 190 -38.83 46.17 -36.53
CA THR H 190 -37.65 45.51 -37.05
C THR H 190 -37.41 44.18 -36.32
N LEU H 191 -36.47 43.41 -36.84
CA LEU H 191 -36.22 42.06 -36.34
C LEU H 191 -35.45 42.14 -35.03
N ALA H 192 -36.07 41.72 -33.94
CA ALA H 192 -35.40 41.59 -32.65
C ALA H 192 -34.73 40.23 -32.48
N GLY H 193 -35.31 39.18 -33.05
CA GLY H 193 -34.72 37.86 -32.99
C GLY H 193 -35.79 36.81 -33.22
N VAL H 194 -35.46 35.58 -32.81
CA VAL H 194 -36.36 34.44 -33.00
C VAL H 194 -36.45 33.67 -31.69
N LEU H 195 -37.55 32.92 -31.57
CA LEU H 195 -37.75 32.06 -30.40
C LEU H 195 -38.52 30.84 -30.85
N THR H 196 -38.00 29.65 -30.53
CA THR H 196 -38.68 28.41 -30.86
C THR H 196 -39.42 27.88 -29.65
N ARG H 197 -40.26 26.87 -29.88
CA ARG H 197 -40.97 26.23 -28.77
C ARG H 197 -39.98 25.70 -27.74
N THR H 198 -38.91 25.08 -28.20
CA THR H 198 -37.87 24.63 -27.25
C THR H 198 -37.13 25.81 -26.67
N GLY H 199 -36.86 26.84 -27.47
CA GLY H 199 -36.23 28.03 -26.94
C GLY H 199 -37.04 28.66 -25.82
N ALA H 200 -38.37 28.60 -25.93
CA ALA H 200 -39.23 29.12 -24.88
C ALA H 200 -39.21 28.21 -23.66
N ILE H 201 -39.24 26.89 -23.89
CA ILE H 201 -39.11 25.95 -22.78
C ILE H 201 -37.79 26.18 -22.05
N ARG H 202 -36.68 26.26 -22.79
CA ARG H 202 -35.37 26.43 -22.18
C ARG H 202 -35.29 27.71 -21.34
N ALA H 203 -36.07 28.73 -21.69
CA ALA H 203 -36.09 29.95 -20.89
C ALA H 203 -36.60 29.70 -19.48
N GLY H 204 -37.42 28.66 -19.29
CA GLY H 204 -37.92 28.33 -17.97
C GLY H 204 -37.10 27.32 -17.18
N ILE H 205 -36.08 26.73 -17.81
CA ILE H 205 -35.21 25.77 -17.16
C ILE H 205 -33.86 26.36 -16.83
N TYR H 206 -33.27 27.12 -17.76
CA TYR H 206 -31.93 27.66 -17.62
C TYR H 206 -31.96 29.11 -17.17
N THR H 207 -31.06 29.46 -16.26
CA THR H 207 -30.89 30.83 -15.82
C THR H 207 -29.71 31.46 -16.55
N PRO H 208 -29.91 32.52 -17.32
CA PRO H 208 -28.78 33.13 -18.04
C PRO H 208 -27.68 33.59 -17.08
N ALA H 209 -26.43 33.36 -17.48
CA ALA H 209 -25.29 33.84 -16.73
C ALA H 209 -24.99 35.28 -17.15
N VAL H 210 -25.09 36.21 -16.21
CA VAL H 210 -25.04 37.63 -16.52
C VAL H 210 -24.10 38.35 -15.58
N ASP H 211 -23.58 39.49 -16.05
CA ASP H 211 -22.77 40.38 -15.24
C ASP H 211 -23.67 41.26 -14.37
N ALA H 212 -23.05 42.17 -13.62
CA ALA H 212 -23.83 43.04 -12.74
C ALA H 212 -24.84 43.89 -13.51
N LYS H 213 -24.56 44.20 -14.77
CA LYS H 213 -25.50 44.97 -15.58
C LYS H 213 -26.57 44.11 -16.24
N GLY H 214 -26.59 42.81 -16.00
CA GLY H 214 -27.56 41.94 -16.64
C GLY H 214 -27.23 41.54 -18.06
N ARG H 215 -25.97 41.67 -18.48
CA ARG H 215 -25.54 41.29 -19.82
C ARG H 215 -24.85 39.93 -19.78
N LEU H 216 -24.97 39.18 -20.86
CA LEU H 216 -24.42 37.83 -20.92
C LEU H 216 -22.92 37.83 -20.61
N ARG H 217 -22.49 36.84 -19.82
CA ARG H 217 -21.09 36.74 -19.41
C ARG H 217 -20.23 36.16 -20.52
N ILE H 218 -18.95 36.53 -20.48
CA ILE H 218 -17.97 36.04 -21.44
C ILE H 218 -16.61 36.09 -20.78
N ALA H 219 -15.76 35.13 -21.10
CA ALA H 219 -14.40 35.06 -20.57
C ALA H 219 -13.41 35.11 -21.72
N ALA H 220 -12.16 35.40 -21.38
CA ALA H 220 -11.09 35.43 -22.36
C ALA H 220 -9.86 34.81 -21.74
N ALA H 221 -9.03 34.19 -22.57
CA ALA H 221 -7.81 33.52 -22.13
C ALA H 221 -6.59 34.27 -22.63
N VAL H 222 -5.48 34.08 -21.92
CA VAL H 222 -4.20 34.66 -22.29
C VAL H 222 -3.13 33.60 -22.05
N GLY H 223 -2.16 33.52 -22.97
CA GLY H 223 -0.97 32.72 -22.74
C GLY H 223 0.04 33.44 -21.88
N ILE H 224 1.08 32.70 -21.45
CA ILE H 224 2.05 33.26 -20.50
C ILE H 224 3.27 33.87 -21.19
N ASN H 225 3.28 33.92 -22.52
CA ASN H 225 4.35 34.57 -23.25
C ASN H 225 4.07 36.06 -23.40
N GLY H 226 5.14 36.83 -23.64
CA GLY H 226 5.00 38.25 -23.87
C GLY H 226 4.71 39.02 -22.60
N ASP H 227 3.89 40.05 -22.74
CA ASP H 227 3.51 40.93 -21.62
C ASP H 227 2.13 40.50 -21.16
N VAL H 228 2.10 39.62 -20.16
CA VAL H 228 0.83 39.03 -19.73
C VAL H 228 -0.04 40.05 -19.03
N GLY H 229 0.57 40.91 -18.21
CA GLY H 229 -0.20 41.93 -17.53
C GLY H 229 -0.89 42.88 -18.48
N ALA H 230 -0.15 43.37 -19.47
CA ALA H 230 -0.75 44.26 -20.47
C ALA H 230 -1.86 43.55 -21.23
N LYS H 231 -1.65 42.28 -21.59
CA LYS H 231 -2.69 41.53 -22.29
C LYS H 231 -3.94 41.37 -21.41
N ALA H 232 -3.75 41.01 -20.13
CA ALA H 232 -4.90 40.81 -19.25
C ALA H 232 -5.63 42.11 -18.99
N GLN H 233 -4.89 43.21 -18.82
CA GLN H 233 -5.53 44.51 -18.61
C GLN H 233 -6.41 44.89 -19.80
N ALA H 234 -5.91 44.69 -21.02
CA ALA H 234 -6.72 45.01 -22.19
C ALA H 234 -7.96 44.13 -22.26
N LEU H 235 -7.84 42.85 -21.92
CA LEU H 235 -9.01 41.97 -21.93
C LEU H 235 -10.04 42.40 -20.90
N ALA H 236 -9.59 42.89 -19.75
CA ALA H 236 -10.52 43.34 -18.72
C ALA H 236 -11.23 44.61 -19.16
N GLU H 237 -10.48 45.57 -19.73
CA GLU H 237 -11.10 46.79 -20.25
C GLU H 237 -11.99 46.50 -21.45
N ALA H 238 -11.71 45.44 -22.21
CA ALA H 238 -12.62 45.06 -23.28
C ALA H 238 -13.93 44.47 -22.75
N GLY H 239 -14.00 44.15 -21.45
CA GLY H 239 -15.23 43.71 -20.84
C GLY H 239 -15.29 42.26 -20.38
N ALA H 240 -14.17 41.54 -20.40
CA ALA H 240 -14.17 40.15 -19.95
C ALA H 240 -14.58 40.04 -18.49
N ASP H 241 -15.44 39.08 -18.18
CA ASP H 241 -15.90 38.85 -16.82
C ASP H 241 -15.01 37.87 -16.05
N LEU H 242 -14.10 37.19 -16.73
CA LEU H 242 -13.23 36.20 -16.09
C LEU H 242 -12.02 36.02 -17.00
N LEU H 243 -10.86 35.85 -16.39
CA LEU H 243 -9.60 35.69 -17.11
C LEU H 243 -9.05 34.29 -16.90
N VAL H 244 -8.58 33.66 -17.97
CA VAL H 244 -7.95 32.34 -17.92
C VAL H 244 -6.51 32.49 -18.36
N ILE H 245 -5.56 32.25 -17.46
CA ILE H 245 -4.15 32.21 -17.82
C ILE H 245 -3.83 30.75 -18.12
N ASP H 246 -3.50 30.45 -19.38
CA ASP H 246 -3.51 29.09 -19.90
C ASP H 246 -2.14 28.73 -20.47
N THR H 247 -1.63 27.57 -20.07
CA THR H 247 -0.40 27.03 -20.64
C THR H 247 -0.43 25.52 -20.44
N ALA H 248 0.30 24.81 -21.30
CA ALA H 248 0.31 23.35 -21.25
C ALA H 248 0.84 22.85 -19.91
N HIS H 249 1.99 23.36 -19.49
CA HIS H 249 2.65 22.96 -18.23
C HIS H 249 2.54 24.13 -17.26
N GLY H 250 1.47 24.13 -16.46
CA GLY H 250 1.21 25.23 -15.57
C GLY H 250 2.10 25.30 -14.36
N HIS H 251 2.79 24.21 -14.02
CA HIS H 251 3.61 24.19 -12.81
C HIS H 251 5.05 24.59 -13.14
N GLN H 252 5.19 25.84 -13.58
CA GLN H 252 6.51 26.31 -13.96
C GLN H 252 6.66 27.79 -13.61
N ALA H 253 7.92 28.20 -13.48
CA ALA H 253 8.23 29.54 -12.99
C ALA H 253 7.60 30.62 -13.85
N LYS H 254 7.61 30.44 -15.18
CA LYS H 254 7.07 31.47 -16.05
C LYS H 254 5.57 31.66 -15.85
N MET H 255 4.86 30.59 -15.48
CA MET H 255 3.44 30.72 -15.18
C MET H 255 3.21 31.44 -13.85
N LEU H 256 4.03 31.10 -12.84
CA LEU H 256 3.89 31.75 -11.55
C LEU H 256 4.12 33.26 -11.67
N ASP H 257 5.14 33.66 -12.44
CA ASP H 257 5.36 35.08 -12.69
C ASP H 257 4.15 35.72 -13.36
N ALA H 258 3.57 35.04 -14.35
CA ALA H 258 2.44 35.63 -15.08
C ALA H 258 1.23 35.83 -14.16
N ILE H 259 1.03 34.92 -13.20
CA ILE H 259 -0.09 35.05 -12.27
C ILE H 259 0.12 36.25 -11.36
N LYS H 260 1.33 36.39 -10.80
CA LYS H 260 1.62 37.53 -9.93
C LYS H 260 1.50 38.84 -10.68
N ALA H 261 1.87 38.86 -11.96
CA ALA H 261 1.76 40.08 -12.74
C ALA H 261 0.30 40.46 -12.98
N VAL H 262 -0.57 39.48 -13.21
CA VAL H 262 -1.98 39.80 -13.43
C VAL H 262 -2.66 40.12 -12.10
N ALA H 263 -2.33 39.37 -11.04
CA ALA H 263 -2.95 39.63 -9.74
C ALA H 263 -2.60 41.03 -9.24
N SER H 264 -1.35 41.46 -9.42
CA SER H 264 -0.92 42.76 -8.88
C SER H 264 -1.58 43.93 -9.58
N LEU H 265 -2.22 43.71 -10.73
CA LEU H 265 -2.99 44.78 -11.35
C LEU H 265 -4.34 44.99 -10.68
N ASP H 266 -4.76 44.08 -9.81
CA ASP H 266 -6.01 44.18 -9.06
C ASP H 266 -7.20 44.48 -9.98
N LEU H 267 -7.36 43.62 -11.00
CA LEU H 267 -8.40 43.84 -12.00
C LEU H 267 -9.80 43.52 -11.48
N GLY H 268 -9.92 42.87 -10.32
CA GLY H 268 -11.23 42.58 -9.77
C GLY H 268 -11.98 41.44 -10.43
N LEU H 269 -11.32 40.69 -11.31
CA LEU H 269 -11.97 39.57 -11.98
C LEU H 269 -11.48 38.24 -11.41
N PRO H 270 -12.31 37.19 -11.46
CA PRO H 270 -11.81 35.86 -11.10
C PRO H 270 -10.67 35.45 -12.03
N LEU H 271 -9.65 34.82 -11.46
CA LEU H 271 -8.43 34.45 -12.19
C LEU H 271 -8.30 32.94 -12.25
N VAL H 272 -8.47 32.36 -13.44
CA VAL H 272 -8.20 30.94 -13.67
C VAL H 272 -6.77 30.80 -14.17
N ALA H 273 -6.06 29.79 -13.67
CA ALA H 273 -4.72 29.49 -14.14
C ALA H 273 -4.56 27.98 -14.24
N GLY H 274 -3.84 27.52 -15.26
CA GLY H 274 -3.62 26.10 -15.45
C GLY H 274 -2.63 25.89 -16.58
N ASN H 275 -2.30 24.62 -16.84
CA ASN H 275 -2.92 23.46 -16.21
C ASN H 275 -1.91 22.67 -15.37
N VAL H 276 -2.39 22.13 -14.25
CA VAL H 276 -1.61 21.26 -13.40
C VAL H 276 -2.44 20.02 -13.08
N VAL H 277 -1.77 18.98 -12.57
CA VAL H 277 -2.46 17.77 -12.16
C VAL H 277 -2.00 17.32 -10.78
N SER H 278 -1.22 18.16 -10.10
CA SER H 278 -0.65 17.81 -8.80
C SER H 278 -1.18 18.73 -7.71
N ALA H 279 -1.18 18.22 -6.47
CA ALA H 279 -1.54 19.04 -5.33
C ALA H 279 -0.55 20.19 -5.13
N GLU H 280 0.74 19.90 -5.27
CA GLU H 280 1.75 20.95 -5.16
C GLU H 280 1.56 22.02 -6.24
N GLY H 281 1.23 21.59 -7.46
CA GLY H 281 0.97 22.57 -8.51
C GLY H 281 -0.24 23.42 -8.22
N THR H 282 -1.29 22.80 -7.68
CA THR H 282 -2.49 23.54 -7.32
C THR H 282 -2.20 24.60 -6.25
N ARG H 283 -1.44 24.23 -5.22
CA ARG H 283 -1.13 25.20 -4.16
C ARG H 283 -0.26 26.34 -4.68
N ASP H 284 0.76 26.02 -5.49
CA ASP H 284 1.65 27.08 -5.96
C ASP H 284 0.90 28.08 -6.84
N LEU H 285 -0.05 27.61 -7.66
CA LEU H 285 -0.80 28.53 -8.50
C LEU H 285 -1.76 29.39 -7.69
N ILE H 286 -2.40 28.80 -6.68
CA ILE H 286 -3.26 29.59 -5.80
C ILE H 286 -2.42 30.63 -5.05
N GLU H 287 -1.28 30.21 -4.48
CA GLU H 287 -0.47 31.14 -3.70
C GLU H 287 0.11 32.26 -4.56
N ALA H 288 0.30 32.01 -5.86
CA ALA H 288 0.73 33.07 -6.75
C ALA H 288 -0.37 34.07 -7.05
N GLY H 289 -1.61 33.81 -6.67
CA GLY H 289 -2.71 34.73 -6.88
C GLY H 289 -3.89 34.20 -7.67
N ALA H 290 -3.86 32.96 -8.17
CA ALA H 290 -5.02 32.41 -8.85
C ALA H 290 -6.11 32.05 -7.84
N SER H 291 -7.35 32.34 -8.20
CA SER H 291 -8.48 31.89 -7.37
C SER H 291 -9.05 30.57 -7.85
N ILE H 292 -8.75 30.18 -9.09
CA ILE H 292 -9.26 28.94 -9.69
C ILE H 292 -8.08 28.29 -10.40
N VAL H 293 -7.91 26.98 -10.18
CA VAL H 293 -6.85 26.21 -10.83
C VAL H 293 -7.48 25.30 -11.86
N LYS H 294 -6.98 25.35 -13.10
CA LYS H 294 -7.49 24.54 -14.17
C LYS H 294 -6.66 23.25 -14.26
N VAL H 295 -7.34 22.11 -14.22
CA VAL H 295 -6.68 20.82 -14.02
C VAL H 295 -6.81 19.98 -15.29
N GLY H 296 -5.68 19.47 -15.78
CA GLY H 296 -5.71 18.62 -16.95
C GLY H 296 -4.42 18.65 -17.75
N VAL H 297 -3.65 17.56 -17.68
CA VAL H 297 -2.46 17.38 -18.51
C VAL H 297 -2.55 15.99 -19.11
N GLY H 298 -2.84 15.91 -20.40
CA GLY H 298 -3.00 14.63 -21.07
C GLY H 298 -4.36 14.24 -21.61
N PRO H 299 -5.47 14.57 -20.93
CA PRO H 299 -6.76 13.97 -21.32
C PRO H 299 -7.47 14.65 -22.48
N GLY H 300 -7.13 15.90 -22.81
CA GLY H 300 -7.75 16.59 -23.93
C GLY H 300 -7.75 15.79 -25.22
N ALA H 301 -8.88 15.82 -25.95
CA ALA H 301 -9.01 14.98 -27.13
C ALA H 301 -8.02 15.34 -28.22
N MET H 302 -7.55 16.59 -28.26
CA MET H 302 -6.52 17.01 -29.20
C MET H 302 -5.11 16.89 -28.62
N CYS H 303 -4.98 16.33 -27.43
CA CYS H 303 -3.70 16.32 -26.72
C CYS H 303 -2.93 15.05 -27.05
N THR H 304 -1.74 15.23 -27.63
CA THR H 304 -0.84 14.12 -27.92
C THR H 304 0.31 14.04 -26.93
N THR H 305 0.16 14.66 -25.75
CA THR H 305 1.23 14.69 -24.76
C THR H 305 1.63 13.28 -24.30
N ARG H 306 0.64 12.43 -24.05
CA ARG H 306 0.93 11.08 -23.55
C ARG H 306 1.84 10.31 -24.51
N MET H 307 1.48 10.31 -25.80
CA MET H 307 2.26 9.54 -26.76
C MET H 307 3.60 10.19 -27.08
N MET H 308 3.68 11.52 -27.04
CA MET H 308 4.94 12.19 -27.31
C MET H 308 5.91 12.09 -26.13
N THR H 309 5.41 12.28 -24.91
CA THR H 309 6.26 12.50 -23.74
C THR H 309 6.08 11.49 -22.61
N GLY H 310 4.99 10.71 -22.60
CA GLY H 310 4.64 9.93 -21.44
C GLY H 310 4.08 10.72 -20.27
N VAL H 311 3.98 12.03 -20.39
CA VAL H 311 3.52 12.89 -19.29
C VAL H 311 2.01 13.00 -19.36
N GLY H 312 1.38 12.98 -18.20
CA GLY H 312 -0.07 13.04 -18.11
C GLY H 312 -0.54 12.35 -16.84
N ARG H 313 -1.83 12.51 -16.55
CA ARG H 313 -2.39 11.86 -15.37
C ARG H 313 -3.84 11.53 -15.62
N PRO H 314 -4.30 10.34 -15.21
CA PRO H 314 -5.73 10.04 -15.31
C PRO H 314 -6.54 11.14 -14.64
N GLN H 315 -7.56 11.62 -15.36
CA GLN H 315 -8.15 12.90 -15.02
C GLN H 315 -8.97 12.84 -13.73
N PHE H 316 -9.63 11.71 -13.45
CA PHE H 316 -10.43 11.64 -12.23
C PHE H 316 -9.54 11.78 -10.99
N SER H 317 -8.45 11.00 -10.90
CA SER H 317 -7.55 11.15 -9.75
C SER H 317 -6.92 12.54 -9.74
N ALA H 318 -6.55 13.07 -10.90
CA ALA H 318 -6.00 14.42 -10.97
C ALA H 318 -6.94 15.43 -10.31
N VAL H 319 -8.22 15.38 -10.69
CA VAL H 319 -9.19 16.32 -10.16
C VAL H 319 -9.39 16.10 -8.66
N VAL H 320 -9.49 14.84 -8.23
CA VAL H 320 -9.70 14.54 -6.81
C VAL H 320 -8.58 15.14 -5.96
N GLU H 321 -7.33 14.90 -6.36
CA GLU H 321 -6.20 15.42 -5.58
C GLU H 321 -6.13 16.93 -5.64
N CYS H 322 -6.41 17.52 -6.80
CA CYS H 322 -6.24 18.97 -6.93
C CYS H 322 -7.38 19.74 -6.28
N ALA H 323 -8.61 19.24 -6.39
CA ALA H 323 -9.74 19.90 -5.74
C ALA H 323 -9.54 19.91 -4.22
N ALA H 324 -9.12 18.80 -3.63
CA ALA H 324 -8.89 18.76 -2.19
C ALA H 324 -7.84 19.78 -1.77
N ALA H 325 -6.69 19.80 -2.46
CA ALA H 325 -5.65 20.78 -2.12
C ALA H 325 -6.17 22.21 -2.29
N ALA H 326 -6.95 22.47 -3.34
CA ALA H 326 -7.49 23.82 -3.52
C ALA H 326 -8.46 24.19 -2.41
N ARG H 327 -9.28 23.23 -1.97
CA ARG H 327 -10.25 23.49 -0.92
C ARG H 327 -9.58 24.03 0.34
N GLN H 328 -8.45 23.44 0.74
CA GLN H 328 -7.77 23.89 1.95
C GLN H 328 -7.32 25.34 1.88
N LEU H 329 -7.13 25.88 0.66
CA LEU H 329 -6.73 27.26 0.46
C LEU H 329 -7.89 28.16 0.05
N GLY H 330 -9.12 27.65 0.12
CA GLY H 330 -10.27 28.44 -0.26
C GLY H 330 -10.45 28.64 -1.74
N GLY H 331 -9.81 27.81 -2.57
CA GLY H 331 -9.89 27.94 -4.00
C GLY H 331 -10.71 26.82 -4.64
N HIS H 332 -10.73 26.85 -5.97
CA HIS H 332 -11.58 25.97 -6.75
C HIS H 332 -10.80 25.36 -7.90
N VAL H 333 -11.36 24.30 -8.47
CA VAL H 333 -10.70 23.55 -9.53
C VAL H 333 -11.66 23.43 -10.71
N TRP H 334 -11.17 23.70 -11.92
CA TRP H 334 -11.87 23.40 -13.16
C TRP H 334 -11.31 22.12 -13.75
N ALA H 335 -12.19 21.21 -14.16
CA ALA H 335 -11.78 19.96 -14.78
C ALA H 335 -11.73 20.15 -16.29
N ASP H 336 -10.53 20.17 -16.84
CA ASP H 336 -10.31 20.55 -18.24
C ASP H 336 -9.77 19.35 -19.02
N GLY H 337 -10.56 18.85 -19.96
CA GLY H 337 -10.08 17.81 -20.86
C GLY H 337 -10.79 16.47 -20.69
N GLY H 338 -11.01 15.80 -21.82
CA GLY H 338 -11.49 14.43 -21.83
C GLY H 338 -12.97 14.22 -21.61
N VAL H 339 -13.77 15.28 -21.64
CA VAL H 339 -15.21 15.14 -21.42
C VAL H 339 -15.86 14.68 -22.72
N ARG H 340 -16.44 13.48 -22.70
CA ARG H 340 -17.15 12.93 -23.85
C ARG H 340 -18.62 12.64 -23.59
N HIS H 341 -19.06 12.52 -22.34
CA HIS H 341 -20.41 12.11 -22.03
C HIS H 341 -20.86 12.86 -20.80
N PRO H 342 -22.17 12.99 -20.58
CA PRO H 342 -22.63 13.64 -19.34
C PRO H 342 -22.04 13.00 -18.09
N ARG H 343 -21.79 11.68 -18.11
CA ARG H 343 -21.17 11.01 -16.97
C ARG H 343 -19.86 11.67 -16.58
N ASP H 344 -19.05 12.09 -17.56
CA ASP H 344 -17.77 12.72 -17.28
C ASP H 344 -17.95 14.04 -16.54
N VAL H 345 -18.93 14.84 -16.93
CA VAL H 345 -19.25 16.05 -16.20
C VAL H 345 -19.64 15.71 -14.77
N ALA H 346 -20.51 14.72 -14.60
CA ALA H 346 -20.96 14.35 -13.26
C ALA H 346 -19.81 13.87 -12.40
N LEU H 347 -18.93 13.04 -12.97
CA LEU H 347 -17.83 12.51 -12.20
C LEU H 347 -16.85 13.61 -11.81
N ALA H 348 -16.61 14.57 -12.72
CA ALA H 348 -15.69 15.66 -12.39
C ALA H 348 -16.20 16.47 -11.20
N LEU H 349 -17.50 16.77 -11.18
CA LEU H 349 -18.10 17.51 -10.05
C LEU H 349 -18.08 16.68 -8.78
N ALA H 350 -18.46 15.40 -8.88
CA ALA H 350 -18.34 14.52 -7.73
C ALA H 350 -16.92 14.47 -7.18
N ALA H 351 -15.92 14.59 -8.05
CA ALA H 351 -14.53 14.62 -7.61
C ALA H 351 -14.17 15.91 -6.89
N GLY H 352 -15.02 16.94 -6.95
CA GLY H 352 -14.74 18.19 -6.29
C GLY H 352 -14.46 19.37 -7.21
N ALA H 353 -14.54 19.20 -8.53
CA ALA H 353 -14.42 20.36 -9.41
C ALA H 353 -15.64 21.26 -9.27
N SER H 354 -15.41 22.56 -9.33
CA SER H 354 -16.50 23.53 -9.31
C SER H 354 -17.10 23.79 -10.67
N ASN H 355 -16.37 23.45 -11.74
CA ASN H 355 -16.79 23.71 -13.11
C ASN H 355 -16.05 22.72 -13.99
N VAL H 356 -16.63 22.47 -15.17
CA VAL H 356 -16.11 21.48 -16.10
C VAL H 356 -15.93 22.17 -17.46
N MET H 357 -14.71 22.15 -17.98
CA MET H 357 -14.41 22.76 -19.28
C MET H 357 -14.51 21.69 -20.37
N ILE H 358 -15.24 22.02 -21.44
CA ILE H 358 -15.50 21.08 -22.52
C ILE H 358 -15.01 21.69 -23.82
N GLY H 359 -14.27 20.91 -24.60
CA GLY H 359 -13.73 21.35 -25.86
C GLY H 359 -14.30 20.63 -27.08
N SER H 360 -13.58 19.58 -27.52
CA SER H 360 -13.88 18.96 -28.80
C SER H 360 -15.34 18.55 -28.95
N TRP H 361 -15.95 18.11 -27.84
CA TRP H 361 -17.35 17.67 -27.90
C TRP H 361 -18.25 18.75 -28.48
N PHE H 362 -17.99 20.01 -28.14
CA PHE H 362 -18.85 21.10 -28.60
C PHE H 362 -18.48 21.58 -29.99
N ALA H 363 -17.38 21.09 -30.57
CA ALA H 363 -17.09 21.40 -31.96
C ALA H 363 -18.12 20.75 -32.88
N GLY H 364 -18.69 19.62 -32.47
CA GLY H 364 -19.68 18.94 -33.27
C GLY H 364 -21.08 19.48 -33.09
N THR H 365 -21.24 20.80 -33.17
CA THR H 365 -22.54 21.46 -33.06
C THR H 365 -22.68 22.51 -34.16
N TYR H 366 -23.92 22.98 -34.37
CA TYR H 366 -24.16 24.02 -35.37
C TYR H 366 -23.42 25.30 -35.02
N GLU H 367 -23.36 25.64 -33.73
CA GLU H 367 -22.90 26.96 -33.32
C GLU H 367 -21.39 27.10 -33.26
N SER H 368 -20.65 26.00 -33.45
CA SER H 368 -19.20 26.10 -33.45
C SER H 368 -18.72 26.80 -34.73
N PRO H 369 -17.57 27.47 -34.67
CA PRO H 369 -17.16 28.33 -35.81
C PRO H 369 -16.93 27.58 -37.11
N GLY H 370 -16.48 26.33 -37.08
CA GLY H 370 -16.09 25.64 -38.30
C GLY H 370 -17.26 25.35 -39.22
N ASP H 371 -16.91 25.00 -40.46
CA ASP H 371 -17.91 24.66 -41.47
C ASP H 371 -18.53 23.30 -41.18
N LEU H 372 -19.81 23.17 -41.54
CA LEU H 372 -20.47 21.88 -41.43
C LEU H 372 -20.04 20.98 -42.59
N LEU H 373 -19.62 19.76 -42.28
CA LEU H 373 -19.12 18.80 -43.24
C LEU H 373 -19.97 17.54 -43.23
N PHE H 374 -19.72 16.69 -44.23
CA PHE H 374 -20.47 15.44 -44.40
C PHE H 374 -19.50 14.36 -44.90
N ASP H 375 -19.57 13.19 -44.29
CA ASP H 375 -18.65 12.10 -44.63
C ASP H 375 -19.26 11.27 -45.76
N ARG H 376 -18.73 10.06 -45.96
CA ARG H 376 -19.16 9.21 -47.08
C ARG H 376 -20.66 8.93 -47.05
N ASP H 377 -21.23 8.81 -45.85
CA ASP H 377 -22.64 8.45 -45.69
C ASP H 377 -23.55 9.64 -45.46
N ASP H 378 -23.05 10.86 -45.72
CA ASP H 378 -23.76 12.11 -45.48
C ASP H 378 -23.97 12.40 -44.00
N ARG H 379 -23.32 11.64 -43.12
CA ARG H 379 -23.42 11.89 -41.68
C ARG H 379 -22.75 13.22 -41.34
N PRO H 380 -23.47 14.17 -40.75
CA PRO H 380 -22.88 15.48 -40.49
C PRO H 380 -21.81 15.41 -39.41
N TYR H 381 -20.79 16.25 -39.58
CA TYR H 381 -19.70 16.33 -38.62
C TYR H 381 -18.96 17.65 -38.82
N LYS H 382 -18.19 18.02 -37.81
CA LYS H 382 -17.21 19.10 -37.91
C LYS H 382 -15.91 18.64 -37.29
N GLU H 383 -14.82 19.27 -37.71
CA GLU H 383 -13.51 18.94 -37.22
C GLU H 383 -13.19 19.78 -36.00
N SER H 384 -12.75 19.12 -34.93
CA SER H 384 -12.09 19.80 -33.83
C SER H 384 -10.59 19.72 -34.06
N TYR H 385 -9.89 20.77 -33.63
CA TYR H 385 -8.44 20.78 -33.78
C TYR H 385 -7.83 21.49 -32.58
N GLY H 386 -6.55 21.18 -32.32
CA GLY H 386 -5.90 21.69 -31.14
C GLY H 386 -5.41 23.12 -31.28
N MET H 387 -5.19 23.75 -30.13
CA MET H 387 -4.55 25.06 -30.09
C MET H 387 -3.04 24.98 -30.26
N ALA H 388 -2.44 23.80 -30.01
CA ALA H 388 -1.04 23.54 -30.27
C ALA H 388 -0.13 24.57 -29.61
N SER H 389 0.73 25.23 -30.40
CA SER H 389 1.73 26.13 -29.86
C SER H 389 1.13 27.35 -29.17
N LYS H 390 -0.17 27.60 -29.33
CA LYS H 390 -0.82 28.68 -28.60
C LYS H 390 -0.90 28.39 -27.10
N ARG H 391 -0.61 27.16 -26.68
CA ARG H 391 -0.52 26.83 -25.26
C ARG H 391 0.91 26.64 -24.79
N ALA H 392 1.91 26.88 -25.64
CA ALA H 392 3.28 26.52 -25.32
C ALA H 392 4.10 27.76 -24.97
N VAL H 393 5.12 27.56 -24.14
CA VAL H 393 6.07 28.61 -23.84
C VAL H 393 6.96 28.85 -25.05
N ALA H 394 7.16 30.12 -25.39
CA ALA H 394 8.03 30.49 -26.49
C ALA H 394 8.86 31.70 -26.06
N ALA H 395 10.15 31.65 -26.34
CA ALA H 395 11.03 32.77 -26.03
C ALA H 395 10.70 33.97 -26.93
N ARG H 396 11.19 35.14 -26.52
CA ARG H 396 10.95 36.37 -27.27
C ARG H 396 11.47 36.24 -28.69
N THR H 397 10.64 36.61 -29.65
CA THR H 397 10.96 36.51 -31.06
C THR H 397 11.71 37.73 -31.59
N ALA H 398 12.19 38.62 -30.72
CA ALA H 398 12.95 39.78 -31.15
C ALA H 398 14.28 39.35 -31.76
N GLY H 399 14.56 39.86 -32.96
CA GLY H 399 15.77 39.50 -33.67
C GLY H 399 15.74 38.10 -34.27
N ASP H 400 14.58 37.67 -34.76
CA ASP H 400 14.39 36.31 -35.27
C ASP H 400 14.69 36.31 -36.76
N SER H 401 15.78 35.63 -37.14
CA SER H 401 16.05 35.37 -38.55
C SER H 401 15.06 34.35 -39.09
N SER H 402 14.90 34.34 -40.43
CA SER H 402 14.09 33.30 -41.06
C SER H 402 14.63 31.92 -40.75
N PHE H 403 15.94 31.81 -40.49
CA PHE H 403 16.52 30.57 -40.00
C PHE H 403 16.04 30.26 -38.59
N ASP H 404 16.02 31.26 -37.72
CA ASP H 404 15.60 31.03 -36.34
C ASP H 404 14.12 30.69 -36.26
N ARG H 405 13.29 31.27 -37.14
CA ARG H 405 11.87 30.92 -37.13
C ARG H 405 11.67 29.45 -37.47
N ALA H 406 12.46 28.93 -38.42
CA ALA H 406 12.32 27.53 -38.81
C ALA H 406 12.98 26.58 -37.81
N ARG H 407 14.03 27.05 -37.12
CA ARG H 407 14.64 26.23 -36.08
C ARG H 407 13.64 25.94 -34.96
N LYS H 408 12.94 26.97 -34.50
CA LYS H 408 11.97 26.78 -33.43
C LYS H 408 10.71 26.06 -33.92
N GLY H 409 10.40 26.17 -35.22
CA GLY H 409 9.22 25.50 -35.74
C GLY H 409 9.40 24.02 -35.99
N LEU H 410 10.64 23.54 -36.00
CA LEU H 410 10.87 22.13 -36.31
C LEU H 410 10.31 21.22 -35.23
N PHE H 411 10.46 21.60 -33.97
CA PHE H 411 9.94 20.83 -32.85
C PHE H 411 8.57 21.29 -32.39
N GLU H 412 7.96 22.24 -33.10
CA GLU H 412 6.66 22.76 -32.71
C GLU H 412 5.61 21.66 -32.77
N GLU H 413 4.66 21.72 -31.85
CA GLU H 413 3.55 20.77 -31.85
C GLU H 413 2.63 21.05 -33.03
N GLY H 414 2.33 20.00 -33.79
CA GLY H 414 1.41 20.13 -34.90
C GLY H 414 -0.03 20.23 -34.42
N ILE H 415 -0.91 20.59 -35.35
CA ILE H 415 -2.33 20.76 -35.05
C ILE H 415 -3.03 19.43 -35.31
N SER H 416 -3.42 18.75 -34.25
CA SER H 416 -4.12 17.48 -34.41
C SER H 416 -5.59 17.71 -34.73
N THR H 417 -6.18 16.74 -35.43
CA THR H 417 -7.52 16.86 -35.97
C THR H 417 -8.33 15.63 -35.57
N SER H 418 -9.62 15.85 -35.29
CA SER H 418 -10.52 14.74 -35.00
C SER H 418 -11.92 15.11 -35.48
N ARG H 419 -12.63 14.13 -36.01
CA ARG H 419 -13.97 14.35 -36.55
C ARG H 419 -14.99 14.17 -35.43
N MET H 420 -15.74 15.23 -35.14
CA MET H 420 -16.79 15.22 -34.13
C MET H 420 -18.12 15.23 -34.86
N SER H 421 -18.87 14.12 -34.76
CA SER H 421 -20.10 13.99 -35.51
C SER H 421 -21.25 14.69 -34.80
N LEU H 422 -22.11 15.35 -35.56
CA LEU H 422 -23.33 15.91 -35.00
C LEU H 422 -24.35 14.80 -34.79
N ASP H 423 -25.07 14.88 -33.69
CA ASP H 423 -26.23 14.03 -33.49
C ASP H 423 -27.26 14.36 -34.57
N PRO H 424 -27.62 13.40 -35.43
CA PRO H 424 -28.46 13.76 -36.59
C PRO H 424 -29.83 14.30 -36.21
N ALA H 425 -30.34 13.95 -35.04
CA ALA H 425 -31.63 14.48 -34.59
C ALA H 425 -31.47 15.85 -33.96
N ARG H 426 -30.53 16.00 -33.04
CA ARG H 426 -30.33 17.24 -32.28
C ARG H 426 -28.88 17.69 -32.40
N GLY H 427 -28.61 18.63 -33.31
CA GLY H 427 -27.27 19.07 -33.59
C GLY H 427 -26.83 20.35 -32.92
N GLY H 428 -27.70 21.01 -32.17
CA GLY H 428 -27.30 22.23 -31.49
C GLY H 428 -26.60 21.96 -30.17
N VAL H 429 -25.79 22.95 -29.74
CA VAL H 429 -25.06 22.82 -28.48
C VAL H 429 -26.03 22.85 -27.30
N GLU H 430 -27.20 23.48 -27.46
CA GLU H 430 -28.17 23.53 -26.37
C GLU H 430 -28.79 22.16 -26.11
N ASP H 431 -28.87 21.31 -27.13
CA ASP H 431 -29.32 19.95 -26.91
C ASP H 431 -28.29 19.15 -26.12
N LEU H 432 -26.99 19.41 -26.34
CA LEU H 432 -25.98 18.80 -25.51
C LEU H 432 -26.04 19.32 -24.09
N LEU H 433 -26.36 20.61 -23.92
CA LEU H 433 -26.54 21.15 -22.58
C LEU H 433 -27.70 20.46 -21.86
N ASP H 434 -28.80 20.21 -22.57
CA ASP H 434 -29.88 19.39 -22.03
C ASP H 434 -29.36 18.01 -21.63
N HIS H 435 -28.63 17.36 -22.54
CA HIS H 435 -28.07 16.06 -22.27
C HIS H 435 -27.17 16.10 -21.03
N ILE H 436 -26.25 17.06 -20.98
CA ILE H 436 -25.30 17.14 -19.86
C ILE H 436 -26.01 17.43 -18.56
N THR H 437 -26.79 18.53 -18.52
CA THR H 437 -27.39 18.92 -17.24
C THR H 437 -28.48 17.94 -16.79
N SER H 438 -29.13 17.24 -17.73
CA SER H 438 -30.08 16.21 -17.33
C SER H 438 -29.39 15.10 -16.54
N GLY H 439 -28.23 14.64 -17.04
CA GLY H 439 -27.51 13.61 -16.32
C GLY H 439 -26.98 14.08 -14.98
N VAL H 440 -26.41 15.29 -14.95
CA VAL H 440 -25.86 15.81 -13.71
C VAL H 440 -26.94 16.00 -12.65
N ARG H 441 -28.15 16.43 -13.07
CA ARG H 441 -29.27 16.53 -12.14
C ARG H 441 -29.68 15.16 -11.62
N SER H 442 -29.68 14.14 -12.49
CA SER H 442 -30.01 12.80 -12.03
C SER H 442 -28.94 12.26 -11.08
N THR H 443 -27.67 12.54 -11.37
CA THR H 443 -26.61 12.15 -10.43
C THR H 443 -26.90 12.71 -9.05
N CYS H 444 -27.30 13.97 -8.99
CA CYS H 444 -27.59 14.60 -7.71
C CYS H 444 -28.79 13.94 -7.01
N THR H 445 -29.85 13.62 -7.76
CA THR H 445 -30.97 12.95 -7.10
C THR H 445 -30.59 11.53 -6.68
N TYR H 446 -29.71 10.85 -7.42
CA TYR H 446 -29.24 9.54 -7.00
C TYR H 446 -28.40 9.63 -5.73
N VAL H 447 -27.55 10.66 -5.63
CA VAL H 447 -26.70 10.86 -4.46
C VAL H 447 -27.49 11.43 -3.29
N GLY H 448 -28.60 12.11 -3.54
CA GLY H 448 -29.31 12.80 -2.50
C GLY H 448 -28.88 14.23 -2.28
N ALA H 449 -28.19 14.83 -3.25
CA ALA H 449 -27.71 16.19 -3.15
C ALA H 449 -28.71 17.15 -3.79
N ALA H 450 -28.90 18.30 -3.15
CA ALA H 450 -29.74 19.35 -3.71
C ALA H 450 -28.94 20.39 -4.48
N ASN H 451 -27.62 20.27 -4.50
CA ASN H 451 -26.77 21.25 -5.17
C ASN H 451 -25.39 20.63 -5.38
N LEU H 452 -24.54 21.36 -6.10
CA LEU H 452 -23.21 20.88 -6.47
C LEU H 452 -22.28 20.70 -5.27
N PRO H 453 -22.26 21.62 -4.29
CA PRO H 453 -21.44 21.34 -3.09
C PRO H 453 -21.88 20.08 -2.35
N GLU H 454 -23.19 19.87 -2.19
CA GLU H 454 -23.68 18.65 -1.55
C GLU H 454 -23.35 17.40 -2.35
N LEU H 455 -23.22 17.53 -3.67
CA LEU H 455 -22.84 16.38 -4.49
C LEU H 455 -21.45 15.88 -4.09
N HIS H 456 -20.49 16.80 -3.97
CA HIS H 456 -19.14 16.39 -3.60
C HIS H 456 -19.05 15.97 -2.15
N GLU H 457 -19.92 16.51 -1.29
CA GLU H 457 -19.87 16.18 0.13
CA GLU H 457 -19.89 16.18 0.13
C GLU H 457 -20.47 14.80 0.41
N LYS H 458 -21.52 14.40 -0.31
CA LYS H 458 -22.24 13.18 0.01
C LYS H 458 -21.91 11.99 -0.88
N VAL H 459 -21.16 12.18 -1.97
CA VAL H 459 -21.03 11.10 -2.95
C VAL H 459 -20.22 9.95 -2.38
N VAL H 460 -20.61 8.73 -2.74
CA VAL H 460 -19.84 7.52 -2.46
C VAL H 460 -19.42 6.92 -3.80
N LEU H 461 -18.13 6.64 -3.95
CA LEU H 461 -17.61 6.15 -5.22
C LEU H 461 -17.08 4.73 -5.05
N GLY H 462 -17.01 4.03 -6.17
CA GLY H 462 -16.37 2.73 -6.22
C GLY H 462 -15.55 2.60 -7.49
N VAL H 463 -14.68 1.60 -7.49
CA VAL H 463 -13.79 1.28 -8.60
C VAL H 463 -14.33 0.05 -9.31
N GLN H 464 -14.22 0.02 -10.63
CA GLN H 464 -14.67 -1.11 -11.43
C GLN H 464 -13.55 -1.57 -12.35
N SER H 465 -13.71 -2.78 -12.89
CA SER H 465 -12.80 -3.32 -13.88
C SER H 465 -13.31 -2.98 -15.29
N ALA H 466 -12.59 -3.47 -16.31
CA ALA H 466 -12.98 -3.18 -17.69
C ALA H 466 -14.38 -3.68 -18.01
N ALA H 467 -14.80 -4.81 -17.43
CA ALA H 467 -16.14 -5.32 -17.69
C ALA H 467 -17.20 -4.48 -16.97
N GLY H 468 -16.84 -3.88 -15.83
CA GLY H 468 -17.79 -3.07 -15.10
C GLY H 468 -18.29 -1.88 -15.90
N PHE H 469 -17.40 -1.26 -16.66
CA PHE H 469 -17.80 -0.08 -17.48
C PHE H 469 -18.76 -0.52 -18.58
N ALA H 470 -18.63 -1.77 -19.06
CA ALA H 470 -19.45 -2.25 -20.17
C ALA H 470 -20.89 -2.53 -19.77
N GLU H 471 -21.27 -2.40 -18.50
CA GLU H 471 -22.64 -2.63 -18.09
C GLU H 471 -23.57 -1.53 -18.60
N GLY H 472 -24.75 -1.94 -19.03
CA GLY H 472 -25.78 -1.02 -19.49
C GLY H 472 -25.83 -0.89 -21.00
N HIS H 473 -26.39 0.23 -21.44
CA HIS H 473 -26.59 0.50 -22.86
C HIS H 473 -25.68 1.65 -23.30
N PRO H 474 -25.13 1.58 -24.52
CA PRO H 474 -24.33 2.69 -25.07
C PRO H 474 -25.16 3.65 -25.91
N VAL I 2 5.44 25.58 3.05
CA VAL I 2 6.76 25.24 3.59
C VAL I 2 7.42 24.21 2.70
N ARG I 3 8.75 24.25 2.65
CA ARG I 3 9.52 23.32 1.85
C ARG I 3 10.15 22.25 2.74
N PHE I 4 9.94 20.99 2.38
CA PHE I 4 10.57 19.86 3.04
C PHE I 4 11.61 19.24 2.13
N LEU I 5 12.60 18.59 2.73
CA LEU I 5 13.54 17.78 1.96
C LEU I 5 12.77 16.75 1.14
N ASP I 6 13.32 16.41 -0.02
CA ASP I 6 12.65 15.47 -0.91
C ASP I 6 12.50 14.11 -0.24
N GLY I 7 11.31 13.53 -0.35
CA GLY I 7 11.00 12.25 0.25
C GLY I 7 10.43 12.31 1.65
N HIS I 8 10.48 13.47 2.30
CA HIS I 8 9.99 13.62 3.67
C HIS I 8 8.51 13.99 3.65
N THR I 9 7.68 12.98 3.38
CA THR I 9 6.23 13.15 3.29
C THR I 9 5.59 12.12 4.21
N PRO I 10 5.70 12.30 5.52
CA PRO I 10 5.27 11.26 6.46
C PRO I 10 3.78 11.01 6.39
N ALA I 11 3.38 9.81 6.83
CA ALA I 11 1.99 9.39 6.88
C ALA I 11 1.33 9.75 8.22
N TYR I 12 1.81 10.81 8.88
CA TYR I 12 1.29 11.27 10.16
C TYR I 12 1.55 12.77 10.27
N ASP I 13 0.84 13.42 11.20
CA ASP I 13 1.06 14.83 11.48
C ASP I 13 2.20 15.02 12.49
N LEU I 14 2.78 16.21 12.47
CA LEU I 14 4.08 16.48 13.08
C LEU I 14 3.96 17.39 14.30
N THR I 15 4.64 17.02 15.38
CA THR I 15 4.86 17.94 16.48
C THR I 15 6.19 18.66 16.28
N TYR I 16 6.52 19.55 17.22
CA TYR I 16 7.79 20.25 17.13
C TYR I 16 8.98 19.29 17.24
N ASN I 17 8.80 18.16 17.92
CA ASN I 17 9.89 17.19 18.09
C ASN I 17 10.17 16.40 16.82
N ASP I 18 9.24 16.37 15.87
CA ASP I 18 9.40 15.51 14.70
C ASP I 18 10.26 16.15 13.60
N VAL I 19 10.47 17.47 13.64
CA VAL I 19 11.03 18.18 12.51
C VAL I 19 12.32 18.90 12.89
N PHE I 20 13.11 19.23 11.89
CA PHE I 20 14.34 19.98 12.07
C PHE I 20 14.51 20.94 10.90
N VAL I 21 15.39 21.92 11.07
CA VAL I 21 15.67 22.93 10.07
C VAL I 21 17.01 22.63 9.43
N VAL I 22 17.05 22.60 8.11
CA VAL I 22 18.29 22.40 7.37
C VAL I 22 18.97 23.77 7.20
N PRO I 23 20.26 23.88 7.45
CA PRO I 23 20.95 25.14 7.16
C PRO I 23 20.96 25.43 5.68
N GLY I 24 20.72 26.69 5.33
CA GLY I 24 20.84 27.17 3.97
C GLY I 24 22.01 28.14 3.80
N ARG I 25 22.21 28.54 2.54
CA ARG I 25 23.26 29.51 2.25
C ARG I 25 22.91 30.87 2.84
N SER I 26 23.83 31.42 3.62
CA SER I 26 23.55 32.64 4.39
C SER I 26 24.64 33.66 4.19
N ASP I 27 24.24 34.90 3.89
CA ASP I 27 25.14 36.04 3.98
C ASP I 27 24.85 36.91 5.20
N VAL I 28 23.92 36.50 6.06
CA VAL I 28 23.57 37.26 7.26
C VAL I 28 24.65 37.07 8.30
N ALA I 29 25.31 38.16 8.69
CA ALA I 29 26.50 38.10 9.53
C ALA I 29 26.20 37.56 10.93
N SER I 30 25.51 38.37 11.75
CA SER I 30 25.34 38.05 13.15
C SER I 30 23.86 38.13 13.53
N ARG I 31 23.57 37.67 14.75
CA ARG I 31 22.20 37.65 15.26
C ARG I 31 21.54 39.02 15.19
N PHE I 32 22.30 40.09 15.46
CA PHE I 32 21.71 41.41 15.57
C PHE I 32 21.33 42.03 14.24
N ASP I 33 21.76 41.45 13.12
CA ASP I 33 21.30 41.89 11.80
C ASP I 33 19.89 41.43 11.50
N VAL I 34 19.35 40.50 12.28
CA VAL I 34 18.01 39.98 12.03
C VAL I 34 16.98 40.93 12.65
N ASP I 35 15.93 41.21 11.90
CA ASP I 35 14.78 41.98 12.38
C ASP I 35 13.71 41.01 12.85
N LEU I 36 13.44 41.00 14.16
CA LEU I 36 12.47 40.10 14.78
C LEU I 36 11.08 40.70 14.91
N SER I 37 10.84 41.86 14.30
CA SER I 37 9.53 42.51 14.36
C SER I 37 8.48 41.66 13.64
N THR I 38 7.23 41.77 14.11
CA THR I 38 6.13 41.01 13.54
C THR I 38 5.29 41.87 12.62
N VAL I 39 4.53 41.20 11.77
CA VAL I 39 3.78 41.83 10.70
C VAL I 39 2.27 41.61 10.83
N ASP I 40 1.80 41.13 11.98
CA ASP I 40 0.40 40.77 12.16
C ASP I 40 -0.44 41.88 12.77
N GLY I 41 0.12 43.08 12.94
CA GLY I 41 -0.61 44.16 13.55
C GLY I 41 -0.59 44.18 15.07
N SER I 42 -0.02 43.16 15.72
CA SER I 42 0.06 43.20 17.18
C SER I 42 0.98 44.32 17.65
N GLY I 43 1.99 44.66 16.86
CA GLY I 43 2.95 45.64 17.26
C GLY I 43 4.07 45.11 18.13
N THR I 44 4.23 43.80 18.24
CA THR I 44 5.36 43.25 18.98
C THR I 44 6.62 43.35 18.13
N THR I 45 7.74 43.67 18.78
CA THR I 45 9.01 43.72 18.09
C THR I 45 9.81 42.42 18.22
N ILE I 46 9.30 41.47 19.00
CA ILE I 46 9.82 40.10 19.06
C ILE I 46 8.61 39.18 18.95
N PRO I 47 8.75 37.98 18.39
CA PRO I 47 7.59 37.08 18.18
C PRO I 47 7.16 36.35 19.45
N VAL I 48 6.87 37.11 20.50
CA VAL I 48 6.55 36.55 21.81
C VAL I 48 5.28 37.22 22.34
N VAL I 49 4.25 36.43 22.57
CA VAL I 49 3.02 36.86 23.22
C VAL I 49 2.81 36.00 24.46
N VAL I 50 2.47 36.63 25.59
CA VAL I 50 2.24 35.91 26.84
C VAL I 50 0.77 35.51 26.91
N ALA I 51 0.52 34.23 27.22
CA ALA I 51 -0.82 33.68 27.17
C ALA I 51 -1.74 34.31 28.22
N ASN I 52 -3.03 34.36 27.88
CA ASN I 52 -4.05 34.94 28.76
C ASN I 52 -4.42 33.90 29.81
N MET I 53 -3.57 33.81 30.84
CA MET I 53 -3.71 32.85 31.92
C MET I 53 -3.42 33.55 33.23
N THR I 54 -4.25 33.28 34.25
CA THR I 54 -4.11 33.95 35.53
C THR I 54 -2.78 33.62 36.21
N ALA I 55 -2.19 32.47 35.90
CA ALA I 55 -0.91 32.08 36.47
C ALA I 55 0.25 32.86 35.89
N VAL I 56 0.05 33.55 34.76
CA VAL I 56 1.15 34.13 34.00
C VAL I 56 0.95 35.63 33.77
N ALA I 57 -0.25 36.02 33.31
CA ALA I 57 -0.46 37.33 32.72
C ALA I 57 -0.90 38.33 33.79
N GLY I 58 0.05 38.74 34.62
CA GLY I 58 -0.19 39.70 35.66
C GLY I 58 0.40 41.07 35.33
N ARG I 59 0.19 41.99 36.27
CA ARG I 59 0.63 43.37 36.10
C ARG I 59 2.14 43.45 35.86
N ARG I 60 2.92 42.79 36.71
CA ARG I 60 4.37 42.84 36.57
C ARG I 60 4.83 42.15 35.29
N MET I 61 4.18 41.05 34.91
CA MET I 61 4.51 40.40 33.65
C MET I 61 4.26 41.32 32.46
N ALA I 62 3.15 42.06 32.48
CA ALA I 62 2.78 42.87 31.33
C ALA I 62 3.77 44.00 31.09
N GLU I 63 4.22 44.64 32.17
CA GLU I 63 5.22 45.70 32.04
C GLU I 63 6.53 45.15 31.49
N THR I 64 7.01 44.06 32.09
CA THR I 64 8.36 43.59 31.79
C THR I 64 8.47 43.07 30.36
N VAL I 65 7.46 42.32 29.90
CA VAL I 65 7.52 41.78 28.56
C VAL I 65 7.37 42.88 27.52
N ALA I 66 6.43 43.81 27.73
CA ALA I 66 6.20 44.86 26.76
C ALA I 66 7.43 45.74 26.57
N ARG I 67 8.17 46.00 27.66
CA ARG I 67 9.38 46.81 27.55
C ARG I 67 10.40 46.15 26.63
N ARG I 68 10.35 44.82 26.52
CA ARG I 68 11.31 44.08 25.71
C ARG I 68 10.75 43.72 24.34
N GLY I 69 9.54 44.16 24.01
CA GLY I 69 9.00 44.02 22.66
C GLY I 69 7.85 43.05 22.53
N GLY I 70 7.58 42.22 23.52
CA GLY I 70 6.44 41.32 23.46
C GLY I 70 5.16 42.02 23.90
N ILE I 71 4.11 41.23 24.07
CA ILE I 71 2.83 41.72 24.56
C ILE I 71 2.18 40.65 25.41
N VAL I 72 1.44 41.09 26.43
CA VAL I 72 0.77 40.22 27.39
C VAL I 72 -0.73 40.40 27.23
N VAL I 73 -1.46 39.29 27.18
CA VAL I 73 -2.91 39.29 27.02
C VAL I 73 -3.54 39.07 28.39
N LEU I 74 -4.24 40.08 28.89
CA LEU I 74 -4.89 39.95 30.19
C LEU I 74 -5.93 38.84 30.14
N PRO I 75 -6.04 38.02 31.19
CA PRO I 75 -6.96 36.88 31.14
C PRO I 75 -8.41 37.33 31.11
N GLN I 76 -9.24 36.51 30.43
CA GLN I 76 -10.66 36.82 30.32
C GLN I 76 -11.31 36.80 31.70
N ASP I 77 -12.42 37.53 31.82
CA ASP I 77 -13.24 37.65 33.03
C ASP I 77 -12.53 38.39 34.16
N LEU I 78 -11.35 38.94 33.93
CA LEU I 78 -10.78 39.89 34.87
C LEU I 78 -11.70 41.09 34.97
N PRO I 79 -12.15 41.46 36.17
CA PRO I 79 -13.11 42.57 36.30
C PRO I 79 -12.60 43.84 35.63
N ILE I 80 -13.55 44.61 35.07
CA ILE I 80 -13.19 45.74 34.21
C ILE I 80 -12.42 46.80 34.99
N THR I 81 -12.72 46.98 36.29
CA THR I 81 -11.97 47.94 37.08
C THR I 81 -10.54 47.49 37.33
N ALA I 82 -10.31 46.17 37.41
CA ALA I 82 -8.93 45.68 37.50
C ALA I 82 -8.22 45.75 36.16
N VAL I 83 -8.96 45.54 35.06
CA VAL I 83 -8.38 45.74 33.73
C VAL I 83 -7.85 47.15 33.60
N SER I 84 -8.72 48.14 33.83
CA SER I 84 -8.32 49.54 33.70
C SER I 84 -7.16 49.88 34.62
N GLU I 85 -7.16 49.35 35.85
CA GLU I 85 -6.01 49.51 36.74
C GLU I 85 -4.74 49.01 36.09
N THR I 86 -4.75 47.74 35.65
CA THR I 86 -3.55 47.15 35.06
C THR I 86 -3.08 47.93 33.84
N VAL I 87 -4.02 48.39 33.01
CA VAL I 87 -3.64 49.15 31.82
C VAL I 87 -2.98 50.46 32.22
N ASP I 88 -3.60 51.20 33.14
CA ASP I 88 -3.03 52.49 33.54
C ASP I 88 -1.62 52.34 34.09
N PHE I 89 -1.39 51.34 34.92
CA PHE I 89 -0.04 51.09 35.43
C PHE I 89 0.94 50.82 34.30
N VAL I 90 0.60 49.87 33.42
CA VAL I 90 1.50 49.50 32.32
C VAL I 90 1.75 50.70 31.40
N LYS I 91 0.69 51.45 31.08
CA LYS I 91 0.83 52.58 30.16
C LYS I 91 1.63 53.74 30.76
N SER I 92 1.82 53.77 32.07
CA SER I 92 2.59 54.82 32.74
C SER I 92 4.02 54.39 33.05
N ARG I 93 4.45 53.21 32.63
CA ARG I 93 5.79 52.73 32.92
C ARG I 93 6.81 53.39 31.99
N ASP I 94 8.03 53.50 32.48
CA ASP I 94 9.11 54.04 31.66
C ASP I 94 9.59 53.01 30.65
N LEU I 95 10.00 53.48 29.48
CA LEU I 95 10.40 52.59 28.40
C LEU I 95 11.77 51.96 28.63
N VAL I 96 12.57 52.50 29.55
CA VAL I 96 13.89 52.00 29.86
C VAL I 96 14.02 51.60 31.32
N VAL I 97 13.54 52.46 32.21
CA VAL I 97 13.66 52.25 33.65
C VAL I 97 12.55 51.32 34.13
N ASP I 98 12.92 50.29 34.88
CA ASP I 98 11.98 49.31 35.40
C ASP I 98 11.44 49.74 36.77
N THR I 99 10.25 49.25 37.09
CA THR I 99 9.65 49.52 38.40
C THR I 99 10.22 48.57 39.45
N PRO I 100 10.80 49.07 40.54
CA PRO I 100 11.40 48.19 41.54
C PRO I 100 10.39 47.69 42.57
N VAL I 101 10.86 46.76 43.40
CA VAL I 101 10.18 46.45 44.65
C VAL I 101 10.49 47.56 45.65
N THR I 102 9.46 48.07 46.30
CA THR I 102 9.61 49.14 47.29
C THR I 102 9.32 48.60 48.68
N LEU I 103 10.03 49.13 49.67
CA LEU I 103 9.91 48.69 51.06
C LEU I 103 9.76 49.90 51.98
N SER I 104 8.90 49.74 52.98
CA SER I 104 8.80 50.70 54.06
C SER I 104 9.81 50.35 55.16
N PRO I 105 10.40 51.35 55.82
CA PRO I 105 11.33 51.05 56.91
C PRO I 105 10.71 50.26 58.04
N GLU I 106 9.38 50.26 58.15
CA GLU I 106 8.69 49.53 59.21
C GLU I 106 8.27 48.13 58.80
N ASP I 107 8.58 47.70 57.58
CA ASP I 107 8.27 46.34 57.16
C ASP I 107 9.17 45.34 57.87
N SER I 108 8.69 44.11 57.99
CA SER I 108 9.49 43.06 58.60
C SER I 108 10.47 42.49 57.59
N VAL I 109 11.56 41.91 58.11
CA VAL I 109 12.54 41.26 57.25
C VAL I 109 11.91 40.07 56.54
N SER I 110 11.00 39.37 57.23
CA SER I 110 10.24 38.30 56.61
C SER I 110 9.42 38.81 55.42
N ASP I 111 8.77 39.97 55.58
CA ASP I 111 8.04 40.55 54.46
C ASP I 111 8.99 41.09 53.39
N ALA I 112 10.21 41.46 53.78
CA ALA I 112 11.12 42.07 52.81
C ALA I 112 11.61 41.05 51.79
N ASN I 113 12.22 39.96 52.25
CA ASN I 113 12.77 39.01 51.29
C ASN I 113 11.70 38.12 50.68
N ALA I 114 10.43 38.28 51.09
CA ALA I 114 9.33 37.71 50.33
C ALA I 114 9.02 38.56 49.09
N LEU I 115 8.89 39.87 49.27
CA LEU I 115 8.61 40.76 48.15
C LEU I 115 9.83 40.94 47.24
N LEU I 116 11.02 40.66 47.76
CA LEU I 116 12.25 40.80 46.99
C LEU I 116 12.18 40.05 45.67
N HIS I 117 11.56 38.88 45.66
CA HIS I 117 11.52 37.99 44.50
C HIS I 117 10.35 38.26 43.58
N LYS I 118 9.62 39.35 43.78
CA LYS I 118 8.61 39.72 42.80
C LYS I 118 9.21 40.41 41.58
N ARG I 119 10.47 40.81 41.66
CA ARG I 119 11.21 41.34 40.52
C ARG I 119 12.55 40.62 40.45
N ALA I 120 13.27 40.87 39.36
CA ALA I 120 14.54 40.21 39.07
C ALA I 120 15.74 41.09 39.36
N HIS I 121 15.56 42.20 40.09
CA HIS I 121 16.64 43.15 40.31
C HIS I 121 17.63 42.70 41.38
N GLY I 122 17.24 41.75 42.24
CA GLY I 122 18.09 41.34 43.33
C GLY I 122 18.15 42.31 44.49
N ALA I 123 17.34 43.36 44.46
CA ALA I 123 17.31 44.32 45.55
C ALA I 123 15.99 45.09 45.50
N ALA I 124 15.51 45.49 46.66
CA ALA I 124 14.36 46.37 46.78
C ALA I 124 14.82 47.72 47.32
N VAL I 125 14.08 48.76 46.96
CA VAL I 125 14.39 50.12 47.38
C VAL I 125 13.54 50.47 48.59
N VAL I 126 14.18 50.94 49.65
CA VAL I 126 13.46 51.45 50.82
C VAL I 126 13.09 52.89 50.56
N VAL I 127 11.81 53.21 50.70
CA VAL I 127 11.26 54.50 50.28
C VAL I 127 10.61 55.17 51.48
N PHE I 128 10.95 56.44 51.70
CA PHE I 128 10.30 57.27 52.71
C PHE I 128 9.84 58.55 52.05
N GLU I 129 8.52 58.78 52.06
CA GLU I 129 7.91 59.96 51.45
C GLU I 129 8.31 60.12 49.99
N GLY I 130 8.52 59.01 49.29
CA GLY I 130 8.90 59.03 47.90
C GLY I 130 10.40 59.03 47.65
N ARG I 131 11.21 59.33 48.66
CA ARG I 131 12.65 59.44 48.44
C ARG I 131 13.33 58.11 48.78
N PRO I 132 14.17 57.58 47.89
CA PRO I 132 14.91 56.35 48.20
C PRO I 132 15.93 56.59 49.30
N ILE I 133 15.89 55.73 50.32
CA ILE I 133 16.82 55.86 51.44
C ILE I 133 17.78 54.68 51.56
N GLY I 134 17.65 53.65 50.74
CA GLY I 134 18.55 52.52 50.84
C GLY I 134 18.01 51.30 50.12
N LEU I 135 18.84 50.27 50.11
CA LEU I 135 18.57 49.03 49.38
C LEU I 135 18.61 47.84 50.32
N VAL I 136 17.73 46.87 50.08
CA VAL I 136 17.70 45.62 50.83
C VAL I 136 17.96 44.49 49.85
N THR I 137 18.97 43.67 50.14
CA THR I 137 19.30 42.51 49.32
C THR I 137 18.93 41.23 50.04
N GLU I 138 19.18 40.10 49.37
CA GLU I 138 19.00 38.81 50.00
C GLU I 138 19.98 38.62 51.15
N ALA I 139 21.24 39.03 50.96
CA ALA I 139 22.24 38.86 52.00
C ALA I 139 21.90 39.64 53.27
N ASN I 140 21.25 40.80 53.12
CA ASN I 140 20.90 41.61 54.28
C ASN I 140 19.93 40.88 55.20
N CYS I 141 19.02 40.09 54.63
CA CYS I 141 17.98 39.44 55.42
C CYS I 141 18.50 38.22 56.18
N ALA I 142 19.64 37.67 55.82
CA ALA I 142 20.15 36.46 56.46
C ALA I 142 20.79 36.78 57.80
N GLY I 143 20.62 35.86 58.76
CA GLY I 143 21.24 35.98 60.06
C GLY I 143 20.63 37.00 60.99
N VAL I 144 19.69 37.81 60.53
CA VAL I 144 19.03 38.78 61.39
C VAL I 144 17.68 38.21 61.82
N ASP I 145 17.14 38.75 62.92
CA ASP I 145 15.81 38.35 63.36
C ASP I 145 14.80 38.63 62.26
N ARG I 146 14.01 37.61 61.89
CA ARG I 146 13.10 37.74 60.77
C ARG I 146 12.01 38.78 61.03
N PHE I 147 11.78 39.15 62.29
CA PHE I 147 10.81 40.20 62.61
C PHE I 147 11.47 41.52 62.95
N ALA I 148 12.78 41.62 62.74
CA ALA I 148 13.42 42.94 62.81
C ALA I 148 12.90 43.83 61.69
N ARG I 149 13.06 45.13 61.88
CA ARG I 149 12.57 46.09 60.91
C ARG I 149 13.59 46.27 59.78
N VAL I 150 13.06 46.65 58.61
CA VAL I 150 13.88 46.83 57.40
C VAL I 150 14.95 47.88 57.63
N ARG I 151 14.61 48.94 58.38
CA ARG I 151 15.53 50.07 58.55
C ARG I 151 16.88 49.63 59.11
N ASP I 152 16.92 48.51 59.83
CA ASP I 152 18.17 48.11 60.48
C ASP I 152 19.13 47.43 59.50
N ILE I 153 18.62 46.76 58.46
CA ILE I 153 19.49 46.02 57.55
C ILE I 153 19.76 46.74 56.23
N ALA I 154 19.05 47.83 55.94
CA ALA I 154 19.18 48.51 54.66
C ALA I 154 20.58 49.12 54.51
N LEU I 155 21.10 49.07 53.28
CA LEU I 155 22.35 49.75 52.94
C LEU I 155 22.06 51.20 52.59
N SER I 156 22.69 52.13 53.31
CA SER I 156 22.54 53.54 52.99
C SER I 156 23.31 53.94 51.74
N ASP I 157 24.22 53.09 51.26
CA ASP I 157 25.06 53.40 50.11
C ASP I 157 24.52 52.69 48.87
N PHE I 158 24.23 53.46 47.83
CA PHE I 158 23.79 52.91 46.56
C PHE I 158 24.07 53.92 45.45
N VAL I 159 24.32 53.40 44.24
CA VAL I 159 24.48 54.26 43.07
C VAL I 159 23.13 54.85 42.71
N THR I 160 23.13 56.15 42.40
CA THR I 160 21.93 56.86 42.02
C THR I 160 22.26 57.82 40.88
N ALA I 161 21.29 58.00 39.99
CA ALA I 161 21.44 58.84 38.82
C ALA I 161 20.06 59.35 38.42
N PRO I 162 19.98 60.52 37.79
CA PRO I 162 18.68 61.03 37.33
C PRO I 162 18.10 60.18 36.21
N VAL I 163 16.80 59.94 36.27
CA VAL I 163 16.12 59.26 35.17
C VAL I 163 16.26 60.11 33.90
N GLY I 164 16.63 59.46 32.81
CA GLY I 164 17.00 60.16 31.58
C GLY I 164 18.48 60.07 31.26
N THR I 165 19.31 59.65 32.21
CA THR I 165 20.70 59.38 31.91
C THR I 165 20.80 58.24 30.91
N ASP I 166 21.76 58.34 30.00
CA ASP I 166 21.87 57.35 28.95
C ASP I 166 22.18 55.97 29.54
N PRO I 167 21.52 54.90 29.08
CA PRO I 167 21.80 53.57 29.61
C PRO I 167 23.28 53.20 29.56
N ARG I 168 24.03 53.75 28.62
CA ARG I 168 25.46 53.43 28.55
C ARG I 168 26.21 54.07 29.72
N GLU I 169 25.73 55.23 30.19
CA GLU I 169 26.37 55.85 31.34
C GLU I 169 26.02 55.13 32.62
N VAL I 170 24.74 54.78 32.80
CA VAL I 170 24.33 54.00 33.97
C VAL I 170 25.10 52.69 34.04
N PHE I 171 25.29 52.04 32.89
CA PHE I 171 26.10 50.82 32.83
C PHE I 171 27.50 51.08 33.37
N ASP I 172 28.13 52.17 32.92
CA ASP I 172 29.48 52.49 33.37
C ASP I 172 29.52 52.85 34.85
N LEU I 173 28.53 53.61 35.32
CA LEU I 173 28.48 53.99 36.73
C LEU I 173 28.40 52.78 37.65
N LEU I 174 27.85 51.68 37.17
CA LEU I 174 27.61 50.50 38.00
C LEU I 174 28.75 49.49 37.95
N GLU I 175 29.79 49.72 37.14
CA GLU I 175 30.79 48.69 36.91
C GLU I 175 31.46 48.26 38.21
N HIS I 176 31.79 49.21 39.07
CA HIS I 176 32.45 48.90 40.34
C HIS I 176 31.52 49.03 41.54
N ALA I 177 30.21 49.08 41.32
CA ALA I 177 29.27 49.17 42.43
C ALA I 177 29.16 47.81 43.13
N PRO I 178 29.10 47.79 44.46
CA PRO I 178 28.86 46.52 45.16
C PRO I 178 27.57 45.83 44.75
N ILE I 179 26.54 46.60 44.42
CA ILE I 179 25.24 46.07 44.04
C ILE I 179 24.91 46.57 42.64
N ASP I 180 24.45 45.66 41.78
CA ASP I 180 24.22 45.94 40.37
C ASP I 180 22.88 46.62 40.13
N VAL I 181 22.42 47.44 41.08
CA VAL I 181 21.20 48.22 40.92
C VAL I 181 21.58 49.70 40.93
N ALA I 182 21.01 50.46 39.99
CA ALA I 182 21.13 51.91 39.99
C ALA I 182 19.75 52.51 40.27
N VAL I 183 19.67 53.39 41.25
CA VAL I 183 18.41 54.02 41.64
C VAL I 183 18.24 55.27 40.79
N MET I 184 17.20 55.28 39.95
CA MET I 184 16.91 56.42 39.08
C MET I 184 15.94 57.36 39.78
N THR I 185 16.25 58.66 39.75
CA THR I 185 15.53 59.66 40.52
C THR I 185 14.85 60.66 39.60
N ALA I 186 13.64 61.07 39.97
CA ALA I 186 12.96 62.17 39.34
C ALA I 186 13.68 63.48 39.68
N PRO I 187 13.35 64.57 38.98
CA PRO I 187 14.03 65.85 39.29
C PRO I 187 13.90 66.29 40.73
N ASP I 188 12.77 66.01 41.40
CA ASP I 188 12.60 66.42 42.78
C ASP I 188 13.32 65.50 43.77
N GLY I 189 14.03 64.49 43.29
CA GLY I 189 14.77 63.58 44.15
C GLY I 189 14.05 62.29 44.49
N THR I 190 12.77 62.17 44.13
CA THR I 190 11.99 60.99 44.45
C THR I 190 12.43 59.81 43.57
N LEU I 191 11.85 58.64 43.86
CA LEU I 191 12.23 57.41 43.17
C LEU I 191 11.44 57.29 41.87
N ALA I 192 12.17 57.18 40.75
CA ALA I 192 11.55 56.94 39.45
C ALA I 192 11.64 55.49 39.00
N GLY I 193 12.51 54.69 39.59
CA GLY I 193 12.66 53.30 39.24
C GLY I 193 14.10 52.85 39.41
N VAL I 194 14.43 51.73 38.79
CA VAL I 194 15.78 51.17 38.88
C VAL I 194 16.25 50.78 37.48
N LEU I 195 17.56 50.63 37.35
CA LEU I 195 18.17 50.16 36.12
C LEU I 195 19.41 49.36 36.50
N THR I 196 19.48 48.10 36.07
CA THR I 196 20.65 47.27 36.29
C THR I 196 21.55 47.31 35.06
N ARG I 197 22.75 46.73 35.20
CA ARG I 197 23.67 46.64 34.08
C ARG I 197 23.07 45.81 32.95
N THR I 198 22.34 44.74 33.29
CA THR I 198 21.72 43.92 32.27
C THR I 198 20.55 44.64 31.62
N GLY I 199 19.77 45.38 32.41
CA GLY I 199 18.69 46.18 31.84
C GLY I 199 19.19 47.28 30.92
N ALA I 200 20.40 47.79 31.18
CA ALA I 200 20.97 48.80 30.29
C ALA I 200 21.43 48.18 28.98
N ILE I 201 21.97 46.96 29.05
CA ILE I 201 22.25 46.21 27.82
C ILE I 201 20.95 45.95 27.07
N ARG I 202 19.93 45.46 27.77
CA ARG I 202 18.68 45.08 27.12
C ARG I 202 18.00 46.27 26.43
N ALA I 203 18.19 47.48 26.96
CA ALA I 203 17.61 48.66 26.33
C ALA I 203 18.21 48.95 24.97
N GLY I 204 19.43 48.47 24.72
CA GLY I 204 20.02 48.59 23.40
C GLY I 204 19.74 47.44 22.46
N ILE I 205 19.13 46.36 22.96
CA ILE I 205 18.82 45.19 22.15
C ILE I 205 17.34 45.15 21.79
N TYR I 206 16.48 45.29 22.79
CA TYR I 206 15.05 45.14 22.58
C TYR I 206 14.37 46.48 22.33
N THR I 207 13.44 46.48 21.38
CA THR I 207 12.63 47.66 21.08
C THR I 207 11.30 47.54 21.78
N PRO I 208 10.98 48.44 22.72
CA PRO I 208 9.72 48.31 23.45
C PRO I 208 8.52 48.33 22.51
N ALA I 209 7.50 47.56 22.88
CA ALA I 209 6.26 47.50 22.12
C ALA I 209 5.35 48.60 22.64
N VAL I 210 5.10 49.61 21.81
CA VAL I 210 4.41 50.82 22.23
C VAL I 210 3.21 51.07 21.31
N ASP I 211 2.27 51.87 21.81
CA ASP I 211 1.11 52.30 21.03
C ASP I 211 1.44 53.61 20.32
N ALA I 212 0.41 54.23 19.72
CA ALA I 212 0.65 55.46 18.96
C ALA I 212 1.15 56.59 19.84
N LYS I 213 0.70 56.64 21.10
CA LYS I 213 1.13 57.65 22.05
C LYS I 213 2.42 57.28 22.77
N GLY I 214 3.10 56.20 22.37
CA GLY I 214 4.38 55.86 22.94
C GLY I 214 4.36 55.12 24.26
N ARG I 215 3.21 54.57 24.64
CA ARG I 215 3.08 53.83 25.89
C ARG I 215 3.10 52.35 25.60
N LEU I 216 3.57 51.57 26.59
CA LEU I 216 3.70 50.13 26.43
C LEU I 216 2.38 49.50 26.03
N ARG I 217 2.45 48.58 25.06
CA ARG I 217 1.25 47.89 24.60
C ARG I 217 0.78 46.85 25.61
N ILE I 218 -0.53 46.58 25.57
CA ILE I 218 -1.13 45.53 26.39
C ILE I 218 -2.37 45.03 25.65
N ALA I 219 -2.73 43.78 25.90
CA ALA I 219 -3.87 43.15 25.25
C ALA I 219 -4.80 42.55 26.29
N ALA I 220 -6.03 42.25 25.87
CA ALA I 220 -7.02 41.70 26.77
C ALA I 220 -7.77 40.57 26.06
N ALA I 221 -8.23 39.60 26.85
CA ALA I 221 -8.96 38.45 26.34
C ALA I 221 -10.42 38.52 26.79
N VAL I 222 -11.27 37.87 26.03
CA VAL I 222 -12.69 37.74 26.36
C VAL I 222 -13.16 36.36 25.90
N GLY I 223 -14.01 35.73 26.70
CA GLY I 223 -14.65 34.49 26.31
C GLY I 223 -15.87 34.75 25.45
N ILE I 224 -16.50 33.67 24.97
CA ILE I 224 -17.63 33.80 24.07
C ILE I 224 -18.98 33.71 24.77
N ASN I 225 -18.99 33.61 26.10
CA ASN I 225 -20.22 33.61 26.87
C ASN I 225 -20.65 35.04 27.19
N GLY I 226 -21.93 35.21 27.50
CA GLY I 226 -22.44 36.50 27.88
C GLY I 226 -22.56 37.45 26.69
N ASP I 227 -22.41 38.74 26.98
CA ASP I 227 -22.50 39.79 25.97
C ASP I 227 -21.08 40.14 25.53
N VAL I 228 -20.63 39.49 24.45
CA VAL I 228 -19.23 39.58 24.06
C VAL I 228 -18.90 40.95 23.50
N GLY I 229 -19.81 41.51 22.71
CA GLY I 229 -19.58 42.84 22.14
C GLY I 229 -19.44 43.91 23.21
N ALA I 230 -20.28 43.85 24.25
CA ALA I 230 -20.18 44.84 25.31
C ALA I 230 -18.89 44.68 26.10
N LYS I 231 -18.56 43.44 26.47
CA LYS I 231 -17.27 43.18 27.12
C LYS I 231 -16.10 43.67 26.28
N ALA I 232 -16.13 43.39 24.98
CA ALA I 232 -15.05 43.86 24.12
C ALA I 232 -15.03 45.37 24.01
N GLN I 233 -16.20 46.02 24.06
CA GLN I 233 -16.25 47.48 24.00
C GLN I 233 -15.56 48.10 25.19
N ALA I 234 -15.82 47.57 26.39
CA ALA I 234 -15.21 48.11 27.60
C ALA I 234 -13.68 47.95 27.58
N LEU I 235 -13.21 46.75 27.22
CA LEU I 235 -11.77 46.52 27.13
C LEU I 235 -11.11 47.48 26.16
N ALA I 236 -11.72 47.68 24.98
CA ALA I 236 -11.21 48.67 24.05
C ALA I 236 -11.17 50.06 24.67
N GLU I 237 -12.30 50.49 25.25
CA GLU I 237 -12.33 51.79 25.90
C GLU I 237 -11.39 51.86 27.09
N ALA I 238 -11.14 50.73 27.75
CA ALA I 238 -10.17 50.71 28.84
C ALA I 238 -8.75 50.85 28.34
N GLY I 239 -8.52 50.81 27.03
CA GLY I 239 -7.22 51.08 26.46
C GLY I 239 -6.44 49.87 25.97
N ALA I 240 -7.08 48.71 25.84
CA ALA I 240 -6.40 47.55 25.28
C ALA I 240 -6.04 47.81 23.82
N ASP I 241 -4.84 47.37 23.43
CA ASP I 241 -4.36 47.54 22.07
C ASP I 241 -4.73 46.40 21.14
N LEU I 242 -5.14 45.26 21.68
CA LEU I 242 -5.47 44.09 20.89
C LEU I 242 -6.44 43.23 21.69
N LEU I 243 -7.40 42.61 20.99
CA LEU I 243 -8.44 41.82 21.63
C LEU I 243 -8.30 40.36 21.22
N VAL I 244 -8.49 39.46 22.18
CA VAL I 244 -8.42 38.01 21.95
C VAL I 244 -9.75 37.42 22.37
N ILE I 245 -10.49 36.87 21.41
CA ILE I 245 -11.69 36.09 21.70
C ILE I 245 -11.26 34.64 21.82
N ASP I 246 -11.31 34.10 23.02
CA ASP I 246 -10.67 32.84 23.35
C ASP I 246 -11.71 31.81 23.78
N THR I 247 -11.62 30.61 23.21
CA THR I 247 -12.42 29.46 23.65
C THR I 247 -11.67 28.19 23.29
N ALA I 248 -12.00 27.11 24.00
CA ALA I 248 -11.31 25.84 23.77
C ALA I 248 -11.59 25.33 22.36
N HIS I 249 -12.85 25.32 21.95
CA HIS I 249 -13.24 24.85 20.62
C HIS I 249 -13.65 26.05 19.77
N GLY I 250 -12.68 26.62 19.04
CA GLY I 250 -12.95 27.82 18.27
C GLY I 250 -13.80 27.61 17.03
N HIS I 251 -13.87 26.39 16.52
CA HIS I 251 -14.65 26.12 15.31
C HIS I 251 -16.08 25.77 15.69
N GLN I 252 -16.79 26.79 16.18
CA GLN I 252 -18.07 26.58 16.84
C GLN I 252 -18.96 27.78 16.55
N ALA I 253 -20.25 27.52 16.36
CA ALA I 253 -21.18 28.57 15.94
C ALA I 253 -21.16 29.75 16.90
N LYS I 254 -21.04 29.48 18.20
CA LYS I 254 -21.03 30.57 19.18
C LYS I 254 -19.77 31.42 19.07
N MET I 255 -18.68 30.84 18.58
CA MET I 255 -17.48 31.65 18.33
C MET I 255 -17.66 32.53 17.11
N LEU I 256 -18.36 32.02 16.08
CA LEU I 256 -18.62 32.83 14.89
C LEU I 256 -19.53 34.01 15.21
N ASP I 257 -20.56 33.78 16.02
CA ASP I 257 -21.39 34.89 16.47
C ASP I 257 -20.58 35.88 17.29
N ALA I 258 -19.68 35.39 18.14
CA ALA I 258 -18.92 36.28 19.00
C ALA I 258 -17.96 37.16 18.20
N ILE I 259 -17.34 36.61 17.14
CA ILE I 259 -16.44 37.40 16.32
C ILE I 259 -17.23 38.48 15.56
N LYS I 260 -18.39 38.10 15.00
CA LYS I 260 -19.23 39.07 14.30
C LYS I 260 -19.62 40.22 15.22
N ALA I 261 -19.98 39.89 16.47
CA ALA I 261 -20.34 40.91 17.44
C ALA I 261 -19.23 41.95 17.59
N VAL I 262 -18.02 41.50 17.90
CA VAL I 262 -16.92 42.44 18.14
C VAL I 262 -16.59 43.20 16.86
N ALA I 263 -16.51 42.50 15.73
CA ALA I 263 -16.14 43.15 14.47
C ALA I 263 -17.15 44.23 14.09
N SER I 264 -18.44 43.97 14.31
CA SER I 264 -19.46 44.92 13.88
C SER I 264 -19.36 46.25 14.62
N LEU I 265 -18.67 46.30 15.75
CA LEU I 265 -18.50 47.54 16.48
C LEU I 265 -17.39 48.42 15.92
N ASP I 266 -16.60 47.92 14.97
CA ASP I 266 -15.50 48.64 14.36
C ASP I 266 -14.65 49.36 15.41
N LEU I 267 -14.00 48.58 16.27
CA LEU I 267 -13.22 49.13 17.37
C LEU I 267 -11.82 49.56 16.95
N GLY I 268 -11.38 49.19 15.76
CA GLY I 268 -10.08 49.61 15.26
C GLY I 268 -8.90 48.80 15.75
N LEU I 269 -9.13 47.80 16.59
CA LEU I 269 -8.07 46.99 17.17
C LEU I 269 -7.93 45.67 16.43
N PRO I 270 -6.72 45.11 16.41
CA PRO I 270 -6.55 43.75 15.88
C PRO I 270 -7.39 42.76 16.68
N LEU I 271 -8.04 41.84 15.96
CA LEU I 271 -8.94 40.86 16.56
C LEU I 271 -8.36 39.46 16.40
N VAL I 272 -7.91 38.88 17.50
CA VAL I 272 -7.47 37.49 17.54
C VAL I 272 -8.65 36.62 17.94
N ALA I 273 -8.81 35.47 17.28
CA ALA I 273 -9.79 34.48 17.67
C ALA I 273 -9.18 33.08 17.59
N GLY I 274 -9.63 32.21 18.49
CA GLY I 274 -9.12 30.85 18.56
C GLY I 274 -9.87 30.06 19.61
N ASN I 275 -9.56 28.77 19.70
CA ASN I 275 -8.50 28.12 18.93
C ASN I 275 -9.04 27.10 17.94
N VAL I 276 -8.35 26.94 16.82
CA VAL I 276 -8.66 25.94 15.80
C VAL I 276 -7.36 25.26 15.39
N VAL I 277 -7.48 24.16 14.63
CA VAL I 277 -6.31 23.43 14.15
C VAL I 277 -6.51 22.99 12.71
N SER I 278 -7.56 23.47 12.05
CA SER I 278 -7.87 23.09 10.69
C SER I 278 -7.92 24.31 9.78
N ALA I 279 -7.65 24.09 8.49
CA ALA I 279 -7.81 25.17 7.51
C ALA I 279 -9.24 25.65 7.46
N GLU I 280 -10.21 24.74 7.58
CA GLU I 280 -11.60 25.15 7.56
C GLU I 280 -11.93 26.05 8.74
N GLY I 281 -11.44 25.70 9.93
CA GLY I 281 -11.64 26.57 11.08
C GLY I 281 -10.99 27.93 10.89
N THR I 282 -9.78 27.95 10.31
CA THR I 282 -9.09 29.21 10.06
C THR I 282 -9.89 30.10 9.11
N ARG I 283 -10.35 29.53 7.99
CA ARG I 283 -11.15 30.29 7.04
C ARG I 283 -12.38 30.90 7.70
N ASP I 284 -13.14 30.07 8.44
CA ASP I 284 -14.40 30.55 9.00
C ASP I 284 -14.17 31.66 10.00
N LEU I 285 -13.14 31.55 10.84
CA LEU I 285 -12.90 32.60 11.84
C LEU I 285 -12.50 33.91 11.17
N ILE I 286 -11.66 33.85 10.13
CA ILE I 286 -11.28 35.05 9.41
C ILE I 286 -12.47 35.63 8.66
N GLU I 287 -13.27 34.77 8.02
CA GLU I 287 -14.46 35.25 7.34
C GLU I 287 -15.45 35.89 8.30
N ALA I 288 -15.45 35.47 9.57
CA ALA I 288 -16.36 36.07 10.53
C ALA I 288 -15.90 37.43 11.02
N GLY I 289 -14.67 37.84 10.72
CA GLY I 289 -14.17 39.15 11.12
C GLY I 289 -12.87 39.15 11.89
N ALA I 290 -12.30 37.98 12.19
CA ALA I 290 -11.01 37.94 12.86
C ALA I 290 -9.88 38.29 11.88
N SER I 291 -8.92 39.07 12.37
CA SER I 291 -7.71 39.33 11.60
C SER I 291 -6.59 38.35 11.91
N ILE I 292 -6.62 37.72 13.09
CA ILE I 292 -5.60 36.78 13.54
C ILE I 292 -6.30 35.54 14.09
N VAL I 293 -5.81 34.37 13.73
CA VAL I 293 -6.37 33.11 14.18
C VAL I 293 -5.39 32.44 15.13
N LYS I 294 -5.86 32.08 16.32
CA LYS I 294 -5.02 31.43 17.32
C LYS I 294 -5.12 29.91 17.14
N VAL I 295 -3.97 29.25 17.02
CA VAL I 295 -3.92 27.85 16.64
C VAL I 295 -3.41 27.02 17.80
N GLY I 296 -4.16 25.96 18.14
CA GLY I 296 -3.73 25.03 19.16
C GLY I 296 -4.88 24.35 19.88
N VAL I 297 -5.03 23.04 19.66
CA VAL I 297 -5.98 22.23 20.42
C VAL I 297 -5.24 20.94 20.78
N GLY I 298 -4.91 20.77 22.05
CA GLY I 298 -4.14 19.63 22.49
C GLY I 298 -2.77 19.90 23.11
N PRO I 299 -1.95 20.77 22.51
CA PRO I 299 -0.55 20.85 22.95
C PRO I 299 -0.32 21.60 24.25
N GLY I 300 -1.30 22.39 24.73
CA GLY I 300 -1.14 23.17 25.95
C GLY I 300 -0.65 22.36 27.14
N ALA I 301 0.35 22.87 27.84
CA ALA I 301 0.93 22.12 28.96
C ALA I 301 -0.10 21.83 30.04
N MET I 302 -1.13 22.67 30.16
CA MET I 302 -2.22 22.48 31.11
C MET I 302 -3.43 21.80 30.47
N CYS I 303 -3.33 21.39 29.22
CA CYS I 303 -4.46 20.86 28.46
C CYS I 303 -4.52 19.35 28.61
N THR I 304 -5.62 18.85 29.17
CA THR I 304 -5.87 17.41 29.28
C THR I 304 -6.85 16.93 28.22
N THR I 305 -7.04 17.69 27.14
CA THR I 305 -8.03 17.35 26.13
C THR I 305 -7.73 16.00 25.48
N ARG I 306 -6.46 15.74 25.14
CA ARG I 306 -6.11 14.47 24.51
C ARG I 306 -6.54 13.28 25.35
N MET I 307 -6.22 13.29 26.65
CA MET I 307 -6.53 12.13 27.47
C MET I 307 -8.02 12.03 27.77
N MET I 308 -8.73 13.16 27.85
CA MET I 308 -10.17 13.13 28.09
C MET I 308 -10.94 12.74 26.83
N THR I 309 -10.59 13.32 25.68
CA THR I 309 -11.43 13.27 24.49
C THR I 309 -10.80 12.60 23.28
N GLY I 310 -9.48 12.38 23.27
CA GLY I 310 -8.76 11.99 22.08
C GLY I 310 -8.62 13.09 21.04
N VAL I 311 -9.16 14.27 21.30
CA VAL I 311 -9.17 15.36 20.33
C VAL I 311 -7.89 16.16 20.45
N GLY I 312 -7.28 16.47 19.32
CA GLY I 312 -6.05 17.24 19.30
C GLY I 312 -5.43 17.20 17.93
N ARG I 313 -4.32 17.94 17.79
CA ARG I 313 -3.55 17.83 16.57
C ARG I 313 -2.11 18.17 16.90
N PRO I 314 -1.15 17.42 16.36
CA PRO I 314 0.26 17.83 16.48
C PRO I 314 0.44 19.26 16.00
N GLN I 315 1.08 20.07 16.85
CA GLN I 315 0.99 21.53 16.71
C GLN I 315 1.71 22.04 15.46
N PHE I 316 2.83 21.42 15.09
CA PHE I 316 3.56 21.89 13.92
C PHE I 316 2.71 21.77 12.67
N SER I 317 2.15 20.59 12.42
CA SER I 317 1.27 20.41 11.27
C SER I 317 0.02 21.27 11.37
N ALA I 318 -0.46 21.51 12.59
CA ALA I 318 -1.62 22.40 12.74
C ALA I 318 -1.26 23.81 12.29
N VAL I 319 -0.12 24.33 12.75
CA VAL I 319 0.28 25.68 12.39
C VAL I 319 0.55 25.77 10.88
N VAL I 320 1.20 24.75 10.30
CA VAL I 320 1.49 24.76 8.87
C VAL I 320 0.21 24.91 8.06
N GLU I 321 -0.79 24.08 8.36
CA GLU I 321 -2.03 24.08 7.58
C GLU I 321 -2.82 25.37 7.81
N CYS I 322 -2.88 25.85 9.04
CA CYS I 322 -3.70 27.02 9.34
C CYS I 322 -3.02 28.31 8.84
N ALA I 323 -1.70 28.41 8.99
CA ALA I 323 -1.01 29.60 8.48
C ALA I 323 -1.17 29.72 6.97
N ALA I 324 -1.09 28.60 6.25
CA ALA I 324 -1.27 28.68 4.80
C ALA I 324 -2.68 29.10 4.43
N ALA I 325 -3.68 28.66 5.21
CA ALA I 325 -5.05 29.10 4.93
C ALA I 325 -5.24 30.57 5.29
N ALA I 326 -4.62 31.02 6.38
CA ALA I 326 -4.80 32.40 6.80
C ALA I 326 -4.11 33.37 5.85
N ARG I 327 -2.94 33.00 5.33
CA ARG I 327 -2.21 33.88 4.43
C ARG I 327 -2.96 34.07 3.12
N GLN I 328 -3.73 33.08 2.68
CA GLN I 328 -4.51 33.26 1.46
C GLN I 328 -5.62 34.29 1.64
N LEU I 329 -6.08 34.50 2.86
CA LEU I 329 -7.10 35.50 3.13
C LEU I 329 -6.53 36.80 3.68
N GLY I 330 -5.21 36.93 3.70
CA GLY I 330 -4.59 38.12 4.25
C GLY I 330 -4.47 38.12 5.75
N GLY I 331 -4.70 36.99 6.42
CA GLY I 331 -4.65 36.91 7.86
C GLY I 331 -3.35 36.34 8.40
N HIS I 332 -3.35 36.10 9.71
CA HIS I 332 -2.16 35.63 10.40
C HIS I 332 -2.56 34.59 11.44
N VAL I 333 -1.57 33.86 11.91
CA VAL I 333 -1.78 32.75 12.84
C VAL I 333 -0.86 32.94 14.04
N TRP I 334 -1.41 32.77 15.25
CA TRP I 334 -0.63 32.68 16.47
C TRP I 334 -0.49 31.21 16.87
N ALA I 335 0.73 30.74 17.03
CA ALA I 335 0.96 29.37 17.51
C ALA I 335 0.82 29.37 19.02
N ASP I 336 -0.20 28.69 19.54
CA ASP I 336 -0.57 28.76 20.95
C ASP I 336 -0.46 27.37 21.57
N GLY I 337 0.46 27.22 22.51
CA GLY I 337 0.53 26.01 23.31
C GLY I 337 1.74 25.17 22.98
N GLY I 338 2.23 24.46 23.99
CA GLY I 338 3.28 23.47 23.82
C GLY I 338 4.69 24.01 23.67
N VAL I 339 4.92 25.30 23.92
CA VAL I 339 6.26 25.86 23.81
C VAL I 339 7.03 25.57 25.08
N ARG I 340 8.12 24.81 24.96
CA ARG I 340 9.01 24.53 26.08
C ARG I 340 10.44 24.96 25.85
N HIS I 341 10.85 25.23 24.62
CA HIS I 341 12.24 25.52 24.30
C HIS I 341 12.29 26.56 23.21
N PRO I 342 13.40 27.30 23.08
CA PRO I 342 13.50 28.24 21.96
C PRO I 342 13.30 27.60 20.61
N ARG I 343 13.70 26.34 20.44
CA ARG I 343 13.46 25.65 19.17
C ARG I 343 11.98 25.62 18.82
N ASP I 344 11.10 25.59 19.82
CA ASP I 344 9.67 25.54 19.54
C ASP I 344 9.18 26.88 18.98
N VAL I 345 9.72 28.00 19.46
CA VAL I 345 9.37 29.29 18.89
C VAL I 345 9.89 29.38 17.46
N ALA I 346 11.13 28.95 17.23
CA ALA I 346 11.70 29.00 15.88
C ALA I 346 10.89 28.15 14.91
N LEU I 347 10.50 26.95 15.33
CA LEU I 347 9.79 26.06 14.42
C LEU I 347 8.38 26.57 14.13
N ALA I 348 7.72 27.16 15.13
CA ALA I 348 6.41 27.75 14.90
C ALA I 348 6.48 28.88 13.88
N LEU I 349 7.54 29.71 13.96
CA LEU I 349 7.72 30.78 12.98
C LEU I 349 8.05 30.20 11.61
N ALA I 350 8.90 29.17 11.56
CA ALA I 350 9.20 28.54 10.28
C ALA I 350 7.94 27.94 9.66
N ALA I 351 6.99 27.49 10.48
CA ALA I 351 5.76 26.92 9.97
C ALA I 351 4.80 27.96 9.40
N GLY I 352 5.07 29.25 9.63
CA GLY I 352 4.22 30.31 9.08
C GLY I 352 3.45 31.13 10.08
N ALA I 353 3.58 30.84 11.38
CA ALA I 353 2.93 31.67 12.40
C ALA I 353 3.61 33.03 12.46
N SER I 354 2.82 34.07 12.70
CA SER I 354 3.37 35.42 12.82
C SER I 354 3.81 35.75 14.24
N ASN I 355 3.30 35.03 15.23
CA ASN I 355 3.60 35.26 16.64
C ASN I 355 3.41 33.94 17.36
N VAL I 356 4.09 33.78 18.50
CA VAL I 356 4.07 32.54 19.26
C VAL I 356 3.62 32.86 20.67
N MET I 357 2.52 32.24 21.09
CA MET I 357 1.97 32.49 22.42
C MET I 357 2.54 31.47 23.41
N ILE I 358 3.11 31.97 24.50
CA ILE I 358 3.80 31.17 25.50
C ILE I 358 3.06 31.31 26.83
N GLY I 359 2.76 30.18 27.46
CA GLY I 359 2.05 30.18 28.73
C GLY I 359 2.88 29.68 29.90
N SER I 360 2.73 28.40 30.22
CA SER I 360 3.28 27.80 31.44
C SER I 360 4.76 28.10 31.64
N TRP I 361 5.53 28.12 30.56
CA TRP I 361 6.96 28.37 30.66
C TRP I 361 7.24 29.63 31.46
N PHE I 362 6.45 30.67 31.24
CA PHE I 362 6.67 31.96 31.90
C PHE I 362 6.13 32.01 33.32
N ALA I 363 5.38 30.99 33.75
CA ALA I 363 4.94 30.96 35.14
C ALA I 363 6.11 30.76 36.09
N GLY I 364 7.16 30.06 35.64
CA GLY I 364 8.35 29.85 36.43
C GLY I 364 9.34 30.99 36.34
N THR I 365 8.86 32.22 36.58
CA THR I 365 9.71 33.40 36.59
C THR I 365 9.37 34.23 37.83
N TYR I 366 10.26 35.16 38.15
CA TYR I 366 9.98 36.10 39.24
C TYR I 366 8.74 36.93 38.97
N GLU I 367 8.54 37.37 37.72
CA GLU I 367 7.52 38.35 37.40
C GLU I 367 6.11 37.76 37.30
N SER I 368 5.96 36.45 37.33
CA SER I 368 4.63 35.86 37.24
C SER I 368 3.88 36.07 38.55
N PRO I 369 2.54 36.19 38.49
CA PRO I 369 1.79 36.64 39.68
C PRO I 369 1.85 35.68 40.86
N GLY I 370 2.04 34.38 40.64
CA GLY I 370 2.04 33.43 41.73
C GLY I 370 3.17 33.64 42.71
N ASP I 371 3.06 32.97 43.86
CA ASP I 371 4.09 33.04 44.88
C ASP I 371 5.26 32.11 44.53
N LEU I 372 6.47 32.56 44.85
CA LEU I 372 7.66 31.74 44.64
C LEU I 372 7.72 30.65 45.71
N LEU I 373 7.87 29.41 45.28
CA LEU I 373 7.89 28.25 46.18
C LEU I 373 9.20 27.49 46.04
N PHE I 374 9.37 26.49 46.91
CA PHE I 374 10.57 25.68 46.96
C PHE I 374 10.20 24.24 47.24
N ASP I 375 10.92 23.30 46.61
CA ASP I 375 10.64 21.88 46.76
C ASP I 375 11.58 21.26 47.80
N ARG I 376 11.62 19.92 47.83
CA ARG I 376 12.41 19.21 48.84
C ARG I 376 13.88 19.59 48.75
N ASP I 377 14.40 19.76 47.53
CA ASP I 377 15.79 20.16 47.33
C ASP I 377 15.98 21.67 47.33
N ASP I 378 14.95 22.43 47.74
CA ASP I 378 15.00 23.89 47.85
C ASP I 378 15.22 24.57 46.50
N ARG I 379 14.78 23.93 45.40
CA ARG I 379 14.80 24.60 44.11
C ARG I 379 13.60 25.54 43.99
N PRO I 380 13.80 26.76 43.50
CA PRO I 380 12.67 27.67 43.34
C PRO I 380 11.76 27.21 42.21
N TYR I 381 10.46 27.39 42.40
CA TYR I 381 9.47 27.05 41.38
C TYR I 381 8.17 27.78 41.67
N LYS I 382 7.33 27.89 40.64
CA LYS I 382 5.97 28.36 40.80
C LYS I 382 5.03 27.38 40.11
N GLU I 383 3.76 27.45 40.50
CA GLU I 383 2.75 26.55 39.97
C GLU I 383 2.04 27.21 38.80
N SER I 384 2.18 26.62 37.61
CA SER I 384 1.30 26.96 36.52
C SER I 384 0.00 26.16 36.65
N TYR I 385 -1.11 26.76 36.24
CA TYR I 385 -2.39 26.07 36.26
C TYR I 385 -3.26 26.55 35.11
N GLY I 386 -4.17 25.68 34.69
CA GLY I 386 -5.01 25.98 33.55
C GLY I 386 -6.16 26.92 33.88
N MET I 387 -6.67 27.55 32.83
CA MET I 387 -7.84 28.43 32.92
C MET I 387 -9.14 27.65 32.97
N ALA I 388 -9.12 26.34 32.69
CA ALA I 388 -10.27 25.45 32.84
C ALA I 388 -11.55 26.00 32.22
N SER I 389 -12.61 26.11 33.01
CA SER I 389 -13.93 26.49 32.52
C SER I 389 -13.96 27.91 31.97
N LYS I 390 -12.94 28.72 32.22
CA LYS I 390 -12.90 30.05 31.62
C LYS I 390 -12.64 30.00 30.12
N ARG I 391 -12.30 28.83 29.58
CA ARG I 391 -12.18 28.66 28.14
C ARG I 391 -13.37 27.89 27.55
N ALA I 392 -14.35 27.52 28.36
CA ALA I 392 -15.44 26.67 27.92
C ALA I 392 -16.70 27.48 27.63
N VAL I 393 -17.53 26.95 26.74
CA VAL I 393 -18.86 27.51 26.52
C VAL I 393 -19.73 27.19 27.73
N ALA I 394 -20.46 28.20 28.20
CA ALA I 394 -21.32 28.05 29.37
C ALA I 394 -22.69 28.64 29.08
N ALA I 395 -23.73 27.94 29.50
CA ALA I 395 -25.08 28.49 29.45
C ALA I 395 -25.24 29.58 30.51
N ARG I 396 -26.19 30.47 30.28
CA ARG I 396 -26.43 31.56 31.23
C ARG I 396 -26.80 30.99 32.59
N THR I 397 -26.03 31.36 33.62
CA THR I 397 -26.35 30.94 34.97
C THR I 397 -27.65 31.60 35.39
N ALA I 398 -27.58 32.91 35.63
CA ALA I 398 -28.74 33.80 35.68
C ALA I 398 -29.93 33.19 36.43
N GLY I 399 -29.88 33.23 37.76
CA GLY I 399 -30.86 32.56 38.58
C GLY I 399 -30.54 31.08 38.68
N ASP I 400 -29.27 30.77 38.94
CA ASP I 400 -28.82 29.40 39.13
C ASP I 400 -28.77 29.08 40.62
N SER I 401 -29.39 27.96 41.00
CA SER I 401 -29.41 27.55 42.40
C SER I 401 -28.12 26.81 42.75
N SER I 402 -28.05 26.33 43.99
CA SER I 402 -26.90 25.50 44.39
C SER I 402 -26.92 24.15 43.71
N PHE I 403 -28.12 23.63 43.42
CA PHE I 403 -28.24 22.35 42.74
C PHE I 403 -27.73 22.44 41.30
N ASP I 404 -28.26 23.38 40.52
CA ASP I 404 -27.84 23.52 39.13
C ASP I 404 -26.36 23.85 39.02
N ARG I 405 -25.81 24.57 40.00
CA ARG I 405 -24.36 24.79 40.00
C ARG I 405 -23.62 23.46 40.15
N ALA I 406 -24.07 22.61 41.06
CA ALA I 406 -23.41 21.32 41.24
C ALA I 406 -23.57 20.43 40.01
N ARG I 407 -24.75 20.48 39.37
CA ARG I 407 -24.98 19.68 38.18
C ARG I 407 -24.01 20.07 37.07
N LYS I 408 -23.85 21.37 36.84
CA LYS I 408 -22.96 21.86 35.80
C LYS I 408 -21.49 21.79 36.20
N GLY I 409 -21.20 21.54 37.47
CA GLY I 409 -19.82 21.38 37.90
C GLY I 409 -19.29 19.97 37.85
N LEU I 410 -20.17 18.97 37.71
CA LEU I 410 -19.75 17.58 37.81
C LEU I 410 -18.84 17.20 36.65
N PHE I 411 -19.24 17.55 35.43
CA PHE I 411 -18.43 17.29 34.25
C PHE I 411 -17.43 18.41 33.95
N GLU I 412 -17.46 19.48 34.73
CA GLU I 412 -16.60 20.63 34.49
C GLU I 412 -15.13 20.22 34.54
N GLU I 413 -14.33 20.88 33.71
CA GLU I 413 -12.89 20.59 33.65
C GLU I 413 -12.19 21.11 34.90
N GLY I 414 -11.45 20.23 35.57
CA GLY I 414 -10.68 20.63 36.73
C GLY I 414 -9.48 21.48 36.35
N ILE I 415 -8.88 22.10 37.36
CA ILE I 415 -7.72 22.97 37.17
C ILE I 415 -6.47 22.12 37.36
N SER I 416 -5.79 21.83 36.26
CA SER I 416 -4.55 21.06 36.32
C SER I 416 -3.42 21.93 36.86
N THR I 417 -2.39 21.27 37.38
CA THR I 417 -1.29 21.96 38.05
C THR I 417 0.03 21.28 37.73
N SER I 418 1.01 22.08 37.29
CA SER I 418 2.37 21.62 37.07
C SER I 418 3.35 22.55 37.75
N ARG I 419 4.49 21.98 38.16
CA ARG I 419 5.54 22.73 38.83
C ARG I 419 6.51 23.24 37.77
N MET I 420 6.59 24.57 37.62
CA MET I 420 7.52 25.20 36.69
C MET I 420 8.68 25.77 37.50
N SER I 421 9.84 25.14 37.39
CA SER I 421 10.98 25.55 38.19
C SER I 421 11.73 26.70 37.52
N LEU I 422 12.21 27.62 38.34
CA LEU I 422 13.03 28.73 37.86
C LEU I 422 14.46 28.26 37.63
N ASP I 423 15.06 28.79 36.57
CA ASP I 423 16.49 28.62 36.41
C ASP I 423 17.20 29.22 37.62
N PRO I 424 17.94 28.42 38.40
CA PRO I 424 18.58 28.97 39.60
C PRO I 424 19.48 30.16 39.31
N ALA I 425 20.14 30.18 38.16
CA ALA I 425 20.97 31.32 37.79
C ALA I 425 20.12 32.50 37.34
N ARG I 426 19.27 32.29 36.34
CA ARG I 426 18.54 33.37 35.67
C ARG I 426 17.03 33.12 35.75
N GLY I 427 16.38 33.72 36.75
CA GLY I 427 14.99 33.45 37.04
C GLY I 427 13.98 34.48 36.55
N GLY I 428 14.42 35.54 35.89
CA GLY I 428 13.49 36.51 35.37
C GLY I 428 13.02 36.15 33.96
N VAL I 429 11.84 36.70 33.61
CA VAL I 429 11.28 36.43 32.29
C VAL I 429 12.14 37.03 31.19
N GLU I 430 12.85 38.13 31.48
CA GLU I 430 13.72 38.73 30.47
C GLU I 430 14.89 37.82 30.14
N ASP I 431 15.28 36.96 31.07
CA ASP I 431 16.31 35.96 30.79
C ASP I 431 15.78 34.89 29.84
N LEU I 432 14.50 34.53 29.98
CA LEU I 432 13.89 33.62 29.01
C LEU I 432 13.76 34.28 27.65
N LEU I 433 13.38 35.56 27.61
CA LEU I 433 13.32 36.27 26.34
C LEU I 433 14.70 36.35 25.69
N ASP I 434 15.74 36.57 26.48
CA ASP I 434 17.10 36.47 25.95
C ASP I 434 17.33 35.10 25.32
N HIS I 435 17.00 34.04 26.06
CA HIS I 435 17.14 32.68 25.57
C HIS I 435 16.34 32.46 24.28
N ILE I 436 15.07 32.87 24.29
CA ILE I 436 14.20 32.63 23.14
C ILE I 436 14.68 33.42 21.93
N THR I 437 14.87 34.73 22.09
CA THR I 437 15.24 35.54 20.94
C THR I 437 16.66 35.26 20.46
N SER I 438 17.54 34.76 21.33
CA SER I 438 18.87 34.36 20.88
C SER I 438 18.79 33.18 19.93
N GLY I 439 17.92 32.21 20.23
CA GLY I 439 17.79 31.05 19.36
C GLY I 439 17.12 31.37 18.03
N VAL I 440 16.06 32.18 18.06
CA VAL I 440 15.38 32.53 16.81
C VAL I 440 16.30 33.31 15.89
N ARG I 441 17.08 34.24 16.44
CA ARG I 441 18.04 34.97 15.62
C ARG I 441 19.09 34.03 15.04
N SER I 442 19.52 33.02 15.82
CA SER I 442 20.44 32.03 15.28
C SER I 442 19.77 31.19 14.20
N THR I 443 18.50 30.83 14.41
CA THR I 443 17.76 30.12 13.37
C THR I 443 17.75 30.89 12.06
N CYS I 444 17.53 32.20 12.12
CA CYS I 444 17.52 33.00 10.90
C CYS I 444 18.89 33.02 10.23
N THR I 445 19.96 33.21 11.01
CA THR I 445 21.30 33.18 10.43
C THR I 445 21.61 31.82 9.80
N TYR I 446 21.16 30.73 10.44
CA TYR I 446 21.35 29.42 9.83
C TYR I 446 20.54 29.28 8.54
N VAL I 447 19.36 29.88 8.49
CA VAL I 447 18.51 29.80 7.31
C VAL I 447 18.99 30.78 6.23
N GLY I 448 19.61 31.88 6.63
CA GLY I 448 19.89 32.95 5.70
C GLY I 448 18.80 34.00 5.64
N ALA I 449 17.99 34.11 6.68
CA ALA I 449 16.87 35.04 6.71
C ALA I 449 17.25 36.29 7.52
N ALA I 450 16.91 37.45 6.97
CA ALA I 450 17.14 38.70 7.68
C ALA I 450 15.94 39.15 8.50
N ASN I 451 14.81 38.45 8.40
CA ASN I 451 13.60 38.81 9.12
C ASN I 451 12.69 37.59 9.19
N LEU I 452 11.54 37.77 9.86
CA LEU I 452 10.59 36.68 10.07
C LEU I 452 9.89 36.27 8.78
N PRO I 453 9.43 37.21 7.94
CA PRO I 453 8.92 36.79 6.63
C PRO I 453 9.91 35.98 5.82
N GLU I 454 11.19 36.37 5.80
CA GLU I 454 12.19 35.60 5.07
C GLU I 454 12.44 34.23 5.72
N LEU I 455 12.29 34.13 7.04
CA LEU I 455 12.45 32.84 7.69
C LEU I 455 11.45 31.83 7.17
N HIS I 456 10.21 32.26 6.98
CA HIS I 456 9.17 31.36 6.49
C HIS I 456 9.33 31.07 5.00
N GLU I 457 9.76 32.06 4.22
CA GLU I 457 9.91 31.85 2.79
CA GLU I 457 9.92 31.86 2.79
C GLU I 457 11.15 31.00 2.46
N LYS I 458 12.19 31.07 3.28
CA LYS I 458 13.46 30.43 2.94
C LYS I 458 13.73 29.10 3.64
N VAL I 459 12.95 28.75 4.66
CA VAL I 459 13.34 27.62 5.51
C VAL I 459 13.17 26.31 4.74
N VAL I 460 14.12 25.39 4.97
CA VAL I 460 14.01 24.02 4.48
C VAL I 460 13.94 23.10 5.70
N LEU I 461 12.90 22.28 5.76
CA LEU I 461 12.61 21.45 6.93
C LEU I 461 12.78 19.98 6.61
N GLY I 462 13.03 19.19 7.66
CA GLY I 462 13.17 17.76 7.53
C GLY I 462 12.47 17.05 8.66
N VAL I 463 12.19 15.77 8.45
CA VAL I 463 11.53 14.90 9.42
C VAL I 463 12.56 13.93 9.95
N GLN I 464 12.50 13.64 11.24
CA GLN I 464 13.42 12.72 11.89
C GLN I 464 12.63 11.69 12.67
N SER I 465 13.32 10.61 13.05
CA SER I 465 12.76 9.59 13.91
C SER I 465 13.05 9.95 15.38
N ALA I 466 12.70 9.06 16.31
CA ALA I 466 12.93 9.34 17.72
C ALA I 466 14.42 9.49 18.03
N ALA I 467 15.26 8.70 17.39
CA ALA I 467 16.71 8.80 17.63
C ALA I 467 17.27 10.13 17.14
N GLY I 468 16.69 10.69 16.07
CA GLY I 468 17.19 11.95 15.54
C GLY I 468 17.06 13.10 16.52
N PHE I 469 15.91 13.20 17.19
CA PHE I 469 15.68 14.28 18.13
C PHE I 469 16.74 14.29 19.24
N ALA I 470 17.21 13.11 19.65
CA ALA I 470 18.14 12.98 20.78
C ALA I 470 19.55 13.42 20.46
N GLU I 471 19.85 13.78 19.21
CA GLU I 471 21.18 14.28 18.87
C GLU I 471 21.46 15.61 19.54
N GLY I 472 22.69 15.78 20.02
CA GLY I 472 23.12 17.00 20.67
C GLY I 472 23.18 16.88 22.18
N HIS I 473 23.11 18.04 22.83
CA HIS I 473 23.20 18.19 24.28
C HIS I 473 21.91 18.75 24.85
N PRO I 474 21.44 18.26 26.01
CA PRO I 474 20.27 18.81 26.68
C PRO I 474 20.60 19.93 27.67
N VAL J 2 25.99 4.47 -2.04
CA VAL J 2 25.71 3.36 -1.15
C VAL J 2 24.38 2.70 -1.49
N ARG J 3 24.29 1.39 -1.25
CA ARG J 3 23.09 0.63 -1.50
C ARG J 3 22.30 0.44 -0.22
N PHE J 4 21.00 0.70 -0.28
CA PHE J 4 20.05 0.34 0.76
C PHE J 4 19.23 -0.85 0.28
N LEU J 5 18.76 -1.66 1.24
CA LEU J 5 17.88 -2.77 0.92
C LEU J 5 16.66 -2.27 0.14
N ASP J 6 16.12 -3.15 -0.71
CA ASP J 6 14.95 -2.80 -1.51
C ASP J 6 13.81 -2.33 -0.64
N GLY J 7 13.20 -1.20 -1.01
CA GLY J 7 12.08 -0.64 -0.27
C GLY J 7 12.46 0.21 0.93
N HIS J 8 13.72 0.19 1.38
CA HIS J 8 14.14 0.94 2.56
C HIS J 8 14.41 2.40 2.18
N THR J 9 13.31 3.11 1.89
CA THR J 9 13.33 4.52 1.49
C THR J 9 12.44 5.26 2.48
N PRO J 10 12.92 5.52 3.69
CA PRO J 10 12.07 6.14 4.71
C PRO J 10 11.75 7.59 4.36
N ALA J 11 10.68 8.08 4.98
CA ALA J 11 10.23 9.46 4.83
C ALA J 11 10.88 10.40 5.84
N TYR J 12 12.04 10.04 6.37
CA TYR J 12 12.78 10.83 7.35
C TYR J 12 14.27 10.62 7.12
N ASP J 13 15.09 11.52 7.67
CA ASP J 13 16.54 11.36 7.61
C ASP J 13 17.04 10.51 8.78
N LEU J 14 18.24 9.94 8.61
CA LEU J 14 18.71 8.85 9.43
C LEU J 14 19.88 9.28 10.32
N THR J 15 19.86 8.83 11.57
CA THR J 15 21.01 8.92 12.45
C THR J 15 21.77 7.59 12.41
N TYR J 16 22.87 7.55 13.15
CA TYR J 16 23.62 6.30 13.27
C TYR J 16 22.78 5.21 13.91
N ASN J 17 21.81 5.57 14.75
CA ASN J 17 20.95 4.57 15.39
C ASN J 17 19.92 3.96 14.44
N ASP J 18 19.57 4.64 13.35
CA ASP J 18 18.48 4.21 12.49
C ASP J 18 18.86 3.13 11.49
N VAL J 19 20.16 2.88 11.29
CA VAL J 19 20.60 2.05 10.18
C VAL J 19 21.47 0.90 10.67
N PHE J 20 21.56 -0.13 9.84
CA PHE J 20 22.41 -1.28 10.11
C PHE J 20 23.07 -1.72 8.80
N VAL J 21 24.14 -2.49 8.94
CA VAL J 21 24.89 -2.99 7.79
C VAL J 21 24.58 -4.47 7.63
N VAL J 22 24.13 -4.85 6.43
CA VAL J 22 23.90 -6.26 6.12
C VAL J 22 25.23 -6.88 5.72
N PRO J 23 25.60 -8.03 6.29
CA PRO J 23 26.84 -8.68 5.85
C PRO J 23 26.71 -9.17 4.41
N GLY J 24 27.88 -9.36 3.78
CA GLY J 24 27.95 -9.82 2.40
C GLY J 24 29.02 -10.88 2.26
N ARG J 25 29.12 -11.42 1.05
CA ARG J 25 30.12 -12.45 0.77
C ARG J 25 31.53 -11.89 0.90
N SER J 26 32.37 -12.55 1.69
CA SER J 26 33.67 -12.01 2.05
C SER J 26 34.74 -13.10 1.91
N ASP J 27 35.85 -12.74 1.28
CA ASP J 27 37.06 -13.56 1.32
C ASP J 27 38.13 -12.97 2.24
N VAL J 28 37.82 -11.88 2.94
CA VAL J 28 38.79 -11.26 3.85
C VAL J 28 38.91 -12.13 5.09
N ALA J 29 40.10 -12.72 5.29
CA ALA J 29 40.28 -13.69 6.36
C ALA J 29 40.12 -13.05 7.73
N SER J 30 40.98 -12.09 8.07
CA SER J 30 41.05 -11.56 9.42
C SER J 30 41.07 -10.05 9.40
N ARG J 31 40.91 -9.47 10.59
CA ARG J 31 40.92 -8.02 10.74
C ARG J 31 42.22 -7.42 10.23
N PHE J 32 43.35 -8.10 10.46
CA PHE J 32 44.64 -7.54 10.09
C PHE J 32 44.89 -7.54 8.59
N ASP J 33 44.02 -8.17 7.81
CA ASP J 33 44.09 -8.06 6.36
C ASP J 33 43.47 -6.77 5.83
N VAL J 34 42.79 -6.01 6.69
CA VAL J 34 42.13 -4.77 6.28
C VAL J 34 43.11 -3.62 6.37
N ASP J 35 43.08 -2.73 5.37
CA ASP J 35 43.91 -1.54 5.34
C ASP J 35 43.06 -0.34 5.74
N LEU J 36 43.36 0.24 6.90
CA LEU J 36 42.56 1.34 7.44
C LEU J 36 43.08 2.72 7.05
N SER J 37 44.14 2.82 6.26
CA SER J 37 44.71 4.13 5.97
C SER J 37 43.76 4.95 5.12
N THR J 38 43.71 6.25 5.39
CA THR J 38 42.80 7.14 4.66
C THR J 38 43.42 7.60 3.34
N VAL J 39 42.56 8.08 2.44
CA VAL J 39 42.93 8.49 1.10
C VAL J 39 42.66 9.97 0.86
N ASP J 40 42.43 10.75 1.91
CA ASP J 40 42.03 12.15 1.75
C ASP J 40 43.20 13.13 1.87
N GLY J 41 44.42 12.64 2.04
CA GLY J 41 45.58 13.51 2.12
C GLY J 41 45.91 13.98 3.52
N SER J 42 45.17 13.53 4.52
CA SER J 42 45.49 13.86 5.90
C SER J 42 46.68 13.09 6.43
N GLY J 43 47.00 11.94 5.83
CA GLY J 43 48.10 11.13 6.28
C GLY J 43 47.79 10.18 7.41
N THR J 44 46.55 10.10 7.88
CA THR J 44 46.22 9.19 8.97
C THR J 44 46.19 7.75 8.47
N THR J 45 46.70 6.84 9.28
CA THR J 45 46.66 5.41 8.95
C THR J 45 45.47 4.70 9.59
N ILE J 46 44.74 5.38 10.46
CA ILE J 46 43.44 4.93 10.95
C ILE J 46 42.48 6.09 10.74
N PRO J 47 41.18 5.85 10.53
CA PRO J 47 40.24 6.94 10.26
C PRO J 47 39.74 7.66 11.52
N VAL J 48 40.66 8.11 12.36
CA VAL J 48 40.34 8.79 13.60
C VAL J 48 41.04 10.14 13.63
N VAL J 49 40.25 11.22 13.70
CA VAL J 49 40.74 12.57 13.90
C VAL J 49 40.18 13.07 15.23
N VAL J 50 41.05 13.62 16.08
CA VAL J 50 40.64 14.19 17.35
C VAL J 50 40.22 15.64 17.13
N ALA J 51 39.09 16.02 17.71
CA ALA J 51 38.46 17.30 17.43
C ALA J 51 39.23 18.48 18.03
N ASN J 52 39.08 19.64 17.40
CA ASN J 52 39.77 20.85 17.87
C ASN J 52 38.99 21.44 19.03
N MET J 53 39.14 20.81 20.19
CA MET J 53 38.46 21.20 21.41
C MET J 53 39.47 21.25 22.53
N THR J 54 39.43 22.33 23.32
CA THR J 54 40.39 22.49 24.40
C THR J 54 40.23 21.41 25.47
N ALA J 55 39.10 20.71 25.51
CA ALA J 55 38.94 19.62 26.46
C ALA J 55 39.66 18.35 26.02
N VAL J 56 40.02 18.25 24.75
CA VAL J 56 40.51 17.00 24.16
C VAL J 56 41.89 17.17 23.53
N ALA J 57 42.08 18.24 22.75
CA ALA J 57 43.23 18.34 21.86
C ALA J 57 44.40 19.03 22.56
N GLY J 58 45.07 18.27 23.41
CA GLY J 58 46.27 18.72 24.09
C GLY J 58 47.53 18.07 23.51
N ARG J 59 48.67 18.44 24.10
CA ARG J 59 49.94 17.92 23.61
C ARG J 59 50.07 16.43 23.87
N ARG J 60 49.61 15.96 25.04
CA ARG J 60 49.67 14.54 25.34
C ARG J 60 48.77 13.74 24.40
N MET J 61 47.59 14.28 24.10
CA MET J 61 46.69 13.62 23.13
C MET J 61 47.28 13.64 21.73
N ALA J 62 47.89 14.77 21.33
CA ALA J 62 48.44 14.87 19.97
C ALA J 62 49.57 13.87 19.76
N GLU J 63 50.43 13.70 20.76
CA GLU J 63 51.48 12.68 20.65
C GLU J 63 50.89 11.28 20.60
N THR J 64 50.05 10.95 21.58
CA THR J 64 49.57 9.58 21.72
C THR J 64 48.78 9.12 20.49
N VAL J 65 47.90 9.98 19.98
CA VAL J 65 47.05 9.57 18.87
C VAL J 65 47.85 9.47 17.57
N ALA J 66 48.75 10.43 17.32
CA ALA J 66 49.51 10.42 16.08
C ALA J 66 50.46 9.22 16.01
N ARG J 67 50.98 8.77 17.15
CA ARG J 67 51.82 7.58 17.14
C ARG J 67 51.03 6.34 16.72
N ARG J 68 49.73 6.33 16.97
CA ARG J 68 48.86 5.21 16.61
C ARG J 68 48.19 5.41 15.27
N GLY J 69 48.47 6.51 14.57
CA GLY J 69 47.99 6.70 13.22
C GLY J 69 46.94 7.76 13.03
N GLY J 70 46.38 8.29 14.11
CA GLY J 70 45.43 9.38 13.99
C GLY J 70 46.13 10.72 13.84
N ILE J 71 45.33 11.77 13.83
CA ILE J 71 45.85 13.14 13.86
C ILE J 71 44.98 13.96 14.81
N VAL J 72 45.60 14.92 15.47
CA VAL J 72 44.92 15.80 16.42
C VAL J 72 44.94 17.22 15.85
N VAL J 73 43.77 17.85 15.81
CA VAL J 73 43.64 19.23 15.37
C VAL J 73 43.72 20.12 16.61
N LEU J 74 44.73 20.98 16.67
CA LEU J 74 44.86 21.89 17.81
C LEU J 74 43.71 22.91 17.80
N PRO J 75 43.18 23.28 18.97
CA PRO J 75 42.03 24.19 18.99
C PRO J 75 42.38 25.57 18.47
N GLN J 76 41.39 26.22 17.87
CA GLN J 76 41.60 27.55 17.32
C GLN J 76 41.87 28.55 18.45
N ASP J 77 42.51 29.67 18.08
CA ASP J 77 42.86 30.76 18.99
C ASP J 77 43.85 30.31 20.08
N LEU J 78 44.51 29.18 19.90
CA LEU J 78 45.67 28.86 20.72
C LEU J 78 46.81 29.79 20.33
N PRO J 79 47.42 30.51 21.28
CA PRO J 79 48.48 31.45 20.92
C PRO J 79 49.61 30.77 20.15
N ILE J 80 50.16 31.50 19.17
CA ILE J 80 51.05 30.90 18.18
C ILE J 80 52.29 30.32 18.83
N THR J 81 52.77 30.93 19.92
CA THR J 81 53.92 30.36 20.61
C THR J 81 53.56 29.07 21.32
N ALA J 82 52.33 28.96 21.81
CA ALA J 82 51.88 27.69 22.38
C ALA J 82 51.64 26.65 21.28
N VAL J 83 51.12 27.08 20.13
CA VAL J 83 51.06 26.18 18.97
C VAL J 83 52.45 25.65 18.66
N SER J 84 53.41 26.56 18.45
CA SER J 84 54.76 26.19 18.03
C SER J 84 55.42 25.27 19.06
N GLU J 85 55.20 25.53 20.35
CA GLU J 85 55.77 24.64 21.37
C GLU J 85 55.13 23.26 21.32
N THR J 86 53.83 23.19 21.05
CA THR J 86 53.16 21.90 20.95
C THR J 86 53.66 21.13 19.73
N VAL J 87 53.70 21.79 18.57
CA VAL J 87 54.20 21.14 17.36
C VAL J 87 55.63 20.64 17.57
N ASP J 88 56.48 21.46 18.20
CA ASP J 88 57.86 21.04 18.42
C ASP J 88 57.93 19.85 19.36
N PHE J 89 57.11 19.85 20.41
CA PHE J 89 57.08 18.71 21.33
C PHE J 89 56.63 17.45 20.61
N VAL J 90 55.54 17.53 19.85
CA VAL J 90 54.98 16.37 19.17
C VAL J 90 55.96 15.82 18.15
N LYS J 91 56.59 16.70 17.38
CA LYS J 91 57.49 16.27 16.31
C LYS J 91 58.86 15.83 16.82
N SER J 92 59.14 15.99 18.11
CA SER J 92 60.35 15.45 18.70
C SER J 92 60.12 14.12 19.42
N ARG J 93 58.89 13.61 19.40
CA ARG J 93 58.61 12.35 20.08
C ARG J 93 59.06 11.17 19.23
N ASP J 94 59.50 10.11 19.91
CA ASP J 94 59.86 8.89 19.22
C ASP J 94 58.62 8.20 18.67
N LEU J 95 58.80 7.48 17.56
CA LEU J 95 57.70 6.82 16.87
C LEU J 95 57.20 5.57 17.56
N VAL J 96 57.93 5.03 18.54
CA VAL J 96 57.57 3.80 19.22
C VAL J 96 57.62 4.04 20.72
N VAL J 97 58.75 4.56 21.18
CA VAL J 97 58.91 4.93 22.57
C VAL J 97 57.97 6.07 22.93
N ASP J 98 57.39 6.02 24.12
CA ASP J 98 56.40 6.99 24.58
C ASP J 98 56.97 7.84 25.71
N THR J 99 56.42 9.05 25.84
CA THR J 99 56.86 9.98 26.86
C THR J 99 56.19 9.66 28.19
N PRO J 100 56.95 9.40 29.26
CA PRO J 100 56.36 9.09 30.55
C PRO J 100 56.12 10.34 31.40
N VAL J 101 55.41 10.14 32.51
CA VAL J 101 55.40 11.11 33.59
C VAL J 101 56.70 10.97 34.37
N THR J 102 57.38 12.09 34.61
CA THR J 102 58.63 12.08 35.35
C THR J 102 58.47 12.78 36.69
N LEU J 103 59.20 12.28 37.68
CA LEU J 103 59.14 12.78 39.04
C LEU J 103 60.54 13.07 39.55
N SER J 104 60.63 14.00 40.49
CA SER J 104 61.83 14.33 41.23
C SER J 104 61.89 13.54 42.53
N PRO J 105 63.09 13.18 43.01
CA PRO J 105 63.18 12.52 44.32
C PRO J 105 62.65 13.37 45.46
N GLU J 106 62.61 14.69 45.30
CA GLU J 106 62.12 15.59 46.34
C GLU J 106 60.65 15.95 46.17
N ASP J 107 59.98 15.41 45.15
CA ASP J 107 58.55 15.61 45.00
C ASP J 107 57.78 14.88 46.10
N SER J 108 56.56 15.35 46.35
CA SER J 108 55.71 14.77 47.38
C SER J 108 54.93 13.59 46.83
N VAL J 109 54.57 12.67 47.73
CA VAL J 109 53.70 11.56 47.37
C VAL J 109 52.36 12.07 46.86
N SER J 110 51.83 13.13 47.48
CA SER J 110 50.54 13.68 47.06
C SER J 110 50.62 14.20 45.63
N ASP J 111 51.70 14.89 45.28
CA ASP J 111 51.85 15.35 43.91
C ASP J 111 52.15 14.20 42.96
N ALA J 112 52.76 13.12 43.47
CA ALA J 112 53.16 12.01 42.61
C ALA J 112 51.96 11.30 42.02
N ASN J 113 51.08 10.76 42.87
CA ASN J 113 49.96 9.98 42.36
C ASN J 113 48.90 10.86 41.69
N ALA J 114 48.96 12.17 41.91
CA ALA J 114 48.12 13.07 41.13
C ALA J 114 48.61 13.16 39.68
N LEU J 115 49.93 13.26 39.49
CA LEU J 115 50.51 13.30 38.16
C LEU J 115 50.55 11.94 37.47
N LEU J 116 50.33 10.85 38.22
CA LEU J 116 50.43 9.51 37.62
C LEU J 116 49.38 9.30 36.54
N HIS J 117 48.22 9.95 36.67
CA HIS J 117 47.12 9.72 35.76
C HIS J 117 47.15 10.62 34.53
N LYS J 118 48.28 11.28 34.27
CA LYS J 118 48.44 12.01 33.02
C LYS J 118 48.81 11.10 31.86
N ARG J 119 49.33 9.91 32.13
CA ARG J 119 49.58 8.89 31.12
C ARG J 119 48.89 7.61 31.55
N ALA J 120 48.90 6.63 30.65
CA ALA J 120 48.29 5.33 30.90
C ALA J 120 49.31 4.28 31.32
N HIS J 121 50.56 4.68 31.57
CA HIS J 121 51.61 3.71 31.80
C HIS J 121 51.50 3.04 33.16
N GLY J 122 50.80 3.64 34.10
CA GLY J 122 50.70 3.09 35.44
C GLY J 122 51.94 3.24 36.28
N ALA J 123 52.94 3.98 35.80
CA ALA J 123 54.17 4.19 36.55
C ALA J 123 54.81 5.48 36.09
N ALA J 124 55.48 6.16 37.02
CA ALA J 124 56.22 7.37 36.72
C ALA J 124 57.71 7.11 36.91
N VAL J 125 58.51 7.64 35.99
CA VAL J 125 59.96 7.51 36.06
C VAL J 125 60.51 8.58 37.00
N VAL J 126 61.40 8.19 37.90
CA VAL J 126 62.12 9.14 38.73
C VAL J 126 63.38 9.56 38.00
N VAL J 127 63.59 10.88 37.90
CA VAL J 127 64.72 11.43 37.17
C VAL J 127 65.52 12.32 38.12
N PHE J 128 66.79 11.98 38.29
CA PHE J 128 67.71 12.75 39.13
C PHE J 128 69.03 12.92 38.39
N GLU J 129 69.47 14.18 38.25
CA GLU J 129 70.69 14.51 37.50
C GLU J 129 70.62 13.97 36.08
N GLY J 130 69.47 14.11 35.44
CA GLY J 130 69.32 13.72 34.06
C GLY J 130 69.32 12.23 33.80
N ARG J 131 69.13 11.41 34.84
CA ARG J 131 69.20 9.96 34.72
C ARG J 131 68.01 9.31 35.40
N PRO J 132 67.38 8.33 34.75
CA PRO J 132 66.29 7.58 35.40
C PRO J 132 66.85 6.68 36.50
N ILE J 133 66.37 6.89 37.73
CA ILE J 133 66.88 6.17 38.89
C ILE J 133 65.83 5.27 39.54
N GLY J 134 64.62 5.21 39.00
CA GLY J 134 63.62 4.34 39.58
C GLY J 134 62.23 4.63 39.05
N LEU J 135 61.26 3.90 39.61
CA LEU J 135 59.87 3.95 39.19
C LEU J 135 58.95 4.15 40.38
N VAL J 136 57.84 4.84 40.13
CA VAL J 136 56.82 5.09 41.14
C VAL J 136 55.48 4.65 40.56
N THR J 137 54.76 3.80 41.30
CA THR J 137 53.43 3.34 40.94
C THR J 137 52.44 3.77 42.01
N GLU J 138 51.16 3.69 41.67
CA GLU J 138 50.12 4.04 42.64
C GLU J 138 50.23 3.19 43.90
N ALA J 139 50.58 1.91 43.73
CA ALA J 139 50.69 1.02 44.88
C ALA J 139 51.79 1.46 45.85
N ASN J 140 52.82 2.13 45.34
CA ASN J 140 53.85 2.68 46.21
C ASN J 140 53.34 3.88 47.01
N CYS J 141 52.30 4.56 46.54
CA CYS J 141 51.76 5.73 47.22
C CYS J 141 50.67 5.39 48.22
N ALA J 142 50.40 4.11 48.44
CA ALA J 142 49.35 3.71 49.36
C ALA J 142 49.93 3.42 50.74
N GLY J 143 49.20 3.84 51.77
CA GLY J 143 49.65 3.62 53.14
C GLY J 143 50.90 4.38 53.53
N VAL J 144 51.32 5.35 52.72
CA VAL J 144 52.47 6.19 52.99
C VAL J 144 51.97 7.57 53.36
N ASP J 145 52.68 8.25 54.27
CA ASP J 145 52.34 9.61 54.65
C ASP J 145 52.19 10.48 53.41
N ARG J 146 51.06 11.19 53.35
CA ARG J 146 50.69 11.97 52.17
C ARG J 146 51.83 12.86 51.67
N PHE J 147 52.58 13.46 52.59
CA PHE J 147 53.62 14.42 52.23
C PHE J 147 55.02 13.85 52.33
N ALA J 148 55.15 12.52 52.40
CA ALA J 148 56.46 11.90 52.28
C ALA J 148 57.05 12.18 50.89
N ARG J 149 58.37 12.11 50.81
CA ARG J 149 59.05 12.39 49.55
C ARG J 149 59.03 11.16 48.65
N VAL J 150 59.08 11.41 47.34
CA VAL J 150 59.07 10.34 46.34
C VAL J 150 60.26 9.40 46.54
N ARG J 151 61.40 9.93 46.97
CA ARG J 151 62.60 9.14 47.16
C ARG J 151 62.37 7.92 48.06
N ASP J 152 61.49 8.05 49.06
CA ASP J 152 61.28 6.96 50.00
C ASP J 152 60.49 5.82 49.37
N ILE J 153 59.47 6.14 48.57
CA ILE J 153 58.61 5.11 47.98
C ILE J 153 59.12 4.58 46.64
N ALA J 154 60.14 5.20 46.05
CA ALA J 154 60.58 4.82 44.72
C ALA J 154 61.12 3.39 44.71
N LEU J 155 60.95 2.72 43.56
CA LEU J 155 61.45 1.38 43.34
C LEU J 155 62.72 1.45 42.50
N SER J 156 63.83 1.01 43.08
CA SER J 156 65.12 1.10 42.40
C SER J 156 65.33 0.05 41.32
N ASP J 157 64.42 -0.92 41.20
CA ASP J 157 64.54 -1.98 40.22
C ASP J 157 63.50 -1.81 39.12
N PHE J 158 63.91 -2.03 37.88
CA PHE J 158 63.05 -1.86 36.73
C PHE J 158 63.78 -2.39 35.51
N VAL J 159 63.01 -2.66 34.46
CA VAL J 159 63.57 -3.16 33.21
C VAL J 159 63.99 -1.98 32.34
N THR J 160 65.17 -2.06 31.75
CA THR J 160 65.68 -1.01 30.88
C THR J 160 66.20 -1.61 29.58
N ALA J 161 66.35 -0.75 28.57
CA ALA J 161 66.80 -1.14 27.25
C ALA J 161 67.07 0.10 26.40
N PRO J 162 68.12 0.10 25.59
CA PRO J 162 68.41 1.29 24.78
C PRO J 162 67.32 1.53 23.75
N VAL J 163 67.10 2.81 23.44
CA VAL J 163 66.12 3.16 22.42
C VAL J 163 66.58 2.55 21.09
N GLY J 164 65.62 2.05 20.32
CA GLY J 164 65.91 1.32 19.11
C GLY J 164 65.85 -0.19 19.27
N THR J 165 65.83 -0.69 20.50
CA THR J 165 65.65 -2.11 20.72
C THR J 165 64.34 -2.58 20.11
N ASP J 166 64.34 -3.79 19.56
CA ASP J 166 63.16 -4.29 18.87
C ASP J 166 62.02 -4.44 19.85
N PRO J 167 60.82 -3.93 19.53
CA PRO J 167 59.69 -4.06 20.46
C PRO J 167 59.38 -5.49 20.85
N ARG J 168 59.56 -6.45 19.93
CA ARG J 168 59.36 -7.85 20.28
C ARG J 168 60.22 -8.26 21.47
N GLU J 169 61.51 -7.89 21.44
CA GLU J 169 62.41 -8.26 22.52
C GLU J 169 62.06 -7.53 23.82
N VAL J 170 61.68 -6.26 23.73
CA VAL J 170 61.25 -5.52 24.92
C VAL J 170 60.03 -6.19 25.53
N PHE J 171 59.08 -6.61 24.67
CA PHE J 171 57.91 -7.36 25.14
C PHE J 171 58.33 -8.58 25.96
N ASP J 172 59.38 -9.29 25.52
CA ASP J 172 59.81 -10.49 26.24
C ASP J 172 60.48 -10.13 27.57
N LEU J 173 61.24 -9.03 27.59
CA LEU J 173 61.91 -8.63 28.83
C LEU J 173 60.92 -8.29 29.93
N LEU J 174 59.72 -7.84 29.56
CA LEU J 174 58.73 -7.44 30.55
C LEU J 174 57.81 -8.58 30.99
N GLU J 175 57.97 -9.77 30.40
CA GLU J 175 57.03 -10.86 30.65
C GLU J 175 56.95 -11.21 32.14
N HIS J 176 58.11 -11.38 32.78
CA HIS J 176 58.16 -11.76 34.19
C HIS J 176 58.53 -10.60 35.10
N ALA J 177 58.54 -9.37 34.58
CA ALA J 177 58.86 -8.21 35.39
C ALA J 177 57.69 -7.85 36.30
N PRO J 178 57.96 -7.39 37.53
CA PRO J 178 56.85 -6.96 38.40
C PRO J 178 56.13 -5.73 37.90
N ILE J 179 56.83 -4.82 37.23
CA ILE J 179 56.25 -3.61 36.67
C ILE J 179 56.25 -3.74 35.14
N ASP J 180 55.10 -3.48 34.52
CA ASP J 180 54.94 -3.65 33.09
C ASP J 180 55.53 -2.50 32.27
N VAL J 181 56.31 -1.61 32.88
CA VAL J 181 56.93 -0.48 32.19
C VAL J 181 58.41 -0.76 32.00
N ALA J 182 58.90 -0.61 30.77
CA ALA J 182 60.32 -0.68 30.47
C ALA J 182 60.85 0.73 30.25
N VAL J 183 61.98 1.04 30.89
CA VAL J 183 62.58 2.37 30.84
C VAL J 183 63.60 2.39 29.71
N MET J 184 63.24 3.07 28.62
CA MET J 184 64.13 3.17 27.47
C MET J 184 65.14 4.30 27.69
N THR J 185 66.31 4.17 27.03
CA THR J 185 67.43 5.08 27.26
C THR J 185 68.09 5.44 25.94
N ALA J 186 68.58 6.68 25.88
CA ALA J 186 69.35 7.17 24.75
C ALA J 186 70.77 6.61 24.80
N PRO J 187 71.53 6.69 23.69
CA PRO J 187 72.91 6.19 23.71
C PRO J 187 73.75 6.73 24.85
N ASP J 188 73.56 7.99 25.23
CA ASP J 188 74.30 8.55 26.35
C ASP J 188 73.73 8.13 27.70
N GLY J 189 72.63 7.39 27.72
CA GLY J 189 72.06 6.89 28.95
C GLY J 189 71.00 7.76 29.60
N THR J 190 70.59 8.85 28.97
CA THR J 190 69.50 9.65 29.50
C THR J 190 68.17 8.95 29.24
N LEU J 191 67.09 9.53 29.77
CA LEU J 191 65.76 8.95 29.63
C LEU J 191 65.23 9.26 28.23
N ALA J 192 65.07 8.22 27.43
CA ALA J 192 64.45 8.35 26.10
C ALA J 192 62.93 8.21 26.16
N GLY J 193 62.42 7.39 27.06
CA GLY J 193 60.99 7.21 27.20
C GLY J 193 60.68 5.89 27.86
N VAL J 194 59.46 5.42 27.64
CA VAL J 194 58.99 4.16 28.22
C VAL J 194 58.27 3.35 27.16
N LEU J 195 58.25 2.03 27.37
CA LEU J 195 57.53 1.11 26.50
C LEU J 195 56.96 -0.01 27.36
N THR J 196 55.66 -0.22 27.26
CA THR J 196 54.99 -1.30 27.97
C THR J 196 54.78 -2.50 27.05
N ARG J 197 54.31 -3.60 27.64
CA ARG J 197 54.01 -4.79 26.84
C ARG J 197 52.93 -4.48 25.80
N THR J 198 51.88 -3.76 26.21
CA THR J 198 50.84 -3.38 25.26
C THR J 198 51.34 -2.35 24.26
N GLY J 199 52.22 -1.44 24.70
CA GLY J 199 52.82 -0.51 23.77
C GLY J 199 53.65 -1.19 22.70
N ALA J 200 54.31 -2.29 23.05
CA ALA J 200 55.08 -3.05 22.06
C ALA J 200 54.16 -3.70 21.04
N ILE J 201 53.06 -4.31 21.51
CA ILE J 201 52.07 -4.89 20.61
C ILE J 201 51.53 -3.84 19.64
N ARG J 202 51.20 -2.65 20.16
CA ARG J 202 50.55 -1.65 19.33
C ARG J 202 51.47 -1.14 18.22
N ALA J 203 52.77 -1.07 18.48
CA ALA J 203 53.69 -0.62 17.43
C ALA J 203 53.72 -1.58 16.25
N GLY J 204 53.33 -2.84 16.44
CA GLY J 204 53.22 -3.79 15.36
C GLY J 204 51.87 -3.83 14.68
N ILE J 205 50.90 -3.05 15.15
CA ILE J 205 49.56 -3.01 14.60
C ILE J 205 49.27 -1.67 13.91
N TYR J 206 49.56 -0.56 14.61
CA TYR J 206 49.31 0.76 14.10
C TYR J 206 50.54 1.31 13.38
N THR J 207 50.31 2.04 12.29
CA THR J 207 51.37 2.76 11.61
C THR J 207 51.34 4.21 12.05
N PRO J 208 52.41 4.75 12.62
CA PRO J 208 52.40 6.17 12.99
C PRO J 208 52.11 7.05 11.79
N ALA J 209 51.33 8.10 12.02
CA ALA J 209 51.08 9.11 11.01
C ALA J 209 52.22 10.12 11.03
N VAL J 210 52.99 10.21 9.94
CA VAL J 210 54.22 10.99 9.91
C VAL J 210 54.21 11.93 8.71
N ASP J 211 54.95 13.03 8.84
CA ASP J 211 55.16 13.95 7.72
C ASP J 211 56.26 13.41 6.81
N ALA J 212 56.61 14.21 5.81
CA ALA J 212 57.62 13.77 4.84
C ALA J 212 58.98 13.55 5.51
N LYS J 213 59.25 14.25 6.61
CA LYS J 213 60.49 14.10 7.35
C LYS J 213 60.42 13.02 8.43
N GLY J 214 59.33 12.26 8.48
CA GLY J 214 59.25 11.15 9.41
C GLY J 214 58.90 11.51 10.84
N ARG J 215 58.28 12.66 11.07
CA ARG J 215 57.89 13.07 12.41
C ARG J 215 56.37 13.05 12.54
N LEU J 216 55.89 12.83 13.76
CA LEU J 216 54.46 12.70 14.01
C LEU J 216 53.68 13.89 13.46
N ARG J 217 52.57 13.57 12.79
CA ARG J 217 51.72 14.60 12.21
C ARG J 217 50.89 15.31 13.27
N ILE J 218 50.53 16.56 12.97
CA ILE J 218 49.68 17.37 13.84
C ILE J 218 48.97 18.37 12.94
N ALA J 219 47.75 18.73 13.33
CA ALA J 219 46.94 19.69 12.61
C ALA J 219 46.59 20.84 13.54
N ALA J 220 45.98 21.89 12.98
CA ALA J 220 45.57 23.05 13.77
C ALA J 220 44.37 23.70 13.11
N ALA J 221 43.53 24.32 13.93
CA ALA J 221 42.29 24.93 13.45
C ALA J 221 42.38 26.44 13.51
N VAL J 222 41.58 27.09 12.67
CA VAL J 222 41.48 28.54 12.65
C VAL J 222 40.03 28.92 12.43
N GLY J 223 39.56 29.92 13.17
CA GLY J 223 38.23 30.47 12.96
C GLY J 223 38.20 31.40 11.77
N ILE J 224 36.99 31.87 11.45
CA ILE J 224 36.80 32.75 10.30
C ILE J 224 36.73 34.22 10.67
N ASN J 225 36.95 34.55 11.94
CA ASN J 225 37.02 35.94 12.37
C ASN J 225 38.46 36.45 12.27
N GLY J 226 38.59 37.76 12.16
CA GLY J 226 39.91 38.37 12.08
C GLY J 226 40.55 38.15 10.72
N ASP J 227 41.88 38.12 10.72
CA ASP J 227 42.65 37.91 9.49
C ASP J 227 42.91 36.41 9.35
N VAL J 228 42.16 35.75 8.47
CA VAL J 228 42.25 34.30 8.36
C VAL J 228 43.52 33.90 7.62
N GLY J 229 43.93 34.67 6.62
CA GLY J 229 45.16 34.33 5.91
C GLY J 229 46.38 34.36 6.82
N ALA J 230 46.53 35.44 7.59
CA ALA J 230 47.71 35.59 8.43
C ALA J 230 47.77 34.52 9.51
N LYS J 231 46.62 34.20 10.13
CA LYS J 231 46.61 33.14 11.14
C LYS J 231 46.99 31.79 10.53
N ALA J 232 46.40 31.47 9.38
CA ALA J 232 46.72 30.21 8.72
C ALA J 232 48.18 30.18 8.28
N GLN J 233 48.69 31.32 7.78
CA GLN J 233 50.09 31.41 7.40
C GLN J 233 51.00 31.11 8.59
N ALA J 234 50.68 31.67 9.76
CA ALA J 234 51.47 31.40 10.95
C ALA J 234 51.39 29.93 11.36
N LEU J 235 50.20 29.32 11.25
CA LEU J 235 50.07 27.91 11.57
C LEU J 235 50.89 27.04 10.61
N ALA J 236 50.93 27.41 9.33
CA ALA J 236 51.75 26.68 8.38
C ALA J 236 53.23 26.83 8.71
N GLU J 237 53.70 28.05 9.00
CA GLU J 237 55.09 28.26 9.34
C GLU J 237 55.49 27.48 10.59
N ALA J 238 54.58 27.39 11.55
CA ALA J 238 54.86 26.64 12.79
C ALA J 238 54.93 25.14 12.55
N GLY J 239 54.54 24.65 11.38
CA GLY J 239 54.70 23.25 11.04
C GLY J 239 53.46 22.39 11.08
N ALA J 240 52.27 22.98 11.13
CA ALA J 240 51.04 22.20 11.08
C ALA J 240 50.96 21.44 9.75
N ASP J 241 50.57 20.17 9.82
CA ASP J 241 50.49 19.34 8.63
C ASP J 241 49.16 19.44 7.92
N LEU J 242 48.14 19.99 8.57
CA LEU J 242 46.83 20.16 7.96
C LEU J 242 46.12 21.31 8.66
N LEU J 243 45.25 21.99 7.93
CA LEU J 243 44.57 23.18 8.44
C LEU J 243 43.07 22.98 8.37
N VAL J 244 42.39 23.30 9.46
CA VAL J 244 40.94 23.19 9.57
C VAL J 244 40.37 24.60 9.75
N ILE J 245 39.56 25.04 8.78
CA ILE J 245 38.83 26.30 8.91
C ILE J 245 37.45 25.95 9.47
N ASP J 246 37.20 26.35 10.71
CA ASP J 246 36.10 25.81 11.49
C ASP J 246 35.14 26.91 11.92
N THR J 247 33.85 26.71 11.65
CA THR J 247 32.82 27.61 12.15
C THR J 247 31.53 26.82 12.28
N ALA J 248 30.66 27.32 13.16
CA ALA J 248 29.40 26.62 13.43
C ALA J 248 28.56 26.50 12.17
N HIS J 249 28.30 27.62 11.51
CA HIS J 249 27.52 27.64 10.27
C HIS J 249 28.48 27.79 9.10
N GLY J 250 28.88 26.66 8.50
CA GLY J 250 29.87 26.69 7.45
C GLY J 250 29.37 27.18 6.11
N HIS J 251 28.05 27.16 5.87
CA HIS J 251 27.50 27.59 4.58
C HIS J 251 27.16 29.08 4.65
N GLN J 252 28.22 29.89 4.63
CA GLN J 252 28.12 31.29 4.98
C GLN J 252 29.12 32.08 4.15
N ALA J 253 28.76 33.31 3.80
CA ALA J 253 29.63 34.11 2.95
C ALA J 253 31.00 34.31 3.58
N LYS J 254 31.03 34.62 4.88
CA LYS J 254 32.30 34.87 5.54
C LYS J 254 33.18 33.63 5.60
N MET J 255 32.60 32.42 5.53
CA MET J 255 33.42 31.21 5.46
C MET J 255 34.00 31.02 4.07
N LEU J 256 33.23 31.35 3.03
CA LEU J 256 33.76 31.24 1.67
C LEU J 256 34.93 32.20 1.46
N ASP J 257 34.84 33.41 2.00
CA ASP J 257 35.97 34.33 1.93
C ASP J 257 37.17 33.77 2.67
N ALA J 258 36.94 33.16 3.83
CA ALA J 258 38.05 32.60 4.61
C ALA J 258 38.74 31.48 3.85
N ILE J 259 37.97 30.65 3.16
CA ILE J 259 38.59 29.57 2.37
C ILE J 259 39.38 30.16 1.21
N LYS J 260 38.85 31.18 0.55
CA LYS J 260 39.58 31.80 -0.55
C LYS J 260 40.87 32.44 -0.07
N ALA J 261 40.84 33.11 1.08
CA ALA J 261 42.03 33.74 1.62
C ALA J 261 43.14 32.72 1.89
N VAL J 262 42.77 31.60 2.51
CA VAL J 262 43.77 30.59 2.84
C VAL J 262 44.26 29.89 1.57
N ALA J 263 43.34 29.58 0.64
CA ALA J 263 43.73 28.89 -0.59
C ALA J 263 44.72 29.72 -1.39
N SER J 264 44.42 31.00 -1.59
CA SER J 264 45.28 31.87 -2.40
C SER J 264 46.70 31.96 -1.86
N LEU J 265 46.92 31.59 -0.60
CA LEU J 265 48.27 31.59 -0.05
C LEU J 265 49.11 30.43 -0.56
N ASP J 266 48.48 29.40 -1.13
CA ASP J 266 49.18 28.25 -1.70
C ASP J 266 50.15 27.64 -0.68
N LEU J 267 49.63 27.31 0.50
CA LEU J 267 50.47 26.79 1.57
C LEU J 267 50.89 25.34 1.36
N GLY J 268 50.26 24.63 0.43
CA GLY J 268 50.62 23.24 0.19
C GLY J 268 50.09 22.25 1.20
N LEU J 269 49.24 22.68 2.12
CA LEU J 269 48.66 21.81 3.12
C LEU J 269 47.22 21.47 2.76
N PRO J 270 46.76 20.28 3.14
CA PRO J 270 45.33 19.96 2.97
C PRO J 270 44.46 20.92 3.75
N LEU J 271 43.37 21.36 3.13
CA LEU J 271 42.47 22.37 3.67
C LEU J 271 41.12 21.73 4.00
N VAL J 272 40.74 21.78 5.27
CA VAL J 272 39.45 21.31 5.75
C VAL J 272 38.61 22.52 6.11
N ALA J 273 37.35 22.51 5.68
CA ALA J 273 36.41 23.56 6.05
C ALA J 273 35.07 22.95 6.44
N GLY J 274 34.48 23.46 7.51
CA GLY J 274 33.17 23.03 7.98
C GLY J 274 32.61 24.05 8.93
N ASN J 275 31.37 23.81 9.37
CA ASN J 275 30.62 22.58 9.10
C ASN J 275 29.37 22.81 8.26
N VAL J 276 29.08 21.87 7.36
CA VAL J 276 27.84 21.88 6.59
C VAL J 276 27.20 20.50 6.68
N VAL J 277 25.92 20.44 6.29
CA VAL J 277 25.17 19.19 6.24
C VAL J 277 24.42 19.00 4.94
N SER J 278 24.57 19.91 3.96
CA SER J 278 23.84 19.85 2.71
C SER J 278 24.80 19.65 1.53
N ALA J 279 24.25 19.11 0.43
CA ALA J 279 25.05 18.95 -0.78
C ALA J 279 25.49 20.31 -1.32
N GLU J 280 24.59 21.29 -1.30
CA GLU J 280 24.93 22.63 -1.76
C GLU J 280 26.07 23.21 -0.94
N GLY J 281 25.99 23.11 0.39
CA GLY J 281 27.05 23.61 1.23
C GLY J 281 28.37 22.91 0.97
N THR J 282 28.33 21.61 0.70
CA THR J 282 29.55 20.87 0.40
C THR J 282 30.17 21.34 -0.91
N ARG J 283 29.35 21.51 -1.95
CA ARG J 283 29.88 21.99 -3.23
C ARG J 283 30.47 23.39 -3.10
N ASP J 284 29.84 24.26 -2.31
CA ASP J 284 30.31 25.64 -2.23
C ASP J 284 31.64 25.74 -1.50
N LEU J 285 31.84 24.93 -0.45
CA LEU J 285 33.13 24.99 0.24
C LEU J 285 34.25 24.45 -0.64
N ILE J 286 33.95 23.44 -1.46
CA ILE J 286 34.97 22.89 -2.35
C ILE J 286 35.29 23.89 -3.46
N GLU J 287 34.26 24.54 -4.03
CA GLU J 287 34.50 25.53 -5.05
C GLU J 287 35.26 26.73 -4.52
N ALA J 288 35.24 26.97 -3.21
CA ALA J 288 35.99 28.07 -2.65
C ALA J 288 37.44 27.71 -2.36
N GLY J 289 37.82 26.45 -2.54
CA GLY J 289 39.20 26.02 -2.36
C GLY J 289 39.43 24.95 -1.31
N ALA J 290 38.40 24.44 -0.66
CA ALA J 290 38.59 23.42 0.37
C ALA J 290 38.79 22.05 -0.28
N SER J 291 39.77 21.31 0.22
CA SER J 291 39.97 19.93 -0.23
C SER J 291 39.07 18.95 0.53
N ILE J 292 38.72 19.27 1.77
CA ILE J 292 37.97 18.37 2.64
C ILE J 292 36.87 19.17 3.32
N VAL J 293 35.65 18.64 3.33
CA VAL J 293 34.51 19.29 3.95
C VAL J 293 34.18 18.57 5.26
N LYS J 294 34.15 19.31 6.35
CA LYS J 294 33.77 18.76 7.64
C LYS J 294 32.27 18.86 7.81
N VAL J 295 31.62 17.75 8.17
CA VAL J 295 30.17 17.62 8.14
C VAL J 295 29.64 17.44 9.56
N GLY J 296 28.59 18.19 9.90
CA GLY J 296 27.96 18.07 11.19
C GLY J 296 27.46 19.38 11.77
N VAL J 297 26.14 19.53 11.83
CA VAL J 297 25.50 20.67 12.49
C VAL J 297 24.40 20.08 13.37
N GLY J 298 24.62 20.02 14.68
CA GLY J 298 23.65 19.44 15.58
C GLY J 298 24.09 18.26 16.43
N PRO J 299 24.81 17.28 15.86
CA PRO J 299 25.11 16.06 16.62
C PRO J 299 26.19 16.21 17.68
N GLY J 300 26.93 17.33 17.71
CA GLY J 300 27.98 17.51 18.70
C GLY J 300 27.52 17.25 20.13
N ALA J 301 28.33 16.53 20.90
CA ALA J 301 27.96 16.20 22.28
C ALA J 301 27.78 17.45 23.13
N MET J 302 28.52 18.51 22.82
CA MET J 302 28.36 19.79 23.51
C MET J 302 27.52 20.77 22.70
N CYS J 303 26.81 20.29 21.69
CA CYS J 303 26.05 21.14 20.79
C CYS J 303 24.61 21.22 21.25
N THR J 304 24.18 22.43 21.63
CA THR J 304 22.80 22.70 21.99
C THR J 304 22.04 23.39 20.86
N THR J 305 22.55 23.32 19.63
CA THR J 305 21.94 24.01 18.51
C THR J 305 20.48 23.59 18.29
N ARG J 306 20.22 22.28 18.35
CA ARG J 306 18.86 21.79 18.08
C ARG J 306 17.85 22.37 19.06
N MET J 307 18.18 22.38 20.35
CA MET J 307 17.25 22.88 21.35
C MET J 307 17.10 24.40 21.28
N MET J 308 18.16 25.12 20.92
CA MET J 308 18.10 26.57 20.83
C MET J 308 17.43 27.03 19.54
N THR J 309 17.73 26.38 18.41
CA THR J 309 17.37 26.89 17.10
C THR J 309 16.47 25.97 16.27
N GLY J 310 16.35 24.71 16.62
CA GLY J 310 15.74 23.72 15.74
C GLY J 310 16.58 23.33 14.56
N VAL J 311 17.72 23.98 14.34
CA VAL J 311 18.58 23.70 13.19
C VAL J 311 19.43 22.47 13.48
N GLY J 312 19.52 21.57 12.51
CA GLY J 312 20.29 20.36 12.66
C GLY J 312 19.98 19.42 11.53
N ARG J 313 20.70 18.30 11.51
CA ARG J 313 20.41 17.23 10.58
C ARG J 313 20.89 15.93 11.17
N PRO J 314 20.12 14.85 11.05
CA PRO J 314 20.63 13.53 11.44
C PRO J 314 21.94 13.23 10.72
N GLN J 315 22.93 12.77 11.48
CA GLN J 315 24.30 12.78 10.99
C GLN J 315 24.51 11.80 9.84
N PHE J 316 23.89 10.62 9.90
CA PHE J 316 24.14 9.62 8.86
C PHE J 316 23.65 10.11 7.49
N SER J 317 22.45 10.67 7.44
CA SER J 317 21.98 11.21 6.17
C SER J 317 22.81 12.41 5.73
N ALA J 318 23.25 13.23 6.70
CA ALA J 318 24.10 14.36 6.35
C ALA J 318 25.39 13.90 5.69
N VAL J 319 26.02 12.87 6.27
CA VAL J 319 27.27 12.37 5.70
C VAL J 319 27.02 11.74 4.34
N VAL J 320 25.95 10.95 4.20
CA VAL J 320 25.67 10.29 2.92
C VAL J 320 25.58 11.33 1.81
N GLU J 321 24.71 12.33 2.00
CA GLU J 321 24.51 13.34 0.96
C GLU J 321 25.79 14.13 0.70
N CYS J 322 26.49 14.55 1.75
CA CYS J 322 27.67 15.36 1.56
C CYS J 322 28.82 14.56 0.93
N ALA J 323 29.00 13.32 1.36
CA ALA J 323 30.06 12.48 0.79
C ALA J 323 29.85 12.27 -0.71
N ALA J 324 28.61 12.03 -1.13
CA ALA J 324 28.35 11.84 -2.56
C ALA J 324 28.65 13.11 -3.35
N ALA J 325 28.20 14.26 -2.86
CA ALA J 325 28.45 15.51 -3.57
C ALA J 325 29.93 15.84 -3.62
N ALA J 326 30.66 15.57 -2.53
CA ALA J 326 32.09 15.83 -2.52
C ALA J 326 32.83 14.85 -3.44
N ARG J 327 32.37 13.60 -3.48
CA ARG J 327 33.01 12.60 -4.34
C ARG J 327 32.93 13.01 -5.80
N GLN J 328 31.79 13.57 -6.22
CA GLN J 328 31.62 13.99 -7.61
C GLN J 328 32.60 15.10 -7.97
N LEU J 329 32.99 15.92 -7.00
CA LEU J 329 34.00 16.95 -7.20
C LEU J 329 35.40 16.49 -6.83
N GLY J 330 35.60 15.21 -6.55
CA GLY J 330 36.91 14.74 -6.16
C GLY J 330 37.34 15.11 -4.76
N GLY J 331 36.42 15.56 -3.91
CA GLY J 331 36.73 15.94 -2.56
C GLY J 331 36.43 14.85 -1.54
N HIS J 332 36.58 15.20 -0.27
CA HIS J 332 36.42 14.25 0.81
C HIS J 332 35.62 14.89 1.94
N VAL J 333 35.02 14.04 2.76
CA VAL J 333 34.13 14.48 3.83
C VAL J 333 34.63 13.91 5.15
N TRP J 334 34.66 14.76 6.18
CA TRP J 334 34.91 14.34 7.55
C TRP J 334 33.58 14.32 8.31
N ALA J 335 33.33 13.21 9.02
CA ALA J 335 32.13 13.06 9.84
C ALA J 335 32.44 13.57 11.25
N ASP J 336 31.82 14.68 11.62
CA ASP J 336 32.18 15.41 12.83
C ASP J 336 30.99 15.46 13.78
N GLY J 337 31.14 14.85 14.95
CA GLY J 337 30.16 15.00 16.00
C GLY J 337 29.32 13.74 16.20
N GLY J 338 28.95 13.50 17.46
CA GLY J 338 27.99 12.47 17.78
C GLY J 338 28.51 11.05 17.79
N VAL J 339 29.83 10.86 17.82
CA VAL J 339 30.41 9.53 17.81
C VAL J 339 30.51 9.02 19.24
N ARG J 340 29.68 8.03 19.57
CA ARG J 340 29.70 7.44 20.91
C ARG J 340 30.26 6.02 20.95
N HIS J 341 30.28 5.32 19.82
CA HIS J 341 30.60 3.90 19.80
C HIS J 341 31.34 3.60 18.51
N PRO J 342 32.09 2.51 18.46
CA PRO J 342 32.80 2.15 17.22
C PRO J 342 31.88 2.04 16.01
N ARG J 343 30.64 1.58 16.18
CA ARG J 343 29.72 1.49 15.05
C ARG J 343 29.48 2.85 14.40
N ASP J 344 29.54 3.93 15.18
CA ASP J 344 29.37 5.26 14.60
C ASP J 344 30.49 5.58 13.63
N VAL J 345 31.72 5.17 13.96
CA VAL J 345 32.85 5.34 13.04
C VAL J 345 32.64 4.48 11.80
N ALA J 346 32.30 3.20 11.99
CA ALA J 346 32.07 2.31 10.87
C ALA J 346 30.95 2.82 9.98
N LEU J 347 29.83 3.24 10.58
CA LEU J 347 28.69 3.69 9.77
C LEU J 347 29.02 4.97 9.02
N ALA J 348 29.75 5.89 9.66
CA ALA J 348 30.16 7.11 8.95
C ALA J 348 31.06 6.78 7.76
N LEU J 349 31.94 5.80 7.91
CA LEU J 349 32.80 5.38 6.81
C LEU J 349 32.00 4.67 5.71
N ALA J 350 31.02 3.85 6.10
CA ALA J 350 30.14 3.25 5.10
C ALA J 350 29.30 4.29 4.41
N ALA J 351 28.94 5.37 5.11
CA ALA J 351 28.23 6.47 4.48
C ALA J 351 29.07 7.22 3.45
N GLY J 352 30.38 7.01 3.43
CA GLY J 352 31.24 7.66 2.45
C GLY J 352 32.20 8.69 3.00
N ALA J 353 32.29 8.84 4.32
CA ALA J 353 33.24 9.76 4.91
C ALA J 353 34.65 9.21 4.78
N SER J 354 35.61 10.08 4.47
CA SER J 354 36.99 9.65 4.41
C SER J 354 37.65 9.59 5.79
N ASN J 355 37.13 10.33 6.76
CA ASN J 355 37.69 10.35 8.10
C ASN J 355 36.59 10.69 9.09
N VAL J 356 36.84 10.40 10.37
CA VAL J 356 35.83 10.63 11.42
C VAL J 356 36.46 11.44 12.54
N MET J 357 35.82 12.55 12.89
CA MET J 357 36.31 13.42 13.94
C MET J 357 35.61 13.10 15.25
N ILE J 358 36.38 12.87 16.31
CA ILE J 358 35.89 12.47 17.61
C ILE J 358 36.32 13.51 18.64
N GLY J 359 35.36 14.02 19.42
CA GLY J 359 35.67 14.95 20.49
C GLY J 359 35.40 14.45 21.90
N SER J 360 34.13 14.47 22.32
CA SER J 360 33.83 14.29 23.74
C SER J 360 34.24 12.92 24.26
N TRP J 361 34.10 11.89 23.42
CA TRP J 361 34.48 10.54 23.83
C TRP J 361 35.90 10.50 24.38
N PHE J 362 36.83 11.18 23.72
CA PHE J 362 38.23 11.12 24.11
C PHE J 362 38.56 12.06 25.28
N ALA J 363 37.62 12.87 25.74
CA ALA J 363 37.87 13.65 26.94
C ALA J 363 37.96 12.76 28.16
N GLY J 364 37.31 11.61 28.13
CA GLY J 364 37.32 10.67 29.24
C GLY J 364 38.48 9.71 29.18
N THR J 365 39.68 10.25 28.95
CA THR J 365 40.90 9.45 28.88
C THR J 365 41.96 10.09 29.77
N TYR J 366 43.01 9.30 30.08
CA TYR J 366 44.13 9.86 30.83
C TYR J 366 44.83 10.98 30.06
N GLU J 367 44.89 10.86 28.73
CA GLU J 367 45.70 11.75 27.91
C GLU J 367 45.03 13.08 27.61
N SER J 368 43.76 13.27 27.97
CA SER J 368 43.11 14.54 27.74
C SER J 368 43.59 15.58 28.75
N PRO J 369 43.59 16.86 28.38
CA PRO J 369 44.22 17.88 29.24
C PRO J 369 43.55 18.10 30.58
N GLY J 370 42.25 17.83 30.70
CA GLY J 370 41.56 18.10 31.95
C GLY J 370 42.04 17.22 33.10
N ASP J 371 41.69 17.65 34.30
CA ASP J 371 42.04 16.90 35.51
C ASP J 371 41.11 15.70 35.68
N LEU J 372 41.67 14.62 36.21
CA LEU J 372 40.89 13.43 36.50
C LEU J 372 40.09 13.65 37.78
N LEU J 373 38.79 13.37 37.72
CA LEU J 373 37.87 13.57 38.83
C LEU J 373 37.17 12.27 39.18
N PHE J 374 36.52 12.27 40.35
CA PHE J 374 35.79 11.10 40.83
C PHE J 374 34.40 11.54 41.31
N ASP J 375 33.38 10.79 40.92
CA ASP J 375 32.01 11.14 41.26
C ASP J 375 31.63 10.49 42.59
N ARG J 376 30.32 10.44 42.89
CA ARG J 376 29.85 9.89 44.16
C ARG J 376 30.27 8.43 44.33
N ASP J 377 30.32 7.66 43.25
CA ASP J 377 30.64 6.24 43.32
C ASP J 377 32.13 5.96 43.16
N ASP J 378 32.97 6.99 43.22
CA ASP J 378 34.42 6.89 43.02
C ASP J 378 34.77 6.41 41.61
N ARG J 379 33.85 6.57 40.65
CA ARG J 379 34.15 6.24 39.27
C ARG J 379 34.96 7.38 38.64
N PRO J 380 36.02 7.07 37.89
CA PRO J 380 36.83 8.13 37.29
C PRO J 380 36.11 8.76 36.11
N TYR J 381 36.24 10.07 35.98
CA TYR J 381 35.68 10.77 34.83
C TYR J 381 36.44 12.07 34.62
N LYS J 382 36.15 12.71 33.48
CA LYS J 382 36.60 14.05 33.19
C LYS J 382 35.46 14.79 32.52
N GLU J 383 35.48 16.10 32.63
CA GLU J 383 34.46 16.93 32.03
C GLU J 383 34.84 17.28 30.59
N SER J 384 33.87 17.14 29.68
CA SER J 384 33.99 17.68 28.35
C SER J 384 33.20 18.97 28.27
N TYR J 385 33.68 19.91 27.47
CA TYR J 385 32.99 21.18 27.33
C TYR J 385 33.22 21.70 25.92
N GLY J 386 32.27 22.47 25.43
CA GLY J 386 32.33 22.94 24.06
C GLY J 386 33.24 24.16 23.88
N MET J 387 33.51 24.45 22.61
CA MET J 387 34.27 25.64 22.25
C MET J 387 33.42 26.90 22.23
N ALA J 388 32.10 26.74 22.13
CA ALA J 388 31.13 27.85 22.25
C ALA J 388 31.47 28.96 21.27
N SER J 389 31.72 30.20 21.71
CA SER J 389 31.94 31.34 20.82
C SER J 389 33.20 31.22 19.96
N LYS J 390 34.11 30.27 20.23
CA LYS J 390 35.28 30.08 19.38
C LYS J 390 34.94 29.50 18.02
N ARG J 391 33.74 28.95 17.84
CA ARG J 391 33.25 28.46 16.55
C ARG J 391 32.25 29.41 15.91
N ALA J 392 31.97 30.54 16.53
CA ALA J 392 30.93 31.47 16.08
C ALA J 392 31.54 32.64 15.32
N VAL J 393 30.74 33.23 14.45
CA VAL J 393 31.13 34.46 13.77
C VAL J 393 31.05 35.62 14.75
N ALA J 394 32.05 36.49 14.70
CA ALA J 394 32.10 37.67 15.56
C ALA J 394 32.44 38.90 14.72
N ALA J 395 31.74 39.99 14.98
CA ALA J 395 31.99 41.24 14.26
C ALA J 395 33.29 41.88 14.73
N ARG J 396 33.81 42.78 13.89
CA ARG J 396 35.05 43.48 14.20
C ARG J 396 34.94 44.23 15.53
N THR J 397 35.85 43.93 16.44
CA THR J 397 35.82 44.46 17.80
C THR J 397 36.62 45.75 17.95
N ALA J 398 37.05 46.37 16.85
CA ALA J 398 37.80 47.61 16.91
C ALA J 398 36.93 48.72 17.47
N GLY J 399 37.38 49.35 18.55
CA GLY J 399 36.61 50.40 19.19
C GLY J 399 35.40 49.89 19.94
N ASP J 400 35.59 48.86 20.76
CA ASP J 400 34.52 48.27 21.55
C ASP J 400 34.76 48.59 23.02
N SER J 401 33.81 49.29 23.64
CA SER J 401 33.82 49.53 25.07
C SER J 401 33.26 48.32 25.81
N SER J 402 33.44 48.32 27.14
CA SER J 402 32.92 47.23 27.97
C SER J 402 31.41 47.07 27.84
N PHE J 403 30.70 48.14 27.44
CA PHE J 403 29.27 48.02 27.19
C PHE J 403 29.00 47.17 25.95
N ASP J 404 29.63 47.49 24.82
CA ASP J 404 29.44 46.70 23.62
C ASP J 404 29.94 45.27 23.82
N ARG J 405 30.96 45.07 24.67
CA ARG J 405 31.40 43.71 24.97
C ARG J 405 30.33 42.94 25.73
N ALA J 406 29.70 43.57 26.71
CA ALA J 406 28.63 42.90 27.46
C ALA J 406 27.36 42.76 26.61
N ARG J 407 27.17 43.64 25.62
CA ARG J 407 26.02 43.52 24.74
C ARG J 407 26.16 42.34 23.79
N LYS J 408 27.31 42.24 23.11
CA LYS J 408 27.58 41.12 22.24
C LYS J 408 27.80 39.81 22.99
N GLY J 409 27.93 39.87 24.32
CA GLY J 409 28.16 38.67 25.10
C GLY J 409 26.90 38.12 25.74
N LEU J 410 25.83 38.91 25.74
CA LEU J 410 24.60 38.48 26.42
C LEU J 410 23.94 37.33 25.68
N PHE J 411 24.00 37.33 24.35
CA PHE J 411 23.38 36.29 23.53
C PHE J 411 24.35 35.17 23.16
N GLU J 412 25.61 35.25 23.57
CA GLU J 412 26.60 34.28 23.15
C GLU J 412 26.31 32.90 23.75
N GLU J 413 26.73 31.87 23.02
CA GLU J 413 26.53 30.49 23.47
C GLU J 413 27.32 30.23 24.74
N GLY J 414 26.64 29.68 25.75
CA GLY J 414 27.32 29.25 26.95
C GLY J 414 28.11 27.97 26.73
N ILE J 415 28.99 27.69 27.70
CA ILE J 415 29.86 26.51 27.64
C ILE J 415 29.12 25.34 28.28
N SER J 416 28.69 24.39 27.46
CA SER J 416 28.01 23.20 27.95
C SER J 416 29.00 22.21 28.52
N THR J 417 28.52 21.39 29.46
CA THR J 417 29.37 20.46 30.19
C THR J 417 28.68 19.12 30.29
N SER J 418 29.44 18.04 30.08
CA SER J 418 28.95 16.68 30.29
C SER J 418 30.05 15.82 30.88
N ARG J 419 29.64 14.89 31.74
CA ARG J 419 30.57 14.01 32.43
C ARG J 419 30.93 12.83 31.53
N MET J 420 32.21 12.70 31.19
CA MET J 420 32.70 11.63 30.34
C MET J 420 33.51 10.68 31.21
N SER J 421 32.95 9.51 31.47
CA SER J 421 33.55 8.59 32.43
C SER J 421 34.66 7.77 31.78
N LEU J 422 35.75 7.60 32.52
CA LEU J 422 36.80 6.68 32.10
C LEU J 422 36.36 5.24 32.34
N ASP J 423 36.72 4.36 31.42
CA ASP J 423 36.57 2.94 31.66
C ASP J 423 37.44 2.57 32.86
N PRO J 424 36.87 2.04 33.94
CA PRO J 424 37.69 1.68 35.11
C PRO J 424 38.82 0.72 34.78
N ALA J 425 38.64 -0.13 33.78
CA ALA J 425 39.68 -1.07 33.40
C ALA J 425 40.74 -0.39 32.52
N ARG J 426 40.30 0.30 31.47
CA ARG J 426 41.19 0.85 30.44
C ARG J 426 40.92 2.34 30.27
N GLY J 427 41.76 3.19 30.85
CA GLY J 427 41.47 4.61 30.81
C GLY J 427 42.17 5.37 29.71
N GLY J 428 43.06 4.72 28.95
CA GLY J 428 43.83 5.40 27.94
C GLY J 428 43.10 5.52 26.61
N VAL J 429 43.44 6.58 25.87
CA VAL J 429 42.83 6.80 24.55
C VAL J 429 43.26 5.73 23.57
N GLU J 430 44.41 5.09 23.79
CA GLU J 430 44.83 4.00 22.91
C GLU J 430 43.95 2.77 23.10
N ASP J 431 43.38 2.59 24.29
CA ASP J 431 42.39 1.54 24.49
C ASP J 431 41.13 1.82 23.67
N LEU J 432 40.72 3.09 23.60
CA LEU J 432 39.58 3.45 22.75
C LEU J 432 39.90 3.28 21.27
N LEU J 433 41.14 3.55 20.86
CA LEU J 433 41.51 3.31 19.47
C LEU J 433 41.45 1.83 19.13
N ASP J 434 41.97 0.97 20.01
CA ASP J 434 41.82 -0.47 19.84
C ASP J 434 40.35 -0.82 19.67
N HIS J 435 39.52 -0.36 20.60
CA HIS J 435 38.09 -0.61 20.55
C HIS J 435 37.49 -0.13 19.22
N ILE J 436 37.87 1.07 18.78
CA ILE J 436 37.29 1.63 17.56
C ILE J 436 37.78 0.88 16.32
N THR J 437 39.10 0.69 16.19
CA THR J 437 39.62 0.08 14.97
C THR J 437 39.32 -1.41 14.92
N SER J 438 39.15 -2.06 16.07
CA SER J 438 38.67 -3.45 16.07
C SER J 438 37.31 -3.56 15.41
N GLY J 439 36.39 -2.65 15.76
CA GLY J 439 35.06 -2.70 15.18
C GLY J 439 35.06 -2.41 13.68
N VAL J 440 35.79 -1.39 13.25
CA VAL J 440 35.81 -1.03 11.84
C VAL J 440 36.41 -2.16 11.02
N ARG J 441 37.54 -2.72 11.47
CA ARG J 441 38.13 -3.86 10.78
C ARG J 441 37.15 -5.01 10.70
N SER J 442 36.40 -5.25 11.77
CA SER J 442 35.39 -6.29 11.75
C SER J 442 34.25 -5.94 10.79
N THR J 443 33.86 -4.66 10.75
CA THR J 443 32.86 -4.24 9.76
C THR J 443 33.31 -4.57 8.35
N CYS J 444 34.58 -4.28 8.04
CA CYS J 444 35.10 -4.56 6.70
C CYS J 444 35.08 -6.06 6.40
N THR J 445 35.47 -6.89 7.36
CA THR J 445 35.40 -8.34 7.12
C THR J 445 33.96 -8.82 6.94
N TYR J 446 33.00 -8.19 7.63
CA TYR J 446 31.60 -8.55 7.43
C TYR J 446 31.09 -8.13 6.06
N VAL J 447 31.59 -7.00 5.55
CA VAL J 447 31.17 -6.49 4.26
C VAL J 447 31.93 -7.16 3.11
N GLY J 448 33.11 -7.71 3.38
CA GLY J 448 33.96 -8.19 2.32
C GLY J 448 34.86 -7.13 1.73
N ALA J 449 35.31 -6.18 2.54
CA ALA J 449 36.10 -5.05 2.09
C ALA J 449 37.52 -5.18 2.64
N ALA J 450 38.51 -4.98 1.76
CA ALA J 450 39.91 -5.00 2.18
C ALA J 450 40.42 -3.64 2.62
N ASN J 451 39.69 -2.57 2.35
CA ASN J 451 40.13 -1.22 2.69
C ASN J 451 38.90 -0.32 2.80
N LEU J 452 39.14 0.94 3.16
CA LEU J 452 38.07 1.92 3.40
C LEU J 452 37.32 2.31 2.13
N PRO J 453 37.97 2.48 0.98
CA PRO J 453 37.17 2.71 -0.24
C PRO J 453 36.27 1.53 -0.57
N GLU J 454 36.75 0.30 -0.42
CA GLU J 454 35.92 -0.86 -0.71
C GLU J 454 34.76 -0.98 0.26
N LEU J 455 34.96 -0.56 1.52
CA LEU J 455 33.88 -0.54 2.50
C LEU J 455 32.69 0.27 2.00
N HIS J 456 32.96 1.50 1.56
CA HIS J 456 31.87 2.37 1.10
C HIS J 456 31.29 1.86 -0.22
N GLU J 457 32.11 1.23 -1.05
CA GLU J 457 31.64 0.76 -2.35
CA GLU J 457 31.66 0.75 -2.35
C GLU J 457 30.81 -0.51 -2.23
N LYS J 458 31.10 -1.37 -1.26
CA LYS J 458 30.46 -2.68 -1.19
C LYS J 458 29.36 -2.79 -0.13
N VAL J 459 29.22 -1.81 0.77
CA VAL J 459 28.34 -1.97 1.91
C VAL J 459 26.88 -1.99 1.46
N VAL J 460 26.09 -2.86 2.07
CA VAL J 460 24.64 -2.86 1.92
C VAL J 460 24.04 -2.44 3.27
N LEU J 461 23.23 -1.40 3.23
CA LEU J 461 22.64 -0.80 4.43
C LEU J 461 21.16 -1.13 4.51
N GLY J 462 20.64 -1.12 5.73
CA GLY J 462 19.22 -1.27 5.95
C GLY J 462 18.78 -0.38 7.09
N VAL J 463 17.49 -0.08 7.11
CA VAL J 463 16.89 0.81 8.09
C VAL J 463 16.10 -0.06 9.06
N GLN J 464 16.11 0.34 10.34
CA GLN J 464 15.39 -0.38 11.38
C GLN J 464 14.54 0.60 12.18
N SER J 465 13.54 0.04 12.87
CA SER J 465 12.75 0.82 13.82
C SER J 465 13.49 0.91 15.15
N ALA J 466 12.86 1.59 16.12
CA ALA J 466 13.48 1.79 17.43
C ALA J 466 13.80 0.46 18.12
N ALA J 467 12.92 -0.53 17.95
CA ALA J 467 13.17 -1.83 18.57
C ALA J 467 14.35 -2.54 17.93
N GLY J 468 14.57 -2.32 16.62
CA GLY J 468 15.68 -2.97 15.93
C GLY J 468 17.04 -2.60 16.48
N PHE J 469 17.17 -1.39 17.02
CA PHE J 469 18.48 -0.95 17.58
C PHE J 469 18.76 -1.72 18.87
N ALA J 470 17.70 -2.09 19.60
CA ALA J 470 17.83 -2.78 20.88
C ALA J 470 18.27 -4.24 20.76
N GLU J 471 18.47 -4.75 19.55
CA GLU J 471 18.94 -6.12 19.39
C GLU J 471 20.39 -6.26 19.84
N GLY J 472 20.67 -7.30 20.61
CA GLY J 472 22.01 -7.61 21.07
C GLY J 472 22.32 -7.26 22.51
N HIS J 473 23.59 -6.99 22.79
CA HIS J 473 24.06 -6.68 24.13
C HIS J 473 24.59 -5.25 24.17
N PRO J 474 24.20 -4.45 25.18
CA PRO J 474 24.71 -3.07 25.31
C PRO J 474 25.97 -2.99 26.17
N VAL K 2 5.04 -16.02 3.71
CA VAL K 2 4.19 -15.32 4.65
C VAL K 2 3.33 -14.27 3.95
N ARG K 3 2.20 -13.94 4.56
CA ARG K 3 1.29 -12.93 4.06
C ARG K 3 1.12 -11.84 5.11
N PHE K 4 1.26 -10.59 4.66
CA PHE K 4 1.03 -9.44 5.52
C PHE K 4 -0.31 -8.82 5.17
N LEU K 5 -0.95 -8.20 6.17
CA LEU K 5 -2.17 -7.46 5.93
C LEU K 5 -1.95 -6.43 4.83
N ASP K 6 -3.02 -6.12 4.09
CA ASP K 6 -2.95 -5.16 3.00
C ASP K 6 -2.38 -3.84 3.50
N GLY K 7 -1.33 -3.38 2.84
CA GLY K 7 -0.72 -2.11 3.13
C GLY K 7 0.45 -2.14 4.10
N HIS K 8 0.70 -3.27 4.77
CA HIS K 8 1.77 -3.37 5.76
C HIS K 8 3.07 -3.70 5.04
N THR K 9 3.68 -2.66 4.48
CA THR K 9 4.91 -2.78 3.70
C THR K 9 5.84 -1.70 4.20
N PRO K 10 6.44 -1.90 5.37
CA PRO K 10 7.25 -0.84 5.98
C PRO K 10 8.54 -0.60 5.20
N ALA K 11 9.08 0.61 5.39
CA ALA K 11 10.34 1.01 4.80
C ALA K 11 11.54 0.63 5.67
N TYR K 12 11.39 -0.40 6.50
CA TYR K 12 12.44 -0.86 7.38
C TYR K 12 12.31 -2.36 7.58
N ASP K 13 13.34 -2.97 8.17
CA ASP K 13 13.28 -4.39 8.51
C ASP K 13 12.72 -4.57 9.92
N LEU K 14 12.26 -5.81 10.19
CA LEU K 14 11.40 -6.10 11.33
C LEU K 14 12.08 -7.03 12.32
N THR K 15 12.01 -6.68 13.61
CA THR K 15 12.34 -7.60 14.69
C THR K 15 11.09 -8.31 15.17
N TYR K 16 11.26 -9.18 16.17
CA TYR K 16 10.10 -9.85 16.76
C TYR K 16 9.14 -8.86 17.41
N ASN K 17 9.65 -7.71 17.86
CA ASN K 17 8.81 -6.71 18.49
C ASN K 17 7.90 -5.98 17.51
N ASP K 18 8.20 -6.03 16.21
CA ASP K 18 7.51 -5.18 15.24
C ASP K 18 6.28 -5.84 14.62
N VAL K 19 6.08 -7.15 14.80
CA VAL K 19 5.04 -7.88 14.07
C VAL K 19 4.09 -8.56 15.05
N PHE K 20 2.90 -8.86 14.54
CA PHE K 20 1.90 -9.63 15.27
C PHE K 20 1.22 -10.58 14.30
N VAL K 21 0.58 -11.60 14.86
CA VAL K 21 -0.16 -12.60 14.10
C VAL K 21 -1.65 -12.29 14.24
N VAL K 22 -2.33 -12.20 13.10
CA VAL K 22 -3.78 -12.00 13.08
C VAL K 22 -4.45 -13.36 13.20
N PRO K 23 -5.40 -13.52 14.12
CA PRO K 23 -6.14 -14.79 14.19
C PRO K 23 -6.81 -15.11 12.87
N GLY K 24 -7.05 -16.40 12.65
CA GLY K 24 -7.71 -16.86 11.45
C GLY K 24 -8.78 -17.88 11.81
N ARG K 25 -9.58 -18.25 10.80
CA ARG K 25 -10.61 -19.25 11.01
C ARG K 25 -9.97 -20.59 11.36
N SER K 26 -10.44 -21.20 12.44
CA SER K 26 -9.80 -22.39 12.98
C SER K 26 -10.82 -23.44 13.38
N ASP K 27 -10.57 -24.69 12.98
CA ASP K 27 -11.26 -25.85 13.52
C ASP K 27 -10.35 -26.67 14.44
N VAL K 28 -9.16 -26.17 14.76
CA VAL K 28 -8.26 -26.84 15.69
C VAL K 28 -8.75 -26.53 17.12
N ALA K 29 -9.23 -27.55 17.82
CA ALA K 29 -9.98 -27.32 19.05
C ALA K 29 -9.06 -27.02 20.23
N SER K 30 -7.98 -27.78 20.40
CA SER K 30 -7.16 -27.63 21.59
C SER K 30 -5.69 -27.68 21.23
N ARG K 31 -4.86 -27.22 22.17
CA ARG K 31 -3.42 -27.22 22.00
C ARG K 31 -2.87 -28.62 21.74
N PHE K 32 -3.55 -29.66 22.23
CA PHE K 32 -3.00 -31.00 22.14
C PHE K 32 -3.18 -31.63 20.77
N ASP K 33 -4.05 -31.08 19.92
CA ASP K 33 -4.23 -31.58 18.57
C ASP K 33 -3.17 -31.07 17.60
N VAL K 34 -2.30 -30.16 18.04
CA VAL K 34 -1.24 -29.63 17.19
C VAL K 34 -0.04 -30.57 17.26
N ASP K 35 0.54 -30.85 16.10
CA ASP K 35 1.76 -31.64 16.00
C ASP K 35 2.95 -30.70 15.91
N LEU K 36 3.82 -30.70 16.92
CA LEU K 36 4.95 -29.79 17.01
C LEU K 36 6.24 -30.38 16.45
N SER K 37 6.20 -31.57 15.87
CA SER K 37 7.43 -32.21 15.40
C SER K 37 7.94 -31.51 14.14
N THR K 38 9.26 -31.48 14.00
CA THR K 38 9.90 -30.76 12.92
C THR K 38 10.18 -31.67 11.73
N VAL K 39 10.39 -31.03 10.58
CA VAL K 39 10.56 -31.74 9.31
C VAL K 39 11.96 -31.55 8.73
N ASP K 40 12.89 -30.96 9.49
CA ASP K 40 14.21 -30.63 8.94
C ASP K 40 15.23 -31.75 9.09
N GLY K 41 14.83 -32.91 9.61
CA GLY K 41 15.75 -34.01 9.77
C GLY K 41 16.54 -33.99 11.05
N SER K 42 16.30 -33.02 11.94
CA SER K 42 16.99 -32.97 13.22
C SER K 42 16.51 -34.06 14.18
N GLY K 43 15.26 -34.49 14.04
CA GLY K 43 14.70 -35.45 14.95
C GLY K 43 13.99 -34.86 16.15
N THR K 44 13.99 -33.53 16.29
CA THR K 44 13.27 -32.92 17.41
C THR K 44 11.77 -33.10 17.23
N THR K 45 11.07 -33.35 18.33
CA THR K 45 9.62 -33.42 18.32
C THR K 45 8.96 -32.13 18.80
N ILE K 46 9.74 -31.18 19.30
CA ILE K 46 9.31 -29.81 19.54
C ILE K 46 10.33 -28.90 18.85
N PRO K 47 9.95 -27.71 18.43
CA PRO K 47 10.85 -26.85 17.65
C PRO K 47 11.82 -26.03 18.51
N VAL K 48 12.57 -26.73 19.37
CA VAL K 48 13.51 -26.10 20.30
C VAL K 48 14.88 -26.78 20.17
N VAL K 49 15.91 -26.00 19.87
CA VAL K 49 17.30 -26.43 19.90
C VAL K 49 18.04 -25.56 20.90
N VAL K 50 18.86 -26.15 21.76
CA VAL K 50 19.61 -25.38 22.74
C VAL K 50 20.94 -24.97 22.15
N ALA K 51 21.31 -23.70 22.32
CA ALA K 51 22.45 -23.14 21.62
C ALA K 51 23.76 -23.76 22.07
N ASN K 52 24.72 -23.82 21.15
CA ASN K 52 26.05 -24.35 21.41
C ASN K 52 26.85 -23.30 22.19
N MET K 53 26.54 -23.20 23.48
CA MET K 53 27.19 -22.23 24.37
C MET K 53 27.56 -22.93 25.66
N THR K 54 28.78 -22.69 26.13
CA THR K 54 29.26 -23.34 27.35
C THR K 54 28.47 -22.92 28.58
N ALA K 55 27.78 -21.77 28.52
CA ALA K 55 26.94 -21.36 29.65
C ALA K 55 25.64 -22.16 29.72
N VAL K 56 25.26 -22.86 28.65
CA VAL K 56 23.95 -23.47 28.55
C VAL K 56 24.04 -24.96 28.25
N ALA K 57 24.89 -25.34 27.28
CA ALA K 57 24.85 -26.69 26.72
C ALA K 57 25.80 -27.62 27.47
N GLY K 58 25.33 -28.09 28.63
CA GLY K 58 26.02 -29.09 29.40
C GLY K 58 25.26 -30.41 29.37
N ARG K 59 25.83 -31.40 30.06
CA ARG K 59 25.25 -32.75 29.98
C ARG K 59 23.88 -32.80 30.67
N ARG K 60 23.74 -32.16 31.83
CA ARG K 60 22.44 -32.12 32.48
C ARG K 60 21.40 -31.47 31.57
N MET K 61 21.78 -30.41 30.85
CA MET K 61 20.87 -29.79 29.90
C MET K 61 20.59 -30.71 28.72
N ALA K 62 21.61 -31.41 28.21
CA ALA K 62 21.41 -32.25 27.03
C ALA K 62 20.48 -33.42 27.32
N GLU K 63 20.56 -33.98 28.53
CA GLU K 63 19.62 -35.04 28.93
C GLU K 63 18.21 -34.50 29.05
N THR K 64 18.05 -33.37 29.75
CA THR K 64 16.72 -32.93 30.11
C THR K 64 15.92 -32.48 28.90
N VAL K 65 16.58 -31.78 27.96
CA VAL K 65 15.86 -31.24 26.81
C VAL K 65 15.57 -32.34 25.79
N ALA K 66 16.50 -33.28 25.59
CA ALA K 66 16.25 -34.37 24.66
C ALA K 66 15.06 -35.21 25.09
N ARG K 67 14.93 -35.50 26.39
CA ARG K 67 13.82 -36.30 26.86
C ARG K 67 12.47 -35.64 26.55
N ARG K 68 12.42 -34.31 26.49
CA ARG K 68 11.19 -33.59 26.19
C ARG K 68 11.04 -33.24 24.71
N GLY K 69 11.91 -33.77 23.85
CA GLY K 69 11.74 -33.65 22.42
C GLY K 69 12.63 -32.65 21.73
N GLY K 70 13.43 -31.88 22.48
CA GLY K 70 14.39 -30.98 21.89
C GLY K 70 15.73 -31.64 21.69
N ILE K 71 16.71 -30.83 21.30
CA ILE K 71 18.08 -31.30 21.16
C ILE K 71 19.02 -30.20 21.61
N VAL K 72 20.20 -30.61 22.10
CA VAL K 72 21.21 -29.71 22.62
C VAL K 72 22.46 -29.87 21.76
N VAL K 73 23.01 -28.75 21.30
CA VAL K 73 24.24 -28.75 20.51
C VAL K 73 25.40 -28.48 21.45
N LEU K 74 26.29 -29.47 21.62
CA LEU K 74 27.46 -29.29 22.46
C LEU K 74 28.35 -28.19 21.88
N PRO K 75 28.98 -27.37 22.70
CA PRO K 75 29.77 -26.26 22.16
C PRO K 75 31.00 -26.75 21.42
N GLN K 76 31.42 -25.95 20.44
CA GLN K 76 32.64 -26.26 19.72
C GLN K 76 33.85 -26.18 20.66
N ASP K 77 34.89 -26.93 20.32
CA ASP K 77 36.19 -26.98 20.99
C ASP K 77 36.14 -27.69 22.33
N LEU K 78 34.99 -28.24 22.72
CA LEU K 78 34.93 -29.20 23.80
C LEU K 78 35.81 -30.41 23.44
N PRO K 79 36.79 -30.77 24.26
CA PRO K 79 37.68 -31.88 23.92
C PRO K 79 36.91 -33.14 23.54
N ILE K 80 37.49 -33.92 22.63
CA ILE K 80 36.77 -35.06 22.06
C ILE K 80 36.48 -36.11 23.13
N THR K 81 37.35 -36.25 24.12
CA THR K 81 37.06 -37.18 25.21
C THR K 81 35.92 -36.68 26.07
N ALA K 82 35.81 -35.36 26.26
CA ALA K 82 34.68 -34.81 26.98
C ALA K 82 33.40 -34.91 26.15
N VAL K 83 33.49 -34.77 24.83
CA VAL K 83 32.35 -35.03 23.96
C VAL K 83 31.87 -36.45 24.15
N SER K 84 32.78 -37.41 24.03
CA SER K 84 32.43 -38.83 24.15
C SER K 84 31.81 -39.15 25.51
N GLU K 85 32.36 -38.57 26.59
CA GLU K 85 31.78 -38.81 27.91
C GLU K 85 30.37 -38.26 28.01
N THR K 86 30.15 -37.05 27.48
CA THR K 86 28.81 -36.45 27.52
C THR K 86 27.82 -37.26 26.69
N VAL K 87 28.22 -37.69 25.50
CA VAL K 87 27.32 -38.44 24.63
C VAL K 87 26.89 -39.75 25.28
N ASP K 88 27.87 -40.49 25.84
CA ASP K 88 27.56 -41.76 26.48
C ASP K 88 26.64 -41.58 27.69
N PHE K 89 26.78 -40.48 28.42
CA PHE K 89 25.89 -40.22 29.55
C PHE K 89 24.47 -39.95 29.06
N VAL K 90 24.33 -39.13 28.02
CA VAL K 90 23.00 -38.81 27.50
C VAL K 90 22.37 -40.04 26.85
N LYS K 91 23.15 -40.80 26.08
CA LYS K 91 22.65 -42.00 25.42
C LYS K 91 22.28 -43.11 26.40
N SER K 92 22.68 -43.01 27.67
CA SER K 92 22.35 -44.03 28.66
C SER K 92 21.21 -43.61 29.58
N ARG K 93 20.64 -42.42 29.40
CA ARG K 93 19.56 -41.99 30.29
C ARG K 93 18.26 -42.69 29.92
N ASP K 94 17.42 -42.91 30.94
CA ASP K 94 16.10 -43.45 30.70
C ASP K 94 15.22 -42.41 30.02
N LEU K 95 14.31 -42.90 29.16
CA LEU K 95 13.44 -42.03 28.38
C LEU K 95 12.24 -41.50 29.17
N VAL K 96 12.04 -41.95 30.41
CA VAL K 96 10.92 -41.44 31.21
C VAL K 96 11.47 -41.00 32.56
N VAL K 97 12.15 -41.92 33.24
CA VAL K 97 12.73 -41.65 34.54
C VAL K 97 13.95 -40.73 34.39
N ASP K 98 14.05 -39.74 35.26
CA ASP K 98 15.12 -38.75 35.20
C ASP K 98 16.25 -39.09 36.17
N THR K 99 17.40 -38.47 35.94
CA THR K 99 18.58 -38.73 36.76
C THR K 99 18.58 -37.77 37.94
N PRO K 100 18.58 -38.26 39.18
CA PRO K 100 18.53 -37.38 40.34
C PRO K 100 19.91 -36.93 40.79
N VAL K 101 19.91 -35.89 41.62
CA VAL K 101 21.07 -35.58 42.44
C VAL K 101 21.19 -36.65 43.51
N THR K 102 22.40 -37.17 43.71
CA THR K 102 22.62 -38.23 44.68
C THR K 102 23.65 -37.79 45.72
N LEU K 103 23.49 -38.32 46.93
CA LEU K 103 24.37 -38.03 48.05
C LEU K 103 24.71 -39.33 48.76
N SER K 104 25.79 -39.30 49.54
CA SER K 104 26.12 -40.40 50.43
C SER K 104 25.81 -40.00 51.87
N PRO K 105 25.54 -40.95 52.76
CA PRO K 105 25.23 -40.57 54.14
C PRO K 105 26.33 -39.78 54.81
N GLU K 106 27.57 -39.94 54.37
CA GLU K 106 28.71 -39.24 54.94
C GLU K 106 28.91 -37.85 54.35
N ASP K 107 28.08 -37.44 53.40
CA ASP K 107 28.16 -36.07 52.88
C ASP K 107 27.70 -35.07 53.93
N SER K 108 28.19 -33.84 53.83
CA SER K 108 27.78 -32.79 54.73
C SER K 108 26.48 -32.13 54.25
N VAL K 109 25.70 -31.64 55.22
CA VAL K 109 24.48 -30.91 54.89
C VAL K 109 24.80 -29.71 54.01
N SER K 110 25.91 -29.02 54.29
CA SER K 110 26.30 -27.88 53.47
C SER K 110 26.55 -28.28 52.03
N ASP K 111 27.21 -29.42 51.81
CA ASP K 111 27.38 -29.91 50.45
C ASP K 111 26.06 -30.30 49.83
N ALA K 112 25.10 -30.76 50.64
CA ALA K 112 23.84 -31.29 50.10
C ALA K 112 23.01 -30.19 49.46
N ASN K 113 22.72 -29.10 50.19
CA ASN K 113 21.88 -28.06 49.61
C ASN K 113 22.62 -27.24 48.56
N ALA K 114 23.92 -27.45 48.39
CA ALA K 114 24.60 -26.93 47.21
C ALA K 114 24.23 -27.74 45.98
N LEU K 115 24.25 -29.07 46.09
CA LEU K 115 23.96 -29.94 44.95
C LEU K 115 22.48 -30.05 44.62
N LEU K 116 21.60 -29.65 45.54
CA LEU K 116 20.17 -29.88 45.36
C LEU K 116 19.64 -29.19 44.11
N HIS K 117 20.22 -28.06 43.73
CA HIS K 117 19.73 -27.26 42.62
C HIS K 117 20.36 -27.65 41.30
N LYS K 118 21.13 -28.74 41.26
CA LYS K 118 21.60 -29.24 39.98
C LYS K 118 20.46 -29.82 39.15
N ARG K 119 19.32 -30.08 39.78
CA ARG K 119 18.12 -30.55 39.10
C ARG K 119 16.93 -29.79 39.68
N ALA K 120 15.76 -30.03 39.10
CA ALA K 120 14.53 -29.37 39.50
C ALA K 120 13.64 -30.23 40.39
N HIS K 121 14.16 -31.34 40.90
CA HIS K 121 13.31 -32.25 41.67
C HIS K 121 13.02 -31.74 43.09
N GLY K 122 13.82 -30.82 43.60
CA GLY K 122 13.62 -30.39 44.99
C GLY K 122 14.05 -31.39 46.03
N ALA K 123 14.71 -32.48 45.63
CA ALA K 123 15.17 -33.46 46.58
C ALA K 123 16.33 -34.24 45.97
N ALA K 124 17.24 -34.67 46.82
CA ALA K 124 18.32 -35.56 46.43
C ALA K 124 18.10 -36.93 47.05
N VAL K 125 18.58 -37.96 46.37
CA VAL K 125 18.43 -39.33 46.82
C VAL K 125 19.69 -39.74 47.59
N VAL K 126 19.54 -40.11 48.85
CA VAL K 126 20.66 -40.63 49.62
C VAL K 126 20.90 -42.07 49.20
N VAL K 127 22.13 -42.37 48.80
CA VAL K 127 22.50 -43.65 48.22
C VAL K 127 23.49 -44.36 49.14
N PHE K 128 23.13 -45.58 49.56
CA PHE K 128 23.99 -46.44 50.38
C PHE K 128 24.08 -47.79 49.67
N GLU K 129 25.30 -48.20 49.33
CA GLU K 129 25.53 -49.44 48.58
C GLU K 129 24.72 -49.42 47.27
N GLY K 130 24.85 -48.31 46.54
CA GLY K 130 24.11 -48.09 45.31
C GLY K 130 22.61 -48.25 45.46
N ARG K 131 22.04 -47.66 46.50
CA ARG K 131 20.67 -48.03 46.86
C ARG K 131 20.01 -46.91 47.65
N PRO K 132 18.76 -46.56 47.31
CA PRO K 132 18.12 -45.41 47.97
C PRO K 132 17.72 -45.72 49.41
N ILE K 133 18.24 -44.95 50.34
CA ILE K 133 17.87 -45.08 51.75
C ILE K 133 17.07 -43.90 52.28
N GLY K 134 17.03 -42.78 51.56
CA GLY K 134 16.32 -41.62 52.07
C GLY K 134 16.38 -40.47 51.09
N LEU K 135 15.58 -39.45 51.39
CA LEU K 135 15.51 -38.24 50.60
C LEU K 135 15.95 -37.05 51.45
N VAL K 136 16.69 -36.14 50.83
CA VAL K 136 17.12 -34.90 51.44
C VAL K 136 16.49 -33.74 50.67
N THR K 137 15.82 -32.85 51.39
CA THR K 137 15.20 -31.67 50.82
C THR K 137 15.83 -30.43 51.46
N GLU K 138 15.58 -29.27 50.84
CA GLU K 138 16.07 -28.03 51.41
C GLU K 138 15.48 -27.80 52.80
N ALA K 139 14.23 -28.23 53.02
CA ALA K 139 13.62 -28.10 54.32
C ALA K 139 14.36 -28.92 55.37
N ASN K 140 14.86 -30.10 54.99
CA ASN K 140 15.60 -30.93 55.94
C ASN K 140 16.92 -30.27 56.35
N CYS K 141 17.47 -29.41 55.49
CA CYS K 141 18.76 -28.79 55.76
C CYS K 141 18.66 -27.53 56.62
N ALA K 142 17.46 -26.98 56.77
CA ALA K 142 17.29 -25.73 57.50
C ALA K 142 17.34 -25.98 59.01
N GLY K 143 17.95 -25.05 59.73
CA GLY K 143 18.02 -25.14 61.18
C GLY K 143 18.85 -26.27 61.72
N VAL K 144 19.72 -26.85 60.90
CA VAL K 144 20.60 -27.94 61.28
C VAL K 144 22.04 -27.45 61.14
N ASP K 145 22.96 -28.00 61.92
CA ASP K 145 24.38 -27.64 61.77
C ASP K 145 24.81 -27.83 60.31
N ARG K 146 25.43 -26.81 59.71
CA ARG K 146 25.84 -26.83 58.29
C ARG K 146 26.70 -28.06 58.00
N PHE K 147 27.36 -28.60 59.02
CA PHE K 147 28.40 -29.64 58.79
C PHE K 147 27.97 -30.95 59.45
N ALA K 148 26.72 -31.02 59.88
CA ALA K 148 26.13 -32.32 60.20
C ALA K 148 26.17 -33.22 58.96
N ARG K 149 26.15 -34.52 59.21
CA ARG K 149 26.14 -35.46 58.11
C ARG K 149 24.72 -35.66 57.58
N VAL K 150 24.62 -35.90 56.27
CA VAL K 150 23.33 -36.09 55.61
C VAL K 150 22.54 -37.22 56.26
N ARG K 151 23.23 -38.22 56.82
CA ARG K 151 22.55 -39.35 57.47
C ARG K 151 21.51 -38.88 58.49
N ASP K 152 21.80 -37.79 59.21
CA ASP K 152 20.93 -37.37 60.30
C ASP K 152 19.68 -36.65 59.82
N ILE K 153 19.74 -35.95 58.67
CA ILE K 153 18.60 -35.19 58.20
C ILE K 153 17.75 -35.94 57.19
N ALA K 154 18.23 -37.06 56.66
CA ALA K 154 17.53 -37.75 55.59
C ALA K 154 16.20 -38.31 56.08
N LEU K 155 15.21 -38.31 55.18
CA LEU K 155 13.87 -38.83 55.45
C LEU K 155 13.79 -40.25 54.91
N SER K 156 13.65 -41.23 55.82
CA SER K 156 13.55 -42.62 55.41
C SER K 156 12.23 -42.94 54.74
N ASP K 157 11.20 -42.14 54.98
CA ASP K 157 9.90 -42.31 54.33
C ASP K 157 9.92 -41.61 52.98
N PHE K 158 9.70 -42.36 51.91
CA PHE K 158 9.59 -41.81 50.58
C PHE K 158 8.86 -42.80 49.70
N VAL K 159 8.22 -42.28 48.65
CA VAL K 159 7.49 -43.13 47.72
C VAL K 159 8.48 -43.78 46.77
N THR K 160 8.35 -45.09 46.57
CA THR K 160 9.20 -45.84 45.67
C THR K 160 8.34 -46.70 44.77
N ALA K 161 8.86 -46.98 43.57
CA ALA K 161 8.18 -47.83 42.61
C ALA K 161 9.22 -48.46 41.71
N PRO K 162 8.94 -49.64 41.15
CA PRO K 162 9.91 -50.26 40.23
C PRO K 162 9.92 -49.55 38.88
N VAL K 163 11.11 -49.51 38.27
CA VAL K 163 11.21 -48.99 36.91
C VAL K 163 10.28 -49.79 36.01
N GLY K 164 9.58 -49.10 35.12
CA GLY K 164 8.57 -49.74 34.32
C GLY K 164 7.16 -49.63 34.87
N THR K 165 6.96 -48.87 35.94
CA THR K 165 5.62 -48.60 36.42
C THR K 165 5.00 -47.52 35.54
N ASP K 166 3.73 -47.70 35.19
CA ASP K 166 3.01 -46.74 34.37
C ASP K 166 3.12 -45.34 34.97
N PRO K 167 3.46 -44.31 34.18
CA PRO K 167 3.52 -42.95 34.74
C PRO K 167 2.25 -42.52 35.45
N ARG K 168 1.08 -42.94 34.96
CA ARG K 168 -0.18 -42.61 35.63
C ARG K 168 -0.22 -43.19 37.04
N GLU K 169 0.29 -44.42 37.21
CA GLU K 169 0.28 -45.05 38.53
C GLU K 169 1.25 -44.34 39.48
N VAL K 170 2.43 -43.95 38.98
CA VAL K 170 3.36 -43.18 39.81
C VAL K 170 2.73 -41.86 40.22
N PHE K 171 2.03 -41.21 39.30
CA PHE K 171 1.35 -39.95 39.59
C PHE K 171 0.37 -40.10 40.75
N ASP K 172 -0.49 -41.11 40.69
CA ASP K 172 -1.47 -41.32 41.76
C ASP K 172 -0.79 -41.69 43.08
N LEU K 173 0.29 -42.49 43.01
CA LEU K 173 1.03 -42.81 44.22
C LEU K 173 1.59 -41.57 44.90
N LEU K 174 1.98 -40.56 44.12
CA LEU K 174 2.58 -39.36 44.69
C LEU K 174 1.56 -38.34 45.16
N GLU K 175 0.26 -38.62 45.04
CA GLU K 175 -0.74 -37.61 45.30
C GLU K 175 -0.73 -37.15 46.76
N HIS K 176 -0.86 -38.11 47.68
CA HIS K 176 -0.89 -37.79 49.11
C HIS K 176 0.47 -37.95 49.77
N ALA K 177 1.53 -38.18 49.00
CA ALA K 177 2.86 -38.26 49.57
C ALA K 177 3.36 -36.87 49.96
N PRO K 178 4.05 -36.74 51.09
CA PRO K 178 4.53 -35.41 51.51
C PRO K 178 5.55 -34.80 50.56
N ILE K 179 6.33 -35.62 49.85
CA ILE K 179 7.34 -35.17 48.91
C ILE K 179 6.96 -35.64 47.52
N ASP K 180 7.06 -34.75 46.54
CA ASP K 180 6.66 -35.01 45.16
C ASP K 180 7.76 -35.70 44.35
N VAL K 181 8.59 -36.54 44.97
CA VAL K 181 9.59 -37.34 44.26
C VAL K 181 9.27 -38.82 44.46
N ALA K 182 9.19 -39.57 43.37
CA ALA K 182 9.08 -41.03 43.46
C ALA K 182 10.42 -41.63 43.06
N VAL K 183 11.03 -42.36 43.98
CA VAL K 183 12.33 -42.98 43.75
C VAL K 183 12.11 -44.29 42.98
N MET K 184 12.71 -44.39 41.80
CA MET K 184 12.48 -45.52 40.91
C MET K 184 13.63 -46.52 41.06
N THR K 185 13.29 -47.79 41.22
CA THR K 185 14.25 -48.82 41.57
C THR K 185 14.32 -49.87 40.47
N ALA K 186 15.54 -50.31 40.17
CA ALA K 186 15.74 -51.44 39.30
C ALA K 186 15.24 -52.71 39.99
N PRO K 187 15.06 -53.81 39.24
CA PRO K 187 14.58 -55.04 39.87
C PRO K 187 15.50 -55.58 40.96
N ASP K 188 16.82 -55.35 40.87
CA ASP K 188 17.73 -55.81 41.90
C ASP K 188 17.74 -54.91 43.13
N GLY K 189 16.90 -53.86 43.16
CA GLY K 189 16.79 -52.99 44.30
C GLY K 189 17.58 -51.70 44.19
N THR K 190 18.52 -51.60 43.26
CA THR K 190 19.35 -50.42 43.16
C THR K 190 18.56 -49.25 42.56
N LEU K 191 19.11 -48.06 42.70
CA LEU K 191 18.43 -46.85 42.24
C LEU K 191 18.48 -46.76 40.72
N ALA K 192 17.30 -46.54 40.11
CA ALA K 192 17.18 -46.28 38.67
C ALA K 192 17.08 -44.79 38.37
N GLY K 193 16.24 -44.07 39.11
CA GLY K 193 16.15 -42.64 38.97
C GLY K 193 14.97 -42.11 39.77
N VAL K 194 14.47 -40.95 39.36
CA VAL K 194 13.32 -40.34 40.01
C VAL K 194 12.29 -39.97 38.97
N LEU K 195 11.05 -39.86 39.43
CA LEU K 195 9.95 -39.37 38.61
C LEU K 195 9.01 -38.59 39.52
N THR K 196 8.80 -37.32 39.20
CA THR K 196 7.87 -36.48 39.93
C THR K 196 6.48 -36.54 39.28
N ARG K 197 5.51 -35.90 39.95
CA ARG K 197 4.17 -35.83 39.39
C ARG K 197 4.17 -35.13 38.04
N THR K 198 4.78 -33.94 37.98
CA THR K 198 4.87 -33.23 36.70
C THR K 198 5.73 -33.98 35.70
N GLY K 199 6.77 -34.69 36.15
CA GLY K 199 7.53 -35.54 35.26
C GLY K 199 6.69 -36.64 34.64
N ALA K 200 5.76 -37.21 35.43
CA ALA K 200 4.87 -38.23 34.88
C ALA K 200 3.89 -37.62 33.89
N ILE K 201 3.40 -36.41 34.17
CA ILE K 201 2.54 -35.70 33.23
C ILE K 201 3.25 -35.49 31.91
N ARG K 202 4.50 -35.03 31.98
CA ARG K 202 5.24 -34.70 30.76
C ARG K 202 5.55 -35.92 29.90
N ALA K 203 5.55 -37.11 30.49
CA ALA K 203 5.84 -38.32 29.72
C ALA K 203 4.76 -38.57 28.67
N GLY K 204 3.53 -38.11 28.90
CA GLY K 204 2.44 -38.26 27.97
C GLY K 204 2.17 -37.04 27.11
N ILE K 205 3.00 -36.00 27.22
CA ILE K 205 2.86 -34.78 26.42
C ILE K 205 4.02 -34.65 25.43
N TYR K 206 5.25 -34.85 25.90
CA TYR K 206 6.44 -34.69 25.08
C TYR K 206 6.94 -36.05 24.61
N THR K 207 7.25 -36.14 23.31
CA THR K 207 7.88 -37.33 22.76
C THR K 207 9.39 -37.16 22.77
N PRO K 208 10.14 -38.09 23.37
CA PRO K 208 11.60 -37.94 23.40
C PRO K 208 12.21 -37.91 22.01
N ALA K 209 13.27 -37.11 21.87
CA ALA K 209 14.06 -37.07 20.64
C ALA K 209 15.15 -38.14 20.74
N VAL K 210 15.08 -39.14 19.85
CA VAL K 210 15.93 -40.32 19.97
C VAL K 210 16.56 -40.65 18.62
N ASP K 211 17.69 -41.35 18.69
CA ASP K 211 18.35 -41.86 17.50
C ASP K 211 17.74 -43.20 17.09
N ALA K 212 18.29 -43.81 16.04
CA ALA K 212 17.71 -45.04 15.51
C ALA K 212 17.77 -46.19 16.50
N LYS K 213 18.66 -46.12 17.49
CA LYS K 213 18.73 -47.13 18.53
C LYS K 213 17.87 -46.78 19.74
N GLY K 214 17.05 -45.73 19.64
CA GLY K 214 16.18 -45.36 20.75
C GLY K 214 16.85 -44.64 21.89
N ARG K 215 18.02 -44.06 21.66
CA ARG K 215 18.73 -43.31 22.70
C ARG K 215 18.61 -41.81 22.43
N LEU K 216 18.59 -41.03 23.51
CA LEU K 216 18.38 -39.59 23.43
C LEU K 216 19.33 -38.94 22.43
N ARG K 217 18.78 -38.07 21.58
CA ARG K 217 19.57 -37.38 20.58
C ARG K 217 20.43 -36.29 21.19
N ILE K 218 21.56 -36.00 20.53
CA ILE K 218 22.47 -34.95 20.95
C ILE K 218 23.24 -34.51 19.71
N ALA K 219 23.60 -33.23 19.67
CA ALA K 219 24.32 -32.64 18.56
C ALA K 219 25.64 -32.05 19.05
N ALA K 220 26.48 -31.64 18.11
CA ALA K 220 27.80 -31.10 18.44
C ALA K 220 28.20 -30.05 17.41
N ALA K 221 28.88 -29.01 17.88
CA ALA K 221 29.25 -27.90 17.00
C ALA K 221 30.75 -27.93 16.72
N VAL K 222 31.13 -27.27 15.63
CA VAL K 222 32.53 -27.18 15.22
C VAL K 222 32.74 -25.83 14.54
N GLY K 223 33.91 -25.22 14.79
CA GLY K 223 34.29 -24.00 14.10
C GLY K 223 35.02 -24.27 12.79
N ILE K 224 35.29 -23.20 12.05
CA ILE K 224 35.88 -23.32 10.72
C ILE K 224 37.40 -23.17 10.75
N ASN K 225 37.99 -23.09 11.93
CA ASN K 225 39.45 -23.07 12.05
C ASN K 225 39.98 -24.51 12.08
N GLY K 226 41.26 -24.64 11.73
CA GLY K 226 41.91 -25.94 11.82
C GLY K 226 41.38 -26.94 10.80
N ASP K 227 41.45 -28.21 11.15
CA ASP K 227 40.99 -29.30 10.28
C ASP K 227 39.54 -29.58 10.62
N VAL K 228 38.63 -29.05 9.81
CA VAL K 228 37.21 -29.16 10.13
C VAL K 228 36.69 -30.56 9.83
N GLY K 229 37.15 -31.16 8.72
CA GLY K 229 36.73 -32.51 8.39
C GLY K 229 37.09 -33.52 9.46
N ALA K 230 38.31 -33.44 9.99
CA ALA K 230 38.74 -34.38 11.03
C ALA K 230 37.91 -34.19 12.29
N LYS K 231 37.77 -32.94 12.74
CA LYS K 231 36.94 -32.66 13.91
C LYS K 231 35.52 -33.15 13.72
N ALA K 232 34.93 -32.88 12.55
CA ALA K 232 33.57 -33.33 12.28
C ALA K 232 33.47 -34.86 12.28
N GLN K 233 34.50 -35.53 11.75
CA GLN K 233 34.47 -36.99 11.73
C GLN K 233 34.55 -37.57 13.14
N ALA K 234 35.40 -36.99 13.99
CA ALA K 234 35.52 -37.48 15.36
C ALA K 234 34.21 -37.29 16.13
N LEU K 235 33.53 -36.16 15.92
CA LEU K 235 32.26 -35.93 16.58
C LEU K 235 31.21 -36.95 16.12
N ALA K 236 31.19 -37.24 14.82
CA ALA K 236 30.25 -38.22 14.31
C ALA K 236 30.51 -39.60 14.90
N GLU K 237 31.78 -40.00 14.96
CA GLU K 237 32.12 -41.29 15.54
C GLU K 237 31.92 -41.32 17.04
N ALA K 238 31.97 -40.16 17.71
CA ALA K 238 31.65 -40.12 19.13
C ALA K 238 30.15 -40.23 19.40
N GLY K 239 29.31 -40.23 18.36
CA GLY K 239 27.89 -40.46 18.52
C GLY K 239 26.97 -39.27 18.26
N ALA K 240 27.48 -38.17 17.73
CA ALA K 240 26.64 -37.02 17.47
C ALA K 240 25.59 -37.33 16.41
N ASP K 241 24.34 -36.94 16.69
CA ASP K 241 23.26 -37.14 15.74
C ASP K 241 23.13 -35.99 14.74
N LEU K 242 23.81 -34.87 14.98
CA LEU K 242 23.72 -33.73 14.10
C LEU K 242 24.96 -32.87 14.30
N LEU K 243 25.41 -32.24 13.21
CA LEU K 243 26.61 -31.41 13.20
C LEU K 243 26.24 -29.97 12.86
N VAL K 244 26.78 -29.03 13.65
CA VAL K 244 26.60 -27.60 13.43
C VAL K 244 27.96 -26.99 13.14
N ILE K 245 28.12 -26.41 11.96
CA ILE K 245 29.32 -25.67 11.61
C ILE K 245 29.04 -24.20 11.89
N ASP K 246 29.72 -23.62 12.87
CA ASP K 246 29.32 -22.35 13.47
C ASP K 246 30.43 -21.33 13.33
N THR K 247 30.07 -20.14 12.87
CA THR K 247 30.99 -19.00 12.86
C THR K 247 30.19 -17.72 12.79
N ALA K 248 30.77 -16.65 13.34
CA ALA K 248 30.07 -15.37 13.41
C ALA K 248 29.64 -14.90 12.02
N HIS K 249 30.54 -14.90 11.06
CA HIS K 249 30.23 -14.45 9.71
C HIS K 249 30.23 -15.68 8.79
N GLY K 250 29.04 -16.23 8.57
CA GLY K 250 28.94 -17.46 7.79
C GLY K 250 29.04 -17.27 6.29
N HIS K 251 28.84 -16.05 5.79
CA HIS K 251 28.93 -15.80 4.36
C HIS K 251 30.37 -15.44 4.02
N GLN K 252 31.21 -16.47 3.95
CA GLN K 252 32.64 -16.30 3.97
C GLN K 252 33.30 -17.47 3.28
N ALA K 253 34.42 -17.20 2.59
CA ALA K 253 35.08 -18.25 1.83
C ALA K 253 35.50 -19.41 2.73
N LYS K 254 36.02 -19.11 3.92
CA LYS K 254 36.48 -20.17 4.81
C LYS K 254 35.31 -21.05 5.28
N MET K 255 34.11 -20.50 5.37
CA MET K 255 32.95 -21.31 5.74
C MET K 255 32.53 -22.23 4.59
N LEU K 256 32.56 -21.71 3.36
CA LEU K 256 32.23 -22.54 2.22
C LEU K 256 33.20 -23.71 2.09
N ASP K 257 34.48 -23.49 2.38
CA ASP K 257 35.44 -24.59 2.36
C ASP K 257 35.12 -25.60 3.44
N ALA K 258 34.77 -25.13 4.65
CA ALA K 258 34.49 -26.06 5.75
C ALA K 258 33.30 -26.96 5.43
N ILE K 259 32.23 -26.39 4.87
CA ILE K 259 31.05 -27.20 4.53
C ILE K 259 31.42 -28.28 3.52
N LYS K 260 32.18 -27.90 2.48
CA LYS K 260 32.59 -28.90 1.49
C LYS K 260 33.42 -30.01 2.13
N ALA K 261 34.34 -29.65 3.01
CA ALA K 261 35.18 -30.66 3.66
C ALA K 261 34.33 -31.66 4.45
N VAL K 262 33.30 -31.17 5.12
CA VAL K 262 32.46 -32.03 5.94
C VAL K 262 31.46 -32.81 5.09
N ALA K 263 30.92 -32.16 4.04
CA ALA K 263 29.95 -32.83 3.19
C ALA K 263 30.59 -33.98 2.41
N SER K 264 31.82 -33.79 1.92
CA SER K 264 32.47 -34.82 1.13
C SER K 264 32.81 -36.07 1.94
N LEU K 265 32.76 -35.99 3.27
CA LEU K 265 32.98 -37.17 4.11
C LEU K 265 31.78 -38.10 4.15
N ASP K 266 30.61 -37.63 3.69
CA ASP K 266 29.39 -38.44 3.61
C ASP K 266 29.09 -39.12 4.95
N LEU K 267 29.19 -38.34 6.03
CA LEU K 267 28.99 -38.87 7.37
C LEU K 267 27.55 -39.31 7.62
N GLY K 268 26.59 -38.83 6.81
CA GLY K 268 25.21 -39.27 6.96
C GLY K 268 24.40 -38.48 7.97
N LEU K 269 24.99 -37.48 8.62
CA LEU K 269 24.30 -36.68 9.62
C LEU K 269 23.79 -35.38 9.00
N PRO K 270 22.71 -34.83 9.55
CA PRO K 270 22.25 -33.50 9.10
C PRO K 270 23.34 -32.46 9.33
N LEU K 271 23.55 -31.61 8.33
CA LEU K 271 24.58 -30.57 8.36
C LEU K 271 23.94 -29.20 8.55
N VAL K 272 24.21 -28.57 9.69
CA VAL K 272 23.81 -27.19 9.94
C VAL K 272 25.02 -26.29 9.72
N ALA K 273 24.80 -25.13 9.12
CA ALA K 273 25.85 -24.13 8.94
C ALA K 273 25.27 -22.73 9.16
N GLY K 274 26.03 -21.91 9.87
CA GLY K 274 25.63 -20.53 10.11
C GLY K 274 26.81 -19.73 10.63
N ASN K 275 26.61 -18.42 10.72
CA ASN K 275 25.32 -17.76 10.53
C ASN K 275 25.29 -16.75 9.40
N VAL K 276 24.13 -16.64 8.74
CA VAL K 276 23.90 -15.64 7.70
C VAL K 276 22.55 -15.00 7.97
N VAL K 277 22.31 -13.87 7.30
CA VAL K 277 21.02 -13.18 7.40
C VAL K 277 20.50 -12.77 6.03
N SER K 278 21.13 -13.24 4.96
CA SER K 278 20.75 -12.86 3.61
C SER K 278 20.35 -14.08 2.78
N ALA K 279 19.50 -13.83 1.80
CA ALA K 279 19.12 -14.88 0.86
C ALA K 279 20.32 -15.39 0.08
N GLU K 280 21.22 -14.48 -0.31
CA GLU K 280 22.43 -14.90 -1.02
C GLU K 280 23.28 -15.82 -0.15
N GLY K 281 23.46 -15.50 1.12
CA GLY K 281 24.22 -16.35 2.00
C GLY K 281 23.54 -17.69 2.26
N THR K 282 22.21 -17.70 2.31
CA THR K 282 21.49 -18.95 2.50
C THR K 282 21.68 -19.87 1.31
N ARG K 283 21.66 -19.31 0.09
CA ARG K 283 21.89 -20.11 -1.11
C ARG K 283 23.31 -20.68 -1.14
N ASP K 284 24.30 -19.83 -0.86
CA ASP K 284 25.68 -20.28 -0.94
C ASP K 284 25.96 -21.42 0.05
N LEU K 285 25.43 -21.32 1.27
CA LEU K 285 25.70 -22.36 2.26
C LEU K 285 25.03 -23.68 1.89
N ILE K 286 23.85 -23.62 1.27
CA ILE K 286 23.20 -24.84 0.81
C ILE K 286 23.97 -25.44 -0.36
N GLU K 287 24.36 -24.60 -1.33
CA GLU K 287 25.14 -25.08 -2.46
C GLU K 287 26.47 -25.68 -2.02
N ALA K 288 27.03 -25.19 -0.91
CA ALA K 288 28.29 -25.75 -0.41
C ALA K 288 28.11 -27.11 0.23
N GLY K 289 26.87 -27.54 0.51
CA GLY K 289 26.64 -28.86 1.05
C GLY K 289 25.89 -28.94 2.37
N ALA K 290 25.41 -27.81 2.88
CA ALA K 290 24.63 -27.80 4.10
C ALA K 290 23.16 -28.06 3.81
N SER K 291 22.50 -28.78 4.72
CA SER K 291 21.06 -28.98 4.58
C SER K 291 20.23 -28.03 5.44
N ILE K 292 20.83 -27.40 6.46
CA ILE K 292 20.14 -26.47 7.35
C ILE K 292 21.02 -25.24 7.51
N VAL K 293 20.43 -24.07 7.30
CA VAL K 293 21.14 -22.79 7.44
C VAL K 293 20.71 -22.14 8.75
N LYS K 294 21.69 -21.84 9.61
CA LYS K 294 21.42 -21.16 10.87
C LYS K 294 21.48 -19.65 10.65
N VAL K 295 20.41 -18.95 11.04
CA VAL K 295 20.21 -17.54 10.69
C VAL K 295 20.32 -16.68 11.93
N GLY K 296 21.13 -15.62 11.83
CA GLY K 296 21.26 -14.69 12.93
C GLY K 296 22.62 -14.03 13.02
N VAL K 297 22.67 -12.73 12.76
CA VAL K 297 23.87 -11.91 12.95
C VAL K 297 23.41 -10.64 13.66
N GLY K 298 23.80 -10.49 14.93
CA GLY K 298 23.39 -9.34 15.70
C GLY K 298 22.49 -9.57 16.91
N PRO K 299 21.41 -10.37 16.76
CA PRO K 299 20.38 -10.38 17.82
C PRO K 299 20.73 -11.18 19.07
N GLY K 300 21.77 -12.03 19.05
CA GLY K 300 22.15 -12.81 20.21
C GLY K 300 22.29 -11.97 21.46
N ALA K 301 21.80 -12.48 22.60
CA ALA K 301 21.80 -11.68 23.81
C ALA K 301 23.21 -11.36 24.30
N MET K 302 24.19 -12.19 23.95
CA MET K 302 25.59 -11.93 24.27
C MET K 302 26.33 -11.26 23.12
N CYS K 303 25.62 -10.87 22.07
CA CYS K 303 26.25 -10.36 20.85
C CYS K 303 26.37 -8.84 20.91
N THR K 304 27.61 -8.34 20.89
CA THR K 304 27.90 -6.91 20.88
C THR K 304 28.25 -6.41 19.48
N THR K 305 27.92 -7.19 18.45
CA THR K 305 28.31 -6.86 17.08
C THR K 305 27.72 -5.52 16.63
N ARG K 306 26.44 -5.28 16.94
CA ARG K 306 25.79 -4.04 16.51
C ARG K 306 26.57 -2.82 16.98
N MET K 307 26.98 -2.80 18.24
CA MET K 307 27.66 -1.64 18.81
C MET K 307 29.13 -1.57 18.41
N MET K 308 29.75 -2.72 18.12
CA MET K 308 31.15 -2.71 17.69
C MET K 308 31.27 -2.35 16.20
N THR K 309 30.40 -2.91 15.36
CA THR K 309 30.58 -2.91 13.92
C THR K 309 29.44 -2.28 13.14
N GLY K 310 28.29 -2.03 13.77
CA GLY K 310 27.12 -1.60 13.03
C GLY K 310 26.48 -2.67 12.19
N VAL K 311 27.03 -3.88 12.17
CA VAL K 311 26.55 -4.96 11.33
C VAL K 311 25.50 -5.78 12.09
N GLY K 312 24.45 -6.15 11.40
CA GLY K 312 23.38 -6.93 11.99
C GLY K 312 22.15 -6.89 11.11
N ARG K 313 21.15 -7.68 11.49
CA ARG K 313 19.90 -7.59 10.77
C ARG K 313 18.76 -7.94 11.71
N PRO K 314 17.68 -7.15 11.72
CA PRO K 314 16.51 -7.52 12.51
C PRO K 314 16.06 -8.96 12.19
N GLN K 315 15.89 -9.75 13.25
CA GLN K 315 15.86 -11.20 13.08
C GLN K 315 14.65 -11.67 12.28
N PHE K 316 13.47 -11.08 12.51
CA PHE K 316 12.27 -11.56 11.83
C PHE K 316 12.39 -11.42 10.32
N SER K 317 12.81 -10.25 9.85
CA SER K 317 13.07 -10.07 8.42
C SER K 317 14.18 -11.01 7.95
N ALA K 318 15.23 -11.19 8.78
CA ALA K 318 16.29 -12.12 8.41
C ALA K 318 15.74 -13.53 8.24
N VAL K 319 14.91 -13.97 9.19
CA VAL K 319 14.38 -15.33 9.12
C VAL K 319 13.45 -15.49 7.92
N VAL K 320 12.59 -14.48 7.67
CA VAL K 320 11.65 -14.57 6.55
C VAL K 320 12.40 -14.75 5.24
N GLU K 321 13.34 -13.84 4.95
CA GLU K 321 14.03 -13.88 3.67
C GLU K 321 14.86 -15.16 3.54
N CYS K 322 15.56 -15.55 4.61
CA CYS K 322 16.43 -16.71 4.52
C CYS K 322 15.64 -18.01 4.42
N ALA K 323 14.53 -18.13 5.15
CA ALA K 323 13.71 -19.34 5.08
C ALA K 323 13.12 -19.52 3.68
N ALA K 324 12.72 -18.42 3.04
CA ALA K 324 12.18 -18.52 1.68
C ALA K 324 13.24 -19.00 0.71
N ALA K 325 14.47 -18.48 0.83
CA ALA K 325 15.54 -18.91 -0.06
C ALA K 325 15.88 -20.37 0.15
N ALA K 326 15.96 -20.81 1.40
CA ALA K 326 16.26 -22.21 1.66
C ALA K 326 15.14 -23.12 1.16
N ARG K 327 13.88 -22.71 1.36
CA ARG K 327 12.75 -23.53 0.95
C ARG K 327 12.77 -23.80 -0.55
N GLN K 328 13.12 -22.80 -1.35
CA GLN K 328 13.16 -22.99 -2.80
C GLN K 328 14.20 -24.05 -3.18
N LEU K 329 15.22 -24.24 -2.36
CA LEU K 329 16.25 -25.24 -2.62
C LEU K 329 16.00 -26.53 -1.84
N GLY K 330 14.85 -26.67 -1.20
CA GLY K 330 14.58 -27.86 -0.42
C GLY K 330 15.29 -27.92 0.92
N GLY K 331 15.85 -26.80 1.39
CA GLY K 331 16.55 -26.76 2.65
C GLY K 331 15.69 -26.23 3.79
N HIS K 332 16.35 -25.95 4.91
CA HIS K 332 15.67 -25.52 6.12
C HIS K 332 16.52 -24.47 6.84
N VAL K 333 15.87 -23.69 7.69
CA VAL K 333 16.52 -22.58 8.40
C VAL K 333 16.26 -22.70 9.89
N TRP K 334 17.33 -22.53 10.69
CA TRP K 334 17.22 -22.40 12.14
C TRP K 334 17.30 -20.93 12.54
N ALA K 335 16.35 -20.50 13.37
CA ALA K 335 16.31 -19.13 13.86
C ALA K 335 17.13 -19.06 15.15
N ASP K 336 18.29 -18.41 15.09
CA ASP K 336 19.28 -18.41 16.16
C ASP K 336 19.44 -17.02 16.72
N GLY K 337 19.16 -16.84 18.00
CA GLY K 337 19.43 -15.58 18.66
C GLY K 337 18.23 -14.70 18.94
N GLY K 338 18.27 -14.01 20.08
CA GLY K 338 17.26 -13.04 20.41
C GLY K 338 15.92 -13.56 20.90
N VAL K 339 15.85 -14.82 21.34
CA VAL K 339 14.61 -15.41 21.83
C VAL K 339 14.51 -15.13 23.31
N ARG K 340 13.55 -14.30 23.71
CA ARG K 340 13.33 -14.01 25.12
C ARG K 340 11.97 -14.46 25.64
N HIS K 341 11.00 -14.73 24.77
CA HIS K 341 9.62 -15.01 25.15
C HIS K 341 9.08 -16.07 24.22
N PRO K 342 8.01 -16.77 24.61
CA PRO K 342 7.42 -17.76 23.70
C PRO K 342 6.94 -17.16 22.39
N ARG K 343 6.47 -15.92 22.40
CA ARG K 343 6.08 -15.28 21.13
C ARG K 343 7.23 -15.25 20.13
N ASP K 344 8.48 -15.19 20.62
CA ASP K 344 9.61 -15.16 19.70
C ASP K 344 9.76 -16.48 18.98
N VAL K 345 9.56 -17.60 19.69
CA VAL K 345 9.60 -18.91 19.04
C VAL K 345 8.49 -19.02 18.01
N ALA K 346 7.27 -18.63 18.39
CA ALA K 346 6.13 -18.71 17.47
C ALA K 346 6.39 -17.89 16.22
N LEU K 347 6.81 -16.63 16.38
CA LEU K 347 7.01 -15.77 15.22
C LEU K 347 8.13 -16.29 14.34
N ALA K 348 9.17 -16.86 14.94
CA ALA K 348 10.24 -17.46 14.14
C ALA K 348 9.71 -18.60 13.28
N LEU K 349 8.77 -19.38 13.82
CA LEU K 349 8.21 -20.50 13.08
C LEU K 349 7.22 -20.02 12.03
N ALA K 350 6.37 -19.05 12.37
CA ALA K 350 5.51 -18.47 11.35
C ALA K 350 6.33 -17.87 10.21
N ALA K 351 7.51 -17.33 10.52
CA ALA K 351 8.38 -16.77 9.49
C ALA K 351 8.97 -17.84 8.59
N GLY K 352 8.85 -19.12 8.95
CA GLY K 352 9.30 -20.20 8.09
C GLY K 352 10.53 -20.94 8.56
N ALA K 353 11.03 -20.66 9.76
CA ALA K 353 12.10 -21.48 10.33
C ALA K 353 11.57 -22.84 10.73
N SER K 354 12.39 -23.87 10.55
CA SER K 354 12.01 -25.22 10.99
C SER K 354 12.34 -25.48 12.45
N ASN K 355 13.27 -24.73 13.04
CA ASN K 355 13.67 -24.90 14.43
C ASN K 355 14.15 -23.56 14.95
N VAL K 356 14.09 -23.41 16.27
CA VAL K 356 14.48 -22.17 16.93
C VAL K 356 15.57 -22.50 17.94
N MET K 357 16.73 -21.86 17.81
CA MET K 357 17.84 -22.06 18.73
C MET K 357 17.78 -21.03 19.85
N ILE K 358 17.86 -21.51 21.08
CA ILE K 358 17.74 -20.68 22.27
C ILE K 358 19.01 -20.84 23.10
N GLY K 359 19.53 -19.71 23.58
CA GLY K 359 20.76 -19.68 24.35
C GLY K 359 20.62 -19.12 25.76
N SER K 360 20.86 -17.81 25.89
CA SER K 360 20.96 -17.16 27.20
C SER K 360 19.74 -17.42 28.09
N TRP K 361 18.55 -17.46 27.48
CA TRP K 361 17.33 -17.72 28.25
C TRP K 361 17.47 -19.00 29.08
N PHE K 362 17.98 -20.07 28.48
CA PHE K 362 18.09 -21.34 29.20
C PHE K 362 19.27 -21.37 30.17
N ALA K 363 20.07 -20.31 30.26
CA ALA K 363 21.08 -20.26 31.30
C ALA K 363 20.43 -20.06 32.66
N GLY K 364 19.29 -19.39 32.70
CA GLY K 364 18.58 -19.17 33.94
C GLY K 364 17.69 -20.33 34.33
N THR K 365 18.27 -21.54 34.35
CA THR K 365 17.57 -22.75 34.77
C THR K 365 18.48 -23.57 35.68
N TYR K 366 17.88 -24.50 36.44
CA TYR K 366 18.66 -25.37 37.31
C TYR K 366 19.65 -26.23 36.52
N GLU K 367 19.26 -26.64 35.32
CA GLU K 367 20.01 -27.64 34.56
C GLU K 367 21.17 -27.05 33.78
N SER K 368 21.31 -25.73 33.71
CA SER K 368 22.44 -25.13 33.04
C SER K 368 23.71 -25.34 33.88
N PRO K 369 24.88 -25.38 33.24
CA PRO K 369 26.10 -25.78 33.95
C PRO K 369 26.59 -24.78 34.99
N GLY K 370 26.24 -23.50 34.89
CA GLY K 370 26.75 -22.53 35.83
C GLY K 370 26.23 -22.73 37.24
N ASP K 371 26.86 -22.01 38.17
CA ASP K 371 26.44 -22.04 39.57
C ASP K 371 25.24 -21.14 39.79
N LEU K 372 24.37 -21.57 40.71
CA LEU K 372 23.20 -20.79 41.08
C LEU K 372 23.64 -19.64 42.00
N LEU K 373 23.24 -18.42 41.64
CA LEU K 373 23.63 -17.22 42.37
C LEU K 373 22.39 -16.46 42.83
N PHE K 374 22.61 -15.54 43.78
CA PHE K 374 21.55 -14.72 44.35
C PHE K 374 22.00 -13.27 44.38
N ASP K 375 21.12 -12.36 43.97
CA ASP K 375 21.46 -10.96 43.81
C ASP K 375 21.16 -10.20 45.10
N ARG K 376 21.09 -8.86 45.03
CA ARG K 376 20.86 -8.05 46.22
C ARG K 376 19.55 -8.40 46.90
N ASP K 377 18.49 -8.64 46.12
CA ASP K 377 17.19 -8.98 46.66
C ASP K 377 17.03 -10.49 46.90
N ASP K 378 18.13 -11.25 46.84
CA ASP K 378 18.14 -12.70 47.03
C ASP K 378 17.32 -13.43 45.98
N ARG K 379 17.14 -12.83 44.81
CA ARG K 379 16.49 -13.52 43.69
C ARG K 379 17.49 -14.45 43.03
N PRO K 380 17.12 -15.70 42.74
CA PRO K 380 18.07 -16.61 42.08
C PRO K 380 18.31 -16.21 40.63
N TYR K 381 19.57 -16.31 40.20
CA TYR K 381 19.92 -16.03 38.83
C TYR K 381 21.17 -16.83 38.46
N LYS K 382 21.50 -16.80 37.18
CA LYS K 382 22.72 -17.39 36.65
C LYS K 382 23.21 -16.52 35.49
N GLU K 383 24.53 -16.41 35.38
CA GLU K 383 25.16 -15.57 34.38
C GLU K 383 25.26 -16.33 33.06
N SER K 384 24.66 -15.79 32.02
CA SER K 384 25.01 -16.23 30.68
C SER K 384 26.21 -15.45 30.17
N TYR K 385 26.97 -16.06 29.27
CA TYR K 385 28.10 -15.39 28.66
C TYR K 385 28.31 -15.94 27.25
N GLY K 386 28.98 -15.15 26.42
CA GLY K 386 29.13 -15.51 25.03
C GLY K 386 30.31 -16.43 24.76
N MET K 387 30.33 -16.99 23.55
CA MET K 387 31.44 -17.84 23.13
C MET K 387 32.61 -17.04 22.59
N ALA K 388 32.38 -15.77 22.21
CA ALA K 388 33.44 -14.84 21.80
C ALA K 388 34.31 -15.40 20.68
N SER K 389 35.62 -15.55 20.95
CA SER K 389 36.55 -15.94 19.90
C SER K 389 36.28 -17.33 19.35
N LYS K 390 35.53 -18.18 20.06
CA LYS K 390 35.22 -19.50 19.54
C LYS K 390 34.28 -19.44 18.35
N ARG K 391 33.62 -18.30 18.11
CA ARG K 391 32.82 -18.10 16.92
C ARG K 391 33.59 -17.37 15.80
N ALA K 392 34.78 -16.85 16.10
CA ALA K 392 35.52 -16.01 15.15
C ALA K 392 36.47 -16.84 14.29
N VAL K 393 36.86 -16.26 13.16
CA VAL K 393 37.89 -16.84 12.32
C VAL K 393 39.26 -16.46 12.89
N ALA K 394 40.13 -17.45 13.05
CA ALA K 394 41.45 -17.24 13.61
C ALA K 394 42.49 -17.86 12.70
N ALA K 395 43.70 -17.30 12.73
CA ALA K 395 44.82 -17.80 11.95
C ALA K 395 45.53 -18.92 12.72
N ARG K 396 46.54 -19.52 12.09
CA ARG K 396 47.25 -20.63 12.69
C ARG K 396 48.24 -20.13 13.74
N THR K 397 48.28 -20.84 14.87
CA THR K 397 49.11 -20.46 16.01
C THR K 397 50.40 -21.27 16.11
N ALA K 398 50.67 -22.14 15.13
CA ALA K 398 51.89 -22.94 15.12
C ALA K 398 53.01 -22.11 14.50
N GLY K 399 53.97 -21.69 15.33
CA GLY K 399 54.98 -20.75 14.92
C GLY K 399 54.78 -19.35 15.48
N ASP K 400 53.61 -19.05 16.03
CA ASP K 400 53.37 -17.77 16.66
C ASP K 400 53.93 -17.78 18.09
N SER K 401 54.71 -16.75 18.41
CA SER K 401 55.26 -16.57 19.74
C SER K 401 54.22 -15.97 20.68
N SER K 402 54.53 -16.00 21.98
CA SER K 402 53.67 -15.34 22.96
C SER K 402 53.46 -13.87 22.65
N PHE K 403 54.36 -13.25 21.89
CA PHE K 403 54.12 -11.90 21.38
C PHE K 403 52.96 -11.89 20.39
N ASP K 404 53.01 -12.77 19.38
CA ASP K 404 51.91 -12.87 18.43
C ASP K 404 50.62 -13.28 19.10
N ARG K 405 50.71 -14.04 20.20
CA ARG K 405 49.53 -14.37 20.99
C ARG K 405 48.82 -13.12 21.48
N ALA K 406 49.53 -12.30 22.25
CA ALA K 406 48.94 -11.06 22.77
C ALA K 406 48.50 -10.13 21.63
N ARG K 407 49.28 -10.09 20.55
CA ARG K 407 48.93 -9.24 19.41
C ARG K 407 47.57 -9.60 18.85
N LYS K 408 47.36 -10.89 18.55
CA LYS K 408 46.05 -11.32 18.08
C LYS K 408 45.01 -11.26 19.20
N GLY K 409 45.45 -11.36 20.45
CA GLY K 409 44.54 -11.29 21.57
C GLY K 409 44.09 -9.89 21.96
N LEU K 410 44.73 -8.85 21.41
CA LEU K 410 44.36 -7.49 21.76
C LEU K 410 42.99 -7.13 21.18
N PHE K 411 42.81 -7.34 19.88
CA PHE K 411 41.53 -7.09 19.21
C PHE K 411 40.51 -8.19 19.45
N GLU K 412 40.87 -9.22 20.22
CA GLU K 412 39.98 -10.36 20.42
C GLU K 412 38.70 -9.93 21.12
N GLU K 413 37.59 -10.54 20.74
CA GLU K 413 36.29 -10.21 21.34
C GLU K 413 36.24 -10.69 22.78
N GLY K 414 35.97 -9.78 23.70
CA GLY K 414 35.82 -10.15 25.09
C GLY K 414 34.57 -10.97 25.32
N ILE K 415 34.49 -11.56 26.51
CA ILE K 415 33.35 -12.37 26.90
C ILE K 415 32.36 -11.47 27.63
N SER K 416 31.22 -11.19 27.00
CA SER K 416 30.16 -10.45 27.66
C SER K 416 29.47 -11.33 28.69
N THR K 417 28.82 -10.69 29.65
CA THR K 417 28.13 -11.37 30.73
C THR K 417 26.76 -10.72 30.95
N SER K 418 25.74 -11.56 31.13
CA SER K 418 24.40 -11.08 31.38
C SER K 418 23.77 -11.93 32.48
N ARG K 419 22.98 -11.30 33.34
CA ARG K 419 22.31 -11.99 34.42
C ARG K 419 20.96 -12.52 33.93
N MET K 420 20.77 -13.83 34.01
CA MET K 420 19.52 -14.48 33.64
C MET K 420 18.88 -15.00 34.93
N SER K 421 17.82 -14.34 35.38
CA SER K 421 17.19 -14.70 36.63
C SER K 421 16.25 -15.88 36.43
N LEU K 422 16.30 -16.82 37.39
CA LEU K 422 15.37 -17.94 37.37
C LEU K 422 14.00 -17.50 37.84
N ASP K 423 12.96 -18.07 37.22
CA ASP K 423 11.61 -17.89 37.74
C ASP K 423 11.55 -18.45 39.15
N PRO K 424 11.25 -17.63 40.17
CA PRO K 424 11.28 -18.13 41.55
C PRO K 424 10.35 -19.31 41.78
N ALA K 425 9.22 -19.36 41.08
CA ALA K 425 8.29 -20.48 41.22
C ALA K 425 8.77 -21.70 40.45
N ARG K 426 8.99 -21.54 39.15
CA ARG K 426 9.33 -22.64 38.25
C ARG K 426 10.68 -22.36 37.58
N GLY K 427 11.76 -22.91 38.14
CA GLY K 427 13.09 -22.62 37.67
C GLY K 427 13.74 -23.66 36.80
N GLY K 428 13.06 -24.76 36.49
CA GLY K 428 13.62 -25.78 35.64
C GLY K 428 13.41 -25.49 34.16
N VAL K 429 14.32 -26.01 33.33
CA VAL K 429 14.22 -25.77 31.89
C VAL K 429 12.96 -26.40 31.32
N GLU K 430 12.45 -27.46 31.95
CA GLU K 430 11.22 -28.08 31.47
C GLU K 430 10.01 -27.17 31.68
N ASP K 431 10.06 -26.30 32.68
CA ASP K 431 9.00 -25.32 32.85
C ASP K 431 9.01 -24.31 31.70
N LEU K 432 10.20 -23.91 31.25
CA LEU K 432 10.26 -23.01 30.10
C LEU K 432 9.78 -23.72 28.84
N LEU K 433 10.13 -25.01 28.67
CA LEU K 433 9.62 -25.77 27.54
C LEU K 433 8.10 -25.85 27.57
N ASP K 434 7.52 -26.06 28.76
CA ASP K 434 6.07 -25.96 28.91
C ASP K 434 5.57 -24.59 28.47
N HIS K 435 6.21 -23.54 28.98
CA HIS K 435 5.85 -22.17 28.62
C HIS K 435 5.97 -21.94 27.10
N ILE K 436 7.09 -22.37 26.51
CA ILE K 436 7.32 -22.13 25.09
C ILE K 436 6.32 -22.90 24.25
N THR K 437 6.21 -24.22 24.45
CA THR K 437 5.37 -25.04 23.59
C THR K 437 3.89 -24.76 23.82
N SER K 438 3.49 -24.41 25.06
CA SER K 438 2.11 -23.98 25.27
C SER K 438 1.78 -22.77 24.42
N GLY K 439 2.70 -21.80 24.33
CA GLY K 439 2.47 -20.65 23.48
C GLY K 439 2.38 -21.01 22.01
N VAL K 440 3.33 -21.83 21.53
CA VAL K 440 3.37 -22.14 20.11
C VAL K 440 2.13 -22.92 19.70
N ARG K 441 1.69 -23.86 20.55
CA ARG K 441 0.46 -24.58 20.27
C ARG K 441 -0.72 -23.63 20.24
N SER K 442 -0.75 -22.68 21.18
CA SER K 442 -1.82 -21.69 21.16
C SER K 442 -1.73 -20.82 19.90
N THR K 443 -0.52 -20.53 19.42
CA THR K 443 -0.40 -19.78 18.16
C THR K 443 -1.04 -20.53 17.01
N CYS K 444 -0.79 -21.84 16.92
CA CYS K 444 -1.35 -22.65 15.84
C CYS K 444 -2.87 -22.69 15.90
N THR K 445 -3.46 -22.78 17.10
CA THR K 445 -4.91 -22.80 17.20
C THR K 445 -5.51 -21.46 16.78
N TYR K 446 -4.85 -20.35 17.09
CA TYR K 446 -5.28 -19.04 16.60
C TYR K 446 -5.19 -18.94 15.09
N VAL K 447 -4.19 -19.59 14.49
CA VAL K 447 -3.98 -19.51 13.05
C VAL K 447 -4.86 -20.50 12.29
N GLY K 448 -5.28 -21.58 12.94
CA GLY K 448 -5.97 -22.64 12.26
C GLY K 448 -5.05 -23.72 11.73
N ALA K 449 -3.83 -23.81 12.26
CA ALA K 449 -2.84 -24.76 11.79
C ALA K 449 -2.79 -25.96 12.72
N ALA K 450 -2.66 -27.14 12.14
CA ALA K 450 -2.52 -28.36 12.91
C ALA K 450 -1.09 -28.82 13.06
N ASN K 451 -0.15 -28.17 12.38
CA ASN K 451 1.26 -28.51 12.48
C ASN K 451 2.07 -27.28 12.08
N LEU K 452 3.39 -27.42 12.19
CA LEU K 452 4.31 -26.31 11.93
C LEU K 452 4.31 -25.90 10.46
N PRO K 453 4.35 -26.84 9.50
CA PRO K 453 4.22 -26.42 8.10
C PRO K 453 2.94 -25.64 7.81
N GLU K 454 1.82 -26.03 8.44
CA GLU K 454 0.58 -25.28 8.22
C GLU K 454 0.64 -23.90 8.87
N LEU K 455 1.35 -23.77 9.99
CA LEU K 455 1.51 -22.46 10.61
C LEU K 455 2.15 -21.47 9.65
N HIS K 456 3.25 -21.88 9.01
CA HIS K 456 3.91 -20.99 8.06
C HIS K 456 3.05 -20.72 6.84
N GLU K 457 2.34 -21.74 6.36
CA GLU K 457 1.56 -21.60 5.14
CA GLU K 457 1.55 -21.61 5.14
C GLU K 457 0.27 -20.81 5.35
N LYS K 458 -0.27 -20.77 6.57
CA LYS K 458 -1.57 -20.14 6.81
C LYS K 458 -1.52 -18.84 7.57
N VAL K 459 -0.35 -18.44 8.10
CA VAL K 459 -0.32 -17.31 9.02
C VAL K 459 -0.50 -16.00 8.26
N VAL K 460 -1.24 -15.08 8.87
CA VAL K 460 -1.39 -13.71 8.39
C VAL K 460 -0.71 -12.80 9.41
N LEU K 461 0.15 -11.92 8.94
CA LEU K 461 0.98 -11.09 9.80
C LEU K 461 0.66 -9.61 9.60
N GLY K 462 0.95 -8.83 10.64
CA GLY K 462 0.78 -7.40 10.58
C GLY K 462 1.91 -6.71 11.31
N VAL K 463 2.08 -5.42 11.02
CA VAL K 463 3.11 -4.58 11.61
C VAL K 463 2.43 -3.60 12.55
N GLN K 464 3.10 -3.29 13.66
CA GLN K 464 2.60 -2.33 14.64
C GLN K 464 3.67 -1.28 14.90
N SER K 465 3.22 -0.15 15.46
CA SER K 465 4.14 0.90 15.89
C SER K 465 4.68 0.57 17.28
N ALA K 466 5.41 1.51 17.88
CA ALA K 466 6.00 1.26 19.20
C ALA K 466 4.93 1.03 20.26
N ALA K 467 3.81 1.77 20.19
CA ALA K 467 2.72 1.56 21.14
C ALA K 467 1.97 0.27 20.88
N GLY K 468 2.12 -0.31 19.69
CA GLY K 468 1.38 -1.53 19.33
C GLY K 468 1.79 -2.74 20.16
N PHE K 469 3.08 -2.82 20.49
CA PHE K 469 3.61 -3.96 21.29
C PHE K 469 3.18 -3.79 22.75
N ALA K 470 2.89 -2.56 23.17
CA ALA K 470 2.54 -2.31 24.57
C ALA K 470 1.17 -2.87 24.96
N GLU K 471 0.39 -3.38 24.02
CA GLU K 471 -0.92 -3.94 24.36
C GLU K 471 -0.77 -5.25 25.11
N GLY K 472 -1.64 -5.46 26.08
CA GLY K 472 -1.65 -6.67 26.87
C GLY K 472 -1.01 -6.51 28.22
N HIS K 473 -0.61 -7.65 28.79
CA HIS K 473 -0.01 -7.75 30.10
C HIS K 473 1.43 -8.24 30.01
N PRO K 474 2.35 -7.74 30.85
CA PRO K 474 3.73 -8.21 30.85
C PRO K 474 3.98 -9.33 31.86
N VAL L 2 -14.91 5.64 8.47
CA VAL L 2 -14.14 6.71 9.11
C VAL L 2 -13.36 7.48 8.06
N ARG L 3 -13.15 8.77 8.31
CA ARG L 3 -12.37 9.62 7.44
C ARG L 3 -11.02 9.90 8.10
N PHE L 4 -9.95 9.68 7.35
CA PHE L 4 -8.60 10.00 7.79
C PHE L 4 -8.07 11.19 6.99
N LEU L 5 -7.23 11.99 7.66
CA LEU L 5 -6.60 13.12 7.00
C LEU L 5 -5.81 12.66 5.79
N ASP L 6 -5.82 13.48 4.73
CA ASP L 6 -5.16 13.10 3.48
C ASP L 6 -3.69 12.74 3.72
N GLY L 7 -3.30 11.57 3.24
CA GLY L 7 -1.96 11.06 3.39
C GLY L 7 -1.71 10.25 4.64
N HIS L 8 -2.71 10.12 5.53
CA HIS L 8 -2.53 9.37 6.76
C HIS L 8 -2.96 7.93 6.51
N THR L 9 -2.08 7.20 5.82
CA THR L 9 -2.29 5.79 5.48
C THR L 9 -1.03 5.04 5.89
N PRO L 10 -0.85 4.81 7.19
CA PRO L 10 0.38 4.18 7.67
C PRO L 10 0.50 2.74 7.18
N ALA L 11 1.75 2.26 7.21
CA ALA L 11 2.08 0.88 6.88
C ALA L 11 1.98 -0.05 8.08
N TYR L 12 1.19 0.31 9.09
CA TYR L 12 1.04 -0.49 10.30
C TYR L 12 -0.38 -0.30 10.83
N ASP L 13 -0.79 -1.17 11.74
CA ASP L 13 -2.09 -1.06 12.39
C ASP L 13 -2.00 -0.17 13.63
N LEU L 14 -3.14 0.38 14.02
CA LEU L 14 -3.21 1.50 14.94
C LEU L 14 -3.78 1.08 16.29
N THR L 15 -3.11 1.48 17.37
CA THR L 15 -3.68 1.41 18.71
C THR L 15 -4.39 2.73 19.02
N TYR L 16 -4.95 2.82 20.23
CA TYR L 16 -5.57 4.07 20.66
C TYR L 16 -4.55 5.19 20.77
N ASN L 17 -3.30 4.87 21.13
CA ASN L 17 -2.27 5.90 21.27
C ASN L 17 -1.82 6.47 19.93
N ASP L 18 -2.12 5.79 18.82
CA ASP L 18 -1.60 6.16 17.51
C ASP L 18 -2.42 7.22 16.80
N VAL L 19 -3.64 7.49 17.24
CA VAL L 19 -4.59 8.31 16.49
C VAL L 19 -5.06 9.48 17.35
N PHE L 20 -5.53 10.53 16.66
CA PHE L 20 -6.14 11.69 17.29
C PHE L 20 -7.36 12.08 16.49
N VAL L 21 -8.26 12.83 17.14
CA VAL L 21 -9.47 13.35 16.50
C VAL L 21 -9.25 14.81 16.17
N VAL L 22 -9.53 15.19 14.93
CA VAL L 22 -9.46 16.58 14.48
C VAL L 22 -10.82 17.22 14.74
N PRO L 23 -10.90 18.33 15.46
CA PRO L 23 -12.20 18.98 15.64
C PRO L 23 -12.76 19.48 14.33
N GLY L 24 -14.09 19.59 14.27
CA GLY L 24 -14.78 20.08 13.10
C GLY L 24 -15.79 21.15 13.51
N ARG L 25 -16.39 21.76 12.50
CA ARG L 25 -17.41 22.78 12.73
C ARG L 25 -18.56 22.20 13.55
N SER L 26 -18.90 22.89 14.64
CA SER L 26 -19.88 22.37 15.59
C SER L 26 -20.89 23.45 15.97
N ASP L 27 -22.16 23.04 16.02
CA ASP L 27 -23.22 23.84 16.62
C ASP L 27 -23.79 23.18 17.88
N VAL L 28 -23.12 22.14 18.39
CA VAL L 28 -23.54 21.49 19.62
C VAL L 28 -22.97 22.29 20.78
N ALA L 29 -23.85 22.99 21.52
CA ALA L 29 -23.40 24.01 22.46
C ALA L 29 -22.85 23.40 23.75
N SER L 30 -23.57 22.46 24.35
CA SER L 30 -23.23 21.95 25.67
C SER L 30 -23.03 20.44 25.64
N ARG L 31 -22.25 19.96 26.62
CA ARG L 31 -22.08 18.53 26.81
C ARG L 31 -23.41 17.82 27.01
N PHE L 32 -24.38 18.47 27.65
CA PHE L 32 -25.65 17.83 27.91
C PHE L 32 -26.55 17.73 26.68
N ASP L 33 -26.24 18.47 25.61
CA ASP L 33 -27.01 18.34 24.38
C ASP L 33 -26.69 17.05 23.63
N VAL L 34 -25.70 16.29 24.07
CA VAL L 34 -25.31 15.04 23.40
C VAL L 34 -26.18 13.91 23.93
N ASP L 35 -26.67 13.09 23.01
CA ASP L 35 -27.38 11.87 23.37
C ASP L 35 -26.39 10.71 23.36
N LEU L 36 -26.10 10.15 24.53
CA LEU L 36 -25.12 9.08 24.67
C LEU L 36 -25.74 7.69 24.56
N SER L 37 -27.03 7.59 24.25
CA SER L 37 -27.69 6.30 24.19
C SER L 37 -27.12 5.44 23.06
N THR L 38 -27.03 4.14 23.31
CA THR L 38 -26.57 3.21 22.29
C THR L 38 -27.73 2.67 21.47
N VAL L 39 -27.40 2.17 20.28
CA VAL L 39 -28.38 1.71 19.31
C VAL L 39 -28.21 0.23 18.99
N ASP L 40 -27.47 -0.52 19.81
CA ASP L 40 -27.20 -1.92 19.49
C ASP L 40 -28.23 -2.88 20.09
N GLY L 41 -29.30 -2.36 20.70
CA GLY L 41 -30.25 -3.22 21.37
C GLY L 41 -29.85 -3.64 22.77
N SER L 42 -28.70 -3.20 23.28
CA SER L 42 -28.30 -3.55 24.64
C SER L 42 -29.15 -2.83 25.68
N GLY L 43 -29.66 -1.64 25.35
CA GLY L 43 -30.44 -0.87 26.29
C GLY L 43 -29.64 0.09 27.14
N THR L 44 -28.33 0.17 26.96
CA THR L 44 -27.53 1.12 27.75
C THR L 44 -27.77 2.54 27.26
N THR L 45 -27.83 3.48 28.20
CA THR L 45 -27.98 4.89 27.89
C THR L 45 -26.66 5.64 27.89
N ILE L 46 -25.56 4.96 28.23
CA ILE L 46 -24.21 5.46 28.02
C ILE L 46 -23.46 4.30 27.39
N PRO L 47 -22.40 4.53 26.63
CA PRO L 47 -21.71 3.45 25.92
C PRO L 47 -20.65 2.72 26.76
N VAL L 48 -21.03 2.30 27.97
CA VAL L 48 -20.13 1.59 28.88
C VAL L 48 -20.75 0.25 29.26
N VAL L 49 -20.02 -0.84 29.00
CA VAL L 49 -20.37 -2.19 29.42
C VAL L 49 -19.26 -2.71 30.32
N VAL L 50 -19.62 -3.30 31.46
CA VAL L 50 -18.64 -3.84 32.39
C VAL L 50 -18.33 -5.28 32.02
N ALA L 51 -17.04 -5.60 31.93
CA ALA L 51 -16.60 -6.89 31.41
C ALA L 51 -17.07 -8.05 32.29
N ASN L 52 -17.23 -9.22 31.67
CA ASN L 52 -17.60 -10.45 32.37
C ASN L 52 -16.36 -11.06 33.01
N MET L 53 -15.90 -10.39 34.08
CA MET L 53 -14.74 -10.83 34.85
C MET L 53 -15.12 -10.89 36.32
N THR L 54 -14.70 -11.97 37.00
CA THR L 54 -15.01 -12.16 38.41
C THR L 54 -14.40 -11.08 39.30
N ALA L 55 -13.37 -10.39 38.83
CA ALA L 55 -12.77 -9.33 39.62
C ALA L 55 -13.57 -8.04 39.56
N VAL L 56 -14.54 -7.93 38.67
CA VAL L 56 -15.22 -6.66 38.45
C VAL L 56 -16.74 -6.84 38.49
N ALA L 57 -17.24 -7.89 37.84
CA ALA L 57 -18.67 -8.02 37.55
C ALA L 57 -19.39 -8.72 38.71
N GLY L 58 -19.61 -7.97 39.78
CA GLY L 58 -20.32 -8.47 40.94
C GLY L 58 -21.66 -7.77 41.13
N ARG L 59 -22.41 -8.14 42.18
CA ARG L 59 -23.79 -7.60 42.35
C ARG L 59 -23.76 -6.09 42.61
N ARG L 60 -22.87 -5.61 43.48
CA ARG L 60 -22.81 -4.16 43.82
C ARG L 60 -22.49 -3.38 42.54
N MET L 61 -21.57 -3.90 41.73
CA MET L 61 -21.18 -3.23 40.47
C MET L 61 -22.38 -3.30 39.51
N ALA L 62 -23.06 -4.43 39.48
CA ALA L 62 -24.15 -4.57 38.52
C ALA L 62 -25.27 -3.57 38.79
N GLU L 63 -25.62 -3.40 40.06
CA GLU L 63 -26.63 -2.40 40.42
C GLU L 63 -26.14 -0.99 40.12
N THR L 64 -24.89 -0.69 40.50
CA THR L 64 -24.42 0.69 40.44
C THR L 64 -24.29 1.18 39.00
N VAL L 65 -23.78 0.33 38.11
CA VAL L 65 -23.57 0.74 36.73
C VAL L 65 -24.90 0.85 35.99
N ALA L 66 -25.79 -0.12 36.19
CA ALA L 66 -27.07 -0.11 35.48
C ALA L 66 -27.89 1.13 35.84
N ARG L 67 -27.84 1.57 37.10
CA ARG L 67 -28.58 2.76 37.50
C ARG L 67 -28.08 3.99 36.77
N ARG L 68 -26.80 4.04 36.41
CA ARG L 68 -26.22 5.16 35.68
C ARG L 68 -26.27 4.97 34.17
N GLY L 69 -26.93 3.91 33.69
CA GLY L 69 -27.15 3.71 32.27
C GLY L 69 -26.33 2.63 31.62
N GLY L 70 -25.29 2.12 32.27
CA GLY L 70 -24.49 1.05 31.72
C GLY L 70 -25.17 -0.29 31.90
N ILE L 71 -24.39 -1.36 31.68
CA ILE L 71 -24.85 -2.71 31.94
C ILE L 71 -23.64 -3.55 32.33
N VAL L 72 -23.88 -4.56 33.16
CA VAL L 72 -22.83 -5.44 33.66
C VAL L 72 -23.10 -6.85 33.17
N VAL L 73 -22.06 -7.50 32.64
CA VAL L 73 -22.15 -8.87 32.14
C VAL L 73 -21.62 -9.81 33.20
N LEU L 74 -22.49 -10.65 33.74
CA LEU L 74 -22.07 -11.61 34.74
C LEU L 74 -21.07 -12.59 34.13
N PRO L 75 -20.06 -13.01 34.90
CA PRO L 75 -19.05 -13.92 34.33
C PRO L 75 -19.62 -15.29 34.02
N GLN L 76 -19.06 -15.92 33.00
CA GLN L 76 -19.49 -17.27 32.65
C GLN L 76 -19.11 -18.24 33.77
N ASP L 77 -19.88 -19.32 33.87
CA ASP L 77 -19.75 -20.42 34.83
C ASP L 77 -20.20 -20.03 36.23
N LEU L 78 -20.68 -18.81 36.45
CA LEU L 78 -21.37 -18.49 37.69
C LEU L 78 -22.53 -19.47 37.86
N PRO L 79 -22.61 -20.20 38.97
CA PRO L 79 -23.71 -21.16 39.15
C PRO L 79 -25.07 -20.49 39.00
N ILE L 80 -26.02 -21.25 38.45
CA ILE L 80 -27.29 -20.66 38.05
C ILE L 80 -28.05 -20.09 39.25
N THR L 81 -27.95 -20.73 40.41
CA THR L 81 -28.61 -20.18 41.59
C THR L 81 -27.98 -18.86 42.01
N ALA L 82 -26.68 -18.69 41.78
CA ALA L 82 -26.05 -17.40 42.08
C ALA L 82 -26.44 -16.34 41.06
N VAL L 83 -26.70 -16.74 39.81
CA VAL L 83 -27.17 -15.79 38.80
C VAL L 83 -28.56 -15.27 39.18
N SER L 84 -29.50 -16.19 39.39
CA SER L 84 -30.86 -15.81 39.81
C SER L 84 -30.81 -14.89 41.02
N GLU L 85 -29.99 -15.24 42.02
CA GLU L 85 -29.90 -14.41 43.21
C GLU L 85 -29.42 -13.01 42.85
N THR L 86 -28.43 -12.90 41.97
CA THR L 86 -27.92 -11.59 41.56
C THR L 86 -28.95 -10.84 40.72
N VAL L 87 -29.57 -11.52 39.74
CA VAL L 87 -30.59 -10.88 38.92
C VAL L 87 -31.73 -10.36 39.79
N ASP L 88 -32.21 -11.19 40.73
CA ASP L 88 -33.29 -10.76 41.62
C ASP L 88 -32.88 -9.56 42.45
N PHE L 89 -31.64 -9.53 42.93
CA PHE L 89 -31.16 -8.37 43.67
C PHE L 89 -31.15 -7.14 42.78
N VAL L 90 -30.49 -7.22 41.62
CA VAL L 90 -30.35 -6.05 40.75
C VAL L 90 -31.72 -5.54 40.31
N LYS L 91 -32.61 -6.45 39.93
CA LYS L 91 -33.91 -6.05 39.42
C LYS L 91 -34.89 -5.61 40.51
N SER L 92 -34.54 -5.77 41.78
CA SER L 92 -35.35 -5.22 42.87
C SER L 92 -34.77 -3.93 43.43
N ARG L 93 -33.74 -3.38 42.80
CA ARG L 93 -33.14 -2.13 43.26
C ARG L 93 -33.94 -0.93 42.80
N ASP L 94 -33.87 0.14 43.58
CA ASP L 94 -34.54 1.37 43.19
C ASP L 94 -33.79 2.06 42.07
N LEU L 95 -34.55 2.74 41.21
CA LEU L 95 -33.97 3.42 40.04
C LEU L 95 -33.20 4.67 40.42
N VAL L 96 -33.43 5.22 41.61
CA VAL L 96 -32.80 6.46 42.03
C VAL L 96 -32.01 6.26 43.33
N VAL L 97 -32.67 5.75 44.35
CA VAL L 97 -32.06 5.52 45.66
C VAL L 97 -31.16 4.31 45.60
N ASP L 98 -29.99 4.41 46.26
CA ASP L 98 -28.97 3.38 46.21
C ASP L 98 -29.02 2.51 47.47
N THR L 99 -28.54 1.28 47.35
CA THR L 99 -28.51 0.34 48.48
C THR L 99 -27.27 0.57 49.33
N PRO L 100 -27.40 0.93 50.60
CA PRO L 100 -26.23 1.22 51.43
C PRO L 100 -25.61 -0.03 52.06
N VAL L 101 -24.43 0.17 52.65
CA VAL L 101 -23.91 -0.81 53.60
C VAL L 101 -24.76 -0.77 54.86
N THR L 102 -25.25 -1.92 55.29
CA THR L 102 -26.10 -2.01 56.48
C THR L 102 -25.37 -2.74 57.61
N LEU L 103 -25.65 -2.29 58.83
CA LEU L 103 -25.02 -2.83 60.03
C LEU L 103 -26.08 -3.18 61.07
N SER L 104 -25.80 -4.20 61.84
CA SER L 104 -26.55 -4.50 63.05
C SER L 104 -25.98 -3.70 64.22
N PRO L 105 -26.83 -3.27 65.17
CA PRO L 105 -26.28 -2.55 66.33
C PRO L 105 -25.30 -3.37 67.15
N GLU L 106 -25.33 -4.70 66.99
CA GLU L 106 -24.44 -5.61 67.75
C GLU L 106 -23.15 -5.91 66.97
N ASP L 107 -23.01 -5.39 65.74
CA ASP L 107 -21.76 -5.55 65.02
C ASP L 107 -20.66 -4.71 65.68
N SER L 108 -19.42 -5.16 65.53
CA SER L 108 -18.29 -4.46 66.12
C SER L 108 -17.88 -3.28 65.23
N VAL L 109 -17.17 -2.33 65.84
CA VAL L 109 -16.62 -1.23 65.06
C VAL L 109 -15.65 -1.75 64.00
N SER L 110 -14.86 -2.77 64.36
CA SER L 110 -13.93 -3.35 63.40
C SER L 110 -14.65 -3.93 62.20
N ASP L 111 -15.76 -4.62 62.42
CA ASP L 111 -16.58 -5.08 61.29
C ASP L 111 -17.13 -3.93 60.48
N ALA L 112 -17.43 -2.80 61.14
CA ALA L 112 -18.08 -1.68 60.46
C ALA L 112 -17.19 -1.11 59.35
N ASN L 113 -15.99 -0.66 59.70
CA ASN L 113 -15.16 -0.01 58.68
C ASN L 113 -14.44 -1.00 57.79
N ALA L 114 -14.64 -2.30 57.98
CA ALA L 114 -14.30 -3.28 56.95
C ALA L 114 -15.38 -3.35 55.88
N LEU L 115 -16.63 -3.04 56.23
CA LEU L 115 -17.71 -3.01 55.27
C LEU L 115 -17.96 -1.62 54.68
N LEU L 116 -17.46 -0.57 55.33
CA LEU L 116 -17.75 0.80 54.89
C LEU L 116 -17.36 1.02 53.43
N HIS L 117 -16.29 0.39 52.98
CA HIS L 117 -15.76 0.63 51.64
C HIS L 117 -16.37 -0.30 50.59
N LYS L 118 -17.44 -1.03 50.94
CA LYS L 118 -18.17 -1.78 49.93
C LYS L 118 -18.99 -0.87 49.02
N ARG L 119 -19.28 0.34 49.49
CA ARG L 119 -19.99 1.36 48.73
C ARG L 119 -19.19 2.66 48.81
N ALA L 120 -19.65 3.65 48.03
CA ALA L 120 -18.98 4.94 47.95
C ALA L 120 -19.67 5.99 48.81
N HIS L 121 -20.60 5.59 49.67
CA HIS L 121 -21.37 6.56 50.43
C HIS L 121 -20.60 7.16 51.60
N GLY L 122 -19.58 6.48 52.10
CA GLY L 122 -18.89 6.96 53.28
C GLY L 122 -19.68 6.89 54.56
N ALA L 123 -20.79 6.15 54.57
CA ALA L 123 -21.58 5.95 55.77
C ALA L 123 -22.39 4.67 55.62
N ALA L 124 -22.58 3.97 56.74
CA ALA L 124 -23.40 2.79 56.79
C ALA L 124 -24.63 3.06 57.64
N VAL L 125 -25.74 2.38 57.33
CA VAL L 125 -27.01 2.56 58.02
C VAL L 125 -27.18 1.43 59.02
N VAL L 126 -27.45 1.79 60.27
CA VAL L 126 -27.75 0.80 61.30
C VAL L 126 -29.23 0.44 61.22
N VAL L 127 -29.52 -0.86 61.15
CA VAL L 127 -30.86 -1.37 60.88
C VAL L 127 -31.23 -2.38 61.96
N PHE L 128 -32.43 -2.23 62.52
CA PHE L 128 -33.05 -3.26 63.36
C PHE L 128 -34.44 -3.55 62.83
N GLU L 129 -34.64 -4.79 62.35
CA GLU L 129 -35.88 -5.22 61.72
C GLU L 129 -36.35 -4.23 60.65
N GLY L 130 -35.47 -4.01 59.67
CA GLY L 130 -35.77 -3.17 58.53
C GLY L 130 -35.75 -1.67 58.78
N ARG L 131 -35.59 -1.22 60.04
CA ARG L 131 -35.75 0.19 60.32
C ARG L 131 -34.41 0.88 60.57
N PRO L 132 -34.21 2.08 60.00
CA PRO L 132 -32.93 2.77 60.18
C PRO L 132 -32.79 3.33 61.60
N ILE L 133 -31.71 2.92 62.27
CA ILE L 133 -31.41 3.39 63.64
C ILE L 133 -30.46 4.59 63.62
N GLY L 134 -29.41 4.53 62.82
CA GLY L 134 -28.42 5.60 62.82
C GLY L 134 -27.42 5.39 61.71
N LEU L 135 -26.47 6.32 61.63
CA LEU L 135 -25.43 6.30 60.61
C LEU L 135 -24.07 6.10 61.25
N VAL L 136 -23.27 5.20 60.65
CA VAL L 136 -21.90 4.95 61.06
C VAL L 136 -21.00 5.44 59.93
N THR L 137 -20.10 6.35 60.26
CA THR L 137 -19.13 6.89 59.33
C THR L 137 -17.73 6.39 59.70
N GLU L 138 -16.75 6.73 58.85
CA GLU L 138 -15.37 6.42 59.17
C GLU L 138 -14.87 7.24 60.34
N ALA L 139 -15.37 8.49 60.48
CA ALA L 139 -15.00 9.31 61.63
C ALA L 139 -15.57 8.77 62.94
N ASN L 140 -16.79 8.21 62.89
CA ASN L 140 -17.37 7.59 64.09
C ASN L 140 -16.51 6.45 64.60
N CYS L 141 -15.80 5.76 63.71
CA CYS L 141 -15.01 4.60 64.06
C CYS L 141 -13.61 4.97 64.53
N ALA L 142 -13.20 6.23 64.39
CA ALA L 142 -11.85 6.64 64.75
C ALA L 142 -11.75 6.94 66.24
N GLY L 143 -10.69 6.44 66.87
CA GLY L 143 -10.44 6.68 68.28
C GLY L 143 -11.24 5.82 69.24
N VAL L 144 -12.03 4.88 68.73
CA VAL L 144 -12.88 4.04 69.57
C VAL L 144 -12.32 2.61 69.56
N ASP L 145 -12.67 1.86 70.59
CA ASP L 145 -12.24 0.47 70.70
C ASP L 145 -12.79 -0.34 69.54
N ARG L 146 -11.93 -1.08 68.84
CA ARG L 146 -12.33 -1.82 67.62
C ARG L 146 -13.45 -2.82 67.90
N PHE L 147 -13.63 -3.24 69.15
CA PHE L 147 -14.67 -4.18 69.47
C PHE L 147 -15.82 -3.55 70.26
N ALA L 148 -15.81 -2.23 70.42
CA ALA L 148 -17.03 -1.55 70.83
C ALA L 148 -18.16 -1.85 69.84
N ARG L 149 -19.38 -1.91 70.36
CA ARG L 149 -20.53 -2.18 69.51
C ARG L 149 -20.95 -0.94 68.73
N VAL L 150 -21.41 -1.18 67.50
CA VAL L 150 -21.83 -0.10 66.60
C VAL L 150 -22.85 0.81 67.26
N ARG L 151 -23.75 0.24 68.08
CA ARG L 151 -24.75 1.04 68.78
C ARG L 151 -24.13 2.20 69.56
N ASP L 152 -22.90 2.03 70.06
CA ASP L 152 -22.28 3.07 70.87
C ASP L 152 -21.87 4.27 70.02
N ILE L 153 -21.30 4.02 68.83
CA ILE L 153 -20.75 5.09 68.01
C ILE L 153 -21.73 5.66 67.00
N ALA L 154 -22.87 5.01 66.78
CA ALA L 154 -23.79 5.44 65.74
C ALA L 154 -24.39 6.80 66.06
N LEU L 155 -24.73 7.55 65.01
CA LEU L 155 -25.37 8.85 65.11
C LEU L 155 -26.87 8.68 64.89
N SER L 156 -27.66 9.03 65.90
CA SER L 156 -29.11 8.87 65.81
C SER L 156 -29.77 10.02 65.06
N ASP L 157 -29.09 11.15 64.91
CA ASP L 157 -29.60 12.28 64.14
C ASP L 157 -29.06 12.20 62.72
N PHE L 158 -29.95 12.01 61.76
CA PHE L 158 -29.55 11.96 60.35
C PHE L 158 -30.68 12.50 59.50
N VAL L 159 -30.32 12.98 58.31
CA VAL L 159 -31.31 13.44 57.34
C VAL L 159 -32.05 12.23 56.77
N THR L 160 -33.38 12.30 56.77
CA THR L 160 -34.20 11.22 56.25
C THR L 160 -35.34 11.83 55.43
N ALA L 161 -35.73 11.11 54.38
CA ALA L 161 -36.81 11.56 53.52
C ALA L 161 -37.51 10.33 52.95
N PRO L 162 -38.80 10.42 52.66
CA PRO L 162 -39.50 9.29 52.04
C PRO L 162 -38.99 9.00 50.65
N VAL L 163 -39.01 7.71 50.27
CA VAL L 163 -38.59 7.33 48.93
C VAL L 163 -39.52 8.00 47.92
N GLY L 164 -38.97 8.39 46.78
CA GLY L 164 -39.70 9.17 45.81
C GLY L 164 -39.59 10.66 45.98
N THR L 165 -38.96 11.13 47.06
CA THR L 165 -38.72 12.56 47.23
C THR L 165 -37.85 13.08 46.07
N ASP L 166 -38.19 14.27 45.60
CA ASP L 166 -37.45 14.89 44.50
C ASP L 166 -35.96 14.94 44.84
N PRO L 167 -35.08 14.41 43.97
CA PRO L 167 -33.64 14.55 44.22
C PRO L 167 -33.21 15.99 44.44
N ARG L 168 -33.84 16.95 43.77
CA ARG L 168 -33.58 18.37 44.02
C ARG L 168 -33.75 18.70 45.50
N GLU L 169 -34.89 18.30 46.07
CA GLU L 169 -35.17 18.59 47.47
C GLU L 169 -34.17 17.87 48.38
N VAL L 170 -33.98 16.57 48.19
CA VAL L 170 -33.02 15.83 49.00
C VAL L 170 -31.66 16.49 48.95
N PHE L 171 -31.28 16.99 47.77
CA PHE L 171 -30.05 17.77 47.64
C PHE L 171 -30.04 18.95 48.61
N ASP L 172 -31.11 19.76 48.59
CA ASP L 172 -31.15 20.93 49.47
C ASP L 172 -31.14 20.53 50.95
N LEU L 173 -31.79 19.41 51.28
CA LEU L 173 -31.82 18.95 52.67
C LEU L 173 -30.42 18.59 53.16
N LEU L 174 -29.60 18.02 52.27
CA LEU L 174 -28.27 17.59 52.67
C LEU L 174 -27.25 18.72 52.67
N GLU L 175 -27.60 19.90 52.15
CA GLU L 175 -26.62 20.98 52.08
C GLU L 175 -26.23 21.46 53.47
N HIS L 176 -27.19 21.58 54.38
CA HIS L 176 -26.95 22.10 55.71
C HIS L 176 -26.72 20.99 56.74
N ALA L 177 -26.36 19.80 56.28
CA ALA L 177 -26.17 18.65 57.16
C ALA L 177 -24.71 18.24 57.21
N PRO L 178 -24.22 17.80 58.37
CA PRO L 178 -22.81 17.39 58.46
C PRO L 178 -22.50 16.15 57.64
N ILE L 179 -23.44 15.23 57.51
CA ILE L 179 -23.25 13.97 56.79
C ILE L 179 -23.97 14.06 55.44
N ASP L 180 -23.25 13.72 54.37
CA ASP L 180 -23.76 13.77 53.01
C ASP L 180 -24.50 12.50 52.60
N VAL L 181 -25.23 11.89 53.53
CA VAL L 181 -26.05 10.71 53.24
C VAL L 181 -27.45 10.99 53.74
N ALA L 182 -28.44 10.84 52.86
CA ALA L 182 -29.85 10.96 53.23
C ALA L 182 -30.44 9.56 53.27
N VAL L 183 -31.01 9.19 54.42
CA VAL L 183 -31.64 7.88 54.57
C VAL L 183 -33.04 7.95 53.97
N MET L 184 -33.31 7.09 53.00
CA MET L 184 -34.58 7.08 52.29
C MET L 184 -35.45 5.94 52.82
N THR L 185 -36.70 6.28 53.17
CA THR L 185 -37.60 5.36 53.85
C THR L 185 -38.78 4.96 52.96
N ALA L 186 -39.19 3.70 53.09
CA ALA L 186 -40.41 3.23 52.46
C ALA L 186 -41.61 3.81 53.21
N PRO L 187 -42.82 3.67 52.64
CA PRO L 187 -44.01 4.18 53.35
C PRO L 187 -44.17 3.68 54.79
N ASP L 188 -43.79 2.44 55.07
CA ASP L 188 -43.91 1.90 56.42
C ASP L 188 -42.77 2.34 57.34
N GLY L 189 -41.81 3.13 56.85
CA GLY L 189 -40.70 3.57 57.65
C GLY L 189 -39.46 2.69 57.58
N THR L 190 -39.54 1.55 56.89
CA THR L 190 -38.37 0.70 56.73
C THR L 190 -37.40 1.31 55.73
N LEU L 191 -36.17 0.80 55.75
CA LEU L 191 -35.11 1.36 54.92
C LEU L 191 -35.35 1.03 53.45
N ALA L 192 -35.53 2.06 52.63
CA ALA L 192 -35.54 1.89 51.18
C ALA L 192 -34.14 2.02 50.58
N GLY L 193 -33.28 2.82 51.18
CA GLY L 193 -31.92 2.99 50.73
C GLY L 193 -31.40 4.37 51.11
N VAL L 194 -30.35 4.82 50.40
CA VAL L 194 -29.72 6.09 50.68
C VAL L 194 -29.54 6.89 49.40
N LEU L 195 -29.34 8.19 49.58
CA LEU L 195 -29.07 9.10 48.46
C LEU L 195 -28.12 10.18 48.96
N THR L 196 -27.04 10.40 48.22
CA THR L 196 -26.12 11.48 48.50
C THR L 196 -26.42 12.66 47.60
N ARG L 197 -25.71 13.76 47.81
CA ARG L 197 -25.89 14.93 46.98
C ARG L 197 -25.45 14.64 45.54
N THR L 198 -24.25 14.08 45.37
CA THR L 198 -23.80 13.68 44.05
C THR L 198 -24.71 12.59 43.47
N GLY L 199 -25.22 11.70 44.32
CA GLY L 199 -26.23 10.76 43.86
C GLY L 199 -27.50 11.46 43.39
N ALA L 200 -27.87 12.55 44.05
CA ALA L 200 -29.02 13.33 43.59
C ALA L 200 -28.72 14.03 42.27
N ILE L 201 -27.51 14.60 42.15
CA ILE L 201 -27.10 15.21 40.89
C ILE L 201 -27.09 14.19 39.76
N ARG L 202 -26.57 13.00 40.04
CA ARG L 202 -26.43 11.99 38.99
C ARG L 202 -27.76 11.49 38.48
N ALA L 203 -28.81 11.54 39.31
CA ALA L 203 -30.11 11.03 38.87
C ALA L 203 -30.68 11.86 37.73
N GLY L 204 -30.32 13.14 37.66
CA GLY L 204 -30.76 13.99 36.57
C GLY L 204 -29.87 14.00 35.36
N ILE L 205 -28.65 13.48 35.48
CA ILE L 205 -27.73 13.42 34.36
C ILE L 205 -27.80 12.07 33.66
N TYR L 206 -27.84 10.98 34.41
CA TYR L 206 -27.88 9.64 33.82
C TYR L 206 -29.29 9.07 33.80
N THR L 207 -29.61 8.39 32.71
CA THR L 207 -30.87 7.65 32.61
C THR L 207 -30.62 6.19 32.95
N PRO L 208 -31.31 5.62 33.94
CA PRO L 208 -31.12 4.19 34.25
C PRO L 208 -31.40 3.30 33.05
N ALA L 209 -30.63 2.21 32.97
CA ALA L 209 -30.81 1.20 31.93
C ALA L 209 -31.78 0.15 32.47
N VAL L 210 -32.97 0.07 31.86
CA VAL L 210 -34.07 -0.72 32.41
C VAL L 210 -34.64 -1.66 31.35
N ASP L 211 -35.24 -2.74 31.81
CA ASP L 211 -35.96 -3.66 30.95
C ASP L 211 -37.36 -3.11 30.67
N ALA L 212 -38.18 -3.88 29.95
CA ALA L 212 -39.52 -3.43 29.61
C ALA L 212 -40.42 -3.29 30.83
N LYS L 213 -40.06 -3.89 31.97
CA LYS L 213 -40.82 -3.77 33.20
C LYS L 213 -40.30 -2.68 34.12
N GLY L 214 -39.33 -1.88 33.66
CA GLY L 214 -38.79 -0.81 34.47
C GLY L 214 -37.76 -1.22 35.49
N ARG L 215 -37.13 -2.38 35.34
CA ARG L 215 -36.15 -2.89 36.29
C ARG L 215 -34.75 -2.80 35.70
N LEU L 216 -33.76 -2.59 36.56
CA LEU L 216 -32.38 -2.42 36.12
C LEU L 216 -31.94 -3.59 35.24
N ARG L 217 -31.24 -3.27 34.15
CA ARG L 217 -30.80 -4.27 33.20
C ARG L 217 -29.54 -4.98 33.71
N ILE L 218 -29.37 -6.23 33.26
CA ILE L 218 -28.21 -7.03 33.60
C ILE L 218 -28.02 -8.06 32.50
N ALA L 219 -26.77 -8.44 32.27
CA ALA L 219 -26.42 -9.41 31.24
C ALA L 219 -25.61 -10.54 31.85
N ALA L 220 -25.56 -11.67 31.16
CA ALA L 220 -24.79 -12.81 31.63
C ALA L 220 -24.00 -13.39 30.47
N ALA L 221 -22.86 -14.01 30.78
CA ALA L 221 -21.99 -14.60 29.77
C ALA L 221 -21.99 -16.12 29.86
N VAL L 222 -21.61 -16.74 28.75
CA VAL L 222 -21.51 -18.20 28.67
C VAL L 222 -20.35 -18.55 27.75
N GLY L 223 -19.59 -19.60 28.12
CA GLY L 223 -18.54 -20.09 27.26
C GLY L 223 -19.07 -21.08 26.24
N ILE L 224 -18.19 -21.51 25.33
CA ILE L 224 -18.60 -22.38 24.25
C ILE L 224 -18.43 -23.86 24.59
N ASN L 225 -18.01 -24.18 25.81
CA ASN L 225 -17.85 -25.58 26.22
C ASN L 225 -19.13 -26.10 26.85
N GLY L 226 -19.37 -27.40 26.68
CA GLY L 226 -20.54 -28.03 27.27
C GLY L 226 -21.78 -27.82 26.42
N ASP L 227 -22.92 -27.69 27.10
CA ASP L 227 -24.21 -27.51 26.43
C ASP L 227 -24.56 -26.03 26.44
N VAL L 228 -24.11 -25.31 25.41
CA VAL L 228 -24.25 -23.86 25.42
C VAL L 228 -25.72 -23.45 25.36
N GLY L 229 -26.51 -24.16 24.56
CA GLY L 229 -27.93 -23.84 24.45
C GLY L 229 -28.66 -23.92 25.78
N ALA L 230 -28.50 -25.04 26.48
CA ALA L 230 -29.14 -25.20 27.79
C ALA L 230 -28.67 -24.12 28.76
N LYS L 231 -27.36 -23.89 28.83
CA LYS L 231 -26.84 -22.85 29.71
C LYS L 231 -27.45 -21.49 29.39
N ALA L 232 -27.54 -21.16 28.10
CA ALA L 232 -28.10 -19.88 27.68
C ALA L 232 -29.59 -19.79 27.98
N GLN L 233 -30.31 -20.90 27.78
CA GLN L 233 -31.74 -20.94 28.11
C GLN L 233 -31.96 -20.66 29.59
N ALA L 234 -31.15 -21.25 30.47
CA ALA L 234 -31.33 -21.04 31.89
C ALA L 234 -30.98 -19.60 32.28
N LEU L 235 -30.04 -18.98 31.58
CA LEU L 235 -29.71 -17.58 31.86
C LEU L 235 -30.84 -16.65 31.42
N ALA L 236 -31.48 -16.94 30.29
CA ALA L 236 -32.64 -16.16 29.88
C ALA L 236 -33.79 -16.32 30.88
N GLU L 237 -34.06 -17.56 31.30
CA GLU L 237 -35.13 -17.80 32.27
C GLU L 237 -34.83 -17.14 33.61
N ALA L 238 -33.56 -17.08 34.00
CA ALA L 238 -33.20 -16.38 35.23
C ALA L 238 -33.37 -14.87 35.12
N GLY L 239 -33.64 -14.34 33.93
CA GLY L 239 -33.95 -12.93 33.76
C GLY L 239 -32.89 -12.08 33.11
N ALA L 240 -31.85 -12.67 32.53
CA ALA L 240 -30.82 -11.86 31.86
C ALA L 240 -31.41 -11.12 30.67
N ASP L 241 -31.09 -9.83 30.55
CA ASP L 241 -31.57 -9.02 29.43
C ASP L 241 -30.70 -9.14 28.18
N LEU L 242 -29.50 -9.71 28.30
CA LEU L 242 -28.61 -9.84 27.16
C LEU L 242 -27.63 -10.98 27.44
N LEU L 243 -27.29 -11.74 26.40
CA LEU L 243 -26.40 -12.89 26.51
C LEU L 243 -25.10 -12.63 25.77
N VAL L 244 -23.99 -13.05 26.37
CA VAL L 244 -22.66 -12.90 25.79
C VAL L 244 -22.03 -14.28 25.67
N ILE L 245 -21.77 -14.72 24.44
CA ILE L 245 -21.06 -15.96 24.21
C ILE L 245 -19.58 -15.61 24.05
N ASP L 246 -18.77 -15.98 25.04
CA ASP L 246 -17.42 -15.46 25.16
C ASP L 246 -16.40 -16.58 25.06
N THR L 247 -15.37 -16.35 24.23
CA THR L 247 -14.23 -17.25 24.16
C THR L 247 -13.03 -16.46 23.66
N ALA L 248 -11.83 -16.97 23.94
CA ALA L 248 -10.62 -16.25 23.58
C ALA L 248 -10.48 -16.11 22.07
N HIS L 249 -10.69 -17.20 21.34
CA HIS L 249 -10.54 -17.23 19.89
C HIS L 249 -11.93 -17.42 19.29
N GLY L 250 -12.59 -16.30 18.96
CA GLY L 250 -13.96 -16.37 18.51
C GLY L 250 -14.15 -16.87 17.09
N HIS L 251 -13.11 -16.79 16.27
CA HIS L 251 -13.19 -17.25 14.87
C HIS L 251 -12.84 -18.74 14.82
N GLN L 252 -13.77 -19.54 15.31
CA GLN L 252 -13.50 -20.92 15.61
C GLN L 252 -14.77 -21.71 15.38
N ALA L 253 -14.64 -22.92 14.84
CA ALA L 253 -15.82 -23.69 14.47
C ALA L 253 -16.74 -23.92 15.65
N LYS L 254 -16.16 -24.11 16.86
CA LYS L 254 -16.97 -24.38 18.03
C LYS L 254 -17.76 -23.15 18.48
N MET L 255 -17.22 -21.95 18.26
CA MET L 255 -18.00 -20.75 18.50
C MET L 255 -19.17 -20.64 17.53
N LEU L 256 -18.95 -20.96 16.25
CA LEU L 256 -20.04 -20.92 15.28
C LEU L 256 -21.16 -21.89 15.67
N ASP L 257 -20.79 -23.13 16.04
CA ASP L 257 -21.78 -24.08 16.51
C ASP L 257 -22.51 -23.56 17.75
N ALA L 258 -21.76 -22.89 18.65
CA ALA L 258 -22.35 -22.41 19.89
C ALA L 258 -23.36 -21.29 19.63
N ILE L 259 -23.09 -20.43 18.65
CA ILE L 259 -24.00 -19.33 18.35
C ILE L 259 -25.29 -19.86 17.72
N LYS L 260 -25.16 -20.79 16.76
CA LYS L 260 -26.35 -21.35 16.12
C LYS L 260 -27.23 -22.05 17.12
N ALA L 261 -26.63 -22.75 18.10
CA ALA L 261 -27.43 -23.41 19.13
C ALA L 261 -28.23 -22.40 19.93
N VAL L 262 -27.60 -21.32 20.38
CA VAL L 262 -28.31 -20.31 21.16
C VAL L 262 -29.35 -19.59 20.30
N ALA L 263 -29.00 -19.32 19.04
CA ALA L 263 -29.93 -18.61 18.15
C ALA L 263 -31.17 -19.46 17.85
N SER L 264 -30.97 -20.75 17.59
CA SER L 264 -32.11 -21.61 17.26
C SER L 264 -33.11 -21.73 18.40
N LEU L 265 -32.74 -21.34 19.63
CA LEU L 265 -33.67 -21.37 20.74
C LEU L 265 -34.61 -20.18 20.75
N ASP L 266 -34.31 -19.12 19.97
CA ASP L 266 -35.21 -18.00 19.76
C ASP L 266 -35.61 -17.35 21.09
N LEU L 267 -34.60 -16.89 21.83
CA LEU L 267 -34.80 -16.37 23.17
C LEU L 267 -35.22 -14.91 23.20
N GLY L 268 -35.25 -14.23 22.07
CA GLY L 268 -35.65 -12.84 22.02
C GLY L 268 -34.74 -11.89 22.76
N LEU L 269 -33.45 -12.23 22.88
CA LEU L 269 -32.51 -11.38 23.59
C LEU L 269 -31.36 -10.97 22.68
N PRO L 270 -30.80 -9.78 22.87
CA PRO L 270 -29.58 -9.43 22.14
C PRO L 270 -28.47 -10.44 22.44
N LEU L 271 -27.78 -10.85 21.38
CA LEU L 271 -26.82 -11.95 21.43
C LEU L 271 -25.46 -11.44 20.99
N VAL L 272 -24.53 -11.34 21.95
CA VAL L 272 -23.16 -10.90 21.71
C VAL L 272 -22.25 -12.12 21.61
N ALA L 273 -21.33 -12.10 20.65
CA ALA L 273 -20.34 -13.18 20.51
C ALA L 273 -18.97 -12.60 20.18
N GLY L 274 -17.95 -13.18 20.78
CA GLY L 274 -16.58 -12.75 20.54
C GLY L 274 -15.64 -13.73 21.18
N ASN L 275 -14.34 -13.47 21.00
CA ASN L 275 -13.84 -12.26 20.36
C ASN L 275 -13.10 -12.52 19.04
N VAL L 276 -13.28 -11.61 18.09
CA VAL L 276 -12.55 -11.64 16.82
C VAL L 276 -11.89 -10.27 16.63
N VAL L 277 -10.99 -10.20 15.65
CA VAL L 277 -10.37 -8.93 15.29
C VAL L 277 -10.35 -8.73 13.79
N SER L 278 -11.03 -9.61 13.04
CA SER L 278 -11.00 -9.55 11.58
C SER L 278 -12.39 -9.32 11.02
N ALA L 279 -12.43 -8.72 9.82
CA ALA L 279 -13.71 -8.57 9.14
C ALA L 279 -14.33 -9.93 8.83
N GLU L 280 -13.50 -10.89 8.41
CA GLU L 280 -14.01 -12.23 8.14
C GLU L 280 -14.64 -12.83 9.38
N GLY L 281 -13.95 -12.77 10.51
CA GLY L 281 -14.51 -13.29 11.75
C GLY L 281 -15.80 -12.60 12.14
N THR L 282 -15.87 -11.28 11.94
CA THR L 282 -17.07 -10.53 12.29
C THR L 282 -18.27 -10.98 11.47
N ARG L 283 -18.07 -11.14 10.15
CA ARG L 283 -19.15 -11.64 9.29
C ARG L 283 -19.56 -13.04 9.71
N ASP L 284 -18.59 -13.93 9.90
CA ASP L 284 -18.92 -15.31 10.27
C ASP L 284 -19.77 -15.36 11.53
N LEU L 285 -19.42 -14.58 12.56
CA LEU L 285 -20.21 -14.61 13.79
C LEU L 285 -21.60 -14.05 13.57
N ILE L 286 -21.74 -12.96 12.81
CA ILE L 286 -23.06 -12.40 12.57
C ILE L 286 -23.92 -13.37 11.78
N GLU L 287 -23.36 -13.96 10.72
CA GLU L 287 -24.12 -14.87 9.87
C GLU L 287 -24.60 -16.09 10.65
N ALA L 288 -23.88 -16.47 11.71
CA ALA L 288 -24.26 -17.61 12.53
C ALA L 288 -25.32 -17.27 13.57
N GLY L 289 -25.77 -16.02 13.64
CA GLY L 289 -26.86 -15.64 14.52
C GLY L 289 -26.53 -14.61 15.57
N ALA L 290 -25.27 -14.20 15.71
CA ALA L 290 -24.95 -13.14 16.66
C ALA L 290 -25.44 -11.80 16.14
N SER L 291 -26.07 -11.01 17.00
CA SER L 291 -26.45 -9.66 16.65
C SER L 291 -25.37 -8.65 16.96
N ILE L 292 -24.45 -8.97 17.87
CA ILE L 292 -23.37 -8.07 18.26
C ILE L 292 -22.08 -8.88 18.31
N VAL L 293 -21.01 -8.32 17.77
CA VAL L 293 -19.71 -8.98 17.74
C VAL L 293 -18.77 -8.24 18.69
N LYS L 294 -18.14 -9.00 19.58
CA LYS L 294 -17.21 -8.43 20.55
C LYS L 294 -15.79 -8.50 19.99
N VAL L 295 -15.12 -7.35 19.94
CA VAL L 295 -13.87 -7.19 19.22
C VAL L 295 -12.74 -6.97 20.22
N GLY L 296 -11.69 -7.79 20.09
CA GLY L 296 -10.52 -7.65 20.95
C GLY L 296 -9.80 -8.96 21.15
N VAL L 297 -8.59 -9.07 20.62
CA VAL L 297 -7.69 -10.19 20.88
C VAL L 297 -6.31 -9.58 21.04
N GLY L 298 -5.79 -9.59 22.27
CA GLY L 298 -4.53 -8.94 22.56
C GLY L 298 -4.55 -7.81 23.59
N PRO L 299 -5.51 -6.88 23.50
CA PRO L 299 -5.37 -5.63 24.29
C PRO L 299 -5.73 -5.74 25.77
N GLY L 300 -6.50 -6.74 26.20
CA GLY L 300 -6.90 -6.84 27.59
C GLY L 300 -5.75 -6.72 28.58
N ALA L 301 -5.96 -5.96 29.66
CA ALA L 301 -4.87 -5.69 30.60
C ALA L 301 -4.41 -6.93 31.35
N MET L 302 -5.26 -7.94 31.48
CA MET L 302 -4.86 -9.22 32.06
C MET L 302 -4.44 -10.23 31.00
N CYS L 303 -4.43 -9.83 29.73
CA CYS L 303 -4.22 -10.74 28.62
C CYS L 303 -2.73 -10.83 28.29
N THR L 304 -2.17 -12.03 28.40
CA THR L 304 -0.77 -12.28 28.06
C THR L 304 -0.62 -12.96 26.70
N THR L 305 -1.66 -12.90 25.86
CA THR L 305 -1.64 -13.60 24.58
C THR L 305 -0.49 -13.14 23.70
N ARG L 306 -0.22 -11.83 23.67
CA ARG L 306 0.82 -11.30 22.79
C ARG L 306 2.19 -11.86 23.12
N MET L 307 2.54 -11.90 24.40
CA MET L 307 3.84 -12.40 24.79
C MET L 307 3.92 -13.93 24.72
N MET L 308 2.79 -14.62 24.88
CA MET L 308 2.78 -16.07 24.84
C MET L 308 2.75 -16.62 23.42
N THR L 309 2.06 -15.93 22.51
CA THR L 309 1.76 -16.48 21.18
C THR L 309 2.17 -15.57 20.02
N GLY L 310 2.28 -14.27 20.26
CA GLY L 310 2.45 -13.30 19.20
C GLY L 310 1.16 -12.89 18.52
N VAL L 311 0.05 -13.55 18.85
CA VAL L 311 -1.24 -13.28 18.25
C VAL L 311 -1.84 -12.03 18.87
N GLY L 312 -2.46 -11.21 18.04
CA GLY L 312 -3.16 -10.03 18.52
C GLY L 312 -3.44 -9.10 17.35
N ARG L 313 -3.87 -7.89 17.69
CA ARG L 313 -4.09 -6.85 16.70
C ARG L 313 -4.30 -5.52 17.42
N PRO L 314 -3.60 -4.47 17.03
CA PRO L 314 -3.88 -3.14 17.61
C PRO L 314 -5.36 -2.83 17.57
N GLN L 315 -5.89 -2.40 18.72
CA GLN L 315 -7.33 -2.41 18.94
C GLN L 315 -8.06 -1.39 18.07
N PHE L 316 -7.48 -0.21 17.85
CA PHE L 316 -8.19 0.79 17.06
C PHE L 316 -8.43 0.31 15.64
N SER L 317 -7.39 -0.25 14.99
CA SER L 317 -7.58 -0.83 13.67
C SER L 317 -8.57 -1.99 13.71
N ALA L 318 -8.46 -2.85 14.73
CA ALA L 318 -9.39 -3.96 14.87
C ALA L 318 -10.83 -3.47 14.91
N VAL L 319 -11.09 -2.43 15.71
CA VAL L 319 -12.46 -1.95 15.84
C VAL L 319 -12.94 -1.32 14.54
N VAL L 320 -12.08 -0.55 13.86
CA VAL L 320 -12.48 0.09 12.61
C VAL L 320 -12.90 -0.95 11.57
N GLU L 321 -12.07 -1.97 11.37
CA GLU L 321 -12.37 -2.98 10.35
C GLU L 321 -13.63 -3.78 10.71
N CYS L 322 -13.73 -4.22 11.97
CA CYS L 322 -14.85 -5.07 12.34
C CYS L 322 -16.15 -4.29 12.40
N ALA L 323 -16.12 -3.06 12.92
CA ALA L 323 -17.35 -2.26 12.95
C ALA L 323 -17.87 -2.00 11.54
N ALA L 324 -16.97 -1.79 10.57
CA ALA L 324 -17.43 -1.57 9.19
C ALA L 324 -18.01 -2.85 8.60
N ALA L 325 -17.37 -3.99 8.83
CA ALA L 325 -17.93 -5.26 8.36
C ALA L 325 -19.29 -5.54 8.99
N ALA L 326 -19.40 -5.31 10.30
CA ALA L 326 -20.67 -5.53 10.98
C ALA L 326 -21.76 -4.62 10.44
N ARG L 327 -21.41 -3.37 10.12
CA ARG L 327 -22.39 -2.40 9.66
C ARG L 327 -23.04 -2.84 8.36
N GLN L 328 -22.30 -3.52 7.46
CA GLN L 328 -22.88 -4.00 6.20
C GLN L 328 -23.95 -5.05 6.44
N LEU L 329 -23.89 -5.74 7.57
CA LEU L 329 -24.84 -6.79 7.92
C LEU L 329 -25.87 -6.31 8.94
N GLY L 330 -25.98 -5.01 9.17
CA GLY L 330 -26.93 -4.50 10.15
C GLY L 330 -26.56 -4.77 11.60
N GLY L 331 -25.32 -5.20 11.87
CA GLY L 331 -24.90 -5.53 13.20
C GLY L 331 -24.04 -4.46 13.85
N HIS L 332 -23.50 -4.79 15.01
CA HIS L 332 -22.78 -3.85 15.85
C HIS L 332 -21.56 -4.52 16.43
N VAL L 333 -20.68 -3.70 17.02
CA VAL L 333 -19.38 -4.15 17.50
C VAL L 333 -19.15 -3.59 18.90
N TRP L 334 -18.69 -4.46 19.81
CA TRP L 334 -18.29 -4.03 21.15
C TRP L 334 -16.77 -4.00 21.22
N ALA L 335 -16.22 -2.86 21.64
CA ALA L 335 -14.78 -2.68 21.77
C ALA L 335 -14.36 -3.18 23.14
N ASP L 336 -13.66 -4.32 23.17
CA ASP L 336 -13.39 -5.06 24.40
C ASP L 336 -11.88 -5.12 24.66
N GLY L 337 -11.42 -4.42 25.68
CA GLY L 337 -10.05 -4.57 26.14
C GLY L 337 -9.19 -3.34 25.90
N GLY L 338 -8.29 -3.07 26.85
CA GLY L 338 -7.30 -2.03 26.70
C GLY L 338 -7.75 -0.63 27.04
N VAL L 339 -8.89 -0.46 27.70
CA VAL L 339 -9.43 0.86 28.02
C VAL L 339 -8.82 1.31 29.36
N ARG L 340 -8.01 2.36 29.31
CA ARG L 340 -7.41 2.95 30.49
C ARG L 340 -7.79 4.40 30.71
N HIS L 341 -8.34 5.08 29.71
CA HIS L 341 -8.58 6.51 29.77
C HIS L 341 -9.84 6.85 29.01
N PRO L 342 -10.47 7.97 29.32
CA PRO L 342 -11.68 8.38 28.56
C PRO L 342 -11.43 8.48 27.07
N ARG L 343 -10.22 8.86 26.64
CA ARG L 343 -9.95 8.95 25.21
C ARG L 343 -10.10 7.60 24.51
N ASP L 344 -9.83 6.50 25.23
CA ASP L 344 -9.99 5.18 24.63
C ASP L 344 -11.45 4.89 24.33
N VAL L 345 -12.35 5.27 25.23
CA VAL L 345 -13.77 5.08 24.97
C VAL L 345 -14.20 5.92 23.78
N ALA L 346 -13.78 7.18 23.75
CA ALA L 346 -14.19 8.06 22.66
C ALA L 346 -13.65 7.57 21.32
N LEU L 347 -12.38 7.17 21.27
CA LEU L 347 -11.81 6.69 20.02
C LEU L 347 -12.47 5.39 19.56
N ALA L 348 -12.87 4.52 20.51
CA ALA L 348 -13.57 3.29 20.15
C ALA L 348 -14.91 3.59 19.49
N LEU L 349 -15.63 4.58 20.02
CA LEU L 349 -16.90 4.98 19.41
C LEU L 349 -16.66 5.66 18.07
N ALA L 350 -15.68 6.55 17.98
CA ALA L 350 -15.34 7.16 16.70
C ALA L 350 -14.94 6.12 15.67
N ALA L 351 -14.29 5.04 16.11
CA ALA L 351 -13.95 3.94 15.22
C ALA L 351 -15.17 3.14 14.78
N GLY L 352 -16.34 3.37 15.37
CA GLY L 352 -17.55 2.72 14.93
C GLY L 352 -18.11 1.67 15.86
N ALA L 353 -17.50 1.45 17.03
CA ALA L 353 -18.09 0.56 18.02
C ALA L 353 -19.35 1.18 18.58
N SER L 354 -20.34 0.33 18.86
CA SER L 354 -21.58 0.77 19.48
C SER L 354 -21.50 0.82 21.00
N ASN L 355 -20.52 0.14 21.58
CA ASN L 355 -20.40 0.03 23.03
C ASN L 355 -18.95 -0.31 23.35
N VAL L 356 -18.55 0.01 24.57
CA VAL L 356 -17.18 -0.18 25.03
C VAL L 356 -17.21 -1.03 26.29
N MET L 357 -16.56 -2.18 26.25
CA MET L 357 -16.46 -3.07 27.40
C MET L 357 -15.23 -2.71 28.22
N ILE L 358 -15.42 -2.44 29.51
CA ILE L 358 -14.35 -2.02 30.40
C ILE L 358 -14.19 -3.06 31.51
N GLY L 359 -12.98 -3.55 31.69
CA GLY L 359 -12.67 -4.55 32.69
C GLY L 359 -11.83 -4.07 33.85
N SER L 360 -10.52 -4.29 33.78
CA SER L 360 -9.64 -4.11 34.93
C SER L 360 -9.66 -2.68 35.47
N TRP L 361 -9.96 -1.67 34.64
CA TRP L 361 -10.04 -0.31 35.15
C TRP L 361 -11.03 -0.20 36.31
N PHE L 362 -12.17 -0.87 36.19
CA PHE L 362 -13.20 -0.80 37.22
C PHE L 362 -12.94 -1.73 38.39
N ALA L 363 -11.88 -2.54 38.35
CA ALA L 363 -11.51 -3.28 39.54
C ALA L 363 -11.01 -2.33 40.63
N GLY L 364 -10.44 -1.20 40.24
CA GLY L 364 -9.96 -0.23 41.19
C GLY L 364 -11.05 0.70 41.67
N THR L 365 -12.18 0.14 42.11
CA THR L 365 -13.31 0.92 42.62
C THR L 365 -13.85 0.29 43.90
N TYR L 366 -14.58 1.09 44.67
CA TYR L 366 -15.24 0.58 45.87
C TYR L 366 -16.17 -0.58 45.54
N GLU L 367 -16.88 -0.50 44.42
CA GLU L 367 -17.99 -1.40 44.14
C GLU L 367 -17.56 -2.75 43.59
N SER L 368 -16.31 -2.91 43.17
CA SER L 368 -15.86 -4.19 42.65
C SER L 368 -15.82 -5.23 43.77
N PRO L 369 -16.01 -6.50 43.44
CA PRO L 369 -16.15 -7.52 44.50
C PRO L 369 -14.92 -7.71 45.38
N GLY L 370 -13.71 -7.43 44.88
CA GLY L 370 -12.52 -7.69 45.65
C GLY L 370 -12.41 -6.83 46.90
N ASP L 371 -11.51 -7.24 47.79
CA ASP L 371 -11.24 -6.52 49.02
C ASP L 371 -10.37 -5.29 48.76
N LEU L 372 -10.62 -4.23 49.53
CA LEU L 372 -9.83 -3.01 49.40
C LEU L 372 -8.48 -3.20 50.11
N LEU L 373 -7.39 -3.13 49.33
CA LEU L 373 -6.04 -3.32 49.85
C LEU L 373 -5.29 -1.99 49.87
N PHE L 374 -4.10 -2.03 50.47
CA PHE L 374 -3.26 -0.84 50.62
C PHE L 374 -1.81 -1.21 50.32
N ASP L 375 -1.11 -0.30 49.67
CA ASP L 375 0.26 -0.52 49.23
C ASP L 375 1.23 0.06 50.24
N ARG L 376 2.51 0.11 49.87
CA ARG L 376 3.55 0.61 50.77
C ARG L 376 3.30 2.06 51.18
N ASP L 377 2.64 2.85 50.33
CA ASP L 377 2.40 4.26 50.57
C ASP L 377 1.00 4.56 51.09
N ASP L 378 0.27 3.55 51.57
CA ASP L 378 -1.12 3.62 52.02
C ASP L 378 -2.09 3.82 50.85
N ARG L 379 -1.61 3.89 49.61
CA ARG L 379 -2.49 4.14 48.47
C ARG L 379 -3.48 3.00 48.31
N PRO L 380 -4.78 3.27 48.35
CA PRO L 380 -5.76 2.19 48.21
C PRO L 380 -5.72 1.60 46.81
N TYR L 381 -5.90 0.28 46.73
CA TYR L 381 -5.92 -0.42 45.45
C TYR L 381 -6.67 -1.73 45.62
N LYS L 382 -7.11 -2.27 44.49
CA LYS L 382 -7.60 -3.64 44.40
C LYS L 382 -6.91 -4.34 43.25
N GLU L 383 -6.83 -5.66 43.35
CA GLU L 383 -6.17 -6.46 42.32
C GLU L 383 -7.19 -6.86 41.27
N SER L 384 -6.88 -6.59 40.01
CA SER L 384 -7.59 -7.21 38.91
C SER L 384 -6.90 -8.52 38.55
N TYR L 385 -7.68 -9.45 37.99
CA TYR L 385 -7.11 -10.71 37.53
C TYR L 385 -7.97 -11.24 36.41
N GLY L 386 -7.35 -12.03 35.53
CA GLY L 386 -8.02 -12.52 34.35
C GLY L 386 -8.93 -13.70 34.63
N MET L 387 -9.75 -14.00 33.61
CA MET L 387 -10.64 -15.15 33.67
C MET L 387 -9.95 -16.45 33.24
N ALA L 388 -8.83 -16.35 32.52
CA ALA L 388 -7.94 -17.48 32.22
C ALA L 388 -8.73 -18.57 31.49
N SER L 389 -8.73 -19.82 31.98
CA SER L 389 -9.35 -20.94 31.27
C SER L 389 -10.86 -20.82 31.14
N LYS L 390 -11.48 -19.86 31.84
CA LYS L 390 -12.91 -19.65 31.64
C LYS L 390 -13.21 -19.08 30.27
N ARG L 391 -12.22 -18.59 29.54
CA ARG L 391 -12.40 -18.12 28.18
C ARG L 391 -11.88 -19.12 27.15
N ALA L 392 -11.30 -20.24 27.58
CA ALA L 392 -10.62 -21.15 26.67
C ALA L 392 -11.54 -22.29 26.25
N VAL L 393 -11.10 -23.06 25.26
CA VAL L 393 -11.81 -24.24 24.79
C VAL L 393 -11.28 -25.45 25.55
N ALA L 394 -12.20 -26.24 26.09
CA ALA L 394 -11.85 -27.44 26.85
C ALA L 394 -12.57 -28.65 26.26
N ALA L 395 -11.86 -29.76 26.16
CA ALA L 395 -12.44 -31.01 25.68
C ALA L 395 -13.40 -31.59 26.73
N ARG L 396 -14.21 -32.55 26.28
CA ARG L 396 -15.12 -33.25 27.19
C ARG L 396 -14.32 -33.93 28.30
N THR L 397 -14.64 -33.58 29.54
CA THR L 397 -13.92 -34.06 30.71
C THR L 397 -14.58 -35.28 31.35
N ALA L 398 -15.57 -35.88 30.68
CA ALA L 398 -16.25 -37.05 31.22
C ALA L 398 -15.30 -38.23 31.32
N GLY L 399 -15.22 -38.82 32.51
CA GLY L 399 -14.38 -39.98 32.71
C GLY L 399 -12.89 -39.70 32.78
N ASP L 400 -12.50 -38.47 33.09
CA ASP L 400 -11.09 -38.11 33.18
C ASP L 400 -10.61 -38.24 34.62
N SER L 401 -9.46 -38.89 34.81
CA SER L 401 -8.85 -39.00 36.13
C SER L 401 -8.17 -37.69 36.50
N SER L 402 -7.70 -37.61 37.75
CA SER L 402 -6.94 -36.45 38.20
C SER L 402 -5.62 -36.31 37.43
N PHE L 403 -5.09 -37.41 36.89
CA PHE L 403 -3.95 -37.33 35.98
C PHE L 403 -4.32 -36.55 34.72
N ASP L 404 -5.44 -36.91 34.10
CA ASP L 404 -5.91 -36.16 32.94
C ASP L 404 -6.17 -34.71 33.28
N ARG L 405 -6.69 -34.45 34.49
CA ARG L 405 -6.89 -33.07 34.94
C ARG L 405 -5.57 -32.30 34.94
N ALA L 406 -4.57 -32.82 35.66
CA ALA L 406 -3.27 -32.14 35.73
C ALA L 406 -2.61 -32.02 34.37
N ARG L 407 -2.89 -32.96 33.45
CA ARG L 407 -2.28 -32.91 32.13
C ARG L 407 -2.76 -31.71 31.35
N LYS L 408 -4.08 -31.55 31.23
CA LYS L 408 -4.62 -30.40 30.51
C LYS L 408 -4.33 -29.09 31.25
N GLY L 409 -4.16 -29.15 32.57
CA GLY L 409 -3.86 -27.95 33.32
C GLY L 409 -2.42 -27.48 33.21
N LEU L 410 -1.52 -28.34 32.74
CA LEU L 410 -0.12 -27.95 32.67
C LEU L 410 0.11 -26.82 31.67
N PHE L 411 -0.60 -26.86 30.54
CA PHE L 411 -0.45 -25.84 29.50
C PHE L 411 -1.40 -24.67 29.67
N GLU L 412 -2.48 -24.82 30.45
CA GLU L 412 -3.54 -23.82 30.44
C GLU L 412 -3.05 -22.50 31.01
N GLU L 413 -3.70 -21.42 30.58
CA GLU L 413 -3.31 -20.08 30.98
C GLU L 413 -3.49 -19.89 32.48
N GLY L 414 -2.47 -19.33 33.13
CA GLY L 414 -2.57 -18.98 34.52
C GLY L 414 -3.38 -17.71 34.74
N ILE L 415 -3.57 -17.38 36.00
CA ILE L 415 -4.31 -16.18 36.40
C ILE L 415 -3.29 -15.09 36.69
N SER L 416 -3.18 -14.14 35.76
CA SER L 416 -2.32 -12.99 35.96
C SER L 416 -2.97 -11.99 36.91
N THR L 417 -2.12 -11.21 37.60
CA THR L 417 -2.57 -10.25 38.58
C THR L 417 -2.04 -8.86 38.22
N SER L 418 -2.85 -7.84 38.51
CA SER L 418 -2.46 -6.47 38.27
C SER L 418 -3.11 -5.59 39.34
N ARG L 419 -2.34 -4.63 39.84
CA ARG L 419 -2.82 -3.73 40.88
C ARG L 419 -3.49 -2.52 40.25
N MET L 420 -4.76 -2.32 40.57
CA MET L 420 -5.53 -1.17 40.09
C MET L 420 -5.77 -0.26 41.28
N SER L 421 -5.08 0.88 41.30
CA SER L 421 -5.18 1.79 42.42
C SER L 421 -6.44 2.63 42.31
N LEU L 422 -7.08 2.87 43.45
CA LEU L 422 -8.23 3.75 43.50
C LEU L 422 -7.77 5.20 43.45
N ASP L 423 -8.54 6.03 42.77
CA ASP L 423 -8.33 7.46 42.87
C ASP L 423 -8.55 7.88 44.32
N PRO L 424 -7.55 8.42 45.01
CA PRO L 424 -7.71 8.66 46.45
C PRO L 424 -8.81 9.65 46.78
N ALA L 425 -9.11 10.57 45.86
CA ALA L 425 -10.23 11.48 46.05
C ALA L 425 -11.56 10.78 45.74
N ARG L 426 -11.62 10.09 44.59
CA ARG L 426 -12.87 9.52 44.09
C ARG L 426 -12.66 8.06 43.68
N GLY L 427 -12.98 7.15 44.59
CA GLY L 427 -12.79 5.75 44.33
C GLY L 427 -14.01 5.00 43.86
N GLY L 428 -15.16 5.67 43.70
CA GLY L 428 -16.35 4.99 43.24
C GLY L 428 -16.37 4.82 41.73
N VAL L 429 -17.10 3.79 41.28
CA VAL L 429 -17.21 3.55 39.84
C VAL L 429 -18.01 4.64 39.16
N GLU L 430 -18.94 5.28 39.88
CA GLU L 430 -19.68 6.39 39.27
C GLU L 430 -18.79 7.59 39.02
N ASP L 431 -17.70 7.73 39.78
CA ASP L 431 -16.75 8.80 39.48
C ASP L 431 -15.99 8.52 38.21
N LEU L 432 -15.71 7.24 37.92
CA LEU L 432 -15.11 6.89 36.63
C LEU L 432 -16.11 7.08 35.50
N LEU L 433 -17.40 6.77 35.74
CA LEU L 433 -18.41 7.02 34.72
C LEU L 433 -18.56 8.50 34.44
N ASP L 434 -18.48 9.34 35.48
CA ASP L 434 -18.44 10.79 35.24
C ASP L 434 -17.25 11.15 34.37
N HIS L 435 -16.08 10.62 34.71
CA HIS L 435 -14.87 10.94 33.96
C HIS L 435 -14.99 10.50 32.51
N ILE L 436 -15.48 9.29 32.28
CA ILE L 436 -15.58 8.75 30.92
C ILE L 436 -16.62 9.51 30.10
N THR L 437 -17.85 9.61 30.62
CA THR L 437 -18.91 10.23 29.84
C THR L 437 -18.66 11.73 29.64
N SER L 438 -17.97 12.36 30.59
CA SER L 438 -17.58 13.76 30.38
C SER L 438 -16.68 13.88 29.16
N GLY L 439 -15.71 12.98 29.02
CA GLY L 439 -14.81 13.04 27.89
C GLY L 439 -15.49 12.73 26.56
N VAL L 440 -16.38 11.74 26.56
CA VAL L 440 -17.08 11.36 25.34
C VAL L 440 -18.02 12.47 24.89
N ARG L 441 -18.69 13.13 25.84
CA ARG L 441 -19.53 14.26 25.49
C ARG L 441 -18.71 15.39 24.90
N SER L 442 -17.55 15.65 25.49
CA SER L 442 -16.67 16.69 24.97
C SER L 442 -16.11 16.30 23.60
N THR L 443 -15.83 15.00 23.40
CA THR L 443 -15.45 14.54 22.06
C THR L 443 -16.54 14.83 21.04
N CYS L 444 -17.80 14.66 21.44
CA CYS L 444 -18.90 14.91 20.51
C CYS L 444 -19.03 16.39 20.19
N THR L 445 -18.83 17.27 21.18
CA THR L 445 -18.94 18.69 20.88
C THR L 445 -17.78 19.17 20.00
N TYR L 446 -16.59 18.56 20.13
CA TYR L 446 -15.47 18.90 19.25
C TYR L 446 -15.74 18.49 17.82
N VAL L 447 -16.34 17.31 17.63
CA VAL L 447 -16.62 16.78 16.30
C VAL L 447 -17.82 17.48 15.67
N GLY L 448 -18.75 17.97 16.48
CA GLY L 448 -20.02 18.46 15.98
C GLY L 448 -21.13 17.43 16.00
N ALA L 449 -21.02 16.39 16.83
CA ALA L 449 -21.99 15.31 16.85
C ALA L 449 -22.97 15.50 18.01
N ALA L 450 -24.25 15.27 17.73
CA ALA L 450 -25.28 15.32 18.75
C ALA L 450 -25.57 13.97 19.36
N ASN L 451 -25.02 12.89 18.81
CA ASN L 451 -25.24 11.56 19.33
C ASN L 451 -24.11 10.66 18.82
N LEU L 452 -24.14 9.40 19.26
CA LEU L 452 -23.08 8.45 18.96
C LEU L 452 -23.02 8.08 17.48
N PRO L 453 -24.13 7.82 16.78
CA PRO L 453 -24.04 7.61 15.32
C PRO L 453 -23.45 8.80 14.58
N GLU L 454 -23.82 10.03 14.96
CA GLU L 454 -23.24 11.20 14.32
C GLU L 454 -21.75 11.32 14.61
N LEU L 455 -21.31 10.85 15.78
CA LEU L 455 -19.88 10.87 16.10
C LEU L 455 -19.09 10.03 15.11
N HIS L 456 -19.52 8.78 14.90
CA HIS L 456 -18.79 7.93 13.98
C HIS L 456 -18.93 8.40 12.54
N GLU L 457 -20.04 9.08 12.21
CA GLU L 457 -20.25 9.52 10.84
CA GLU L 457 -20.25 9.53 10.84
C GLU L 457 -19.44 10.79 10.52
N LYS L 458 -19.29 11.70 11.48
CA LYS L 458 -18.66 12.98 11.19
C LYS L 458 -17.20 13.07 11.59
N VAL L 459 -16.65 12.07 12.29
CA VAL L 459 -15.32 12.22 12.87
C VAL L 459 -14.27 12.23 11.77
N VAL L 460 -13.26 13.07 11.95
CA VAL L 460 -12.06 13.10 11.10
C VAL L 460 -10.87 12.73 11.98
N LEU L 461 -10.12 11.74 11.55
CA LEU L 461 -9.03 11.18 12.35
C LEU L 461 -7.68 11.46 11.70
N GLY L 462 -6.64 11.44 12.53
CA GLY L 462 -5.29 11.56 12.04
C GLY L 462 -4.37 10.64 12.82
N VAL L 463 -3.21 10.40 12.24
CA VAL L 463 -2.19 9.53 12.81
C VAL L 463 -1.06 10.39 13.35
N GLN L 464 -0.46 9.97 14.47
CA GLN L 464 0.60 10.71 15.12
C GLN L 464 1.75 9.78 15.45
N SER L 465 2.94 10.36 15.61
CA SER L 465 4.12 9.62 16.05
C SER L 465 4.12 9.57 17.58
N ALA L 466 5.19 9.01 18.17
CA ALA L 466 5.24 8.87 19.62
C ALA L 466 5.26 10.22 20.32
N ALA L 467 5.91 11.22 19.72
CA ALA L 467 5.92 12.56 20.30
C ALA L 467 4.54 13.21 20.25
N GLY L 468 3.72 12.84 19.25
CA GLY L 468 2.37 13.39 19.16
C GLY L 468 1.53 13.08 20.39
N PHE L 469 1.56 11.82 20.82
CA PHE L 469 0.84 11.41 22.02
C PHE L 469 1.25 12.26 23.23
N ALA L 470 2.52 12.68 23.30
CA ALA L 470 3.09 13.37 24.46
C ALA L 470 2.59 14.80 24.61
N GLU L 471 1.80 15.32 23.67
CA GLU L 471 1.26 16.67 23.81
C GLU L 471 0.21 16.71 24.92
N GLY L 472 0.27 17.77 25.72
CA GLY L 472 -0.73 18.02 26.73
C GLY L 472 -0.25 17.69 28.13
N HIS L 473 -1.24 17.52 29.02
CA HIS L 473 -1.04 17.26 30.43
C HIS L 473 -1.53 15.87 30.81
N PRO L 474 -0.76 15.12 31.61
CA PRO L 474 -1.18 13.80 32.08
C PRO L 474 -1.90 13.86 33.43
N VAL M 2 15.29 -11.44 97.74
CA VAL M 2 16.31 -11.73 96.74
C VAL M 2 17.68 -11.31 97.25
N ARG M 3 18.72 -11.94 96.72
CA ARG M 3 20.10 -11.59 97.01
C ARG M 3 20.72 -10.93 95.77
N PHE M 4 21.36 -9.78 95.98
CA PHE M 4 22.11 -9.10 94.94
C PHE M 4 23.61 -9.29 95.18
N LEU M 5 24.38 -9.26 94.11
CA LEU M 5 25.82 -9.37 94.21
C LEU M 5 26.37 -8.32 95.16
N ASP M 6 27.42 -8.68 95.89
CA ASP M 6 28.01 -7.78 96.87
C ASP M 6 28.42 -6.47 96.20
N GLY M 7 28.03 -5.36 96.80
CA GLY M 7 28.32 -4.05 96.27
C GLY M 7 27.36 -3.55 95.22
N HIS M 8 26.39 -4.35 94.80
CA HIS M 8 25.43 -3.92 93.77
C HIS M 8 24.24 -3.27 94.45
N THR M 9 24.37 -1.96 94.70
CA THR M 9 23.34 -1.18 95.38
C THR M 9 23.23 0.14 94.65
N PRO M 10 22.59 0.14 93.48
CA PRO M 10 22.55 1.36 92.67
C PRO M 10 21.70 2.44 93.32
N ALA M 11 21.99 3.68 92.94
CA ALA M 11 21.23 4.85 93.35
C ALA M 11 20.03 5.11 92.45
N TYR M 12 19.58 4.10 91.72
CA TYR M 12 18.42 4.22 90.84
C TYR M 12 17.63 2.92 90.89
N ASP M 13 16.35 3.01 90.54
CA ASP M 13 15.53 1.81 90.45
C ASP M 13 15.77 1.09 89.13
N LEU M 14 15.44 -0.19 89.11
CA LEU M 14 15.90 -1.10 88.06
C LEU M 14 14.75 -1.55 87.17
N THR M 15 15.02 -1.62 85.86
CA THR M 15 14.14 -2.28 84.92
C THR M 15 14.65 -3.69 84.65
N TYR M 16 13.94 -4.39 83.77
CA TYR M 16 14.40 -5.71 83.36
C TYR M 16 15.73 -5.63 82.62
N ASN M 17 16.01 -4.51 81.95
CA ASN M 17 17.27 -4.36 81.23
C ASN M 17 18.46 -4.15 82.17
N ASP M 18 18.22 -3.77 83.42
CA ASP M 18 19.29 -3.37 84.32
C ASP M 18 19.88 -4.53 85.12
N VAL M 19 19.25 -5.69 85.12
CA VAL M 19 19.61 -6.77 86.02
C VAL M 19 19.93 -8.04 85.22
N PHE M 20 20.70 -8.92 85.85
CA PHE M 20 20.99 -10.23 85.31
C PHE M 20 20.99 -11.24 86.45
N VAL M 21 20.86 -12.52 86.09
CA VAL M 21 20.86 -13.62 87.05
C VAL M 21 22.20 -14.32 86.98
N VAL M 22 22.80 -14.57 88.14
CA VAL M 22 24.06 -15.28 88.22
C VAL M 22 23.75 -16.76 88.45
N PRO M 23 24.25 -17.67 87.61
CA PRO M 23 24.00 -19.09 87.84
C PRO M 23 24.63 -19.57 89.14
N GLY M 24 23.91 -20.44 89.83
CA GLY M 24 24.41 -21.12 91.01
C GLY M 24 24.58 -22.61 90.78
N ARG M 25 25.06 -23.29 91.83
CA ARG M 25 25.20 -24.73 91.78
C ARG M 25 23.84 -25.41 91.69
N SER M 26 23.73 -26.39 90.80
CA SER M 26 22.45 -26.99 90.49
C SER M 26 22.58 -28.50 90.41
N ASP M 27 21.60 -29.20 90.98
CA ASP M 27 21.42 -30.63 90.73
C ASP M 27 20.25 -30.92 89.81
N VAL M 28 19.66 -29.88 89.22
CA VAL M 28 18.47 -30.04 88.37
C VAL M 28 18.92 -30.41 86.97
N ALA M 29 18.68 -31.67 86.58
CA ALA M 29 19.29 -32.21 85.37
C ALA M 29 18.60 -31.71 84.10
N SER M 30 17.27 -31.72 84.08
CA SER M 30 16.52 -31.42 82.88
C SER M 30 15.58 -30.24 83.11
N ARG M 31 15.30 -29.51 82.03
CA ARG M 31 14.31 -28.44 82.08
C ARG M 31 12.95 -28.96 82.52
N PHE M 32 12.64 -30.22 82.20
CA PHE M 32 11.35 -30.82 82.54
C PHE M 32 11.28 -31.30 83.99
N ASP M 33 12.37 -31.22 84.75
CA ASP M 33 12.31 -31.51 86.17
C ASP M 33 11.80 -30.33 86.98
N VAL M 34 11.69 -29.16 86.37
CA VAL M 34 11.21 -27.97 87.05
C VAL M 34 9.68 -27.99 87.09
N ASP M 35 9.11 -27.55 88.20
CA ASP M 35 7.66 -27.42 88.35
C ASP M 35 7.28 -25.95 88.20
N LEU M 36 6.52 -25.64 87.15
CA LEU M 36 6.14 -24.26 86.82
C LEU M 36 4.80 -23.85 87.41
N SER M 37 4.19 -24.70 88.24
CA SER M 37 2.91 -24.37 88.84
C SER M 37 3.04 -23.18 89.79
N THR M 38 2.05 -22.29 89.73
CA THR M 38 1.98 -21.11 90.58
C THR M 38 1.31 -21.47 91.91
N VAL M 39 1.61 -20.67 92.93
CA VAL M 39 1.14 -20.92 94.29
C VAL M 39 0.16 -19.86 94.77
N ASP M 40 -0.32 -18.99 93.88
CA ASP M 40 -1.15 -17.86 94.28
C ASP M 40 -2.64 -18.18 94.30
N GLY M 41 -3.02 -19.44 94.08
CA GLY M 41 -4.42 -19.80 94.04
C GLY M 41 -5.12 -19.51 92.73
N SER M 42 -4.38 -19.13 91.69
CA SER M 42 -4.99 -18.88 90.39
C SER M 42 -5.31 -20.15 89.64
N GLY M 43 -4.58 -21.23 89.91
CA GLY M 43 -4.79 -22.47 89.19
C GLY M 43 -3.96 -22.66 87.95
N THR M 44 -3.05 -21.73 87.64
CA THR M 44 -2.21 -21.85 86.46
C THR M 44 -1.08 -22.83 86.71
N THR M 45 -0.76 -23.65 85.70
CA THR M 45 0.38 -24.54 85.79
C THR M 45 1.64 -23.94 85.16
N ILE M 46 1.53 -22.77 84.56
CA ILE M 46 2.67 -21.99 84.09
C ILE M 46 2.45 -20.54 84.52
N PRO M 47 3.50 -19.78 84.79
CA PRO M 47 3.37 -18.42 85.32
C PRO M 47 3.02 -17.37 84.26
N VAL M 48 1.99 -17.65 83.46
CA VAL M 48 1.59 -16.78 82.37
C VAL M 48 0.11 -16.45 82.51
N VAL M 49 -0.21 -15.16 82.54
CA VAL M 49 -1.59 -14.68 82.60
C VAL M 49 -1.79 -13.66 81.48
N VAL M 50 -2.82 -13.85 80.66
CA VAL M 50 -3.10 -12.93 79.56
C VAL M 50 -3.84 -11.71 80.09
N ALA M 51 -3.34 -10.53 79.73
CA ALA M 51 -3.89 -9.28 80.27
C ALA M 51 -5.33 -9.05 79.85
N ASN M 52 -6.08 -8.32 80.68
CA ASN M 52 -7.46 -7.97 80.39
C ASN M 52 -7.48 -6.79 79.43
N MET M 53 -7.29 -7.12 78.14
CA MET M 53 -7.27 -6.13 77.07
C MET M 53 -8.05 -6.68 75.90
N THR M 54 -8.92 -5.84 75.32
CA THR M 54 -9.73 -6.27 74.19
C THR M 54 -8.86 -6.63 72.98
N ALA M 55 -7.66 -6.07 72.87
CA ALA M 55 -6.77 -6.43 71.77
C ALA M 55 -6.29 -7.87 71.87
N VAL M 56 -6.32 -8.47 73.07
CA VAL M 56 -5.68 -9.76 73.31
C VAL M 56 -6.66 -10.79 73.86
N ALA M 57 -7.48 -10.40 74.85
CA ALA M 57 -8.21 -11.37 75.67
C ALA M 57 -9.55 -11.70 75.02
N GLY M 58 -9.51 -12.65 74.08
CA GLY M 58 -10.70 -13.09 73.39
C GLY M 58 -10.99 -14.56 73.64
N ARG M 59 -12.03 -15.02 72.96
CA ARG M 59 -12.52 -16.39 73.18
C ARG M 59 -11.50 -17.42 72.70
N ARG M 60 -10.95 -17.24 71.51
CA ARG M 60 -9.90 -18.13 71.02
C ARG M 60 -8.68 -18.09 71.93
N MET M 61 -8.24 -16.89 72.30
CA MET M 61 -7.10 -16.76 73.20
C MET M 61 -7.36 -17.44 74.54
N ALA M 62 -8.58 -17.32 75.06
CA ALA M 62 -8.90 -17.92 76.35
C ALA M 62 -8.84 -19.44 76.31
N GLU M 63 -9.39 -20.04 75.24
CA GLU M 63 -9.30 -21.49 75.08
C GLU M 63 -7.85 -21.94 74.94
N THR M 64 -7.09 -21.27 74.06
CA THR M 64 -5.76 -21.76 73.70
C THR M 64 -4.82 -21.69 74.90
N VAL M 65 -4.83 -20.56 75.63
CA VAL M 65 -3.88 -20.38 76.72
C VAL M 65 -4.23 -21.27 77.91
N ALA M 66 -5.52 -21.40 78.22
CA ALA M 66 -5.93 -22.22 79.36
C ALA M 66 -5.58 -23.68 79.14
N ARG M 67 -5.72 -24.18 77.91
CA ARG M 67 -5.35 -25.56 77.64
C ARG M 67 -3.88 -25.82 77.95
N ARG M 68 -3.03 -24.79 77.83
CA ARG M 68 -1.60 -24.93 78.05
C ARG M 68 -1.18 -24.51 79.46
N GLY M 69 -2.14 -24.24 80.35
CA GLY M 69 -1.85 -24.00 81.75
C GLY M 69 -1.92 -22.56 82.18
N GLY M 70 -2.03 -21.62 81.25
CA GLY M 70 -2.21 -20.23 81.58
C GLY M 70 -3.64 -19.93 81.96
N ILE M 71 -3.92 -18.64 82.14
CA ILE M 71 -5.28 -18.16 82.32
C ILE M 71 -5.42 -16.83 81.60
N VAL M 72 -6.61 -16.57 81.10
CA VAL M 72 -6.92 -15.35 80.36
C VAL M 72 -7.94 -14.57 81.16
N VAL M 73 -7.66 -13.28 81.36
CA VAL M 73 -8.55 -12.38 82.09
C VAL M 73 -9.40 -11.63 81.07
N LEU M 74 -10.71 -11.87 81.07
CA LEU M 74 -11.59 -11.17 80.15
C LEU M 74 -11.60 -9.68 80.49
N PRO M 75 -11.63 -8.80 79.49
CA PRO M 75 -11.57 -7.36 79.77
C PRO M 75 -12.82 -6.88 80.48
N GLN M 76 -12.65 -5.84 81.31
CA GLN M 76 -13.79 -5.26 82.01
C GLN M 76 -14.77 -4.64 81.01
N ASP M 77 -16.02 -4.52 81.44
CA ASP M 77 -17.15 -3.91 80.72
C ASP M 77 -17.65 -4.77 79.57
N LEU M 78 -17.01 -5.90 79.29
CA LEU M 78 -17.60 -6.90 78.40
C LEU M 78 -18.99 -7.26 78.93
N PRO M 79 -20.05 -7.07 78.13
CA PRO M 79 -21.41 -7.30 78.63
C PRO M 79 -21.57 -8.69 79.22
N ILE M 80 -22.43 -8.81 80.24
CA ILE M 80 -22.54 -10.03 81.03
C ILE M 80 -22.98 -11.20 80.16
N THR M 81 -23.78 -10.94 79.12
CA THR M 81 -24.21 -12.01 78.24
C THR M 81 -23.05 -12.52 77.39
N ALA M 82 -22.14 -11.62 76.99
CA ALA M 82 -20.96 -12.07 76.24
C ALA M 82 -19.98 -12.80 77.13
N VAL M 83 -19.89 -12.41 78.42
CA VAL M 83 -19.07 -13.15 79.36
C VAL M 83 -19.57 -14.59 79.47
N SER M 84 -20.86 -14.74 79.73
CA SER M 84 -21.45 -16.07 79.89
C SER M 84 -21.20 -16.93 78.66
N GLU M 85 -21.39 -16.37 77.46
CA GLU M 85 -21.11 -17.12 76.24
C GLU M 85 -19.64 -17.54 76.17
N THR M 86 -18.72 -16.61 76.46
CA THR M 86 -17.30 -16.92 76.41
C THR M 86 -16.95 -18.01 77.41
N VAL M 87 -17.43 -17.88 78.66
CA VAL M 87 -17.16 -18.88 79.68
C VAL M 87 -17.69 -20.24 79.25
N ASP M 88 -18.94 -20.28 78.79
CA ASP M 88 -19.53 -21.55 78.38
C ASP M 88 -18.78 -22.18 77.21
N PHE M 89 -18.26 -21.35 76.30
CA PHE M 89 -17.45 -21.89 75.20
C PHE M 89 -16.14 -22.47 75.72
N VAL M 90 -15.45 -21.71 76.57
CA VAL M 90 -14.14 -22.15 77.08
C VAL M 90 -14.31 -23.42 77.92
N LYS M 91 -15.27 -23.42 78.83
CA LYS M 91 -15.43 -24.54 79.74
C LYS M 91 -16.03 -25.78 79.08
N SER M 92 -16.43 -25.71 77.82
CA SER M 92 -16.86 -26.88 77.07
C SER M 92 -15.79 -27.41 76.11
N ARG M 93 -14.62 -26.75 76.05
CA ARG M 93 -13.57 -27.20 75.16
C ARG M 93 -12.90 -28.46 75.70
N ASP M 94 -12.54 -29.35 74.78
CA ASP M 94 -11.81 -30.55 75.18
C ASP M 94 -10.40 -30.18 75.63
N LEU M 95 -9.86 -30.98 76.55
CA LEU M 95 -8.61 -30.67 77.21
C LEU M 95 -7.38 -30.92 76.33
N VAL M 96 -7.51 -31.73 75.29
CA VAL M 96 -6.37 -32.07 74.42
C VAL M 96 -6.66 -31.55 73.02
N VAL M 97 -7.76 -32.03 72.43
CA VAL M 97 -8.14 -31.63 71.08
C VAL M 97 -8.56 -30.17 71.06
N ASP M 98 -8.16 -29.46 70.01
CA ASP M 98 -8.41 -28.03 69.87
C ASP M 98 -9.65 -27.79 69.01
N THR M 99 -10.04 -26.52 68.91
CA THR M 99 -11.20 -26.11 68.12
C THR M 99 -10.72 -25.54 66.79
N PRO M 100 -11.12 -26.12 65.66
CA PRO M 100 -10.60 -25.67 64.36
C PRO M 100 -11.42 -24.55 63.74
N VAL M 101 -10.82 -23.93 62.72
CA VAL M 101 -11.57 -23.07 61.80
C VAL M 101 -12.44 -23.94 60.91
N THR M 102 -13.72 -23.61 60.80
CA THR M 102 -14.65 -24.37 59.98
C THR M 102 -15.07 -23.57 58.76
N LEU M 103 -15.33 -24.29 57.67
CA LEU M 103 -15.78 -23.67 56.43
C LEU M 103 -16.93 -24.46 55.85
N SER M 104 -17.79 -23.77 55.18
CA SER M 104 -18.84 -24.39 54.40
C SER M 104 -18.35 -24.64 52.97
N PRO M 105 -18.82 -25.72 52.34
CA PRO M 105 -18.47 -25.96 50.93
C PRO M 105 -18.81 -24.79 50.02
N GLU M 106 -19.76 -23.94 50.40
CA GLU M 106 -20.20 -22.82 49.58
C GLU M 106 -19.49 -21.52 49.94
N ASP M 107 -18.50 -21.56 50.82
CA ASP M 107 -17.73 -20.37 51.13
C ASP M 107 -16.76 -20.06 50.00
N SER M 108 -16.38 -18.79 49.90
CA SER M 108 -15.44 -18.38 48.86
C SER M 108 -14.01 -18.65 49.30
N VAL M 109 -13.14 -18.87 48.33
CA VAL M 109 -11.73 -19.05 48.62
C VAL M 109 -11.18 -17.81 49.31
N SER M 110 -11.63 -16.63 48.90
CA SER M 110 -11.21 -15.39 49.55
C SER M 110 -11.59 -15.40 51.04
N ASP M 111 -12.79 -15.88 51.36
CA ASP M 111 -13.17 -16.00 52.77
C ASP M 111 -12.34 -17.06 53.49
N ALA M 112 -11.97 -18.14 52.79
CA ALA M 112 -11.31 -19.26 53.44
C ALA M 112 -9.97 -18.85 54.06
N ASN M 113 -9.07 -18.32 53.24
CA ASN M 113 -7.76 -17.99 53.79
C ASN M 113 -7.78 -16.78 54.72
N ALA M 114 -8.88 -16.01 54.73
CA ALA M 114 -9.02 -14.98 55.76
C ALA M 114 -9.33 -15.61 57.12
N LEU M 115 -10.21 -16.62 57.15
CA LEU M 115 -10.52 -17.31 58.39
C LEU M 115 -9.45 -18.31 58.82
N LEU M 116 -8.60 -18.76 57.90
CA LEU M 116 -7.55 -19.72 58.23
C LEU M 116 -6.66 -19.22 59.35
N HIS M 117 -6.40 -17.92 59.39
CA HIS M 117 -5.44 -17.35 60.33
C HIS M 117 -6.06 -17.00 61.67
N LYS M 118 -7.25 -17.51 61.97
CA LYS M 118 -7.78 -17.41 63.32
C LYS M 118 -7.22 -18.47 64.24
N ARG M 119 -6.55 -19.48 63.69
CA ARG M 119 -5.91 -20.53 64.47
C ARG M 119 -4.54 -20.80 63.87
N ALA M 120 -3.71 -21.51 64.62
CA ALA M 120 -2.34 -21.80 64.20
C ALA M 120 -2.23 -23.12 63.46
N HIS M 121 -3.36 -23.74 63.08
CA HIS M 121 -3.33 -25.09 62.56
C HIS M 121 -2.88 -25.19 61.12
N GLY M 122 -2.96 -24.10 60.36
CA GLY M 122 -2.59 -24.16 58.96
C GLY M 122 -3.59 -24.88 58.07
N ALA M 123 -4.75 -25.26 58.59
CA ALA M 123 -5.76 -25.92 57.79
C ALA M 123 -7.12 -25.69 58.44
N ALA M 124 -8.14 -25.56 57.59
CA ALA M 124 -9.51 -25.44 58.04
C ALA M 124 -10.26 -26.72 57.70
N VAL M 125 -11.25 -27.07 58.53
CA VAL M 125 -12.05 -28.26 58.33
C VAL M 125 -13.33 -27.87 57.60
N VAL M 126 -13.56 -28.47 56.43
CA VAL M 126 -14.81 -28.28 55.71
C VAL M 126 -15.85 -29.22 56.30
N VAL M 127 -16.98 -28.66 56.70
CA VAL M 127 -18.04 -29.41 57.37
C VAL M 127 -19.32 -29.28 56.57
N PHE M 128 -20.01 -30.40 56.37
CA PHE M 128 -21.28 -30.43 55.64
C PHE M 128 -22.24 -31.35 56.39
N GLU M 129 -23.39 -30.81 56.77
CA GLU M 129 -24.39 -31.55 57.54
C GLU M 129 -23.77 -32.10 58.83
N GLY M 130 -22.96 -31.27 59.48
CA GLY M 130 -22.33 -31.64 60.73
C GLY M 130 -21.37 -32.81 60.63
N ARG M 131 -20.64 -32.91 59.52
CA ARG M 131 -19.66 -33.98 59.32
C ARG M 131 -18.46 -33.42 58.58
N PRO M 132 -17.25 -33.84 58.97
CA PRO M 132 -16.04 -33.36 58.28
C PRO M 132 -15.87 -34.06 56.95
N ILE M 133 -15.70 -33.27 55.88
CA ILE M 133 -15.59 -33.80 54.53
C ILE M 133 -14.25 -33.48 53.88
N GLY M 134 -13.38 -32.72 54.54
CA GLY M 134 -12.11 -32.39 53.93
C GLY M 134 -11.39 -31.29 54.70
N LEU M 135 -10.24 -30.92 54.16
CA LEU M 135 -9.40 -29.89 54.75
C LEU M 135 -9.06 -28.84 53.69
N VAL M 136 -8.91 -27.60 54.15
CA VAL M 136 -8.53 -26.48 53.29
C VAL M 136 -7.27 -25.85 53.88
N THR M 137 -6.23 -25.75 53.06
CA THR M 137 -4.97 -25.13 53.44
C THR M 137 -4.76 -23.84 52.66
N GLU M 138 -3.71 -23.13 53.02
CA GLU M 138 -3.39 -21.92 52.28
C GLU M 138 -2.85 -22.24 50.90
N ALA M 139 -2.16 -23.37 50.74
CA ALA M 139 -1.65 -23.75 49.43
C ALA M 139 -2.77 -24.08 48.46
N ASN M 140 -3.92 -24.54 48.95
CA ASN M 140 -5.06 -24.80 48.07
C ASN M 140 -5.64 -23.50 47.51
N CYS M 141 -5.57 -22.41 48.27
CA CYS M 141 -6.14 -21.13 47.88
C CYS M 141 -5.29 -20.39 46.85
N ALA M 142 -4.09 -20.90 46.53
CA ALA M 142 -3.22 -20.26 45.56
C ALA M 142 -3.55 -20.75 44.15
N GLY M 143 -3.38 -19.85 43.19
CA GLY M 143 -3.59 -20.18 41.79
C GLY M 143 -5.03 -20.40 41.37
N VAL M 144 -5.99 -20.09 42.23
CA VAL M 144 -7.40 -20.31 41.96
C VAL M 144 -8.12 -18.97 41.99
N ASP M 145 -9.25 -18.89 41.27
CA ASP M 145 -10.09 -17.69 41.32
C ASP M 145 -10.46 -17.36 42.75
N ARG M 146 -10.16 -16.12 43.15
CA ARG M 146 -10.44 -15.66 44.51
C ARG M 146 -11.87 -15.97 44.95
N PHE M 147 -12.83 -15.97 44.04
CA PHE M 147 -14.21 -16.23 44.38
C PHE M 147 -14.67 -17.63 44.00
N ALA M 148 -13.75 -18.53 43.67
CA ALA M 148 -14.12 -19.93 43.52
C ALA M 148 -14.67 -20.46 44.84
N ARG M 149 -15.48 -21.52 44.74
CA ARG M 149 -16.07 -22.13 45.92
C ARG M 149 -15.08 -23.07 46.61
N VAL M 150 -15.15 -23.11 47.94
CA VAL M 150 -14.22 -23.90 48.73
C VAL M 150 -14.28 -25.37 48.34
N ARG M 151 -15.47 -25.87 48.00
CA ARG M 151 -15.65 -27.27 47.61
C ARG M 151 -14.75 -27.67 46.47
N ASP M 152 -14.32 -26.72 45.63
CA ASP M 152 -13.47 -27.06 44.49
C ASP M 152 -12.01 -27.25 44.88
N ILE M 153 -11.55 -26.57 45.94
CA ILE M 153 -10.16 -26.67 46.34
C ILE M 153 -9.94 -27.53 47.57
N ALA M 154 -11.01 -28.07 48.14
CA ALA M 154 -10.89 -28.85 49.37
C ALA M 154 -10.20 -30.19 49.11
N LEU M 155 -9.41 -30.64 50.09
CA LEU M 155 -8.73 -31.93 50.03
C LEU M 155 -9.57 -32.97 50.75
N SER M 156 -10.06 -33.97 50.01
CA SER M 156 -10.94 -34.98 50.59
C SER M 156 -10.20 -36.05 51.39
N ASP M 157 -8.87 -36.10 51.32
CA ASP M 157 -8.09 -37.05 52.10
C ASP M 157 -7.43 -36.34 53.27
N PHE M 158 -7.48 -36.98 54.43
CA PHE M 158 -6.92 -36.45 55.67
C PHE M 158 -6.98 -37.53 56.74
N VAL M 159 -6.12 -37.40 57.75
CA VAL M 159 -6.08 -38.34 58.86
C VAL M 159 -7.19 -38.00 59.83
N THR M 160 -7.94 -39.02 60.27
CA THR M 160 -8.96 -38.84 61.29
C THR M 160 -8.83 -39.93 62.36
N ALA M 161 -9.45 -39.68 63.50
CA ALA M 161 -9.38 -40.57 64.65
C ALA M 161 -10.41 -40.13 65.70
N PRO M 162 -10.94 -41.07 66.49
CA PRO M 162 -11.92 -40.69 67.52
C PRO M 162 -11.29 -39.82 68.59
N VAL M 163 -12.07 -38.86 69.11
CA VAL M 163 -11.61 -38.06 70.23
C VAL M 163 -11.39 -38.99 71.42
N GLY M 164 -10.33 -38.71 72.18
CA GLY M 164 -9.93 -39.59 73.25
C GLY M 164 -8.80 -40.54 72.89
N THR M 165 -8.46 -40.66 71.61
CA THR M 165 -7.28 -41.41 71.20
C THR M 165 -6.05 -40.84 71.89
N ASP M 166 -5.14 -41.73 72.30
CA ASP M 166 -3.90 -41.29 72.92
C ASP M 166 -3.18 -40.32 71.99
N PRO M 167 -2.81 -39.13 72.47
CA PRO M 167 -2.05 -38.19 71.62
C PRO M 167 -0.81 -38.81 70.99
N ARG M 168 -0.14 -39.73 71.68
CA ARG M 168 1.00 -40.42 71.08
C ARG M 168 0.59 -41.13 69.79
N GLU M 169 -0.56 -41.81 69.80
CA GLU M 169 -1.01 -42.50 68.59
C GLU M 169 -1.38 -41.51 67.49
N VAL M 170 -2.01 -40.39 67.85
CA VAL M 170 -2.34 -39.38 66.86
C VAL M 170 -1.06 -38.79 66.25
N PHE M 171 -0.08 -38.50 67.10
CA PHE M 171 1.24 -38.07 66.63
C PHE M 171 1.81 -39.05 65.61
N ASP M 172 1.74 -40.35 65.92
CA ASP M 172 2.28 -41.36 65.01
C ASP M 172 1.50 -41.42 63.71
N LEU M 173 0.17 -41.35 63.78
CA LEU M 173 -0.65 -41.41 62.57
C LEU M 173 -0.33 -40.26 61.62
N LEU M 174 0.14 -39.13 62.14
CA LEU M 174 0.42 -37.95 61.34
C LEU M 174 1.84 -37.91 60.79
N GLU M 175 2.66 -38.92 61.10
CA GLU M 175 4.08 -38.87 60.75
C GLU M 175 4.29 -38.65 59.26
N HIS M 176 3.65 -39.46 58.43
CA HIS M 176 3.81 -39.38 56.98
C HIS M 176 2.62 -38.72 56.29
N ALA M 177 1.74 -38.08 57.05
CA ALA M 177 0.59 -37.41 56.45
C ALA M 177 1.01 -36.11 55.77
N PRO M 178 0.47 -35.81 54.59
CA PRO M 178 0.85 -34.56 53.92
C PRO M 178 0.42 -33.31 54.67
N ILE M 179 -0.63 -33.38 55.48
CA ILE M 179 -1.09 -32.24 56.28
C ILE M 179 -0.98 -32.61 57.75
N ASP M 180 -0.31 -31.76 58.52
CA ASP M 180 -0.11 -31.99 59.95
C ASP M 180 -1.35 -31.65 60.78
N VAL M 181 -2.53 -32.10 60.34
CA VAL M 181 -3.77 -31.90 61.08
C VAL M 181 -4.54 -33.21 61.10
N ALA M 182 -4.95 -33.64 62.29
CA ALA M 182 -5.80 -34.81 62.46
C ALA M 182 -7.19 -34.34 62.85
N VAL M 183 -8.20 -34.73 62.06
CA VAL M 183 -9.58 -34.37 62.34
C VAL M 183 -10.13 -35.36 63.37
N MET M 184 -10.40 -34.87 64.58
CA MET M 184 -10.87 -35.72 65.66
C MET M 184 -12.40 -35.76 65.63
N THR M 185 -12.96 -36.93 65.93
CA THR M 185 -14.39 -37.16 65.80
C THR M 185 -14.99 -37.63 67.11
N ALA M 186 -16.24 -37.26 67.34
CA ALA M 186 -17.02 -37.75 68.47
C ALA M 186 -17.56 -39.14 68.16
N PRO M 187 -18.04 -39.86 69.18
CA PRO M 187 -18.58 -41.21 68.93
C PRO M 187 -19.58 -41.28 67.78
N ASP M 188 -20.41 -40.26 67.61
CA ASP M 188 -21.37 -40.25 66.50
C ASP M 188 -20.73 -39.91 65.16
N GLY M 189 -19.43 -39.62 65.13
CA GLY M 189 -18.73 -39.32 63.90
C GLY M 189 -18.63 -37.86 63.54
N THR M 190 -19.29 -36.97 64.27
CA THR M 190 -19.24 -35.56 63.96
C THR M 190 -17.91 -34.95 64.40
N LEU M 191 -17.69 -33.69 64.02
CA LEU M 191 -16.41 -33.02 64.24
C LEU M 191 -16.28 -32.63 65.71
N ALA M 192 -15.30 -33.22 66.39
CA ALA M 192 -15.00 -32.87 67.78
C ALA M 192 -13.84 -31.91 67.91
N GLY M 193 -13.03 -31.75 66.87
CA GLY M 193 -11.90 -30.84 66.90
C GLY M 193 -10.75 -31.38 66.09
N VAL M 194 -9.58 -30.76 66.26
CA VAL M 194 -8.38 -31.14 65.54
C VAL M 194 -7.20 -31.21 66.50
N LEU M 195 -6.23 -32.03 66.15
CA LEU M 195 -4.99 -32.15 66.91
C LEU M 195 -3.84 -32.27 65.92
N THR M 196 -2.85 -31.41 66.07
CA THR M 196 -1.65 -31.47 65.25
C THR M 196 -0.57 -32.29 65.96
N ARG M 197 0.53 -32.54 65.24
CA ARG M 197 1.66 -33.23 65.85
C ARG M 197 2.24 -32.41 66.99
N THR M 198 2.39 -31.10 66.80
CA THR M 198 2.90 -30.24 67.86
C THR M 198 1.90 -30.15 69.00
N GLY M 199 0.60 -30.14 68.70
CA GLY M 199 -0.39 -30.14 69.76
C GLY M 199 -0.37 -31.42 70.57
N ALA M 200 -0.08 -32.55 69.92
CA ALA M 200 0.07 -33.80 70.65
C ALA M 200 1.26 -33.76 71.60
N ILE M 201 2.38 -33.17 71.13
CA ILE M 201 3.54 -32.98 71.99
C ILE M 201 3.18 -32.14 73.21
N ARG M 202 2.53 -31.00 72.98
CA ARG M 202 2.22 -30.09 74.08
C ARG M 202 1.29 -30.73 75.11
N ALA M 203 0.48 -31.70 74.69
CA ALA M 203 -0.39 -32.38 75.65
C ALA M 203 0.42 -33.08 76.74
N GLY M 204 1.63 -33.54 76.41
CA GLY M 204 2.52 -34.19 77.35
C GLY M 204 3.46 -33.27 78.09
N ILE M 205 3.41 -31.97 77.80
CA ILE M 205 4.29 -30.99 78.41
C ILE M 205 3.51 -30.03 79.29
N TYR M 206 2.43 -29.47 78.77
CA TYR M 206 1.61 -28.53 79.52
C TYR M 206 0.44 -29.24 80.19
N THR M 207 0.18 -28.89 81.43
CA THR M 207 -1.00 -29.36 82.14
C THR M 207 -2.10 -28.33 82.01
N PRO M 208 -3.27 -28.67 81.46
CA PRO M 208 -4.35 -27.68 81.34
C PRO M 208 -4.74 -27.11 82.69
N ALA M 209 -4.96 -25.80 82.72
CA ALA M 209 -5.50 -25.14 83.90
C ALA M 209 -7.00 -25.38 83.95
N VAL M 210 -7.47 -26.05 85.01
CA VAL M 210 -8.86 -26.46 85.10
C VAL M 210 -9.42 -26.08 86.46
N ASP M 211 -10.75 -25.95 86.51
CA ASP M 211 -11.48 -25.69 87.74
C ASP M 211 -11.73 -27.00 88.47
N ALA M 212 -12.57 -26.96 89.52
CA ALA M 212 -12.84 -28.17 90.31
C ALA M 212 -13.55 -29.24 89.50
N LYS M 213 -14.29 -28.84 88.47
CA LYS M 213 -15.04 -29.78 87.65
C LYS M 213 -14.27 -30.23 86.40
N GLY M 214 -12.96 -29.95 86.33
CA GLY M 214 -12.18 -30.41 85.21
C GLY M 214 -12.37 -29.65 83.92
N ARG M 215 -12.88 -28.42 83.99
CA ARG M 215 -13.09 -27.58 82.82
C ARG M 215 -12.09 -26.44 82.84
N LEU M 216 -11.72 -25.98 81.65
CA LEU M 216 -10.70 -24.95 81.49
C LEU M 216 -11.02 -23.71 82.33
N ARG M 217 -10.02 -23.21 83.04
CA ARG M 217 -10.18 -22.02 83.87
C ARG M 217 -10.27 -20.75 83.01
N ILE M 218 -10.94 -19.75 83.56
CA ILE M 218 -11.06 -18.44 82.92
C ILE M 218 -11.27 -17.41 84.02
N ALA M 219 -10.76 -16.20 83.80
CA ALA M 219 -10.89 -15.11 84.74
C ALA M 219 -11.63 -13.95 84.08
N ALA M 220 -11.95 -12.93 84.88
CA ALA M 220 -12.64 -11.76 84.36
C ALA M 220 -12.29 -10.55 85.20
N ALA M 221 -12.25 -9.39 84.55
CA ALA M 221 -11.88 -8.15 85.22
C ALA M 221 -13.07 -7.22 85.35
N VAL M 222 -12.98 -6.29 86.30
CA VAL M 222 -14.03 -5.32 86.56
C VAL M 222 -13.37 -4.01 86.97
N GLY M 223 -13.88 -2.90 86.48
CA GLY M 223 -13.41 -1.61 86.91
C GLY M 223 -14.03 -1.18 88.22
N ILE M 224 -13.53 -0.08 88.77
CA ILE M 224 -13.94 0.41 90.08
C ILE M 224 -15.04 1.46 89.99
N ASN M 225 -15.57 1.73 88.81
CA ASN M 225 -16.69 2.62 88.64
C ASN M 225 -18.01 1.85 88.68
N GLY M 226 -19.10 2.58 88.92
CA GLY M 226 -20.42 1.95 88.98
C GLY M 226 -20.59 1.11 90.23
N ASP M 227 -21.33 0.02 90.08
CA ASP M 227 -21.62 -0.90 91.18
C ASP M 227 -20.66 -2.08 91.08
N VAL M 228 -19.54 -1.97 91.79
CA VAL M 228 -18.50 -2.99 91.68
C VAL M 228 -18.99 -4.31 92.25
N GLY M 229 -19.73 -4.26 93.35
CA GLY M 229 -20.22 -5.48 93.96
C GLY M 229 -21.12 -6.28 93.05
N ALA M 230 -22.12 -5.60 92.45
CA ALA M 230 -23.03 -6.31 91.55
C ALA M 230 -22.29 -6.86 90.34
N LYS M 231 -21.40 -6.06 89.74
CA LYS M 231 -20.66 -6.52 88.58
C LYS M 231 -19.82 -7.75 88.93
N ALA M 232 -19.16 -7.73 90.09
CA ALA M 232 -18.39 -8.89 90.52
C ALA M 232 -19.28 -10.11 90.72
N GLN M 233 -20.43 -9.93 91.37
CA GLN M 233 -21.33 -11.05 91.64
C GLN M 233 -21.79 -11.71 90.34
N ALA M 234 -22.19 -10.91 89.35
CA ALA M 234 -22.62 -11.48 88.08
C ALA M 234 -21.48 -12.22 87.37
N LEU M 235 -20.25 -11.73 87.54
CA LEU M 235 -19.11 -12.44 86.93
C LEU M 235 -18.88 -13.78 87.61
N ALA M 236 -19.03 -13.84 88.94
CA ALA M 236 -18.91 -15.12 89.64
C ALA M 236 -20.01 -16.09 89.21
N GLU M 237 -21.25 -15.61 89.12
CA GLU M 237 -22.35 -16.47 88.72
C GLU M 237 -22.27 -16.87 87.26
N ALA M 238 -21.52 -16.12 86.45
CA ALA M 238 -21.28 -16.54 85.08
C ALA M 238 -20.24 -17.64 84.97
N GLY M 239 -19.51 -17.94 86.05
CA GLY M 239 -18.53 -19.01 86.07
C GLY M 239 -17.08 -18.60 86.13
N ALA M 240 -16.78 -17.32 86.35
CA ALA M 240 -15.39 -16.88 86.44
C ALA M 240 -14.68 -17.55 87.61
N ASP M 241 -13.50 -18.12 87.34
CA ASP M 241 -12.72 -18.78 88.37
C ASP M 241 -11.83 -17.83 89.16
N LEU M 242 -11.66 -16.60 88.68
CA LEU M 242 -10.84 -15.60 89.34
C LEU M 242 -11.35 -14.23 88.91
N LEU M 243 -11.22 -13.26 89.81
CA LEU M 243 -11.67 -11.89 89.54
C LEU M 243 -10.49 -10.94 89.65
N VAL M 244 -10.49 -9.91 88.80
CA VAL M 244 -9.45 -8.88 88.77
C VAL M 244 -10.13 -7.52 88.88
N ILE M 245 -9.88 -6.81 89.96
CA ILE M 245 -10.33 -5.43 90.11
C ILE M 245 -9.20 -4.54 89.60
N ASP M 246 -9.41 -3.90 88.45
CA ASP M 246 -8.35 -3.28 87.68
C ASP M 246 -8.63 -1.78 87.50
N THR M 247 -7.61 -0.97 87.75
CA THR M 247 -7.67 0.46 87.50
C THR M 247 -6.25 0.99 87.32
N ALA M 248 -6.16 2.15 86.67
CA ALA M 248 -4.85 2.75 86.38
C ALA M 248 -4.11 3.08 87.67
N HIS M 249 -4.72 3.88 88.53
CA HIS M 249 -4.12 4.27 89.80
C HIS M 249 -4.78 3.46 90.92
N GLY M 250 -4.14 2.35 91.30
CA GLY M 250 -4.73 1.45 92.27
C GLY M 250 -4.64 1.91 93.71
N HIS M 251 -3.67 2.76 94.04
CA HIS M 251 -3.49 3.21 95.42
C HIS M 251 -4.40 4.41 95.65
N GLN M 252 -5.69 4.12 95.77
CA GLN M 252 -6.73 5.14 95.74
C GLN M 252 -7.91 4.68 96.57
N ALA M 253 -8.61 5.65 97.17
CA ALA M 253 -9.71 5.34 98.07
C ALA M 253 -10.83 4.59 97.35
N LYS M 254 -11.17 5.00 96.12
CA LYS M 254 -12.24 4.33 95.41
C LYS M 254 -11.91 2.88 95.10
N MET M 255 -10.62 2.59 94.88
CA MET M 255 -10.21 1.20 94.73
C MET M 255 -10.33 0.45 96.05
N LEU M 256 -9.96 1.09 97.16
CA LEU M 256 -10.10 0.45 98.47
C LEU M 256 -11.55 0.11 98.78
N ASP M 257 -12.49 0.96 98.35
CA ASP M 257 -13.90 0.68 98.54
C ASP M 257 -14.35 -0.46 97.63
N ALA M 258 -13.81 -0.52 96.41
CA ALA M 258 -14.22 -1.58 95.48
C ALA M 258 -13.80 -2.95 95.98
N ILE M 259 -12.61 -3.05 96.58
CA ILE M 259 -12.16 -4.34 97.11
C ILE M 259 -13.04 -4.75 98.29
N LYS M 260 -13.31 -3.83 99.21
CA LYS M 260 -14.15 -4.15 100.36
C LYS M 260 -15.53 -4.61 99.93
N ALA M 261 -16.09 -3.97 98.90
CA ALA M 261 -17.41 -4.35 98.40
C ALA M 261 -17.40 -5.76 97.81
N VAL M 262 -16.36 -6.10 97.05
CA VAL M 262 -16.29 -7.45 96.47
C VAL M 262 -15.95 -8.46 97.55
N ALA M 263 -15.02 -8.12 98.44
CA ALA M 263 -14.61 -9.06 99.48
C ALA M 263 -15.77 -9.40 100.41
N SER M 264 -16.57 -8.39 100.78
CA SER M 264 -17.69 -8.62 101.68
C SER M 264 -18.72 -9.59 101.11
N LEU M 265 -18.76 -9.76 99.78
CA LEU M 265 -19.69 -10.71 99.19
C LEU M 265 -19.25 -12.16 99.38
N ASP M 266 -17.98 -12.40 99.71
CA ASP M 266 -17.48 -13.74 100.04
C ASP M 266 -17.76 -14.73 98.91
N LEU M 267 -17.33 -14.39 97.69
CA LEU M 267 -17.64 -15.17 96.50
C LEU M 267 -16.84 -16.47 96.41
N GLY M 268 -15.81 -16.65 97.22
CA GLY M 268 -15.02 -17.86 97.18
C GLY M 268 -13.97 -17.90 96.09
N LEU M 269 -13.76 -16.79 95.37
CA LEU M 269 -12.83 -16.66 94.27
C LEU M 269 -11.62 -15.83 94.65
N PRO M 270 -10.44 -16.18 94.16
CA PRO M 270 -9.25 -15.33 94.38
C PRO M 270 -9.48 -13.92 93.84
N LEU M 271 -9.04 -12.92 94.61
CA LEU M 271 -9.27 -11.52 94.30
C LEU M 271 -7.95 -10.85 93.95
N VAL M 272 -7.79 -10.47 92.67
CA VAL M 272 -6.66 -9.68 92.21
C VAL M 272 -7.09 -8.23 92.18
N ALA M 273 -6.21 -7.34 92.65
CA ALA M 273 -6.45 -5.91 92.60
C ALA M 273 -5.17 -5.19 92.20
N GLY M 274 -5.31 -4.18 91.33
CA GLY M 274 -4.18 -3.37 90.89
C GLY M 274 -4.68 -2.10 90.25
N ASN M 275 -3.74 -1.21 89.92
CA ASN M 275 -2.30 -1.45 89.99
C ASN M 275 -1.57 -0.49 90.92
N VAL M 276 -0.57 -1.01 91.64
CA VAL M 276 0.30 -0.21 92.50
C VAL M 276 1.74 -0.59 92.19
N VAL M 277 2.67 0.28 92.62
CA VAL M 277 4.10 0.02 92.45
C VAL M 277 4.86 0.23 93.76
N SER M 278 4.15 0.45 94.86
CA SER M 278 4.77 0.76 96.14
C SER M 278 4.39 -0.26 97.21
N ALA M 279 5.25 -0.39 98.22
CA ALA M 279 4.97 -1.33 99.31
C ALA M 279 3.76 -0.89 100.12
N GLU M 280 3.61 0.41 100.33
CA GLU M 280 2.44 0.93 101.03
C GLU M 280 1.16 0.57 100.27
N GLY M 281 1.14 0.79 98.96
CA GLY M 281 -0.03 0.43 98.16
C GLY M 281 -0.32 -1.05 98.18
N THR M 282 0.73 -1.88 98.18
CA THR M 282 0.53 -3.32 98.26
C THR M 282 -0.10 -3.72 99.59
N ARG M 283 0.31 -3.08 100.70
CA ARG M 283 -0.28 -3.40 101.99
C ARG M 283 -1.74 -2.96 102.07
N ASP M 284 -2.05 -1.77 101.56
CA ASP M 284 -3.41 -1.24 101.66
C ASP M 284 -4.40 -2.09 100.87
N LEU M 285 -4.02 -2.52 99.66
CA LEU M 285 -4.95 -3.31 98.85
C LEU M 285 -5.17 -4.69 99.46
N ILE M 286 -4.14 -5.27 100.08
CA ILE M 286 -4.31 -6.57 100.74
C ILE M 286 -5.19 -6.44 101.97
N GLU M 287 -4.94 -5.43 102.81
CA GLU M 287 -5.79 -5.18 103.97
C GLU M 287 -7.23 -4.88 103.57
N ALA M 288 -7.46 -4.37 102.35
CA ALA M 288 -8.82 -4.16 101.88
C ALA M 288 -9.51 -5.46 101.47
N GLY M 289 -8.78 -6.56 101.38
CA GLY M 289 -9.36 -7.85 101.09
C GLY M 289 -8.83 -8.54 99.84
N ALA M 290 -7.82 -7.96 99.20
CA ALA M 290 -7.23 -8.56 98.02
C ALA M 290 -6.20 -9.62 98.42
N SER M 291 -6.33 -10.82 97.85
CA SER M 291 -5.34 -11.86 98.06
C SER M 291 -4.17 -11.76 97.07
N ILE M 292 -4.34 -11.07 95.95
CA ILE M 292 -3.29 -10.91 94.94
C ILE M 292 -3.23 -9.45 94.54
N VAL M 293 -2.02 -8.91 94.43
CA VAL M 293 -1.81 -7.51 94.09
C VAL M 293 -1.15 -7.44 92.73
N LYS M 294 -1.77 -6.73 91.79
CA LYS M 294 -1.24 -6.56 90.44
C LYS M 294 -0.36 -5.32 90.40
N VAL M 295 0.88 -5.47 89.93
CA VAL M 295 1.89 -4.45 90.02
C VAL M 295 2.26 -3.95 88.62
N GLY M 296 2.25 -2.63 88.45
CA GLY M 296 2.62 -2.03 87.18
C GLY M 296 1.98 -0.69 86.91
N VAL M 297 2.78 0.38 86.97
CA VAL M 297 2.36 1.72 86.57
C VAL M 297 3.52 2.31 85.78
N GLY M 298 3.37 2.42 84.46
CA GLY M 298 4.44 2.90 83.62
C GLY M 298 4.96 1.98 82.52
N PRO M 299 5.13 0.67 82.80
CA PRO M 299 5.78 -0.19 81.80
C PRO M 299 4.90 -0.66 80.65
N GLY M 300 3.57 -0.64 80.79
CA GLY M 300 2.67 -1.14 79.75
C GLY M 300 2.96 -0.63 78.36
N ALA M 301 2.98 -1.52 77.37
CA ALA M 301 3.36 -1.13 76.01
C ALA M 301 2.44 -0.07 75.43
N MET M 302 1.22 0.05 75.93
CA MET M 302 0.27 1.07 75.49
C MET M 302 0.07 2.15 76.54
N CYS M 303 0.97 2.22 77.53
CA CYS M 303 0.86 3.18 78.62
C CYS M 303 1.69 4.41 78.29
N THR M 304 1.02 5.53 78.09
CA THR M 304 1.68 6.81 77.85
C THR M 304 1.81 7.64 79.12
N THR M 305 1.59 7.02 80.29
CA THR M 305 1.61 7.75 81.56
C THR M 305 2.96 8.43 81.78
N ARG M 306 4.06 7.78 81.40
CA ARG M 306 5.39 8.36 81.59
C ARG M 306 5.50 9.72 80.92
N MET M 307 5.22 9.77 79.61
CA MET M 307 5.35 11.01 78.86
C MET M 307 4.28 12.03 79.22
N MET M 308 3.09 11.56 79.61
CA MET M 308 2.01 12.47 79.96
C MET M 308 2.21 13.09 81.33
N THR M 309 2.56 12.27 82.32
CA THR M 309 2.53 12.68 83.73
C THR M 309 3.86 12.61 84.44
N GLY M 310 4.88 11.94 83.88
CA GLY M 310 6.09 11.66 84.61
C GLY M 310 5.97 10.56 85.65
N VAL M 311 4.77 10.03 85.86
CA VAL M 311 4.51 9.02 86.88
C VAL M 311 4.84 7.64 86.32
N GLY M 312 5.46 6.82 87.12
CA GLY M 312 5.84 5.49 86.71
C GLY M 312 6.95 4.96 87.60
N ARG M 313 7.23 3.68 87.45
CA ARG M 313 8.32 3.11 88.21
C ARG M 313 8.94 1.96 87.44
N PRO M 314 10.27 1.88 87.38
CA PRO M 314 10.90 0.72 86.74
C PRO M 314 10.36 -0.59 87.27
N GLN M 315 9.93 -1.47 86.36
CA GLN M 315 9.07 -2.58 86.73
C GLN M 315 9.76 -3.59 87.63
N PHE M 316 11.08 -3.80 87.45
CA PHE M 316 11.76 -4.79 88.28
C PHE M 316 11.80 -4.36 89.75
N SER M 317 12.24 -3.13 90.01
CA SER M 317 12.27 -2.65 91.39
C SER M 317 10.86 -2.59 91.98
N ALA M 318 9.87 -2.25 91.15
CA ALA M 318 8.48 -2.25 91.62
C ALA M 318 8.04 -3.65 92.04
N VAL M 319 8.42 -4.67 91.26
CA VAL M 319 8.02 -6.03 91.62
C VAL M 319 8.79 -6.52 92.83
N VAL M 320 10.07 -6.15 92.96
CA VAL M 320 10.85 -6.55 94.13
C VAL M 320 10.22 -5.99 95.40
N GLU M 321 9.99 -4.67 95.43
CA GLU M 321 9.49 -4.03 96.64
C GLU M 321 8.07 -4.49 96.98
N CYS M 322 7.24 -4.76 95.97
CA CYS M 322 5.85 -5.13 96.21
C CYS M 322 5.69 -6.60 96.58
N ALA M 323 6.49 -7.48 95.97
CA ALA M 323 6.42 -8.90 96.33
C ALA M 323 6.88 -9.14 97.76
N ALA M 324 7.84 -8.35 98.25
CA ALA M 324 8.27 -8.49 99.63
C ALA M 324 7.15 -8.10 100.60
N ALA M 325 6.56 -6.93 100.39
CA ALA M 325 5.46 -6.48 101.25
C ALA M 325 4.28 -7.45 101.19
N ALA M 326 3.97 -7.96 100.00
CA ALA M 326 2.85 -8.90 99.89
C ALA M 326 3.16 -10.22 100.57
N ARG M 327 4.39 -10.71 100.43
CA ARG M 327 4.73 -12.00 101.01
C ARG M 327 4.70 -11.95 102.53
N GLN M 328 5.16 -10.84 103.12
CA GLN M 328 5.09 -10.69 104.58
C GLN M 328 3.66 -10.83 105.09
N LEU M 329 2.68 -10.37 104.31
CA LEU M 329 1.27 -10.47 104.68
C LEU M 329 0.62 -11.75 104.14
N GLY M 330 1.40 -12.67 103.60
CA GLY M 330 0.84 -13.90 103.06
C GLY M 330 0.13 -13.76 101.74
N GLY M 331 0.41 -12.68 101.00
CA GLY M 331 -0.18 -12.44 99.70
C GLY M 331 0.80 -12.68 98.55
N HIS M 332 0.31 -12.39 97.35
CA HIS M 332 1.06 -12.63 96.13
C HIS M 332 1.02 -11.40 95.25
N VAL M 333 1.92 -11.37 94.26
CA VAL M 333 2.09 -10.22 93.39
C VAL M 333 2.09 -10.70 91.93
N TRP M 334 1.32 -10.02 91.09
CA TRP M 334 1.34 -10.23 89.64
C TRP M 334 2.14 -9.12 88.97
N ALA M 335 3.08 -9.52 88.12
CA ALA M 335 3.91 -8.56 87.38
C ALA M 335 3.21 -8.24 86.07
N ASP M 336 2.68 -7.02 85.95
CA ASP M 336 1.80 -6.63 84.85
C ASP M 336 2.44 -5.50 84.04
N GLY M 337 2.82 -5.79 82.81
CA GLY M 337 3.25 -4.78 81.87
C GLY M 337 4.73 -4.88 81.52
N GLY M 338 5.06 -4.54 80.28
CA GLY M 338 6.44 -4.40 79.84
C GLY M 338 7.14 -5.69 79.48
N VAL M 339 6.43 -6.81 79.40
CA VAL M 339 7.04 -8.09 79.06
C VAL M 339 7.20 -8.17 77.55
N ARG M 340 8.45 -8.23 77.09
CA ARG M 340 8.74 -8.37 75.67
C ARG M 340 9.53 -9.62 75.32
N HIS M 341 10.11 -10.30 76.30
CA HIS M 341 11.05 -11.39 76.06
C HIS M 341 10.91 -12.41 77.18
N PRO M 342 11.28 -13.67 76.93
CA PRO M 342 11.22 -14.67 77.99
C PRO M 342 12.02 -14.28 79.22
N ARG M 343 13.14 -13.57 79.05
CA ARG M 343 13.92 -13.15 80.21
C ARG M 343 13.09 -12.24 81.13
N ASP M 344 12.12 -11.51 80.57
CA ASP M 344 11.31 -10.64 81.41
C ASP M 344 10.40 -11.46 82.33
N VAL M 345 9.88 -12.59 81.82
CA VAL M 345 9.10 -13.49 82.66
C VAL M 345 9.99 -14.11 83.74
N ALA M 346 11.19 -14.53 83.36
CA ALA M 346 12.11 -15.09 84.35
C ALA M 346 12.47 -14.05 85.41
N LEU M 347 12.82 -12.83 84.98
CA LEU M 347 13.22 -11.81 85.95
C LEU M 347 12.08 -11.43 86.89
N ALA M 348 10.84 -11.40 86.37
CA ALA M 348 9.70 -11.10 87.22
C ALA M 348 9.51 -12.16 88.30
N LEU M 349 9.65 -13.43 87.94
CA LEU M 349 9.50 -14.51 88.91
C LEU M 349 10.64 -14.50 89.94
N ALA M 350 11.87 -14.30 89.47
CA ALA M 350 13.00 -14.22 90.39
C ALA M 350 12.88 -13.02 91.32
N ALA M 351 12.16 -11.98 90.92
CA ALA M 351 11.95 -10.82 91.78
C ALA M 351 10.91 -11.07 92.87
N GLY M 352 10.18 -12.19 92.81
CA GLY M 352 9.19 -12.51 93.81
C GLY M 352 7.73 -12.51 93.36
N ALA M 353 7.46 -12.35 92.06
CA ALA M 353 6.09 -12.38 91.56
C ALA M 353 5.63 -13.82 91.38
N SER M 354 4.36 -14.06 91.70
CA SER M 354 3.80 -15.41 91.57
C SER M 354 3.35 -15.70 90.14
N ASN M 355 3.01 -14.66 89.38
CA ASN M 355 2.49 -14.81 88.04
C ASN M 355 2.87 -13.57 87.25
N VAL M 356 2.90 -13.70 85.92
CA VAL M 356 3.31 -12.61 85.05
C VAL M 356 2.18 -12.35 84.05
N MET M 357 1.72 -11.09 84.00
CA MET M 357 0.65 -10.71 83.10
C MET M 357 1.24 -10.16 81.80
N ILE M 358 0.86 -10.77 80.67
CA ILE M 358 1.40 -10.42 79.36
C ILE M 358 0.27 -9.89 78.49
N GLY M 359 0.48 -8.72 77.89
CA GLY M 359 -0.54 -8.09 77.07
C GLY M 359 -0.21 -7.98 75.59
N SER M 360 0.30 -6.81 75.18
CA SER M 360 0.47 -6.51 73.76
C SER M 360 1.29 -7.57 73.03
N TRP M 361 2.26 -8.18 73.69
CA TRP M 361 3.06 -9.23 73.06
C TRP M 361 2.18 -10.30 72.44
N PHE M 362 1.15 -10.73 73.16
CA PHE M 362 0.27 -11.77 72.65
C PHE M 362 -0.71 -11.26 71.61
N ALA M 363 -0.79 -9.94 71.38
CA ALA M 363 -1.64 -9.45 70.31
C ALA M 363 -1.08 -9.85 68.95
N GLY M 364 0.22 -10.03 68.85
CA GLY M 364 0.85 -10.46 67.60
C GLY M 364 0.81 -11.96 67.41
N THR M 365 -0.38 -12.55 67.54
CA THR M 365 -0.58 -13.97 67.37
C THR M 365 -1.83 -14.23 66.52
N TYR M 366 -1.92 -15.45 65.98
CA TYR M 366 -3.10 -15.84 65.22
C TYR M 366 -4.37 -15.76 66.06
N GLU M 367 -4.27 -16.11 67.35
CA GLU M 367 -5.44 -16.30 68.20
C GLU M 367 -5.96 -15.02 68.83
N SER M 368 -5.22 -13.91 68.74
CA SER M 368 -5.73 -12.67 69.29
C SER M 368 -6.90 -12.18 68.43
N PRO M 369 -7.87 -11.48 69.03
CA PRO M 369 -9.14 -11.22 68.33
C PRO M 369 -9.02 -10.32 67.11
N GLY M 370 -8.00 -9.47 67.03
CA GLY M 370 -7.89 -8.54 65.94
C GLY M 370 -7.62 -9.22 64.61
N ASP M 371 -7.61 -8.40 63.56
CA ASP M 371 -7.39 -8.87 62.21
C ASP M 371 -5.91 -8.93 61.88
N LEU M 372 -5.51 -10.00 61.19
CA LEU M 372 -4.14 -10.14 60.73
C LEU M 372 -3.87 -9.16 59.58
N LEU M 373 -2.87 -8.30 59.76
CA LEU M 373 -2.51 -7.28 58.78
C LEU M 373 -1.12 -7.54 58.24
N PHE M 374 -0.74 -6.75 57.22
CA PHE M 374 0.56 -6.87 56.58
C PHE M 374 1.09 -5.49 56.23
N ASP M 375 2.37 -5.27 56.50
CA ASP M 375 2.99 -3.95 56.39
C ASP M 375 3.50 -3.74 54.96
N ARG M 376 4.37 -2.74 54.77
CA ARG M 376 4.90 -2.45 53.45
C ARG M 376 5.67 -3.63 52.85
N ASP M 377 6.32 -4.43 53.70
CA ASP M 377 7.07 -5.59 53.25
C ASP M 377 6.24 -6.87 53.25
N ASP M 378 4.92 -6.76 53.46
CA ASP M 378 4.02 -7.90 53.55
C ASP M 378 4.42 -8.86 54.67
N ARG M 379 4.98 -8.31 55.74
CA ARG M 379 5.25 -9.04 56.97
C ARG M 379 3.99 -9.05 57.84
N PRO M 380 3.60 -10.19 58.40
CA PRO M 380 2.35 -10.23 59.18
C PRO M 380 2.49 -9.51 60.51
N TYR M 381 1.42 -8.84 60.92
CA TYR M 381 1.38 -8.17 62.21
C TYR M 381 -0.08 -7.96 62.60
N LYS M 382 -0.28 -7.54 63.86
CA LYS M 382 -1.64 -7.18 64.35
C LYS M 382 -1.44 -5.97 65.24
N GLU M 383 -2.45 -5.12 65.37
CA GLU M 383 -2.25 -3.86 66.14
C GLU M 383 -2.68 -4.06 67.59
N SER M 384 -1.77 -3.82 68.54
CA SER M 384 -2.19 -3.84 69.96
C SER M 384 -2.59 -2.40 70.32
N TYR M 385 -3.66 -2.24 71.09
CA TYR M 385 -4.13 -0.93 71.48
C TYR M 385 -4.56 -0.96 72.94
N GLY M 386 -4.53 0.21 73.58
CA GLY M 386 -4.77 0.28 75.00
C GLY M 386 -6.24 0.23 75.37
N MET M 387 -6.49 -0.04 76.64
CA MET M 387 -7.83 -0.01 77.18
C MET M 387 -8.26 1.40 77.58
N ALA M 388 -7.31 2.33 77.72
CA ALA M 388 -7.58 3.75 77.95
C ALA M 388 -8.53 3.99 79.11
N SER M 389 -9.68 4.61 78.83
CA SER M 389 -10.60 5.03 79.88
C SER M 389 -11.30 3.87 80.59
N LYS M 390 -11.19 2.65 80.07
CA LYS M 390 -11.71 1.50 80.80
C LYS M 390 -10.86 1.17 82.03
N ARG M 391 -9.70 1.80 82.19
CA ARG M 391 -8.89 1.66 83.39
C ARG M 391 -8.92 2.91 84.27
N ALA M 392 -9.69 3.92 83.90
CA ALA M 392 -9.69 5.20 84.58
C ALA M 392 -10.93 5.34 85.48
N VAL M 393 -10.80 6.20 86.48
CA VAL M 393 -11.92 6.52 87.35
C VAL M 393 -12.80 7.57 86.66
N ALA M 394 -14.10 7.34 86.67
CA ALA M 394 -15.08 8.29 86.18
C ALA M 394 -16.20 8.43 87.20
N ALA M 395 -16.82 9.61 87.24
CA ALA M 395 -17.95 9.84 88.12
C ALA M 395 -19.22 9.27 87.50
N ARG M 396 -20.33 9.42 88.22
CA ARG M 396 -21.61 8.95 87.70
C ARG M 396 -22.00 9.77 86.47
N THR M 397 -22.21 9.08 85.35
CA THR M 397 -22.54 9.71 84.09
C THR M 397 -24.04 9.77 83.83
N ALA M 398 -24.85 9.38 84.81
CA ALA M 398 -26.30 9.49 84.66
C ALA M 398 -26.72 10.95 84.70
N GLY M 399 -27.73 11.29 83.89
CA GLY M 399 -28.18 12.67 83.78
C GLY M 399 -27.13 13.61 83.24
N ASP M 400 -26.20 13.11 82.43
CA ASP M 400 -25.12 13.90 81.87
C ASP M 400 -25.51 14.31 80.45
N SER M 401 -25.52 15.60 80.19
CA SER M 401 -25.77 16.10 78.85
C SER M 401 -24.56 15.85 77.94
N SER M 402 -24.83 15.76 76.64
CA SER M 402 -23.77 15.52 75.66
C SER M 402 -22.71 16.61 75.65
N PHE M 403 -23.03 17.82 76.12
CA PHE M 403 -21.99 18.80 76.42
C PHE M 403 -21.02 18.27 77.45
N ASP M 404 -21.54 17.79 78.58
CA ASP M 404 -20.68 17.22 79.62
C ASP M 404 -19.97 15.97 79.11
N ARG M 405 -20.59 15.22 78.19
CA ARG M 405 -19.94 14.06 77.60
C ARG M 405 -18.65 14.47 76.88
N ALA M 406 -18.69 15.61 76.16
CA ALA M 406 -17.50 16.10 75.48
C ALA M 406 -16.55 16.81 76.42
N ARG M 407 -17.06 17.43 77.49
CA ARG M 407 -16.20 18.10 78.44
C ARG M 407 -15.29 17.12 79.15
N LYS M 408 -15.81 15.96 79.54
CA LYS M 408 -14.98 14.95 80.19
C LYS M 408 -14.16 14.14 79.20
N GLY M 409 -14.54 14.15 77.92
CA GLY M 409 -13.77 13.47 76.89
C GLY M 409 -12.66 14.28 76.28
N LEU M 410 -12.57 15.57 76.60
CA LEU M 410 -11.50 16.41 76.07
C LEU M 410 -10.15 16.02 76.66
N PHE M 411 -10.11 15.72 77.96
CA PHE M 411 -8.89 15.31 78.65
C PHE M 411 -8.77 13.80 78.77
N GLU M 412 -9.71 13.04 78.21
CA GLU M 412 -9.68 11.59 78.32
C GLU M 412 -8.46 11.03 77.60
N GLU M 413 -7.91 9.96 78.16
CA GLU M 413 -6.73 9.32 77.57
C GLU M 413 -7.10 8.65 76.25
N GLY M 414 -6.38 9.00 75.19
CA GLY M 414 -6.61 8.37 73.90
C GLY M 414 -6.13 6.93 73.86
N ILE M 415 -6.56 6.23 72.81
CA ILE M 415 -6.18 4.84 72.59
C ILE M 415 -4.94 4.82 71.72
N SER M 416 -3.80 4.46 72.31
CA SER M 416 -2.55 4.40 71.58
C SER M 416 -2.39 3.04 70.91
N THR M 417 -1.65 3.01 69.81
CA THR M 417 -1.51 1.82 68.98
C THR M 417 -0.03 1.52 68.77
N SER M 418 0.31 0.24 68.70
CA SER M 418 1.61 -0.21 68.24
C SER M 418 1.44 -1.50 67.46
N ARG M 419 2.27 -1.68 66.43
CA ARG M 419 2.21 -2.84 65.57
C ARG M 419 3.02 -3.98 66.18
N MET M 420 2.39 -5.14 66.28
CA MET M 420 3.01 -6.32 66.89
C MET M 420 3.26 -7.34 65.80
N SER M 421 4.52 -7.51 65.42
CA SER M 421 4.86 -8.39 64.32
C SER M 421 4.71 -9.85 64.73
N LEU M 422 4.01 -10.63 63.90
CA LEU M 422 3.98 -12.07 64.09
C LEU M 422 5.29 -12.68 63.63
N ASP M 423 5.81 -13.63 64.41
CA ASP M 423 6.98 -14.39 63.98
C ASP M 423 6.65 -15.12 62.68
N PRO M 424 7.35 -14.80 61.58
CA PRO M 424 6.95 -15.38 60.28
C PRO M 424 7.03 -16.90 60.24
N ALA M 425 7.80 -17.51 61.15
CA ALA M 425 7.85 -18.96 61.24
C ALA M 425 6.75 -19.48 62.18
N ARG M 426 6.72 -18.99 63.42
CA ARG M 426 5.83 -19.49 64.45
C ARG M 426 4.92 -18.37 64.95
N GLY M 427 3.70 -18.30 64.43
CA GLY M 427 2.81 -17.19 64.72
C GLY M 427 1.78 -17.42 65.80
N GLY M 428 1.61 -18.65 66.26
CA GLY M 428 0.64 -18.94 67.29
C GLY M 428 1.11 -18.52 68.68
N VAL M 429 0.13 -18.31 69.58
CA VAL M 429 0.46 -17.94 70.95
C VAL M 429 1.10 -19.12 71.68
N GLU M 430 0.79 -20.35 71.28
CA GLU M 430 1.44 -21.51 71.88
C GLU M 430 2.92 -21.57 71.53
N ASP M 431 3.32 -20.95 70.42
CA ASP M 431 4.75 -20.84 70.13
C ASP M 431 5.42 -19.85 71.06
N LEU M 432 4.74 -18.75 71.40
CA LEU M 432 5.26 -17.84 72.40
C LEU M 432 5.34 -18.50 73.78
N LEU M 433 4.39 -19.38 74.09
CA LEU M 433 4.44 -20.08 75.38
C LEU M 433 5.59 -21.07 75.43
N ASP M 434 5.85 -21.77 74.32
CA ASP M 434 7.06 -22.58 74.23
C ASP M 434 8.30 -21.72 74.46
N HIS M 435 8.36 -20.57 73.78
CA HIS M 435 9.44 -19.60 73.97
C HIS M 435 9.56 -19.21 75.45
N ILE M 436 8.47 -18.73 76.04
CA ILE M 436 8.52 -18.20 77.41
C ILE M 436 8.93 -19.28 78.40
N THR M 437 8.21 -20.41 78.41
CA THR M 437 8.43 -21.40 79.48
C THR M 437 9.75 -22.13 79.29
N SER M 438 10.25 -22.25 78.06
CA SER M 438 11.57 -22.84 77.86
C SER M 438 12.65 -22.03 78.56
N GLY M 439 12.57 -20.70 78.45
CA GLY M 439 13.56 -19.85 79.09
C GLY M 439 13.44 -19.85 80.60
N VAL M 440 12.20 -19.77 81.12
CA VAL M 440 11.98 -19.82 82.56
C VAL M 440 12.44 -21.15 83.12
N ARG M 441 12.19 -22.25 82.40
CA ARG M 441 12.71 -23.54 82.84
C ARG M 441 14.23 -23.56 82.84
N SER M 442 14.83 -22.98 81.80
CA SER M 442 16.29 -22.89 81.73
C SER M 442 16.83 -21.98 82.83
N THR M 443 16.10 -20.91 83.15
CA THR M 443 16.50 -20.05 84.27
C THR M 443 16.56 -20.85 85.57
N CYS M 444 15.61 -21.76 85.77
CA CYS M 444 15.58 -22.52 87.01
C CYS M 444 16.73 -23.53 87.07
N THR M 445 17.08 -24.14 85.94
CA THR M 445 18.22 -25.04 85.93
C THR M 445 19.53 -24.28 86.14
N TYR M 446 19.62 -23.05 85.66
CA TYR M 446 20.82 -22.25 85.90
C TYR M 446 20.94 -21.86 87.38
N VAL M 447 19.80 -21.57 88.03
CA VAL M 447 19.81 -21.15 89.43
C VAL M 447 19.90 -22.35 90.37
N GLY M 448 19.42 -23.50 89.94
CA GLY M 448 19.33 -24.66 90.81
C GLY M 448 17.98 -24.87 91.45
N ALA M 449 16.93 -24.21 90.94
CA ALA M 449 15.60 -24.29 91.51
C ALA M 449 14.80 -25.39 90.81
N ALA M 450 14.12 -26.21 91.60
CA ALA M 450 13.20 -27.20 91.06
C ALA M 450 11.80 -26.65 90.85
N ASN M 451 11.52 -25.43 91.33
CA ASN M 451 10.20 -24.84 91.21
C ASN M 451 10.31 -23.33 91.39
N LEU M 452 9.17 -22.65 91.23
CA LEU M 452 9.11 -21.20 91.29
C LEU M 452 9.39 -20.67 92.70
N PRO M 453 8.90 -21.31 93.77
CA PRO M 453 9.34 -20.86 95.11
C PRO M 453 10.84 -20.90 95.29
N GLU M 454 11.50 -21.99 94.90
CA GLU M 454 12.95 -22.05 95.03
C GLU M 454 13.65 -21.06 94.10
N LEU M 455 13.01 -20.69 92.99
CA LEU M 455 13.60 -19.71 92.07
C LEU M 455 13.79 -18.36 92.77
N HIS M 456 12.73 -17.83 93.38
CA HIS M 456 12.85 -16.59 94.13
C HIS M 456 13.71 -16.77 95.37
N GLU M 457 13.76 -17.98 95.93
CA GLU M 457 14.54 -18.21 97.14
CA GLU M 457 14.54 -18.23 97.13
C GLU M 457 16.04 -18.29 96.84
N LYS M 458 16.44 -18.99 95.77
CA LYS M 458 17.85 -19.23 95.51
C LYS M 458 18.50 -18.25 94.54
N VAL M 459 17.73 -17.39 93.87
CA VAL M 459 18.30 -16.58 92.81
C VAL M 459 19.27 -15.57 93.38
N VAL M 460 20.38 -15.36 92.68
CA VAL M 460 21.34 -14.30 92.95
C VAL M 460 21.32 -13.35 91.76
N LEU M 461 21.16 -12.06 92.03
CA LEU M 461 20.99 -11.06 90.99
C LEU M 461 22.15 -10.08 90.99
N GLY M 462 22.31 -9.39 89.86
CA GLY M 462 23.35 -8.39 89.72
C GLY M 462 22.90 -7.29 88.78
N VAL M 463 23.59 -6.16 88.86
CA VAL M 463 23.29 -4.99 88.05
C VAL M 463 24.39 -4.84 87.00
N GLN M 464 24.00 -4.37 85.82
CA GLN M 464 24.92 -4.14 84.72
C GLN M 464 24.70 -2.75 84.15
N SER M 465 25.70 -2.25 83.43
CA SER M 465 25.58 -0.97 82.75
C SER M 465 24.87 -1.16 81.41
N ALA M 466 24.78 -0.10 80.61
CA ALA M 466 24.09 -0.18 79.32
C ALA M 466 24.82 -1.12 78.37
N ALA M 467 26.16 -1.12 78.40
CA ALA M 467 26.92 -2.05 77.57
C ALA M 467 26.81 -3.49 78.09
N GLY M 468 26.47 -3.68 79.36
CA GLY M 468 26.28 -5.03 79.87
C GLY M 468 25.12 -5.75 79.21
N PHE M 469 24.03 -5.02 78.96
CA PHE M 469 22.87 -5.62 78.30
C PHE M 469 23.17 -6.04 76.87
N ALA M 470 24.06 -5.32 76.18
CA ALA M 470 24.40 -5.62 74.80
C ALA M 470 25.18 -6.92 74.63
N GLU M 471 25.57 -7.59 75.72
CA GLU M 471 26.29 -8.85 75.60
C GLU M 471 25.40 -9.95 75.06
N GLY M 472 25.95 -10.75 74.14
CA GLY M 472 25.23 -11.88 73.59
C GLY M 472 24.66 -11.65 72.20
N HIS M 473 23.60 -12.37 71.87
CA HIS M 473 22.97 -12.31 70.57
C HIS M 473 21.54 -11.78 70.69
N PRO M 474 21.12 -10.86 69.82
CA PRO M 474 19.74 -10.36 69.86
C PRO M 474 18.77 -11.24 69.08
N VAL N 2 43.69 -7.76 90.42
CA VAL N 2 43.74 -6.51 89.66
C VAL N 2 43.66 -5.32 90.59
N ARG N 3 44.35 -4.24 90.22
CA ARG N 3 44.26 -2.96 90.91
C ARG N 3 43.48 -1.99 90.05
N PHE N 4 42.53 -1.28 90.67
CA PHE N 4 41.73 -0.26 90.03
C PHE N 4 42.13 1.13 90.51
N LEU N 5 41.88 2.12 89.67
CA LEU N 5 42.07 3.51 90.08
C LEU N 5 41.25 3.80 91.34
N ASP N 6 41.77 4.72 92.15
CA ASP N 6 41.17 5.00 93.44
C ASP N 6 39.73 5.48 93.27
N GLY N 7 38.82 4.85 94.00
CA GLY N 7 37.42 5.22 93.98
C GLY N 7 36.59 4.57 92.89
N HIS N 8 37.20 3.78 92.01
CA HIS N 8 36.46 3.13 90.92
C HIS N 8 35.93 1.79 91.43
N THR N 9 34.80 1.86 92.10
CA THR N 9 34.14 0.68 92.68
C THR N 9 32.65 0.77 92.36
N PRO N 10 32.28 0.60 91.09
CA PRO N 10 30.89 0.82 90.69
C PRO N 10 29.95 -0.21 91.30
N ALA N 11 28.66 0.14 91.33
CA ALA N 11 27.63 -0.73 91.84
C ALA N 11 27.16 -1.77 90.83
N TYR N 12 27.90 -1.97 89.74
CA TYR N 12 27.51 -2.91 88.70
C TYR N 12 28.72 -3.70 88.23
N ASP N 13 28.46 -4.87 87.65
CA ASP N 13 29.51 -5.65 87.01
C ASP N 13 29.86 -5.04 85.65
N LEU N 14 31.07 -5.34 85.18
CA LEU N 14 31.68 -4.63 84.09
C LEU N 14 31.89 -5.53 82.88
N THR N 15 31.66 -4.99 81.68
CA THR N 15 32.04 -5.64 80.45
C THR N 15 33.37 -5.08 79.97
N TYR N 16 33.87 -5.64 78.86
CA TYR N 16 35.07 -5.10 78.22
C TYR N 16 34.91 -3.65 77.80
N ASN N 17 33.67 -3.18 77.63
CA ASN N 17 33.45 -1.80 77.23
C ASN N 17 33.57 -0.82 78.39
N ASP N 18 33.39 -1.29 79.63
CA ASP N 18 33.31 -0.43 80.80
C ASP N 18 34.67 -0.03 81.35
N VAL N 19 35.76 -0.68 80.92
CA VAL N 19 37.04 -0.51 81.58
C VAL N 19 38.11 -0.05 80.59
N PHE N 20 39.17 0.54 81.14
CA PHE N 20 40.34 0.94 80.37
C PHE N 20 41.59 0.62 81.17
N VAL N 21 42.74 0.67 80.50
CA VAL N 21 44.03 0.39 81.13
C VAL N 21 44.82 1.69 81.20
N VAL N 22 45.20 2.07 82.41
CA VAL N 22 46.03 3.25 82.61
C VAL N 22 47.49 2.86 82.36
N PRO N 23 48.23 3.60 81.54
CA PRO N 23 49.66 3.31 81.39
C PRO N 23 50.43 3.59 82.68
N GLY N 24 51.61 2.98 82.76
CA GLY N 24 52.49 3.16 83.89
C GLY N 24 53.93 3.23 83.43
N ARG N 25 54.84 3.32 84.41
CA ARG N 25 56.27 3.33 84.13
C ARG N 25 56.66 2.05 83.40
N SER N 26 57.40 2.20 82.30
CA SER N 26 57.76 1.05 81.49
C SER N 26 59.18 1.19 81.01
N ASP N 27 59.95 0.11 81.11
CA ASP N 27 61.26 0.02 80.48
C ASP N 27 61.26 -0.92 79.28
N VAL N 28 60.12 -1.51 78.94
CA VAL N 28 60.03 -2.42 77.79
C VAL N 28 60.07 -1.58 76.51
N ALA N 29 61.11 -1.81 75.70
CA ALA N 29 61.37 -0.93 74.55
C ALA N 29 60.36 -1.16 73.43
N SER N 30 60.44 -2.31 72.78
CA SER N 30 59.58 -2.63 71.65
C SER N 30 58.60 -3.73 72.02
N ARG N 31 57.67 -3.99 71.10
CA ARG N 31 56.69 -5.05 71.33
C ARG N 31 57.32 -6.42 71.32
N PHE N 32 58.43 -6.59 70.58
CA PHE N 32 59.06 -7.89 70.46
C PHE N 32 59.79 -8.32 71.73
N ASP N 33 60.07 -7.37 72.64
CA ASP N 33 60.63 -7.75 73.93
C ASP N 33 59.63 -8.48 74.81
N VAL N 34 58.34 -8.35 74.52
CA VAL N 34 57.31 -9.01 75.32
C VAL N 34 57.29 -10.49 74.98
N ASP N 35 57.11 -11.32 76.01
CA ASP N 35 56.94 -12.76 75.83
C ASP N 35 55.47 -13.09 76.03
N LEU N 36 54.82 -13.59 74.97
CA LEU N 36 53.38 -13.84 74.95
C LEU N 36 53.01 -15.27 75.27
N SER N 37 53.98 -16.11 75.62
CA SER N 37 53.69 -17.52 75.89
C SER N 37 52.87 -17.64 77.17
N THR N 38 51.95 -18.60 77.17
CA THR N 38 51.07 -18.83 78.31
C THR N 38 51.73 -19.78 79.30
N VAL N 39 51.23 -19.74 80.54
CA VAL N 39 51.75 -20.52 81.65
C VAL N 39 50.72 -21.50 82.20
N ASP N 40 49.63 -21.74 81.48
CA ASP N 40 48.56 -22.58 82.01
C ASP N 40 48.68 -24.05 81.64
N GLY N 41 49.74 -24.45 80.94
CA GLY N 41 49.90 -25.82 80.53
C GLY N 41 49.25 -26.17 79.21
N SER N 42 48.69 -25.19 78.50
CA SER N 42 48.10 -25.45 77.19
C SER N 42 49.14 -25.63 76.11
N GLY N 43 50.29 -24.95 76.24
CA GLY N 43 51.34 -25.03 75.26
C GLY N 43 51.33 -23.93 74.22
N THR N 44 50.42 -22.96 74.32
CA THR N 44 50.35 -21.89 73.35
C THR N 44 51.42 -20.85 73.62
N THR N 45 52.03 -20.35 72.55
CA THR N 45 53.02 -19.30 72.63
C THR N 45 52.43 -17.90 72.46
N ILE N 46 51.15 -17.81 72.11
CA ILE N 46 50.38 -16.58 72.16
C ILE N 46 49.09 -16.88 72.91
N PRO N 47 48.46 -15.90 73.53
CA PRO N 47 47.27 -16.19 74.34
C PRO N 47 45.97 -16.25 73.53
N VAL N 48 45.94 -17.09 72.49
CA VAL N 48 44.79 -17.22 71.60
C VAL N 48 44.40 -18.70 71.50
N VAL N 49 43.17 -19.02 71.92
CA VAL N 49 42.57 -20.34 71.76
C VAL N 49 41.34 -20.18 70.87
N VAL N 50 41.19 -21.06 69.88
CA VAL N 50 40.03 -21.00 68.97
C VAL N 50 38.93 -21.88 69.54
N ALA N 51 37.72 -21.32 69.61
CA ALA N 51 36.61 -21.98 70.29
C ALA N 51 36.23 -23.29 69.62
N ASN N 52 35.72 -24.22 70.42
CA ASN N 52 35.22 -25.49 69.90
C ASN N 52 33.85 -25.26 69.27
N MET N 53 33.87 -24.79 68.02
CA MET N 53 32.66 -24.51 67.27
C MET N 53 32.82 -25.04 65.86
N THR N 54 31.76 -25.69 65.35
CA THR N 54 31.81 -26.24 64.00
C THR N 54 32.00 -25.15 62.94
N ALA N 55 31.63 -23.91 63.26
CA ALA N 55 31.80 -22.81 62.33
C ALA N 55 33.24 -22.33 62.22
N VAL N 56 34.13 -22.76 63.12
CA VAL N 56 35.48 -22.20 63.16
C VAL N 56 36.54 -23.30 63.15
N ALA N 57 36.36 -24.32 63.99
CA ALA N 57 37.45 -25.25 64.33
C ALA N 57 37.54 -26.39 63.32
N GLY N 58 38.07 -26.06 62.14
CA GLY N 58 38.34 -27.05 61.12
C GLY N 58 39.83 -27.33 61.01
N ARG N 59 40.17 -28.30 60.15
CA ARG N 59 41.57 -28.70 60.01
C ARG N 59 42.42 -27.58 59.45
N ARG N 60 41.88 -26.82 58.50
CA ARG N 60 42.61 -25.65 58.00
C ARG N 60 42.87 -24.65 59.11
N MET N 61 41.86 -24.37 59.92
CA MET N 61 42.05 -23.46 61.05
C MET N 61 43.03 -24.02 62.06
N ALA N 62 42.96 -25.32 62.35
CA ALA N 62 43.84 -25.92 63.35
C ALA N 62 45.30 -25.85 62.93
N GLU N 63 45.59 -26.22 61.68
CA GLU N 63 46.95 -26.11 61.16
C GLU N 63 47.45 -24.67 61.21
N THR N 64 46.66 -23.74 60.66
CA THR N 64 47.11 -22.36 60.51
C THR N 64 47.37 -21.72 61.87
N VAL N 65 46.44 -21.86 62.81
CA VAL N 65 46.56 -21.19 64.09
C VAL N 65 47.68 -21.79 64.93
N ALA N 66 47.82 -23.12 64.90
CA ALA N 66 48.83 -23.77 65.73
C ALA N 66 50.23 -23.41 65.26
N ARG N 67 50.44 -23.24 63.95
CA ARG N 67 51.75 -22.86 63.46
C ARG N 67 52.17 -21.49 63.99
N ARG N 68 51.21 -20.63 64.30
CA ARG N 68 51.50 -19.30 64.83
C ARG N 68 51.42 -19.24 66.35
N GLY N 69 51.29 -20.38 67.02
CA GLY N 69 51.39 -20.44 68.46
C GLY N 69 50.06 -20.61 69.18
N GLY N 70 48.93 -20.48 68.51
CA GLY N 70 47.65 -20.72 69.13
C GLY N 70 47.34 -22.20 69.18
N ILE N 71 46.13 -22.51 69.66
CA ILE N 71 45.64 -23.88 69.65
C ILE N 71 44.14 -23.86 69.32
N VAL N 72 43.70 -24.91 68.61
CA VAL N 72 42.32 -25.05 68.19
C VAL N 72 41.70 -26.22 68.93
N VAL N 73 40.50 -26.01 69.49
CA VAL N 73 39.77 -27.05 70.21
C VAL N 73 38.72 -27.64 69.27
N LEU N 74 38.87 -28.92 68.94
CA LEU N 74 37.94 -29.54 68.01
C LEU N 74 36.55 -29.59 68.62
N PRO N 75 35.50 -29.43 67.81
CA PRO N 75 34.14 -29.42 68.36
C PRO N 75 33.75 -30.78 68.93
N GLN N 76 33.01 -30.73 70.04
CA GLN N 76 32.53 -31.97 70.65
C GLN N 76 31.58 -32.68 69.70
N ASP N 77 31.51 -34.00 69.84
CA ASP N 77 30.67 -34.90 69.06
C ASP N 77 31.16 -35.08 67.63
N LEU N 78 32.28 -34.48 67.26
CA LEU N 78 32.96 -34.87 66.04
C LEU N 78 33.27 -36.36 66.09
N PRO N 79 32.84 -37.16 65.12
CA PRO N 79 33.08 -38.60 65.18
C PRO N 79 34.56 -38.92 65.33
N ILE N 80 34.86 -39.97 66.10
CA ILE N 80 36.23 -40.23 66.51
C ILE N 80 37.14 -40.52 65.32
N THR N 81 36.59 -41.15 64.27
CA THR N 81 37.38 -41.37 63.05
C THR N 81 37.73 -40.04 62.38
N ALA N 82 36.84 -39.05 62.44
CA ALA N 82 37.14 -37.73 61.89
C ALA N 82 38.10 -36.95 62.77
N VAL N 83 38.06 -37.18 64.09
CA VAL N 83 39.03 -36.55 64.99
C VAL N 83 40.44 -37.03 64.64
N SER N 84 40.61 -38.35 64.49
CA SER N 84 41.93 -38.90 64.20
C SER N 84 42.45 -38.41 62.86
N GLU N 85 41.60 -38.40 61.83
CA GLU N 85 42.01 -37.88 60.52
C GLU N 85 42.43 -36.42 60.63
N THR N 86 41.70 -35.63 61.42
CA THR N 86 42.04 -34.22 61.59
C THR N 86 43.35 -34.06 62.35
N VAL N 87 43.53 -34.83 63.43
CA VAL N 87 44.76 -34.77 64.22
C VAL N 87 45.95 -35.18 63.36
N ASP N 88 45.84 -36.31 62.65
CA ASP N 88 46.95 -36.79 61.85
C ASP N 88 47.33 -35.78 60.77
N PHE N 89 46.33 -35.11 60.18
CA PHE N 89 46.62 -34.04 59.22
C PHE N 89 47.40 -32.91 59.88
N VAL N 90 46.92 -32.42 61.02
CA VAL N 90 47.54 -31.28 61.67
C VAL N 90 48.94 -31.63 62.16
N LYS N 91 49.12 -32.83 62.69
CA LYS N 91 50.42 -33.22 63.23
C LYS N 91 51.42 -33.62 62.16
N SER N 92 50.99 -33.74 60.90
CA SER N 92 51.89 -34.00 59.79
C SER N 92 52.29 -32.74 59.02
N ARG N 93 51.85 -31.57 59.49
CA ARG N 93 52.15 -30.32 58.81
C ARG N 93 53.55 -29.83 59.16
N ASP N 94 54.12 -29.05 58.25
CA ASP N 94 55.43 -28.45 58.50
C ASP N 94 55.27 -27.22 59.39
N LEU N 95 56.32 -26.93 60.15
CA LEU N 95 56.27 -25.84 61.13
C LEU N 95 56.49 -24.47 60.50
N VAL N 96 56.96 -24.41 59.26
CA VAL N 96 57.17 -23.15 58.55
C VAL N 96 56.39 -23.12 57.24
N VAL N 97 56.52 -24.18 56.43
CA VAL N 97 55.84 -24.25 55.15
C VAL N 97 54.36 -24.56 55.36
N ASP N 98 53.51 -23.92 54.57
CA ASP N 98 52.06 -24.04 54.72
C ASP N 98 51.48 -24.93 53.64
N THR N 99 50.34 -25.55 53.95
CA THR N 99 49.63 -26.36 52.98
C THR N 99 48.84 -25.45 52.03
N PRO N 100 49.08 -25.51 50.73
CA PRO N 100 48.33 -24.67 49.79
C PRO N 100 47.12 -25.38 49.22
N VAL N 101 46.28 -24.59 48.55
CA VAL N 101 45.24 -25.15 47.69
C VAL N 101 45.90 -25.76 46.46
N THR N 102 45.47 -26.96 46.09
CA THR N 102 46.02 -27.66 44.95
C THR N 102 44.94 -27.87 43.89
N LEU N 103 45.35 -27.79 42.62
CA LEU N 103 44.46 -27.98 41.50
C LEU N 103 45.06 -28.97 40.52
N SER N 104 44.20 -29.71 39.86
CA SER N 104 44.57 -30.53 38.73
C SER N 104 44.49 -29.73 37.44
N PRO N 105 45.30 -30.06 36.44
CA PRO N 105 45.21 -29.35 35.15
C PRO N 105 43.86 -29.51 34.48
N GLU N 106 43.11 -30.55 34.83
CA GLU N 106 41.81 -30.83 34.24
C GLU N 106 40.66 -30.19 35.02
N ASP N 107 40.94 -29.50 36.12
CA ASP N 107 39.90 -28.76 36.82
C ASP N 107 39.46 -27.56 36.01
N SER N 108 38.25 -27.10 36.28
CA SER N 108 37.72 -25.93 35.59
C SER N 108 38.17 -24.65 36.29
N VAL N 109 38.16 -23.55 35.52
CA VAL N 109 38.40 -22.23 36.09
C VAL N 109 37.36 -21.92 37.17
N SER N 110 36.12 -22.40 36.98
CA SER N 110 35.08 -22.16 37.97
C SER N 110 35.43 -22.84 39.30
N ASP N 111 35.83 -24.11 39.24
CA ASP N 111 36.29 -24.79 40.46
C ASP N 111 37.53 -24.13 41.02
N ALA N 112 38.37 -23.55 40.15
CA ALA N 112 39.63 -22.95 40.57
C ALA N 112 39.44 -21.83 41.57
N ASN N 113 38.87 -20.69 41.16
CA ASN N 113 38.75 -19.58 42.08
C ASN N 113 37.75 -19.82 43.19
N ALA N 114 36.91 -20.86 43.09
CA ALA N 114 36.13 -21.29 44.23
C ALA N 114 37.02 -21.87 45.32
N LEU N 115 38.02 -22.66 44.94
CA LEU N 115 38.93 -23.25 45.92
C LEU N 115 40.02 -22.30 46.39
N LEU N 116 40.24 -21.20 45.65
CA LEU N 116 41.34 -20.28 45.98
C LEU N 116 41.18 -19.72 47.39
N HIS N 117 39.96 -19.43 47.81
CA HIS N 117 39.74 -18.72 49.05
C HIS N 117 39.65 -19.64 50.26
N LYS N 118 40.01 -20.91 50.11
CA LYS N 118 40.17 -21.80 51.27
C LYS N 118 41.48 -21.54 52.01
N ARG N 119 42.41 -20.80 51.40
CA ARG N 119 43.65 -20.37 52.01
C ARG N 119 43.85 -18.90 51.69
N ALA N 120 44.78 -18.26 52.40
CA ALA N 120 45.07 -16.84 52.22
C ALA N 120 46.28 -16.60 51.33
N HIS N 121 46.74 -17.62 50.61
CA HIS N 121 47.98 -17.48 49.84
C HIS N 121 47.80 -16.62 48.59
N GLY N 122 46.60 -16.59 48.03
CA GLY N 122 46.37 -15.84 46.81
C GLY N 122 46.76 -16.58 45.55
N ALA N 123 47.16 -17.84 45.65
CA ALA N 123 47.51 -18.64 44.49
C ALA N 123 47.40 -20.11 44.85
N ALA N 124 47.00 -20.92 43.87
CA ALA N 124 46.92 -22.36 44.02
C ALA N 124 47.96 -23.02 43.13
N VAL N 125 48.46 -24.17 43.59
CA VAL N 125 49.51 -24.91 42.89
C VAL N 125 48.86 -25.99 42.04
N VAL N 126 49.20 -26.02 40.75
CA VAL N 126 48.74 -27.08 39.87
C VAL N 126 49.66 -28.28 40.03
N VAL N 127 49.08 -29.45 40.27
CA VAL N 127 49.82 -30.65 40.65
C VAL N 127 49.60 -31.72 39.58
N PHE N 128 50.70 -32.25 39.05
CA PHE N 128 50.67 -33.38 38.12
C PHE N 128 51.62 -34.43 38.66
N GLU N 129 51.08 -35.59 39.06
CA GLU N 129 51.85 -36.67 39.67
C GLU N 129 52.64 -36.16 40.88
N GLY N 130 51.94 -35.43 41.74
CA GLY N 130 52.54 -34.90 42.95
C GLY N 130 53.50 -33.75 42.76
N ARG N 131 53.84 -33.39 41.52
CA ARG N 131 54.85 -32.36 41.30
C ARG N 131 54.20 -31.05 40.87
N PRO N 132 54.66 -29.92 41.43
CA PRO N 132 54.12 -28.62 41.01
C PRO N 132 54.49 -28.32 39.56
N ILE N 133 53.47 -28.00 38.76
CA ILE N 133 53.69 -27.62 37.36
C ILE N 133 53.30 -26.18 37.08
N GLY N 134 52.75 -25.46 38.05
CA GLY N 134 52.39 -24.08 37.81
C GLY N 134 51.52 -23.53 38.92
N LEU N 135 51.28 -22.22 38.83
CA LEU N 135 50.47 -21.48 39.79
C LEU N 135 49.22 -20.92 39.11
N VAL N 136 48.12 -20.90 39.85
CA VAL N 136 46.87 -20.30 39.40
C VAL N 136 46.47 -19.23 40.40
N THR N 137 46.23 -18.02 39.90
CA THR N 137 45.83 -16.88 40.70
C THR N 137 44.44 -16.42 40.28
N GLU N 138 43.92 -15.44 41.03
CA GLU N 138 42.60 -14.91 40.71
C GLU N 138 42.62 -14.16 39.39
N ALA N 139 43.68 -13.39 39.14
CA ALA N 139 43.80 -12.67 37.88
C ALA N 139 43.84 -13.63 36.69
N ASN N 140 44.28 -14.86 36.90
CA ASN N 140 44.26 -15.83 35.81
C ASN N 140 42.85 -16.26 35.46
N CYS N 141 41.95 -16.27 36.44
CA CYS N 141 40.59 -16.71 36.22
C CYS N 141 39.70 -15.66 35.60
N ALA N 142 40.16 -14.41 35.53
CA ALA N 142 39.37 -13.34 34.96
C ALA N 142 39.57 -13.28 33.44
N GLY N 143 38.47 -13.04 32.73
CA GLY N 143 38.52 -12.88 31.29
C GLY N 143 38.54 -14.16 30.48
N VAL N 144 38.48 -15.32 31.12
CA VAL N 144 38.52 -16.60 30.42
C VAL N 144 37.17 -17.29 30.58
N ASP N 145 36.92 -18.25 29.67
CA ASP N 145 35.70 -19.05 29.74
C ASP N 145 35.62 -19.75 31.10
N ARG N 146 34.46 -19.60 31.75
CA ARG N 146 34.25 -20.14 33.09
C ARG N 146 34.58 -21.63 33.19
N PHE N 147 34.45 -22.37 32.10
CA PHE N 147 34.74 -23.80 32.11
C PHE N 147 36.00 -24.15 31.31
N ALA N 148 36.82 -23.16 30.97
CA ALA N 148 38.14 -23.47 30.44
C ALA N 148 38.94 -24.24 31.48
N ARG N 149 39.86 -25.08 31.01
CA ARG N 149 40.64 -25.92 31.90
C ARG N 149 41.75 -25.11 32.57
N VAL N 150 42.12 -25.55 33.78
CA VAL N 150 43.19 -24.89 34.54
C VAL N 150 44.49 -24.86 33.74
N ARG N 151 44.75 -25.92 32.97
CA ARG N 151 45.97 -26.02 32.18
C ARG N 151 46.17 -24.81 31.26
N ASP N 152 45.07 -24.16 30.86
CA ASP N 152 45.18 -23.03 29.93
C ASP N 152 45.62 -21.74 30.61
N ILE N 153 45.26 -21.54 31.89
CA ILE N 153 45.52 -20.27 32.57
C ILE N 153 46.69 -20.33 33.54
N ALA N 154 47.20 -21.51 33.86
CA ALA N 154 48.24 -21.63 34.88
C ALA N 154 49.53 -20.97 34.40
N LEU N 155 50.23 -20.33 35.34
CA LEU N 155 51.54 -19.76 35.09
C LEU N 155 52.59 -20.84 35.37
N SER N 156 53.43 -21.11 34.38
CA SER N 156 54.45 -22.14 34.52
C SER N 156 55.75 -21.64 35.12
N ASP N 157 55.85 -20.34 35.41
CA ASP N 157 57.06 -19.74 35.94
C ASP N 157 56.77 -19.26 37.37
N PHE N 158 57.51 -19.81 38.33
CA PHE N 158 57.27 -19.50 39.73
C PHE N 158 58.55 -19.75 40.53
N VAL N 159 58.67 -19.05 41.64
CA VAL N 159 59.83 -19.22 42.53
C VAL N 159 59.68 -20.53 43.30
N THR N 160 60.71 -21.36 43.26
CA THR N 160 60.70 -22.64 43.94
C THR N 160 61.97 -22.79 44.78
N ALA N 161 61.84 -23.52 45.89
CA ALA N 161 62.95 -23.77 46.80
C ALA N 161 62.73 -25.11 47.46
N PRO N 162 63.80 -25.78 47.91
CA PRO N 162 63.62 -27.03 48.67
C PRO N 162 63.12 -26.73 50.07
N VAL N 163 62.25 -27.61 50.57
CA VAL N 163 61.74 -27.44 51.93
C VAL N 163 62.92 -27.49 52.90
N GLY N 164 62.85 -26.65 53.94
CA GLY N 164 63.96 -26.48 54.84
C GLY N 164 64.89 -25.34 54.48
N THR N 165 64.72 -24.73 53.32
CA THR N 165 65.46 -23.52 52.99
C THR N 165 65.15 -22.43 54.00
N ASP N 166 66.17 -21.66 54.36
CA ASP N 166 66.01 -20.63 55.38
C ASP N 166 64.91 -19.65 54.96
N PRO N 167 63.92 -19.39 55.83
CA PRO N 167 62.87 -18.43 55.47
C PRO N 167 63.39 -17.08 55.06
N ARG N 168 64.53 -16.64 55.62
CA ARG N 168 65.16 -15.41 55.18
C ARG N 168 65.50 -15.46 53.69
N GLU N 169 66.10 -16.58 53.25
CA GLU N 169 66.45 -16.69 51.84
C GLU N 169 65.21 -16.74 50.96
N VAL N 170 64.16 -17.44 51.42
CA VAL N 170 62.91 -17.48 50.66
C VAL N 170 62.34 -16.08 50.49
N PHE N 171 62.35 -15.29 51.55
CA PHE N 171 61.90 -13.90 51.47
C PHE N 171 62.66 -13.14 50.38
N ASP N 172 63.98 -13.31 50.31
CA ASP N 172 64.76 -12.61 49.30
C ASP N 172 64.47 -13.13 47.90
N LEU N 173 64.34 -14.45 47.75
CA LEU N 173 64.06 -15.02 46.44
C LEU N 173 62.74 -14.51 45.86
N LEU N 174 61.80 -14.12 46.73
CA LEU N 174 60.50 -13.65 46.30
C LEU N 174 60.45 -12.14 46.06
N GLU N 175 61.55 -11.43 46.33
CA GLU N 175 61.53 -9.97 46.33
C GLU N 175 61.00 -9.41 45.01
N HIS N 176 61.56 -9.86 43.89
CA HIS N 176 61.15 -9.35 42.59
C HIS N 176 60.27 -10.33 41.82
N ALA N 177 59.73 -11.34 42.48
CA ALA N 177 58.84 -12.28 41.81
C ALA N 177 57.48 -11.63 41.54
N PRO N 178 56.86 -11.93 40.40
CA PRO N 178 55.50 -11.39 40.17
C PRO N 178 54.47 -11.96 41.11
N ILE N 179 54.57 -13.24 41.47
CA ILE N 179 53.63 -13.88 42.40
C ILE N 179 54.37 -14.11 43.71
N ASP N 180 53.76 -13.66 44.82
CA ASP N 180 54.35 -13.69 46.15
C ASP N 180 54.25 -15.08 46.80
N VAL N 181 54.17 -16.16 46.04
CA VAL N 181 54.13 -17.51 46.58
C VAL N 181 55.39 -18.24 46.13
N ALA N 182 56.16 -18.74 47.09
CA ALA N 182 57.30 -19.60 46.79
C ALA N 182 56.88 -21.05 46.99
N VAL N 183 57.08 -21.87 45.95
CA VAL N 183 56.66 -23.27 45.97
C VAL N 183 57.78 -24.09 46.60
N MET N 184 57.51 -24.67 47.78
CA MET N 184 58.49 -25.44 48.51
C MET N 184 58.38 -26.91 48.13
N THR N 185 59.53 -27.54 47.85
CA THR N 185 59.56 -28.89 47.31
C THR N 185 60.24 -29.85 48.29
N ALA N 186 59.75 -31.09 48.29
CA ALA N 186 60.42 -32.19 48.96
C ALA N 186 61.70 -32.53 48.21
N PRO N 187 62.59 -33.34 48.80
CA PRO N 187 63.83 -33.69 48.08
C PRO N 187 63.60 -34.35 46.72
N ASP N 188 62.53 -35.13 46.56
CA ASP N 188 62.26 -35.79 45.30
C ASP N 188 61.58 -34.89 44.27
N GLY N 189 61.34 -33.63 44.60
CA GLY N 189 60.75 -32.68 43.68
C GLY N 189 59.26 -32.47 43.84
N THR N 190 58.58 -33.31 44.62
CA THR N 190 57.14 -33.16 44.81
C THR N 190 56.83 -32.02 45.78
N LEU N 191 55.54 -31.71 45.90
CA LEU N 191 55.10 -30.50 46.58
C LEU N 191 55.10 -30.73 48.09
N ALA N 192 55.96 -30.00 48.80
CA ALA N 192 55.91 -29.96 50.25
C ALA N 192 54.97 -28.89 50.78
N GLY N 193 54.81 -27.80 50.03
CA GLY N 193 53.91 -26.73 50.41
C GLY N 193 54.36 -25.41 49.80
N VAL N 194 53.92 -24.32 50.43
CA VAL N 194 54.21 -22.98 49.93
C VAL N 194 54.61 -22.08 51.10
N LEU N 195 55.35 -21.02 50.77
CA LEU N 195 55.74 -20.01 51.73
C LEU N 195 55.72 -18.66 51.03
N THR N 196 55.02 -17.70 51.63
CA THR N 196 54.96 -16.34 51.13
C THR N 196 55.95 -15.45 51.88
N ARG N 197 56.10 -14.21 51.38
CA ARG N 197 56.96 -13.24 52.06
C ARG N 197 56.43 -12.92 53.46
N THR N 198 55.11 -12.76 53.58
CA THR N 198 54.52 -12.54 54.90
C THR N 198 54.65 -13.79 55.77
N GLY N 199 54.38 -14.96 55.19
CA GLY N 199 54.58 -16.20 55.92
C GLY N 199 56.01 -16.38 56.39
N ALA N 200 56.97 -15.89 55.60
CA ALA N 200 58.37 -15.99 55.99
C ALA N 200 58.68 -15.11 57.20
N ILE N 201 58.16 -13.89 57.21
CA ILE N 201 58.34 -13.01 58.36
C ILE N 201 57.70 -13.61 59.61
N ARG N 202 56.47 -14.12 59.47
CA ARG N 202 55.78 -14.70 60.62
C ARG N 202 56.56 -15.87 61.20
N ALA N 203 57.38 -16.55 60.39
CA ALA N 203 58.19 -17.64 60.91
C ALA N 203 59.18 -17.14 61.94
N GLY N 204 59.63 -15.89 61.81
CA GLY N 204 60.53 -15.26 62.76
C GLY N 204 59.86 -14.43 63.83
N ILE N 205 58.54 -14.44 63.90
CA ILE N 205 57.79 -13.73 64.94
C ILE N 205 57.05 -14.71 65.85
N TYR N 206 56.30 -15.63 65.27
CA TYR N 206 55.49 -16.57 66.03
C TYR N 206 56.24 -17.88 66.24
N THR N 207 56.18 -18.39 67.46
CA THR N 207 56.74 -19.69 67.77
C THR N 207 55.65 -20.75 67.68
N PRO N 208 55.80 -21.77 66.84
CA PRO N 208 54.75 -22.80 66.71
C PRO N 208 54.43 -23.44 68.06
N ALA N 209 53.15 -23.77 68.24
CA ALA N 209 52.70 -24.52 69.41
C ALA N 209 52.78 -26.00 69.08
N VAL N 210 53.62 -26.73 69.82
CA VAL N 210 53.96 -28.11 69.48
C VAL N 210 53.80 -29.00 70.71
N ASP N 211 53.60 -30.29 70.44
CA ASP N 211 53.56 -31.30 71.49
C ASP N 211 54.99 -31.74 71.80
N ALA N 212 55.13 -32.77 72.66
CA ALA N 212 56.45 -33.24 73.05
C ALA N 212 57.27 -33.69 71.85
N LYS N 213 56.61 -34.19 70.80
CA LYS N 213 57.29 -34.72 69.63
C LYS N 213 57.62 -33.66 68.59
N GLY N 214 57.33 -32.38 68.86
CA GLY N 214 57.60 -31.33 67.89
C GLY N 214 56.56 -31.19 66.80
N ARG N 215 55.36 -31.71 67.01
CA ARG N 215 54.28 -31.60 66.03
C ARG N 215 53.24 -30.62 66.56
N LEU N 216 52.54 -29.97 65.62
CA LEU N 216 51.57 -28.93 65.98
C LEU N 216 50.56 -29.44 66.99
N ARG N 217 50.22 -28.59 67.97
CA ARG N 217 49.28 -28.95 69.01
C ARG N 217 47.84 -28.85 68.51
N ILE N 218 46.97 -29.62 69.15
CA ILE N 218 45.54 -29.58 68.87
C ILE N 218 44.79 -30.03 70.12
N ALA N 219 43.56 -29.54 70.28
CA ALA N 219 42.73 -29.88 71.42
C ALA N 219 41.40 -30.44 70.95
N ALA N 220 40.71 -31.11 71.86
CA ALA N 220 39.41 -31.69 71.57
C ALA N 220 38.46 -31.40 72.72
N ALA N 221 37.18 -31.26 72.39
CA ALA N 221 36.14 -30.98 73.36
C ALA N 221 35.21 -32.18 73.50
N VAL N 222 34.53 -32.25 74.62
CA VAL N 222 33.58 -33.32 74.88
C VAL N 222 32.44 -32.76 75.72
N GLY N 223 31.21 -33.26 75.47
CA GLY N 223 30.07 -32.93 76.29
C GLY N 223 29.97 -33.83 77.51
N ILE N 224 29.12 -33.42 78.46
CA ILE N 224 28.96 -34.16 79.70
C ILE N 224 27.86 -35.21 79.59
N ASN N 225 27.31 -35.39 78.39
CA ASN N 225 26.34 -36.45 78.15
C ASN N 225 27.03 -37.72 77.68
N GLY N 226 26.34 -38.85 77.85
CA GLY N 226 26.91 -40.12 77.45
C GLY N 226 28.02 -40.54 78.38
N ASP N 227 28.90 -41.40 77.86
CA ASP N 227 30.04 -41.91 78.61
C ASP N 227 31.20 -40.93 78.43
N VAL N 228 31.39 -40.06 79.42
CA VAL N 228 32.35 -38.97 79.27
C VAL N 228 33.78 -39.49 79.38
N GLY N 229 34.02 -40.46 80.28
CA GLY N 229 35.35 -41.03 80.39
C GLY N 229 35.80 -41.71 79.12
N ALA N 230 34.96 -42.62 78.59
CA ALA N 230 35.31 -43.33 77.37
C ALA N 230 35.57 -42.36 76.22
N LYS N 231 34.80 -41.27 76.15
CA LYS N 231 35.02 -40.30 75.07
C LYS N 231 36.32 -39.53 75.26
N ALA N 232 36.60 -39.10 76.50
CA ALA N 232 37.85 -38.39 76.78
C ALA N 232 39.06 -39.29 76.55
N GLN N 233 38.91 -40.59 76.80
CA GLN N 233 40.01 -41.53 76.56
C GLN N 233 40.25 -41.71 75.07
N ALA N 234 39.18 -41.84 74.28
CA ALA N 234 39.33 -41.99 72.84
C ALA N 234 39.96 -40.76 72.20
N LEU N 235 39.60 -39.56 72.70
CA LEU N 235 40.23 -38.34 72.20
C LEU N 235 41.70 -38.28 72.58
N ALA N 236 42.05 -38.76 73.77
CA ALA N 236 43.45 -38.87 74.15
C ALA N 236 44.20 -39.83 73.23
N GLU N 237 43.64 -41.03 73.04
CA GLU N 237 44.27 -42.01 72.18
C GLU N 237 44.34 -41.57 70.73
N ALA N 238 43.50 -40.60 70.33
CA ALA N 238 43.58 -40.07 68.98
C ALA N 238 44.69 -39.03 68.80
N GLY N 239 45.24 -38.51 69.90
CA GLY N 239 46.34 -37.58 69.84
C GLY N 239 46.06 -36.17 70.29
N ALA N 240 44.94 -35.93 70.97
CA ALA N 240 44.66 -34.61 71.51
C ALA N 240 45.69 -34.23 72.57
N ASP N 241 46.15 -32.99 72.52
CA ASP N 241 47.11 -32.50 73.51
C ASP N 241 46.44 -31.83 74.70
N LEU N 242 45.14 -31.57 74.60
CA LEU N 242 44.39 -30.89 75.65
C LEU N 242 42.93 -31.25 75.49
N LEU N 243 42.22 -31.41 76.62
CA LEU N 243 40.82 -31.80 76.62
C LEU N 243 39.99 -30.70 77.26
N VAL N 244 38.87 -30.35 76.62
CA VAL N 244 37.96 -29.34 77.11
C VAL N 244 36.62 -30.01 77.39
N ILE N 245 36.20 -30.01 78.65
CA ILE N 245 34.87 -30.49 79.02
C ILE N 245 33.94 -29.28 79.01
N ASP N 246 33.03 -29.24 78.05
CA ASP N 246 32.26 -28.03 77.74
C ASP N 246 30.77 -28.29 77.95
N THR N 247 30.12 -27.36 78.67
CA THR N 247 28.67 -27.34 78.80
C THR N 247 28.25 -25.91 79.11
N ALA N 248 26.99 -25.61 78.79
CA ALA N 248 26.47 -24.24 78.97
C ALA N 248 26.53 -23.82 80.44
N HIS N 249 25.98 -24.66 81.33
CA HIS N 249 25.98 -24.39 82.77
C HIS N 249 26.94 -25.35 83.45
N GLY N 250 28.19 -24.90 83.65
CA GLY N 250 29.20 -25.78 84.21
C GLY N 250 29.07 -26.03 85.70
N HIS N 251 28.38 -25.15 86.42
CA HIS N 251 28.25 -25.27 87.87
C HIS N 251 27.04 -26.14 88.20
N GLN N 252 27.19 -27.44 87.94
CA GLN N 252 26.11 -28.38 88.18
C GLN N 252 26.68 -29.77 88.37
N ALA N 253 25.88 -30.63 89.04
CA ALA N 253 26.36 -31.92 89.50
C ALA N 253 26.87 -32.79 88.35
N LYS N 254 26.23 -32.70 87.18
CA LYS N 254 26.61 -33.56 86.07
C LYS N 254 27.97 -33.18 85.50
N MET N 255 28.34 -31.89 85.57
CA MET N 255 29.68 -31.50 85.13
C MET N 255 30.74 -31.99 86.11
N LEU N 256 30.49 -31.83 87.41
CA LEU N 256 31.46 -32.29 88.40
C LEU N 256 31.68 -33.79 88.29
N ASP N 257 30.62 -34.56 88.04
CA ASP N 257 30.78 -35.99 87.83
C ASP N 257 31.57 -36.28 86.55
N ALA N 258 31.39 -35.45 85.52
CA ALA N 258 32.14 -35.64 84.28
C ALA N 258 33.63 -35.37 84.48
N ILE N 259 33.96 -34.33 85.25
CA ILE N 259 35.36 -33.98 85.50
C ILE N 259 36.06 -35.11 86.26
N LYS N 260 35.42 -35.59 87.34
CA LYS N 260 36.02 -36.66 88.14
C LYS N 260 36.20 -37.92 87.32
N ALA N 261 35.27 -38.21 86.42
CA ALA N 261 35.40 -39.40 85.59
C ALA N 261 36.59 -39.30 84.66
N VAL N 262 36.83 -38.11 84.08
CA VAL N 262 37.99 -37.93 83.21
C VAL N 262 39.26 -37.86 84.03
N ALA N 263 39.22 -37.17 85.16
CA ALA N 263 40.42 -37.07 86.01
C ALA N 263 40.85 -38.44 86.52
N SER N 264 39.90 -39.27 86.93
CA SER N 264 40.23 -40.59 87.47
C SER N 264 40.87 -41.51 86.43
N LEU N 265 40.86 -41.13 85.15
CA LEU N 265 41.56 -41.91 84.12
C LEU N 265 43.03 -41.54 84.01
N ASP N 266 43.46 -40.44 84.64
CA ASP N 266 44.85 -40.01 84.68
C ASP N 266 45.47 -40.05 83.28
N LEU N 267 44.89 -39.26 82.38
CA LEU N 267 45.28 -39.29 80.98
C LEU N 267 46.53 -38.47 80.69
N GLY N 268 46.99 -37.67 81.65
CA GLY N 268 48.21 -36.88 81.50
C GLY N 268 48.02 -35.58 80.76
N LEU N 269 46.88 -35.33 80.16
CA LEU N 269 46.62 -34.11 79.43
C LEU N 269 46.02 -33.06 80.33
N PRO N 270 46.28 -31.78 80.06
CA PRO N 270 45.59 -30.71 80.81
C PRO N 270 44.08 -30.81 80.61
N LEU N 271 43.34 -30.39 81.65
CA LEU N 271 41.89 -30.56 81.71
C LEU N 271 41.23 -29.20 81.86
N VAL N 272 40.53 -28.77 80.82
CA VAL N 272 39.72 -27.55 80.83
C VAL N 272 38.27 -27.95 81.07
N ALA N 273 37.58 -27.20 81.93
CA ALA N 273 36.16 -27.42 82.15
C ALA N 273 35.46 -26.08 82.26
N GLY N 274 34.20 -26.04 81.81
CA GLY N 274 33.41 -24.83 81.83
C GLY N 274 32.04 -25.08 81.25
N ASN N 275 31.19 -24.05 81.29
CA ASN N 275 31.58 -22.71 81.73
C ASN N 275 30.87 -22.27 83.00
N VAL N 276 31.55 -21.39 83.76
CA VAL N 276 30.99 -20.77 84.96
C VAL N 276 31.41 -19.31 84.96
N VAL N 277 30.79 -18.53 85.86
CA VAL N 277 31.08 -17.11 86.00
C VAL N 277 31.28 -16.68 87.44
N SER N 278 31.19 -17.59 88.41
CA SER N 278 31.30 -17.22 89.82
C SER N 278 32.51 -17.88 90.46
N ALA N 279 32.96 -17.28 91.58
CA ALA N 279 34.08 -17.87 92.30
C ALA N 279 33.74 -19.27 92.80
N GLU N 280 32.52 -19.45 93.33
CA GLU N 280 32.14 -20.77 93.85
C GLU N 280 32.21 -21.83 92.75
N GLY N 281 31.75 -21.52 91.55
CA GLY N 281 31.82 -22.47 90.46
C GLY N 281 33.26 -22.77 90.04
N THR N 282 34.12 -21.76 90.08
CA THR N 282 35.53 -21.98 89.76
C THR N 282 36.18 -22.93 90.77
N ARG N 283 35.96 -22.69 92.06
CA ARG N 283 36.52 -23.59 93.08
C ARG N 283 35.99 -25.01 92.88
N ASP N 284 34.66 -25.16 92.74
CA ASP N 284 34.07 -26.48 92.65
C ASP N 284 34.58 -27.24 91.43
N LEU N 285 34.86 -26.55 90.33
CA LEU N 285 35.35 -27.23 89.13
C LEU N 285 36.81 -27.64 89.30
N ILE N 286 37.62 -26.80 89.96
CA ILE N 286 38.99 -27.18 90.23
C ILE N 286 39.05 -28.35 91.21
N GLU N 287 38.22 -28.30 92.26
CA GLU N 287 38.19 -29.40 93.22
C GLU N 287 37.80 -30.72 92.55
N ALA N 288 37.00 -30.67 91.49
CA ALA N 288 36.62 -31.90 90.79
C ALA N 288 37.77 -32.47 89.97
N GLY N 289 38.83 -31.70 89.74
CA GLY N 289 39.99 -32.18 89.00
C GLY N 289 40.31 -31.40 87.74
N ALA N 290 39.69 -30.24 87.57
CA ALA N 290 39.98 -29.40 86.41
C ALA N 290 41.22 -28.56 86.65
N SER N 291 42.13 -28.58 85.67
CA SER N 291 43.31 -27.74 85.70
C SER N 291 43.00 -26.31 85.27
N ILE N 292 42.05 -26.11 84.37
CA ILE N 292 41.71 -24.81 83.82
C ILE N 292 40.19 -24.64 83.83
N VAL N 293 39.72 -23.45 84.22
CA VAL N 293 38.30 -23.14 84.27
C VAL N 293 37.96 -22.20 83.12
N LYS N 294 37.04 -22.63 82.25
CA LYS N 294 36.58 -21.79 81.16
C LYS N 294 35.42 -20.93 81.63
N VAL N 295 35.53 -19.61 81.42
CA VAL N 295 34.63 -18.63 82.03
C VAL N 295 33.81 -17.96 80.93
N GLY N 296 32.49 -17.99 81.07
CA GLY N 296 31.63 -17.33 80.10
C GLY N 296 30.22 -17.87 80.03
N VAL N 297 29.27 -17.08 80.54
CA VAL N 297 27.85 -17.41 80.44
C VAL N 297 27.13 -16.11 80.09
N GLY N 298 26.73 -15.96 78.83
CA GLY N 298 26.07 -14.76 78.37
C GLY N 298 26.75 -14.01 77.23
N PRO N 299 28.03 -13.66 77.36
CA PRO N 299 28.66 -12.78 76.35
C PRO N 299 28.92 -13.41 74.99
N GLY N 300 28.71 -14.72 74.84
CA GLY N 300 28.95 -15.39 73.57
C GLY N 300 28.24 -14.75 72.39
N ALA N 301 28.95 -14.64 71.25
CA ALA N 301 28.37 -13.99 70.07
C ALA N 301 27.10 -14.70 69.61
N MET N 302 27.09 -16.03 69.64
CA MET N 302 25.92 -16.83 69.28
C MET N 302 25.04 -17.16 70.48
N CYS N 303 25.30 -16.54 71.63
CA CYS N 303 24.60 -16.89 72.87
C CYS N 303 23.35 -16.02 73.03
N THR N 304 22.18 -16.66 73.07
CA THR N 304 20.92 -15.99 73.34
C THR N 304 20.44 -16.21 74.76
N THR N 305 21.31 -16.72 75.64
CA THR N 305 20.88 -17.09 76.99
C THR N 305 20.32 -15.88 77.74
N ARG N 306 20.91 -14.71 77.56
CA ARG N 306 20.46 -13.53 78.30
C ARG N 306 19.02 -13.18 77.96
N MET N 307 18.65 -13.25 76.68
CA MET N 307 17.30 -12.88 76.29
C MET N 307 16.27 -13.96 76.59
N MET N 308 16.68 -15.23 76.58
CA MET N 308 15.79 -16.32 76.93
C MET N 308 15.58 -16.43 78.44
N THR N 309 16.66 -16.35 79.22
CA THR N 309 16.63 -16.71 80.63
C THR N 309 16.94 -15.58 81.60
N GLY N 310 17.48 -14.45 81.14
CA GLY N 310 18.02 -13.44 82.01
C GLY N 310 19.33 -13.81 82.69
N VAL N 311 19.78 -15.06 82.55
CA VAL N 311 21.00 -15.51 83.18
C VAL N 311 22.20 -15.01 82.39
N GLY N 312 23.23 -14.55 83.11
CA GLY N 312 24.45 -14.12 82.48
C GLY N 312 25.31 -13.39 83.50
N ARG N 313 26.36 -12.77 82.97
CA ARG N 313 27.23 -11.93 83.78
C ARG N 313 28.19 -11.20 82.86
N PRO N 314 28.39 -9.90 83.06
CA PRO N 314 29.40 -9.19 82.26
C PRO N 314 30.75 -9.87 82.36
N GLN N 315 31.41 -10.01 81.21
CA GLN N 315 32.53 -10.95 81.10
C GLN N 315 33.75 -10.48 81.87
N PHE N 316 34.03 -9.17 81.87
CA PHE N 316 35.22 -8.68 82.55
C PHE N 316 35.16 -8.98 84.04
N SER N 317 34.07 -8.58 84.72
CA SER N 317 33.93 -8.91 86.13
C SER N 317 33.93 -10.41 86.35
N ALA N 318 33.36 -11.18 85.41
CA ALA N 318 33.35 -12.63 85.55
C ALA N 318 34.77 -13.19 85.54
N VAL N 319 35.62 -12.66 84.64
CA VAL N 319 36.98 -13.17 84.53
C VAL N 319 37.80 -12.76 85.76
N VAL N 320 37.65 -11.52 86.21
CA VAL N 320 38.37 -11.04 87.39
C VAL N 320 38.09 -11.95 88.59
N GLU N 321 36.81 -12.15 88.91
CA GLU N 321 36.47 -12.93 90.10
C GLU N 321 36.88 -14.39 89.94
N CYS N 322 36.67 -14.97 88.76
CA CYS N 322 37.01 -16.38 88.56
C CYS N 322 38.52 -16.59 88.54
N ALA N 323 39.27 -15.64 87.98
CA ALA N 323 40.72 -15.79 87.95
C ALA N 323 41.35 -15.61 89.33
N ALA N 324 40.76 -14.75 90.17
CA ALA N 324 41.28 -14.60 91.52
C ALA N 324 41.07 -15.87 92.32
N ALA N 325 39.90 -16.51 92.19
CA ALA N 325 39.63 -17.73 92.92
C ALA N 325 40.47 -18.89 92.40
N ALA N 326 40.66 -18.96 91.08
CA ALA N 326 41.49 -20.03 90.51
C ALA N 326 42.94 -19.90 90.98
N ARG N 327 43.44 -18.66 91.04
CA ARG N 327 44.85 -18.43 91.43
C ARG N 327 45.09 -18.98 92.84
N GLN N 328 44.20 -18.64 93.76
CA GLN N 328 44.35 -19.11 95.14
C GLN N 328 44.47 -20.62 95.22
N LEU N 329 43.87 -21.35 94.28
CA LEU N 329 43.95 -22.80 94.23
C LEU N 329 45.04 -23.28 93.27
N GLY N 330 45.82 -22.37 92.71
CA GLY N 330 46.82 -22.74 91.73
C GLY N 330 46.28 -23.10 90.35
N GLY N 331 45.12 -22.57 89.97
CA GLY N 331 44.51 -22.85 88.70
C GLY N 331 44.61 -21.70 87.71
N HIS N 332 43.95 -21.90 86.56
CA HIS N 332 43.96 -20.91 85.49
C HIS N 332 42.56 -20.75 84.92
N VAL N 333 42.33 -19.60 84.27
CA VAL N 333 41.04 -19.24 83.75
C VAL N 333 41.17 -18.89 82.27
N TRP N 334 40.29 -19.46 81.45
CA TRP N 334 40.15 -19.08 80.04
C TRP N 334 38.97 -18.14 79.91
N ALA N 335 39.17 -17.02 79.21
CA ALA N 335 38.11 -16.04 78.96
C ALA N 335 37.40 -16.41 77.66
N ASP N 336 36.16 -16.89 77.79
CA ASP N 336 35.45 -17.50 76.66
C ASP N 336 34.25 -16.65 76.28
N GLY N 337 34.28 -16.07 75.10
CA GLY N 337 33.12 -15.41 74.53
C GLY N 337 33.24 -13.90 74.51
N GLY N 338 32.58 -13.29 73.52
CA GLY N 338 32.44 -11.84 73.43
C GLY N 338 33.64 -11.09 72.92
N VAL N 339 34.67 -11.77 72.42
CA VAL N 339 35.87 -11.11 71.93
C VAL N 339 35.61 -10.62 70.51
N ARG N 340 35.61 -9.30 70.32
CA ARG N 340 35.44 -8.69 69.00
C ARG N 340 36.61 -7.84 68.55
N HIS N 341 37.55 -7.50 69.43
CA HIS N 341 38.63 -6.58 69.13
C HIS N 341 39.85 -7.01 69.92
N PRO N 342 41.06 -6.62 69.48
CA PRO N 342 42.26 -6.95 70.28
C PRO N 342 42.18 -6.47 71.72
N ARG N 343 41.59 -5.29 71.95
CA ARG N 343 41.45 -4.80 73.31
C ARG N 343 40.74 -5.81 74.21
N ASP N 344 39.82 -6.60 73.66
CA ASP N 344 39.13 -7.60 74.47
C ASP N 344 40.08 -8.70 74.94
N VAL N 345 41.06 -9.05 74.10
CA VAL N 345 42.06 -10.02 74.53
C VAL N 345 42.97 -9.41 75.59
N ALA N 346 43.40 -8.17 75.37
CA ALA N 346 44.25 -7.48 76.35
C ALA N 346 43.55 -7.36 77.69
N LEU N 347 42.31 -6.86 77.71
CA LEU N 347 41.60 -6.66 78.96
C LEU N 347 41.31 -8.00 79.65
N ALA N 348 41.02 -9.05 78.87
CA ALA N 348 40.81 -10.36 79.47
C ALA N 348 42.08 -10.86 80.15
N LEU N 349 43.24 -10.58 79.55
CA LEU N 349 44.51 -10.98 80.16
C LEU N 349 44.83 -10.09 81.37
N ALA N 350 44.58 -8.79 81.26
CA ALA N 350 44.76 -7.91 82.40
C ALA N 350 43.85 -8.30 83.55
N ALA N 351 42.70 -8.91 83.25
CA ALA N 351 41.79 -9.38 84.30
C ALA N 351 42.26 -10.65 84.98
N GLY N 352 43.28 -11.32 84.45
CA GLY N 352 43.84 -12.50 85.08
C GLY N 352 43.62 -13.82 84.35
N ALA N 353 43.10 -13.80 83.13
CA ALA N 353 42.99 -15.00 82.33
C ALA N 353 44.34 -15.40 81.78
N SER N 354 44.58 -16.71 81.68
CA SER N 354 45.79 -17.22 81.07
C SER N 354 45.68 -17.35 79.56
N ASN N 355 44.46 -17.46 79.04
CA ASN N 355 44.22 -17.64 77.61
C ASN N 355 42.85 -17.06 77.27
N VAL N 356 42.65 -16.74 75.99
CA VAL N 356 41.42 -16.12 75.53
C VAL N 356 40.83 -16.97 74.40
N MET N 357 39.63 -17.49 74.62
CA MET N 357 38.96 -18.31 73.62
C MET N 357 38.17 -17.38 72.69
N ILE N 358 38.47 -17.47 71.39
CA ILE N 358 37.86 -16.65 70.36
C ILE N 358 37.06 -17.56 69.44
N GLY N 359 35.83 -17.15 69.13
CA GLY N 359 34.97 -17.92 68.26
C GLY N 359 34.54 -17.20 66.99
N SER N 360 33.35 -16.61 67.03
CA SER N 360 32.72 -16.04 65.83
C SER N 360 33.64 -15.12 65.05
N TRP N 361 34.50 -14.35 65.74
CA TRP N 361 35.39 -13.44 65.04
C TRP N 361 36.21 -14.16 63.99
N PHE N 362 36.69 -15.37 64.31
CA PHE N 362 37.54 -16.11 63.38
C PHE N 362 36.75 -16.80 62.27
N ALA N 363 35.42 -16.91 62.40
CA ALA N 363 34.64 -17.45 61.29
C ALA N 363 34.79 -16.59 60.05
N GLY N 364 34.96 -15.28 60.20
CA GLY N 364 35.12 -14.39 59.09
C GLY N 364 36.53 -14.37 58.52
N THR N 365 37.08 -15.56 58.26
CA THR N 365 38.42 -15.69 57.69
C THR N 365 38.39 -16.73 56.58
N TYR N 366 39.42 -16.69 55.73
CA TYR N 366 39.52 -17.68 54.66
C TYR N 366 39.58 -19.09 55.21
N GLU N 367 40.29 -19.30 56.32
CA GLU N 367 40.59 -20.63 56.81
C GLU N 367 39.44 -21.29 57.56
N SER N 368 38.37 -20.56 57.88
CA SER N 368 37.24 -21.18 58.55
C SER N 368 36.53 -22.14 57.61
N PRO N 369 35.88 -23.18 58.16
CA PRO N 369 35.37 -24.25 57.29
C PRO N 369 34.21 -23.85 56.39
N GLY N 370 33.43 -22.84 56.77
CA GLY N 370 32.28 -22.45 55.98
C GLY N 370 32.66 -21.90 54.62
N ASP N 371 31.66 -21.82 53.75
CA ASP N 371 31.84 -21.26 52.42
C ASP N 371 31.93 -19.74 52.48
N LEU N 372 32.73 -19.17 51.59
CA LEU N 372 32.86 -17.73 51.48
C LEU N 372 31.65 -17.17 50.74
N LEU N 373 31.00 -16.18 51.35
CA LEU N 373 29.77 -15.61 50.82
C LEU N 373 29.97 -14.12 50.58
N PHE N 374 29.08 -13.55 49.76
CA PHE N 374 29.11 -12.14 49.41
C PHE N 374 27.72 -11.55 49.59
N ASP N 375 27.64 -10.36 50.16
CA ASP N 375 26.38 -9.71 50.45
C ASP N 375 25.94 -8.90 49.23
N ARG N 376 24.97 -7.99 49.42
CA ARG N 376 24.43 -7.21 48.31
C ARG N 376 25.51 -6.35 47.66
N ASP N 377 26.41 -5.77 48.45
CA ASP N 377 27.45 -4.89 47.95
C ASP N 377 28.71 -5.64 47.51
N ASP N 378 28.63 -6.97 47.39
CA ASP N 378 29.74 -7.82 46.96
C ASP N 378 30.92 -7.80 47.94
N ARG N 379 30.65 -7.50 49.22
CA ARG N 379 31.67 -7.58 50.27
C ARG N 379 31.72 -8.98 50.86
N PRO N 380 32.91 -9.57 51.01
CA PRO N 380 32.98 -10.98 51.43
C PRO N 380 32.65 -11.14 52.91
N TYR N 381 31.93 -12.22 53.22
CA TYR N 381 31.60 -12.53 54.60
C TYR N 381 31.38 -14.03 54.72
N LYS N 382 31.39 -14.50 55.96
CA LYS N 382 31.01 -15.86 56.29
C LYS N 382 30.08 -15.84 57.49
N GLU N 383 29.26 -16.88 57.60
CA GLU N 383 28.29 -16.98 58.67
C GLU N 383 28.87 -17.78 59.82
N SER N 384 28.78 -17.22 61.02
CA SER N 384 29.03 -17.96 62.24
C SER N 384 27.70 -18.42 62.83
N TYR N 385 27.73 -19.59 63.47
CA TYR N 385 26.54 -20.14 64.09
C TYR N 385 26.91 -20.89 65.36
N GLY N 386 25.96 -20.96 66.29
CA GLY N 386 26.21 -21.55 67.59
C GLY N 386 26.11 -23.05 67.63
N MET N 387 26.65 -23.62 68.70
CA MET N 387 26.63 -25.06 68.90
C MET N 387 25.30 -25.55 69.46
N ALA N 388 24.52 -24.67 70.08
CA ALA N 388 23.13 -24.94 70.46
C ALA N 388 23.09 -26.15 71.39
N SER N 389 22.32 -27.20 71.11
CA SER N 389 22.13 -28.28 72.07
C SER N 389 23.38 -29.13 72.29
N LYS N 390 24.42 -28.97 71.47
CA LYS N 390 25.65 -29.70 71.71
C LYS N 390 26.41 -29.18 72.93
N ARG N 391 26.00 -28.04 73.50
CA ARG N 391 26.53 -27.51 74.75
C ARG N 391 25.60 -27.72 75.93
N ALA N 392 24.48 -28.40 75.74
CA ALA N 392 23.44 -28.53 76.75
C ALA N 392 23.38 -29.96 77.28
N VAL N 393 22.80 -30.10 78.47
CA VAL N 393 22.58 -31.40 79.07
C VAL N 393 21.41 -32.07 78.39
N ALA N 394 21.56 -33.35 78.05
CA ALA N 394 20.49 -34.15 77.50
C ALA N 394 20.29 -35.39 78.36
N ALA N 395 19.03 -35.70 78.67
CA ALA N 395 18.73 -36.91 79.41
C ALA N 395 18.98 -38.15 78.56
N ARG N 396 19.07 -39.31 79.23
CA ARG N 396 19.30 -40.56 78.54
C ARG N 396 18.17 -40.85 77.55
N THR N 397 18.54 -40.94 76.28
CA THR N 397 17.57 -41.10 75.20
C THR N 397 17.32 -42.56 74.83
N ALA N 398 17.73 -43.49 75.69
CA ALA N 398 17.63 -44.92 75.37
C ALA N 398 16.19 -45.34 75.14
N GLY N 399 15.95 -46.01 74.02
CA GLY N 399 14.64 -46.58 73.72
C GLY N 399 13.51 -45.57 73.65
N ASP N 400 13.80 -44.34 73.23
CA ASP N 400 12.77 -43.31 73.12
C ASP N 400 12.13 -43.35 71.74
N SER N 401 10.82 -43.23 71.70
CA SER N 401 10.07 -43.16 70.46
C SER N 401 10.22 -41.78 69.83
N SER N 402 9.79 -41.67 68.57
CA SER N 402 9.83 -40.39 67.88
C SER N 402 9.01 -39.33 68.62
N PHE N 403 7.99 -39.74 69.36
CA PHE N 403 7.26 -38.80 70.21
C PHE N 403 8.17 -38.21 71.27
N ASP N 404 8.93 -39.05 71.97
CA ASP N 404 9.86 -38.56 72.98
C ASP N 404 10.94 -37.68 72.36
N ARG N 405 11.38 -38.01 71.15
CA ARG N 405 12.39 -37.20 70.47
C ARG N 405 11.87 -35.78 70.23
N ALA N 406 10.73 -35.66 69.55
CA ALA N 406 10.16 -34.34 69.30
C ALA N 406 9.77 -33.64 70.59
N ARG N 407 9.40 -34.39 71.62
CA ARG N 407 9.07 -33.80 72.91
C ARG N 407 10.25 -33.00 73.47
N LYS N 408 11.42 -33.64 73.54
CA LYS N 408 12.60 -32.95 74.01
C LYS N 408 13.05 -31.88 73.01
N GLY N 409 12.92 -32.16 71.73
CA GLY N 409 13.37 -31.24 70.69
C GLY N 409 12.53 -29.98 70.54
N LEU N 410 11.34 -29.94 71.15
CA LEU N 410 10.49 -28.76 71.02
C LEU N 410 11.09 -27.57 71.75
N PHE N 411 11.74 -27.82 72.89
CA PHE N 411 12.30 -26.77 73.71
C PHE N 411 13.78 -26.50 73.44
N GLU N 412 14.44 -27.33 72.64
CA GLU N 412 15.89 -27.20 72.48
C GLU N 412 16.23 -25.88 71.80
N GLU N 413 17.39 -25.33 72.19
CA GLU N 413 17.84 -24.06 71.66
C GLU N 413 18.05 -24.14 70.16
N GLY N 414 17.56 -23.13 69.44
CA GLY N 414 17.81 -23.05 68.01
C GLY N 414 19.20 -22.53 67.70
N ILE N 415 19.65 -22.82 66.48
CA ILE N 415 20.98 -22.41 66.03
C ILE N 415 20.88 -20.96 65.55
N SER N 416 21.50 -20.04 66.30
CA SER N 416 21.56 -18.65 65.91
C SER N 416 22.66 -18.45 64.88
N THR N 417 22.50 -17.42 64.05
CA THR N 417 23.46 -17.09 63.02
C THR N 417 23.82 -15.62 63.08
N SER N 418 25.01 -15.31 62.58
CA SER N 418 25.42 -13.93 62.39
C SER N 418 26.44 -13.87 61.27
N ARG N 419 26.44 -12.76 60.53
CA ARG N 419 27.34 -12.58 59.40
C ARG N 419 28.63 -11.95 59.89
N MET N 420 29.75 -12.63 59.67
CA MET N 420 31.07 -12.12 60.01
C MET N 420 31.79 -11.75 58.72
N SER N 421 31.97 -10.45 58.49
CA SER N 421 32.62 -10.02 57.27
C SER N 421 34.13 -10.18 57.37
N LEU N 422 34.75 -10.47 56.23
CA LEU N 422 36.19 -10.53 56.13
C LEU N 422 36.74 -9.14 55.81
N ASP N 423 37.86 -8.81 56.41
CA ASP N 423 38.60 -7.61 56.04
C ASP N 423 38.88 -7.66 54.54
N PRO N 424 38.49 -6.63 53.77
CA PRO N 424 38.74 -6.67 52.33
C PRO N 424 40.21 -6.84 51.96
N ALA N 425 41.11 -6.18 52.70
CA ALA N 425 42.53 -6.31 52.41
C ALA N 425 43.10 -7.60 52.97
N ARG N 426 42.88 -7.86 54.26
CA ARG N 426 43.51 -8.95 54.99
C ARG N 426 42.45 -9.91 55.54
N GLY N 427 42.11 -10.94 54.77
CA GLY N 427 41.07 -11.86 55.14
C GLY N 427 41.51 -13.15 55.80
N GLY N 428 42.80 -13.37 55.98
CA GLY N 428 43.26 -14.58 56.62
C GLY N 428 43.21 -14.50 58.14
N VAL N 429 43.13 -15.66 58.78
CA VAL N 429 43.14 -15.70 60.24
C VAL N 429 44.48 -15.24 60.79
N GLU N 430 45.57 -15.45 60.04
CA GLU N 430 46.87 -14.96 60.50
C GLU N 430 46.90 -13.44 60.54
N ASP N 431 46.13 -12.77 59.69
CA ASP N 431 46.04 -11.32 59.75
C ASP N 431 45.33 -10.86 61.01
N LEU N 432 44.36 -11.64 61.51
CA LEU N 432 43.75 -11.31 62.79
C LEU N 432 44.69 -11.60 63.95
N LEU N 433 45.53 -12.64 63.82
CA LEU N 433 46.52 -12.92 64.86
C LEU N 433 47.52 -11.77 64.98
N ASP N 434 48.00 -11.26 63.84
CA ASP N 434 48.84 -10.06 63.85
C ASP N 434 48.13 -8.91 64.56
N HIS N 435 46.87 -8.67 64.19
CA HIS N 435 46.07 -7.62 64.83
C HIS N 435 45.98 -7.84 66.34
N ILE N 436 45.66 -9.07 66.76
CA ILE N 436 45.46 -9.34 68.18
C ILE N 436 46.77 -9.21 68.95
N THR N 437 47.84 -9.83 68.45
CA THR N 437 49.08 -9.87 69.22
C THR N 437 49.84 -8.55 69.17
N SER N 438 49.72 -7.80 68.07
CA SER N 438 50.28 -6.46 68.07
C SER N 438 49.68 -5.62 69.19
N GLY N 439 48.36 -5.71 69.38
CA GLY N 439 47.72 -4.94 70.43
C GLY N 439 48.16 -5.37 71.81
N VAL N 440 48.12 -6.67 72.09
CA VAL N 440 48.45 -7.16 73.43
C VAL N 440 49.89 -6.85 73.77
N ARG N 441 50.79 -6.94 72.79
CA ARG N 441 52.17 -6.54 73.02
C ARG N 441 52.26 -5.06 73.39
N SER N 442 51.54 -4.22 72.65
CA SER N 442 51.48 -2.79 73.00
C SER N 442 50.92 -2.59 74.40
N THR N 443 49.87 -3.36 74.76
CA THR N 443 49.30 -3.24 76.10
C THR N 443 50.35 -3.52 77.16
N CYS N 444 51.24 -4.48 76.90
CA CYS N 444 52.30 -4.79 77.85
C CYS N 444 53.31 -3.63 77.95
N THR N 445 53.68 -3.03 76.81
CA THR N 445 54.62 -1.91 76.85
C THR N 445 54.00 -0.67 77.51
N TYR N 446 52.67 -0.52 77.43
CA TYR N 446 52.04 0.58 78.15
C TYR N 446 51.98 0.31 79.66
N VAL N 447 51.85 -0.96 80.05
CA VAL N 447 51.77 -1.31 81.46
C VAL N 447 53.16 -1.43 82.08
N GLY N 448 54.14 -1.82 81.29
CA GLY N 448 55.45 -2.14 81.79
C GLY N 448 55.71 -3.62 81.96
N ALA N 449 54.86 -4.47 81.40
CA ALA N 449 54.97 -5.90 81.55
C ALA N 449 55.86 -6.49 80.47
N ALA N 450 56.75 -7.39 80.88
CA ALA N 450 57.59 -8.12 79.94
C ALA N 450 56.97 -9.43 79.49
N ASN N 451 55.85 -9.82 80.09
CA ASN N 451 55.19 -11.09 79.79
C ASN N 451 53.78 -11.02 80.37
N LEU N 452 53.02 -12.10 80.17
CA LEU N 452 51.62 -12.16 80.56
C LEU N 452 51.42 -12.15 82.08
N PRO N 453 52.18 -12.91 82.88
CA PRO N 453 52.04 -12.78 84.34
C PRO N 453 52.31 -11.38 84.85
N GLU N 454 53.36 -10.73 84.36
CA GLU N 454 53.63 -9.35 84.76
C GLU N 454 52.47 -8.43 84.40
N LEU N 455 51.75 -8.73 83.31
CA LEU N 455 50.63 -7.90 82.90
C LEU N 455 49.56 -7.84 83.99
N HIS N 456 49.14 -9.01 84.46
CA HIS N 456 48.09 -9.05 85.49
C HIS N 456 48.57 -8.43 86.80
N GLU N 457 49.85 -8.57 87.13
CA GLU N 457 50.36 -8.03 88.39
CA GLU N 457 50.40 -8.04 88.37
C GLU N 457 50.58 -6.52 88.33
N LYS N 458 50.96 -5.97 87.17
CA LYS N 458 51.29 -4.56 87.08
C LYS N 458 50.15 -3.67 86.62
N VAL N 459 49.05 -4.22 86.10
CA VAL N 459 48.08 -3.41 85.37
C VAL N 459 47.27 -2.54 86.33
N VAL N 460 46.96 -1.33 85.88
CA VAL N 460 46.05 -0.42 86.59
C VAL N 460 44.84 -0.19 85.69
N LEU N 461 43.65 -0.37 86.24
CA LEU N 461 42.39 -0.37 85.49
C LEU N 461 41.50 0.76 85.97
N GLY N 462 40.85 1.43 85.03
CA GLY N 462 39.83 2.40 85.36
C GLY N 462 38.46 1.98 84.86
N VAL N 463 37.42 2.60 85.40
CA VAL N 463 36.04 2.45 84.91
C VAL N 463 35.67 3.73 84.19
N GLN N 464 34.93 3.59 83.09
CA GLN N 464 34.49 4.74 82.30
C GLN N 464 32.99 4.61 82.04
N SER N 465 32.38 5.73 81.69
CA SER N 465 30.98 5.74 81.27
C SER N 465 30.89 5.42 79.79
N ALA N 466 29.65 5.44 79.26
CA ALA N 466 29.45 5.14 77.85
C ALA N 466 30.18 6.11 76.95
N ALA N 467 30.23 7.38 77.34
CA ALA N 467 30.93 8.38 76.53
C ALA N 467 32.44 8.16 76.53
N GLY N 468 32.98 7.55 77.60
CA GLY N 468 34.41 7.33 77.67
C GLY N 468 34.92 6.34 76.64
N PHE N 469 34.08 5.32 76.32
CA PHE N 469 34.54 4.29 75.35
C PHE N 469 34.66 4.92 73.96
N ALA N 470 33.82 5.89 73.65
CA ALA N 470 33.75 6.50 72.33
C ALA N 470 34.98 7.33 71.98
N GLU N 471 35.94 7.50 72.90
CA GLU N 471 37.14 8.28 72.61
C GLU N 471 38.03 7.56 71.60
N GLY N 472 38.66 8.34 70.72
CA GLY N 472 39.57 7.78 69.74
C GLY N 472 38.94 7.54 68.38
N HIS N 473 39.48 6.58 67.65
CA HIS N 473 39.07 6.25 66.29
C HIS N 473 38.53 4.82 66.24
N PRO N 474 37.44 4.58 65.50
CA PRO N 474 36.90 3.22 65.35
C PRO N 474 37.52 2.47 64.17
N VAL O 2 40.35 21.71 91.48
CA VAL O 2 39.01 22.03 90.99
C VAL O 2 37.95 21.68 92.04
N ARG O 3 36.83 22.40 92.00
CA ARG O 3 35.70 22.14 92.90
C ARG O 3 34.60 21.41 92.13
N PHE O 4 34.19 20.27 92.65
CA PHE O 4 33.03 19.55 92.15
C PHE O 4 31.86 19.74 93.10
N LEU O 5 30.66 19.80 92.52
CA LEU O 5 29.44 19.92 93.31
C LEU O 5 29.38 18.84 94.38
N ASP O 6 28.76 19.18 95.51
CA ASP O 6 28.67 18.24 96.61
C ASP O 6 27.96 16.96 96.19
N GLY O 7 28.60 15.82 96.48
CA GLY O 7 28.08 14.52 96.14
C GLY O 7 28.52 13.99 94.79
N HIS O 8 29.02 14.86 93.91
CA HIS O 8 29.43 14.45 92.57
C HIS O 8 30.83 13.86 92.66
N THR O 9 30.89 12.57 92.98
CA THR O 9 32.15 11.82 93.08
C THR O 9 31.92 10.47 92.42
N PRO O 10 31.87 10.43 91.09
CA PRO O 10 31.52 9.20 90.40
C PRO O 10 32.56 8.11 90.60
N ALA O 11 32.10 6.87 90.47
CA ALA O 11 32.96 5.69 90.51
C ALA O 11 33.67 5.43 89.17
N TYR O 12 33.86 6.46 88.35
CA TYR O 12 34.51 6.30 87.05
C TYR O 12 35.22 7.59 86.69
N ASP O 13 36.13 7.51 85.72
CA ASP O 13 36.78 8.70 85.22
C ASP O 13 35.89 9.40 84.19
N LEU O 14 36.19 10.67 83.93
CA LEU O 14 35.29 11.58 83.24
C LEU O 14 35.90 12.06 81.93
N THR O 15 35.10 12.05 80.86
CA THR O 15 35.47 12.69 79.61
C THR O 15 34.90 14.10 79.57
N TYR O 16 35.15 14.80 78.46
CA TYR O 16 34.59 16.13 78.27
C TYR O 16 33.06 16.10 78.26
N ASN O 17 32.46 15.03 77.73
CA ASN O 17 31.02 14.91 77.68
C ASN O 17 30.38 14.68 79.04
N ASP O 18 31.14 14.19 80.02
CA ASP O 18 30.62 13.79 81.33
C ASP O 18 30.44 14.95 82.30
N VAL O 19 31.01 16.12 82.02
CA VAL O 19 31.06 17.21 83.00
C VAL O 19 30.40 18.46 82.47
N PHE O 20 29.97 19.31 83.40
CA PHE O 20 29.43 20.63 83.07
C PHE O 20 29.97 21.64 84.07
N VAL O 21 29.94 22.91 83.68
CA VAL O 21 30.39 24.02 84.50
C VAL O 21 29.17 24.72 85.07
N VAL O 22 29.13 24.86 86.38
CA VAL O 22 28.09 25.65 87.04
C VAL O 22 28.48 27.13 87.02
N PRO O 23 27.64 28.02 86.52
CA PRO O 23 28.01 29.43 86.54
C PRO O 23 28.01 29.99 87.96
N GLY O 24 28.93 30.93 88.20
CA GLY O 24 29.04 31.61 89.47
C GLY O 24 28.73 33.09 89.38
N ARG O 25 28.93 33.78 90.50
CA ARG O 25 28.74 35.22 90.55
C ARG O 25 29.86 35.94 89.81
N SER O 26 29.50 36.86 88.93
CA SER O 26 30.46 37.46 88.03
C SER O 26 30.24 38.96 87.92
N ASP O 27 31.35 39.72 87.91
CA ASP O 27 31.32 41.14 87.58
C ASP O 27 32.01 41.43 86.26
N VAL O 28 32.43 40.40 85.52
CA VAL O 28 33.10 40.59 84.23
C VAL O 28 32.06 41.04 83.20
N ALA O 29 32.31 42.20 82.59
CA ALA O 29 31.32 42.85 81.73
C ALA O 29 31.12 42.10 80.41
N SER O 30 32.11 42.17 79.53
CA SER O 30 32.01 41.55 78.22
C SER O 30 33.08 40.48 78.06
N ARG O 31 32.91 39.66 77.00
CA ARG O 31 33.93 38.68 76.65
C ARG O 31 35.28 39.35 76.38
N PHE O 32 35.27 40.60 75.94
CA PHE O 32 36.51 41.28 75.58
C PHE O 32 37.32 41.72 76.80
N ASP O 33 36.72 41.67 78.00
CA ASP O 33 37.46 41.97 79.23
C ASP O 33 38.26 40.78 79.74
N VAL O 34 38.05 39.59 79.19
CA VAL O 34 38.80 38.42 79.61
C VAL O 34 40.17 38.44 78.94
N ASP O 35 41.21 38.12 79.71
CA ASP O 35 42.56 37.98 79.19
C ASP O 35 42.82 36.49 78.96
N LEU O 36 43.08 36.14 77.69
CA LEU O 36 43.28 34.74 77.29
C LEU O 36 44.75 34.35 77.21
N SER O 37 45.66 35.23 77.63
CA SER O 37 47.08 34.94 77.54
C SER O 37 47.46 33.76 78.42
N THR O 38 48.35 32.91 77.91
CA THR O 38 48.82 31.76 78.68
C THR O 38 50.06 32.14 79.50
N VAL O 39 50.26 31.44 80.60
CA VAL O 39 51.33 31.74 81.54
C VAL O 39 52.37 30.63 81.61
N ASP O 40 52.39 29.73 80.62
CA ASP O 40 53.28 28.58 80.65
C ASP O 40 54.60 28.83 79.92
N GLY O 41 54.85 30.06 79.49
CA GLY O 41 56.09 30.36 78.78
C GLY O 41 56.07 30.05 77.30
N SER O 42 54.96 29.52 76.77
CA SER O 42 54.88 29.23 75.33
C SER O 42 54.80 30.50 74.51
N GLY O 43 54.22 31.57 75.06
CA GLY O 43 54.10 32.83 74.37
C GLY O 43 52.77 33.04 73.67
N THR O 44 51.86 32.08 73.75
CA THR O 44 50.57 32.21 73.07
C THR O 44 49.66 33.17 73.82
N THR O 45 48.97 34.03 73.07
CA THR O 45 47.99 34.94 73.64
C THR O 45 46.58 34.36 73.66
N ILE O 46 46.40 33.17 73.08
CA ILE O 46 45.17 32.38 73.24
C ILE O 46 45.55 30.93 73.47
N PRO O 47 44.75 30.22 74.27
CA PRO O 47 45.14 28.86 74.67
C PRO O 47 45.00 27.81 73.56
N VAL O 48 45.59 28.05 72.39
CA VAL O 48 45.42 27.18 71.23
C VAL O 48 46.80 26.82 70.68
N VAL O 49 47.14 25.53 70.73
CA VAL O 49 48.33 25.00 70.08
C VAL O 49 47.88 24.05 68.97
N VAL O 50 48.49 24.16 67.80
CA VAL O 50 48.16 23.28 66.69
C VAL O 50 49.08 22.06 66.74
N ALA O 51 48.49 20.88 66.66
CA ALA O 51 49.21 19.64 66.90
C ALA O 51 50.31 19.41 65.87
N ASN O 52 51.35 18.68 66.29
CA ASN O 52 52.46 18.34 65.40
C ASN O 52 52.03 17.16 64.54
N MET O 53 51.22 17.48 63.53
CA MET O 53 50.67 16.49 62.60
C MET O 53 50.82 17.02 61.20
N THR O 54 51.26 16.15 60.28
CA THR O 54 51.53 16.58 58.91
C THR O 54 50.26 16.95 58.16
N ALA O 55 49.09 16.48 58.61
CA ALA O 55 47.83 16.85 57.97
C ALA O 55 47.40 18.26 58.34
N VAL O 56 47.98 18.85 59.37
CA VAL O 56 47.52 20.11 59.95
C VAL O 56 48.60 21.19 59.89
N ALA O 57 49.82 20.84 60.29
CA ALA O 57 50.83 21.83 60.67
C ALA O 57 51.80 22.09 59.53
N GLY O 58 51.37 22.94 58.58
CA GLY O 58 52.22 23.41 57.51
C GLY O 58 52.53 24.89 57.64
N ARG O 59 53.20 25.42 56.61
CA ARG O 59 53.63 26.82 56.68
C ARG O 59 52.43 27.78 56.71
N ARG O 60 51.40 27.51 55.92
CA ARG O 60 50.23 28.38 55.91
C ARG O 60 49.50 28.33 57.24
N MET O 61 49.40 27.14 57.84
CA MET O 61 48.79 27.05 59.17
C MET O 61 49.64 27.75 60.21
N ALA O 62 50.97 27.62 60.11
CA ALA O 62 51.87 28.19 61.12
C ALA O 62 51.80 29.70 61.13
N GLU O 63 51.75 30.32 59.95
CA GLU O 63 51.63 31.77 59.87
C GLU O 63 50.27 32.24 60.38
N THR O 64 49.20 31.60 59.92
CA THR O 64 47.86 32.10 60.20
C THR O 64 47.51 32.01 61.68
N VAL O 65 47.90 30.91 62.33
CA VAL O 65 47.56 30.73 63.73
C VAL O 65 48.41 31.65 64.62
N ALA O 66 49.70 31.78 64.30
CA ALA O 66 50.60 32.61 65.11
C ALA O 66 50.19 34.08 65.09
N ARG O 67 49.73 34.58 63.94
CA ARG O 67 49.31 35.97 63.87
C ARG O 67 48.14 36.25 64.81
N ARG O 68 47.29 35.26 65.05
CA ARG O 68 46.14 35.39 65.92
C ARG O 68 46.43 34.96 67.36
N GLY O 69 47.69 34.68 67.68
CA GLY O 69 48.10 34.45 69.06
C GLY O 69 48.33 33.00 69.43
N GLY O 70 48.12 32.05 68.53
CA GLY O 70 48.41 30.66 68.79
C GLY O 70 49.84 30.32 68.41
N ILE O 71 50.13 29.02 68.38
CA ILE O 71 51.43 28.55 67.93
C ILE O 71 51.23 27.19 67.27
N VAL O 72 52.09 26.89 66.31
CA VAL O 72 52.01 25.65 65.54
C VAL O 72 53.30 24.86 65.76
N VAL O 73 53.16 23.60 66.13
CA VAL O 73 54.29 22.71 66.34
C VAL O 73 54.56 21.97 65.04
N LEU O 74 55.71 22.22 64.44
CA LEU O 74 56.09 21.49 63.25
C LEU O 74 56.17 19.99 63.56
N PRO O 75 55.71 19.13 62.66
CA PRO O 75 55.75 17.70 62.94
C PRO O 75 57.18 17.17 63.00
N GLN O 76 57.38 16.15 63.82
CA GLN O 76 58.70 15.53 63.93
C GLN O 76 59.09 14.89 62.60
N ASP O 77 60.41 14.79 62.38
CA ASP O 77 61.07 14.18 61.21
C ASP O 77 60.96 15.03 59.96
N LEU O 78 60.34 16.20 60.02
CA LEU O 78 60.46 17.17 58.94
C LEU O 78 61.94 17.48 58.72
N PRO O 79 62.47 17.30 57.51
CA PRO O 79 63.90 17.56 57.27
C PRO O 79 64.27 18.95 57.74
N ILE O 80 65.49 19.07 58.30
CA ILE O 80 65.88 20.32 58.94
C ILE O 80 65.90 21.46 57.93
N THR O 81 66.22 21.18 56.67
CA THR O 81 66.20 22.23 55.65
C THR O 81 64.77 22.72 55.43
N ALA O 82 63.80 21.82 55.46
CA ALA O 82 62.40 22.24 55.40
C ALA O 82 61.99 22.96 56.68
N VAL O 83 62.53 22.56 57.83
CA VAL O 83 62.26 23.27 59.08
C VAL O 83 62.71 24.71 58.98
N SER O 84 63.96 24.93 58.55
CA SER O 84 64.50 26.29 58.47
C SER O 84 63.74 27.13 57.46
N GLU O 85 63.31 26.52 56.34
CA GLU O 85 62.54 27.26 55.35
C GLU O 85 61.18 27.66 55.89
N THR O 86 60.53 26.76 56.62
CA THR O 86 59.25 27.10 57.25
C THR O 86 59.43 28.21 58.29
N VAL O 87 60.45 28.08 59.14
CA VAL O 87 60.71 29.10 60.15
C VAL O 87 60.99 30.45 59.49
N ASP O 88 61.87 30.44 58.47
CA ASP O 88 62.20 31.68 57.78
C ASP O 88 60.95 32.33 57.18
N PHE O 89 60.07 31.52 56.59
CA PHE O 89 58.84 32.06 56.03
C PHE O 89 57.95 32.63 57.13
N VAL O 90 57.72 31.87 58.20
CA VAL O 90 56.82 32.31 59.26
C VAL O 90 57.35 33.57 59.93
N LYS O 91 58.66 33.62 60.18
CA LYS O 91 59.25 34.75 60.90
C LYS O 91 59.48 35.98 60.03
N SER O 92 59.21 35.88 58.73
CA SER O 92 59.25 37.04 57.85
C SER O 92 57.87 37.58 57.51
N ARG O 93 56.82 37.02 58.10
CA ARG O 93 55.46 37.44 57.81
C ARG O 93 55.12 38.72 58.57
N ASP O 94 54.20 39.50 57.99
CA ASP O 94 53.73 40.72 58.63
C ASP O 94 52.73 40.40 59.73
N LEU O 95 52.79 41.18 60.82
CA LEU O 95 51.99 40.93 62.02
C LEU O 95 50.52 41.23 61.83
N VAL O 96 50.14 41.97 60.78
CA VAL O 96 48.76 42.32 60.50
C VAL O 96 48.34 41.88 59.11
N VAL O 97 49.14 42.22 58.10
CA VAL O 97 48.84 41.85 56.72
C VAL O 97 49.11 40.35 56.51
N ASP O 98 48.26 39.70 55.72
CA ASP O 98 48.35 38.27 55.49
C ASP O 98 48.96 37.99 54.11
N THR O 99 49.52 36.80 53.96
CA THR O 99 50.12 36.39 52.69
C THR O 99 49.04 35.85 51.76
N PRO O 100 48.83 36.45 50.60
CA PRO O 100 47.78 35.98 49.69
C PRO O 100 48.27 34.87 48.77
N VAL O 101 47.30 34.23 48.10
CA VAL O 101 47.61 33.38 46.95
C VAL O 101 47.99 34.27 45.78
N THR O 102 49.06 33.92 45.08
CA THR O 102 49.56 34.70 43.96
C THR O 102 49.47 33.89 42.68
N LEU O 103 49.27 34.60 41.57
CA LEU O 103 49.10 33.99 40.26
C LEU O 103 49.90 34.75 39.23
N SER O 104 50.47 34.03 38.27
CA SER O 104 51.06 34.64 37.10
C SER O 104 49.99 34.91 36.04
N PRO O 105 50.19 35.92 35.19
CA PRO O 105 49.21 36.15 34.11
C PRO O 105 49.11 34.99 33.13
N GLU O 106 50.17 34.18 33.00
CA GLU O 106 50.18 33.04 32.08
C GLU O 106 49.66 31.76 32.72
N ASP O 107 49.21 31.82 33.97
CA ASP O 107 48.57 30.66 34.59
C ASP O 107 47.23 30.38 33.92
N SER O 108 46.81 29.12 33.99
CA SER O 108 45.52 28.73 33.47
C SER O 108 44.42 29.00 34.49
N VAL O 109 43.21 29.25 34.00
CA VAL O 109 42.06 29.41 34.88
C VAL O 109 41.87 28.17 35.74
N SER O 110 42.09 26.98 35.17
CA SER O 110 41.96 25.75 35.94
C SER O 110 42.92 25.73 37.12
N ASP O 111 44.19 26.07 36.88
CA ASP O 111 45.14 26.14 37.99
C ASP O 111 44.80 27.26 38.96
N ALA O 112 44.19 28.34 38.47
CA ALA O 112 43.89 29.48 39.34
C ALA O 112 42.91 29.10 40.43
N ASN O 113 41.73 28.62 40.06
CA ASN O 113 40.71 28.34 41.06
C ASN O 113 40.98 27.05 41.83
N ALA O 114 42.04 26.32 41.49
CA ALA O 114 42.52 25.26 42.37
C ALA O 114 43.40 25.81 43.48
N LEU O 115 44.16 26.87 43.20
CA LEU O 115 44.98 27.52 44.21
C LEU O 115 44.19 28.47 45.10
N LEU O 116 43.03 28.93 44.64
CA LEU O 116 42.25 29.92 45.40
C LEU O 116 41.94 29.44 46.80
N HIS O 117 41.74 28.14 46.98
CA HIS O 117 41.31 27.60 48.26
C HIS O 117 42.47 27.28 49.19
N LYS O 118 43.69 27.73 48.86
CA LYS O 118 44.82 27.60 49.78
C LYS O 118 44.78 28.65 50.89
N ARG O 119 44.00 29.71 50.72
CA ARG O 119 43.78 30.73 51.72
C ARG O 119 42.29 30.99 51.84
N ALA O 120 41.91 31.80 52.84
CA ALA O 120 40.53 32.12 53.12
C ALA O 120 40.12 33.49 52.61
N HIS O 121 40.95 34.11 51.77
CA HIS O 121 40.69 35.48 51.34
C HIS O 121 39.61 35.57 50.27
N GLY O 122 39.39 34.49 49.51
CA GLY O 122 38.40 34.51 48.44
C GLY O 122 38.87 35.19 47.17
N ALA O 123 40.12 35.64 47.11
CA ALA O 123 40.67 36.26 45.92
C ALA O 123 42.16 36.01 45.87
N ALA O 124 42.70 35.80 44.68
CA ALA O 124 44.12 35.66 44.48
C ALA O 124 44.64 36.89 43.74
N VAL O 125 45.90 37.22 44.01
CA VAL O 125 46.52 38.44 43.47
C VAL O 125 47.39 38.06 42.28
N VAL O 126 47.15 38.72 41.14
CA VAL O 126 47.99 38.53 39.97
C VAL O 126 49.23 39.41 40.11
N VAL O 127 50.40 38.82 39.84
CA VAL O 127 51.68 39.46 40.09
C VAL O 127 52.57 39.28 38.88
N PHE O 128 53.19 40.39 38.43
CA PHE O 128 54.26 40.34 37.44
C PHE O 128 55.46 41.09 38.01
N GLU O 129 56.53 40.34 38.29
CA GLU O 129 57.76 40.90 38.85
C GLU O 129 57.50 41.61 40.18
N GLY O 130 56.75 40.94 41.05
CA GLY O 130 56.49 41.43 42.39
C GLY O 130 55.38 42.45 42.51
N ARG O 131 54.85 42.96 41.39
CA ARG O 131 53.84 44.01 41.50
C ARG O 131 52.44 43.47 41.24
N PRO O 132 51.47 43.87 42.06
CA PRO O 132 50.08 43.40 41.91
C PRO O 132 49.41 44.10 40.72
N ILE O 133 48.93 43.31 39.76
CA ILE O 133 48.30 43.85 38.57
C ILE O 133 46.81 43.56 38.49
N GLY O 134 46.26 42.78 39.42
CA GLY O 134 44.84 42.49 39.41
C GLY O 134 44.50 41.39 40.37
N LEU O 135 43.19 41.20 40.54
CA LEU O 135 42.64 40.18 41.42
C LEU O 135 41.89 39.13 40.61
N VAL O 136 41.84 37.92 41.15
CA VAL O 136 41.13 36.80 40.56
C VAL O 136 40.26 36.16 41.65
N THR O 137 38.98 36.00 41.37
CA THR O 137 38.04 35.39 42.29
C THR O 137 37.42 34.14 41.67
N GLU O 138 36.75 33.36 42.52
CA GLU O 138 36.05 32.18 42.01
C GLU O 138 34.99 32.56 40.99
N ALA O 139 34.30 33.68 41.21
CA ALA O 139 33.30 34.13 40.25
C ALA O 139 33.93 34.53 38.92
N ASN O 140 35.19 34.96 38.92
CA ASN O 140 35.85 35.32 37.67
C ASN O 140 36.19 34.09 36.84
N CYS O 141 36.36 32.94 37.48
CA CYS O 141 36.71 31.71 36.78
C CYS O 141 35.49 30.97 36.24
N ALA O 142 34.28 31.43 36.54
CA ALA O 142 33.07 30.74 36.14
C ALA O 142 32.70 31.06 34.69
N GLY O 143 32.28 30.03 33.97
CA GLY O 143 31.79 30.18 32.61
C GLY O 143 32.83 30.58 31.57
N VAL O 144 34.12 30.48 31.89
CA VAL O 144 35.18 30.75 30.93
C VAL O 144 35.82 29.42 30.55
N ASP O 145 36.59 29.43 29.46
CA ASP O 145 37.32 28.24 29.07
C ASP O 145 38.30 27.85 30.17
N ARG O 146 38.23 26.56 30.55
CA ARG O 146 39.05 26.03 31.63
C ARG O 146 40.52 26.39 31.47
N PHE O 147 41.01 26.42 30.24
CA PHE O 147 42.43 26.66 29.98
C PHE O 147 42.70 28.06 29.45
N ALA O 148 41.74 28.98 29.59
CA ALA O 148 42.03 30.38 29.30
C ALA O 148 43.10 30.91 30.26
N ARG O 149 43.73 32.02 29.86
CA ARG O 149 44.79 32.62 30.65
C ARG O 149 44.22 33.55 31.71
N VAL O 150 44.86 33.55 32.88
CA VAL O 150 44.40 34.34 34.02
C VAL O 150 44.29 35.81 33.67
N ARG O 151 45.20 36.31 32.82
CA ARG O 151 45.19 37.72 32.44
C ARG O 151 43.89 38.15 31.79
N ASP O 152 43.13 37.22 31.19
CA ASP O 152 41.87 37.60 30.59
C ASP O 152 40.74 37.76 31.60
N ILE O 153 40.76 36.98 32.68
CA ILE O 153 39.68 37.02 33.67
C ILE O 153 40.00 37.89 34.88
N ALA O 154 41.22 38.41 35.00
CA ALA O 154 41.60 39.15 36.18
C ALA O 154 40.97 40.55 36.15
N LEU O 155 40.62 41.03 37.35
CA LEU O 155 40.03 42.35 37.51
C LEU O 155 41.15 43.36 37.79
N SER O 156 41.26 44.38 36.94
CA SER O 156 42.30 45.38 37.08
C SER O 156 42.03 46.39 38.19
N ASP O 157 40.79 46.47 38.70
CA ASP O 157 40.43 47.44 39.72
C ASP O 157 40.35 46.76 41.08
N PHE O 158 41.11 47.29 42.04
CA PHE O 158 41.12 46.73 43.39
C PHE O 158 41.55 47.82 44.37
N VAL O 159 41.06 47.71 45.61
CA VAL O 159 41.45 48.64 46.67
C VAL O 159 42.89 48.34 47.07
N THR O 160 43.72 49.38 47.11
CA THR O 160 45.11 49.25 47.49
C THR O 160 45.46 50.29 48.54
N ALA O 161 46.36 49.93 49.46
CA ALA O 161 46.81 50.81 50.51
C ALA O 161 48.24 50.45 50.87
N PRO O 162 49.06 51.43 51.24
CA PRO O 162 50.44 51.10 51.64
C PRO O 162 50.48 50.34 52.95
N VAL O 163 51.43 49.41 53.06
CA VAL O 163 51.56 48.60 54.26
C VAL O 163 51.85 49.50 55.46
N GLY O 164 51.26 49.17 56.61
CA GLY O 164 51.36 49.99 57.79
C GLY O 164 50.18 50.91 58.02
N THR O 165 49.30 51.05 57.02
CA THR O 165 48.08 51.83 57.20
C THR O 165 47.26 51.25 58.35
N ASP O 166 46.57 52.15 59.06
CA ASP O 166 45.71 51.75 60.17
C ASP O 166 44.70 50.70 59.69
N PRO O 167 44.61 49.55 60.37
CA PRO O 167 43.56 48.57 60.03
C PRO O 167 42.16 49.17 59.98
N ARG O 168 41.86 50.14 60.85
CA ARG O 168 40.57 50.82 60.78
C ARG O 168 40.40 51.55 59.45
N GLU O 169 41.48 52.16 58.94
CA GLU O 169 41.38 52.86 57.66
C GLU O 169 41.21 51.89 56.51
N VAL O 170 41.90 50.75 56.56
CA VAL O 170 41.70 49.74 55.53
C VAL O 170 40.29 49.17 55.60
N PHE O 171 39.77 49.00 56.82
CA PHE O 171 38.41 48.53 57.00
C PHE O 171 37.41 49.48 56.34
N ASP O 172 37.63 50.79 56.46
CA ASP O 172 36.71 51.75 55.88
C ASP O 172 36.86 51.81 54.36
N LEU O 173 38.09 51.74 53.85
CA LEU O 173 38.31 51.77 52.41
C LEU O 173 37.61 50.61 51.70
N LEU O 174 37.48 49.47 52.37
CA LEU O 174 36.85 48.29 51.79
C LEU O 174 35.35 48.24 52.01
N GLU O 175 34.75 49.27 52.62
CA GLU O 175 33.33 49.21 52.95
C GLU O 175 32.47 49.17 51.68
N HIS O 176 32.82 49.98 50.68
CA HIS O 176 32.05 50.08 49.45
C HIS O 176 32.74 49.39 48.27
N ALA O 177 33.73 48.55 48.54
CA ALA O 177 34.42 47.84 47.47
C ALA O 177 33.67 46.58 47.07
N PRO O 178 33.68 46.21 45.79
CA PRO O 178 33.05 44.94 45.39
C PRO O 178 33.76 43.72 45.94
N ILE O 179 35.09 43.77 46.07
CA ILE O 179 35.89 42.66 46.60
C ILE O 179 36.44 43.06 47.97
N ASP O 180 36.22 42.20 48.96
CA ASP O 180 36.61 42.44 50.35
C ASP O 180 38.11 42.29 50.58
N VAL O 181 38.91 42.35 49.51
CA VAL O 181 40.36 42.16 49.61
C VAL O 181 41.05 43.47 49.25
N ALA O 182 41.87 43.96 50.16
CA ALA O 182 42.71 45.14 49.92
C ALA O 182 44.14 44.69 49.69
N VAL O 183 44.76 45.18 48.62
CA VAL O 183 46.11 44.79 48.24
C VAL O 183 47.09 45.75 48.90
N MET O 184 47.81 45.26 49.91
CA MET O 184 48.75 46.09 50.64
C MET O 184 50.09 46.13 49.91
N THR O 185 50.68 47.32 49.85
CA THR O 185 51.86 47.56 49.04
C THR O 185 53.01 48.08 49.89
N ALA O 186 54.22 47.69 49.51
CA ALA O 186 55.43 48.23 50.09
C ALA O 186 55.68 49.62 49.54
N PRO O 187 56.65 50.37 50.11
CA PRO O 187 56.96 51.70 49.54
C PRO O 187 57.27 51.69 48.05
N ASP O 188 57.96 50.66 47.56
CA ASP O 188 58.31 50.59 46.14
C ASP O 188 57.15 50.12 45.27
N GLY O 189 55.99 49.83 45.86
CA GLY O 189 54.81 49.44 45.11
C GLY O 189 54.58 47.95 44.99
N THR O 190 55.54 47.12 45.37
CA THR O 190 55.40 45.67 45.24
C THR O 190 54.44 45.14 46.31
N LEU O 191 54.16 43.84 46.22
CA LEU O 191 53.07 43.23 47.00
C LEU O 191 53.56 42.89 48.40
N ALA O 192 53.02 43.58 49.40
CA ALA O 192 53.30 43.23 50.79
C ALA O 192 52.34 42.18 51.33
N GLY O 193 51.14 42.07 50.76
CA GLY O 193 50.15 41.13 51.21
C GLY O 193 48.76 41.68 51.00
N VAL O 194 47.79 41.09 51.71
CA VAL O 194 46.39 41.49 51.62
C VAL O 194 45.82 41.61 53.02
N LEU O 195 44.77 42.42 53.14
CA LEU O 195 44.04 42.58 54.39
C LEU O 195 42.55 42.72 54.07
N THR O 196 41.74 41.83 54.64
CA THR O 196 40.30 41.89 54.47
C THR O 196 39.67 42.66 55.63
N ARG O 197 38.36 42.90 55.51
CA ARG O 197 37.64 43.58 56.58
C ARG O 197 37.61 42.74 57.85
N THR O 198 37.36 41.43 57.72
CA THR O 198 37.46 40.55 58.88
C THR O 198 38.88 40.49 59.40
N GLY O 199 39.87 40.55 58.51
CA GLY O 199 41.26 40.62 58.95
C GLY O 199 41.54 41.86 59.77
N ALA O 200 41.03 43.02 59.32
CA ALA O 200 41.23 44.25 60.07
C ALA O 200 40.59 44.17 61.45
N ILE O 201 39.40 43.57 61.53
CA ILE O 201 38.76 43.37 62.83
C ILE O 201 39.63 42.48 63.71
N ARG O 202 40.16 41.39 63.16
CA ARG O 202 40.95 40.47 63.96
C ARG O 202 42.21 41.12 64.50
N ALA O 203 42.76 42.11 63.78
CA ALA O 203 43.97 42.78 64.25
C ALA O 203 43.75 43.53 65.55
N GLY O 204 42.51 43.96 65.81
CA GLY O 204 42.14 44.61 67.05
C GLY O 204 41.50 43.69 68.07
N ILE O 205 41.57 42.38 67.87
CA ILE O 205 41.03 41.39 68.79
C ILE O 205 42.12 40.45 69.30
N TYR O 206 42.92 39.90 68.39
CA TYR O 206 43.97 38.96 68.74
C TYR O 206 45.32 39.67 68.78
N THR O 207 46.12 39.32 69.81
CA THR O 207 47.48 39.81 69.89
C THR O 207 48.42 38.77 69.28
N PRO O 208 49.23 39.13 68.29
CA PRO O 208 50.13 38.16 67.68
C PRO O 208 51.07 37.55 68.72
N ALA O 209 51.38 36.28 68.52
CA ALA O 209 52.35 35.56 69.35
C ALA O 209 53.72 35.72 68.71
N VAL O 210 54.59 36.50 69.34
CA VAL O 210 55.87 36.89 68.76
C VAL O 210 57.00 36.57 69.72
N ASP O 211 58.20 36.49 69.16
CA ASP O 211 59.40 36.20 69.93
C ASP O 211 59.97 37.50 70.50
N ALA O 212 61.20 37.45 71.00
CA ALA O 212 61.85 38.62 71.55
C ALA O 212 62.16 39.66 70.46
N LYS O 213 62.33 39.22 69.23
CA LYS O 213 62.61 40.11 68.10
C LYS O 213 61.35 40.58 67.39
N GLY O 214 60.16 40.24 67.90
CA GLY O 214 58.92 40.68 67.28
C GLY O 214 58.48 39.89 66.07
N ARG O 215 58.95 38.67 65.92
CA ARG O 215 58.58 37.84 64.78
C ARG O 215 57.68 36.72 65.27
N LEU O 216 56.77 36.29 64.39
CA LEU O 216 55.78 35.28 64.73
C LEU O 216 56.45 34.03 65.29
N ARG O 217 55.87 33.50 66.37
CA ARG O 217 56.40 32.32 67.04
C ARG O 217 56.07 31.05 66.28
N ILE O 218 56.92 30.04 66.47
CA ILE O 218 56.72 28.72 65.87
C ILE O 218 57.46 27.71 66.73
N ALA O 219 56.92 26.50 66.79
CA ALA O 219 57.48 25.42 67.59
C ALA O 219 57.78 24.22 66.71
N ALA O 220 58.58 23.29 67.23
CA ALA O 220 58.97 22.11 66.49
C ALA O 220 58.97 20.90 67.41
N ALA O 221 58.69 19.74 66.83
CA ALA O 221 58.61 18.50 67.58
C ALA O 221 59.74 17.56 67.19
N VAL O 222 60.10 16.69 68.12
CA VAL O 222 61.15 15.70 67.92
C VAL O 222 60.69 14.39 68.53
N GLY O 223 61.00 13.28 67.86
CA GLY O 223 60.78 11.97 68.44
C GLY O 223 61.96 11.53 69.28
N ILE O 224 61.72 10.54 70.14
CA ILE O 224 62.73 10.14 71.11
C ILE O 224 63.65 9.07 70.55
N ASN O 225 63.57 8.82 69.24
CA ASN O 225 64.47 7.90 68.59
C ASN O 225 65.68 8.64 68.02
N GLY O 226 66.75 7.90 67.77
CA GLY O 226 67.94 8.53 67.23
C GLY O 226 68.62 9.42 68.25
N ASP O 227 69.34 10.43 67.74
CA ASP O 227 70.09 11.38 68.56
C ASP O 227 69.19 12.56 68.90
N VAL O 228 68.50 12.47 70.04
CA VAL O 228 67.48 13.45 70.38
C VAL O 228 68.11 14.81 70.67
N GLY O 229 69.26 14.81 71.34
CA GLY O 229 69.90 16.08 71.66
C GLY O 229 70.34 16.84 70.43
N ALA O 230 70.99 16.16 69.49
CA ALA O 230 71.42 16.81 68.25
C ALA O 230 70.21 17.32 67.48
N LYS O 231 69.17 16.50 67.36
CA LYS O 231 67.95 16.94 66.68
C LYS O 231 67.37 18.18 67.34
N ALA O 232 67.26 18.17 68.68
CA ALA O 232 66.73 19.33 69.38
C ALA O 232 67.62 20.55 69.21
N GLN O 233 68.94 20.34 69.21
CA GLN O 233 69.85 21.47 68.99
C GLN O 233 69.65 22.06 67.60
N ALA O 234 69.57 21.20 66.57
CA ALA O 234 69.38 21.68 65.21
C ALA O 234 68.06 22.44 65.07
N LEU O 235 67.01 21.99 65.76
CA LEU O 235 65.75 22.72 65.75
C LEU O 235 65.88 24.06 66.48
N ALA O 236 66.69 24.12 67.52
CA ALA O 236 66.92 25.38 68.21
C ALA O 236 67.68 26.36 67.32
N GLU O 237 68.75 25.89 66.67
CA GLU O 237 69.52 26.77 65.79
C GLU O 237 68.68 27.26 64.61
N ALA O 238 67.67 26.48 64.21
CA ALA O 238 66.83 26.87 63.09
C ALA O 238 65.83 27.95 63.44
N GLY O 239 65.63 28.25 64.73
CA GLY O 239 64.78 29.34 65.15
C GLY O 239 63.54 28.95 65.91
N ALA O 240 63.35 27.67 66.24
CA ALA O 240 62.19 27.25 67.02
C ALA O 240 62.10 28.00 68.33
N ASP O 241 60.90 28.50 68.65
CA ASP O 241 60.66 29.16 69.92
C ASP O 241 60.28 28.18 71.02
N LEU O 242 59.90 26.96 70.67
CA LEU O 242 59.51 25.98 71.67
C LEU O 242 59.75 24.59 71.09
N LEU O 243 60.13 23.65 71.96
CA LEU O 243 60.43 22.28 71.56
C LEU O 243 59.45 21.31 72.20
N VAL O 244 59.04 20.30 71.45
CA VAL O 244 58.11 19.28 71.92
C VAL O 244 58.75 17.92 71.72
N ILE O 245 59.02 17.22 72.82
CA ILE O 245 59.49 15.84 72.77
C ILE O 245 58.26 14.95 72.85
N ASP O 246 57.99 14.22 71.77
CA ASP O 246 56.70 13.56 71.60
C ASP O 246 56.87 12.07 71.34
N THR O 247 56.06 11.26 72.03
CA THR O 247 55.97 9.84 71.75
C THR O 247 54.62 9.37 72.28
N ALA O 248 54.18 8.21 71.77
CA ALA O 248 52.87 7.69 72.14
C ALA O 248 52.78 7.43 73.64
N HIS O 249 53.80 6.78 74.21
CA HIS O 249 53.83 6.45 75.63
C HIS O 249 54.94 7.26 76.29
N GLY O 250 54.56 8.39 76.90
CA GLY O 250 55.57 9.25 77.47
C GLY O 250 56.18 8.76 78.76
N HIS O 251 55.60 7.73 79.37
CA HIS O 251 56.12 7.18 80.63
C HIS O 251 57.15 6.08 80.41
N GLN O 252 57.89 6.11 79.30
CA GLN O 252 58.95 5.15 79.02
C GLN O 252 60.28 5.64 79.59
N ALA O 253 61.20 4.69 79.77
CA ALA O 253 62.55 5.04 80.19
C ALA O 253 63.27 5.85 79.11
N LYS O 254 63.04 5.51 77.84
CA LYS O 254 63.70 6.21 76.75
C LYS O 254 63.21 7.64 76.59
N MET O 255 62.02 7.96 77.09
CA MET O 255 61.57 9.36 77.07
C MET O 255 62.23 10.17 78.19
N LEU O 256 62.40 9.57 79.37
CA LEU O 256 63.14 10.24 80.43
C LEU O 256 64.57 10.53 79.99
N ASP O 257 65.21 9.58 79.31
CA ASP O 257 66.55 9.81 78.77
C ASP O 257 66.55 10.93 77.74
N ALA O 258 65.53 10.98 76.89
CA ALA O 258 65.48 12.00 75.85
C ALA O 258 65.34 13.39 76.44
N ILE O 259 64.53 13.53 77.49
CA ILE O 259 64.34 14.84 78.12
C ILE O 259 65.64 15.32 78.75
N LYS O 260 66.35 14.45 79.47
CA LYS O 260 67.59 14.84 80.13
C LYS O 260 68.64 15.27 79.12
N ALA O 261 68.73 14.57 77.99
CA ALA O 261 69.70 14.92 76.97
C ALA O 261 69.41 16.31 76.38
N VAL O 262 68.13 16.63 76.17
CA VAL O 262 67.77 17.93 75.62
C VAL O 262 67.95 19.02 76.66
N ALA O 263 67.46 18.78 77.88
CA ALA O 263 67.53 19.78 78.93
C ALA O 263 68.99 20.16 79.25
N SER O 264 69.88 19.17 79.30
CA SER O 264 71.28 19.45 79.61
C SER O 264 71.96 20.28 78.53
N LEU O 265 71.40 20.32 77.32
CA LEU O 265 71.98 21.18 76.29
C LEU O 265 71.78 22.66 76.58
N ASP O 266 70.86 22.99 77.49
CA ASP O 266 70.61 24.38 77.89
C ASP O 266 70.28 25.26 76.69
N LEU O 267 69.28 24.82 75.92
CA LEU O 267 68.88 25.55 74.72
C LEU O 267 68.07 26.80 75.03
N GLY O 268 67.69 27.01 76.29
CA GLY O 268 66.95 28.21 76.66
C GLY O 268 65.52 28.25 76.17
N LEU O 269 64.94 27.12 75.78
CA LEU O 269 63.60 27.08 75.23
C LEU O 269 62.68 26.22 76.10
N PRO O 270 61.40 26.59 76.20
CA PRO O 270 60.46 25.73 76.93
C PRO O 270 60.45 24.33 76.36
N LEU O 271 60.47 23.33 77.24
CA LEU O 271 60.51 21.93 76.85
C LEU O 271 59.17 21.29 77.19
N VAL O 272 58.40 20.96 76.15
CA VAL O 272 57.19 20.16 76.29
C VAL O 272 57.57 18.70 76.08
N ALA O 273 56.94 17.81 76.85
CA ALA O 273 57.12 16.37 76.68
C ALA O 273 55.82 15.66 77.02
N GLY O 274 55.48 14.65 76.22
CA GLY O 274 54.31 13.83 76.44
C GLY O 274 54.41 12.56 75.62
N ASN O 275 53.40 11.70 75.76
CA ASN O 275 52.19 12.01 76.53
C ASN O 275 51.99 11.04 77.69
N VAL O 276 51.44 11.56 78.79
CA VAL O 276 51.07 10.74 79.95
C VAL O 276 49.66 11.13 80.37
N VAL O 277 49.08 10.29 81.24
CA VAL O 277 47.73 10.53 81.73
C VAL O 277 47.64 10.32 83.23
N SER O 278 48.80 10.13 83.89
CA SER O 278 48.85 9.88 85.33
C SER O 278 49.69 10.93 86.03
N ALA O 279 49.45 11.07 87.34
CA ALA O 279 50.22 12.01 88.15
C ALA O 279 51.67 11.56 88.29
N GLU O 280 51.90 10.26 88.42
CA GLU O 280 53.26 9.74 88.45
C GLU O 280 54.01 10.06 87.16
N GLY O 281 53.32 9.97 86.02
CA GLY O 281 53.99 10.28 84.75
C GLY O 281 54.31 11.76 84.61
N THR O 282 53.41 12.61 85.10
CA THR O 282 53.66 14.05 85.07
C THR O 282 54.85 14.43 85.94
N ARG O 283 54.97 13.84 87.13
CA ARG O 283 56.09 14.15 88.00
C ARG O 283 57.41 13.69 87.40
N ASP O 284 57.45 12.43 86.93
CA ASP O 284 58.70 11.89 86.38
C ASP O 284 59.20 12.72 85.19
N LEU O 285 58.30 13.20 84.34
CA LEU O 285 58.73 14.00 83.18
C LEU O 285 59.25 15.36 83.63
N ILE O 286 58.62 15.97 84.63
CA ILE O 286 59.09 17.25 85.13
C ILE O 286 60.46 17.11 85.77
N GLU O 287 60.66 16.07 86.59
CA GLU O 287 61.97 15.87 87.21
C GLU O 287 63.06 15.60 86.18
N ALA O 288 62.71 15.00 85.04
CA ALA O 288 63.68 14.79 83.98
C ALA O 288 64.07 16.06 83.26
N GLY O 289 63.40 17.18 83.54
CA GLY O 289 63.72 18.46 82.93
C GLY O 289 62.68 19.05 82.00
N ALA O 290 61.50 18.45 81.90
CA ALA O 290 60.44 19.00 81.09
C ALA O 290 59.74 20.13 81.85
N SER O 291 59.53 21.24 81.16
CA SER O 291 58.82 22.38 81.75
C SER O 291 57.31 22.23 81.61
N ILE O 292 56.85 21.49 80.60
CA ILE O 292 55.44 21.33 80.29
C ILE O 292 55.19 19.86 79.98
N VAL O 293 54.14 19.29 80.57
CA VAL O 293 53.77 17.90 80.33
C VAL O 293 52.55 17.89 79.42
N LYS O 294 52.67 17.20 78.27
CA LYS O 294 51.56 17.07 77.33
C LYS O 294 50.74 15.83 77.69
N VAL O 295 49.42 16.01 77.81
CA VAL O 295 48.55 15.00 78.41
C VAL O 295 47.55 14.49 77.37
N GLY O 296 47.45 13.16 77.27
CA GLY O 296 46.50 12.53 76.36
C GLY O 296 46.99 11.22 75.78
N VAL O 297 46.40 10.11 76.22
CA VAL O 297 46.69 8.78 75.68
C VAL O 297 45.34 8.14 75.36
N GLY O 298 44.97 8.12 74.08
CA GLY O 298 43.70 7.54 73.69
C GLY O 298 42.70 8.43 72.97
N PRO O 299 42.46 9.67 73.46
CA PRO O 299 41.33 10.45 72.93
C PRO O 299 41.56 11.03 71.54
N GLY O 300 42.79 11.03 71.01
CA GLY O 300 43.05 11.57 69.69
C GLY O 300 42.17 11.01 68.59
N ALA O 301 41.66 11.88 67.72
CA ALA O 301 40.70 11.44 66.71
C ALA O 301 41.29 10.41 65.76
N MET O 302 42.60 10.46 65.53
CA MET O 302 43.28 9.45 64.74
C MET O 302 43.88 8.34 65.59
N CYS O 303 43.69 8.37 66.90
CA CYS O 303 44.27 7.40 67.82
C CYS O 303 43.38 6.16 67.92
N THR O 304 43.93 4.99 67.59
CA THR O 304 43.22 3.73 67.70
C THR O 304 43.69 2.90 68.89
N THR O 305 44.38 3.53 69.85
CA THR O 305 44.99 2.78 70.95
C THR O 305 43.93 2.02 71.77
N ARG O 306 42.77 2.65 71.99
CA ARG O 306 41.74 2.02 72.84
C ARG O 306 41.29 0.69 72.25
N MET O 307 40.95 0.66 70.96
CA MET O 307 40.43 -0.56 70.37
C MET O 307 41.52 -1.61 70.18
N MET O 308 42.76 -1.20 69.94
CA MET O 308 43.85 -2.16 69.77
C MET O 308 44.32 -2.72 71.10
N THR O 309 44.57 -1.85 72.08
CA THR O 309 45.27 -2.23 73.30
C THR O 309 44.42 -2.15 74.56
N GLY O 310 43.26 -1.51 74.51
CA GLY O 310 42.52 -1.22 75.72
C GLY O 310 43.13 -0.16 76.62
N VAL O 311 44.26 0.43 76.22
CA VAL O 311 44.95 1.43 77.02
C VAL O 311 44.41 2.81 76.67
N GLY O 312 44.23 3.63 77.70
CA GLY O 312 43.75 4.99 77.51
C GLY O 312 43.30 5.56 78.84
N ARG O 313 42.64 6.71 78.75
CA ARG O 313 42.05 7.33 79.93
C ARG O 313 41.19 8.51 79.52
N PRO O 314 39.98 8.63 80.06
CA PRO O 314 39.15 9.81 79.78
C PRO O 314 39.92 11.09 80.02
N GLN O 315 39.84 12.00 79.04
CA GLN O 315 40.78 13.11 78.97
C GLN O 315 40.56 14.14 80.08
N PHE O 316 39.31 14.37 80.48
CA PHE O 316 39.07 15.37 81.52
C PHE O 316 39.70 14.95 82.84
N SER O 317 39.42 13.72 83.30
CA SER O 317 40.07 13.23 84.50
C SER O 317 41.58 13.13 84.31
N ALA O 318 42.04 12.84 83.09
CA ALA O 318 43.47 12.83 82.81
C ALA O 318 44.08 14.21 83.01
N VAL O 319 43.45 15.24 82.45
CA VAL O 319 43.98 16.59 82.58
C VAL O 319 43.87 17.09 84.02
N VAL O 320 42.76 16.78 84.70
CA VAL O 320 42.57 17.21 86.09
C VAL O 320 43.71 16.70 86.96
N GLU O 321 43.90 15.37 86.98
CA GLU O 321 44.92 14.79 87.84
C GLU O 321 46.32 15.27 87.46
N CYS O 322 46.60 15.38 86.16
CA CYS O 322 47.95 15.73 85.74
C CYS O 322 48.24 17.21 85.98
N ALA O 323 47.26 18.09 85.73
CA ALA O 323 47.46 19.51 85.98
C ALA O 323 47.75 19.80 87.44
N ALA O 324 47.10 19.06 88.35
CA ALA O 324 47.34 19.27 89.77
C ALA O 324 48.73 18.81 90.18
N ALA O 325 49.18 17.68 89.64
CA ALA O 325 50.54 17.21 89.93
C ALA O 325 51.58 18.17 89.38
N ALA O 326 51.37 18.68 88.17
CA ALA O 326 52.34 19.61 87.60
C ALA O 326 52.38 20.93 88.37
N ARG O 327 51.24 21.38 88.90
CA ARG O 327 51.20 22.68 89.56
C ARG O 327 52.00 22.68 90.86
N GLN O 328 51.96 21.57 91.60
CA GLN O 328 52.77 21.49 92.82
C GLN O 328 54.26 21.55 92.53
N LEU O 329 54.69 21.19 91.31
CA LEU O 329 56.09 21.24 90.92
C LEU O 329 56.43 22.50 90.14
N GLY O 330 55.52 23.47 90.05
CA GLY O 330 55.77 24.68 89.29
C GLY O 330 55.69 24.53 87.79
N GLY O 331 55.14 23.41 87.29
CA GLY O 331 55.06 23.16 85.86
C GLY O 331 53.66 23.34 85.31
N HIS O 332 53.48 22.91 84.05
CA HIS O 332 52.26 23.15 83.31
C HIS O 332 51.87 21.91 82.53
N VAL O 333 50.61 21.88 82.10
CA VAL O 333 50.02 20.75 81.40
C VAL O 333 49.37 21.24 80.11
N TRP O 334 49.60 20.53 79.01
CA TRP O 334 48.91 20.74 77.75
C TRP O 334 47.88 19.64 77.53
N ALA O 335 46.64 20.04 77.22
CA ALA O 335 45.56 19.09 76.96
C ALA O 335 45.55 18.76 75.47
N ASP O 336 45.90 17.52 75.14
CA ASP O 336 46.19 17.10 73.78
C ASP O 336 45.25 15.98 73.37
N GLY O 337 44.42 16.26 72.38
CA GLY O 337 43.61 15.23 71.76
C GLY O 337 42.18 15.26 72.20
N GLY O 338 41.30 14.94 71.25
CA GLY O 338 39.87 14.82 71.53
C GLY O 338 39.06 16.08 71.45
N VAL O 339 39.63 17.17 70.94
CA VAL O 339 38.95 18.46 70.91
C VAL O 339 38.15 18.56 69.62
N ARG O 340 36.82 18.56 69.74
CA ARG O 340 35.94 18.79 68.61
C ARG O 340 35.06 20.03 68.75
N HIS O 341 35.02 20.66 69.92
CA HIS O 341 34.07 21.72 70.20
C HIS O 341 34.71 22.73 71.13
N PRO O 342 34.30 24.00 71.06
CA PRO O 342 34.88 25.00 71.98
C PRO O 342 34.76 24.61 73.45
N ARG O 343 33.67 23.93 73.84
CA ARG O 343 33.55 23.50 75.23
C ARG O 343 34.68 22.55 75.63
N ASP O 344 35.22 21.78 74.67
CA ASP O 344 36.35 20.91 75.01
C ASP O 344 37.57 21.75 75.38
N VAL O 345 37.78 22.87 74.69
CA VAL O 345 38.85 23.78 75.06
C VAL O 345 38.59 24.40 76.42
N ALA O 346 37.38 24.92 76.64
CA ALA O 346 37.08 25.57 77.90
C ALA O 346 37.16 24.61 79.07
N LEU O 347 36.64 23.39 78.90
CA LEU O 347 36.67 22.40 79.98
C LEU O 347 38.09 21.98 80.29
N ALA O 348 38.94 21.87 79.27
CA ALA O 348 40.35 21.52 79.50
C ALA O 348 41.05 22.60 80.31
N LEU O 349 40.76 23.86 80.01
CA LEU O 349 41.33 24.96 80.80
C LEU O 349 40.80 24.95 82.22
N ALA O 350 39.49 24.71 82.39
CA ALA O 350 38.93 24.61 83.73
C ALA O 350 39.56 23.48 84.52
N ALA O 351 39.93 22.39 83.85
CA ALA O 351 40.64 21.30 84.51
C ALA O 351 42.04 21.68 84.93
N GLY O 352 42.54 22.84 84.52
CA GLY O 352 43.85 23.30 84.93
C GLY O 352 44.92 23.28 83.86
N ALA O 353 44.56 22.95 82.63
CA ALA O 353 45.54 22.95 81.55
C ALA O 353 45.92 24.38 81.18
N SER O 354 47.21 24.58 80.88
CA SER O 354 47.67 25.88 80.46
C SER O 354 47.47 26.13 78.97
N ASN O 355 47.40 25.06 78.17
CA ASN O 355 47.22 25.18 76.73
C ASN O 355 46.50 23.93 76.24
N VAL O 356 45.78 24.09 75.13
CA VAL O 356 45.00 23.02 74.54
C VAL O 356 45.53 22.76 73.13
N MET O 357 45.88 21.51 72.85
CA MET O 357 46.42 21.13 71.55
C MET O 357 45.31 20.56 70.69
N ILE O 358 45.17 21.09 69.47
CA ILE O 358 44.10 20.73 68.55
C ILE O 358 44.71 20.17 67.28
N GLY O 359 44.26 18.99 66.87
CA GLY O 359 44.74 18.33 65.68
C GLY O 359 43.76 18.25 64.53
N SER O 360 43.02 17.13 64.44
CA SER O 360 42.20 16.84 63.27
C SER O 360 41.17 17.93 62.98
N TRP O 361 40.63 18.57 64.02
CA TRP O 361 39.65 19.63 63.81
C TRP O 361 40.16 20.69 62.85
N PHE O 362 41.44 21.07 62.97
CA PHE O 362 41.98 22.10 62.11
C PHE O 362 42.41 21.56 60.74
N ALA O 363 42.30 20.25 60.50
CA ALA O 363 42.53 19.75 59.15
C ALA O 363 41.41 20.15 58.20
N GLY O 364 40.22 20.39 58.73
CA GLY O 364 39.09 20.80 57.91
C GLY O 364 39.05 22.30 57.67
N THR O 365 40.19 22.87 57.28
CA THR O 365 40.28 24.30 57.00
C THR O 365 40.99 24.53 55.68
N TYR O 366 40.82 25.74 55.14
CA TYR O 366 41.54 26.12 53.93
C TYR O 366 43.06 26.01 54.12
N GLU O 367 43.56 26.42 55.29
CA GLU O 367 44.99 26.63 55.49
C GLU O 367 45.77 25.36 55.79
N SER O 368 45.10 24.24 56.03
CA SER O 368 45.80 22.99 56.27
C SER O 368 46.45 22.52 54.96
N PRO O 369 47.57 21.79 55.05
CA PRO O 369 48.35 21.50 53.84
C PRO O 369 47.69 20.53 52.86
N GLY O 370 46.63 19.83 53.25
CA GLY O 370 46.01 18.87 52.35
C GLY O 370 45.21 19.51 51.24
N ASP O 371 44.80 18.67 50.29
CA ASP O 371 44.02 19.15 49.15
C ASP O 371 42.55 19.22 49.51
N LEU O 372 41.89 20.29 49.05
CA LEU O 372 40.46 20.47 49.31
C LEU O 372 39.65 19.51 48.44
N LEU O 373 38.85 18.67 49.08
CA LEU O 373 38.05 17.66 48.41
C LEU O 373 36.58 17.87 48.73
N PHE O 374 35.74 17.29 47.89
CA PHE O 374 34.28 17.37 48.02
C PHE O 374 33.70 15.97 47.98
N ASP O 375 32.71 15.71 48.83
CA ASP O 375 32.09 14.40 48.89
C ASP O 375 30.89 14.36 47.94
N ARG O 376 30.06 13.34 48.07
CA ARG O 376 28.92 13.15 47.17
C ARG O 376 28.02 14.39 47.14
N ASP O 377 27.81 15.02 48.29
CA ASP O 377 26.86 16.12 48.43
C ASP O 377 27.49 17.48 48.17
N ASP O 378 28.66 17.52 47.51
CA ASP O 378 29.43 18.73 47.18
C ASP O 378 30.15 19.24 48.42
N ARG O 379 29.70 18.84 49.62
CA ARG O 379 30.23 19.43 50.85
C ARG O 379 31.75 19.32 50.88
N PRO O 380 32.47 20.42 51.15
CA PRO O 380 33.92 20.37 51.17
C PRO O 380 34.42 19.65 52.41
N TYR O 381 35.58 19.02 52.27
CA TYR O 381 36.20 18.31 53.39
C TYR O 381 37.68 18.13 53.08
N LYS O 382 38.40 17.66 54.09
CA LYS O 382 39.80 17.31 53.98
C LYS O 382 40.07 16.11 54.86
N GLU O 383 40.99 15.27 54.43
CA GLU O 383 41.30 14.03 55.12
C GLU O 383 42.42 14.30 56.12
N SER O 384 42.10 14.21 57.41
CA SER O 384 43.11 14.16 58.45
C SER O 384 43.61 12.74 58.60
N TYR O 385 44.86 12.60 59.03
CA TYR O 385 45.44 11.28 59.22
C TYR O 385 46.48 11.34 60.32
N GLY O 386 46.72 10.20 60.96
CA GLY O 386 47.60 10.14 62.10
C GLY O 386 49.07 10.12 61.74
N MET O 387 49.90 10.36 62.76
CA MET O 387 51.35 10.31 62.58
C MET O 387 51.89 8.88 62.68
N ALA O 388 51.12 7.95 63.22
CA ALA O 388 51.41 6.51 63.20
C ALA O 388 52.80 6.28 63.81
N SER O 389 53.70 5.59 63.11
CA SER O 389 55.00 5.20 63.69
C SER O 389 55.86 6.40 64.07
N LYS O 390 55.57 7.58 63.53
CA LYS O 390 56.34 8.77 63.90
C LYS O 390 56.18 9.14 65.36
N ARG O 391 55.18 8.60 66.05
CA ARG O 391 55.01 8.77 67.49
C ARG O 391 55.42 7.53 68.28
N ALA O 392 55.95 6.51 67.61
CA ALA O 392 56.29 5.24 68.24
C ALA O 392 57.80 5.10 68.39
N VAL O 393 58.21 4.30 69.37
CA VAL O 393 59.62 4.05 69.63
C VAL O 393 60.10 2.95 68.69
N ALA O 394 61.18 3.23 67.96
CA ALA O 394 61.78 2.28 67.03
C ALA O 394 63.13 1.83 67.54
N ALA O 395 63.50 0.59 67.21
CA ALA O 395 64.85 0.12 67.45
C ALA O 395 65.80 0.67 66.39
N ARG O 396 67.07 0.79 66.76
CA ARG O 396 68.08 1.35 65.86
C ARG O 396 68.17 0.52 64.58
N THR O 397 68.01 1.19 63.44
CA THR O 397 68.07 0.53 62.13
C THR O 397 69.47 0.72 61.57
N ALA O 398 70.34 -0.24 61.83
CA ALA O 398 71.70 -0.24 61.33
C ALA O 398 72.08 -1.67 60.95
N GLY O 399 72.48 -1.86 59.70
CA GLY O 399 72.72 -3.21 59.20
C GLY O 399 71.50 -4.12 59.28
N ASP O 400 70.32 -3.57 59.04
CA ASP O 400 69.07 -4.34 59.05
C ASP O 400 68.67 -4.62 57.61
N SER O 401 68.63 -5.90 57.25
CA SER O 401 68.21 -6.28 55.91
C SER O 401 66.74 -5.91 55.67
N SER O 402 66.34 -5.92 54.40
CA SER O 402 64.95 -5.67 54.06
C SER O 402 64.01 -6.68 54.73
N PHE O 403 64.52 -7.85 55.10
CA PHE O 403 63.71 -8.81 55.86
C PHE O 403 63.34 -8.24 57.22
N ASP O 404 64.32 -7.70 57.95
CA ASP O 404 64.03 -7.06 59.22
C ASP O 404 63.30 -5.73 59.06
N ARG O 405 63.40 -5.11 57.88
CA ARG O 405 62.66 -3.88 57.62
C ARG O 405 61.16 -4.14 57.60
N ALA O 406 60.73 -5.21 56.92
CA ALA O 406 59.32 -5.53 56.84
C ALA O 406 58.82 -6.31 58.04
N ARG O 407 59.71 -7.02 58.74
CA ARG O 407 59.31 -7.68 59.99
C ARG O 407 58.87 -6.65 61.02
N LYS O 408 59.52 -5.50 61.05
CA LYS O 408 59.11 -4.43 61.95
C LYS O 408 57.96 -3.61 61.39
N GLY O 409 57.58 -3.82 60.14
CA GLY O 409 56.42 -3.17 59.57
C GLY O 409 55.15 -3.97 59.68
N LEU O 410 55.27 -5.27 59.99
CA LEU O 410 54.10 -6.13 60.10
C LEU O 410 53.20 -5.68 61.25
N PHE O 411 53.82 -5.39 62.41
CA PHE O 411 53.09 -4.91 63.58
C PHE O 411 52.99 -3.39 63.61
N GLU O 412 53.48 -2.71 62.58
CA GLU O 412 53.52 -1.26 62.57
C GLU O 412 52.10 -0.69 62.54
N GLU O 413 51.87 0.33 63.36
CA GLU O 413 50.58 1.01 63.38
C GLU O 413 50.33 1.67 62.03
N GLY O 414 49.18 1.36 61.43
CA GLY O 414 48.82 1.96 60.16
C GLY O 414 48.38 3.41 60.33
N ILE O 415 48.24 4.07 59.19
CA ILE O 415 47.79 5.45 59.15
C ILE O 415 46.28 5.45 58.94
N SER O 416 45.54 5.78 59.98
CA SER O 416 44.09 5.88 59.88
C SER O 416 43.69 7.19 59.23
N THR O 417 42.49 7.21 58.64
CA THR O 417 41.99 8.37 57.90
C THR O 417 40.63 8.78 58.46
N SER O 418 40.41 10.09 58.52
CA SER O 418 39.11 10.64 58.88
C SER O 418 38.80 11.85 58.02
N ARG O 419 37.52 12.03 57.69
CA ARG O 419 37.08 13.12 56.85
C ARG O 419 36.65 14.29 57.72
N MET O 420 37.29 15.44 57.54
CA MET O 420 36.98 16.66 58.30
C MET O 420 36.35 17.65 57.33
N SER O 421 35.05 17.86 57.46
CA SER O 421 34.33 18.72 56.53
C SER O 421 34.48 20.18 56.92
N LEU O 422 34.71 21.03 55.91
CA LEU O 422 34.76 22.46 56.14
C LEU O 422 33.36 23.01 56.40
N ASP O 423 33.28 23.97 57.30
CA ASP O 423 32.04 24.71 57.48
C ASP O 423 31.73 25.44 56.18
N PRO O 424 30.60 25.18 55.53
CA PRO O 424 30.38 25.71 54.17
C PRO O 424 30.54 27.21 54.04
N ALA O 425 30.09 27.99 55.02
CA ALA O 425 30.21 29.44 54.91
C ALA O 425 31.58 29.93 55.39
N ARG O 426 32.08 29.38 56.48
CA ARG O 426 33.33 29.83 57.11
C ARG O 426 34.33 28.68 57.13
N GLY O 427 35.25 28.66 56.17
CA GLY O 427 36.17 27.53 56.05
C GLY O 427 37.56 27.79 56.57
N GLY O 428 37.86 29.03 56.95
CA GLY O 428 39.19 29.35 57.41
C GLY O 428 39.43 28.94 58.86
N VAL O 429 40.70 28.69 59.18
CA VAL O 429 41.05 28.30 60.55
C VAL O 429 40.78 29.44 61.52
N GLU O 430 40.89 30.70 61.06
CA GLU O 430 40.60 31.83 61.93
C GLU O 430 39.14 31.90 62.31
N ASP O 431 38.25 31.36 61.48
CA ASP O 431 36.85 31.26 61.86
C ASP O 431 36.67 30.27 63.00
N LEU O 432 37.41 29.17 62.97
CA LEU O 432 37.39 28.24 64.10
C LEU O 432 38.00 28.88 65.34
N LEU O 433 39.04 29.70 65.18
CA LEU O 433 39.63 30.39 66.32
C LEU O 433 38.63 31.37 66.94
N ASP O 434 37.90 32.10 66.10
CA ASP O 434 36.81 32.95 66.61
C ASP O 434 35.80 32.12 67.39
N HIS O 435 35.38 30.99 66.82
CA HIS O 435 34.40 30.13 67.47
C HIS O 435 34.93 29.59 68.80
N ILE O 436 36.22 29.23 68.85
CA ILE O 436 36.80 28.67 70.07
C ILE O 436 36.95 29.74 71.14
N THR O 437 37.58 30.87 70.79
CA THR O 437 37.87 31.88 71.81
C THR O 437 36.61 32.60 72.28
N SER O 438 35.64 32.81 71.39
CA SER O 438 34.35 33.36 71.82
C SER O 438 33.73 32.49 72.92
N GLY O 439 33.77 31.17 72.76
CA GLY O 439 33.24 30.28 73.77
C GLY O 439 34.04 30.33 75.06
N VAL O 440 35.36 30.30 74.96
CA VAL O 440 36.21 30.30 76.16
C VAL O 440 36.06 31.61 76.92
N ARG O 441 35.99 32.73 76.20
CA ARG O 441 35.72 34.00 76.87
C ARG O 441 34.36 33.97 77.55
N SER O 442 33.36 33.41 76.87
CA SER O 442 32.04 33.32 77.47
C SER O 442 32.03 32.39 78.67
N THR O 443 32.83 31.32 78.64
CA THR O 443 32.98 30.47 79.82
C THR O 443 33.49 31.29 81.01
N CYS O 444 34.46 32.16 80.76
CA CYS O 444 35.05 32.94 81.84
C CYS O 444 34.04 33.92 82.43
N THR O 445 33.24 34.56 81.59
CA THR O 445 32.19 35.45 82.12
C THR O 445 31.15 34.67 82.91
N TYR O 446 30.89 33.41 82.54
CA TYR O 446 29.96 32.59 83.31
C TYR O 446 30.54 32.19 84.65
N VAL O 447 31.85 31.94 84.71
CA VAL O 447 32.49 31.52 85.96
C VAL O 447 32.79 32.71 86.85
N GLY O 448 33.01 33.89 86.25
CA GLY O 448 33.45 35.05 86.99
C GLY O 448 34.93 35.33 86.90
N ALA O 449 35.63 34.71 85.96
CA ALA O 449 37.07 34.83 85.82
C ALA O 449 37.42 35.88 84.78
N ALA O 450 38.42 36.71 85.10
CA ALA O 450 38.94 37.70 84.17
C ALA O 450 40.16 37.22 83.41
N ASN O 451 40.63 36.00 83.67
CA ASN O 451 41.74 35.41 82.96
C ASN O 451 41.72 33.90 83.20
N LEU O 452 42.62 33.18 82.53
CA LEU O 452 42.67 31.73 82.59
C LEU O 452 43.10 31.23 83.97
N PRO O 453 44.08 31.85 84.64
CA PRO O 453 44.35 31.46 86.03
C PRO O 453 43.11 31.49 86.93
N GLU O 454 42.26 32.52 86.77
CA GLU O 454 41.06 32.58 87.61
C GLU O 454 40.00 31.58 87.21
N LEU O 455 40.00 31.14 85.94
CA LEU O 455 39.06 30.13 85.49
C LEU O 455 39.27 28.81 86.22
N HIS O 456 40.52 28.36 86.30
CA HIS O 456 40.80 27.12 87.02
C HIS O 456 40.52 27.25 88.51
N GLU O 457 40.76 28.44 89.09
CA GLU O 457 40.60 28.59 90.54
CA GLU O 457 40.62 28.62 90.53
C GLU O 457 39.17 28.83 90.96
N LYS O 458 38.33 29.41 90.09
CA LYS O 458 36.96 29.75 90.46
C LYS O 458 35.91 28.77 89.97
N VAL O 459 36.26 27.83 89.08
CA VAL O 459 35.24 27.03 88.43
C VAL O 459 34.65 26.01 89.40
N VAL O 460 33.34 25.82 89.30
CA VAL O 460 32.63 24.75 89.98
C VAL O 460 32.10 23.80 88.91
N LEU O 461 32.40 22.52 89.07
CA LEU O 461 32.11 21.51 88.06
C LEU O 461 31.05 20.53 88.57
N GLY O 462 30.36 19.92 87.61
CA GLY O 462 29.34 18.94 87.94
C GLY O 462 29.41 17.78 86.97
N VAL O 463 28.88 16.64 87.43
CA VAL O 463 28.82 15.41 86.66
C VAL O 463 27.37 15.20 86.24
N GLN O 464 27.17 14.80 84.99
CA GLN O 464 25.85 14.57 84.44
C GLN O 464 25.77 13.15 83.88
N SER O 465 24.54 12.71 83.60
CA SER O 465 24.30 11.45 82.91
C SER O 465 24.30 11.70 81.40
N ALA O 466 24.00 10.67 80.61
CA ALA O 466 24.02 10.82 79.16
C ALA O 466 22.92 11.76 78.68
N ALA O 467 21.77 11.78 79.35
CA ALA O 467 20.68 12.66 78.93
C ALA O 467 21.01 14.13 79.20
N GLY O 468 21.83 14.40 80.22
CA GLY O 468 22.20 15.77 80.52
C GLY O 468 23.00 16.45 79.43
N PHE O 469 23.85 15.67 78.75
CA PHE O 469 24.66 16.21 77.66
C PHE O 469 23.78 16.76 76.53
N ALA O 470 22.67 16.08 76.24
CA ALA O 470 21.80 16.41 75.10
C ALA O 470 20.98 17.68 75.31
N GLU O 471 21.05 18.32 76.47
CA GLU O 471 20.32 19.55 76.69
C GLU O 471 20.87 20.66 75.80
N GLY O 472 19.97 21.35 75.10
CA GLY O 472 20.31 22.45 74.22
C GLY O 472 20.20 22.09 72.76
N HIS O 473 20.90 22.89 71.94
CA HIS O 473 20.91 22.77 70.49
C HIS O 473 22.31 22.40 70.01
N PRO O 474 22.44 21.45 69.07
CA PRO O 474 23.74 21.04 68.55
C PRO O 474 24.35 22.05 67.59
N VAL P 2 11.50 18.37 98.17
CA VAL P 2 11.03 17.12 97.59
C VAL P 2 11.49 15.93 98.43
N ARG P 3 10.93 14.75 98.15
CA ARG P 3 11.35 13.51 98.79
C ARG P 3 11.74 12.51 97.72
N PHE P 4 12.88 11.84 97.91
CA PHE P 4 13.38 10.84 96.98
C PHE P 4 13.30 9.46 97.62
N LEU P 5 13.20 8.44 96.77
CA LEU P 5 13.16 7.07 97.24
C LEU P 5 14.41 6.74 98.05
N ASP P 6 14.30 5.72 98.90
CA ASP P 6 15.41 5.30 99.74
C ASP P 6 16.59 4.85 98.87
N GLY P 7 17.74 5.45 99.11
CA GLY P 7 18.95 5.10 98.41
C GLY P 7 19.14 5.75 97.06
N HIS P 8 18.17 6.55 96.60
CA HIS P 8 18.31 7.26 95.33
C HIS P 8 19.03 8.57 95.59
N THR P 9 20.36 8.51 95.60
CA THR P 9 21.21 9.66 95.86
C THR P 9 22.37 9.61 94.87
N PRO P 10 22.11 9.93 93.62
CA PRO P 10 23.13 9.74 92.57
C PRO P 10 24.26 10.74 92.68
N ALA P 11 25.43 10.34 92.19
CA ALA P 11 26.61 11.19 92.14
C ALA P 11 26.62 12.13 90.95
N TYR P 12 25.46 12.44 90.39
CA TYR P 12 25.35 13.37 89.27
C TYR P 12 24.07 14.18 89.43
N ASP P 13 23.96 15.26 88.66
CA ASP P 13 22.74 16.06 88.62
C ASP P 13 21.77 15.49 87.56
N LEU P 14 20.49 15.76 87.77
CA LEU P 14 19.41 15.08 87.05
C LEU P 14 18.72 16.01 86.07
N THR P 15 18.38 15.50 84.89
CA THR P 15 17.48 16.16 83.98
C THR P 15 16.08 15.56 84.14
N TYR P 16 15.14 16.10 83.36
CA TYR P 16 13.78 15.56 83.38
C TYR P 16 13.76 14.09 82.97
N ASN P 17 14.69 13.68 82.10
CA ASN P 17 14.74 12.28 81.65
C ASN P 17 15.23 11.32 82.73
N ASP P 18 15.88 11.83 83.78
CA ASP P 18 16.50 10.99 84.78
C ASP P 18 15.56 10.60 85.92
N VAL P 19 14.42 11.26 86.06
CA VAL P 19 13.59 11.11 87.25
C VAL P 19 12.21 10.57 86.88
N PHE P 20 11.54 10.01 87.88
CA PHE P 20 10.14 9.59 87.77
C PHE P 20 9.42 9.89 89.08
N VAL P 21 8.10 9.98 88.99
CA VAL P 21 7.25 10.23 90.15
C VAL P 21 6.64 8.91 90.60
N VAL P 22 6.74 8.62 91.89
CA VAL P 22 6.09 7.45 92.45
C VAL P 22 4.66 7.85 92.85
N PRO P 23 3.66 7.06 92.49
CA PRO P 23 2.31 7.34 92.99
C PRO P 23 2.21 7.01 94.47
N GLY P 24 1.47 7.85 95.19
CA GLY P 24 1.15 7.62 96.57
C GLY P 24 -0.33 7.36 96.78
N ARG P 25 -0.74 7.43 98.05
CA ARG P 25 -2.15 7.26 98.40
C ARG P 25 -2.94 8.49 97.98
N SER P 26 -4.08 8.27 97.34
CA SER P 26 -4.84 9.37 96.77
C SER P 26 -6.32 9.20 97.06
N ASP P 27 -6.98 10.30 97.40
CA ASP P 27 -8.43 10.38 97.43
C ASP P 27 -8.99 11.32 96.38
N VAL P 28 -8.14 11.82 95.47
CA VAL P 28 -8.58 12.75 94.43
C VAL P 28 -9.29 11.96 93.34
N ALA P 29 -10.58 12.23 93.15
CA ALA P 29 -11.40 11.37 92.29
C ALA P 29 -11.07 11.55 90.82
N SER P 30 -11.05 12.80 90.34
CA SER P 30 -10.90 13.08 88.92
C SER P 30 -9.93 14.24 88.71
N ARG P 31 -9.48 14.36 87.46
CA ARG P 31 -8.55 15.43 87.08
C ARG P 31 -9.16 16.81 87.31
N PHE P 32 -10.49 16.92 87.24
CA PHE P 32 -11.16 18.21 87.38
C PHE P 32 -11.24 18.68 88.83
N ASP P 33 -11.01 17.80 89.80
CA ASP P 33 -10.92 18.22 91.20
C ASP P 33 -9.61 18.92 91.52
N VAL P 34 -8.62 18.85 90.63
CA VAL P 34 -7.33 19.49 90.86
C VAL P 34 -7.44 20.96 90.53
N ASP P 35 -6.83 21.80 91.36
CA ASP P 35 -6.72 23.24 91.12
C ASP P 35 -5.33 23.55 90.60
N LEU P 36 -5.25 24.09 89.38
CA LEU P 36 -3.98 24.35 88.71
C LEU P 36 -3.54 25.81 88.80
N SER P 37 -4.28 26.65 89.52
CA SER P 37 -3.90 28.06 89.62
C SER P 37 -2.61 28.21 90.41
N THR P 38 -1.81 29.20 90.03
CA THR P 38 -0.50 29.44 90.62
C THR P 38 -0.58 30.41 91.78
N VAL P 39 0.44 30.36 92.64
CA VAL P 39 0.49 31.17 93.85
C VAL P 39 1.64 32.18 93.81
N ASP P 40 2.27 32.38 92.66
CA ASP P 40 3.45 33.25 92.59
C ASP P 40 3.11 34.71 92.31
N GLY P 41 1.83 35.05 92.20
CA GLY P 41 1.45 36.42 91.90
C GLY P 41 1.45 36.77 90.43
N SER P 42 1.68 35.80 89.53
CA SER P 42 1.58 36.07 88.11
C SER P 42 0.14 36.17 87.64
N GLY P 43 -0.79 35.52 88.36
CA GLY P 43 -2.18 35.54 87.97
C GLY P 43 -2.58 34.49 86.96
N THR P 44 -1.68 33.55 86.63
CA THR P 44 -2.02 32.49 85.71
C THR P 44 -2.82 31.42 86.44
N THR P 45 -3.88 30.94 85.78
CA THR P 45 -4.69 29.88 86.38
C THR P 45 -4.23 28.49 85.98
N ILE P 46 -3.26 28.39 85.08
CA ILE P 46 -2.57 27.15 84.76
C ILE P 46 -1.07 27.47 84.79
N PRO P 47 -0.20 26.53 85.18
CA PRO P 47 1.23 26.80 85.32
C PRO P 47 1.99 26.79 84.00
N VAL P 48 1.52 27.60 83.04
CA VAL P 48 2.10 27.69 81.71
C VAL P 48 2.39 29.15 81.41
N VAL P 49 3.67 29.47 81.16
CA VAL P 49 4.09 30.79 80.70
C VAL P 49 4.76 30.61 79.34
N VAL P 50 4.45 31.50 78.40
CA VAL P 50 5.04 31.46 77.06
C VAL P 50 6.31 32.30 77.05
N ALA P 51 7.40 31.70 76.59
CA ALA P 51 8.72 32.33 76.67
C ALA P 51 8.77 33.62 75.86
N ASN P 52 9.61 34.56 76.32
CA ASN P 52 9.81 35.84 75.64
C ASN P 52 10.76 35.62 74.46
N MET P 53 10.17 35.19 73.35
CA MET P 53 10.91 34.89 72.13
C MET P 53 10.10 35.36 70.95
N THR P 54 10.75 36.06 70.01
CA THR P 54 10.03 36.59 68.85
C THR P 54 9.44 35.50 67.98
N ALA P 55 9.93 34.27 68.09
CA ALA P 55 9.36 33.16 67.35
C ALA P 55 8.05 32.64 67.94
N VAL P 56 7.72 33.03 69.17
CA VAL P 56 6.60 32.42 69.88
C VAL P 56 5.63 33.48 70.39
N ALA P 57 6.16 34.57 70.95
CA ALA P 57 5.36 35.49 71.74
C ALA P 57 4.89 36.64 70.86
N GLY P 58 3.81 36.39 70.12
CA GLY P 58 3.18 37.38 69.29
C GLY P 58 1.82 37.80 69.80
N ARG P 59 1.16 38.64 69.01
CA ARG P 59 -0.15 39.15 69.36
C ARG P 59 -1.17 38.02 69.49
N ARG P 60 -1.21 37.12 68.51
CA ARG P 60 -2.21 36.05 68.52
C ARG P 60 -1.94 35.04 69.64
N MET P 61 -0.67 34.68 69.85
CA MET P 61 -0.33 33.78 70.94
C MET P 61 -0.74 34.37 72.30
N ALA P 62 -0.58 35.69 72.47
CA ALA P 62 -0.86 36.32 73.76
C ALA P 62 -2.33 36.20 74.13
N GLU P 63 -3.21 36.54 73.19
CA GLU P 63 -4.65 36.43 73.44
C GLU P 63 -5.06 35.00 73.73
N THR P 64 -4.59 34.06 72.90
CA THR P 64 -5.06 32.69 72.98
C THR P 64 -4.66 32.04 74.31
N VAL P 65 -3.42 32.22 74.74
CA VAL P 65 -2.94 31.56 75.96
C VAL P 65 -3.58 32.19 77.19
N ALA P 66 -3.64 33.53 77.24
CA ALA P 66 -4.23 34.22 78.38
C ALA P 66 -5.69 33.80 78.58
N ARG P 67 -6.45 33.68 77.48
CA ARG P 67 -7.84 33.26 77.60
C ARG P 67 -7.97 31.93 78.31
N ARG P 68 -7.02 31.03 78.12
CA ARG P 68 -7.06 29.71 78.76
C ARG P 68 -6.28 29.67 80.08
N GLY P 69 -5.82 30.81 80.57
CA GLY P 69 -5.28 30.89 81.91
C GLY P 69 -3.78 31.00 82.01
N GLY P 70 -3.05 30.98 80.90
CA GLY P 70 -1.63 31.23 80.90
C GLY P 70 -1.32 32.71 80.79
N ILE P 71 -0.06 33.00 80.51
CA ILE P 71 0.38 34.37 80.23
C ILE P 71 1.54 34.32 79.25
N VAL P 72 1.68 35.38 78.46
CA VAL P 72 2.71 35.46 77.43
C VAL P 72 3.62 36.64 77.77
N VAL P 73 4.93 36.40 77.75
CA VAL P 73 5.91 37.46 78.00
C VAL P 73 6.35 38.01 76.65
N LEU P 74 6.02 39.28 76.40
CA LEU P 74 6.47 39.90 75.16
C LEU P 74 8.00 39.97 75.14
N PRO P 75 8.63 39.79 73.98
CA PRO P 75 10.09 39.77 73.95
C PRO P 75 10.69 41.15 74.21
N GLN P 76 11.89 41.16 74.80
CA GLN P 76 12.60 42.40 75.04
C GLN P 76 12.94 43.09 73.72
N ASP P 77 13.09 44.41 73.78
CA ASP P 77 13.47 45.30 72.67
C ASP P 77 12.34 45.48 71.66
N LEU P 78 11.18 44.85 71.87
CA LEU P 78 10.01 45.20 71.09
C LEU P 78 9.72 46.68 71.27
N PRO P 79 9.59 47.44 70.18
CA PRO P 79 9.36 48.89 70.31
C PRO P 79 8.13 49.18 71.17
N ILE P 80 8.26 50.22 72.01
CA ILE P 80 7.24 50.53 73.01
C ILE P 80 5.90 50.77 72.34
N THR P 81 5.90 51.38 71.16
CA THR P 81 4.67 51.56 70.40
C THR P 81 4.03 50.21 70.09
N ALA P 82 4.82 49.26 69.57
CA ALA P 82 4.29 47.93 69.29
C ALA P 82 3.89 47.20 70.56
N VAL P 83 4.50 47.55 71.70
CA VAL P 83 4.08 46.97 72.97
C VAL P 83 2.67 47.41 73.32
N SER P 84 2.40 48.71 73.21
CA SER P 84 1.07 49.24 73.55
C SER P 84 0.01 48.68 72.62
N GLU P 85 0.32 48.60 71.32
CA GLU P 85 -0.64 48.05 70.36
C GLU P 85 -0.95 46.59 70.67
N THR P 86 0.07 45.81 71.02
CA THR P 86 -0.17 44.42 71.39
C THR P 86 -0.98 44.33 72.67
N VAL P 87 -0.66 45.15 73.67
CA VAL P 87 -1.40 45.13 74.92
C VAL P 87 -2.85 45.57 74.71
N ASP P 88 -3.04 46.69 74.00
CA ASP P 88 -4.39 47.18 73.74
C ASP P 88 -5.23 46.12 73.04
N PHE P 89 -4.64 45.37 72.10
CA PHE P 89 -5.38 44.32 71.42
C PHE P 89 -5.78 43.23 72.38
N VAL P 90 -4.85 42.77 73.22
CA VAL P 90 -5.14 41.68 74.14
C VAL P 90 -6.16 42.12 75.19
N LYS P 91 -6.01 43.34 75.72
CA LYS P 91 -6.93 43.81 76.76
C LYS P 91 -8.33 44.07 76.22
N SER P 92 -8.49 44.16 74.90
CA SER P 92 -9.81 44.35 74.29
C SER P 92 -10.42 43.05 73.78
N ARG P 93 -9.79 41.90 74.06
CA ARG P 93 -10.34 40.62 73.63
C ARG P 93 -11.40 40.14 74.60
N ASP P 94 -12.35 39.38 74.07
CA ASP P 94 -13.41 38.80 74.88
C ASP P 94 -12.88 37.62 75.68
N LEU P 95 -13.43 37.42 76.87
CA LEU P 95 -12.97 36.35 77.76
C LEU P 95 -13.41 34.97 77.31
N VAL P 96 -14.45 34.88 76.48
CA VAL P 96 -14.98 33.62 75.98
C VAL P 96 -14.85 33.54 74.47
N VAL P 97 -15.36 34.54 73.76
CA VAL P 97 -15.33 34.55 72.31
C VAL P 97 -13.92 34.87 71.82
N ASP P 98 -13.51 34.21 70.74
CA ASP P 98 -12.15 34.30 70.21
C ASP P 98 -12.15 35.15 68.94
N THR P 99 -11.00 35.73 68.64
CA THR P 99 -10.86 36.58 67.46
C THR P 99 -10.58 35.73 66.23
N PRO P 100 -11.42 35.78 65.20
CA PRO P 100 -11.20 34.97 64.01
C PRO P 100 -10.38 35.72 62.97
N VAL P 101 -9.88 34.94 62.00
CA VAL P 101 -9.31 35.53 60.80
C VAL P 101 -10.43 36.11 59.97
N THR P 102 -10.25 37.35 59.50
CA THR P 102 -11.28 38.05 58.76
C THR P 102 -10.83 38.28 57.32
N LEU P 103 -11.81 38.32 56.42
CA LEU P 103 -11.55 38.47 54.99
C LEU P 103 -12.54 39.46 54.39
N SER P 104 -12.11 40.12 53.37
CA SER P 104 -12.93 41.00 52.56
C SER P 104 -13.41 40.27 51.31
N PRO P 105 -14.58 40.62 50.77
CA PRO P 105 -15.01 39.99 49.51
C PRO P 105 -14.03 40.19 48.37
N GLU P 106 -13.22 41.25 48.40
CA GLU P 106 -12.28 41.55 47.34
C GLU P 106 -10.91 40.92 47.54
N ASP P 107 -10.71 40.13 48.59
CA ASP P 107 -9.46 39.43 48.77
C ASP P 107 -9.40 38.22 47.85
N SER P 108 -8.18 37.82 47.50
CA SER P 108 -7.97 36.69 46.62
C SER P 108 -8.11 35.38 47.39
N VAL P 109 -8.35 34.30 46.64
CA VAL P 109 -8.35 32.96 47.23
C VAL P 109 -6.96 32.63 47.76
N SER P 110 -5.92 33.06 47.04
CA SER P 110 -4.55 32.81 47.50
C SER P 110 -4.30 33.45 48.86
N ASP P 111 -4.80 34.67 49.07
CA ASP P 111 -4.68 35.30 50.38
C ASP P 111 -5.49 34.56 51.43
N ALA P 112 -6.66 34.07 51.05
CA ALA P 112 -7.58 33.48 52.03
C ALA P 112 -6.95 32.29 52.74
N ASN P 113 -6.58 31.25 51.98
CA ASN P 113 -6.07 30.04 52.63
C ASN P 113 -4.66 30.25 53.20
N ALA P 114 -3.99 31.34 52.85
CA ALA P 114 -2.77 31.71 53.57
C ALA P 114 -3.10 32.26 54.95
N LEU P 115 -4.02 33.22 55.02
CA LEU P 115 -4.44 33.78 56.29
C LEU P 115 -5.25 32.79 57.12
N LEU P 116 -5.82 31.77 56.48
CA LEU P 116 -6.69 30.80 57.16
C LEU P 116 -5.98 30.07 58.28
N HIS P 117 -4.65 29.98 58.24
CA HIS P 117 -3.90 29.20 59.21
C HIS P 117 -3.33 30.05 60.34
N LYS P 118 -3.66 31.34 60.39
CA LYS P 118 -3.24 32.13 61.54
C LYS P 118 -4.03 31.80 62.80
N ARG P 119 -5.13 31.05 62.68
CA ARG P 119 -5.92 30.62 63.82
C ARG P 119 -6.26 29.14 63.64
N ALA P 120 -6.84 28.56 64.69
CA ALA P 120 -7.19 27.14 64.70
C ALA P 120 -8.66 26.90 64.47
N HIS P 121 -9.39 27.89 63.96
CA HIS P 121 -10.83 27.79 63.84
C HIS P 121 -11.30 27.00 62.63
N GLY P 122 -10.42 26.76 61.65
CA GLY P 122 -10.82 26.07 60.45
C GLY P 122 -11.68 26.87 59.49
N ALA P 123 -11.95 28.14 59.80
CA ALA P 123 -12.72 28.98 58.91
C ALA P 123 -12.38 30.43 59.18
N ALA P 124 -12.57 31.27 58.16
CA ALA P 124 -12.44 32.71 58.28
C ALA P 124 -13.81 33.35 58.10
N VAL P 125 -13.98 34.53 58.68
CA VAL P 125 -15.23 35.28 58.60
C VAL P 125 -15.09 36.36 57.54
N VAL P 126 -15.97 36.33 56.55
CA VAL P 126 -16.02 37.40 55.55
C VAL P 126 -16.80 38.57 56.13
N VAL P 127 -16.21 39.77 56.07
CA VAL P 127 -16.75 40.95 56.72
C VAL P 127 -16.94 42.06 55.69
N PHE P 128 -18.14 42.63 55.65
CA PHE P 128 -18.43 43.80 54.84
C PHE P 128 -19.07 44.85 55.74
N GLU P 129 -18.43 46.01 55.87
CA GLU P 129 -18.85 47.08 56.77
C GLU P 129 -19.05 46.59 58.20
N GLY P 130 -18.07 45.84 58.70
CA GLY P 130 -18.10 45.35 60.05
C GLY P 130 -19.02 44.18 60.31
N ARG P 131 -19.83 43.77 59.33
CA ARG P 131 -20.82 42.74 59.58
C ARG P 131 -20.45 41.42 58.89
N PRO P 132 -20.63 40.29 59.57
CA PRO P 132 -20.26 39.00 58.98
C PRO P 132 -21.23 38.60 57.87
N ILE P 133 -20.68 38.28 56.70
CA ILE P 133 -21.48 37.90 55.55
C ILE P 133 -21.25 36.46 55.10
N GLY P 134 -20.31 35.74 55.69
CA GLY P 134 -20.07 34.38 55.27
C GLY P 134 -18.77 33.83 55.81
N LEU P 135 -18.58 32.53 55.59
CA LEU P 135 -17.43 31.81 56.08
C LEU P 135 -16.65 31.20 54.92
N VAL P 136 -15.33 31.27 55.00
CA VAL P 136 -14.43 30.66 54.03
C VAL P 136 -13.65 29.57 54.74
N THR P 137 -13.73 28.35 54.21
CA THR P 137 -13.01 27.19 54.71
C THR P 137 -11.90 26.82 53.74
N GLU P 138 -11.07 25.87 54.17
CA GLU P 138 -10.02 25.36 53.29
C GLU P 138 -10.60 24.57 52.13
N ALA P 139 -11.71 23.88 52.36
CA ALA P 139 -12.37 23.14 51.29
C ALA P 139 -12.94 24.07 50.23
N ASN P 140 -13.43 25.25 50.63
CA ASN P 140 -13.96 26.20 49.65
C ASN P 140 -12.87 26.71 48.73
N CYS P 141 -11.63 26.80 49.21
CA CYS P 141 -10.53 27.32 48.41
C CYS P 141 -9.92 26.29 47.47
N ALA P 142 -10.30 25.01 47.62
CA ALA P 142 -9.73 23.93 46.81
C ALA P 142 -10.46 23.83 45.49
N GLY P 143 -9.71 23.79 44.40
CA GLY P 143 -10.30 23.64 43.08
C GLY P 143 -10.84 24.89 42.45
N VAL P 144 -10.49 26.07 42.97
CA VAL P 144 -10.87 27.33 42.36
C VAL P 144 -9.61 28.04 41.90
N ASP P 145 -9.80 29.04 41.03
CA ASP P 145 -8.68 29.84 40.55
C ASP P 145 -8.00 30.52 41.73
N ARG P 146 -6.67 30.36 41.81
CA ARG P 146 -5.89 30.95 42.88
C ARG P 146 -6.21 32.42 43.10
N PHE P 147 -6.58 33.14 42.04
CA PHE P 147 -6.82 34.57 42.14
C PHE P 147 -8.29 34.95 42.04
N ALA P 148 -9.20 33.98 42.14
CA ALA P 148 -10.61 34.30 42.30
C ALA P 148 -10.83 35.11 43.58
N ARG P 149 -11.89 35.89 43.59
CA ARG P 149 -12.21 36.68 44.77
C ARG P 149 -12.95 35.84 45.80
N VAL P 150 -12.76 36.19 47.08
CA VAL P 150 -13.39 35.46 48.18
C VAL P 150 -14.90 35.44 48.02
N ARG P 151 -15.48 36.52 47.49
CA ARG P 151 -16.92 36.63 47.34
C ARG P 151 -17.53 35.47 46.56
N ASP P 152 -16.74 34.78 45.73
CA ASP P 152 -17.26 33.66 44.97
C ASP P 152 -17.36 32.39 45.81
N ILE P 153 -16.40 32.16 46.71
CA ILE P 153 -16.32 30.90 47.45
C ILE P 153 -16.95 30.98 48.83
N ALA P 154 -17.43 32.16 49.25
CA ALA P 154 -17.96 32.31 50.59
C ALA P 154 -19.25 31.53 50.76
N LEU P 155 -19.45 31.00 51.97
CA LEU P 155 -20.67 30.31 52.33
C LEU P 155 -21.62 31.29 53.00
N SER P 156 -22.82 31.44 52.43
CA SER P 156 -23.78 32.40 52.97
C SER P 156 -24.37 31.93 54.30
N ASP P 157 -24.50 30.62 54.51
CA ASP P 157 -25.18 30.08 55.68
C ASP P 157 -24.17 29.68 56.74
N PHE P 158 -24.36 30.20 57.96
CA PHE P 158 -23.51 29.87 59.08
C PHE P 158 -24.29 30.09 60.38
N VAL P 159 -23.90 29.35 61.42
CA VAL P 159 -24.52 29.51 62.72
C VAL P 159 -24.08 30.84 63.32
N THR P 160 -25.03 31.57 63.92
CA THR P 160 -24.74 32.83 64.58
C THR P 160 -25.50 32.89 65.90
N ALA P 161 -25.07 33.81 66.76
CA ALA P 161 -25.63 33.98 68.10
C ALA P 161 -25.09 35.25 68.75
N PRO P 162 -25.87 35.93 69.58
CA PRO P 162 -25.38 37.15 70.23
C PRO P 162 -24.21 36.85 71.15
N VAL P 163 -23.27 37.80 71.22
CA VAL P 163 -22.17 37.69 72.17
C VAL P 163 -22.75 37.68 73.58
N GLY P 164 -22.10 36.93 74.47
CA GLY P 164 -22.60 36.76 75.80
C GLY P 164 -23.56 35.60 75.97
N THR P 165 -24.03 35.00 74.88
CA THR P 165 -24.83 33.79 74.96
C THR P 165 -24.06 32.70 75.69
N ASP P 166 -24.76 31.95 76.52
CA ASP P 166 -24.13 30.92 77.34
C ASP P 166 -23.38 29.92 76.45
N PRO P 167 -22.13 29.59 76.78
CA PRO P 167 -21.36 28.66 75.93
C PRO P 167 -22.04 27.32 75.71
N ARG P 168 -22.81 26.84 76.68
CA ARG P 168 -23.47 25.55 76.53
C ARG P 168 -24.52 25.59 75.42
N GLU P 169 -25.23 26.71 75.29
CA GLU P 169 -26.18 26.87 74.20
C GLU P 169 -25.47 26.92 72.85
N VAL P 170 -24.38 27.69 72.76
CA VAL P 170 -23.61 27.75 71.52
C VAL P 170 -23.11 26.36 71.14
N PHE P 171 -22.65 25.59 72.12
CA PHE P 171 -22.23 24.21 71.86
C PHE P 171 -23.37 23.39 71.27
N ASP P 172 -24.58 23.55 71.83
CA ASP P 172 -25.74 22.82 71.31
C ASP P 172 -26.12 23.30 69.91
N LEU P 173 -26.07 24.61 69.68
CA LEU P 173 -26.40 25.15 68.36
C LEU P 173 -25.49 24.60 67.27
N LEU P 174 -24.24 24.28 67.60
CA LEU P 174 -23.27 23.82 66.62
C LEU P 174 -23.28 22.31 66.41
N GLU P 175 -24.13 21.58 67.13
CA GLU P 175 -24.07 20.13 67.08
C GLU P 175 -24.39 19.58 65.70
N HIS P 176 -25.36 20.17 65.01
CA HIS P 176 -25.79 19.69 63.71
C HIS P 176 -25.33 20.59 62.57
N ALA P 177 -24.47 21.57 62.85
CA ALA P 177 -23.98 22.48 61.82
C ALA P 177 -22.85 21.82 61.03
N PRO P 178 -22.85 21.96 59.70
CA PRO P 178 -21.72 21.42 58.92
C PRO P 178 -20.40 22.10 59.22
N ILE P 179 -20.41 23.38 59.60
CA ILE P 179 -19.21 24.12 59.97
C ILE P 179 -19.25 24.38 61.47
N ASP P 180 -18.20 23.96 62.18
CA ASP P 180 -18.12 24.00 63.63
C ASP P 180 -17.76 25.40 64.17
N VAL P 181 -17.94 26.45 63.39
CA VAL P 181 -17.69 27.82 63.85
C VAL P 181 -19.03 28.52 64.04
N ALA P 182 -19.23 29.09 65.22
CA ALA P 182 -20.39 29.93 65.50
C ALA P 182 -19.95 31.39 65.48
N VAL P 183 -20.65 32.19 64.68
CA VAL P 183 -20.31 33.59 64.49
C VAL P 183 -20.99 34.42 65.58
N MET P 184 -20.20 35.02 66.46
CA MET P 184 -20.72 35.76 67.59
C MET P 184 -20.81 37.24 67.22
N THR P 185 -21.97 37.84 67.51
CA THR P 185 -22.28 39.18 67.05
C THR P 185 -22.47 40.13 68.23
N ALA P 186 -22.05 41.38 68.01
CA ALA P 186 -22.36 42.44 68.95
C ALA P 186 -23.86 42.78 68.87
N PRO P 187 -24.39 43.51 69.86
CA PRO P 187 -25.82 43.87 69.81
C PRO P 187 -26.24 44.56 68.52
N ASP P 188 -25.40 45.42 67.94
CA ASP P 188 -25.76 46.10 66.70
C ASP P 188 -25.69 45.20 65.48
N GLY P 189 -25.24 43.96 65.61
CA GLY P 189 -25.15 43.02 64.50
C GLY P 189 -23.75 42.81 63.96
N THR P 190 -22.80 43.68 64.28
CA THR P 190 -21.44 43.53 63.78
C THR P 190 -20.74 42.36 64.46
N LEU P 191 -19.52 42.08 64.02
CA LEU P 191 -18.81 40.86 64.42
C LEU P 191 -18.12 41.05 65.76
N ALA P 192 -18.46 40.20 66.72
CA ALA P 192 -17.78 40.16 68.00
C ALA P 192 -16.73 39.06 68.09
N GLY P 193 -16.76 38.09 67.19
CA GLY P 193 -15.80 37.02 67.18
C GLY P 193 -16.47 35.70 66.86
N VAL P 194 -15.80 34.60 67.20
CA VAL P 194 -16.29 33.27 66.92
C VAL P 194 -16.07 32.35 68.12
N LEU P 195 -16.84 31.27 68.15
CA LEU P 195 -16.73 30.26 69.19
C LEU P 195 -17.05 28.90 68.58
N THR P 196 -16.15 27.93 68.75
CA THR P 196 -16.36 26.57 68.27
C THR P 196 -16.88 25.69 69.40
N ARG P 197 -17.28 24.47 69.04
CA ARG P 197 -17.72 23.51 70.05
C ARG P 197 -16.61 23.23 71.05
N THR P 198 -15.37 23.15 70.57
CA THR P 198 -14.24 22.91 71.47
C THR P 198 -13.93 24.16 72.29
N GLY P 199 -13.96 25.34 71.67
CA GLY P 199 -13.81 26.57 72.43
C GLY P 199 -14.86 26.74 73.51
N ALA P 200 -16.05 26.20 73.28
CA ALA P 200 -17.10 26.28 74.30
C ALA P 200 -16.84 25.32 75.46
N ILE P 201 -16.34 24.11 75.16
CA ILE P 201 -15.91 23.19 76.20
C ILE P 201 -14.80 23.83 77.04
N ARG P 202 -13.83 24.45 76.37
CA ARG P 202 -12.69 25.02 77.08
C ARG P 202 -13.11 26.18 77.98
N ALA P 203 -14.18 26.89 77.62
CA ALA P 203 -14.66 27.97 78.48
C ALA P 203 -15.15 27.45 79.82
N GLY P 204 -15.57 26.19 79.90
CA GLY P 204 -15.96 25.56 81.14
C GLY P 204 -14.88 24.74 81.80
N ILE P 205 -13.63 24.85 81.35
CA ILE P 205 -12.52 24.10 81.92
C ILE P 205 -11.40 25.04 82.38
N TYR P 206 -11.00 25.98 81.53
CA TYR P 206 -9.95 26.94 81.83
C TYR P 206 -10.56 28.24 82.35
N THR P 207 -9.90 28.83 83.34
CA THR P 207 -10.28 30.15 83.84
C THR P 207 -9.38 31.19 83.21
N PRO P 208 -9.93 32.22 82.55
CA PRO P 208 -9.07 33.23 81.93
C PRO P 208 -8.16 33.89 82.96
N ALA P 209 -6.95 34.20 82.54
CA ALA P 209 -6.00 34.95 83.37
C ALA P 209 -6.24 36.43 83.09
N VAL P 210 -6.82 37.14 84.06
CA VAL P 210 -7.29 38.50 83.86
C VAL P 210 -6.68 39.42 84.91
N ASP P 211 -6.60 40.70 84.55
CA ASP P 211 -6.10 41.71 85.48
C ASP P 211 -7.24 42.19 86.38
N ALA P 212 -6.97 43.22 87.19
CA ALA P 212 -7.99 43.72 88.12
C ALA P 212 -9.19 44.31 87.41
N LYS P 213 -9.05 44.65 86.13
CA LYS P 213 -10.14 45.21 85.35
C LYS P 213 -10.89 44.16 84.55
N GLY P 214 -10.57 42.89 84.71
CA GLY P 214 -11.22 41.82 83.96
C GLY P 214 -10.72 41.62 82.55
N ARG P 215 -9.54 42.14 82.22
CA ARG P 215 -8.97 42.03 80.89
C ARG P 215 -7.82 41.02 80.89
N LEU P 216 -7.59 40.41 79.74
CA LEU P 216 -6.58 39.35 79.63
C LEU P 216 -5.20 39.84 80.05
N ARG P 217 -4.50 39.00 80.81
CA ARG P 217 -3.17 39.34 81.31
C ARG P 217 -2.11 39.18 80.23
N ILE P 218 -1.07 40.01 80.32
CA ILE P 218 0.05 39.97 79.40
C ILE P 218 1.29 40.46 80.15
N ALA P 219 2.45 39.95 79.76
CA ALA P 219 3.71 40.31 80.42
C ALA P 219 4.71 40.80 79.39
N ALA P 220 5.72 41.52 79.87
CA ALA P 220 6.75 42.07 79.00
C ALA P 220 8.13 41.78 79.59
N ALA P 221 9.11 41.58 78.71
CA ALA P 221 10.48 41.32 79.11
C ALA P 221 11.36 42.52 78.79
N VAL P 222 12.46 42.63 79.54
CA VAL P 222 13.43 43.71 79.35
C VAL P 222 14.84 43.16 79.60
N GLY P 223 15.79 43.56 78.74
CA GLY P 223 17.17 43.19 78.93
C GLY P 223 17.88 44.15 79.88
N ILE P 224 19.05 43.73 80.35
CA ILE P 224 19.75 44.46 81.41
C ILE P 224 20.66 45.53 80.81
N ASN P 225 20.58 45.71 79.50
CA ASN P 225 21.42 46.73 78.83
C ASN P 225 20.66 48.05 78.75
N GLY P 226 21.37 49.17 78.64
CA GLY P 226 20.77 50.48 78.56
C GLY P 226 20.18 50.90 79.90
N ASP P 227 19.15 51.74 79.83
CA ASP P 227 18.47 52.27 81.02
C ASP P 227 17.33 51.33 81.39
N VAL P 228 17.59 50.42 82.32
CA VAL P 228 16.61 49.37 82.62
C VAL P 228 15.40 49.95 83.34
N GLY P 229 15.60 50.96 84.17
CA GLY P 229 14.47 51.55 84.88
C GLY P 229 13.47 52.22 83.95
N ALA P 230 13.98 53.01 83.01
CA ALA P 230 13.08 53.71 82.07
C ALA P 230 12.34 52.72 81.18
N LYS P 231 13.04 51.72 80.65
CA LYS P 231 12.37 50.71 79.83
C LYS P 231 11.30 49.98 80.63
N ALA P 232 11.62 49.58 81.86
CA ALA P 232 10.64 48.90 82.70
C ALA P 232 9.51 49.83 83.11
N GLN P 233 9.79 51.12 83.28
CA GLN P 233 8.73 52.07 83.61
C GLN P 233 7.75 52.22 82.46
N ALA P 234 8.26 52.34 81.23
CA ALA P 234 7.39 52.48 80.07
C ALA P 234 6.60 51.21 79.80
N LEU P 235 7.18 50.03 80.06
CA LEU P 235 6.42 48.79 79.89
C LEU P 235 5.25 48.73 80.86
N ALA P 236 5.45 49.15 82.10
CA ALA P 236 4.35 49.20 83.06
C ALA P 236 3.30 50.23 82.65
N GLU P 237 3.74 51.35 82.09
CA GLU P 237 2.80 52.38 81.65
C GLU P 237 1.93 51.91 80.49
N ALA P 238 2.45 51.01 79.65
CA ALA P 238 1.68 50.47 78.55
C ALA P 238 0.66 49.43 78.98
N GLY P 239 0.71 48.97 80.23
CA GLY P 239 -0.26 48.04 80.75
C GLY P 239 0.23 46.63 81.05
N ALA P 240 1.54 46.40 81.03
CA ALA P 240 2.05 45.08 81.38
C ALA P 240 1.66 44.70 82.80
N ASP P 241 1.26 43.45 82.98
CA ASP P 241 0.86 42.94 84.29
C ASP P 241 2.00 42.25 85.02
N LEU P 242 3.18 42.13 84.40
CA LEU P 242 4.33 41.46 84.98
C LEU P 242 5.53 41.77 84.12
N LEU P 243 6.69 41.90 84.76
CA LEU P 243 7.91 42.25 84.06
C LEU P 243 8.94 41.14 84.25
N VAL P 244 9.76 40.94 83.21
CA VAL P 244 10.80 39.92 83.21
C VAL P 244 12.12 40.60 82.87
N ILE P 245 13.05 40.59 83.80
CA ILE P 245 14.42 41.08 83.57
C ILE P 245 15.24 39.87 83.16
N ASP P 246 15.59 39.78 81.88
CA ASP P 246 16.09 38.55 81.29
C ASP P 246 17.47 38.76 80.68
N THR P 247 18.43 37.91 81.08
CA THR P 247 19.75 37.87 80.47
C THR P 247 20.26 36.43 80.54
N ALA P 248 21.22 36.12 79.67
CA ALA P 248 21.74 34.76 79.59
C ALA P 248 22.38 34.32 80.91
N HIS P 249 23.19 35.18 81.51
CA HIS P 249 23.86 34.90 82.78
C HIS P 249 23.27 35.82 83.84
N GLY P 250 22.32 35.30 84.62
CA GLY P 250 21.63 36.13 85.58
C GLY P 250 22.45 36.46 86.81
N HIS P 251 23.36 35.56 87.20
CA HIS P 251 24.12 35.74 88.44
C HIS P 251 25.35 36.60 88.17
N GLN P 252 25.10 37.89 87.94
CA GLN P 252 26.19 38.79 87.62
C GLN P 252 25.84 40.20 88.06
N ALA P 253 26.89 41.01 88.22
CA ALA P 253 26.77 42.35 88.79
C ALA P 253 25.71 43.18 88.07
N LYS P 254 25.76 43.21 86.74
CA LYS P 254 24.87 44.09 85.99
C LYS P 254 23.40 43.69 86.14
N MET P 255 23.11 42.40 86.25
CA MET P 255 21.73 41.99 86.51
C MET P 255 21.27 42.49 87.87
N LEU P 256 22.14 42.43 88.88
CA LEU P 256 21.77 42.90 90.21
C LEU P 256 21.49 44.40 90.22
N ASP P 257 22.31 45.18 89.50
CA ASP P 257 22.02 46.61 89.38
C ASP P 257 20.66 46.84 88.73
N ALA P 258 20.30 46.01 87.75
CA ALA P 258 19.05 46.21 87.03
C ALA P 258 17.85 45.89 87.90
N ILE P 259 17.93 44.85 88.74
CA ILE P 259 16.81 44.50 89.61
C ILE P 259 16.56 45.60 90.63
N LYS P 260 17.63 46.17 91.21
CA LYS P 260 17.45 47.25 92.17
C LYS P 260 16.88 48.50 91.51
N ALA P 261 17.30 48.78 90.28
CA ALA P 261 16.82 49.99 89.60
C ALA P 261 15.33 49.88 89.27
N VAL P 262 14.88 48.69 88.90
CA VAL P 262 13.46 48.49 88.62
C VAL P 262 12.65 48.42 89.91
N ALA P 263 13.19 47.76 90.94
CA ALA P 263 12.47 47.63 92.20
C ALA P 263 12.32 48.96 92.93
N SER P 264 13.33 49.83 92.82
CA SER P 264 13.26 51.13 93.49
C SER P 264 12.19 52.03 92.90
N LEU P 265 11.73 51.75 91.68
CA LEU P 265 10.69 52.55 91.04
C LEU P 265 9.30 52.24 91.57
N ASP P 266 9.15 51.19 92.39
CA ASP P 266 7.88 50.82 92.99
C ASP P 266 6.75 50.79 91.96
N LEU P 267 6.91 49.91 90.97
CA LEU P 267 5.93 49.81 89.89
C LEU P 267 4.71 48.99 90.27
N GLY P 268 4.81 48.15 91.28
CA GLY P 268 3.68 47.35 91.73
C GLY P 268 3.48 46.05 90.98
N LEU P 269 4.30 45.76 89.99
CA LEU P 269 4.17 44.54 89.21
C LEU P 269 5.11 43.45 89.71
N PRO P 270 4.73 42.18 89.57
CA PRO P 270 5.65 41.10 89.90
C PRO P 270 6.89 41.16 89.02
N LEU P 271 8.04 40.89 89.62
CA LEU P 271 9.33 41.03 88.95
C LEU P 271 9.98 39.66 88.80
N VAL P 272 10.18 39.22 87.56
CA VAL P 272 10.94 38.00 87.27
C VAL P 272 12.33 38.40 86.83
N ALA P 273 13.34 37.66 87.30
CA ALA P 273 14.71 37.87 86.87
C ALA P 273 15.40 36.51 86.72
N GLY P 274 16.21 36.40 85.67
CA GLY P 274 16.97 35.19 85.41
C GLY P 274 17.95 35.46 84.29
N ASN P 275 18.74 34.44 83.96
CA ASN P 275 18.57 33.10 84.52
C ASN P 275 19.75 32.67 85.37
N VAL P 276 19.46 31.88 86.41
CA VAL P 276 20.45 31.27 87.27
C VAL P 276 20.08 29.80 87.45
N VAL P 277 21.08 28.99 87.84
CA VAL P 277 20.88 27.58 88.11
C VAL P 277 21.36 27.20 89.51
N SER P 278 21.76 28.17 90.34
CA SER P 278 22.31 27.87 91.65
C SER P 278 21.43 28.44 92.76
N ALA P 279 21.52 27.82 93.94
CA ALA P 279 20.84 28.35 95.10
C ALA P 279 21.37 29.73 95.47
N GLU P 280 22.67 29.94 95.28
CA GLU P 280 23.27 31.23 95.59
C GLU P 280 22.78 32.31 94.61
N GLY P 281 22.73 31.99 93.32
CA GLY P 281 22.18 32.94 92.36
C GLY P 281 20.72 33.24 92.63
N THR P 282 19.93 32.21 92.91
CA THR P 282 18.54 32.40 93.32
C THR P 282 18.44 33.37 94.49
N ARG P 283 19.31 33.20 95.50
CA ARG P 283 19.26 34.02 96.70
C ARG P 283 19.67 35.46 96.41
N ASP P 284 20.70 35.65 95.60
CA ASP P 284 21.17 37.00 95.28
C ASP P 284 20.12 37.79 94.51
N LEU P 285 19.45 37.14 93.56
CA LEU P 285 18.44 37.86 92.77
C LEU P 285 17.25 38.26 93.63
N ILE P 286 16.83 37.40 94.56
CA ILE P 286 15.69 37.73 95.40
C ILE P 286 16.02 38.90 96.33
N GLU P 287 17.23 38.90 96.89
CA GLU P 287 17.62 40.00 97.77
C GLU P 287 17.74 41.32 97.02
N ALA P 288 18.04 41.28 95.72
CA ALA P 288 18.12 42.49 94.93
C ALA P 288 16.74 43.04 94.58
N GLY P 289 15.67 42.38 94.99
CA GLY P 289 14.32 42.86 94.77
C GLY P 289 13.48 42.05 93.80
N ALA P 290 13.97 40.92 93.32
CA ALA P 290 13.18 40.09 92.43
C ALA P 290 12.21 39.24 93.25
N SER P 291 10.96 39.20 92.80
CA SER P 291 9.97 38.34 93.44
C SER P 291 10.05 36.92 92.91
N ILE P 292 10.35 36.75 91.62
CA ILE P 292 10.40 35.44 90.96
C ILE P 292 11.75 35.28 90.28
N VAL P 293 12.32 34.07 90.36
CA VAL P 293 13.62 33.77 89.79
C VAL P 293 13.43 32.79 88.64
N LYS P 294 13.88 33.17 87.45
CA LYS P 294 13.75 32.33 86.27
C LYS P 294 14.98 31.42 86.16
N VAL P 295 14.75 30.11 86.15
CA VAL P 295 15.80 29.11 86.30
C VAL P 295 16.03 28.41 84.97
N GLY P 296 17.29 28.35 84.54
CA GLY P 296 17.66 27.60 83.36
C GLY P 296 18.79 28.22 82.58
N VAL P 297 19.94 27.53 82.54
CA VAL P 297 21.06 27.91 81.68
C VAL P 297 21.54 26.64 81.01
N GLY P 298 21.32 26.53 79.70
CA GLY P 298 21.70 25.34 78.97
C GLY P 298 20.58 24.56 78.27
N PRO P 299 19.47 24.27 78.96
CA PRO P 299 18.48 23.34 78.37
C PRO P 299 17.62 23.91 77.25
N GLY P 300 17.60 25.22 77.06
CA GLY P 300 16.81 25.84 76.01
C GLY P 300 17.03 25.20 74.65
N ALA P 301 15.96 24.99 73.89
CA ALA P 301 16.07 24.31 72.60
C ALA P 301 16.90 25.10 71.59
N MET P 302 16.99 26.42 71.75
CA MET P 302 17.81 27.26 70.90
C MET P 302 19.18 27.53 71.51
N CYS P 303 19.48 26.89 72.62
CA CYS P 303 20.63 27.24 73.44
C CYS P 303 21.84 26.39 73.05
N THR P 304 22.88 27.06 72.52
CA THR P 304 24.13 26.40 72.16
C THR P 304 25.23 26.60 73.21
N THR P 305 24.86 27.03 74.42
CA THR P 305 25.88 27.38 75.42
C THR P 305 26.70 26.16 75.84
N ARG P 306 26.06 24.99 75.95
CA ARG P 306 26.78 23.81 76.43
C ARG P 306 27.89 23.41 75.47
N MET P 307 27.62 23.45 74.16
CA MET P 307 28.65 23.10 73.18
C MET P 307 29.64 24.24 72.96
N MET P 308 29.24 25.48 73.25
CA MET P 308 30.15 26.61 73.09
C MET P 308 31.04 26.79 74.31
N THR P 309 30.47 26.71 75.52
CA THR P 309 31.17 27.11 76.73
C THR P 309 31.33 26.00 77.77
N GLY P 310 30.63 24.88 77.63
CA GLY P 310 30.56 23.88 78.67
C GLY P 310 29.72 24.26 79.87
N VAL P 311 29.09 25.43 79.86
CA VAL P 311 28.31 25.94 80.98
C VAL P 311 26.87 25.47 80.85
N GLY P 312 26.30 25.05 81.97
CA GLY P 312 24.93 24.59 82.00
C GLY P 312 24.70 23.73 83.21
N ARG P 313 23.42 23.42 83.45
CA ARG P 313 23.10 22.51 84.54
C ARG P 313 21.90 21.68 84.15
N PRO P 314 21.91 20.38 84.44
CA PRO P 314 20.69 19.58 84.26
C PRO P 314 19.50 20.24 84.92
N GLN P 315 18.42 20.42 84.15
CA GLN P 315 17.37 21.35 84.55
C GLN P 315 16.64 20.90 85.81
N PHE P 316 16.39 19.60 85.95
CA PHE P 316 15.62 19.15 87.12
C PHE P 316 16.37 19.44 88.41
N SER P 317 17.66 19.10 88.46
CA SER P 317 18.45 19.44 89.65
C SER P 317 18.57 20.94 89.84
N ALA P 318 18.56 21.71 88.76
CA ALA P 318 18.62 23.16 88.88
C ALA P 318 17.34 23.72 89.47
N VAL P 319 16.18 23.19 89.05
CA VAL P 319 14.91 23.67 89.58
C VAL P 319 14.73 23.24 91.03
N VAL P 320 15.14 22.00 91.37
CA VAL P 320 14.99 21.51 92.73
C VAL P 320 15.78 22.38 93.71
N GLU P 321 17.05 22.65 93.39
CA GLU P 321 17.91 23.41 94.30
C GLU P 321 17.47 24.86 94.38
N CYS P 322 17.09 25.46 93.25
CA CYS P 322 16.71 26.86 93.25
C CYS P 322 15.34 27.08 93.89
N ALA P 323 14.40 26.14 93.68
CA ALA P 323 13.07 26.28 94.26
C ALA P 323 13.11 26.17 95.78
N ALA P 324 13.99 25.32 96.30
CA ALA P 324 14.16 25.23 97.76
C ALA P 324 14.70 26.54 98.31
N ALA P 325 15.70 27.13 97.63
CA ALA P 325 16.27 28.39 98.10
C ALA P 325 15.24 29.52 98.07
N ALA P 326 14.54 29.67 96.95
CA ALA P 326 13.55 30.74 96.82
C ALA P 326 12.44 30.59 97.86
N ARG P 327 11.97 29.36 98.08
CA ARG P 327 10.87 29.13 99.01
C ARG P 327 11.24 29.58 100.42
N GLN P 328 12.47 29.30 100.86
CA GLN P 328 12.91 29.77 102.18
C GLN P 328 12.93 31.29 102.26
N LEU P 329 13.07 31.98 101.13
CA LEU P 329 13.09 33.43 101.12
C LEU P 329 11.74 34.05 100.76
N GLY P 330 10.68 33.24 100.70
CA GLY P 330 9.38 33.74 100.33
C GLY P 330 9.20 34.05 98.86
N GLY P 331 10.12 33.58 98.00
CA GLY P 331 10.02 33.79 96.57
C GLY P 331 9.55 32.56 95.83
N HIS P 332 9.62 32.63 94.50
CA HIS P 332 9.16 31.56 93.63
C HIS P 332 10.14 31.40 92.48
N VAL P 333 10.04 30.24 91.81
CA VAL P 333 10.96 29.86 90.75
C VAL P 333 10.15 29.52 89.49
N TRP P 334 10.60 30.01 88.34
CA TRP P 334 10.07 29.64 87.04
C TRP P 334 11.05 28.71 86.33
N ALA P 335 10.54 27.56 85.86
CA ALA P 335 11.36 26.59 85.14
C ALA P 335 11.38 26.95 83.66
N ASP P 336 12.55 27.36 83.17
CA ASP P 336 12.68 27.98 81.85
C ASP P 336 13.56 27.10 80.96
N GLY P 337 12.96 26.50 79.94
CA GLY P 337 13.72 25.86 78.88
C GLY P 337 13.74 24.34 78.96
N GLY P 338 13.75 23.70 77.78
CA GLY P 338 13.86 22.26 77.70
C GLY P 338 12.57 21.50 77.87
N VAL P 339 11.42 22.16 77.78
CA VAL P 339 10.13 21.51 77.93
C VAL P 339 9.68 21.02 76.55
N ARG P 340 9.59 19.70 76.39
CA ARG P 340 9.10 19.10 75.16
C ARG P 340 7.84 18.27 75.34
N HIS P 341 7.46 17.92 76.57
CA HIS P 341 6.40 16.97 76.82
C HIS P 341 5.66 17.38 78.08
N PRO P 342 4.41 16.92 78.26
CA PRO P 342 3.70 17.26 79.50
C PRO P 342 4.39 16.76 80.76
N ARG P 343 5.13 15.65 80.71
CA ARG P 343 5.82 15.19 81.91
C ARG P 343 6.86 16.21 82.38
N ASP P 344 7.45 16.97 81.44
CA ASP P 344 8.44 17.98 81.82
C ASP P 344 7.80 19.09 82.65
N VAL P 345 6.60 19.53 82.27
CA VAL P 345 5.88 20.52 83.09
C VAL P 345 5.60 19.94 84.47
N ALA P 346 5.08 18.71 84.51
CA ALA P 346 4.76 18.08 85.79
C ALA P 346 6.00 17.91 86.67
N LEU P 347 7.12 17.49 86.07
CA LEU P 347 8.33 17.31 86.85
C LEU P 347 8.89 18.63 87.36
N ALA P 348 8.76 19.70 86.57
CA ALA P 348 9.21 21.01 87.04
C ALA P 348 8.38 21.47 88.24
N LEU P 349 7.07 21.22 88.20
CA LEU P 349 6.20 21.61 89.30
C LEU P 349 6.49 20.78 90.54
N ALA P 350 6.65 19.47 90.39
CA ALA P 350 7.02 18.63 91.54
C ALA P 350 8.39 19.00 92.08
N ALA P 351 9.25 19.59 91.24
CA ALA P 351 10.55 20.07 91.70
C ALA P 351 10.43 21.36 92.50
N GLY P 352 9.24 21.96 92.56
CA GLY P 352 9.02 23.15 93.36
C GLY P 352 8.87 24.45 92.58
N ALA P 353 8.86 24.39 91.25
CA ALA P 353 8.65 25.59 90.46
C ALA P 353 7.19 26.02 90.57
N SER P 354 6.97 27.34 90.61
CA SER P 354 5.61 27.85 90.66
C SER P 354 4.97 27.89 89.27
N ASN P 355 5.76 28.24 88.24
CA ASN P 355 5.33 28.25 86.84
C ASN P 355 6.41 27.61 85.97
N VAL P 356 6.04 27.30 84.73
CA VAL P 356 6.92 26.63 83.78
C VAL P 356 6.89 27.41 82.47
N MET P 357 8.06 27.85 81.99
CA MET P 357 8.15 28.67 80.80
C MET P 357 8.45 27.78 79.59
N ILE P 358 7.62 27.90 78.56
CA ILE P 358 7.71 27.08 77.35
C ILE P 358 7.95 27.98 76.16
N GLY P 359 8.93 27.63 75.33
CA GLY P 359 9.20 28.42 74.15
C GLY P 359 9.05 27.69 72.83
N SER P 360 10.04 26.85 72.50
CA SER P 360 10.13 26.31 71.15
C SER P 360 8.99 25.34 70.84
N TRP P 361 8.47 24.66 71.87
CA TRP P 361 7.34 23.78 71.66
C TRP P 361 6.15 24.54 71.07
N PHE P 362 5.91 25.76 71.53
CA PHE P 362 4.73 26.49 71.09
C PHE P 362 4.93 27.20 69.76
N ALA P 363 6.16 27.21 69.23
CA ALA P 363 6.36 27.76 67.90
C ALA P 363 5.66 26.92 66.84
N GLY P 364 5.56 25.61 67.05
CA GLY P 364 4.88 24.73 66.12
C GLY P 364 3.39 24.71 66.33
N THR P 365 2.76 25.88 66.33
CA THR P 365 1.32 26.04 66.43
C THR P 365 0.86 27.04 65.39
N TYR P 366 -0.46 27.05 65.13
CA TYR P 366 -1.03 28.04 64.22
C TYR P 366 -0.84 29.45 64.75
N GLU P 367 -0.96 29.64 66.06
CA GLU P 367 -1.04 30.96 66.64
C GLU P 367 0.31 31.65 66.78
N SER P 368 1.42 30.97 66.47
CA SER P 368 2.72 31.61 66.57
C SER P 368 2.97 32.52 65.37
N PRO P 369 3.78 33.57 65.55
CA PRO P 369 3.90 34.59 64.49
C PRO P 369 4.52 34.11 63.19
N GLY P 370 5.34 33.04 63.21
CA GLY P 370 5.99 32.61 62.00
C GLY P 370 5.02 32.07 60.95
N ASP P 371 5.50 32.05 59.71
CA ASP P 371 4.69 31.54 58.61
C ASP P 371 4.60 30.02 58.65
N LEU P 372 3.44 29.48 58.27
CA LEU P 372 3.26 28.04 58.23
C LEU P 372 3.97 27.46 57.02
N LEU P 373 4.86 26.50 57.26
CA LEU P 373 5.68 25.90 56.21
C LEU P 373 5.41 24.40 56.14
N PHE P 374 5.84 23.80 55.03
CA PHE P 374 5.68 22.37 54.79
C PHE P 374 7.00 21.80 54.28
N ASP P 375 7.34 20.60 54.76
CA ASP P 375 8.65 20.01 54.49
C ASP P 375 8.55 19.07 53.28
N ARG P 376 9.55 18.20 53.11
CA ARG P 376 9.59 17.30 51.96
C ARG P 376 8.37 16.39 51.91
N ASP P 377 7.92 15.89 53.06
CA ASP P 377 6.77 14.98 53.14
C ASP P 377 5.44 15.72 53.26
N ASP P 378 5.42 17.03 53.03
CA ASP P 378 4.20 17.85 53.12
C ASP P 378 3.63 17.86 54.53
N ARG P 379 4.49 17.76 55.54
CA ARG P 379 4.05 17.89 56.93
C ARG P 379 4.12 19.35 57.36
N PRO P 380 3.15 19.83 58.14
CA PRO P 380 3.19 21.23 58.57
C PRO P 380 4.21 21.43 59.69
N TYR P 381 4.88 22.60 59.64
CA TYR P 381 5.88 22.91 60.64
C TYR P 381 6.15 24.41 60.61
N LYS P 382 6.77 24.90 61.68
CA LYS P 382 7.23 26.27 61.76
C LYS P 382 8.63 26.28 62.36
N GLU P 383 9.37 27.35 62.06
CA GLU P 383 10.74 27.49 62.53
C GLU P 383 10.75 28.24 63.85
N SER P 384 11.32 27.63 64.87
CA SER P 384 11.67 28.34 66.09
C SER P 384 13.12 28.79 66.00
N TYR P 385 13.41 29.97 66.57
CA TYR P 385 14.76 30.48 66.54
C TYR P 385 15.04 31.28 67.81
N GLY P 386 16.33 31.38 68.16
CA GLY P 386 16.72 31.99 69.41
C GLY P 386 16.73 33.50 69.37
N MET P 387 16.89 34.09 70.57
CA MET P 387 16.94 35.54 70.70
C MET P 387 18.33 36.12 70.52
N ALA P 388 19.36 35.27 70.57
CA ALA P 388 20.75 35.65 70.25
C ALA P 388 21.21 36.76 71.18
N SER P 389 21.62 37.93 70.67
CA SER P 389 22.23 38.96 71.50
C SER P 389 21.24 39.69 72.38
N LYS P 390 19.94 39.52 72.17
CA LYS P 390 18.95 40.18 73.02
C LYS P 390 18.96 39.63 74.44
N ARG P 391 19.59 38.49 74.68
CA ARG P 391 19.78 37.94 76.01
C ARG P 391 21.17 38.22 76.56
N ALA P 392 22.02 38.93 75.81
CA ALA P 392 23.42 39.10 76.15
C ALA P 392 23.72 40.50 76.64
N VAL P 393 24.72 40.60 77.50
CA VAL P 393 25.14 41.95 78.02
C VAL P 393 25.85 42.67 76.88
N ALA P 394 25.57 43.95 76.69
CA ALA P 394 26.19 44.74 75.61
C ALA P 394 26.63 46.09 76.17
N ALA P 395 27.78 46.58 75.71
CA ALA P 395 28.32 47.85 76.24
C ALA P 395 27.69 49.04 75.50
N ARG P 396 27.94 50.26 76.00
CA ARG P 396 27.37 51.48 75.37
C ARG P 396 27.89 51.61 73.94
N THR P 397 26.97 51.76 72.99
CA THR P 397 27.35 51.94 71.59
C THR P 397 27.44 53.41 71.18
N ALA P 398 27.43 54.33 72.14
CA ALA P 398 27.55 55.74 71.84
C ALA P 398 28.92 56.06 71.26
N GLY P 399 28.95 56.65 70.08
CA GLY P 399 30.21 57.00 69.45
C GLY P 399 30.92 55.85 68.76
N ASP P 400 30.22 54.75 68.50
CA ASP P 400 30.84 53.59 67.84
C ASP P 400 30.93 53.82 66.34
N SER P 401 31.91 53.15 65.73
CA SER P 401 32.16 53.25 64.29
C SER P 401 31.49 52.10 63.55
N SER P 402 31.63 52.11 62.23
CA SER P 402 31.32 50.90 61.47
C SER P 402 32.30 49.79 61.81
N PHE P 403 33.55 50.15 62.12
CA PHE P 403 34.53 49.17 62.57
C PHE P 403 34.13 48.59 63.92
N ASP P 404 33.73 49.45 64.86
CA ASP P 404 33.39 48.98 66.20
C ASP P 404 32.14 48.11 66.20
N ARG P 405 31.23 48.33 65.26
CA ARG P 405 30.06 47.46 65.14
C ARG P 405 30.47 46.05 64.73
N ALA P 406 31.37 45.95 63.74
CA ALA P 406 31.79 44.63 63.27
C ALA P 406 32.63 43.89 64.30
N ARG P 407 33.39 44.61 65.13
CA ARG P 407 34.22 43.97 66.13
C ARG P 407 33.38 43.23 67.16
N LYS P 408 32.35 43.89 67.70
CA LYS P 408 31.47 43.23 68.65
C LYS P 408 30.56 42.23 67.95
N GLY P 409 30.25 42.45 66.68
CA GLY P 409 29.42 41.50 65.95
C GLY P 409 30.13 40.21 65.59
N LEU P 410 31.48 40.23 65.53
CA LEU P 410 32.21 39.05 65.11
C LEU P 410 32.02 37.89 66.09
N PHE P 411 31.96 38.19 67.37
CA PHE P 411 31.83 37.16 68.40
C PHE P 411 30.40 36.95 68.87
N GLU P 412 29.43 37.72 68.37
CA GLU P 412 28.07 37.63 68.89
C GLU P 412 27.42 36.32 68.48
N GLU P 413 26.51 35.85 69.34
CA GLU P 413 25.85 34.57 69.11
C GLU P 413 24.95 34.63 67.87
N GLY P 414 25.11 33.64 66.98
CA GLY P 414 24.22 33.54 65.84
C GLY P 414 22.88 32.97 66.22
N ILE P 415 21.88 33.25 65.38
CA ILE P 415 20.51 32.79 65.63
C ILE P 415 20.40 31.32 65.25
N SER P 416 20.12 30.48 66.24
CA SER P 416 19.93 29.05 66.00
C SER P 416 18.52 28.80 65.46
N THR P 417 18.37 27.71 64.72
CA THR P 417 17.09 27.38 64.08
C THR P 417 16.77 25.91 64.27
N SER P 418 15.50 25.61 64.59
CA SER P 418 15.00 24.25 64.65
C SER P 418 13.59 24.20 64.07
N ARG P 419 13.31 23.14 63.31
CA ARG P 419 11.98 22.95 62.74
C ARG P 419 11.07 22.29 63.77
N MET P 420 9.99 22.98 64.12
CA MET P 420 9.01 22.48 65.07
C MET P 420 7.75 22.12 64.30
N SER P 421 7.47 20.82 64.18
CA SER P 421 6.35 20.37 63.38
C SER P 421 5.05 20.47 64.16
N LEU P 422 4.00 20.92 63.49
CA LEU P 422 2.67 20.89 64.08
C LEU P 422 2.13 19.47 64.11
N ASP P 423 1.38 19.15 65.14
CA ASP P 423 0.64 17.89 65.14
C ASP P 423 -0.36 17.92 64.00
N PRO P 424 -0.35 16.93 63.09
CA PRO P 424 -1.25 16.99 61.92
C PRO P 424 -2.72 17.06 62.30
N ALA P 425 -3.12 16.37 63.38
CA ALA P 425 -4.52 16.41 63.79
C ALA P 425 -4.86 17.73 64.49
N ARG P 426 -4.14 18.04 65.58
CA ARG P 426 -4.44 19.20 66.42
C ARG P 426 -3.21 20.11 66.47
N GLY P 427 -3.22 21.16 65.64
CA GLY P 427 -2.11 22.07 65.52
C GLY P 427 -2.22 23.38 66.29
N GLY P 428 -3.28 23.57 67.07
CA GLY P 428 -3.42 24.78 67.85
C GLY P 428 -2.70 24.72 69.18
N VAL P 429 -2.36 25.90 69.71
CA VAL P 429 -1.68 25.95 71.01
C VAL P 429 -2.60 25.50 72.14
N GLU P 430 -3.91 25.73 72.01
CA GLU P 430 -4.85 25.28 73.03
C GLU P 430 -4.91 23.76 73.08
N ASP P 431 -4.66 23.09 71.95
CA ASP P 431 -4.56 21.63 71.97
C ASP P 431 -3.34 21.18 72.76
N LEU P 432 -2.27 21.99 72.74
CA LEU P 432 -1.10 21.68 73.57
C LEU P 432 -1.38 21.95 75.03
N LEU P 433 -2.12 23.02 75.34
CA LEU P 433 -2.55 23.25 76.72
C LEU P 433 -3.43 22.10 77.22
N ASP P 434 -4.34 21.62 76.38
CA ASP P 434 -5.08 20.40 76.68
C ASP P 434 -4.13 19.26 77.03
N HIS P 435 -3.22 18.96 76.11
CA HIS P 435 -2.16 17.98 76.33
C HIS P 435 -1.46 18.20 77.67
N ILE P 436 -0.92 19.41 77.87
CA ILE P 436 -0.08 19.69 79.04
C ILE P 436 -0.89 19.54 80.34
N THR P 437 -2.00 20.27 80.44
CA THR P 437 -2.74 20.32 81.70
C THR P 437 -3.41 18.98 82.01
N SER P 438 -3.87 18.27 80.99
CA SER P 438 -4.37 16.92 81.21
C SER P 438 -3.33 16.06 81.93
N GLY P 439 -2.08 16.15 81.49
CA GLY P 439 -1.02 15.38 82.14
C GLY P 439 -0.78 15.81 83.57
N VAL P 440 -0.67 17.13 83.80
CA VAL P 440 -0.37 17.66 85.14
C VAL P 440 -1.49 17.33 86.11
N ARG P 441 -2.75 17.48 85.68
CA ARG P 441 -3.86 17.06 86.51
C ARG P 441 -3.78 15.57 86.84
N SER P 442 -3.43 14.76 85.83
CA SER P 442 -3.28 13.34 86.09
C SER P 442 -2.10 13.05 87.03
N THR P 443 -1.03 13.84 86.94
CA THR P 443 0.07 13.69 87.89
C THR P 443 -0.40 13.92 89.31
N CYS P 444 -1.21 14.97 89.52
CA CYS P 444 -1.68 15.29 90.86
C CYS P 444 -2.53 14.17 91.44
N THR P 445 -3.43 13.59 90.63
CA THR P 445 -4.25 12.48 91.14
C THR P 445 -3.41 11.26 91.47
N TYR P 446 -2.28 11.07 90.77
CA TYR P 446 -1.39 9.97 91.12
C TYR P 446 -0.67 10.24 92.44
N VAL P 447 -0.33 11.50 92.69
CA VAL P 447 0.41 11.86 93.90
C VAL P 447 -0.54 12.01 95.09
N GLY P 448 -1.81 12.32 94.84
CA GLY P 448 -2.75 12.62 95.89
C GLY P 448 -2.91 14.09 96.17
N ALA P 449 -2.50 14.96 95.26
CA ALA P 449 -2.52 16.40 95.48
C ALA P 449 -3.76 17.02 94.83
N ALA P 450 -4.42 17.92 95.56
CA ALA P 450 -5.55 18.66 95.05
C ALA P 450 -5.14 19.99 94.42
N ASN P 451 -3.87 20.36 94.50
CA ASN P 451 -3.38 21.60 93.93
C ASN P 451 -1.87 21.51 93.78
N LEU P 452 -1.28 22.57 93.25
CA LEU P 452 0.15 22.61 92.96
C LEU P 452 1.01 22.62 94.23
N PRO P 453 0.66 23.40 95.26
CA PRO P 453 1.46 23.30 96.50
C PRO P 453 1.48 21.90 97.09
N GLU P 454 0.33 21.22 97.15
CA GLU P 454 0.30 19.85 97.67
C GLU P 454 1.11 18.92 96.79
N LEU P 455 1.22 19.22 95.49
CA LEU P 455 2.01 18.38 94.59
C LEU P 455 3.48 18.37 95.00
N HIS P 456 4.05 19.57 95.20
CA HIS P 456 5.45 19.64 95.63
C HIS P 456 5.65 19.09 97.02
N GLU P 457 4.63 19.14 97.88
CA GLU P 457 4.78 18.65 99.25
CA GLU P 457 4.80 18.65 99.25
C GLU P 457 4.63 17.13 99.34
N LYS P 458 3.77 16.53 98.51
CA LYS P 458 3.48 15.11 98.62
C LYS P 458 4.25 14.23 97.64
N VAL P 459 5.01 14.81 96.70
CA VAL P 459 5.60 14.02 95.63
C VAL P 459 6.75 13.18 96.16
N VAL P 460 6.80 11.92 95.73
CA VAL P 460 7.92 11.01 95.98
C VAL P 460 8.60 10.75 94.64
N LEU P 461 9.89 11.04 94.56
CA LEU P 461 10.63 10.99 93.31
C LEU P 461 11.64 9.86 93.34
N GLY P 462 12.07 9.46 92.15
CA GLY P 462 13.07 8.41 92.00
C GLY P 462 13.92 8.65 90.78
N VAL P 463 15.07 7.98 90.76
CA VAL P 463 16.03 8.08 89.67
C VAL P 463 16.00 6.78 88.89
N GLN P 464 16.12 6.87 87.57
CA GLN P 464 16.14 5.71 86.70
C GLN P 464 17.36 5.77 85.80
N SER P 465 17.71 4.61 85.24
CA SER P 465 18.77 4.54 84.25
C SER P 465 18.21 4.87 82.87
N ALA P 466 19.06 4.81 81.84
CA ALA P 466 18.61 5.12 80.49
C ALA P 466 17.47 4.20 80.05
N ALA P 467 17.57 2.91 80.38
CA ALA P 467 16.49 1.98 80.05
C ALA P 467 15.22 2.28 80.83
N GLY P 468 15.35 2.87 82.02
CA GLY P 468 14.18 3.20 82.82
C GLY P 468 13.27 4.18 82.13
N PHE P 469 13.85 5.18 81.46
CA PHE P 469 13.05 6.20 80.77
C PHE P 469 12.24 5.58 79.63
N ALA P 470 12.85 4.68 78.85
CA ALA P 470 12.21 4.11 77.67
C ALA P 470 11.02 3.22 77.99
N GLU P 471 10.75 2.93 79.25
CA GLU P 471 9.58 2.13 79.62
C GLU P 471 8.29 2.89 79.29
N GLY P 472 7.32 2.17 78.73
CA GLY P 472 6.07 2.77 78.29
C GLY P 472 5.96 2.92 76.78
N HIS P 473 5.19 3.91 76.33
CA HIS P 473 4.94 4.14 74.91
C HIS P 473 5.32 5.58 74.55
N PRO P 474 5.95 5.78 73.38
CA PRO P 474 6.28 7.14 72.91
C PRO P 474 5.18 7.73 72.02
PG ATP Q . -18.49 33.54 -58.65
PG ATP Q . -18.29 33.91 -59.01
O1G ATP Q . -18.89 32.79 -59.91
O1G ATP Q . -17.81 32.50 -58.74
O2G ATP Q . -18.15 32.63 -57.50
O2G ATP Q . -17.14 34.89 -59.15
O3G ATP Q . -17.43 34.60 -58.90
O3G ATP Q . -19.35 34.37 -58.03
PB ATP Q . -20.87 35.31 -58.97
PB ATP Q . -19.48 32.64 -61.43
O1B ATP Q . -21.79 35.89 -57.97
O1B ATP Q . -18.51 32.46 -62.51
O2B ATP Q . -20.11 36.22 -59.86
O2B ATP Q . -19.83 31.49 -60.57
O3B ATP Q . -19.84 34.35 -58.21
O3B ATP Q . -19.01 33.85 -60.49
PA ATP Q . -21.94 34.09 -61.42
PA ATP Q . -21.99 34.21 -61.49
O1A ATP Q . -20.88 33.25 -62.01
O1A ATP Q . -22.18 35.30 -62.48
O2A ATP Q . -22.23 35.43 -61.99
O2A ATP Q . -21.70 34.56 -60.08
O3A ATP Q . -21.66 34.24 -59.85
O3A ATP Q . -20.84 33.23 -62.04
O5' ATP Q . -23.28 33.23 -61.41
O5' ATP Q . -23.27 33.27 -61.56
C5' ATP Q . -23.24 31.86 -60.98
C5' ATP Q . -23.20 31.91 -61.08
C4' ATP Q . -24.55 31.18 -61.33
C4' ATP Q . -24.50 31.21 -61.35
O4' ATP Q . -25.65 31.88 -60.71
O4' ATP Q . -25.59 31.91 -60.72
C3' ATP Q . -24.87 31.10 -62.83
C3' ATP Q . -24.88 31.08 -62.82
O3' ATP Q . -25.57 29.89 -63.10
O3' ATP Q . -25.57 29.86 -63.05
C2' ATP Q . -25.77 32.31 -63.03
C2' ATP Q . -25.81 32.28 -63.04
O2' ATP Q . -26.63 32.12 -64.15
O2' ATP Q . -26.70 32.05 -64.11
C1' ATP Q . -26.55 32.33 -61.71
C1' ATP Q . -26.53 32.31 -61.69
N9 ATP Q . -27.04 33.64 -61.32
N9 ATP Q . -27.03 33.63 -61.31
C8 ATP Q . -26.30 34.76 -61.09
C8 ATP Q . -26.29 34.76 -61.09
N7 ATP Q . -26.99 35.81 -60.70
N7 ATP Q . -26.99 35.80 -60.71
C5 ATP Q . -28.30 35.34 -60.66
C5 ATP Q . -28.30 35.34 -60.67
C6 ATP Q . -29.53 35.95 -60.33
C6 ATP Q . -29.53 35.94 -60.34
N6 ATP Q . -29.61 37.23 -59.95
N6 ATP Q . -29.60 37.22 -59.97
N1 ATP Q . -30.65 35.19 -60.42
N1 ATP Q . -30.64 35.17 -60.41
C2 ATP Q . -30.54 33.92 -60.80
C2 ATP Q . -30.52 33.90 -60.79
N3 ATP Q . -29.43 33.24 -61.14
N3 ATP Q . -29.42 33.22 -61.12
C4 ATP Q . -28.34 34.00 -61.05
C4 ATP Q . -28.34 33.99 -61.05
P 5GP R . -24.78 17.95 -72.16
O1P 5GP R . -23.62 18.67 -72.81
O2P 5GP R . -24.88 16.46 -72.42
O3P 5GP R . -24.91 18.28 -70.68
O5' 5GP R . -26.12 18.51 -72.80
C5' 5GP R . -26.50 19.87 -72.63
C4' 5GP R . -27.79 20.18 -73.36
O4' 5GP R . -28.88 19.37 -72.83
C3' 5GP R . -28.29 21.60 -73.21
O3' 5GP R . -27.62 22.51 -74.06
C2' 5GP R . -29.78 21.46 -73.50
O2' 5GP R . -30.02 21.39 -74.89
C1' 5GP R . -30.08 20.10 -72.88
N9 5GP R . -30.62 20.22 -71.51
C8 5GP R . -30.11 20.94 -70.46
N7 5GP R . -30.83 20.81 -69.33
C5 5GP R . -31.87 19.97 -69.68
C6 5GP R . -32.99 19.47 -68.93
O6 5GP R . -33.25 19.68 -67.75
N1 5GP R . -33.80 18.66 -69.70
C2 5GP R . -33.60 18.35 -71.02
N2 5GP R . -34.53 17.58 -71.61
N3 5GP R . -32.56 18.80 -71.74
C4 5GP R . -31.75 19.58 -71.03
PG ATP S . 17.88 -6.31 -69.07
PG ATP S . 18.51 -6.41 -69.22
O1G ATP S . 18.96 -7.35 -69.19
O1G ATP S . 17.32 -6.53 -68.29
O2G ATP S . 17.16 -6.35 -67.74
O2G ATP S . 19.28 -7.69 -69.37
O3G ATP S . 16.93 -6.31 -70.25
O3G ATP S . 19.39 -5.22 -68.87
PB ATP S . 19.35 -4.03 -70.29
PB ATP S . 16.41 -5.83 -71.26
O1B ATP S . 20.02 -2.85 -69.71
O1B ATP S . 15.88 -7.06 -71.88
O2B ATP S . 20.12 -4.94 -71.16
O2B ATP S . 15.63 -5.15 -70.19
O3B ATP S . 18.66 -4.87 -69.12
O3B ATP S . 17.89 -6.09 -70.72
PA ATP S . 17.61 -3.59 -72.63
PA ATP S . 17.66 -3.52 -72.59
O1A ATP S . 16.78 -4.78 -72.87
O1A ATP S . 18.48 -3.69 -73.81
O2A ATP S . 18.82 -3.36 -73.48
O2A ATP S . 18.33 -3.28 -71.29
O3A ATP S . 18.04 -3.54 -71.09
O3A ATP S . 16.69 -4.78 -72.44
O5' ATP S . 16.66 -2.31 -72.74
O5' ATP S . 16.60 -2.35 -72.85
C5' ATP S . 15.41 -2.28 -72.02
C5' ATP S . 15.39 -2.30 -72.07
C4' ATP S . 14.58 -1.11 -72.49
C4' ATP S . 14.57 -1.11 -72.51
O4' ATP S . 15.35 0.11 -72.34
O4' ATP S . 15.35 0.10 -72.35
C3' ATP S . 14.13 -1.14 -73.94
C3' ATP S . 14.11 -1.13 -73.96
O3' ATP S . 12.82 -0.60 -74.08
O3' ATP S . 12.80 -0.57 -74.08
C2' ATP S . 15.18 -0.28 -74.65
C2' ATP S . 15.15 -0.25 -74.67
O2' ATP S . 14.64 0.33 -75.82
O2' ATP S . 14.61 0.37 -75.83
C1' ATP S . 15.46 0.78 -73.59
C1' ATP S . 15.45 0.78 -73.59
N9 ATP S . 16.79 1.38 -73.67
N9 ATP S . 16.78 1.37 -73.68
C8 ATP S . 17.99 0.75 -73.47
C8 ATP S . 17.98 0.74 -73.47
N7 ATP S . 19.03 1.54 -73.60
N7 ATP S . 19.03 1.51 -73.61
C5 ATP S . 18.49 2.77 -73.93
C5 ATP S . 18.49 2.75 -73.94
C6 ATP S . 19.05 4.03 -74.20
C6 ATP S . 19.06 4.01 -74.23
N6 ATP S . 20.37 4.24 -74.18
N6 ATP S . 20.39 4.20 -74.18
N1 ATP S . 18.21 5.05 -74.49
N1 ATP S . 18.23 5.03 -74.51
C2 ATP S . 16.89 4.81 -74.50
C2 ATP S . 16.91 4.80 -74.51
N3 ATP S . 16.23 3.66 -74.25
N3 ATP S . 16.25 3.67 -74.27
C4 ATP S . 17.08 2.67 -73.97
C4 ATP S . 17.10 2.68 -73.99
P 5GP T . -1.17 -3.84 -78.84
O1P 5GP T . -2.68 -3.85 -78.86
O2P 5GP T . -0.48 -3.20 -77.65
O3P 5GP T . -0.57 -5.18 -79.20
O5' 5GP T . -0.82 -2.88 -80.06
C5' 5GP T . 0.51 -2.41 -80.29
C4' 5GP T . 0.54 -1.38 -81.39
O4' 5GP T . -0.13 -0.17 -80.96
C3' 5GP T . 1.92 -0.90 -81.83
O3' 5GP T . 2.56 -1.80 -82.71
C2' 5GP T . 1.59 0.45 -82.47
O2' 5GP T . 1.09 0.26 -83.79
C1' 5GP T . 0.46 0.96 -81.59
N9 5GP T . 0.94 1.89 -80.54
C8 5GP T . 1.97 1.69 -79.66
N7 5GP T . 2.13 2.71 -78.81
C5 5GP T . 1.14 3.61 -79.15
C6 5GP T . 0.77 4.89 -78.62
O6 5GP T . 1.29 5.49 -77.68
N1 5GP T . -0.31 5.45 -79.29
C2 5GP T . -0.98 4.87 -80.34
N2 5GP T . -2.00 5.55 -80.84
N3 5GP T . -0.66 3.68 -80.86
C4 5GP T . 0.39 3.11 -80.23
PG ATP U . -20.75 -44.31 -58.45
PG ATP U . -20.78 -44.86 -58.34
O1G ATP U . -20.28 -43.25 -57.48
O1G ATP U . -20.25 -43.50 -57.97
O2G ATP U . -21.30 -43.74 -59.73
O2G ATP U . -21.88 -45.34 -57.42
O3G ATP U . -21.69 -45.31 -57.80
O3G ATP U . -19.68 -45.89 -58.52
PB ATP U . -19.02 -46.20 -59.96
PB ATP U . -21.34 -43.64 -61.00
O1B ATP U . -17.78 -46.90 -59.59
O1B ATP U . -22.70 -43.23 -61.41
O2B ATP U . -20.23 -47.00 -60.28
O2B ATP U . -20.36 -42.61 -60.60
O3B ATP U . -19.39 -45.13 -58.83
O3B ATP U . -21.47 -44.71 -59.81
PA ATP U . -19.21 -45.13 -62.68
PA ATP U . -19.21 -45.07 -62.42
O1A ATP U . -20.45 -44.31 -62.71
O1A ATP U . -19.28 -46.28 -63.28
O2A ATP U . -19.24 -46.48 -63.27
O2A ATP U . -18.49 -45.15 -61.13
O3A ATP U . -18.70 -45.21 -61.17
O3A ATP U . -20.70 -44.54 -62.15
O5' ATP U . -18.04 -44.28 -63.34
O5' ATP U . -18.59 -43.91 -63.32
C5' ATP U . -17.81 -42.92 -62.90
C5' ATP U . -17.82 -42.86 -62.71
C4' ATP U . -16.87 -42.23 -63.86
C4' ATP U . -16.91 -42.22 -63.73
O4' ATP U . -15.60 -42.92 -63.88
O4' ATP U . -15.66 -42.94 -63.80
C3' ATP U . -17.33 -42.13 -65.31
C3' ATP U . -17.44 -42.18 -65.16
O3' ATP U . -16.90 -40.90 -65.88
O3' ATP U . -17.08 -40.95 -65.79
C2' ATP U . -16.63 -43.33 -65.97
C2' ATP U . -16.77 -43.38 -65.82
O2' ATP U . -16.42 -43.11 -67.35
O2' ATP U . -16.62 -43.19 -67.22
C1' ATP U . -15.31 -43.34 -65.20
C1' ATP U . -15.41 -43.35 -65.13
N9 ATP U . -14.67 -44.65 -65.13
N9 ATP U . -14.75 -44.66 -65.07
C8 ATP U . -15.17 -45.77 -64.52
C8 ATP U . -15.21 -45.80 -64.48
N7 ATP U . -14.37 -46.81 -64.58
N7 ATP U . -14.39 -46.82 -64.55
C5 ATP U . -13.27 -46.35 -65.28
C5 ATP U . -13.30 -46.33 -65.25
C6 ATP U . -12.06 -46.95 -65.67
C6 ATP U . -12.09 -46.90 -65.67
N6 ATP U . -11.76 -48.21 -65.36
N6 ATP U . -11.77 -48.17 -65.37
N1 ATP U . -11.17 -46.19 -66.36
N1 ATP U . -11.21 -46.12 -66.35
C2 ATP U . -11.48 -44.92 -66.62
C2 ATP U . -11.56 -44.84 -66.60
N3 ATP U . -12.58 -44.24 -66.30
N3 ATP U . -12.67 -44.19 -66.26
C4 ATP U . -13.45 -45.01 -65.62
C4 ATP U . -13.51 -44.98 -65.58
P 5GP V . -22.31 -28.66 -73.04
O1P 5GP V . -23.64 -29.39 -72.90
O2P 5GP V . -22.39 -27.19 -73.35
O3P 5GP V . -21.38 -28.96 -71.88
O5' 5GP V . -21.56 -29.29 -74.31
C5' 5GP V . -21.07 -30.63 -74.28
C4' 5GP V . -20.31 -30.96 -75.54
O4' 5GP V . -19.10 -30.17 -75.63
C3' 5GP V . -19.82 -32.39 -75.67
O3' 5GP V . -20.83 -33.30 -76.03
C2' 5GP V . -18.68 -32.26 -76.69
O2' 5GP V . -19.19 -32.20 -78.02
C1' 5GP V . -18.10 -30.90 -76.32
N9 5GP V . -16.90 -31.03 -75.45
C8 5GP V . -16.79 -31.77 -74.30
N7 5GP V . -15.57 -31.67 -73.74
C5 5GP V . -14.87 -30.81 -74.57
C6 5GP V . -13.53 -30.30 -74.51
O6 5GP V . -12.67 -30.53 -73.66
N1 5GP V . -13.26 -29.45 -75.57
C2 5GP V . -14.14 -29.11 -76.58
N2 5GP V . -13.69 -28.28 -77.51
N3 5GP V . -15.38 -29.57 -76.65
C4 5GP V . -15.69 -30.40 -75.64
PG ATP W . -56.88 -4.40 -48.22
PG ATP W . -57.29 -4.17 -47.73
O1G ATP W . -55.55 -4.13 -47.55
O1G ATP W . -55.87 -4.15 -47.21
O2G ATP W . -56.79 -4.48 -49.73
O2G ATP W . -58.13 -3.03 -47.22
O3G ATP W . -57.98 -3.46 -47.76
O3G ATP W . -57.95 -5.52 -47.53
PB ATP W . -58.22 -7.07 -48.26
PB ATP W . -56.80 -4.86 -50.60
O1B ATP W . -57.84 -8.33 -47.62
O1B ATP W . -56.98 -4.09 -51.84
O2B ATP W . -59.63 -6.61 -48.20
O2B ATP W . -55.48 -5.50 -50.34
O3B ATP W . -57.30 -5.89 -47.68
O3B ATP W . -57.18 -3.93 -49.36
PA ATP W . -58.52 -7.37 -51.17
PA ATP W . -58.45 -7.19 -51.41
O1A ATP W . -58.98 -6.09 -51.74
O1A ATP W . -59.35 -6.67 -52.45
O2A ATP W . -59.49 -8.46 -50.95
O2A ATP W . -58.93 -8.27 -50.52
O3A ATP W . -57.75 -7.09 -49.79
O3A ATP W . -57.95 -5.97 -50.49
O5' ATP W . -57.34 -7.92 -52.11
O5' ATP W . -57.11 -7.69 -52.13
C5' ATP W . -56.16 -8.53 -51.54
C5' ATP W . -56.18 -8.54 -51.43
C4' ATP W . -55.77 -9.74 -52.37
C4' ATP W . -55.77 -9.69 -52.32
O4' ATP W . -56.46 -10.91 -51.90
O4' ATP W . -56.42 -10.90 -51.89
C3' ATP W . -56.08 -9.63 -53.87
C3' ATP W . -56.09 -9.54 -53.80
O3' ATP W . -55.03 -10.22 -54.64
O3' ATP W . -55.07 -10.12 -54.61
C2' ATP W . -57.37 -10.42 -54.00
C2' ATP W . -57.41 -10.31 -53.94
O2' ATP W . -57.54 -10.96 -55.31
O2' ATP W . -57.61 -10.79 -55.27
C1' ATP W . -57.15 -11.52 -52.97
C1' ATP W . -57.16 -11.46 -52.96
N9 ATP W . -58.38 -12.12 -52.44
N9 ATP W . -58.38 -12.06 -52.43
C8 ATP W . -59.38 -11.48 -51.77
C8 ATP W . -59.37 -11.43 -51.72
N7 ATP W . -60.35 -12.27 -51.37
N7 ATP W . -60.33 -12.23 -51.32
C5 ATP W . -59.96 -13.53 -51.82
C5 ATP W . -59.95 -13.48 -51.79
C6 ATP W . -60.54 -14.81 -51.72
C6 ATP W . -60.53 -14.75 -51.70
N6 ATP W . -61.70 -15.01 -51.09
N6 ATP W . -61.67 -14.96 -51.03
N1 ATP W . -59.88 -15.85 -52.28
N1 ATP W . -59.89 -15.79 -52.29
C2 ATP W . -58.72 -15.62 -52.89
C2 ATP W . -58.73 -15.55 -52.92
N3 ATP W . -58.06 -14.46 -53.04
N3 ATP W . -58.09 -14.39 -53.07
C4 ATP W . -58.73 -13.45 -52.48
C4 ATP W . -58.74 -13.39 -52.48
P 5GP X . -45.76 -6.82 -66.30
O1P 5GP X . -44.54 -6.67 -67.19
O2P 5GP X . -45.55 -7.42 -64.93
O3P 5GP X . -46.58 -5.54 -66.24
O5' 5GP X . -46.66 -7.86 -67.10
C5' 5GP X . -47.89 -8.33 -66.58
C4' 5GP X . -48.50 -9.39 -67.48
O4' 5GP X . -47.71 -10.60 -67.44
C3' 5GP X . -49.90 -9.86 -67.12
O3' 5GP X . -50.91 -8.95 -67.52
C2' 5GP X . -49.98 -11.20 -67.84
O2' 5GP X . -50.21 -11.02 -69.23
C1' 5GP X . -48.55 -11.72 -67.65
N9 5GP X . -48.44 -12.64 -66.50
C8 5GP X . -48.95 -12.45 -65.24
N7 5GP X . -48.68 -13.48 -64.40
C5 5GP X . -47.95 -14.37 -65.19
C6 5GP X . -47.36 -15.64 -64.88
O6 5GP X . -47.38 -16.23 -63.80
N1 5GP X . -46.72 -16.19 -65.98
C2 5GP X . -46.64 -15.61 -67.22
N2 5GP X . -45.97 -16.29 -68.16
N3 5GP X . -47.17 -14.43 -67.53
C4 5GP X . -47.80 -13.86 -66.49
PG ATP Y . -51.63 -11.22 -28.79
PG ATP Y . -51.61 -11.47 -28.30
O1G ATP Y . -52.77 -10.92 -29.73
O1G ATP Y . -50.48 -11.76 -29.26
O2G ATP Y . -50.27 -11.05 -29.42
O2G ATP Y . -52.48 -12.68 -28.01
O3G ATP Y . -51.78 -12.56 -28.08
O3G ATP Y . -52.42 -10.25 -28.70
PB ATP Y . -52.76 -8.86 -27.37
PB ATP Y . -49.45 -10.56 -26.48
O1B ATP Y . -52.80 -8.03 -28.59
O1B ATP Y . -48.71 -11.69 -25.88
O2B ATP Y . -54.03 -9.39 -26.81
O2B ATP Y . -48.88 -9.83 -27.62
O3B ATP Y . -51.76 -10.08 -27.60
O3B ATP Y . -50.92 -11.08 -26.88
PA ATP Y . -50.84 -8.38 -25.19
PA ATP Y . -50.87 -8.34 -25.20
O1A ATP Y . -49.90 -9.34 -25.82
O1A ATP Y . -51.73 -8.56 -24.01
O2A ATP Y . -51.44 -8.70 -23.87
O2A ATP Y . -51.50 -8.17 -26.53
O3A ATP Y . -52.00 -8.04 -26.23
O3A ATP Y . -49.80 -9.53 -25.31
O5' ATP Y . -50.10 -6.96 -25.08
O5' ATP Y . -49.95 -7.08 -24.88
C5' ATP Y . -48.89 -6.71 -25.82
C5' ATP Y . -48.84 -6.76 -25.73
C4' ATP Y . -48.18 -5.51 -25.25
C4' ATP Y . -48.14 -5.53 -25.20
O4' ATP Y . -49.04 -4.36 -25.29
O4' ATP Y . -49.02 -4.40 -25.27
C3' ATP Y . -47.71 -5.64 -23.81
C3' ATP Y . -47.65 -5.62 -23.76
O3' ATP Y . -46.45 -4.99 -23.62
O3' ATP Y . -46.41 -4.93 -23.60
C2' ATP Y . -48.82 -4.95 -23.03
C2' ATP Y . -48.77 -4.92 -22.98
O2' ATP Y . -48.35 -4.41 -21.79
O2' ATP Y . -48.31 -4.35 -21.77
C1' ATP Y . -49.20 -3.83 -24.00
C1' ATP Y . -49.18 -3.83 -23.98
N9 ATP Y . -50.57 -3.35 -23.85
N9 ATP Y . -50.55 -3.36 -23.85
C8 ATP Y . -51.72 -4.06 -24.03
C8 ATP Y . -51.69 -4.08 -24.04
N7 ATP Y . -52.82 -3.36 -23.86
N7 ATP Y . -52.79 -3.40 -23.87
C5 ATP Y . -52.37 -2.10 -23.54
C5 ATP Y . -52.36 -2.12 -23.54
C6 ATP Y . -53.02 -0.89 -23.24
C6 ATP Y . -53.02 -0.93 -23.25
N6 ATP Y . -54.35 -0.78 -23.24
N6 ATP Y . -54.36 -0.83 -23.26
N1 ATP Y . -52.26 0.20 -22.96
N1 ATP Y . -52.27 0.16 -22.97
C2 ATP Y . -50.93 0.07 -23.00
C2 ATP Y . -50.95 0.05 -22.98
N3 ATP Y . -50.19 -1.02 -23.26
N3 ATP Y . -50.20 -1.03 -23.24
C4 ATP Y . -50.97 -2.07 -23.53
C4 ATP Y . -50.96 -2.09 -23.52
P 5GP Z . -32.23 -6.67 -19.02
O1P 5GP Z . -30.74 -6.47 -19.16
O2P 5GP Z . -33.10 -6.22 -20.18
O3P 5GP Z . -32.59 -8.07 -18.54
O5' 5GP Z . -32.65 -5.72 -17.80
C5' 5GP Z . -34.01 -5.49 -17.48
C4' 5GP Z . -34.17 -4.47 -16.39
O4' 5GP Z . -33.61 -3.19 -16.81
C3' 5GP Z . -35.59 -4.12 -15.97
O3' 5GP Z . -36.18 -5.10 -15.14
C2' 5GP Z . -35.38 -2.77 -15.28
O2' 5GP Z . -34.84 -2.94 -13.98
C1' 5GP Z . -34.31 -2.14 -16.18
N9 5GP Z . -34.89 -1.24 -17.19
C8 5GP Z . -35.88 -1.52 -18.10
N7 5GP Z . -36.17 -0.49 -18.91
C5 5GP Z . -35.30 0.51 -18.50
C6 5GP Z . -35.10 1.85 -18.97
O6 5GP Z . -35.69 2.41 -19.89
N1 5GP Z . -34.11 2.51 -18.26
C2 5GP Z . -33.39 1.97 -17.22
N2 5GP Z . -32.49 2.77 -16.63
N3 5GP Z . -33.55 0.73 -16.76
C4 5GP Z . -34.50 0.05 -17.43
PG ATP AA . -8.66 -43.68 -41.56
PG ATP AA . -8.26 -43.99 -41.06
O1G ATP AA . -8.89 -42.21 -41.83
O1G ATP AA . -8.72 -42.62 -41.52
O2G ATP AA . -7.25 -43.97 -41.07
O2G ATP AA . -7.13 -44.56 -41.88
O3G ATP AA . -9.08 -44.57 -42.71
O3G ATP AA . -9.42 -44.97 -40.89
PB ATP AA . -10.20 -45.46 -39.75
PB ATP AA . -8.01 -42.82 -38.35
O1B ATP AA . -11.40 -45.84 -40.52
O1B ATP AA . -6.77 -42.20 -37.82
O2B ATP AA . -9.07 -46.42 -39.65
O2B ATP AA . -9.13 -41.96 -38.78
O3B ATP AA . -9.64 -44.06 -40.29
O3B ATP AA . -7.61 -43.77 -39.57
PA ATP AA . -9.87 -44.71 -36.91
PA ATP AA . -9.91 -44.72 -37.09
O1A ATP AA . -8.76 -43.78 -37.23
O1A ATP AA . -9.66 -45.94 -36.30
O2A ATP AA . -9.59 -45.97 -36.20
O2A ATP AA . -10.61 -44.83 -38.39
O3A ATP AA . -10.66 -45.04 -38.27
O3A ATP AA . -8.54 -43.91 -37.30
O5' ATP AA . -10.96 -43.87 -36.12
O5' ATP AA . -10.71 -43.73 -36.14
C5' ATP AA . -11.39 -42.59 -36.63
C5' ATP AA . -11.34 -42.55 -36.71
C4' ATP AA . -12.45 -42.04 -35.69
C4' ATP AA . -12.39 -42.03 -35.75
O4' ATP AA . -13.60 -42.91 -35.70
O4' ATP AA . -13.54 -42.92 -35.77
C3' ATP AA . -12.02 -41.92 -34.22
C3' ATP AA . -11.96 -41.92 -34.29
O3' ATP AA . -12.62 -40.76 -33.65
O3' ATP AA . -12.54 -40.76 -33.69
C2' ATP AA . -12.56 -43.20 -33.60
C2' ATP AA . -12.52 -43.21 -33.67
O2' ATP AA . -12.80 -43.08 -32.21
O2' ATP AA . -12.76 -43.08 -32.28
C1' ATP AA . -13.87 -43.35 -34.38
C1' ATP AA . -13.83 -43.35 -34.45
N9 ATP AA . -14.38 -44.72 -34.45
N9 ATP AA . -14.35 -44.70 -34.51
C8 ATP AA . -13.77 -45.80 -35.02
C8 ATP AA . -13.78 -45.79 -35.10
N7 ATP AA . -14.47 -46.92 -34.95
N7 ATP AA . -14.48 -46.89 -35.01
C5 ATP AA . -15.63 -46.54 -34.28
C5 ATP AA . -15.62 -46.51 -34.30
C6 ATP AA . -16.78 -47.25 -33.88
C6 ATP AA . -16.77 -47.20 -33.87
N6 ATP AA . -16.95 -48.55 -34.15
N6 ATP AA . -16.96 -48.49 -34.14
N1 ATP AA . -17.75 -46.56 -33.22
N1 ATP AA . -17.70 -46.50 -33.17
C2 ATP AA . -17.56 -45.25 -32.99
C2 ATP AA . -17.49 -45.20 -32.95
N3 ATP AA . -16.52 -44.48 -33.32
N3 ATP AA . -16.45 -44.44 -33.31
C4 ATP AA . -15.58 -45.19 -33.97
C4 ATP AA . -15.54 -45.15 -33.99
P 5GP BA . -8.44 -28.39 -25.91
O1P 5GP BA . -7.04 -28.94 -26.01
O2P 5GP BA . -8.58 -26.93 -25.57
O3P 5GP BA . -9.31 -28.80 -27.08
O5' 5GP BA . -9.15 -29.10 -24.67
C5' 5GP BA . -9.47 -30.48 -24.69
C4' 5GP BA . -10.15 -30.90 -23.41
O4' 5GP BA . -11.45 -30.28 -23.31
C3' 5GP BA . -10.46 -32.39 -23.28
O3' 5GP BA . -9.32 -33.14 -22.93
C2' 5GP BA . -11.56 -32.39 -22.23
O2' 5GP BA . -11.04 -32.20 -20.93
C1' 5GP BA . -12.34 -31.13 -22.62
N9 5GP BA . -13.49 -31.42 -23.48
C8 5GP BA . -13.51 -32.16 -24.64
N7 5GP BA . -14.73 -32.21 -25.21
C5 5GP BA . -15.54 -31.48 -24.36
C6 5GP BA . -16.93 -31.17 -24.40
O6 5GP BA . -17.74 -31.48 -25.27
N1 5GP BA . -17.32 -30.40 -23.31
C2 5GP BA . -16.51 -29.97 -22.29
N2 5GP BA . -17.07 -29.29 -21.31
N3 5GP BA . -15.20 -30.25 -22.24
C4 5GP BA . -14.78 -30.98 -23.27
PG ATP CA . 23.17 0.96 -50.10
PG ATP CA . 23.48 1.01 -50.00
O1G ATP CA . 23.43 0.62 -51.55
O1G ATP CA . 22.04 0.59 -50.21
O2G ATP CA . 21.69 1.09 -49.78
O2G ATP CA . 23.67 2.52 -49.94
O3G ATP CA . 23.98 2.14 -49.60
O3G ATP CA . 24.43 0.34 -50.95
PB ATP CA . 24.89 -1.35 -49.55
PB ATP CA . 23.01 0.36 -47.18
O1B ATP CA . 24.47 -2.27 -50.63
O1B ATP CA . 22.86 1.68 -46.54
O2B ATP CA . 26.14 -0.58 -49.70
O2B ATP CA . 21.79 -0.42 -47.50
O3B ATP CA . 23.69 -0.33 -49.27
O3B ATP CA . 23.87 0.50 -48.51
PA ATP CA . 24.96 -1.69 -46.62
PA ATP CA . 25.01 -1.73 -46.59
O1A ATP CA . 24.02 -0.56 -46.44
O1A ATP CA . 26.30 -1.48 -45.93
O2A ATP CA . 26.36 -1.56 -46.17
O2A ATP CA . 24.99 -2.05 -48.05
O3A ATP CA . 24.94 -2.14 -48.16
O3A ATP CA . 24.00 -0.52 -46.30
O5' ATP CA . 24.31 -2.96 -45.91
O5' ATP CA . 24.32 -2.93 -45.81
C5' ATP CA . 22.92 -3.26 -46.05
C5' ATP CA . 22.92 -3.24 -46.03
C4' ATP CA . 22.60 -4.52 -45.29
C4' ATP CA . 22.58 -4.50 -45.29
O4' ATP CA . 23.33 -5.63 -45.86
O4' ATP CA . 23.32 -5.62 -45.85
C3' ATP CA . 22.94 -4.51 -43.80
C3' ATP CA . 22.91 -4.50 -43.80
O3' ATP CA . 21.96 -5.25 -43.10
O3' ATP CA . 21.91 -5.25 -43.11
C2' ATP CA . 24.31 -5.19 -43.77
C2' ATP CA . 24.27 -5.20 -43.75
O2' ATP CA . 24.57 -5.77 -42.49
O2' ATP CA . 24.52 -5.79 -42.48
C1' ATP CA . 24.11 -6.24 -44.84
C1' ATP CA . 24.09 -6.25 -44.84
N9 ATP CA . 25.35 -6.73 -45.45
N9 ATP CA . 25.33 -6.72 -45.45
C8 ATP CA . 26.22 -6.01 -46.22
C8 ATP CA . 26.21 -5.99 -46.21
N7 ATP CA . 27.25 -6.70 -46.67
N7 ATP CA . 27.22 -6.68 -46.65
C5 ATP CA . 27.04 -7.97 -46.17
C5 ATP CA . 27.03 -7.96 -46.16
C6 ATP CA . 27.74 -9.18 -46.28
C6 ATP CA . 27.74 -9.16 -46.27
N6 ATP CA . 28.88 -9.28 -47.00
N6 ATP CA . 28.86 -9.26 -46.98
N1 ATP CA . 27.25 -10.27 -45.65
N1 ATP CA . 27.24 -10.26 -45.64
C2 ATP CA . 26.11 -10.14 -44.96
C2 ATP CA . 26.10 -10.14 -44.96
N3 ATP CA . 25.35 -9.06 -44.77
N3 ATP CA . 25.33 -9.05 -44.78
C4 ATP CA . 25.87 -8.00 -45.41
C4 ATP CA . 25.84 -7.99 -45.40
P 5GP DA . 12.43 -3.47 -31.64
O1P 5GP DA . 11.13 -3.59 -30.88
O2P 5GP DA . 12.46 -3.99 -33.06
O3P 5GP DA . 13.03 -2.08 -31.54
O5' 5GP DA . 13.42 -4.43 -30.85
C5' 5GP DA . 14.76 -4.65 -31.29
C4' 5GP DA . 15.48 -5.65 -30.42
O4' 5GP DA . 14.80 -6.92 -30.46
C3' 5GP DA . 16.91 -5.99 -30.82
O3' 5GP DA . 17.85 -5.01 -30.43
C2' 5GP DA . 17.12 -7.35 -30.18
O2' 5GP DA . 17.42 -7.20 -28.79
C1' 5GP DA . 15.73 -7.98 -30.31
N9 5GP DA . 15.62 -8.88 -31.49
C8 5GP DA . 15.96 -8.60 -32.78
N7 5GP DA . 15.70 -9.62 -33.63
C5 5GP DA . 15.16 -10.60 -32.82
C6 5GP DA . 14.67 -11.94 -33.10
O6 5GP DA . 14.64 -12.51 -34.20
N1 5GP DA . 14.21 -12.57 -31.96
C2 5GP DA . 14.22 -12.05 -30.69
N2 5GP DA . 13.81 -12.84 -29.71
N3 5GP DA . 14.65 -10.81 -30.40
C4 5GP DA . 15.11 -10.15 -31.48
PG ATP EA . -19.79 33.45 -38.21
PG ATP EA . -19.65 33.36 -37.96
O1G ATP EA . -20.14 34.58 -39.16
O1G ATP EA . -19.07 32.13 -38.64
O2G ATP EA . -19.24 32.24 -38.92
O2G ATP EA . -21.09 33.18 -37.54
O3G ATP EA . -20.92 33.11 -37.27
O3G ATP EA . -19.43 34.63 -38.76
PB ATP EA . -17.54 35.21 -37.41
PB ATP EA . -18.54 32.65 -35.33
O1B ATP EA . -17.02 35.10 -38.79
O1B ATP EA . -19.76 32.47 -34.51
O2B ATP EA . -18.03 36.52 -36.92
O2B ATP EA . -17.85 31.48 -35.92
O3B ATP EA . -18.68 34.11 -37.20
O3B ATP EA . -18.88 33.64 -36.55
PA ATP EA . -16.33 34.41 -34.81
PA ATP EA . -16.28 34.52 -34.84
O1A ATP EA . -17.40 33.46 -34.44
O1A ATP EA . -16.23 35.59 -33.83
O2A ATP EA . -16.20 35.70 -34.09
O2A ATP EA . -16.38 34.88 -36.28
O3A ATP EA . -16.42 34.68 -36.39
O3A ATP EA . -17.47 33.51 -34.50
O5' ATP EA . -14.94 33.65 -34.71
O5' ATP EA . -14.97 33.63 -34.62
C5' ATP EA . -14.79 32.33 -35.28
C5' ATP EA . -14.84 32.35 -35.28
C4' ATP EA . -13.38 31.84 -35.05
C4' ATP EA . -13.44 31.84 -35.09
O4' ATP EA . -12.45 32.75 -35.70
O4' ATP EA . -12.50 32.71 -35.74
C3' ATP EA . -12.94 31.76 -33.59
C3' ATP EA . -12.97 31.74 -33.63
O3' ATP EA . -12.09 30.64 -33.40
O3' ATP EA . -12.15 30.58 -33.46
C2' ATP EA . -12.18 33.07 -33.40
C2' ATP EA . -12.17 33.02 -33.45
O2' ATP EA . -11.19 32.96 -32.38
O2' ATP EA . -11.16 32.87 -32.44
C1' ATP EA . -11.50 33.22 -34.76
C1' ATP EA . -11.52 33.16 -34.82
N9 ATP EA . -11.14 34.58 -35.11
N9 ATP EA . -11.13 34.52 -35.17
C8 ATP EA . -12.00 35.63 -35.32
C8 ATP EA . -11.97 35.58 -35.41
N7 ATP EA . -11.39 36.75 -35.65
N7 ATP EA . -11.35 36.69 -35.74
C5 ATP EA . -10.04 36.42 -35.68
C5 ATP EA . -10.00 36.35 -35.69
C6 ATP EA . -8.88 37.15 -35.98
C6 ATP EA . -8.82 37.07 -35.95
N6 ATP EA . -8.91 38.43 -36.33
N6 ATP EA . -8.83 38.35 -36.30
N1 ATP EA . -7.69 36.49 -35.92
N1 ATP EA . -7.64 36.41 -35.83
C2 ATP EA . -7.69 35.20 -35.58
C2 ATP EA . -7.66 35.11 -35.48
N3 ATP EA . -8.72 34.41 -35.27
N3 ATP EA . -8.72 34.33 -35.22
C4 ATP EA . -9.88 35.07 -35.33
C4 ATP EA . -9.87 35.01 -35.35
P 5GP FA . -11.41 18.25 -24.88
O1P 5GP FA . -12.67 18.80 -24.25
O2P 5GP FA . -11.07 16.79 -24.64
O3P 5GP FA . -11.28 18.64 -26.34
O5' 5GP FA . -10.20 18.99 -24.16
C5' 5GP FA . -9.94 20.37 -24.37
C4' 5GP FA . -8.70 20.82 -23.63
O4' 5GP FA . -7.52 20.17 -24.18
C3' 5GP FA . -8.37 22.30 -23.71
O3' 5GP FA . -9.15 23.09 -22.83
C2' 5GP FA . -6.88 22.33 -23.40
O2' 5GP FA . -6.66 22.21 -22.00
C1' 5GP FA . -6.42 21.04 -24.09
N9 5GP FA . -5.89 21.28 -25.45
C8 5GP FA . -6.49 21.97 -26.47
N7 5GP FA . -5.78 21.97 -27.61
C5 5GP FA . -4.65 21.24 -27.29
C6 5GP FA . -3.50 20.87 -28.09
O6 5GP FA . -3.29 21.10 -29.28
N1 5GP FA . -2.59 20.12 -27.36
C2 5GP FA . -2.74 19.76 -26.03
N2 5GP FA . -1.75 19.02 -25.50
N3 5GP FA . -3.79 20.08 -25.28
C4 5GP FA . -4.70 20.81 -25.96
PG ATP GA . 1.51 41.69 42.31
PG ATP GA . 1.45 41.94 42.52
O1G ATP GA . 2.03 40.58 43.20
O1G ATP GA . 1.63 40.46 42.72
O2G ATP GA . 1.46 41.31 40.84
O2G ATP GA . 2.68 42.74 42.85
O3G ATP GA . 2.21 43.02 42.55
O3G ATP GA . 0.20 42.47 43.20
PB ATP GA . -1.32 42.55 42.06
PB ATP GA . 1.06 41.16 39.65
O1B ATP GA . -2.45 42.52 43.00
O1B ATP GA . 2.14 41.43 38.69
O2B ATP GA . -0.90 43.84 41.47
O2B ATP GA . 0.87 39.78 40.17
O3B ATP GA . -0.05 41.87 42.76
O3B ATP GA . 1.20 42.15 40.90
PA ATP GA . -1.98 41.65 39.34
PA ATP GA . -1.86 41.53 39.52
O1A ATP GA . -0.76 41.52 38.51
O1A ATP GA . -2.68 42.49 38.75
O2A ATP GA . -2.85 42.83 39.17
O2A ATP GA . -1.86 41.59 41.00
O3A ATP GA . -1.58 41.50 40.88
O3A ATP GA . -0.33 41.63 39.02
O5' ATP GA . -2.84 40.34 39.12
O5' ATP GA . -2.25 40.06 39.03
C5' ATP GA . -2.39 39.08 39.70
C5' ATP GA . -2.34 38.98 39.98
C4' ATP GA . -3.34 37.98 39.32
C4' ATP GA . -3.29 37.94 39.45
O4' ATP GA . -4.63 38.21 39.96
O4' ATP GA . -4.60 38.13 40.02
C3' ATP GA . -3.65 37.84 37.83
C3' ATP GA . -3.49 37.93 37.93
O3' ATP GA . -3.82 36.47 37.49
O3' ATP GA . -3.65 36.60 37.44
C2' ATP GA . -4.94 38.62 37.67
C2' ATP GA . -4.78 38.75 37.75
O2' ATP GA . -5.69 38.16 36.54
O2' ATP GA . -5.47 38.39 36.56
C1' ATP GA . -5.64 38.29 38.97
C1' ATP GA . -5.56 38.30 38.99
N9 ATP GA . -6.62 39.28 39.42
N9 ATP GA . -6.55 39.27 39.45
C8 ATP GA . -6.37 40.58 39.78
C8 ATP GA . -6.34 40.56 39.84
N7 ATP GA . -7.43 41.24 40.18
N7 ATP GA . -7.41 41.20 40.24
C5 ATP GA . -8.46 40.32 40.09
C5 ATP GA . -8.42 40.26 40.10
C6 ATP GA . -9.83 40.38 40.36
C6 ATP GA . -9.81 40.29 40.36
N6 ATP GA . -10.42 41.49 40.83
N6 ATP GA . -10.41 41.38 40.84
N1 ATP GA . -10.57 39.26 40.15
N1 ATP GA . -10.52 39.17 40.11
C2 ATP GA . -9.96 38.16 39.69
C2 ATP GA . -9.89 38.09 39.64
N3 ATP GA . -8.67 37.98 39.39
N3 ATP GA . -8.59 37.93 39.36
C4 ATP GA . -7.96 39.10 39.61
C4 ATP GA . -7.90 39.05 39.61
P 5GP HA . 1.48 26.49 27.36
O1P 5GP HA . 2.41 27.58 26.90
O2P 5GP HA . 1.89 25.08 27.00
O3P 5GP HA . 1.15 26.61 28.85
O5' 5GP HA . 0.08 26.70 26.63
C5' 5GP HA . -0.78 27.76 26.99
C4' 5GP HA . -2.13 27.63 26.31
O4' 5GP HA . -2.84 26.46 26.78
C3' 5GP HA . -3.13 28.76 26.55
O3' 5GP HA . -2.83 29.94 25.81
C2' 5GP HA . -4.45 28.10 26.18
O2' 5GP HA . -4.59 28.04 24.77
C1' 5GP HA . -4.23 26.68 26.70
N9 5GP HA . -4.84 26.47 28.03
C8 5GP HA . -4.68 27.25 29.16
N7 5GP HA . -5.36 26.79 30.22
C5 5GP HA . -5.99 25.65 29.75
C6 5GP HA . -6.86 24.70 30.41
O6 5GP HA . -7.23 24.69 31.58
N1 5GP HA . -7.27 23.69 29.54
C2 5GP HA . -6.91 23.59 28.21
N2 5GP HA . -7.45 22.58 27.52
N3 5GP HA . -6.10 24.45 27.59
C4 5GP HA . -5.67 25.44 28.39
PG ATP IA . 49.84 18.65 29.95
PG ATP IA . 50.68 18.55 29.94
O1G ATP IA . 49.47 18.24 31.36
O1G ATP IA . 49.54 18.29 30.91
O2G ATP IA . 51.12 18.02 29.46
O2G ATP IA . 51.40 17.27 29.53
O3G ATP IA . 48.70 18.49 28.97
O3G ATP IA . 51.62 19.63 30.40
PB ATP IA . 50.66 21.33 28.99
PB ATP IA . 48.61 18.72 27.80
O1B ATP IA . 51.04 22.57 29.70
O1B ATP IA . 48.76 17.40 27.15
O2B ATP IA . 51.66 20.67 28.12
O2B ATP IA . 47.49 18.95 28.73
O3B ATP IA . 50.12 20.26 30.05
O3B ATP IA . 49.97 19.09 28.55
PA ATP IA . 48.83 21.26 26.66
PA ATP IA . 48.85 21.42 26.65
O1A ATP IA . 48.47 19.82 26.56
O1A ATP IA . 49.61 21.77 25.43
O2A ATP IA . 49.77 21.84 25.68
O2A ATP IA . 49.37 21.83 27.97
O3A ATP IA . 49.32 21.59 28.15
O3A ATP IA . 48.57 19.84 26.66
O5' ATP IA . 47.46 22.08 26.60
O5' ATP IA . 47.39 22.01 26.47
C5' ATP IA . 46.40 21.77 27.52
C5' ATP IA . 46.38 21.75 27.45
C4' ATP IA . 45.19 22.64 27.21
C4' ATP IA . 45.18 22.62 27.19
O4' ATP IA . 45.51 24.01 27.52
O4' ATP IA . 45.50 24.00 27.51
C3' ATP IA . 44.72 22.62 25.76
C3' ATP IA . 44.68 22.63 25.75
O3' ATP IA . 43.31 22.70 25.68
O3' ATP IA . 43.25 22.71 25.71
C2' ATP IA . 45.38 23.88 25.18
C2' ATP IA . 45.31 23.90 25.17
O2' ATP IA . 44.63 24.38 24.08
O2' ATP IA . 44.54 24.43 24.09
C1' ATP IA . 45.29 24.82 26.37
C1' ATP IA . 45.25 24.82 26.39
N9 ATP IA . 46.27 25.90 26.35
N9 ATP IA . 46.23 25.90 26.38
C8 ATP IA . 47.62 25.80 26.54
C8 ATP IA . 47.58 25.81 26.57
N7 ATP IA . 48.25 26.94 26.51
N7 ATP IA . 48.22 26.95 26.53
C5 ATP IA . 47.26 27.88 26.28
C5 ATP IA . 47.22 27.89 26.30
C6 ATP IA . 47.25 29.28 26.15
C6 ATP IA . 47.22 29.28 26.14
N6 ATP IA . 48.38 30.00 26.24
N6 ATP IA . 48.35 30.00 26.24
N1 ATP IA . 46.07 29.90 25.93
N1 ATP IA . 46.05 29.90 25.91
C2 ATP IA . 44.96 29.15 25.86
C2 ATP IA . 44.94 29.15 25.84
N3 ATP IA . 44.83 27.83 25.97
N3 ATP IA . 44.80 27.83 25.97
C4 ATP IA . 46.01 27.24 26.19
C4 ATP IA . 45.99 27.24 26.19
P 5GP JA . 31.43 15.14 19.86
O1P 5GP JA . 30.03 14.59 19.76
O2P 5GP JA . 31.85 15.72 21.19
O3P 5GP JA . 32.47 14.18 19.30
O5' 5GP JA . 31.36 16.38 18.84
C5' 5GP JA . 32.48 17.21 18.61
C4' 5GP JA . 32.14 18.33 17.64
O4' 5GP JA . 31.07 19.15 18.20
C3' 5GP JA . 33.24 19.32 17.34
O3' 5GP JA . 34.19 18.83 16.41
C2' 5GP JA . 32.48 20.56 16.87
O2' 5GP JA . 32.07 20.42 15.51
C1' 5GP JA . 31.23 20.49 17.75
N9 5GP JA . 31.32 21.38 18.91
C8 5GP JA . 32.33 21.42 19.85
N7 5GP JA . 32.13 22.33 20.82
C5 5GP JA . 30.91 22.90 20.49
C6 5GP JA . 30.14 23.93 21.14
O6 5GP JA . 30.40 24.52 22.18
N1 5GP JA . 28.98 24.21 20.43
C2 5GP JA . 28.57 23.60 19.27
N2 5GP JA . 27.43 24.04 18.73
N3 5GP JA . 29.26 22.63 18.67
C4 5GP JA . 30.40 22.33 19.31
PG ATP KA . 27.33 -31.32 35.96
PG ATP KA . 27.61 -31.85 36.15
O1G ATP KA . 26.25 -32.26 36.43
O1G ATP KA . 27.19 -30.69 37.01
O2G ATP KA . 27.91 -30.47 37.08
O2G ATP KA . 27.04 -33.18 36.63
O3G ATP KA . 26.91 -30.50 34.77
O3G ATP KA . 29.10 -31.91 35.91
PB ATP KA . 29.94 -32.10 34.71
PB ATP KA . 26.93 -30.45 33.60
O1B ATP KA . 30.91 -31.53 35.66
O1B ATP KA . 25.59 -30.33 33.01
O2B ATP KA . 30.28 -33.34 33.98
O2B ATP KA . 27.55 -29.25 34.22
O3B ATP KA . 28.53 -32.33 35.45
O3B ATP KA . 26.93 -31.64 34.67
PA ATP KA . 29.32 -30.94 32.07
PA ATP KA . 29.45 -30.72 32.08
O1A ATP KA . 27.90 -30.69 31.79
O1A ATP KA . 29.83 -31.64 30.98
O2A ATP KA . 29.97 -32.15 31.49
O2A ATP KA . 30.29 -30.68 33.29
O3A ATP KA . 29.53 -30.96 33.66
O3A ATP KA . 27.93 -31.03 32.50
O5' ATP KA . 30.15 -29.65 31.66
O5' ATP KA . 29.32 -29.26 31.44
C5' ATP KA . 29.70 -28.35 32.12
C5' ATP KA . 29.81 -28.11 32.17
C4' ATP KA . 30.31 -27.25 31.27
C4' ATP KA . 30.42 -27.12 31.22
O4' ATP KA . 31.75 -27.42 31.23
O4' ATP KA . 31.85 -27.33 31.14
C3' ATP KA . 29.86 -27.20 29.82
C3' ATP KA . 29.91 -27.16 29.79
O3' ATP KA . 29.83 -25.86 29.34
O3' ATP KA . 29.91 -25.85 29.21
C2' ATP KA . 30.93 -28.03 29.10
C2' ATP KA . 30.94 -28.05 29.09
O2' ATP KA . 31.06 -27.66 27.73
O2' ATP KA . 31.01 -27.81 27.69
C1' ATP KA . 32.17 -27.60 29.89
C1' ATP KA . 32.22 -27.60 29.80
N9 ATP KA . 33.24 -28.59 29.88
N9 ATP KA . 33.28 -28.60 29.80
C8 ATP KA . 33.20 -29.86 30.36
C8 ATP KA . 33.21 -29.87 30.29
N7 ATP KA . 34.32 -30.53 30.23
N7 ATP KA . 34.33 -30.55 30.20
C5 ATP KA . 35.18 -29.63 29.62
C5 ATP KA . 35.21 -29.66 29.60
C6 ATP KA . 36.52 -29.71 29.20
C6 ATP KA . 36.56 -29.76 29.21
N6 ATP KA . 37.24 -30.82 29.37
N6 ATP KA . 37.27 -30.86 29.43
N1 ATP KA . 37.07 -28.62 28.61
N1 ATP KA . 37.12 -28.68 28.64
C2 ATP KA . 36.31 -27.53 28.47
C2 ATP KA . 36.39 -27.57 28.45
N3 ATP KA . 35.04 -27.32 28.82
N3 ATP KA . 35.10 -27.36 28.78
C4 ATP KA . 34.52 -28.42 29.39
C4 ATP KA . 34.56 -28.44 29.35
P 5GP LA . 20.53 -15.88 22.65
O1P 5GP LA . 19.54 -17.02 22.60
O2P 5GP LA . 19.96 -14.49 22.48
O3P 5GP LA . 21.46 -15.98 23.85
O5' 5GP LA . 21.48 -16.08 21.39
C5' 5GP LA . 22.34 -17.21 21.28
C4' 5GP LA . 23.19 -17.13 20.04
O4' 5GP LA . 24.05 -15.96 20.09
C3' 5GP LA . 24.15 -18.27 19.80
O3' 5GP LA . 23.51 -19.43 19.30
C2' 5GP LA . 25.17 -17.66 18.85
O2' 5GP LA . 24.66 -17.62 17.53
C1' 5GP LA . 25.25 -16.23 19.37
N9 5GP LA . 26.40 -16.03 20.27
C8 5GP LA . 26.77 -16.80 21.33
N7 5GP LA . 27.85 -16.33 21.98
C5 5GP LA . 28.19 -15.17 21.28
C6 5GP LA . 29.24 -14.21 21.46
O6 5GP LA . 30.12 -14.23 22.32
N1 5GP LA . 29.19 -13.20 20.52
C2 5GP LA . 28.26 -13.09 19.51
N2 5GP LA . 28.38 -12.05 18.68
N3 5GP LA . 27.27 -13.97 19.32
C4 5GP LA . 27.28 -14.97 20.22
P 5GP MA . -9.37 -4.73 30.29
O1P 5GP MA . -8.12 -4.18 29.63
O2P 5GP MA . -9.23 -5.30 31.68
O3P 5GP MA . -10.55 -3.79 30.17
O5' 5GP MA . -9.76 -6.00 29.41
C5' 5GP MA . -10.85 -6.84 29.76
C4' 5GP MA . -11.01 -7.93 28.73
O4' 5GP MA . -9.82 -8.75 28.69
C3' 5GP MA . -12.13 -8.92 28.94
O3' 5GP MA . -13.40 -8.41 28.58
C2' 5GP MA . -11.68 -10.09 28.06
O2' 5GP MA . -11.91 -9.80 26.69
C1' 5GP MA . -10.17 -10.07 28.30
N9 5GP MA . -9.74 -11.00 29.35
C8 5GP MA . -10.22 -11.09 30.64
N7 5GP MA . -9.56 -12.00 31.39
C5 5GP MA . -8.61 -12.51 30.52
C6 5GP MA . -7.56 -13.48 30.71
O6 5GP MA . -7.29 -14.08 31.75
N1 5GP MA . -6.81 -13.66 29.57
C2 5GP MA . -7.00 -13.02 28.38
N2 5GP MA . -6.17 -13.33 27.39
N3 5GP MA . -7.96 -12.12 28.16
C4 5GP MA . -8.71 -11.90 29.26
PG ATP NA . -20.37 -8.44 48.12
PG ATP NA . -20.84 -8.59 48.17
O1G ATP NA . -19.22 -8.14 49.06
O1G ATP NA . -19.63 -8.21 48.99
O2G ATP NA . -20.00 -8.32 46.67
O2G ATP NA . -21.82 -7.45 48.00
O3G ATP NA . -21.62 -7.65 48.47
O3G ATP NA . -21.51 -9.86 48.63
PB ATP NA . -21.50 -11.17 47.58
PB ATP NA . -20.68 -8.39 45.19
O1B ATP NA . -21.16 -12.48 48.16
O1B ATP NA . -21.56 -7.22 45.31
O2B ATP NA . -22.92 -10.78 47.44
O2B ATP NA . -19.45 -8.29 44.35
O3B ATP NA . -20.73 -10.02 48.39
O3B ATP NA . -20.26 -8.90 46.65
PA ATP NA . -21.32 -11.03 44.65
PA ATP NA . -21.31 -11.23 44.63
O1A ATP NA . -21.24 -9.64 44.14
O1A ATP NA . -22.47 -11.85 43.96
O2A ATP NA . -22.60 -11.75 44.56
O2A ATP NA . -20.93 -11.69 45.98
O3A ATP NA . -20.78 -11.04 46.15
O3A ATP NA . -21.53 -9.64 44.67
O5' ATP NA . -20.19 -11.88 43.89
O5' ATP NA . -20.07 -11.39 43.64
C5' ATP NA . -18.80 -11.54 44.04
C5' ATP NA . -18.72 -11.52 44.14
C4' ATP NA . -17.94 -12.40 43.16
C4' ATP NA . -17.91 -12.39 43.22
O4' ATP NA . -18.10 -13.80 43.52
O4' ATP NA . -18.10 -13.79 43.56
C3' ATP NA . -18.24 -12.33 41.66
C3' ATP NA . -18.25 -12.27 41.74
O3' ATP NA . -17.02 -12.43 40.92
O3' ATP NA . -17.06 -12.36 40.95
C2' ATP NA . -19.15 -13.53 41.43
C2' ATP NA . -19.18 -13.47 41.50
O2' ATP NA . -19.08 -14.00 40.08
O2' ATP NA . -19.17 -13.89 40.14
C1' ATP NA . -18.52 -14.54 42.39
C1' ATP NA . -18.55 -14.50 42.42
N9 ATP NA . -19.43 -15.60 42.85
N9 ATP NA . -19.45 -15.56 42.87
C8 ATP NA . -20.58 -15.44 43.57
C8 ATP NA . -20.60 -15.41 43.59
N7 ATP NA . -21.18 -16.56 43.88
N7 ATP NA . -21.20 -16.54 43.89
C5 ATP NA . -20.37 -17.54 43.32
C5 ATP NA . -20.38 -17.51 43.33
C6 ATP NA . -20.44 -18.94 43.30
C6 ATP NA . -20.44 -18.91 43.30
N6 ATP NA . -21.43 -19.61 43.89
N6 ATP NA . -21.43 -19.60 43.89
N1 ATP NA . -19.46 -19.61 42.66
N1 ATP NA . -19.45 -19.57 42.66
C2 ATP NA . -18.47 -18.92 42.08
C2 ATP NA . -18.47 -18.86 42.09
N3 ATP NA . -18.30 -17.59 42.04
N3 ATP NA . -18.30 -17.54 42.05
C4 ATP NA . -19.28 -16.94 42.68
C4 ATP NA . -19.29 -16.91 42.69
P 5GP OA . 2.01 -4.90 77.99
O1P 5GP OA . 2.17 -6.38 78.31
O2P 5GP OA . 3.27 -4.07 77.95
O3P 5GP OA . 1.11 -4.67 76.79
O5' 5GP OA . 1.20 -4.26 79.20
C5' 5GP OA . -0.15 -4.62 79.46
C4' 5GP OA . -0.70 -3.86 80.64
O4' 5GP OA . -0.65 -2.43 80.41
C3' 5GP OA . -2.17 -4.12 80.97
O3' 5GP OA . -2.38 -5.34 81.64
C2' 5GP OA . -2.54 -2.88 81.77
O2' 5GP OA . -2.06 -2.99 83.10
C1' 5GP OA . -1.73 -1.80 81.06
N9 5GP OA . -2.54 -1.06 80.07
C8 5GP OA . -3.36 -1.60 79.10
N7 5GP OA . -3.93 -0.67 78.32
C5 5GP OA . -3.46 0.53 78.82
C6 5GP OA . -3.70 1.89 78.43
O6 5GP OA . -4.39 2.28 77.49
N1 5GP OA . -3.02 2.79 79.23
C2 5GP OA . -2.21 2.46 80.29
N2 5GP OA . -1.69 3.48 80.98
N3 5GP OA . -1.95 1.21 80.67
C4 5GP OA . -2.60 0.30 79.91
PG ATP PA . -13.65 -14.96 67.29
PG ATP PA . -14.10 -15.00 66.88
O1G ATP PA . -13.70 -13.89 66.20
O1G ATP PA . -13.09 -14.15 66.14
O2G ATP PA . -12.54 -14.71 68.31
O2G ATP PA . -14.23 -16.40 66.30
O3G ATP PA . -13.64 -16.37 66.74
O3G ATP PA . -15.45 -14.31 67.03
PB ATP PA . -15.93 -13.51 68.50
PB ATP PA . -12.56 -14.28 69.37
O1B ATP PA . -15.36 -12.31 67.87
O1B ATP PA . -11.45 -15.12 69.87
O2B ATP PA . -17.35 -13.85 68.24
O2B ATP PA . -12.26 -13.00 68.68
O3B ATP PA . -15.02 -14.78 68.15
O3B ATP PA . -13.51 -15.17 68.43
PA ATP PA . -14.49 -12.96 71.03
PA ATP PA . -14.59 -12.81 70.93
O1A ATP PA . -13.20 -13.37 70.43
O1A ATP PA . -15.36 -13.21 72.13
O2A ATP PA . -14.80 -13.40 72.42
O2A ATP PA . -15.32 -12.46 69.70
O3A ATP PA . -15.70 -13.42 70.09
O3A ATP PA . -13.54 -13.98 70.60
O5' ATP PA . -14.58 -11.37 70.92
O5' ATP PA . -13.64 -11.60 71.34
C5' ATP PA . -13.51 -10.65 70.29
C5' ATP PA . -13.39 -10.53 70.40
C4' ATP PA . -13.26 -9.33 71.00
C4' ATP PA . -13.23 -9.23 71.13
O4' ATP PA . -14.48 -8.55 71.02
O4' ATP PA . -14.49 -8.51 71.13
C3' ATP PA . -12.81 -9.44 72.45
C3' ATP PA . -12.79 -9.34 72.59
O3' ATP PA . -11.87 -8.42 72.76
O3' ATP PA . -11.90 -8.28 72.93
C2' ATP PA . -14.11 -9.27 73.24
C2' ATP PA . -14.12 -9.21 73.35
O2' ATP PA . -13.88 -8.74 74.54
O2' ATP PA . -13.93 -8.70 74.67
C1' ATP PA . -14.82 -8.24 72.36
C1' ATP PA . -14.84 -8.20 72.47
N9 ATP PA . -16.28 -8.27 72.47
N9 ATP PA . -16.31 -8.25 72.58
C8 ATP PA . -17.11 -9.31 72.15
C8 ATP PA . -17.11 -9.31 72.27
N7 ATP PA . -18.39 -9.06 72.32
N7 ATP PA . -18.40 -9.06 72.41
C5 ATP PA . -18.40 -7.74 72.78
C5 ATP PA . -18.44 -7.75 72.83
C6 ATP PA . -19.44 -6.86 73.14
C6 ATP PA . -19.50 -6.87 73.14
N6 ATP PA . -20.73 -7.22 73.07
N6 ATP PA . -20.78 -7.25 73.06
N1 ATP PA . -19.10 -5.62 73.56
N1 ATP PA . -19.18 -5.61 73.54
C2 ATP PA . -17.81 -5.29 73.61
C2 ATP PA . -17.90 -5.27 73.59
N3 ATP PA . -16.74 -6.04 73.29
N3 ATP PA . -16.81 -5.99 73.32
C4 ATP PA . -17.10 -7.25 72.89
C4 ATP PA . -17.15 -7.23 72.94
P 5GP QA . 32.33 -15.74 70.48
O1P 5GP QA . 31.83 -14.42 71.02
O2P 5GP QA . 31.65 -16.23 69.22
O3P 5GP QA . 33.84 -15.78 70.36
O5' 5GP QA . 31.99 -16.79 71.62
C5' 5GP QA . 32.20 -18.18 71.44
C4' 5GP QA . 31.67 -18.97 72.61
O4' 5GP QA . 30.23 -18.85 72.68
C3' 5GP QA . 31.91 -20.46 72.61
O3' 5GP QA . 33.23 -20.81 73.02
C2' 5GP QA . 30.83 -20.98 73.54
O2' 5GP QA . 31.22 -20.80 74.90
C1' 5GP QA . 29.68 -20.02 73.25
N9 5GP QA . 28.70 -20.59 72.32
C8 5GP QA . 28.94 -21.17 71.10
N7 5GP QA . 27.82 -21.60 70.48
C5 5GP QA . 26.80 -21.26 71.36
C6 5GP QA . 25.38 -21.46 71.29
O6 5GP QA . 24.75 -22.00 70.40
N1 5GP QA . 24.74 -20.97 72.41
C2 5GP QA . 25.36 -20.36 73.49
N2 5GP QA . 24.56 -19.95 74.48
N3 5GP QA . 26.67 -20.18 73.57
C4 5GP QA . 27.34 -20.63 72.49
PG ATP RA . 38.83 -28.46 54.17
PG ATP RA . 38.63 -29.02 54.17
O1G ATP RA . 37.51 -28.04 53.58
O1G ATP RA . 37.80 -28.02 53.40
O2G ATP RA . 39.16 -27.77 55.47
O2G ATP RA . 39.94 -29.36 53.49
O3G ATP RA . 39.97 -28.39 53.16
O3G ATP RA . 37.85 -30.24 54.59
PB ATP RA . 37.46 -30.88 55.26
PB ATP RA . 38.23 -27.84 56.86
O1B ATP RA . 36.30 -30.91 54.33
O1B ATP RA . 38.99 -26.81 57.59
O2B ATP RA . 38.02 -32.15 55.75
O2B ATP RA . 36.85 -27.52 56.42
O3B ATP RA . 38.65 -30.05 54.56
O3B ATP RA . 39.07 -28.30 55.58
PA ATP RA . 37.17 -30.07 58.08
PA ATP RA . 37.12 -30.19 58.31
O1A ATP RA . 37.74 -28.83 58.65
O1A ATP RA . 37.74 -30.94 59.43
O2A ATP RA . 37.80 -31.37 58.42
O2A ATP RA . 36.49 -30.94 57.21
O3A ATP RA . 37.11 -29.92 56.48
O3A ATP RA . 38.23 -29.20 57.71
O5' ATP RA . 35.63 -30.10 58.48
O5' ATP RA . 36.08 -29.16 58.94
C5' ATP RA . 34.83 -28.91 58.35
C5' ATP RA . 34.80 -28.94 58.33
C4' ATP RA . 33.78 -28.86 59.43
C4' ATP RA . 33.73 -28.88 59.40
O4' ATP RA . 32.98 -30.06 59.37
O4' ATP RA . 32.94 -30.09 59.36
C3' ATP RA . 34.29 -28.77 60.86
C3' ATP RA . 34.23 -28.76 60.83
O3' ATP RA . 33.43 -27.95 61.65
O3' ATP RA . 33.34 -27.95 61.60
C2' ATP RA . 34.26 -30.22 61.34
C2' ATP RA . 34.23 -30.20 61.33
O2' ATP RA . 34.10 -30.31 62.75
O2' ATP RA . 34.09 -30.29 62.74
C1' ATP RA . 33.01 -30.73 60.62
C1' ATP RA . 32.99 -30.73 60.62
N9 ATP RA . 33.00 -32.17 60.38
N9 ATP RA . 33.00 -32.18 60.39
C8 ATP RA . 33.91 -32.90 59.68
C8 ATP RA . 33.93 -32.90 59.70
N7 ATP RA . 33.65 -34.17 59.61
N7 ATP RA . 33.67 -34.18 59.64
C5 ATP RA . 32.47 -34.31 60.32
C5 ATP RA . 32.48 -34.33 60.34
C6 ATP RA . 31.65 -35.41 60.63
C6 ATP RA . 31.67 -35.44 60.64
N6 ATP RA . 31.94 -36.65 60.20
N6 ATP RA . 31.97 -36.67 60.23
N1 ATP RA . 30.54 -35.20 61.37
N1 ATP RA . 30.55 -35.22 61.36
C2 ATP RA . 30.27 -33.95 61.77
C2 ATP RA . 30.27 -33.97 61.76
N3 ATP RA . 30.97 -32.83 61.54
N3 ATP RA . 30.94 -32.84 61.53
C4 ATP RA . 32.05 -33.07 60.80
C4 ATP RA . 32.05 -33.09 60.81
P 5GP SA . 42.97 15.37 67.66
O1P 5GP SA . 43.01 16.86 67.88
O2P 5GP SA . 41.76 14.64 68.21
O3P 5GP SA . 43.25 15.00 66.21
O5' 5GP SA . 44.21 14.77 68.44
C5' 5GP SA . 45.55 15.11 68.06
C4' 5GP SA . 46.56 14.36 68.89
O4' 5GP SA . 46.41 12.93 68.67
C3' 5GP SA . 48.02 14.63 68.57
O3' 5GP SA . 48.49 15.83 69.14
C2' 5GP SA . 48.71 13.37 69.10
O2' 5GP SA . 48.88 13.45 70.51
C1' 5GP SA . 47.67 12.29 68.79
N9 5GP SA . 47.97 11.57 67.55
C8 5GP SA . 48.30 12.10 66.32
N7 5GP SA . 48.52 11.16 65.38
C5 5GP SA . 48.31 9.97 66.04
C6 5GP SA . 48.39 8.60 65.60
O6 5GP SA . 48.70 8.18 64.48
N1 5GP SA . 48.09 7.71 66.61
C2 5GP SA . 47.75 8.05 67.90
N2 5GP SA . 47.52 7.04 68.75
N3 5GP SA . 47.68 9.30 68.34
C4 5GP SA . 47.96 10.21 67.38
PG ATP TA . 51.94 25.25 50.89
PG ATP TA . 52.19 25.43 50.48
O1G ATP TA . 50.76 24.98 50.00
O1G ATP TA . 50.79 25.01 50.15
O2G ATP TA . 51.69 24.87 52.34
O2G ATP TA . 52.48 26.87 50.12
O3G ATP TA . 52.48 26.67 50.75
O3G ATP TA . 53.24 24.48 49.93
PB ATP TA . 54.60 23.93 50.86
PB ATP TA . 51.77 24.33 53.23
O1B ATP TA . 55.29 23.11 49.83
O1B ATP TA . 50.89 25.06 54.15
O2B ATP TA . 55.21 25.21 51.29
O2B ATP TA . 51.26 23.13 52.53
O3B ATP TA . 53.10 24.22 50.38
O3B ATP TA . 52.33 25.35 52.12
PA ATP TA . 54.54 23.18 53.73
PA ATP TA . 54.47 23.18 53.61
O1A ATP TA . 53.43 23.96 54.32
O1A ATP TA . 55.61 23.80 54.30
O2A ATP TA . 55.94 23.61 53.98
O2A ATP TA . 54.51 23.03 52.13
O3A ATP TA . 54.32 23.02 52.15
O3A ATP TA . 53.12 23.95 54.01
O5' ATP TA . 54.36 21.67 54.22
O5' ATP TA . 54.23 21.75 54.26
C5' ATP TA . 53.14 20.96 53.91
C5' ATP TA . 53.09 20.97 53.85
C4' ATP TA . 53.22 19.55 54.44
C4' ATP TA . 53.20 19.56 54.39
O4' ATP TA . 54.31 18.85 53.80
O4' ATP TA . 54.31 18.87 53.75
C3' ATP TA . 53.46 19.42 55.94
C3' ATP TA . 53.45 19.45 55.89
O3' ATP TA . 52.77 18.28 56.45
O3' ATP TA . 52.75 18.33 56.44
C2' ATP TA . 54.98 19.24 56.02
C2' ATP TA . 54.97 19.25 55.98
O2' ATP TA . 55.38 18.56 57.20
O2' ATP TA . 55.36 18.55 57.15
C1' ATP TA . 55.23 18.39 54.78
C1' ATP TA . 55.21 18.40 54.73
N9 ATP TA . 56.58 18.50 54.24
N9 ATP TA . 56.56 18.47 54.20
C8 ATP TA . 57.16 19.58 53.65
C8 ATP TA . 57.15 19.54 53.57
N7 ATP TA . 58.38 19.39 53.22
N7 ATP TA . 58.37 19.32 53.18
C5 ATP TA . 58.64 18.06 53.56
C5 ATP TA . 58.63 18.00 53.55
C6 ATP TA . 59.75 17.22 53.38
C6 ATP TA . 59.73 17.15 53.41
N6 ATP TA . 60.87 17.65 52.78
N6 ATP TA . 60.87 17.54 52.80
N1 ATP TA . 59.67 15.95 53.82
N1 ATP TA . 59.63 15.89 53.89
C2 ATP TA . 58.53 15.55 54.41
C2 ATP TA . 58.48 15.52 54.48
N3 ATP TA . 57.41 16.25 54.64
N3 ATP TA . 57.37 16.23 54.68
C4 ATP TA . 57.53 17.50 54.19
C4 ATP TA . 57.49 17.47 54.19
P 5GP UA . 12.64 26.15 74.96
O1P 5GP UA . 13.37 24.84 75.16
O2P 5GP UA . 12.61 26.74 73.57
O3P 5GP UA . 11.27 26.13 75.61
O5' 5GP UA . 13.49 27.19 75.82
C5' 5GP UA . 13.25 28.58 75.74
C4' 5GP UA . 14.26 29.36 76.55
O4' 5GP UA . 15.58 29.24 75.95
C3' 5GP UA . 14.04 30.87 76.63
O3' 5GP UA . 13.03 31.23 77.54
C2' 5GP UA . 15.43 31.37 77.01
O2' 5GP UA . 15.68 31.16 78.39
C1' 5GP UA . 16.32 30.42 76.21
N9 5GP UA . 16.76 31.00 74.92
C8 5GP UA . 15.97 31.63 73.98
N7 5GP UA . 16.67 32.06 72.91
C5 5GP UA . 17.98 31.69 73.20
C6 5GP UA . 19.20 31.87 72.44
O6 5GP UA . 19.33 32.42 71.35
N1 5GP UA . 20.29 31.34 73.11
C2 5GP UA . 20.26 30.71 74.33
N2 5GP UA . 21.41 30.26 74.81
N3 5GP UA . 19.13 30.54 75.04
C4 5GP UA . 18.05 31.04 74.43
PG ATP VA . -0.25 38.59 63.22
PG ATP VA . -0.36 38.82 63.03
O1G ATP VA . 0.06 37.61 62.11
O1G ATP VA . 0.40 37.65 62.46
O2G ATP VA . 0.24 38.13 64.58
O2G ATP VA . -1.86 38.65 62.96
O3G ATP VA . -1.71 39.03 63.25
O3G ATP VA . 0.12 40.15 62.48
PB ATP VA . 1.11 41.19 63.62
PB ATP VA . 1.03 38.03 65.55
O1B ATP VA . 1.69 42.17 62.67
O1B ATP VA . 0.29 37.15 66.48
O2B ATP VA . 0.01 41.62 64.52
O2B ATP VA . 2.07 37.43 64.67
O3B ATP VA . 0.62 39.91 62.81
O3B ATP VA . 0.00 38.83 64.64
PA ATP VA . 2.67 40.64 66.04
PA ATP VA . 2.64 40.45 66.00
O1A ATP VA . 2.14 39.44 66.74
O1A ATP VA . 2.41 41.54 66.98
O2A ATP VA . 2.32 41.98 66.56
O2A ATP VA . 2.48 40.74 64.55
O3A ATP VA . 2.28 40.55 64.50
O3A ATP VA . 1.70 39.21 66.38
O5' ATP VA . 4.26 40.49 65.95
O5' ATP VA . 4.08 39.86 66.28
C5' ATP VA . 4.83 39.31 65.35
C5' ATP VA . 4.87 39.27 65.21
C4' ATP VA . 6.29 39.22 65.74
C4' ATP VA . 6.31 39.20 65.64
O4' ATP VA . 6.99 40.40 65.27
O4' ATP VA . 7.00 40.40 65.21
C3' ATP VA . 6.58 39.13 67.23
C3' ATP VA . 6.55 39.10 67.15
O3' ATP VA . 7.71 38.29 67.48
O3' ATP VA . 7.67 38.26 67.43
C2' ATP VA . 6.86 40.59 67.62
C2' ATP VA . 6.79 40.54 67.56
O2' ATP VA . 7.72 40.68 68.75
O2' ATP VA . 7.61 40.63 68.73
C1' ATP VA . 7.56 41.10 66.36
C1' ATP VA . 7.53 41.09 66.33
N9 ATP VA . 7.36 42.53 66.12
N9 ATP VA . 7.35 42.52 66.11
C8 ATP VA . 6.18 43.18 65.94
C8 ATP VA . 6.16 43.17 65.95
N7 ATP VA . 6.30 44.47 65.72
N7 ATP VA . 6.28 44.46 65.73
C5 ATP VA . 7.67 44.69 65.74
C5 ATP VA . 7.65 44.68 65.74
C6 ATP VA . 8.46 45.83 65.54
C6 ATP VA . 8.46 45.82 65.55
N6 ATP VA . 7.92 47.03 65.29
N6 ATP VA . 7.92 47.02 65.31
N1 ATP VA . 9.80 45.70 65.60
N1 ATP VA . 9.80 45.67 65.61
C2 ATP VA . 10.30 44.48 65.85
C2 ATP VA . 10.30 44.45 65.84
N3 ATP VA . 9.66 43.33 66.05
N3 ATP VA . 9.64 43.30 66.03
C4 ATP VA . 8.34 43.49 65.98
C4 ATP VA . 8.33 43.47 65.97
#